data_8F7K
#
_entry.id   8F7K
#
loop_
_entity.id
_entity.type
_entity.pdbx_description
1 polymer 'Proteasome subunit alpha'
2 polymer 'Proteasome subunit beta'
3 non-polymer N-[(benzyloxy)carbonyl]-L-tyrosyl-D-alanine
#
loop_
_entity_poly.entity_id
_entity_poly.type
_entity_poly.pdbx_seq_one_letter_code
_entity_poly.pdbx_strand_id
1 'polypeptide(L)'
;GQMAYDRAITVFSPDGRLFQVEYAREAVKKGSTALGMKFANGVLLISDKKVRSRLIEQNSIEKIQLIDDYVAAVTSGLVA
DARVLVDFARISAQQEKVTYGSLVNIENLVKRVADQMQQYTQYGGVRPYGVSLIFAGIDQIGPRLFDCDPAGTINEYKAT
AIGSGKDAVVSFLEREYKENLPEKEAVTLGIKALKSSLEEGEELKAPEIASITVGNKYRIYDQEEVKKFL
;
A,B,C,D,E,F,G,O,P,Q,R,S,T,U
2 'polypeptide(L)'
;TTTVGITLKDAVIMATERRVTMENFIMHKNGKKLFQIDTYTGMTIAGLVGDAQVLVRYMKAELELYRLQRRVNMPIEAVA
TLLSNMLNQVKYMPYMVQLLVGGIDTAPHVFSIDAAGGSVEDIYASTGSGSPFVYGVLESQYSEKMTVDEGVDLVIRAIS
AAKQRDSASGGMIDVAVITRKDGYVQLPTDQIESRIRKLGLIL
;
H,I,J,K,L,M,N,V,W,X,Y,Z,a,b
#
# COMPACT_ATOMS: atom_id res chain seq x y z
N GLY A 1 -54.04 -59.12 -21.68
CA GLY A 1 -52.81 -58.82 -22.40
C GLY A 1 -52.43 -57.36 -22.36
N GLN A 2 -53.34 -56.50 -22.84
CA GLN A 2 -53.08 -55.07 -22.84
C GLN A 2 -53.00 -54.51 -21.42
N MET A 3 -53.80 -55.06 -20.50
CA MET A 3 -53.81 -54.57 -19.12
C MET A 3 -52.50 -54.85 -18.39
N ALA A 4 -51.63 -55.69 -18.94
CA ALA A 4 -50.34 -55.98 -18.32
C ALA A 4 -49.23 -55.02 -18.76
N TYR A 5 -49.49 -54.16 -19.75
CA TYR A 5 -48.48 -53.25 -20.28
C TYR A 5 -49.00 -51.83 -20.40
N ASP A 6 -49.95 -51.43 -19.55
CA ASP A 6 -50.56 -50.11 -19.63
C ASP A 6 -50.57 -49.40 -18.29
N ARG A 7 -49.72 -49.82 -17.35
CA ARG A 7 -49.71 -49.23 -16.01
C ARG A 7 -48.57 -48.25 -15.78
N ALA A 8 -47.45 -48.40 -16.49
CA ALA A 8 -46.29 -47.55 -16.31
C ALA A 8 -45.94 -46.87 -17.62
N ILE A 9 -45.50 -45.61 -17.52
CA ILE A 9 -45.16 -44.84 -18.72
C ILE A 9 -43.92 -45.41 -19.41
N THR A 10 -42.96 -45.91 -18.64
CA THR A 10 -41.68 -46.36 -19.17
C THR A 10 -41.67 -47.84 -19.57
N VAL A 11 -42.82 -48.42 -19.91
CA VAL A 11 -42.91 -49.83 -20.26
C VAL A 11 -43.42 -49.94 -21.69
N PHE A 12 -42.65 -50.63 -22.53
CA PHE A 12 -43.10 -50.94 -23.88
C PHE A 12 -43.98 -52.17 -23.89
N SER A 13 -44.98 -52.16 -24.75
CA SER A 13 -45.80 -53.34 -24.98
C SER A 13 -45.05 -54.32 -25.87
N PRO A 14 -45.48 -55.59 -25.91
CA PRO A 14 -44.81 -56.55 -26.81
C PRO A 14 -44.82 -56.13 -28.26
N ASP A 15 -45.83 -55.38 -28.72
CA ASP A 15 -45.87 -54.85 -30.06
C ASP A 15 -45.32 -53.43 -30.16
N GLY A 16 -44.49 -53.02 -29.20
CA GLY A 16 -43.84 -51.71 -29.26
C GLY A 16 -44.76 -50.52 -29.14
N ARG A 17 -45.70 -50.54 -28.22
CA ARG A 17 -46.61 -49.43 -27.99
C ARG A 17 -46.46 -48.89 -26.58
N LEU A 18 -46.79 -47.61 -26.42
CA LEU A 18 -46.75 -46.92 -25.13
C LEU A 18 -48.19 -46.53 -24.80
N PHE A 19 -48.87 -47.40 -24.04
CA PHE A 19 -50.30 -47.21 -23.79
C PHE A 19 -50.59 -45.99 -22.93
N GLN A 20 -49.68 -45.65 -22.01
CA GLN A 20 -49.89 -44.46 -21.18
C GLN A 20 -49.92 -43.20 -22.03
N VAL A 21 -49.04 -43.12 -23.04
CA VAL A 21 -49.11 -42.01 -23.99
C VAL A 21 -50.42 -42.04 -24.75
N GLU A 22 -50.84 -43.18 -25.20
CA GLU A 22 -52.11 -43.36 -25.93
C GLU A 22 -53.29 -42.96 -25.07
N TYR A 23 -53.26 -43.35 -23.78
CA TYR A 23 -54.35 -42.98 -22.89
C TYR A 23 -54.41 -41.47 -22.67
N ALA A 24 -53.25 -40.79 -22.68
CA ALA A 24 -53.25 -39.33 -22.57
C ALA A 24 -53.96 -38.69 -23.75
N ARG A 25 -53.80 -39.27 -24.93
CA ARG A 25 -54.46 -38.78 -26.16
C ARG A 25 -55.99 -38.92 -26.02
N GLU A 26 -56.50 -39.84 -25.21
CA GLU A 26 -57.93 -39.95 -24.97
C GLU A 26 -58.46 -38.74 -24.20
N ALA A 27 -57.65 -38.21 -23.27
CA ALA A 27 -58.05 -37.00 -22.54
C ALA A 27 -58.18 -35.82 -23.48
N VAL A 28 -57.34 -35.76 -24.52
CA VAL A 28 -57.40 -34.66 -25.48
C VAL A 28 -58.74 -34.68 -26.22
N LYS A 29 -59.22 -35.85 -26.60
CA LYS A 29 -60.46 -35.95 -27.37
C LYS A 29 -61.69 -35.55 -26.56
N LYS A 30 -61.57 -35.40 -25.24
CA LYS A 30 -62.68 -34.89 -24.44
C LYS A 30 -62.81 -33.37 -24.49
N GLY A 31 -61.79 -32.67 -25.01
CA GLY A 31 -61.83 -31.22 -25.06
C GLY A 31 -62.68 -30.69 -26.21
N SER A 32 -62.95 -29.39 -26.15
CA SER A 32 -63.73 -28.74 -27.20
C SER A 32 -62.92 -28.65 -28.48
N THR A 33 -63.63 -28.69 -29.61
CA THR A 33 -62.97 -28.67 -30.92
C THR A 33 -62.41 -27.29 -31.22
N ALA A 34 -61.19 -27.27 -31.77
CA ALA A 34 -60.55 -26.04 -32.22
C ALA A 34 -59.79 -26.33 -33.50
N LEU A 35 -59.60 -25.30 -34.31
CA LEU A 35 -58.95 -25.48 -35.61
C LEU A 35 -58.25 -24.19 -36.01
N GLY A 36 -57.31 -24.33 -36.93
CA GLY A 36 -56.62 -23.19 -37.50
C GLY A 36 -56.26 -23.46 -38.95
N MET A 37 -56.17 -22.39 -39.72
CA MET A 37 -55.86 -22.50 -41.14
C MET A 37 -55.12 -21.26 -41.60
N LYS A 38 -54.29 -21.43 -42.63
CA LYS A 38 -53.57 -20.31 -43.23
C LYS A 38 -54.31 -19.80 -44.45
N PHE A 39 -54.19 -18.49 -44.69
CA PHE A 39 -54.80 -17.84 -45.83
C PHE A 39 -53.78 -16.91 -46.46
N ALA A 40 -54.26 -16.05 -47.37
CA ALA A 40 -53.37 -15.14 -48.08
C ALA A 40 -52.67 -14.19 -47.12
N ASN A 41 -51.36 -14.38 -46.95
CA ASN A 41 -50.54 -13.53 -46.08
C ASN A 41 -51.11 -13.47 -44.65
N GLY A 42 -51.52 -14.62 -44.13
CA GLY A 42 -52.04 -14.63 -42.78
C GLY A 42 -52.40 -16.03 -42.33
N VAL A 43 -52.85 -16.11 -41.08
CA VAL A 43 -53.27 -17.36 -40.46
C VAL A 43 -54.26 -17.02 -39.35
N LEU A 44 -55.25 -17.90 -39.15
CA LEU A 44 -56.30 -17.64 -38.18
C LEU A 44 -56.53 -18.88 -37.31
N LEU A 45 -57.20 -18.67 -36.19
CA LEU A 45 -57.57 -19.73 -35.26
C LEU A 45 -59.03 -19.60 -34.88
N ILE A 46 -59.72 -20.73 -34.82
CA ILE A 46 -61.13 -20.78 -34.41
C ILE A 46 -61.27 -21.84 -33.33
N SER A 47 -61.94 -21.48 -32.23
CA SER A 47 -62.12 -22.38 -31.09
C SER A 47 -63.59 -22.39 -30.70
N ASP A 48 -64.18 -23.58 -30.73
CA ASP A 48 -65.59 -23.73 -30.38
C ASP A 48 -65.81 -23.42 -28.90
N LYS A 49 -66.96 -22.82 -28.61
CA LYS A 49 -67.35 -22.48 -27.24
C LYS A 49 -68.60 -23.23 -26.86
N LYS A 50 -68.55 -23.94 -25.73
CA LYS A 50 -69.72 -24.60 -25.17
C LYS A 50 -70.28 -23.71 -24.07
N VAL A 51 -71.45 -23.12 -24.33
CA VAL A 51 -72.02 -22.14 -23.42
C VAL A 51 -72.48 -22.83 -22.15
N ARG A 52 -71.88 -22.45 -21.03
CA ARG A 52 -72.28 -22.95 -19.72
C ARG A 52 -73.31 -21.99 -19.13
N SER A 53 -73.60 -22.13 -17.83
CA SER A 53 -74.58 -21.27 -17.17
C SER A 53 -74.15 -19.81 -17.23
N ARG A 54 -75.12 -18.90 -17.07
CA ARG A 54 -74.85 -17.47 -17.19
C ARG A 54 -74.00 -16.93 -16.05
N LEU A 55 -73.77 -17.71 -15.00
CA LEU A 55 -72.97 -17.26 -13.87
C LEU A 55 -71.48 -17.19 -14.17
N ILE A 56 -71.04 -17.73 -15.31
CA ILE A 56 -69.63 -17.75 -15.67
C ILE A 56 -69.30 -16.50 -16.48
N GLU A 57 -68.23 -15.80 -16.08
CA GLU A 57 -67.77 -14.66 -16.85
C GLU A 57 -67.26 -15.10 -18.22
N GLN A 58 -67.63 -14.33 -19.25
CA GLN A 58 -67.24 -14.66 -20.61
C GLN A 58 -65.89 -14.04 -20.98
N ASN A 59 -64.90 -14.18 -20.09
CA ASN A 59 -63.55 -13.71 -20.37
C ASN A 59 -62.46 -14.69 -19.99
N SER A 60 -62.74 -15.73 -19.21
CA SER A 60 -61.71 -16.66 -18.75
C SER A 60 -61.75 -18.01 -19.47
N ILE A 61 -62.85 -18.33 -20.14
CA ILE A 61 -62.98 -19.62 -20.82
C ILE A 61 -62.42 -19.52 -22.23
N GLU A 62 -61.76 -18.40 -22.53
CA GLU A 62 -61.15 -18.23 -23.84
C GLU A 62 -59.96 -19.17 -24.00
N LYS A 63 -60.06 -20.10 -24.96
CA LYS A 63 -59.00 -21.06 -25.18
C LYS A 63 -57.88 -20.55 -26.07
N ILE A 64 -58.08 -19.40 -26.72
CA ILE A 64 -57.03 -18.80 -27.54
C ILE A 64 -56.19 -17.89 -26.65
N GLN A 65 -54.89 -18.17 -26.57
CA GLN A 65 -53.97 -17.43 -25.73
C GLN A 65 -52.85 -16.85 -26.58
N LEU A 66 -52.49 -15.60 -26.31
CA LEU A 66 -51.39 -14.96 -27.03
C LEU A 66 -50.07 -15.28 -26.34
N ILE A 67 -49.16 -15.89 -27.10
CA ILE A 67 -47.80 -16.10 -26.61
C ILE A 67 -46.99 -14.81 -26.64
N ASP A 68 -47.19 -14.01 -27.68
CA ASP A 68 -46.69 -12.64 -27.76
C ASP A 68 -47.58 -11.89 -28.75
N ASP A 69 -47.14 -10.71 -29.19
CA ASP A 69 -47.94 -9.93 -30.12
C ASP A 69 -48.04 -10.58 -31.49
N TYR A 70 -47.22 -11.58 -31.79
CA TYR A 70 -47.20 -12.19 -33.11
C TYR A 70 -47.40 -13.70 -33.11
N VAL A 71 -47.56 -14.32 -31.94
CA VAL A 71 -47.78 -15.77 -31.84
C VAL A 71 -48.95 -16.03 -30.91
N ALA A 72 -49.86 -16.89 -31.33
CA ALA A 72 -51.01 -17.28 -30.53
C ALA A 72 -51.11 -18.80 -30.48
N ALA A 73 -51.76 -19.30 -29.43
CA ALA A 73 -51.91 -20.74 -29.24
C ALA A 73 -53.31 -21.06 -28.76
N VAL A 74 -53.77 -22.26 -29.11
CA VAL A 74 -55.03 -22.80 -28.64
C VAL A 74 -54.81 -24.24 -28.22
N THR A 75 -55.46 -24.64 -27.13
CA THR A 75 -55.21 -25.94 -26.51
C THR A 75 -56.51 -26.73 -26.39
N SER A 76 -56.35 -28.03 -26.14
CA SER A 76 -57.47 -28.93 -25.92
C SER A 76 -57.01 -30.05 -24.99
N GLY A 77 -57.88 -30.45 -24.07
CA GLY A 77 -57.58 -31.49 -23.11
C GLY A 77 -57.74 -30.99 -21.68
N LEU A 78 -56.87 -31.47 -20.79
CA LEU A 78 -56.83 -31.05 -19.36
C LEU A 78 -56.51 -29.56 -19.29
N VAL A 79 -57.41 -28.73 -18.78
CA VAL A 79 -57.28 -27.25 -18.67
C VAL A 79 -56.09 -26.92 -17.79
N ALA A 80 -55.93 -27.61 -16.67
CA ALA A 80 -54.86 -27.30 -15.73
C ALA A 80 -53.48 -27.54 -16.35
N ASP A 81 -53.32 -28.66 -17.05
CA ASP A 81 -52.06 -28.91 -17.75
C ASP A 81 -51.86 -27.93 -18.89
N ALA A 82 -52.95 -27.54 -19.57
CA ALA A 82 -52.84 -26.58 -20.67
C ALA A 82 -52.34 -25.23 -20.19
N ARG A 83 -52.81 -24.78 -19.01
CA ARG A 83 -52.35 -23.50 -18.47
C ARG A 83 -50.86 -23.52 -18.19
N VAL A 84 -50.35 -24.64 -17.67
CA VAL A 84 -48.93 -24.76 -17.37
C VAL A 84 -48.10 -24.69 -18.64
N LEU A 85 -48.53 -25.38 -19.69
CA LEU A 85 -47.78 -25.40 -20.95
C LEU A 85 -47.79 -24.02 -21.61
N VAL A 86 -48.91 -23.31 -21.54
CA VAL A 86 -48.98 -21.97 -22.11
C VAL A 86 -48.02 -21.03 -21.39
N ASP A 87 -47.96 -21.12 -20.06
CA ASP A 87 -47.02 -20.32 -19.30
C ASP A 87 -45.58 -20.66 -19.66
N PHE A 88 -45.29 -21.94 -19.86
CA PHE A 88 -43.94 -22.36 -20.27
C PHE A 88 -43.59 -21.78 -21.63
N ALA A 89 -44.56 -21.77 -22.57
CA ALA A 89 -44.30 -21.22 -23.89
C ALA A 89 -44.02 -19.72 -23.83
N ARG A 90 -44.76 -18.99 -22.99
CA ARG A 90 -44.54 -17.55 -22.87
C ARG A 90 -43.16 -17.24 -22.31
N ILE A 91 -42.73 -18.00 -21.29
CA ILE A 91 -41.39 -17.82 -20.75
C ILE A 91 -40.33 -18.16 -21.78
N SER A 92 -40.55 -19.23 -22.54
CA SER A 92 -39.59 -19.63 -23.57
C SER A 92 -39.45 -18.57 -24.65
N ALA A 93 -40.58 -17.96 -25.05
CA ALA A 93 -40.53 -16.92 -26.07
C ALA A 93 -39.72 -15.72 -25.60
N GLN A 94 -39.88 -15.32 -24.34
CA GLN A 94 -39.13 -14.18 -23.83
C GLN A 94 -37.65 -14.50 -23.70
N GLN A 95 -37.32 -15.74 -23.36
CA GLN A 95 -35.91 -16.15 -23.30
C GLN A 95 -35.26 -16.03 -24.67
N GLU A 96 -35.99 -16.38 -25.73
CA GLU A 96 -35.47 -16.21 -27.08
C GLU A 96 -35.22 -14.73 -27.39
N LYS A 97 -36.13 -13.85 -26.98
CA LYS A 97 -35.99 -12.43 -27.25
C LYS A 97 -34.83 -11.82 -26.47
N VAL A 98 -34.59 -12.29 -25.24
CA VAL A 98 -33.47 -11.76 -24.47
C VAL A 98 -32.14 -12.20 -25.08
N THR A 99 -32.07 -13.44 -25.56
CA THR A 99 -30.80 -13.97 -26.06
C THR A 99 -30.42 -13.35 -27.40
N TYR A 100 -31.37 -13.24 -28.33
CA TYR A 100 -31.07 -12.82 -29.69
C TYR A 100 -31.62 -11.44 -30.05
N GLY A 101 -32.50 -10.87 -29.22
CA GLY A 101 -33.09 -9.58 -29.52
C GLY A 101 -34.41 -9.64 -30.26
N SER A 102 -34.81 -10.81 -30.75
CA SER A 102 -36.06 -10.99 -31.47
C SER A 102 -36.34 -12.48 -31.61
N LEU A 103 -37.49 -12.79 -32.17
CA LEU A 103 -37.90 -14.16 -32.47
C LEU A 103 -37.89 -14.34 -33.98
N VAL A 104 -37.14 -15.31 -34.47
CA VAL A 104 -36.96 -15.51 -35.90
C VAL A 104 -37.80 -16.64 -36.45
N ASN A 105 -37.83 -17.78 -35.76
CA ASN A 105 -38.59 -18.94 -36.22
C ASN A 105 -39.51 -19.40 -35.11
N ILE A 106 -40.80 -19.53 -35.41
CA ILE A 106 -41.77 -20.02 -34.44
C ILE A 106 -41.56 -21.52 -34.19
N GLU A 107 -41.09 -22.25 -35.20
CA GLU A 107 -40.88 -23.69 -35.04
C GLU A 107 -39.95 -24.01 -33.89
N ASN A 108 -38.95 -23.15 -33.66
CA ASN A 108 -38.05 -23.36 -32.52
C ASN A 108 -38.81 -23.28 -31.20
N LEU A 109 -39.74 -22.33 -31.09
CA LEU A 109 -40.54 -22.21 -29.88
C LEU A 109 -41.38 -23.47 -29.65
N VAL A 110 -41.96 -24.01 -30.72
CA VAL A 110 -42.78 -25.22 -30.61
C VAL A 110 -41.92 -26.40 -30.16
N LYS A 111 -40.68 -26.48 -30.66
CA LYS A 111 -39.81 -27.59 -30.32
C LYS A 111 -39.47 -27.60 -28.83
N ARG A 112 -39.23 -26.43 -28.25
CA ARG A 112 -38.95 -26.36 -26.82
C ARG A 112 -40.13 -26.85 -25.99
N VAL A 113 -41.34 -26.47 -26.40
CA VAL A 113 -42.54 -26.95 -25.72
C VAL A 113 -42.68 -28.46 -25.89
N ALA A 114 -42.45 -28.95 -27.11
CA ALA A 114 -42.59 -30.38 -27.38
C ALA A 114 -41.52 -31.19 -26.66
N ASP A 115 -40.30 -30.66 -26.55
CA ASP A 115 -39.25 -31.35 -25.81
C ASP A 115 -39.62 -31.48 -24.34
N GLN A 116 -40.27 -30.45 -23.77
CA GLN A 116 -40.77 -30.56 -22.41
C GLN A 116 -41.80 -31.66 -22.28
N MET A 117 -42.70 -31.79 -23.26
CA MET A 117 -43.72 -32.82 -23.20
C MET A 117 -43.12 -34.20 -23.44
N GLN A 118 -42.14 -34.30 -24.34
CA GLN A 118 -41.50 -35.59 -24.61
C GLN A 118 -40.76 -36.11 -23.38
N GLN A 119 -40.18 -35.20 -22.59
CA GLN A 119 -39.44 -35.60 -21.40
C GLN A 119 -40.35 -36.32 -20.41
N TYR A 120 -41.62 -35.91 -20.31
CA TYR A 120 -42.56 -36.50 -19.39
C TYR A 120 -43.14 -37.82 -19.90
N THR A 121 -42.57 -38.40 -20.95
CA THR A 121 -42.98 -39.71 -21.45
C THR A 121 -41.88 -40.75 -21.36
N GLN A 122 -40.71 -40.39 -20.86
CA GLN A 122 -39.56 -41.30 -20.82
C GLN A 122 -39.03 -41.56 -19.41
N TYR A 123 -39.42 -40.75 -18.42
CA TYR A 123 -38.92 -40.90 -17.06
C TYR A 123 -40.05 -41.31 -16.13
N GLY A 124 -39.75 -42.25 -15.23
CA GLY A 124 -40.74 -42.68 -14.27
C GLY A 124 -41.02 -41.64 -13.20
N GLY A 125 -42.13 -41.83 -12.50
CA GLY A 125 -42.54 -40.93 -11.46
C GLY A 125 -43.32 -39.71 -11.91
N VAL A 126 -43.53 -39.54 -13.22
CA VAL A 126 -44.30 -38.44 -13.76
C VAL A 126 -45.29 -39.00 -14.77
N ARG A 127 -46.32 -38.21 -15.06
CA ARG A 127 -47.28 -38.57 -16.08
C ARG A 127 -47.22 -37.58 -17.24
N PRO A 128 -47.54 -38.01 -18.45
CA PRO A 128 -47.52 -37.10 -19.59
C PRO A 128 -48.61 -36.05 -19.50
N TYR A 129 -48.36 -34.91 -20.15
CA TYR A 129 -49.37 -33.87 -20.27
C TYR A 129 -50.50 -34.37 -21.17
N GLY A 130 -51.74 -34.20 -20.71
CA GLY A 130 -52.88 -34.58 -21.51
C GLY A 130 -53.43 -33.43 -22.33
N VAL A 131 -52.57 -32.78 -23.11
CA VAL A 131 -52.91 -31.55 -23.81
C VAL A 131 -52.38 -31.63 -25.24
N SER A 132 -53.19 -31.19 -26.19
CA SER A 132 -52.75 -30.93 -27.55
C SER A 132 -52.84 -29.43 -27.83
N LEU A 133 -51.86 -28.90 -28.54
CA LEU A 133 -51.75 -27.47 -28.77
C LEU A 133 -51.61 -27.18 -30.25
N ILE A 134 -52.08 -26.01 -30.66
CA ILE A 134 -51.89 -25.50 -32.01
C ILE A 134 -51.24 -24.12 -31.91
N PHE A 135 -50.12 -23.94 -32.60
CA PHE A 135 -49.39 -22.68 -32.62
C PHE A 135 -49.49 -22.05 -34.00
N ALA A 136 -49.86 -20.76 -34.03
CA ALA A 136 -49.98 -20.02 -35.28
C ALA A 136 -49.46 -18.61 -35.07
N GLY A 137 -48.76 -18.10 -36.07
CA GLY A 137 -48.22 -16.75 -35.97
C GLY A 137 -47.43 -16.37 -37.20
N ILE A 138 -46.77 -15.22 -37.10
CA ILE A 138 -45.96 -14.66 -38.18
C ILE A 138 -44.52 -14.53 -37.69
N ASP A 139 -43.59 -15.05 -38.47
CA ASP A 139 -42.16 -14.89 -38.17
C ASP A 139 -41.41 -14.44 -39.41
N GLN A 140 -40.07 -14.46 -39.36
CA GLN A 140 -39.26 -14.02 -40.49
C GLN A 140 -39.39 -14.93 -41.72
N ILE A 141 -40.14 -16.02 -41.66
CA ILE A 141 -40.38 -16.85 -42.82
C ILE A 141 -41.78 -16.64 -43.40
N GLY A 142 -42.77 -16.31 -42.59
CA GLY A 142 -44.12 -16.11 -43.05
C GLY A 142 -45.13 -16.69 -42.09
N PRO A 143 -46.37 -16.84 -42.54
CA PRO A 143 -47.38 -17.49 -41.69
C PRO A 143 -47.00 -18.94 -41.39
N ARG A 144 -47.19 -19.33 -40.13
CA ARG A 144 -46.84 -20.66 -39.66
C ARG A 144 -48.02 -21.27 -38.92
N LEU A 145 -48.14 -22.60 -39.00
CA LEU A 145 -49.21 -23.31 -38.32
C LEU A 145 -48.66 -24.67 -37.88
N PHE A 146 -48.61 -24.89 -36.56
CA PHE A 146 -48.08 -26.11 -35.99
C PHE A 146 -49.07 -26.72 -35.02
N ASP A 147 -48.91 -28.02 -34.76
CA ASP A 147 -49.65 -28.72 -33.73
C ASP A 147 -48.69 -29.55 -32.91
N CYS A 148 -49.11 -29.88 -31.68
CA CYS A 148 -48.31 -30.68 -30.79
C CYS A 148 -49.23 -31.61 -30.01
N ASP A 149 -48.78 -32.85 -29.82
CA ASP A 149 -49.59 -33.87 -29.16
C ASP A 149 -48.97 -34.21 -27.81
N PRO A 150 -49.65 -34.99 -26.96
CA PRO A 150 -49.04 -35.38 -25.68
C PRO A 150 -47.71 -36.09 -25.82
N ALA A 151 -47.50 -36.86 -26.89
CA ALA A 151 -46.23 -37.54 -27.10
C ALA A 151 -45.10 -36.59 -27.45
N GLY A 152 -45.42 -35.34 -27.81
CA GLY A 152 -44.39 -34.40 -28.21
C GLY A 152 -44.08 -34.37 -29.68
N THR A 153 -44.96 -34.91 -30.52
CA THR A 153 -44.73 -34.91 -31.96
C THR A 153 -45.14 -33.56 -32.55
N ILE A 154 -44.40 -33.13 -33.58
CA ILE A 154 -44.59 -31.83 -34.21
C ILE A 154 -44.90 -32.04 -35.68
N ASN A 155 -45.97 -31.38 -36.16
CA ASN A 155 -46.31 -31.37 -37.57
C ASN A 155 -46.74 -29.97 -37.97
N GLU A 156 -46.48 -29.62 -39.23
CA GLU A 156 -46.84 -28.32 -39.78
C GLU A 156 -47.95 -28.50 -40.81
N TYR A 157 -48.98 -27.66 -40.73
CA TYR A 157 -50.18 -27.82 -41.54
C TYR A 157 -50.51 -26.51 -42.26
N LYS A 158 -51.18 -26.67 -43.39
CA LYS A 158 -51.93 -25.56 -43.99
C LYS A 158 -53.26 -25.35 -43.27
N ALA A 159 -53.83 -26.43 -42.73
CA ALA A 159 -55.04 -26.37 -41.92
C ALA A 159 -55.10 -27.63 -41.07
N THR A 160 -55.54 -27.50 -39.82
CA THR A 160 -55.59 -28.63 -38.91
C THR A 160 -56.64 -28.33 -37.84
N ALA A 161 -56.91 -29.35 -37.03
CA ALA A 161 -57.89 -29.22 -35.96
C ALA A 161 -57.50 -30.14 -34.81
N ILE A 162 -58.02 -29.81 -33.62
CA ILE A 162 -57.85 -30.61 -32.42
C ILE A 162 -59.17 -30.65 -31.68
N GLY A 163 -59.30 -31.61 -30.76
CA GLY A 163 -60.49 -31.71 -29.94
C GLY A 163 -61.37 -32.90 -30.31
N SER A 164 -62.58 -32.87 -29.76
CA SER A 164 -63.52 -33.98 -29.94
C SER A 164 -63.93 -34.13 -31.40
N GLY A 165 -64.22 -33.02 -32.08
CA GLY A 165 -64.67 -33.08 -33.45
C GLY A 165 -63.54 -32.95 -34.45
N LYS A 166 -62.34 -33.40 -34.06
CA LYS A 166 -61.18 -33.27 -34.94
C LYS A 166 -61.37 -34.05 -36.24
N ASP A 167 -61.87 -35.27 -36.15
CA ASP A 167 -62.01 -36.11 -37.35
C ASP A 167 -63.01 -35.50 -38.33
N ALA A 168 -64.13 -34.98 -37.82
CA ALA A 168 -65.13 -34.39 -38.70
C ALA A 168 -64.61 -33.12 -39.37
N VAL A 169 -63.88 -32.29 -38.62
CA VAL A 169 -63.38 -31.03 -39.17
C VAL A 169 -62.31 -31.29 -40.23
N VAL A 170 -61.38 -32.20 -39.94
CA VAL A 170 -60.30 -32.47 -40.90
C VAL A 170 -60.86 -33.09 -42.17
N SER A 171 -61.89 -33.92 -42.06
CA SER A 171 -62.53 -34.48 -43.24
C SER A 171 -63.19 -33.38 -44.06
N PHE A 172 -63.89 -32.46 -43.40
CA PHE A 172 -64.50 -31.34 -44.11
C PHE A 172 -63.46 -30.46 -44.78
N LEU A 173 -62.36 -30.17 -44.07
CA LEU A 173 -61.30 -29.36 -44.66
C LEU A 173 -60.57 -30.10 -45.76
N GLU A 174 -60.56 -31.43 -45.70
CA GLU A 174 -59.94 -32.20 -46.78
C GLU A 174 -60.67 -32.04 -48.10
N ARG A 175 -61.94 -31.62 -48.05
CA ARG A 175 -62.76 -31.52 -49.25
C ARG A 175 -62.93 -30.09 -49.73
N GLU A 176 -62.96 -29.12 -48.81
CA GLU A 176 -63.37 -27.76 -49.16
C GLU A 176 -62.29 -26.70 -48.94
N TYR A 177 -61.13 -27.05 -48.42
CA TYR A 177 -60.09 -26.05 -48.17
C TYR A 177 -59.47 -25.56 -49.46
N LYS A 178 -59.24 -24.25 -49.54
CA LYS A 178 -58.54 -23.61 -50.64
C LYS A 178 -57.42 -22.75 -50.10
N GLU A 179 -56.35 -22.63 -50.88
CA GLU A 179 -55.20 -21.84 -50.47
C GLU A 179 -55.35 -20.38 -50.91
N ASN A 180 -54.68 -19.49 -50.18
CA ASN A 180 -54.62 -18.07 -50.49
C ASN A 180 -55.99 -17.41 -50.55
N LEU A 181 -56.94 -17.92 -49.74
CA LEU A 181 -58.25 -17.31 -49.67
C LEU A 181 -58.18 -15.99 -48.92
N PRO A 182 -59.10 -15.06 -49.20
CA PRO A 182 -59.18 -13.84 -48.40
C PRO A 182 -59.63 -14.15 -46.97
N GLU A 183 -59.32 -13.23 -46.07
CA GLU A 183 -59.55 -13.46 -44.65
C GLU A 183 -61.03 -13.69 -44.36
N LYS A 184 -61.91 -12.90 -44.97
CA LYS A 184 -63.34 -13.06 -44.75
C LYS A 184 -63.84 -14.42 -45.22
N GLU A 185 -63.39 -14.86 -46.40
CA GLU A 185 -63.79 -16.17 -46.90
C GLU A 185 -63.25 -17.30 -46.03
N ALA A 186 -62.03 -17.15 -45.54
CA ALA A 186 -61.43 -18.20 -44.69
C ALA A 186 -62.22 -18.39 -43.41
N VAL A 187 -62.67 -17.28 -42.80
CA VAL A 187 -63.47 -17.38 -41.58
C VAL A 187 -64.80 -18.08 -41.86
N THR A 188 -65.44 -17.74 -42.99
CA THR A 188 -66.69 -18.39 -43.34
C THR A 188 -66.49 -19.88 -43.55
N LEU A 189 -65.40 -20.27 -44.22
CA LEU A 189 -65.13 -21.69 -44.41
C LEU A 189 -64.87 -22.38 -43.07
N GLY A 190 -64.14 -21.72 -42.17
CA GLY A 190 -63.87 -22.31 -40.88
C GLY A 190 -65.11 -22.51 -40.04
N ILE A 191 -66.06 -21.57 -40.13
CA ILE A 191 -67.31 -21.72 -39.40
C ILE A 191 -68.09 -22.94 -39.90
N LYS A 192 -68.12 -23.14 -41.22
CA LYS A 192 -68.82 -24.30 -41.77
C LYS A 192 -68.15 -25.60 -41.32
N ALA A 193 -66.82 -25.63 -41.29
CA ALA A 193 -66.12 -26.82 -40.83
C ALA A 193 -66.46 -27.15 -39.39
N LEU A 194 -66.48 -26.13 -38.52
CA LEU A 194 -66.88 -26.35 -37.13
C LEU A 194 -68.35 -26.71 -37.04
N LYS A 195 -69.18 -26.13 -37.91
CA LYS A 195 -70.60 -26.45 -37.92
C LYS A 195 -70.84 -27.90 -38.30
N SER A 196 -70.07 -28.42 -39.25
CA SER A 196 -70.24 -29.77 -39.77
C SER A 196 -69.71 -30.85 -38.83
N SER A 197 -69.25 -30.49 -37.64
CA SER A 197 -68.75 -31.44 -36.67
C SER A 197 -69.65 -31.64 -35.47
N LEU A 198 -70.63 -30.76 -35.25
CA LEU A 198 -71.54 -30.89 -34.14
C LEU A 198 -72.62 -31.93 -34.43
N GLU A 199 -73.34 -32.32 -33.38
CA GLU A 199 -74.46 -33.24 -33.55
C GLU A 199 -75.70 -32.48 -34.03
N GLU A 200 -76.73 -33.24 -34.40
CA GLU A 200 -77.95 -32.63 -34.90
C GLU A 200 -78.66 -31.82 -33.82
N GLY A 201 -78.49 -32.21 -32.55
CA GLY A 201 -79.21 -31.54 -31.49
C GLY A 201 -78.82 -30.09 -31.29
N GLU A 202 -77.52 -29.80 -31.29
CA GLU A 202 -77.05 -28.46 -30.97
C GLU A 202 -76.75 -27.67 -32.25
N GLU A 203 -76.24 -26.46 -32.06
CA GLU A 203 -75.90 -25.59 -33.18
C GLU A 203 -74.72 -24.71 -32.79
N LEU A 204 -74.12 -24.07 -33.77
CA LEU A 204 -72.94 -23.23 -33.55
C LEU A 204 -73.27 -22.06 -32.63
N LYS A 205 -72.33 -21.70 -31.77
CA LYS A 205 -72.61 -20.73 -30.70
C LYS A 205 -71.58 -19.61 -30.61
N ALA A 206 -71.29 -18.94 -31.73
CA ALA A 206 -70.46 -17.74 -31.72
C ALA A 206 -69.08 -17.99 -31.13
N PRO A 207 -68.21 -18.70 -31.83
CA PRO A 207 -66.94 -19.14 -31.23
C PRO A 207 -65.90 -18.03 -31.15
N GLU A 208 -64.70 -18.39 -30.72
CA GLU A 208 -63.59 -17.45 -30.68
C GLU A 208 -62.86 -17.45 -32.02
N ILE A 209 -62.58 -16.26 -32.54
CA ILE A 209 -61.86 -16.10 -33.79
C ILE A 209 -60.71 -15.12 -33.59
N ALA A 210 -59.52 -15.51 -34.01
CA ALA A 210 -58.35 -14.66 -33.96
C ALA A 210 -57.56 -14.84 -35.26
N SER A 211 -56.93 -13.76 -35.71
CA SER A 211 -56.18 -13.80 -36.96
C SER A 211 -55.07 -12.76 -36.92
N ILE A 212 -54.10 -12.93 -37.82
CA ILE A 212 -52.97 -12.02 -37.94
C ILE A 212 -52.51 -12.03 -39.39
N THR A 213 -52.02 -10.88 -39.85
CA THR A 213 -51.51 -10.73 -41.20
C THR A 213 -50.07 -10.22 -41.14
N VAL A 214 -49.35 -10.39 -42.26
CA VAL A 214 -47.96 -9.98 -42.33
C VAL A 214 -47.86 -8.47 -42.14
N GLY A 215 -46.96 -8.05 -41.28
CA GLY A 215 -46.77 -6.64 -40.98
C GLY A 215 -47.65 -6.09 -39.87
N ASN A 216 -48.56 -6.89 -39.33
CA ASN A 216 -49.47 -6.45 -38.29
C ASN A 216 -49.37 -7.39 -37.08
N LYS A 217 -50.05 -7.00 -36.01
CA LYS A 217 -50.12 -7.81 -34.80
C LYS A 217 -51.42 -8.61 -34.79
N TYR A 218 -51.52 -9.53 -33.83
CA TYR A 218 -52.73 -10.32 -33.68
C TYR A 218 -53.90 -9.44 -33.25
N ARG A 219 -55.07 -9.71 -33.83
CA ARG A 219 -56.30 -9.03 -33.44
C ARG A 219 -57.34 -10.08 -33.08
N ILE A 220 -58.12 -9.81 -32.05
CA ILE A 220 -59.14 -10.72 -31.56
C ILE A 220 -60.49 -10.23 -32.04
N TYR A 221 -61.23 -11.10 -32.73
CA TYR A 221 -62.56 -10.74 -33.21
C TYR A 221 -63.50 -10.48 -32.05
N ASP A 222 -64.22 -9.35 -32.11
CA ASP A 222 -65.21 -9.06 -31.09
C ASP A 222 -66.52 -9.80 -31.40
N GLN A 223 -67.41 -9.82 -30.40
CA GLN A 223 -68.67 -10.54 -30.56
C GLN A 223 -69.50 -10.00 -31.72
N GLU A 224 -69.42 -8.69 -31.97
CA GLU A 224 -70.17 -8.10 -33.08
C GLU A 224 -69.73 -8.68 -34.42
N GLU A 225 -68.41 -8.79 -34.62
CA GLU A 225 -67.90 -9.33 -35.87
C GLU A 225 -68.16 -10.82 -36.00
N VAL A 226 -68.16 -11.55 -34.88
CA VAL A 226 -68.41 -12.98 -34.93
C VAL A 226 -69.84 -13.26 -35.38
N LYS A 227 -70.80 -12.47 -34.88
CA LYS A 227 -72.20 -12.67 -35.26
C LYS A 227 -72.42 -12.48 -36.75
N LYS A 228 -71.57 -11.70 -37.41
CA LYS A 228 -71.71 -11.48 -38.85
C LYS A 228 -71.45 -12.73 -39.67
N PHE A 229 -70.68 -13.68 -39.13
CA PHE A 229 -70.40 -14.94 -39.87
C PHE A 229 -71.29 -16.02 -39.30
N LEU A 230 -71.99 -15.72 -38.20
CA LEU A 230 -72.77 -16.77 -37.51
C LEU A 230 -73.91 -17.28 -38.39
N THR B 1 -2.13 -4.27 -33.40
CA THR B 1 -3.28 -4.82 -34.10
C THR B 1 -4.12 -3.70 -34.71
N THR B 2 -4.54 -3.91 -35.96
CA THR B 2 -5.39 -2.95 -36.66
C THR B 2 -6.45 -3.71 -37.44
N THR B 3 -7.72 -3.48 -37.10
CA THR B 3 -8.84 -4.07 -37.81
C THR B 3 -9.80 -2.95 -38.23
N VAL B 4 -10.50 -3.17 -39.33
CA VAL B 4 -11.42 -2.17 -39.86
C VAL B 4 -12.56 -2.88 -40.59
N GLY B 5 -13.76 -2.30 -40.48
CA GLY B 5 -14.92 -2.76 -41.22
C GLY B 5 -15.79 -1.61 -41.67
N ILE B 6 -16.18 -1.60 -42.93
CA ILE B 6 -16.99 -0.52 -43.49
C ILE B 6 -18.20 -1.10 -44.20
N THR B 7 -19.24 -0.27 -44.34
CA THR B 7 -20.45 -0.64 -45.04
C THR B 7 -20.59 0.19 -46.31
N LEU B 8 -21.11 -0.42 -47.36
CA LEU B 8 -21.42 0.25 -48.62
C LEU B 8 -22.89 -0.01 -48.94
N LYS B 9 -23.28 0.35 -50.18
CA LYS B 9 -24.67 0.22 -50.59
C LYS B 9 -25.17 -1.21 -50.46
N ASP B 10 -24.38 -2.17 -50.97
CA ASP B 10 -24.77 -3.58 -50.95
C ASP B 10 -23.59 -4.48 -50.60
N ALA B 11 -22.66 -3.99 -49.78
CA ALA B 11 -21.47 -4.77 -49.49
C ALA B 11 -20.93 -4.40 -48.12
N VAL B 12 -20.15 -5.32 -47.54
CA VAL B 12 -19.40 -5.10 -46.32
C VAL B 12 -17.95 -5.49 -46.57
N ILE B 13 -17.03 -4.62 -46.19
CA ILE B 13 -15.60 -4.85 -46.38
C ILE B 13 -14.92 -4.85 -45.01
N MET B 14 -14.17 -5.91 -44.73
CA MET B 14 -13.42 -6.03 -43.48
C MET B 14 -11.97 -6.35 -43.80
N ALA B 15 -11.06 -5.80 -43.00
CA ALA B 15 -9.64 -5.97 -43.26
C ALA B 15 -8.85 -5.88 -41.96
N THR B 16 -7.75 -6.63 -41.90
CA THR B 16 -6.86 -6.64 -40.75
C THR B 16 -5.41 -6.74 -41.24
N GLU B 17 -4.48 -6.54 -40.31
CA GLU B 17 -3.08 -6.88 -40.53
C GLU B 17 -2.78 -8.18 -39.78
N ARG B 18 -1.50 -8.58 -39.75
CA ARG B 18 -1.13 -9.91 -39.29
C ARG B 18 -0.12 -9.96 -38.15
N ARG B 19 0.34 -8.85 -37.61
CA ARG B 19 1.44 -8.92 -36.60
C ARG B 19 0.96 -9.39 -35.22
N VAL B 20 1.65 -10.35 -34.62
CA VAL B 20 1.28 -10.80 -33.24
C VAL B 20 2.46 -10.55 -32.29
N THR B 21 2.23 -9.81 -31.22
CA THR B 21 3.29 -9.46 -30.25
C THR B 21 3.14 -10.35 -29.01
N MET B 22 3.86 -11.47 -28.95
CA MET B 22 3.84 -12.45 -27.81
C MET B 22 5.17 -12.33 -27.05
N GLU B 23 5.17 -12.12 -25.73
CA GLU B 23 6.39 -11.95 -24.85
C GLU B 23 7.14 -10.65 -25.15
N ASN B 24 6.44 -9.59 -25.55
CA ASN B 24 7.06 -8.25 -25.74
C ASN B 24 8.02 -8.16 -26.93
N PHE B 25 7.85 -8.97 -27.96
CA PHE B 25 8.66 -8.83 -29.19
C PHE B 25 7.75 -9.29 -30.35
N ILE B 26 8.19 -9.17 -31.58
CA ILE B 26 7.40 -9.65 -32.71
C ILE B 26 7.69 -11.12 -32.95
N MET B 27 6.90 -12.00 -32.34
CA MET B 27 7.14 -13.43 -32.46
C MET B 27 6.51 -14.03 -33.71
N HIS B 28 5.38 -13.49 -34.17
CA HIS B 28 4.68 -14.03 -35.33
C HIS B 28 4.34 -12.89 -36.29
N LYS B 29 4.64 -13.10 -37.56
CA LYS B 29 4.39 -12.11 -38.60
C LYS B 29 3.16 -12.40 -39.44
N ASN B 30 2.56 -13.58 -39.30
CA ASN B 30 1.45 -14.00 -40.17
C ASN B 30 0.32 -14.59 -39.33
N GLY B 31 -0.06 -13.88 -38.27
CA GLY B 31 -1.22 -14.28 -37.50
C GLY B 31 -2.52 -14.06 -38.26
N LYS B 32 -3.56 -14.74 -37.80
CA LYS B 32 -4.87 -14.67 -38.42
C LYS B 32 -5.82 -13.92 -37.49
N LYS B 33 -6.42 -12.85 -38.00
CA LYS B 33 -7.33 -12.02 -37.22
C LYS B 33 -8.69 -11.81 -37.88
N LEU B 34 -8.89 -12.32 -39.10
CA LEU B 34 -10.15 -12.18 -39.81
C LEU B 34 -10.71 -13.57 -40.08
N PHE B 35 -11.96 -13.79 -39.67
CA PHE B 35 -12.57 -15.11 -39.74
C PHE B 35 -13.95 -15.03 -40.35
N GLN B 36 -14.31 -16.06 -41.11
CA GLN B 36 -15.68 -16.25 -41.58
C GLN B 36 -16.42 -17.13 -40.58
N ILE B 37 -17.50 -16.61 -40.01
CA ILE B 37 -18.26 -17.33 -38.99
C ILE B 37 -19.63 -17.78 -39.48
N ASP B 38 -20.05 -17.36 -40.67
CA ASP B 38 -21.32 -17.80 -41.24
C ASP B 38 -21.25 -17.59 -42.74
N THR B 39 -22.35 -17.93 -43.42
CA THR B 39 -22.39 -17.82 -44.88
C THR B 39 -22.17 -16.38 -45.33
N TYR B 40 -22.78 -15.42 -44.64
CA TYR B 40 -22.65 -14.01 -44.98
C TYR B 40 -22.20 -13.18 -43.77
N THR B 41 -21.33 -13.72 -42.92
CA THR B 41 -20.92 -13.03 -41.71
C THR B 41 -19.42 -13.22 -41.48
N GLY B 42 -18.74 -12.14 -41.08
CA GLY B 42 -17.35 -12.21 -40.71
C GLY B 42 -17.10 -11.51 -39.40
N MET B 43 -15.93 -11.75 -38.83
CA MET B 43 -15.57 -11.19 -37.54
C MET B 43 -14.06 -10.96 -37.46
N THR B 44 -13.68 -9.84 -36.85
CA THR B 44 -12.29 -9.52 -36.58
C THR B 44 -12.06 -9.50 -35.07
N ILE B 45 -10.82 -9.77 -34.66
CA ILE B 45 -10.47 -9.91 -33.26
C ILE B 45 -9.29 -9.02 -32.92
N ALA B 46 -9.32 -8.44 -31.73
CA ALA B 46 -8.19 -7.67 -31.20
C ALA B 46 -8.15 -7.87 -29.69
N GLY B 47 -6.93 -7.95 -29.15
CA GLY B 47 -6.72 -8.15 -27.74
C GLY B 47 -5.98 -9.45 -27.45
N LEU B 48 -6.36 -10.11 -26.36
CA LEU B 48 -5.71 -11.34 -25.95
C LEU B 48 -6.01 -12.45 -26.97
N VAL B 49 -4.95 -13.09 -27.48
CA VAL B 49 -5.11 -14.07 -28.54
C VAL B 49 -5.91 -15.28 -28.04
N GLY B 50 -5.62 -15.75 -26.82
CA GLY B 50 -6.30 -16.92 -26.31
C GLY B 50 -7.80 -16.72 -26.16
N ASP B 51 -8.20 -15.58 -25.58
CA ASP B 51 -9.61 -15.29 -25.42
C ASP B 51 -10.30 -15.15 -26.77
N ALA B 52 -9.64 -14.46 -27.71
CA ALA B 52 -10.25 -14.22 -29.01
C ALA B 52 -10.47 -15.52 -29.78
N GLN B 53 -9.49 -16.43 -29.75
CA GLN B 53 -9.62 -17.67 -30.50
C GLN B 53 -10.73 -18.55 -29.95
N VAL B 54 -10.90 -18.56 -28.62
CA VAL B 54 -11.99 -19.33 -28.01
C VAL B 54 -13.34 -18.78 -28.47
N LEU B 55 -13.47 -17.45 -28.50
CA LEU B 55 -14.74 -16.84 -28.90
C LEU B 55 -15.06 -17.14 -30.36
N VAL B 56 -14.05 -17.17 -31.23
CA VAL B 56 -14.28 -17.49 -32.63
C VAL B 56 -14.85 -18.89 -32.78
N ARG B 57 -14.28 -19.86 -32.04
CA ARG B 57 -14.79 -21.22 -32.09
C ARG B 57 -16.22 -21.31 -31.55
N TYR B 58 -16.51 -20.57 -30.48
CA TYR B 58 -17.87 -20.56 -29.94
C TYR B 58 -18.87 -20.02 -30.95
N MET B 59 -18.52 -18.91 -31.63
CA MET B 59 -19.44 -18.29 -32.56
C MET B 59 -19.70 -19.18 -33.77
N LYS B 60 -18.66 -19.86 -34.26
CA LYS B 60 -18.84 -20.78 -35.38
C LYS B 60 -19.80 -21.91 -35.01
N ALA B 61 -19.66 -22.44 -33.80
CA ALA B 61 -20.54 -23.52 -33.36
C ALA B 61 -21.97 -23.03 -33.19
N GLU B 62 -22.15 -21.87 -32.54
CA GLU B 62 -23.49 -21.36 -32.29
C GLU B 62 -24.21 -21.03 -33.60
N LEU B 63 -23.51 -20.39 -34.53
CA LEU B 63 -24.15 -19.98 -35.78
C LEU B 63 -24.49 -21.17 -36.66
N GLU B 64 -23.61 -22.18 -36.69
CA GLU B 64 -23.89 -23.37 -37.49
C GLU B 64 -25.07 -24.16 -36.92
N LEU B 65 -25.13 -24.30 -35.60
CA LEU B 65 -26.27 -24.96 -34.97
C LEU B 65 -27.55 -24.17 -35.21
N TYR B 66 -27.46 -22.84 -35.13
CA TYR B 66 -28.62 -21.99 -35.39
C TYR B 66 -29.13 -22.19 -36.81
N ARG B 67 -28.22 -22.27 -37.78
CA ARG B 67 -28.63 -22.45 -39.17
C ARG B 67 -29.30 -23.79 -39.39
N LEU B 68 -28.78 -24.85 -38.75
CA LEU B 68 -29.34 -26.18 -38.95
C LEU B 68 -30.72 -26.32 -38.29
N GLN B 69 -30.94 -25.65 -37.16
CA GLN B 69 -32.21 -25.81 -36.45
C GLN B 69 -33.31 -24.96 -37.06
N ARG B 70 -33.04 -23.68 -37.29
CA ARG B 70 -34.06 -22.74 -37.77
C ARG B 70 -34.03 -22.56 -39.29
N ARG B 71 -33.18 -23.29 -39.99
CA ARG B 71 -33.11 -23.38 -41.46
C ARG B 71 -32.71 -22.08 -42.14
N VAL B 72 -32.39 -21.02 -41.40
CA VAL B 72 -31.96 -19.76 -41.98
C VAL B 72 -30.75 -19.25 -41.20
N ASN B 73 -30.00 -18.35 -41.84
CA ASN B 73 -28.85 -17.74 -41.20
C ASN B 73 -29.31 -16.75 -40.12
N MET B 74 -28.54 -16.69 -39.05
CA MET B 74 -28.84 -15.77 -37.96
C MET B 74 -28.68 -14.33 -38.43
N PRO B 75 -29.62 -13.44 -38.14
CA PRO B 75 -29.46 -12.03 -38.51
C PRO B 75 -28.24 -11.43 -37.82
N ILE B 76 -27.65 -10.43 -38.49
CA ILE B 76 -26.40 -9.85 -38.02
C ILE B 76 -26.58 -9.22 -36.64
N GLU B 77 -27.68 -8.50 -36.44
CA GLU B 77 -27.93 -7.89 -35.14
C GLU B 77 -28.13 -8.95 -34.07
N ALA B 78 -28.72 -10.09 -34.43
CA ALA B 78 -28.86 -11.19 -33.49
C ALA B 78 -27.50 -11.78 -33.12
N VAL B 79 -26.57 -11.82 -34.08
CA VAL B 79 -25.22 -12.28 -33.79
C VAL B 79 -24.56 -11.36 -32.76
N ALA B 80 -24.70 -10.05 -32.96
CA ALA B 80 -24.11 -9.09 -32.02
C ALA B 80 -24.75 -9.19 -30.64
N THR B 81 -26.08 -9.40 -30.60
CA THR B 81 -26.77 -9.51 -29.32
C THR B 81 -26.31 -10.76 -28.56
N LEU B 82 -26.12 -11.87 -29.27
CA LEU B 82 -25.64 -13.09 -28.63
C LEU B 82 -24.25 -12.88 -28.03
N LEU B 83 -23.35 -12.24 -28.79
CA LEU B 83 -22.03 -11.91 -28.26
C LEU B 83 -22.13 -10.96 -27.08
N SER B 84 -23.05 -9.99 -27.16
CA SER B 84 -23.21 -9.02 -26.07
C SER B 84 -23.57 -9.72 -24.77
N ASN B 85 -24.50 -10.68 -24.83
CA ASN B 85 -24.89 -11.41 -23.62
C ASN B 85 -23.73 -12.24 -23.08
N MET B 86 -22.99 -12.92 -23.97
CA MET B 86 -21.90 -13.79 -23.53
C MET B 86 -20.82 -13.00 -22.79
N LEU B 87 -20.45 -11.83 -23.33
CA LEU B 87 -19.39 -11.05 -22.70
C LEU B 87 -19.85 -10.41 -21.40
N ASN B 88 -21.10 -9.94 -21.36
CA ASN B 88 -21.59 -9.25 -20.17
C ASN B 88 -21.79 -10.20 -19.00
N GLN B 89 -22.09 -11.47 -19.28
N GLN B 89 -22.09 -11.47 -19.28
CA GLN B 89 -22.31 -12.43 -18.21
CA GLN B 89 -22.31 -12.43 -18.21
C GLN B 89 -21.05 -12.70 -17.40
C GLN B 89 -21.05 -12.70 -17.40
N VAL B 90 -19.88 -12.41 -17.94
CA VAL B 90 -18.62 -12.61 -17.24
C VAL B 90 -17.84 -11.29 -17.12
N LYS B 91 -18.55 -10.17 -17.02
CA LYS B 91 -17.93 -8.84 -17.09
C LYS B 91 -16.85 -8.64 -16.02
N TYR B 92 -16.99 -9.28 -14.87
CA TYR B 92 -15.99 -9.15 -13.81
C TYR B 92 -14.85 -10.14 -13.94
N MET B 93 -14.97 -11.14 -14.81
CA MET B 93 -13.85 -12.00 -15.22
C MET B 93 -13.85 -12.07 -16.74
N PRO B 94 -13.62 -10.95 -17.42
CA PRO B 94 -14.06 -10.82 -18.80
C PRO B 94 -13.05 -11.34 -19.81
N TYR B 95 -13.53 -11.52 -21.04
CA TYR B 95 -12.67 -11.69 -22.20
C TYR B 95 -12.06 -10.33 -22.55
N MET B 96 -10.73 -10.27 -22.61
CA MET B 96 -10.04 -9.01 -22.88
C MET B 96 -9.87 -8.83 -24.39
N VAL B 97 -11.00 -8.59 -25.06
CA VAL B 97 -11.04 -8.56 -26.52
C VAL B 97 -11.83 -7.33 -26.99
N GLN B 98 -11.57 -6.95 -28.24
CA GLN B 98 -12.38 -6.00 -28.98
C GLN B 98 -12.81 -6.66 -30.28
N LEU B 99 -14.10 -6.60 -30.58
CA LEU B 99 -14.67 -7.39 -31.67
C LEU B 99 -15.42 -6.50 -32.65
N LEU B 100 -15.34 -6.87 -33.93
CA LEU B 100 -16.16 -6.29 -34.98
C LEU B 100 -16.90 -7.41 -35.70
N VAL B 101 -18.19 -7.23 -35.92
CA VAL B 101 -19.02 -8.21 -36.63
C VAL B 101 -19.70 -7.50 -37.79
N GLY B 102 -19.58 -8.06 -38.98
CA GLY B 102 -20.19 -7.49 -40.16
C GLY B 102 -20.74 -8.57 -41.07
N GLY B 103 -21.81 -8.22 -41.78
CA GLY B 103 -22.41 -9.16 -42.70
C GLY B 103 -23.66 -8.59 -43.34
N ILE B 104 -24.31 -9.45 -44.13
CA ILE B 104 -25.51 -9.09 -44.89
C ILE B 104 -26.61 -10.06 -44.50
N ASP B 105 -27.75 -9.52 -44.04
CA ASP B 105 -28.97 -10.32 -43.93
C ASP B 105 -30.04 -9.79 -44.89
N THR B 106 -30.43 -8.53 -44.76
CA THR B 106 -31.19 -7.83 -45.79
C THR B 106 -30.53 -6.53 -46.19
N ALA B 107 -29.55 -6.06 -45.43
CA ALA B 107 -28.81 -4.84 -45.70
C ALA B 107 -27.47 -4.95 -44.99
N PRO B 108 -26.46 -4.20 -45.44
CA PRO B 108 -25.16 -4.26 -44.78
C PRO B 108 -25.23 -3.77 -43.33
N HIS B 109 -24.44 -4.42 -42.48
CA HIS B 109 -24.35 -4.07 -41.07
C HIS B 109 -22.93 -4.29 -40.58
N VAL B 110 -22.49 -3.40 -39.68
CA VAL B 110 -21.23 -3.55 -38.96
C VAL B 110 -21.48 -3.21 -37.50
N PHE B 111 -21.06 -4.09 -36.60
CA PHE B 111 -21.26 -3.91 -35.17
C PHE B 111 -19.92 -3.91 -34.45
N SER B 112 -19.78 -3.04 -33.46
CA SER B 112 -18.62 -2.98 -32.60
C SER B 112 -19.01 -3.43 -31.21
N ILE B 113 -18.27 -4.39 -30.66
CA ILE B 113 -18.57 -4.98 -29.36
C ILE B 113 -17.34 -4.88 -28.48
N ASP B 114 -17.51 -4.38 -27.26
CA ASP B 114 -16.42 -4.22 -26.31
C ASP B 114 -16.42 -5.39 -25.33
N ALA B 115 -15.45 -5.37 -24.41
CA ALA B 115 -15.27 -6.47 -23.47
C ALA B 115 -16.41 -6.58 -22.47
N ALA B 116 -17.15 -5.52 -22.22
CA ALA B 116 -18.25 -5.53 -21.27
C ALA B 116 -19.58 -5.89 -21.90
N GLY B 117 -19.60 -6.18 -23.20
CA GLY B 117 -20.83 -6.55 -23.87
C GLY B 117 -21.60 -5.42 -24.52
N GLY B 118 -21.03 -4.22 -24.58
CA GLY B 118 -21.70 -3.13 -25.26
C GLY B 118 -21.57 -3.26 -26.76
N SER B 119 -22.70 -3.20 -27.46
CA SER B 119 -22.74 -3.40 -28.91
C SER B 119 -23.39 -2.18 -29.56
N VAL B 120 -22.69 -1.57 -30.52
CA VAL B 120 -23.17 -0.38 -31.21
C VAL B 120 -22.99 -0.60 -32.71
N GLU B 121 -24.05 -0.36 -33.47
CA GLU B 121 -23.98 -0.42 -34.92
C GLU B 121 -23.47 0.90 -35.48
N ASP B 122 -22.66 0.83 -36.52
CA ASP B 122 -22.08 2.03 -37.12
C ASP B 122 -21.82 1.77 -38.59
N ILE B 123 -21.68 2.87 -39.35
CA ILE B 123 -21.38 2.74 -40.77
C ILE B 123 -19.98 2.20 -40.99
N TYR B 124 -19.03 2.58 -40.13
CA TYR B 124 -17.69 1.99 -40.15
C TYR B 124 -17.12 2.03 -38.75
N ALA B 125 -16.15 1.15 -38.50
CA ALA B 125 -15.52 1.06 -37.20
C ALA B 125 -14.14 0.46 -37.34
N SER B 126 -13.30 0.68 -36.32
CA SER B 126 -11.95 0.17 -36.30
C SER B 126 -11.55 -0.15 -34.86
N THR B 127 -10.80 -1.23 -34.69
CA THR B 127 -10.35 -1.67 -33.38
C THR B 127 -8.85 -1.91 -33.39
N GLY B 128 -8.27 -1.97 -32.21
CA GLY B 128 -6.85 -2.20 -32.04
C GLY B 128 -6.09 -0.92 -31.75
N SER B 129 -4.80 -1.09 -31.48
CA SER B 129 -3.94 0.04 -31.16
C SER B 129 -3.76 0.99 -32.34
N GLY B 130 -3.91 0.50 -33.56
CA GLY B 130 -3.81 1.33 -34.74
C GLY B 130 -5.12 1.97 -35.19
N SER B 131 -6.21 1.76 -34.45
CA SER B 131 -7.50 2.30 -34.85
C SER B 131 -7.54 3.83 -34.97
N PRO B 132 -6.96 4.63 -34.07
CA PRO B 132 -7.08 6.09 -34.24
C PRO B 132 -6.49 6.60 -35.54
N PHE B 133 -5.42 5.98 -36.04
CA PHE B 133 -4.88 6.37 -37.33
C PHE B 133 -5.85 6.03 -38.46
N VAL B 134 -6.55 4.90 -38.34
CA VAL B 134 -7.54 4.53 -39.35
C VAL B 134 -8.70 5.51 -39.36
N TYR B 135 -9.16 5.92 -38.17
CA TYR B 135 -10.28 6.85 -38.09
C TYR B 135 -9.96 8.18 -38.75
N GLY B 136 -8.70 8.61 -38.67
CA GLY B 136 -8.29 9.83 -39.35
C GLY B 136 -8.44 9.72 -40.85
N VAL B 137 -8.03 8.57 -41.42
CA VAL B 137 -8.16 8.36 -42.86
C VAL B 137 -9.62 8.26 -43.25
N LEU B 138 -10.42 7.52 -42.48
CA LEU B 138 -11.83 7.34 -42.82
C LEU B 138 -12.62 8.63 -42.70
N GLU B 139 -12.31 9.45 -41.69
CA GLU B 139 -13.03 10.71 -41.52
C GLU B 139 -12.85 11.63 -42.72
N SER B 140 -11.66 11.62 -43.32
CA SER B 140 -11.37 12.57 -44.39
C SER B 140 -11.69 12.00 -45.78
N GLN B 141 -11.80 10.68 -45.92
CA GLN B 141 -11.89 10.08 -47.25
C GLN B 141 -13.07 9.16 -47.47
N TYR B 142 -13.72 8.65 -46.42
CA TYR B 142 -14.83 7.72 -46.62
C TYR B 142 -16.02 8.43 -47.26
N SER B 143 -16.68 7.72 -48.18
CA SER B 143 -17.90 8.21 -48.81
C SER B 143 -18.89 7.06 -48.92
N GLU B 144 -20.16 7.35 -48.63
CA GLU B 144 -21.19 6.32 -48.72
C GLU B 144 -21.53 5.93 -50.15
N LYS B 145 -21.10 6.71 -51.13
CA LYS B 145 -21.35 6.42 -52.54
C LYS B 145 -20.22 5.63 -53.19
N MET B 146 -19.21 5.22 -52.43
CA MET B 146 -18.07 4.51 -52.98
C MET B 146 -18.49 3.15 -53.55
N THR B 147 -17.79 2.74 -54.61
CA THR B 147 -17.95 1.40 -55.14
C THR B 147 -17.15 0.40 -54.32
N VAL B 148 -17.32 -0.88 -54.62
CA VAL B 148 -16.59 -1.92 -53.90
C VAL B 148 -15.09 -1.78 -54.14
N ASP B 149 -14.69 -1.53 -55.39
CA ASP B 149 -13.27 -1.36 -55.70
C ASP B 149 -12.69 -0.17 -54.96
N GLU B 150 -13.42 0.95 -54.92
CA GLU B 150 -12.95 2.12 -54.18
C GLU B 150 -12.91 1.84 -52.69
N GLY B 151 -13.85 1.07 -52.18
CA GLY B 151 -13.84 0.72 -50.76
C GLY B 151 -12.65 -0.14 -50.37
N VAL B 152 -12.27 -1.07 -51.25
CA VAL B 152 -11.12 -1.92 -50.98
C VAL B 152 -9.84 -1.08 -50.92
N ASP B 153 -9.70 -0.14 -51.86
CA ASP B 153 -8.54 0.75 -51.84
C ASP B 153 -8.53 1.60 -50.57
N LEU B 154 -9.70 2.00 -50.09
CA LEU B 154 -9.78 2.85 -48.91
C LEU B 154 -9.26 2.13 -47.67
N VAL B 155 -9.68 0.89 -47.45
CA VAL B 155 -9.26 0.16 -46.26
C VAL B 155 -7.77 -0.18 -46.33
N ILE B 156 -7.26 -0.42 -47.55
CA ILE B 156 -5.83 -0.71 -47.70
C ILE B 156 -5.00 0.52 -47.32
N ARG B 157 -5.41 1.70 -47.78
CA ARG B 157 -4.70 2.93 -47.43
C ARG B 157 -4.78 3.20 -45.93
N ALA B 158 -5.95 2.96 -45.33
CA ALA B 158 -6.11 3.23 -43.90
C ALA B 158 -5.22 2.33 -43.06
N ILE B 159 -5.17 1.04 -43.38
CA ILE B 159 -4.32 0.12 -42.63
C ILE B 159 -2.85 0.41 -42.90
N SER B 160 -2.50 0.78 -44.13
CA SER B 160 -1.11 1.12 -44.43
C SER B 160 -0.64 2.31 -43.60
N ALA B 161 -1.50 3.31 -43.44
CA ALA B 161 -1.14 4.45 -42.59
C ALA B 161 -0.93 4.03 -41.14
N ALA B 162 -1.78 3.13 -40.65
CA ALA B 162 -1.64 2.65 -39.27
C ALA B 162 -0.32 1.91 -39.07
N LYS B 163 0.09 1.12 -40.07
CA LYS B 163 1.35 0.39 -39.95
C LYS B 163 2.54 1.32 -39.91
N GLN B 164 2.43 2.52 -40.47
CA GLN B 164 3.53 3.46 -40.47
C GLN B 164 3.71 4.14 -39.11
N ARG B 165 2.69 4.11 -38.24
CA ARG B 165 2.72 4.84 -36.99
C ARG B 165 2.49 3.99 -35.76
N ASP B 166 1.99 2.76 -35.89
CA ASP B 166 1.74 1.88 -34.77
C ASP B 166 2.71 0.70 -34.85
N SER B 167 3.60 0.60 -33.86
CA SER B 167 4.60 -0.47 -33.86
C SER B 167 3.98 -1.84 -33.62
N ALA B 168 2.79 -1.91 -33.02
CA ALA B 168 2.12 -3.18 -32.79
C ALA B 168 1.43 -3.73 -34.02
N SER B 169 1.42 -2.99 -35.13
CA SER B 169 0.78 -3.42 -36.36
C SER B 169 1.82 -3.63 -37.46
N GLY B 170 1.54 -4.58 -38.34
CA GLY B 170 2.44 -4.85 -39.44
C GLY B 170 2.03 -6.10 -40.18
N GLY B 171 2.78 -6.41 -41.22
CA GLY B 171 2.55 -7.59 -42.02
C GLY B 171 1.60 -7.37 -43.17
N MET B 172 1.30 -8.46 -43.85
CA MET B 172 0.41 -8.44 -45.00
C MET B 172 -1.02 -8.11 -44.57
N ILE B 173 -1.75 -7.43 -45.45
CA ILE B 173 -3.13 -7.02 -45.20
C ILE B 173 -4.07 -8.07 -45.80
N ASP B 174 -5.01 -8.54 -44.99
CA ASP B 174 -6.03 -9.47 -45.44
C ASP B 174 -7.36 -8.72 -45.58
N VAL B 175 -8.03 -8.92 -46.71
CA VAL B 175 -9.27 -8.21 -47.03
C VAL B 175 -10.33 -9.21 -47.43
N ALA B 176 -11.54 -9.02 -46.91
CA ALA B 176 -12.70 -9.83 -47.28
C ALA B 176 -13.85 -8.94 -47.71
N VAL B 177 -14.58 -9.38 -48.72
CA VAL B 177 -15.74 -8.66 -49.24
C VAL B 177 -16.95 -9.57 -49.13
N ILE B 178 -18.02 -9.05 -48.54
CA ILE B 178 -19.25 -9.81 -48.32
C ILE B 178 -20.37 -9.16 -49.11
N THR B 179 -20.99 -9.94 -50.00
CA THR B 179 -22.15 -9.48 -50.77
C THR B 179 -23.17 -10.61 -50.81
N ARG B 180 -24.43 -10.23 -51.04
CA ARG B 180 -25.48 -11.23 -51.20
C ARG B 180 -25.24 -12.09 -52.44
N LYS B 181 -24.79 -11.48 -53.53
CA LYS B 181 -24.62 -12.21 -54.78
C LYS B 181 -23.48 -13.22 -54.70
N ASP B 182 -22.36 -12.84 -54.09
CA ASP B 182 -21.16 -13.67 -54.09
C ASP B 182 -20.81 -14.26 -52.74
N GLY B 183 -21.49 -13.86 -51.67
CA GLY B 183 -21.19 -14.42 -50.37
C GLY B 183 -19.89 -13.85 -49.80
N TYR B 184 -19.30 -14.60 -48.87
CA TYR B 184 -18.06 -14.23 -48.21
C TYR B 184 -16.89 -14.59 -49.13
N VAL B 185 -16.18 -13.59 -49.61
CA VAL B 185 -15.06 -13.78 -50.53
C VAL B 185 -13.83 -13.10 -49.93
N GLN B 186 -12.80 -13.89 -49.65
CA GLN B 186 -11.52 -13.34 -49.20
C GLN B 186 -10.64 -13.08 -50.42
N LEU B 187 -10.18 -11.83 -50.55
CA LEU B 187 -9.40 -11.45 -51.71
C LEU B 187 -8.05 -12.16 -51.72
N PRO B 188 -7.58 -12.60 -52.88
CA PRO B 188 -6.27 -13.26 -52.94
C PRO B 188 -5.13 -12.32 -52.60
N THR B 189 -4.04 -12.89 -52.10
CA THR B 189 -2.89 -12.09 -51.68
C THR B 189 -2.28 -11.31 -52.85
N ASP B 190 -2.19 -11.95 -54.03
CA ASP B 190 -1.62 -11.27 -55.18
C ASP B 190 -2.44 -10.06 -55.59
N GLN B 191 -3.76 -10.15 -55.49
CA GLN B 191 -4.60 -9.00 -55.81
C GLN B 191 -4.36 -7.85 -54.84
N ILE B 192 -4.17 -8.16 -53.55
CA ILE B 192 -3.86 -7.13 -52.57
C ILE B 192 -2.53 -6.47 -52.89
N GLU B 193 -1.52 -7.27 -53.26
CA GLU B 193 -0.22 -6.72 -53.60
C GLU B 193 -0.31 -5.83 -54.83
N SER B 194 -1.13 -6.21 -55.81
CA SER B 194 -1.30 -5.39 -57.01
C SER B 194 -1.90 -4.03 -56.66
N ARG B 195 -2.89 -4.02 -55.77
CA ARG B 195 -3.50 -2.76 -55.36
C ARG B 195 -2.52 -1.89 -54.58
N ILE B 196 -1.67 -2.52 -53.76
CA ILE B 196 -0.67 -1.77 -53.01
C ILE B 196 0.32 -1.10 -53.96
N ARG B 197 0.77 -1.83 -54.97
CA ARG B 197 1.69 -1.24 -55.95
C ARG B 197 1.02 -0.12 -56.74
N LYS B 198 -0.24 -0.30 -57.11
CA LYS B 198 -0.96 0.74 -57.85
C LYS B 198 -1.18 1.99 -57.01
N LEU B 199 -1.39 1.84 -55.70
CA LEU B 199 -1.60 2.98 -54.82
C LEU B 199 -0.30 3.67 -54.42
N GLY B 200 0.85 3.11 -54.78
CA GLY B 200 2.15 3.69 -54.43
C GLY B 200 2.47 3.57 -52.95
N LEU B 201 2.11 2.45 -52.32
CA LEU B 201 2.31 2.26 -50.87
C LEU B 201 3.50 1.32 -50.67
N ILE B 202 4.34 1.20 -51.69
CA ILE B 202 5.57 0.36 -51.60
C ILE B 202 6.42 0.64 -52.85
N THR C 1 16.44 -21.39 -20.20
CA THR C 1 15.80 -22.36 -21.08
C THR C 1 15.78 -21.85 -22.52
N THR C 2 16.13 -22.73 -23.47
CA THR C 2 16.11 -22.39 -24.88
C THR C 2 15.54 -23.57 -25.66
N THR C 3 14.42 -23.34 -26.34
CA THR C 3 13.80 -24.34 -27.21
C THR C 3 13.58 -23.73 -28.58
N VAL C 4 13.62 -24.58 -29.60
CA VAL C 4 13.45 -24.12 -30.98
C VAL C 4 12.80 -25.22 -31.81
N GLY C 5 11.96 -24.82 -32.75
CA GLY C 5 11.37 -25.74 -33.70
C GLY C 5 11.23 -25.10 -35.07
N ILE C 6 11.65 -25.82 -36.11
CA ILE C 6 11.63 -25.29 -37.48
C ILE C 6 10.94 -26.29 -38.39
N THR C 7 10.43 -25.79 -39.51
CA THR C 7 9.79 -26.62 -40.53
C THR C 7 10.62 -26.59 -41.81
N LEU C 8 10.67 -27.73 -42.49
CA LEU C 8 11.32 -27.87 -43.78
C LEU C 8 10.31 -28.42 -44.78
N LYS C 9 10.80 -28.81 -45.95
CA LYS C 9 9.92 -29.30 -47.01
C LYS C 9 9.10 -30.51 -46.56
N ASP C 10 9.75 -31.48 -45.94
CA ASP C 10 9.08 -32.70 -45.49
C ASP C 10 9.58 -33.15 -44.12
N ALA C 11 9.96 -32.19 -43.26
CA ALA C 11 10.51 -32.55 -41.97
C ALA C 11 10.25 -31.45 -40.95
N VAL C 12 10.28 -31.84 -39.68
CA VAL C 12 10.22 -30.92 -38.55
C VAL C 12 11.40 -31.21 -37.64
N ILE C 13 12.11 -30.17 -37.23
CA ILE C 13 13.28 -30.30 -36.36
C ILE C 13 13.03 -29.49 -35.09
N MET C 14 13.18 -30.14 -33.94
CA MET C 14 13.01 -29.51 -32.65
C MET C 14 14.24 -29.78 -31.79
N ALA C 15 14.62 -28.79 -30.99
CA ALA C 15 15.84 -28.91 -30.19
C ALA C 15 15.73 -28.05 -28.94
N THR C 16 16.37 -28.52 -27.87
CA THR C 16 16.39 -27.82 -26.59
C THR C 16 17.77 -28.00 -25.95
N GLU C 17 18.01 -27.23 -24.89
CA GLU C 17 19.13 -27.46 -24.00
C GLU C 17 18.62 -28.13 -22.73
N ARG C 18 19.49 -28.30 -21.73
CA ARG C 18 19.18 -29.14 -20.58
C ARG C 18 19.30 -28.46 -19.22
N ARG C 19 19.62 -27.19 -19.13
CA ARG C 19 19.88 -26.59 -17.78
C ARG C 19 18.58 -26.31 -17.00
N VAL C 20 18.54 -26.72 -15.74
CA VAL C 20 17.35 -26.42 -14.88
C VAL C 20 17.78 -25.57 -13.68
N THR C 21 17.18 -24.42 -13.50
CA THR C 21 17.53 -23.49 -12.41
C THR C 21 16.47 -23.59 -11.29
N MET C 22 16.72 -24.42 -10.29
CA MET C 22 15.79 -24.65 -9.13
C MET C 22 16.42 -24.00 -7.87
N GLU C 23 15.72 -23.12 -7.15
CA GLU C 23 16.20 -22.37 -5.93
C GLU C 23 17.29 -21.34 -6.28
N ASN C 24 17.24 -20.75 -7.46
CA ASN C 24 18.18 -19.65 -7.84
C ASN C 24 19.63 -20.09 -8.04
N PHE C 25 19.89 -21.33 -8.40
CA PHE C 25 21.26 -21.78 -8.74
C PHE C 25 21.09 -22.87 -9.80
N ILE C 26 22.18 -23.37 -10.35
CA ILE C 26 22.09 -24.46 -11.32
C ILE C 26 22.09 -25.79 -10.58
N MET C 27 20.90 -26.30 -10.27
CA MET C 27 20.79 -27.55 -9.52
C MET C 27 20.87 -28.78 -10.41
N HIS C 28 20.39 -28.70 -11.65
CA HIS C 28 20.38 -29.84 -12.56
C HIS C 28 20.95 -29.43 -13.90
N LYS C 29 21.88 -30.24 -14.42
CA LYS C 29 22.52 -29.98 -15.69
C LYS C 29 21.97 -30.80 -16.84
N ASN C 30 21.13 -31.81 -16.56
CA ASN C 30 20.66 -32.75 -17.58
C ASN C 30 19.15 -32.92 -17.49
N GLY C 31 18.42 -31.82 -17.38
CA GLY C 31 16.98 -31.89 -17.43
C GLY C 31 16.46 -32.25 -18.81
N LYS C 32 15.21 -32.69 -18.84
CA LYS C 32 14.57 -33.12 -20.08
C LYS C 32 13.48 -32.13 -20.44
N LYS C 33 13.58 -31.55 -21.64
CA LYS C 33 12.63 -30.54 -22.10
C LYS C 33 12.01 -30.87 -23.46
N LEU C 34 12.42 -31.96 -24.10
CA LEU C 34 11.89 -32.37 -25.39
C LEU C 34 11.26 -33.75 -25.25
N PHE C 35 10.00 -33.87 -25.66
CA PHE C 35 9.23 -35.08 -25.45
C PHE C 35 8.53 -35.50 -26.72
N GLN C 36 8.41 -36.81 -26.92
CA GLN C 36 7.58 -37.36 -27.97
C GLN C 36 6.20 -37.67 -27.39
N ILE C 37 5.16 -37.06 -27.94
CA ILE C 37 3.80 -37.23 -27.43
C ILE C 37 2.90 -38.02 -28.36
N ASP C 38 3.37 -38.34 -29.57
CA ASP C 38 2.60 -39.16 -30.50
C ASP C 38 3.57 -39.77 -31.50
N THR C 39 3.02 -40.54 -32.44
CA THR C 39 3.86 -41.22 -33.43
C THR C 39 4.65 -40.22 -34.26
N TYR C 40 4.02 -39.11 -34.66
CA TYR C 40 4.68 -38.09 -35.46
C TYR C 40 4.54 -36.71 -34.83
N THR C 41 4.59 -36.62 -33.50
CA THR C 41 4.39 -35.34 -32.82
C THR C 41 5.37 -35.20 -31.66
N GLY C 42 5.94 -34.00 -31.52
CA GLY C 42 6.80 -33.70 -30.39
C GLY C 42 6.40 -32.39 -29.75
N MET C 43 6.93 -32.17 -28.55
CA MET C 43 6.61 -30.98 -27.78
C MET C 43 7.80 -30.56 -26.92
N THR C 44 8.03 -29.26 -26.83
CA THR C 44 9.03 -28.68 -25.95
C THR C 44 8.35 -27.84 -24.88
N ILE C 45 9.02 -27.71 -23.73
CA ILE C 45 8.44 -27.05 -22.57
C ILE C 45 9.40 -25.99 -22.06
N ALA C 46 8.83 -24.87 -21.60
CA ALA C 46 9.59 -23.81 -20.95
C ALA C 46 8.71 -23.18 -19.88
N GLY C 47 9.33 -22.82 -18.75
CA GLY C 47 8.62 -22.22 -17.63
C GLY C 47 8.71 -23.09 -16.39
N LEU C 48 7.62 -23.11 -15.62
CA LEU C 48 7.57 -23.86 -14.38
C LEU C 48 7.64 -25.35 -14.67
N VAL C 49 8.60 -26.04 -14.04
CA VAL C 49 8.84 -27.45 -14.32
C VAL C 49 7.63 -28.28 -13.93
N GLY C 50 7.04 -28.01 -12.76
CA GLY C 50 5.92 -28.82 -12.31
C GLY C 50 4.72 -28.73 -13.24
N ASP C 51 4.37 -27.52 -13.66
CA ASP C 51 3.24 -27.34 -14.57
C ASP C 51 3.52 -28.02 -15.92
N ALA C 52 4.74 -27.86 -16.42
CA ALA C 52 5.08 -28.42 -17.73
C ALA C 52 5.02 -29.94 -17.73
N GLN C 53 5.54 -30.58 -16.67
CA GLN C 53 5.56 -32.04 -16.62
C GLN C 53 4.15 -32.61 -16.53
N VAL C 54 3.25 -31.94 -15.81
CA VAL C 54 1.86 -32.40 -15.73
C VAL C 54 1.22 -32.32 -17.11
N LEU C 55 1.46 -31.24 -17.86
CA LEU C 55 0.87 -31.09 -19.18
C LEU C 55 1.37 -32.15 -20.14
N VAL C 56 2.66 -32.50 -20.05
CA VAL C 56 3.21 -33.55 -20.91
C VAL C 56 2.50 -34.88 -20.68
N ARG C 57 2.27 -35.22 -19.42
CA ARG C 57 1.55 -36.46 -19.11
C ARG C 57 0.11 -36.42 -19.62
N TYR C 58 -0.55 -35.26 -19.48
CA TYR C 58 -1.91 -35.13 -19.99
C TYR C 58 -1.97 -35.33 -21.49
N MET C 59 -1.04 -34.71 -22.22
CA MET C 59 -1.05 -34.79 -23.68
C MET C 59 -0.78 -36.21 -24.17
N LYS C 60 0.14 -36.91 -23.51
CA LYS C 60 0.41 -38.30 -23.89
C LYS C 60 -0.83 -39.17 -23.71
N ALA C 61 -1.56 -38.95 -22.61
CA ALA C 61 -2.77 -39.74 -22.36
C ALA C 61 -3.86 -39.40 -23.37
N GLU C 62 -4.07 -38.10 -23.63
CA GLU C 62 -5.13 -37.69 -24.55
C GLU C 62 -4.86 -38.19 -25.97
N LEU C 63 -3.62 -38.07 -26.42
CA LEU C 63 -3.30 -38.45 -27.79
C LEU C 63 -3.34 -39.96 -27.99
N GLU C 64 -2.90 -40.72 -26.98
CA GLU C 64 -2.96 -42.17 -27.09
C GLU C 64 -4.40 -42.68 -27.09
N LEU C 65 -5.25 -42.10 -26.23
CA LEU C 65 -6.66 -42.47 -26.22
C LEU C 65 -7.33 -42.07 -27.53
N TYR C 66 -6.96 -40.89 -28.07
CA TYR C 66 -7.50 -40.45 -29.35
C TYR C 66 -7.14 -41.44 -30.46
N ARG C 67 -5.88 -41.90 -30.47
CA ARG C 67 -5.45 -42.83 -31.51
C ARG C 67 -6.17 -44.16 -31.41
N LEU C 68 -6.42 -44.65 -30.20
CA LEU C 68 -7.08 -45.93 -30.03
C LEU C 68 -8.55 -45.88 -30.40
N GLN C 69 -9.21 -44.75 -30.16
CA GLN C 69 -10.65 -44.64 -30.41
C GLN C 69 -10.94 -44.38 -31.88
N ARG C 70 -10.27 -43.39 -32.46
CA ARG C 70 -10.54 -42.97 -33.84
C ARG C 70 -9.60 -43.62 -34.86
N ARG C 71 -8.72 -44.51 -34.43
CA ARG C 71 -7.86 -45.35 -35.26
C ARG C 71 -6.82 -44.57 -36.06
N VAL C 72 -6.73 -43.24 -35.90
CA VAL C 72 -5.75 -42.43 -36.60
C VAL C 72 -5.12 -41.45 -35.62
N ASN C 73 -3.94 -40.96 -35.98
CA ASN C 73 -3.27 -39.97 -35.16
C ASN C 73 -3.99 -38.62 -35.23
N MET C 74 -3.99 -37.91 -34.11
CA MET C 74 -4.63 -36.60 -34.06
C MET C 74 -3.86 -35.62 -34.95
N PRO C 75 -4.55 -34.82 -35.77
CA PRO C 75 -3.84 -33.81 -36.57
C PRO C 75 -3.14 -32.80 -35.68
N ILE C 76 -2.04 -32.25 -36.20
CA ILE C 76 -1.20 -31.36 -35.41
C ILE C 76 -1.97 -30.13 -34.96
N GLU C 77 -2.76 -29.54 -35.86
CA GLU C 77 -3.55 -28.37 -35.50
C GLU C 77 -4.59 -28.72 -34.44
N ALA C 78 -5.12 -29.94 -34.49
CA ALA C 78 -6.06 -30.39 -33.45
C ALA C 78 -5.36 -30.53 -32.11
N VAL C 79 -4.10 -30.96 -32.11
CA VAL C 79 -3.32 -31.04 -30.87
C VAL C 79 -3.17 -29.65 -30.27
N ALA C 80 -2.84 -28.66 -31.10
CA ALA C 80 -2.68 -27.29 -30.61
C ALA C 80 -4.00 -26.73 -30.10
N THR C 81 -5.10 -27.03 -30.79
CA THR C 81 -6.40 -26.54 -30.36
C THR C 81 -6.80 -27.13 -29.01
N LEU C 82 -6.52 -28.42 -28.81
CA LEU C 82 -6.82 -29.06 -27.53
C LEU C 82 -6.04 -28.40 -26.40
N LEU C 83 -4.74 -28.15 -26.62
CA LEU C 83 -3.93 -27.46 -25.63
C LEU C 83 -4.44 -26.03 -25.40
N SER C 84 -4.88 -25.37 -26.48
CA SER C 84 -5.39 -24.01 -26.36
C SER C 84 -6.60 -23.95 -25.44
N ASN C 85 -7.52 -24.89 -25.60
CA ASN C 85 -8.69 -24.92 -24.73
C ASN C 85 -8.32 -25.19 -23.28
N MET C 86 -7.40 -26.14 -23.06
CA MET C 86 -7.04 -26.52 -21.69
C MET C 86 -6.41 -25.34 -20.95
N LEU C 87 -5.52 -24.60 -21.61
CA LEU C 87 -4.85 -23.50 -20.93
C LEU C 87 -5.80 -22.32 -20.71
N ASN C 88 -6.69 -22.04 -21.68
CA ASN C 88 -7.57 -20.89 -21.56
C ASN C 88 -8.63 -21.10 -20.50
N GLN C 89 -9.04 -22.35 -20.26
N GLN C 89 -9.04 -22.35 -20.26
CA GLN C 89 -10.07 -22.63 -19.26
CA GLN C 89 -10.07 -22.63 -19.26
C GLN C 89 -9.62 -22.28 -17.85
C GLN C 89 -9.62 -22.28 -17.85
N VAL C 90 -8.32 -22.19 -17.61
CA VAL C 90 -7.80 -21.83 -16.29
C VAL C 90 -6.93 -20.57 -16.36
N LYS C 91 -7.25 -19.66 -17.28
CA LYS C 91 -6.40 -18.50 -17.57
C LYS C 91 -6.12 -17.65 -16.33
N TYR C 92 -7.06 -17.59 -15.39
CA TYR C 92 -6.85 -16.81 -14.18
C TYR C 92 -6.13 -17.58 -13.07
N MET C 93 -5.98 -18.90 -13.22
CA MET C 93 -5.10 -19.70 -12.37
C MET C 93 -4.24 -20.57 -13.28
N PRO C 94 -3.39 -19.95 -14.11
CA PRO C 94 -2.90 -20.62 -15.31
C PRO C 94 -1.65 -21.47 -15.06
N TYR C 95 -1.37 -22.32 -16.05
CA TYR C 95 -0.08 -22.97 -16.16
C TYR C 95 0.94 -21.96 -16.65
N MET C 96 2.02 -21.78 -15.90
CA MET C 96 3.04 -20.77 -16.24
C MET C 96 4.08 -21.41 -17.17
N VAL C 97 3.65 -21.68 -18.40
CA VAL C 97 4.46 -22.42 -19.36
C VAL C 97 4.42 -21.74 -20.71
N GLN C 98 5.45 -22.04 -21.51
CA GLN C 98 5.48 -21.72 -22.94
C GLN C 98 5.73 -23.01 -23.71
N LEU C 99 4.91 -23.28 -24.72
CA LEU C 99 4.89 -24.57 -25.38
C LEU C 99 5.10 -24.43 -26.88
N LEU C 100 5.81 -25.40 -27.45
CA LEU C 100 5.92 -25.58 -28.89
C LEU C 100 5.48 -26.99 -29.25
N VAL C 101 4.64 -27.10 -30.28
CA VAL C 101 4.15 -28.38 -30.77
C VAL C 101 4.47 -28.47 -32.26
N GLY C 102 5.12 -29.56 -32.65
CA GLY C 102 5.46 -29.78 -34.05
C GLY C 102 5.28 -31.23 -34.44
N GLY C 103 4.95 -31.43 -35.71
CA GLY C 103 4.77 -32.77 -36.21
C GLY C 103 4.32 -32.79 -37.65
N ILE C 104 4.04 -33.99 -38.14
CA ILE C 104 3.65 -34.24 -39.52
C ILE C 104 2.31 -34.98 -39.50
N ASP C 105 1.30 -34.42 -40.17
CA ASP C 105 0.08 -35.17 -40.48
C ASP C 105 -0.07 -35.35 -41.99
N THR C 106 -0.13 -34.27 -42.75
CA THR C 106 0.06 -34.31 -44.20
C THR C 106 1.13 -33.35 -44.66
N ALA C 107 1.57 -32.44 -43.80
CA ALA C 107 2.61 -31.47 -44.10
C ALA C 107 3.22 -31.04 -42.77
N PRO C 108 4.45 -30.52 -42.79
CA PRO C 108 5.07 -30.06 -41.54
C PRO C 108 4.30 -28.91 -40.91
N HIS C 109 4.26 -28.91 -39.58
CA HIS C 109 3.60 -27.87 -38.81
C HIS C 109 4.38 -27.62 -37.53
N VAL C 110 4.43 -26.35 -37.12
CA VAL C 110 4.96 -25.95 -35.81
C VAL C 110 4.01 -24.92 -35.22
N PHE C 111 3.58 -25.14 -33.98
CA PHE C 111 2.66 -24.26 -33.30
C PHE C 111 3.29 -23.73 -32.02
N SER C 112 3.04 -22.45 -31.73
CA SER C 112 3.48 -21.82 -30.50
C SER C 112 2.25 -21.50 -29.65
N ILE C 113 2.26 -21.94 -28.40
CA ILE C 113 1.14 -21.78 -27.49
C ILE C 113 1.62 -21.11 -26.22
N ASP C 114 0.90 -20.05 -25.81
CA ASP C 114 1.24 -19.29 -24.62
C ASP C 114 0.38 -19.75 -23.44
N ALA C 115 0.63 -19.14 -22.28
CA ALA C 115 -0.05 -19.55 -21.05
C ALA C 115 -1.54 -19.26 -21.07
N ALA C 116 -1.99 -18.32 -21.88
CA ALA C 116 -3.40 -17.95 -21.96
C ALA C 116 -4.17 -18.74 -23.01
N GLY C 117 -3.52 -19.67 -23.70
CA GLY C 117 -4.18 -20.48 -24.70
C GLY C 117 -4.11 -19.97 -26.11
N GLY C 118 -3.33 -18.93 -26.38
CA GLY C 118 -3.19 -18.43 -27.74
C GLY C 118 -2.26 -19.33 -28.54
N SER C 119 -2.72 -19.78 -29.69
CA SER C 119 -1.97 -20.71 -30.53
C SER C 119 -1.79 -20.10 -31.92
N VAL C 120 -0.55 -20.00 -32.38
CA VAL C 120 -0.21 -19.43 -33.67
C VAL C 120 0.73 -20.37 -34.40
N GLU C 121 0.41 -20.70 -35.64
CA GLU C 121 1.28 -21.51 -36.48
C GLU C 121 2.33 -20.62 -37.14
N ASP C 122 3.55 -21.14 -37.26
CA ASP C 122 4.65 -20.38 -37.84
C ASP C 122 5.63 -21.34 -38.49
N ILE C 123 6.45 -20.80 -39.40
CA ILE C 123 7.47 -21.62 -40.04
C ILE C 123 8.55 -22.02 -39.06
N TYR C 124 8.89 -21.15 -38.11
CA TYR C 124 9.79 -21.50 -37.02
C TYR C 124 9.43 -20.66 -35.80
N ALA C 125 9.83 -21.15 -34.63
CA ALA C 125 9.54 -20.47 -33.38
C ALA C 125 10.55 -20.89 -32.34
N SER C 126 10.66 -20.07 -31.29
CA SER C 126 11.59 -20.34 -30.20
C SER C 126 10.99 -19.81 -28.90
N THR C 127 11.20 -20.53 -27.81
CA THR C 127 10.68 -20.16 -26.50
C THR C 127 11.80 -20.19 -25.48
N GLY C 128 11.55 -19.56 -24.34
CA GLY C 128 12.50 -19.49 -23.25
C GLY C 128 13.25 -18.17 -23.21
N SER C 129 14.06 -18.02 -22.16
CA SER C 129 14.82 -16.80 -21.97
C SER C 129 15.88 -16.61 -23.05
N GLY C 130 16.35 -17.68 -23.68
CA GLY C 130 17.31 -17.59 -24.76
C GLY C 130 16.71 -17.44 -26.14
N SER C 131 15.39 -17.35 -26.25
CA SER C 131 14.75 -17.25 -27.55
C SER C 131 15.17 -16.04 -28.39
N PRO C 132 15.31 -14.83 -27.84
CA PRO C 132 15.67 -13.69 -28.72
C PRO C 132 17.02 -13.89 -29.42
N PHE C 133 17.97 -14.55 -28.77
CA PHE C 133 19.24 -14.83 -29.44
C PHE C 133 19.06 -15.83 -30.57
N VAL C 134 18.15 -16.80 -30.39
CA VAL C 134 17.86 -17.77 -31.45
C VAL C 134 17.22 -17.06 -32.64
N TYR C 135 16.28 -16.16 -32.38
CA TYR C 135 15.59 -15.47 -33.48
C TYR C 135 16.57 -14.64 -34.32
N GLY C 136 17.61 -14.10 -33.68
CA GLY C 136 18.62 -13.39 -34.46
C GLY C 136 19.35 -14.29 -35.43
N VAL C 137 19.70 -15.50 -34.98
CA VAL C 137 20.37 -16.46 -35.86
C VAL C 137 19.43 -16.91 -36.97
N LEU C 138 18.19 -17.22 -36.62
CA LEU C 138 17.24 -17.72 -37.61
C LEU C 138 16.88 -16.65 -38.64
N GLU C 139 16.75 -15.40 -38.21
CA GLU C 139 16.40 -14.34 -39.16
C GLU C 139 17.47 -14.18 -40.24
N SER C 140 18.73 -14.35 -39.86
CA SER C 140 19.82 -14.09 -40.81
C SER C 140 20.22 -15.32 -41.61
N GLN C 141 19.89 -16.53 -41.14
CA GLN C 141 20.43 -17.75 -41.74
C GLN C 141 19.40 -18.78 -42.16
N TYR C 142 18.17 -18.73 -41.67
CA TYR C 142 17.19 -19.74 -42.03
C TYR C 142 16.80 -19.63 -43.50
N SER C 143 16.65 -20.78 -44.15
CA SER C 143 16.18 -20.85 -45.53
C SER C 143 15.18 -21.99 -45.66
N GLU C 144 14.10 -21.75 -46.40
CA GLU C 144 13.09 -22.77 -46.60
C GLU C 144 13.55 -23.90 -47.53
N LYS C 145 14.66 -23.71 -48.25
CA LYS C 145 15.19 -24.72 -49.14
C LYS C 145 16.25 -25.59 -48.48
N MET C 146 16.48 -25.42 -47.18
CA MET C 146 17.51 -26.19 -46.49
C MET C 146 17.17 -27.67 -46.45
N THR C 147 18.22 -28.49 -46.49
CA THR C 147 18.07 -29.93 -46.28
C THR C 147 17.96 -30.23 -44.79
N VAL C 148 17.68 -31.50 -44.48
CA VAL C 148 17.57 -31.91 -43.08
C VAL C 148 18.91 -31.74 -42.37
N ASP C 149 20.00 -32.14 -43.03
CA ASP C 149 21.33 -32.00 -42.42
C ASP C 149 21.67 -30.53 -42.17
N GLU C 150 21.34 -29.66 -43.12
CA GLU C 150 21.58 -28.23 -42.93
C GLU C 150 20.70 -27.66 -41.83
N GLY C 151 19.46 -28.16 -41.73
CA GLY C 151 18.57 -27.70 -40.67
C GLY C 151 19.06 -28.09 -39.29
N VAL C 152 19.62 -29.30 -39.15
CA VAL C 152 20.15 -29.73 -37.87
C VAL C 152 21.33 -28.85 -37.45
N ASP C 153 22.22 -28.53 -38.39
CA ASP C 153 23.32 -27.63 -38.08
C ASP C 153 22.83 -26.25 -37.70
N LEU C 154 21.72 -25.80 -38.31
CA LEU C 154 21.19 -24.47 -38.02
C LEU C 154 20.71 -24.36 -36.58
N VAL C 155 19.95 -25.35 -36.12
CA VAL C 155 19.40 -25.28 -34.76
C VAL C 155 20.52 -25.43 -33.73
N ILE C 156 21.55 -26.21 -34.05
CA ILE C 156 22.68 -26.36 -33.13
C ILE C 156 23.42 -25.03 -32.97
N ARG C 157 23.66 -24.33 -34.08
CA ARG C 157 24.32 -23.04 -33.99
C ARG C 157 23.46 -22.02 -33.23
N ALA C 158 22.15 -22.04 -33.47
CA ALA C 158 21.27 -21.08 -32.80
C ALA C 158 21.26 -21.28 -31.30
N ILE C 159 21.15 -22.54 -30.85
CA ILE C 159 21.14 -22.82 -29.42
C ILE C 159 22.52 -22.54 -28.82
N SER C 160 23.59 -22.83 -29.56
CA SER C 160 24.93 -22.56 -29.05
C SER C 160 25.13 -21.07 -28.81
N ALA C 161 24.62 -20.23 -29.71
CA ALA C 161 24.69 -18.78 -29.50
C ALA C 161 23.91 -18.36 -28.26
N ALA C 162 22.74 -18.95 -28.05
CA ALA C 162 21.94 -18.62 -26.87
C ALA C 162 22.66 -18.98 -25.58
N LYS C 163 23.36 -20.12 -25.57
CA LYS C 163 24.08 -20.54 -24.37
C LYS C 163 25.22 -19.58 -24.05
N GLN C 164 25.76 -18.89 -25.05
CA GLN C 164 26.86 -17.95 -24.82
C GLN C 164 26.39 -16.65 -24.18
N ARG C 165 25.09 -16.34 -24.25
CA ARG C 165 24.58 -15.05 -23.79
C ARG C 165 23.47 -15.15 -22.76
N ASP C 166 22.86 -16.32 -22.57
CA ASP C 166 21.78 -16.49 -21.60
C ASP C 166 22.29 -17.41 -20.50
N SER C 167 22.38 -16.87 -19.28
CA SER C 167 22.89 -17.65 -18.15
C SER C 167 21.94 -18.76 -17.73
N ALA C 168 20.65 -18.64 -18.05
CA ALA C 168 19.67 -19.66 -17.71
C ALA C 168 19.71 -20.86 -18.64
N SER C 169 20.52 -20.82 -19.70
CA SER C 169 20.62 -21.90 -20.66
C SER C 169 22.00 -22.54 -20.60
N GLY C 170 22.05 -23.84 -20.87
CA GLY C 170 23.32 -24.54 -20.89
C GLY C 170 23.11 -26.03 -21.00
N GLY C 171 24.23 -26.75 -21.05
CA GLY C 171 24.20 -28.20 -21.12
C GLY C 171 24.18 -28.72 -22.53
N MET C 172 24.06 -30.04 -22.63
CA MET C 172 24.03 -30.72 -23.91
C MET C 172 22.76 -30.39 -24.68
N ILE C 173 22.87 -30.37 -26.01
CA ILE C 173 21.76 -30.06 -26.89
C ILE C 173 21.10 -31.36 -27.34
N ASP C 174 19.78 -31.44 -27.20
CA ASP C 174 19.01 -32.58 -27.66
C ASP C 174 18.25 -32.18 -28.93
N VAL C 175 18.32 -33.02 -29.95
CA VAL C 175 17.73 -32.73 -31.26
C VAL C 175 16.88 -33.91 -31.69
N ALA C 176 15.69 -33.62 -32.20
CA ALA C 176 14.79 -34.63 -32.75
C ALA C 176 14.38 -34.23 -34.16
N VAL C 177 14.28 -35.22 -35.04
CA VAL C 177 13.86 -35.02 -36.42
C VAL C 177 12.61 -35.88 -36.67
N ILE C 178 11.58 -35.26 -37.21
CA ILE C 178 10.30 -35.93 -37.46
C ILE C 178 10.05 -35.92 -38.96
N THR C 179 9.88 -37.12 -39.54
CA THR C 179 9.53 -37.27 -40.94
C THR C 179 8.47 -38.36 -41.06
N ARG C 180 7.73 -38.31 -42.17
CA ARG C 180 6.76 -39.36 -42.43
C ARG C 180 7.43 -40.71 -42.65
N LYS C 181 8.57 -40.72 -43.35
CA LYS C 181 9.24 -41.97 -43.69
C LYS C 181 9.82 -42.65 -42.45
N ASP C 182 10.44 -41.88 -41.56
CA ASP C 182 11.17 -42.43 -40.42
C ASP C 182 10.51 -42.18 -39.07
N GLY C 183 9.46 -41.36 -39.02
CA GLY C 183 8.81 -41.09 -37.74
C GLY C 183 9.64 -40.17 -36.86
N TYR C 184 9.37 -40.26 -35.56
CA TYR C 184 10.06 -39.44 -34.56
C TYR C 184 11.39 -40.10 -34.23
N VAL C 185 12.49 -39.42 -34.57
CA VAL C 185 13.83 -39.93 -34.36
C VAL C 185 14.62 -38.91 -33.56
N GLN C 186 15.06 -39.31 -32.37
CA GLN C 186 15.94 -38.46 -31.56
C GLN C 186 17.38 -38.77 -31.91
N LEU C 187 18.13 -37.74 -32.30
CA LEU C 187 19.50 -37.94 -32.73
C LEU C 187 20.37 -38.39 -31.55
N PRO C 188 21.31 -39.31 -31.77
CA PRO C 188 22.18 -39.75 -30.69
C PRO C 188 23.12 -38.64 -30.23
N THR C 189 23.54 -38.74 -28.98
CA THR C 189 24.39 -37.70 -28.38
C THR C 189 25.73 -37.60 -29.10
N ASP C 190 26.31 -38.73 -29.49
CA ASP C 190 27.60 -38.71 -30.17
C ASP C 190 27.51 -38.00 -31.51
N GLN C 191 26.38 -38.17 -32.23
CA GLN C 191 26.21 -37.48 -33.50
C GLN C 191 26.13 -35.96 -33.28
N ILE C 192 25.46 -35.54 -32.21
CA ILE C 192 25.40 -34.10 -31.90
C ILE C 192 26.78 -33.57 -31.59
N GLU C 193 27.57 -34.32 -30.82
CA GLU C 193 28.93 -33.89 -30.49
C GLU C 193 29.79 -33.79 -31.74
N SER C 194 29.62 -34.73 -32.68
CA SER C 194 30.38 -34.69 -33.93
C SER C 194 30.05 -33.43 -34.72
N ARG C 195 28.77 -33.06 -34.79
CA ARG C 195 28.38 -31.85 -35.51
C ARG C 195 28.92 -30.60 -34.83
N ILE C 196 28.95 -30.60 -33.49
CA ILE C 196 29.49 -29.45 -32.76
C ILE C 196 30.97 -29.27 -33.06
N ARG C 197 31.73 -30.37 -33.08
CA ARG C 197 33.15 -30.28 -33.39
C ARG C 197 33.37 -29.83 -34.83
N LYS C 198 32.55 -30.33 -35.77
CA LYS C 198 32.68 -29.93 -37.16
C LYS C 198 32.34 -28.46 -37.37
N LEU C 199 31.38 -27.91 -36.61
CA LEU C 199 31.00 -26.52 -36.74
C LEU C 199 31.95 -25.58 -36.01
N GLY C 200 32.91 -26.10 -35.26
CA GLY C 200 33.87 -25.28 -34.51
C GLY C 200 33.23 -24.56 -33.33
N LEU C 201 32.31 -25.22 -32.63
CA LEU C 201 31.58 -24.58 -31.51
C LEU C 201 32.16 -25.14 -30.20
N ILE C 202 33.38 -25.67 -30.25
CA ILE C 202 34.07 -26.20 -29.05
C ILE C 202 35.52 -26.52 -29.43
N THR D 1 18.99 -26.77 7.69
CA THR D 1 18.76 -28.12 7.20
C THR D 1 19.70 -28.45 6.05
N THR D 2 20.28 -29.64 6.07
CA THR D 2 21.17 -30.11 5.02
C THR D 2 20.88 -31.58 4.74
N THR D 3 20.45 -31.87 3.51
CA THR D 3 20.22 -33.24 3.07
C THR D 3 20.99 -33.48 1.78
N VAL D 4 21.40 -34.73 1.56
CA VAL D 4 22.18 -35.08 0.38
C VAL D 4 21.86 -36.52 -0.01
N GLY D 5 21.84 -36.78 -1.31
CA GLY D 5 21.70 -38.12 -1.85
C GLY D 5 22.55 -38.32 -3.08
N ILE D 6 23.30 -39.42 -3.14
CA ILE D 6 24.19 -39.70 -4.25
C ILE D 6 23.92 -41.11 -4.78
N THR D 7 24.30 -41.33 -6.04
CA THR D 7 24.18 -42.64 -6.67
C THR D 7 25.57 -43.19 -6.96
N LEU D 8 25.70 -44.50 -6.83
CA LEU D 8 26.93 -45.22 -7.18
C LEU D 8 26.56 -46.33 -8.16
N LYS D 9 27.53 -47.22 -8.40
CA LYS D 9 27.33 -48.29 -9.38
C LYS D 9 26.13 -49.16 -9.02
N ASP D 10 26.03 -49.59 -7.77
CA ASP D 10 24.95 -50.45 -7.32
C ASP D 10 24.43 -50.04 -5.95
N ALA D 11 24.47 -48.75 -5.63
CA ALA D 11 24.07 -48.30 -4.30
C ALA D 11 23.55 -46.88 -4.36
N VAL D 12 22.76 -46.53 -3.35
CA VAL D 12 22.29 -45.17 -3.12
C VAL D 12 22.60 -44.80 -1.68
N ILE D 13 23.19 -43.62 -1.48
CA ILE D 13 23.57 -43.14 -0.15
C ILE D 13 22.84 -41.82 0.10
N MET D 14 22.14 -41.75 1.22
CA MET D 14 21.42 -40.55 1.63
C MET D 14 21.82 -40.19 3.05
N ALA D 15 21.91 -38.88 3.32
CA ALA D 15 22.36 -38.43 4.62
C ALA D 15 21.78 -37.05 4.93
N THR D 16 21.54 -36.82 6.22
CA THR D 16 21.00 -35.55 6.71
C THR D 16 21.67 -35.20 8.03
N GLU D 17 21.44 -33.97 8.49
CA GLU D 17 21.75 -33.57 9.85
C GLU D 17 20.44 -33.53 10.65
N ARG D 18 20.51 -33.05 11.90
CA ARG D 18 19.39 -33.18 12.82
C ARG D 18 18.87 -31.88 13.42
N ARG D 19 19.38 -30.72 13.08
CA ARG D 19 18.97 -29.47 13.80
C ARG D 19 17.58 -28.98 13.36
N VAL D 20 16.72 -28.67 14.31
CA VAL D 20 15.38 -28.10 13.98
C VAL D 20 15.23 -26.70 14.59
N THR D 21 14.96 -25.71 13.78
CA THR D 21 14.84 -24.30 14.24
C THR D 21 13.35 -23.93 14.34
N MET D 22 12.74 -24.07 15.51
CA MET D 22 11.30 -23.75 15.77
C MET D 22 11.24 -22.48 16.64
N GLU D 23 10.50 -21.43 16.25
CA GLU D 23 10.37 -20.12 16.95
C GLU D 23 11.67 -19.30 16.92
N ASN D 24 12.47 -19.43 15.86
CA ASN D 24 13.68 -18.59 15.67
C ASN D 24 14.82 -18.89 16.66
N PHE D 25 14.91 -20.11 17.18
CA PHE D 25 16.06 -20.50 18.02
C PHE D 25 16.27 -22.00 17.78
N ILE D 26 17.30 -22.59 18.34
CA ILE D 26 17.52 -24.03 18.19
C ILE D 26 16.76 -24.76 19.29
N MET D 27 15.52 -25.17 19.00
CA MET D 27 14.70 -25.84 19.99
C MET D 27 14.95 -27.33 20.07
N HIS D 28 15.32 -27.96 18.96
CA HIS D 28 15.53 -29.41 18.93
C HIS D 28 16.85 -29.71 18.25
N LYS D 29 17.67 -30.56 18.88
CA LYS D 29 18.97 -30.92 18.35
C LYS D 29 18.99 -32.29 17.68
N ASN D 30 17.93 -33.09 17.82
CA ASN D 30 17.91 -34.46 17.33
C ASN D 30 16.63 -34.74 16.54
N GLY D 31 16.29 -33.84 15.63
CA GLY D 31 15.17 -34.09 14.75
C GLY D 31 15.47 -35.17 13.74
N LYS D 32 14.40 -35.72 13.16
CA LYS D 32 14.50 -36.80 12.19
C LYS D 32 14.12 -36.27 10.81
N LYS D 33 15.03 -36.41 9.85
CA LYS D 33 14.81 -35.92 8.50
C LYS D 33 15.02 -36.98 7.42
N LEU D 34 15.44 -38.19 7.80
CA LEU D 34 15.66 -39.27 6.85
C LEU D 34 14.74 -40.43 7.21
N PHE D 35 13.96 -40.90 6.23
CA PHE D 35 12.93 -41.89 6.47
C PHE D 35 13.01 -43.00 5.43
N GLN D 36 12.72 -44.22 5.86
CA GLN D 36 12.52 -45.34 4.95
C GLN D 36 11.04 -45.44 4.62
N ILE D 37 10.71 -45.34 3.33
CA ILE D 37 9.31 -45.36 2.90
C ILE D 37 8.95 -46.62 2.13
N ASP D 38 9.92 -47.49 1.82
CA ASP D 38 9.65 -48.75 1.15
C ASP D 38 10.83 -49.67 1.41
N THR D 39 10.75 -50.89 0.84
CA THR D 39 11.80 -51.88 1.06
C THR D 39 13.14 -51.38 0.55
N TYR D 40 13.16 -50.73 -0.60
CA TYR D 40 14.39 -50.22 -1.19
C TYR D 40 14.27 -48.74 -1.53
N THR D 41 13.57 -47.96 -0.72
CA THR D 41 13.35 -46.55 -1.02
C THR D 41 13.47 -45.71 0.24
N GLY D 42 14.13 -44.56 0.12
CA GLY D 42 14.24 -43.62 1.21
C GLY D 42 13.89 -42.21 0.74
N MET D 43 13.68 -41.33 1.72
CA MET D 43 13.27 -39.96 1.43
C MET D 43 13.81 -39.03 2.51
N THR D 44 14.27 -37.85 2.08
CA THR D 44 14.70 -36.79 2.98
C THR D 44 13.76 -35.59 2.83
N ILE D 45 13.65 -34.80 3.90
CA ILE D 45 12.69 -33.70 3.95
C ILE D 45 13.41 -32.43 4.36
N ALA D 46 13.00 -31.31 3.77
CA ALA D 46 13.48 -29.99 4.14
C ALA D 46 12.34 -28.99 3.97
N GLY D 47 12.26 -28.03 4.89
CA GLY D 47 11.22 -27.02 4.86
C GLY D 47 10.36 -27.08 6.11
N LEU D 48 9.07 -26.83 5.93
CA LEU D 48 8.12 -26.80 7.04
C LEU D 48 7.97 -28.21 7.62
N VAL D 49 8.17 -28.33 8.93
CA VAL D 49 8.17 -29.65 9.56
C VAL D 49 6.79 -30.29 9.46
N GLY D 50 5.73 -29.51 9.70
CA GLY D 50 4.39 -30.08 9.67
C GLY D 50 4.02 -30.63 8.32
N ASP D 51 4.29 -29.87 7.25
CA ASP D 51 3.99 -30.34 5.90
C ASP D 51 4.80 -31.58 5.55
N ALA D 52 6.08 -31.58 5.92
CA ALA D 52 6.95 -32.69 5.57
C ALA D 52 6.52 -33.97 6.26
N GLN D 53 6.16 -33.89 7.55
CA GLN D 53 5.78 -35.10 8.28
C GLN D 53 4.49 -35.70 7.75
N VAL D 54 3.54 -34.86 7.32
CA VAL D 54 2.31 -35.36 6.73
C VAL D 54 2.61 -36.10 5.43
N LEU D 55 3.50 -35.55 4.61
CA LEU D 55 3.83 -36.19 3.33
C LEU D 55 4.51 -37.53 3.55
N VAL D 56 5.37 -37.63 4.57
CA VAL D 56 6.04 -38.91 4.85
C VAL D 56 5.01 -39.98 5.20
N ARG D 57 4.01 -39.64 6.02
CA ARG D 57 2.97 -40.60 6.36
C ARG D 57 2.16 -40.99 5.13
N TYR D 58 1.85 -40.03 4.26
CA TYR D 58 1.11 -40.34 3.04
C TYR D 58 1.89 -41.31 2.16
N MET D 59 3.19 -41.06 1.97
CA MET D 59 3.99 -41.90 1.09
C MET D 59 4.13 -43.31 1.62
N LYS D 60 4.29 -43.46 2.94
CA LYS D 60 4.37 -44.79 3.53
C LYS D 60 3.08 -45.57 3.29
N ALA D 61 1.93 -44.91 3.43
CA ALA D 61 0.65 -45.57 3.21
C ALA D 61 0.46 -45.95 1.74
N GLU D 62 0.78 -45.02 0.84
CA GLU D 62 0.58 -45.28 -0.59
C GLU D 62 1.48 -46.40 -1.07
N LEU D 63 2.75 -46.40 -0.65
CA LEU D 63 3.68 -47.40 -1.14
C LEU D 63 3.38 -48.79 -0.56
N GLU D 64 2.94 -48.85 0.70
CA GLU D 64 2.60 -50.13 1.29
C GLU D 64 1.35 -50.71 0.65
N LEU D 65 0.35 -49.88 0.39
CA LEU D 65 -0.85 -50.35 -0.31
C LEU D 65 -0.51 -50.78 -1.72
N TYR D 66 0.38 -50.04 -2.39
CA TYR D 66 0.80 -50.40 -3.74
C TYR D 66 1.47 -51.77 -3.75
N ARG D 67 2.34 -52.03 -2.76
CA ARG D 67 3.03 -53.30 -2.70
C ARG D 67 2.08 -54.46 -2.46
N LEU D 68 1.07 -54.25 -1.61
CA LEU D 68 0.13 -55.33 -1.30
C LEU D 68 -0.79 -55.64 -2.48
N GLN D 69 -1.16 -54.63 -3.26
CA GLN D 69 -2.10 -54.85 -4.35
C GLN D 69 -1.42 -55.43 -5.59
N ARG D 70 -0.31 -54.83 -6.01
CA ARG D 70 0.37 -55.24 -7.23
C ARG D 70 1.52 -56.20 -7.00
N ARG D 71 1.74 -56.62 -5.74
CA ARG D 71 2.68 -57.67 -5.34
C ARG D 71 4.14 -57.32 -5.57
N VAL D 72 4.45 -56.11 -6.05
CA VAL D 72 5.83 -55.68 -6.26
C VAL D 72 5.99 -54.26 -5.73
N ASN D 73 7.25 -53.90 -5.47
CA ASN D 73 7.56 -52.56 -5.00
C ASN D 73 7.37 -51.54 -6.14
N MET D 74 6.91 -50.36 -5.78
CA MET D 74 6.71 -49.30 -6.76
C MET D 74 8.06 -48.86 -7.31
N PRO D 75 8.20 -48.69 -8.63
CA PRO D 75 9.46 -48.18 -9.17
C PRO D 75 9.76 -46.78 -8.67
N ILE D 76 11.06 -46.46 -8.59
CA ILE D 76 11.48 -45.20 -7.99
C ILE D 76 10.94 -44.01 -8.77
N GLU D 77 10.98 -44.09 -10.11
CA GLU D 77 10.45 -43.00 -10.92
C GLU D 77 8.95 -42.86 -10.73
N ALA D 78 8.26 -43.98 -10.51
CA ALA D 78 6.82 -43.92 -10.22
C ALA D 78 6.56 -43.25 -8.87
N VAL D 79 7.44 -43.47 -7.89
CA VAL D 79 7.30 -42.79 -6.61
C VAL D 79 7.43 -41.28 -6.80
N ALA D 80 8.41 -40.85 -7.58
CA ALA D 80 8.60 -39.42 -7.83
C ALA D 80 7.42 -38.83 -8.58
N THR D 81 6.88 -39.57 -9.56
CA THR D 81 5.74 -39.07 -10.32
C THR D 81 4.51 -38.91 -9.44
N LEU D 82 4.28 -39.86 -8.53
CA LEU D 82 3.15 -39.75 -7.61
C LEU D 82 3.28 -38.52 -6.72
N LEU D 83 4.48 -38.29 -6.19
CA LEU D 83 4.72 -37.08 -5.40
C LEU D 83 4.55 -35.83 -6.25
N SER D 84 5.00 -35.88 -7.51
CA SER D 84 4.89 -34.72 -8.40
C SER D 84 3.42 -34.33 -8.59
N ASN D 85 2.55 -35.31 -8.81
CA ASN D 85 1.13 -35.02 -8.98
C ASN D 85 0.52 -34.45 -7.70
N MET D 86 0.86 -35.03 -6.55
CA MET D 86 0.28 -34.58 -5.29
C MET D 86 0.63 -33.12 -5.00
N LEU D 87 1.89 -32.74 -5.22
CA LEU D 87 2.30 -31.38 -4.91
C LEU D 87 1.73 -30.37 -5.92
N ASN D 88 1.68 -30.76 -7.20
CA ASN D 88 1.21 -29.82 -8.22
C ASN D 88 -0.29 -29.56 -8.11
N GLN D 89 -1.06 -30.54 -7.62
N GLN D 89 -1.06 -30.54 -7.62
CA GLN D 89 -2.50 -30.37 -7.49
CA GLN D 89 -2.50 -30.37 -7.49
C GLN D 89 -2.87 -29.28 -6.50
C GLN D 89 -2.87 -29.28 -6.50
N VAL D 90 -1.98 -28.92 -5.59
CA VAL D 90 -2.23 -27.87 -4.60
C VAL D 90 -1.20 -26.75 -4.72
N LYS D 91 -0.69 -26.50 -5.92
CA LYS D 91 0.42 -25.58 -6.13
C LYS D 91 0.15 -24.17 -5.58
N TYR D 92 -1.10 -23.74 -5.60
CA TYR D 92 -1.45 -22.42 -5.09
C TYR D 92 -1.70 -22.40 -3.59
N MET D 93 -1.85 -23.57 -2.96
CA MET D 93 -1.84 -23.70 -1.51
C MET D 93 -0.87 -24.82 -1.13
N PRO D 94 0.42 -24.63 -1.42
CA PRO D 94 1.33 -25.78 -1.55
C PRO D 94 1.93 -26.22 -0.22
N TYR D 95 2.51 -27.42 -0.26
CA TYR D 95 3.41 -27.88 0.79
C TYR D 95 4.75 -27.16 0.61
N MET D 96 5.20 -26.48 1.66
CA MET D 96 6.44 -25.70 1.59
C MET D 96 7.61 -26.60 1.98
N VAL D 97 7.92 -27.53 1.07
CA VAL D 97 8.92 -28.57 1.31
C VAL D 97 9.84 -28.71 0.12
N GLN D 98 11.03 -29.28 0.38
CA GLN D 98 11.95 -29.75 -0.64
C GLN D 98 12.26 -31.21 -0.34
N LEU D 99 12.14 -32.06 -1.36
CA LEU D 99 12.18 -33.50 -1.17
C LEU D 99 13.24 -34.15 -2.05
N LEU D 100 13.87 -35.19 -1.51
CA LEU D 100 14.75 -36.08 -2.26
C LEU D 100 14.25 -37.51 -2.09
N VAL D 101 14.16 -38.24 -3.20
CA VAL D 101 13.74 -39.63 -3.19
C VAL D 101 14.81 -40.46 -3.88
N GLY D 102 15.27 -41.51 -3.21
CA GLY D 102 16.28 -42.38 -3.78
C GLY D 102 16.00 -43.83 -3.44
N GLY D 103 16.42 -44.71 -4.35
CA GLY D 103 16.24 -46.13 -4.13
C GLY D 103 16.70 -46.95 -5.31
N ILE D 104 16.47 -48.26 -5.21
CA ILE D 104 16.89 -49.23 -6.22
C ILE D 104 15.65 -50.00 -6.66
N ASP D 105 15.39 -50.00 -7.98
CA ASP D 105 14.43 -50.93 -8.56
C ASP D 105 15.13 -51.90 -9.50
N THR D 106 15.80 -51.40 -10.54
CA THR D 106 16.76 -52.17 -11.31
C THR D 106 18.11 -51.48 -11.41
N ALA D 107 18.19 -50.21 -11.02
CA ALA D 107 19.40 -49.43 -11.03
C ALA D 107 19.24 -48.30 -10.03
N PRO D 108 20.33 -47.73 -9.53
CA PRO D 108 20.22 -46.61 -8.58
C PRO D 108 19.54 -45.40 -9.20
N HIS D 109 18.75 -44.70 -8.40
CA HIS D 109 18.05 -43.49 -8.82
C HIS D 109 17.98 -42.52 -7.65
N VAL D 110 18.10 -41.23 -7.97
CA VAL D 110 17.87 -40.15 -7.01
C VAL D 110 17.05 -39.08 -7.72
N PHE D 111 15.95 -38.66 -7.09
CA PHE D 111 15.06 -37.66 -7.66
C PHE D 111 14.95 -36.47 -6.72
N SER D 112 14.92 -35.27 -7.30
CA SER D 112 14.71 -34.03 -6.56
C SER D 112 13.35 -33.47 -6.94
N ILE D 113 12.53 -33.17 -5.93
CA ILE D 113 11.17 -32.70 -6.14
C ILE D 113 10.98 -31.40 -5.37
N ASP D 114 10.46 -30.38 -6.04
CA ASP D 114 10.23 -29.08 -5.45
C ASP D 114 8.76 -28.94 -5.03
N ALA D 115 8.44 -27.78 -4.44
CA ALA D 115 7.10 -27.56 -3.89
C ALA D 115 6.03 -27.50 -4.97
N ALA D 116 6.39 -27.19 -6.21
CA ALA D 116 5.42 -27.08 -7.29
C ALA D 116 5.23 -28.39 -8.05
N GLY D 117 5.90 -29.46 -7.64
CA GLY D 117 5.75 -30.74 -8.28
C GLY D 117 6.74 -31.04 -9.38
N GLY D 118 7.77 -30.21 -9.56
CA GLY D 118 8.78 -30.50 -10.56
C GLY D 118 9.74 -31.57 -10.05
N SER D 119 9.94 -32.61 -10.85
CA SER D 119 10.77 -33.74 -10.48
C SER D 119 11.86 -33.94 -11.53
N VAL D 120 13.11 -33.96 -11.08
CA VAL D 120 14.27 -34.12 -11.97
C VAL D 120 15.18 -35.19 -11.39
N GLU D 121 15.55 -36.16 -12.22
CA GLU D 121 16.51 -37.18 -11.81
C GLU D 121 17.93 -36.66 -12.01
N ASP D 122 18.83 -37.02 -11.08
CA ASP D 122 20.20 -36.56 -11.13
C ASP D 122 21.10 -37.60 -10.47
N ILE D 123 22.39 -37.52 -10.79
CA ILE D 123 23.36 -38.44 -10.19
C ILE D 123 23.52 -38.13 -8.70
N TYR D 124 23.46 -36.86 -8.31
CA TYR D 124 23.46 -36.48 -6.91
C TYR D 124 22.68 -35.17 -6.76
N ALA D 125 22.20 -34.93 -5.55
CA ALA D 125 21.43 -33.73 -5.27
C ALA D 125 21.51 -33.41 -3.79
N SER D 126 21.20 -32.16 -3.45
CA SER D 126 21.22 -31.70 -2.07
C SER D 126 20.15 -30.63 -1.89
N THR D 127 19.50 -30.65 -0.73
CA THR D 127 18.44 -29.71 -0.40
C THR D 127 18.71 -29.07 0.95
N GLY D 128 18.03 -27.95 1.20
CA GLY D 128 18.16 -27.23 2.44
C GLY D 128 19.05 -26.00 2.29
N SER D 129 19.11 -25.24 3.39
CA SER D 129 19.92 -24.01 3.39
C SER D 129 21.40 -24.30 3.27
N GLY D 130 21.86 -25.48 3.68
CA GLY D 130 23.25 -25.86 3.55
C GLY D 130 23.63 -26.53 2.24
N SER D 131 22.67 -26.67 1.32
CA SER D 131 22.95 -27.35 0.06
C SER D 131 24.06 -26.72 -0.78
N PRO D 132 24.16 -25.39 -0.93
CA PRO D 132 25.23 -24.85 -1.79
C PRO D 132 26.64 -25.23 -1.32
N PHE D 133 26.83 -25.33 0.00
CA PHE D 133 28.14 -25.78 0.50
C PHE D 133 28.39 -27.24 0.14
N VAL D 134 27.34 -28.06 0.17
CA VAL D 134 27.48 -29.46 -0.22
C VAL D 134 27.84 -29.58 -1.69
N TYR D 135 27.20 -28.78 -2.54
CA TYR D 135 27.46 -28.85 -3.98
C TYR D 135 28.90 -28.49 -4.30
N GLY D 136 29.49 -27.58 -3.52
CA GLY D 136 30.91 -27.27 -3.72
C GLY D 136 31.80 -28.46 -3.45
N VAL D 137 31.52 -29.21 -2.38
CA VAL D 137 32.30 -30.39 -2.06
C VAL D 137 32.09 -31.48 -3.12
N LEU D 138 30.83 -31.69 -3.52
CA LEU D 138 30.54 -32.75 -4.49
C LEU D 138 31.13 -32.43 -5.86
N GLU D 139 31.09 -31.16 -6.27
CA GLU D 139 31.63 -30.79 -7.58
C GLU D 139 33.12 -31.11 -7.67
N SER D 140 33.85 -30.93 -6.58
CA SER D 140 35.30 -31.08 -6.62
C SER D 140 35.77 -32.49 -6.29
N GLN D 141 34.93 -33.30 -5.62
CA GLN D 141 35.39 -34.57 -5.08
C GLN D 141 34.58 -35.79 -5.50
N TYR D 142 33.34 -35.63 -5.97
CA TYR D 142 32.53 -36.78 -6.32
C TYR D 142 33.11 -37.51 -7.54
N SER D 143 33.07 -38.83 -7.49
CA SER D 143 33.48 -39.67 -8.61
C SER D 143 32.49 -40.81 -8.76
N GLU D 144 32.14 -41.13 -10.01
CA GLU D 144 31.20 -42.22 -10.27
C GLU D 144 31.80 -43.59 -10.03
N LYS D 145 33.13 -43.68 -9.90
CA LYS D 145 33.80 -44.95 -9.65
C LYS D 145 34.03 -45.22 -8.16
N MET D 146 33.51 -44.36 -7.28
CA MET D 146 33.72 -44.52 -5.85
C MET D 146 33.06 -45.79 -5.33
N THR D 147 33.69 -46.38 -4.32
CA THR D 147 33.09 -47.50 -3.60
C THR D 147 32.08 -46.97 -2.58
N VAL D 148 31.35 -47.92 -1.96
CA VAL D 148 30.36 -47.54 -0.95
C VAL D 148 31.04 -46.87 0.24
N ASP D 149 32.17 -47.43 0.69
CA ASP D 149 32.89 -46.84 1.82
C ASP D 149 33.37 -45.42 1.49
N GLU D 150 33.90 -45.24 0.28
CA GLU D 150 34.33 -43.90 -0.14
C GLU D 150 33.15 -42.95 -0.26
N GLY D 151 32.00 -43.45 -0.73
CA GLY D 151 30.83 -42.61 -0.83
C GLY D 151 30.31 -42.15 0.53
N VAL D 152 30.36 -43.04 1.52
CA VAL D 152 29.93 -42.66 2.87
C VAL D 152 30.82 -41.56 3.43
N ASP D 153 32.14 -41.69 3.23
CA ASP D 153 33.05 -40.64 3.69
C ASP D 153 32.79 -39.33 2.96
N LEU D 154 32.40 -39.40 1.68
CA LEU D 154 32.16 -38.19 0.90
C LEU D 154 30.98 -37.39 1.45
N VAL D 155 29.87 -38.07 1.75
CA VAL D 155 28.69 -37.36 2.24
C VAL D 155 28.92 -36.82 3.64
N ILE D 156 29.72 -37.53 4.45
CA ILE D 156 30.03 -37.05 5.79
C ILE D 156 30.84 -35.76 5.72
N ARG D 157 31.85 -35.72 4.84
CA ARG D 157 32.65 -34.50 4.68
C ARG D 157 31.79 -33.36 4.15
N ALA D 158 30.90 -33.64 3.19
CA ALA D 158 30.08 -32.58 2.61
C ALA D 158 29.14 -31.96 3.64
N ILE D 159 28.50 -32.80 4.46
CA ILE D 159 27.60 -32.28 5.49
C ILE D 159 28.39 -31.57 6.58
N SER D 160 29.57 -32.08 6.93
CA SER D 160 30.40 -31.42 7.93
C SER D 160 30.78 -30.02 7.49
N ALA D 161 31.11 -29.85 6.21
CA ALA D 161 31.42 -28.51 5.70
C ALA D 161 30.21 -27.59 5.79
N ALA D 162 29.02 -28.12 5.49
CA ALA D 162 27.81 -27.30 5.58
C ALA D 162 27.54 -26.84 7.00
N LYS D 163 27.78 -27.72 7.98
CA LYS D 163 27.56 -27.35 9.37
C LYS D 163 28.51 -26.25 9.83
N GLN D 164 29.68 -26.14 9.20
CA GLN D 164 30.62 -25.10 9.57
C GLN D 164 30.23 -23.72 9.07
N ARG D 165 29.33 -23.64 8.07
CA ARG D 165 29.00 -22.38 7.44
C ARG D 165 27.51 -22.04 7.45
N ASP D 166 26.63 -23.00 7.74
CA ASP D 166 25.19 -22.76 7.77
C ASP D 166 24.72 -22.89 9.21
N SER D 167 24.23 -21.79 9.79
CA SER D 167 23.78 -21.80 11.17
C SER D 167 22.51 -22.61 11.37
N ALA D 168 21.73 -22.83 10.31
CA ALA D 168 20.51 -23.63 10.41
C ALA D 168 20.77 -25.12 10.42
N SER D 169 22.02 -25.55 10.24
CA SER D 169 22.38 -26.96 10.22
C SER D 169 23.26 -27.30 11.40
N GLY D 170 23.13 -28.54 11.89
CA GLY D 170 23.94 -28.99 13.00
C GLY D 170 23.47 -30.33 13.50
N GLY D 171 24.19 -30.83 14.50
CA GLY D 171 23.85 -32.08 15.13
C GLY D 171 24.51 -33.28 14.48
N MET D 172 24.14 -34.45 14.98
CA MET D 172 24.69 -35.70 14.48
C MET D 172 24.21 -35.97 13.06
N ILE D 173 25.06 -36.64 12.29
CA ILE D 173 24.79 -36.98 10.89
C ILE D 173 24.21 -38.39 10.83
N ASP D 174 23.08 -38.53 10.15
CA ASP D 174 22.46 -39.82 9.91
C ASP D 174 22.70 -40.24 8.47
N VAL D 175 23.14 -41.48 8.26
CA VAL D 175 23.49 -41.99 6.94
C VAL D 175 22.78 -43.31 6.71
N ALA D 176 22.21 -43.47 5.51
CA ALA D 176 21.58 -44.71 5.10
C ALA D 176 22.17 -45.17 3.77
N VAL D 177 22.34 -46.48 3.63
CA VAL D 177 22.86 -47.09 2.42
C VAL D 177 21.82 -48.07 1.90
N ILE D 178 21.48 -47.96 0.62
CA ILE D 178 20.47 -48.80 -0.01
C ILE D 178 21.13 -49.62 -1.11
N THR D 179 21.03 -50.94 -1.00
CA THR D 179 21.52 -51.85 -2.02
C THR D 179 20.49 -52.96 -2.23
N ARG D 180 20.56 -53.59 -3.41
CA ARG D 180 19.69 -54.73 -3.68
C ARG D 180 20.00 -55.90 -2.75
N LYS D 181 21.29 -56.13 -2.48
CA LYS D 181 21.68 -57.30 -1.69
C LYS D 181 21.26 -57.15 -0.23
N ASP D 182 21.42 -55.95 0.34
CA ASP D 182 21.20 -55.75 1.77
C ASP D 182 19.97 -54.89 2.09
N GLY D 183 19.32 -54.30 1.08
CA GLY D 183 18.16 -53.48 1.36
C GLY D 183 18.52 -52.14 1.98
N TYR D 184 17.55 -51.55 2.67
CA TYR D 184 17.72 -50.27 3.34
C TYR D 184 18.40 -50.49 4.67
N VAL D 185 19.62 -49.98 4.81
CA VAL D 185 20.42 -50.15 6.03
C VAL D 185 20.82 -48.76 6.53
N GLN D 186 20.40 -48.42 7.73
CA GLN D 186 20.82 -47.19 8.38
C GLN D 186 22.07 -47.46 9.20
N LEU D 187 23.13 -46.72 8.93
CA LEU D 187 24.41 -46.95 9.60
C LEU D 187 24.29 -46.61 11.08
N PRO D 188 24.91 -47.40 11.96
CA PRO D 188 24.86 -47.09 13.39
C PRO D 188 25.60 -45.80 13.72
N THR D 189 25.18 -45.17 14.82
CA THR D 189 25.76 -43.90 15.22
C THR D 189 27.25 -44.03 15.55
N ASP D 190 27.63 -45.12 16.20
CA ASP D 190 29.04 -45.31 16.56
C ASP D 190 29.91 -45.43 15.31
N GLN D 191 29.42 -46.09 14.27
CA GLN D 191 30.18 -46.18 13.03
C GLN D 191 30.38 -44.82 12.40
N ILE D 192 29.35 -43.96 12.45
CA ILE D 192 29.48 -42.60 11.93
C ILE D 192 30.52 -41.83 12.72
N GLU D 193 30.50 -41.96 14.05
CA GLU D 193 31.48 -41.27 14.89
C GLU D 193 32.89 -41.75 14.58
N SER D 194 33.06 -43.05 14.35
CA SER D 194 34.38 -43.58 14.00
C SER D 194 34.90 -42.98 12.71
N ARG D 195 34.03 -42.86 11.70
CA ARG D 195 34.45 -42.27 10.43
C ARG D 195 34.79 -40.79 10.60
N ILE D 196 34.04 -40.08 11.45
CA ILE D 196 34.33 -38.67 11.69
C ILE D 196 35.71 -38.50 12.33
N ARG D 197 36.02 -39.35 13.31
CA ARG D 197 37.34 -39.28 13.95
C ARG D 197 38.45 -39.63 12.97
N LYS D 198 38.23 -40.63 12.12
CA LYS D 198 39.23 -41.01 11.13
C LYS D 198 39.46 -39.92 10.09
N LEU D 199 38.41 -39.18 9.72
CA LEU D 199 38.54 -38.11 8.73
C LEU D 199 39.10 -36.82 9.33
N GLY D 200 39.28 -36.76 10.65
CA GLY D 200 39.81 -35.56 11.31
C GLY D 200 38.82 -34.41 11.32
N LEU D 201 37.53 -34.71 11.50
CA LEU D 201 36.47 -33.66 11.45
C LEU D 201 36.03 -33.37 12.90
N ILE D 202 36.87 -33.71 13.86
CA ILE D 202 36.58 -33.44 15.31
C ILE D 202 37.85 -33.74 16.11
N THR E 1 3.60 -16.30 29.28
CA THR E 1 3.36 -17.72 29.47
C THR E 1 4.67 -18.50 29.49
N THR E 2 4.81 -19.42 30.43
CA THR E 2 5.99 -20.27 30.54
C THR E 2 5.55 -21.68 30.89
N THR E 3 5.85 -22.63 30.00
CA THR E 3 5.58 -24.04 30.22
C THR E 3 6.85 -24.83 30.01
N VAL E 4 6.98 -25.96 30.71
CA VAL E 4 8.17 -26.78 30.63
C VAL E 4 7.79 -28.24 30.88
N GLY E 5 8.46 -29.14 30.17
CA GLY E 5 8.32 -30.56 30.39
C GLY E 5 9.64 -31.29 30.24
N ILE E 6 9.97 -32.17 31.18
CA ILE E 6 11.24 -32.89 31.17
C ILE E 6 10.98 -34.37 31.35
N THR E 7 11.93 -35.19 30.90
CA THR E 7 11.88 -36.63 31.05
C THR E 7 12.99 -37.09 31.99
N LEU E 8 12.69 -38.11 32.78
CA LEU E 8 13.66 -38.76 33.65
C LEU E 8 13.65 -40.25 33.34
N LYS E 9 14.31 -41.02 34.21
CA LYS E 9 14.45 -42.46 33.99
C LYS E 9 13.10 -43.15 33.88
N ASP E 10 12.18 -42.86 34.81
CA ASP E 10 10.87 -43.47 34.84
C ASP E 10 9.78 -42.46 35.18
N ALA E 11 9.95 -41.20 34.79
CA ALA E 11 8.99 -40.17 35.16
C ALA E 11 8.99 -39.05 34.13
N VAL E 12 7.88 -38.32 34.10
CA VAL E 12 7.72 -37.10 33.31
C VAL E 12 7.24 -36.00 34.23
N ILE E 13 7.87 -34.84 34.16
CA ILE E 13 7.52 -33.69 34.99
C ILE E 13 7.14 -32.54 34.08
N MET E 14 5.97 -31.96 34.31
CA MET E 14 5.49 -30.82 33.55
C MET E 14 5.08 -29.72 34.51
N ALA E 15 5.32 -28.47 34.12
CA ALA E 15 5.04 -27.35 35.00
C ALA E 15 4.75 -26.09 34.18
N THR E 16 3.89 -25.24 34.72
CA THR E 16 3.51 -23.98 34.09
C THR E 16 3.34 -22.92 35.17
N GLU E 17 3.22 -21.66 34.72
CA GLU E 17 2.78 -20.57 35.58
C GLU E 17 1.31 -20.26 35.25
N ARG E 18 0.77 -19.19 35.84
CA ARG E 18 -0.66 -18.95 35.79
C ARG E 18 -1.08 -17.60 35.23
N ARG E 19 -0.19 -16.74 34.79
CA ARG E 19 -0.60 -15.36 34.38
C ARG E 19 -1.32 -15.34 33.01
N VAL E 20 -2.46 -14.67 32.93
CA VAL E 20 -3.16 -14.53 31.62
C VAL E 20 -3.28 -13.04 31.25
N THR E 21 -2.77 -12.66 30.10
CA THR E 21 -2.77 -11.26 29.63
C THR E 21 -3.89 -11.06 28.60
N MET E 22 -5.07 -10.63 29.03
CA MET E 22 -6.27 -10.39 28.17
C MET E 22 -6.49 -8.87 28.06
N GLU E 23 -6.57 -8.28 26.86
CA GLU E 23 -6.75 -6.81 26.58
C GLU E 23 -5.51 -6.00 26.98
N ASN E 24 -4.32 -6.57 26.86
CA ASN E 24 -3.05 -5.83 27.11
C ASN E 24 -2.81 -5.42 28.57
N PHE E 25 -3.35 -6.16 29.53
CA PHE E 25 -3.04 -5.91 30.96
C PHE E 25 -3.11 -7.28 31.65
N ILE E 26 -2.78 -7.37 32.92
CA ILE E 26 -2.89 -8.63 33.65
C ILE E 26 -4.29 -8.76 34.21
N MET E 27 -5.18 -9.39 33.45
CA MET E 27 -6.58 -9.53 33.88
C MET E 27 -6.80 -10.72 34.81
N HIS E 28 -6.04 -11.79 34.64
CA HIS E 28 -6.21 -13.00 35.43
C HIS E 28 -4.87 -13.46 35.97
N LYS E 29 -4.82 -13.75 37.27
CA LYS E 29 -3.59 -14.19 37.92
C LYS E 29 -3.54 -15.69 38.17
N ASN E 30 -4.64 -16.41 37.98
CA ASN E 30 -4.73 -17.83 38.32
C ASN E 30 -5.35 -18.62 37.16
N GLY E 31 -4.85 -18.38 35.95
CA GLY E 31 -5.28 -19.19 34.83
C GLY E 31 -4.74 -20.60 34.90
N LYS E 32 -5.37 -21.49 34.14
CA LYS E 32 -5.02 -22.90 34.11
C LYS E 32 -4.38 -23.22 32.75
N LYS E 33 -3.16 -23.74 32.78
CA LYS E 33 -2.43 -24.06 31.56
C LYS E 33 -1.92 -25.49 31.53
N LEU E 34 -2.11 -26.27 32.59
CA LEU E 34 -1.67 -27.66 32.65
C LEU E 34 -2.88 -28.55 32.86
N PHE E 35 -3.05 -29.54 31.99
CA PHE E 35 -4.24 -30.38 31.98
C PHE E 35 -3.86 -31.84 31.90
N GLN E 36 -4.65 -32.69 32.57
CA GLN E 36 -4.56 -34.13 32.42
C GLN E 36 -5.54 -34.56 31.35
N ILE E 37 -5.04 -35.19 30.28
CA ILE E 37 -5.89 -35.61 29.16
C ILE E 37 -6.05 -37.11 29.06
N ASP E 38 -5.32 -37.88 29.86
CA ASP E 38 -5.47 -39.33 29.89
C ASP E 38 -4.94 -39.84 31.22
N THR E 39 -4.98 -41.16 31.39
CA THR E 39 -4.55 -41.77 32.65
C THR E 39 -3.08 -41.46 32.93
N TYR E 40 -2.23 -41.53 31.90
CA TYR E 40 -0.81 -41.26 32.05
C TYR E 40 -0.33 -40.21 31.06
N THR E 41 -1.15 -39.20 30.76
CA THR E 41 -0.80 -38.20 29.76
C THR E 41 -1.21 -36.82 30.24
N GLY E 42 -0.33 -35.83 30.01
CA GLY E 42 -0.64 -34.46 30.31
C GLY E 42 -0.29 -33.56 29.14
N MET E 43 -0.79 -32.33 29.19
CA MET E 43 -0.59 -31.36 28.12
C MET E 43 -0.55 -29.95 28.67
N THR E 44 0.35 -29.14 28.13
CA THR E 44 0.43 -27.72 28.45
C THR E 44 0.09 -26.90 27.21
N ILE E 45 -0.41 -25.68 27.43
CA ILE E 45 -0.90 -24.84 26.36
C ILE E 45 -0.26 -23.46 26.45
N ALA E 46 0.04 -22.88 25.29
CA ALA E 46 0.53 -21.52 25.19
C ALA E 46 0.00 -20.90 23.90
N GLY E 47 -0.35 -19.61 23.97
CA GLY E 47 -0.88 -18.90 22.84
C GLY E 47 -2.29 -18.39 23.11
N LEU E 48 -3.12 -18.42 22.07
CA LEU E 48 -4.49 -17.93 22.18
C LEU E 48 -5.30 -18.82 23.11
N VAL E 49 -5.92 -18.22 24.12
CA VAL E 49 -6.63 -18.99 25.15
C VAL E 49 -7.80 -19.74 24.53
N GLY E 50 -8.56 -19.08 23.66
CA GLY E 50 -9.74 -19.72 23.08
C GLY E 50 -9.39 -20.95 22.27
N ASP E 51 -8.38 -20.84 21.40
CA ASP E 51 -7.95 -21.98 20.60
C ASP E 51 -7.44 -23.12 21.47
N ALA E 52 -6.65 -22.77 22.49
CA ALA E 52 -6.05 -23.79 23.35
C ALA E 52 -7.11 -24.56 24.12
N GLN E 53 -8.11 -23.87 24.66
CA GLN E 53 -9.13 -24.53 25.46
C GLN E 53 -9.98 -25.48 24.62
N VAL E 54 -10.26 -25.09 23.37
CA VAL E 54 -11.01 -25.98 22.48
C VAL E 54 -10.21 -27.24 22.20
N LEU E 55 -8.90 -27.11 21.97
CA LEU E 55 -8.08 -28.28 21.68
C LEU E 55 -8.01 -29.22 22.88
N VAL E 56 -7.96 -28.66 24.09
CA VAL E 56 -7.93 -29.51 25.29
C VAL E 56 -9.19 -30.36 25.38
N ARG E 57 -10.35 -29.75 25.11
CA ARG E 57 -11.60 -30.51 25.15
C ARG E 57 -11.63 -31.58 24.07
N TYR E 58 -11.12 -31.25 22.87
CA TYR E 58 -11.07 -32.24 21.80
C TYR E 58 -10.21 -33.43 22.18
N MET E 59 -9.02 -33.17 22.76
CA MET E 59 -8.11 -34.25 23.09
C MET E 59 -8.66 -35.15 24.19
N LYS E 60 -9.33 -34.56 25.18
CA LYS E 60 -9.96 -35.36 26.23
C LYS E 60 -11.02 -36.29 25.66
N ALA E 61 -11.82 -35.79 24.72
CA ALA E 61 -12.86 -36.61 24.11
C ALA E 61 -12.25 -37.72 23.25
N GLU E 62 -11.26 -37.38 22.43
CA GLU E 62 -10.65 -38.37 21.54
C GLU E 62 -9.96 -39.47 22.33
N LEU E 63 -9.22 -39.10 23.38
CA LEU E 63 -8.46 -40.09 24.14
C LEU E 63 -9.38 -40.99 24.96
N GLU E 64 -10.45 -40.42 25.52
CA GLU E 64 -11.40 -41.24 26.29
C GLU E 64 -12.14 -42.22 25.39
N LEU E 65 -12.57 -41.76 24.21
CA LEU E 65 -13.21 -42.66 23.26
C LEU E 65 -12.24 -43.73 22.77
N TYR E 66 -10.99 -43.36 22.55
CA TYR E 66 -9.97 -44.32 22.15
C TYR E 66 -9.79 -45.40 23.21
N ARG E 67 -9.75 -45.00 24.47
CA ARG E 67 -9.56 -45.96 25.56
C ARG E 67 -10.73 -46.92 25.67
N LEU E 68 -11.96 -46.41 25.49
CA LEU E 68 -13.14 -47.27 25.62
C LEU E 68 -13.26 -48.25 24.46
N GLN E 69 -12.84 -47.86 23.25
CA GLN E 69 -13.01 -48.73 22.09
C GLN E 69 -11.91 -49.79 22.02
N ARG E 70 -10.65 -49.38 22.15
CA ARG E 70 -9.52 -50.28 22.00
C ARG E 70 -9.01 -50.84 23.33
N ARG E 71 -9.66 -50.51 24.44
CA ARG E 71 -9.43 -51.07 25.77
C ARG E 71 -8.06 -50.72 26.36
N VAL E 72 -7.24 -49.92 25.68
CA VAL E 72 -5.94 -49.52 26.19
C VAL E 72 -5.76 -48.03 25.96
N ASN E 73 -4.84 -47.44 26.72
CA ASN E 73 -4.53 -46.02 26.55
C ASN E 73 -3.76 -45.80 25.25
N MET E 74 -4.03 -44.66 24.63
CA MET E 74 -3.36 -44.31 23.38
C MET E 74 -1.87 -44.06 23.67
N PRO E 75 -0.96 -44.60 22.85
CA PRO E 75 0.46 -44.32 23.04
C PRO E 75 0.76 -42.83 22.87
N ILE E 76 1.80 -42.37 23.57
CA ILE E 76 2.10 -40.95 23.61
C ILE E 76 2.43 -40.42 22.21
N GLU E 77 3.22 -41.18 21.44
CA GLU E 77 3.54 -40.75 20.09
C GLU E 77 2.29 -40.71 19.21
N ALA E 78 1.35 -41.62 19.45
CA ALA E 78 0.08 -41.58 18.72
C ALA E 78 -0.73 -40.34 19.08
N VAL E 79 -0.66 -39.91 20.35
CA VAL E 79 -1.33 -38.68 20.74
C VAL E 79 -0.75 -37.49 19.98
N ALA E 80 0.59 -37.42 19.89
CA ALA E 80 1.23 -36.33 19.18
C ALA E 80 0.89 -36.37 17.69
N THR E 81 0.85 -37.57 17.11
CA THR E 81 0.53 -37.69 15.68
C THR E 81 -0.90 -37.23 15.40
N LEU E 82 -1.84 -37.58 16.28
CA LEU E 82 -3.22 -37.13 16.11
C LEU E 82 -3.31 -35.60 16.15
N LEU E 83 -2.62 -34.98 17.11
CA LEU E 83 -2.59 -33.53 17.18
C LEU E 83 -1.92 -32.94 15.95
N SER E 84 -0.86 -33.60 15.46
CA SER E 84 -0.15 -33.11 14.28
C SER E 84 -1.07 -33.05 13.08
N ASN E 85 -1.87 -34.09 12.87
CA ASN E 85 -2.80 -34.09 11.75
C ASN E 85 -3.86 -33.01 11.90
N MET E 86 -4.41 -32.85 13.11
CA MET E 86 -5.47 -31.87 13.32
C MET E 86 -5.01 -30.46 13.02
N LEU E 87 -3.81 -30.10 13.48
CA LEU E 87 -3.31 -28.74 13.28
C LEU E 87 -2.92 -28.50 11.82
N ASN E 88 -2.33 -29.50 11.17
CA ASN E 88 -1.87 -29.30 9.80
C ASN E 88 -3.03 -29.21 8.81
N GLN E 89 -4.16 -29.85 9.12
N GLN E 89 -4.16 -29.85 9.12
CA GLN E 89 -5.30 -29.81 8.22
CA GLN E 89 -5.30 -29.81 8.22
C GLN E 89 -5.90 -28.41 8.09
C GLN E 89 -5.90 -28.41 8.09
N VAL E 90 -5.64 -27.53 9.04
CA VAL E 90 -6.12 -26.16 9.01
C VAL E 90 -4.98 -25.15 9.04
N LYS E 91 -3.82 -25.51 8.48
CA LYS E 91 -2.60 -24.72 8.60
C LYS E 91 -2.77 -23.28 8.10
N TYR E 92 -3.64 -23.07 7.11
CA TYR E 92 -3.85 -21.73 6.59
C TYR E 92 -4.92 -20.96 7.36
N MET E 93 -5.68 -21.62 8.23
CA MET E 93 -6.55 -20.97 9.21
C MET E 93 -6.29 -21.59 10.57
N PRO E 94 -5.08 -21.44 11.09
CA PRO E 94 -4.59 -22.36 12.12
C PRO E 94 -4.99 -21.97 13.53
N TYR E 95 -4.83 -22.94 14.43
CA TYR E 95 -4.84 -22.68 15.87
C TYR E 95 -3.52 -22.01 16.24
N MET E 96 -3.60 -20.83 16.86
CA MET E 96 -2.40 -20.07 17.21
C MET E 96 -1.92 -20.49 18.60
N VAL E 97 -1.39 -21.71 18.67
CA VAL E 97 -1.03 -22.33 19.93
C VAL E 97 0.35 -22.98 19.82
N GLN E 98 0.96 -23.18 20.98
CA GLN E 98 2.15 -24.01 21.14
C GLN E 98 1.85 -25.06 22.21
N LEU E 99 2.13 -26.33 21.90
CA LEU E 99 1.69 -27.42 22.73
C LEU E 99 2.86 -28.31 23.14
N LEU E 100 2.77 -28.83 24.36
CA LEU E 100 3.65 -29.87 24.86
C LEU E 100 2.81 -31.05 25.34
N VAL E 101 3.20 -32.25 24.94
CA VAL E 101 2.51 -33.48 25.34
C VAL E 101 3.54 -34.40 25.97
N GLY E 102 3.24 -34.89 27.17
CA GLY E 102 4.13 -35.80 27.87
C GLY E 102 3.35 -36.88 28.59
N GLY E 103 3.99 -38.05 28.70
CA GLY E 103 3.35 -39.15 29.40
C GLY E 103 4.18 -40.41 29.34
N ILE E 104 3.61 -41.48 29.89
CA ILE E 104 4.26 -42.78 29.97
C ILE E 104 3.38 -43.81 29.29
N ASP E 105 3.93 -44.53 28.31
CA ASP E 105 3.28 -45.73 27.80
C ASP E 105 4.12 -46.96 28.10
N THR E 106 5.36 -47.02 27.63
CA THR E 106 6.35 -47.96 28.10
C THR E 106 7.63 -47.27 28.55
N ALA E 107 7.80 -45.99 28.23
CA ALA E 107 8.95 -45.19 28.60
C ALA E 107 8.53 -43.73 28.59
N PRO E 108 9.24 -42.86 29.31
CA PRO E 108 8.88 -41.45 29.29
C PRO E 108 9.03 -40.83 27.92
N HIS E 109 8.11 -39.91 27.60
CA HIS E 109 8.13 -39.19 26.33
C HIS E 109 7.64 -37.76 26.55
N VAL E 110 8.25 -36.83 25.82
CA VAL E 110 7.79 -35.45 25.75
C VAL E 110 7.84 -35.01 24.30
N PHE E 111 6.73 -34.45 23.82
CA PHE E 111 6.61 -34.02 22.44
C PHE E 111 6.28 -32.53 22.38
N SER E 112 6.90 -31.83 21.43
CA SER E 112 6.62 -30.42 21.17
C SER E 112 5.92 -30.30 19.82
N ILE E 113 4.78 -29.62 19.81
CA ILE E 113 3.95 -29.48 18.62
C ILE E 113 3.71 -28.00 18.37
N ASP E 114 3.95 -27.56 17.13
CA ASP E 114 3.76 -26.18 16.74
C ASP E 114 2.40 -26.01 16.04
N ALA E 115 2.10 -24.77 15.65
CA ALA E 115 0.80 -24.45 15.07
C ALA E 115 0.60 -25.09 13.70
N ALA E 116 1.68 -25.43 13.00
CA ALA E 116 1.57 -26.03 11.67
C ALA E 116 1.52 -27.55 11.70
N GLY E 117 1.54 -28.16 12.89
CA GLY E 117 1.46 -29.59 13.00
C GLY E 117 2.80 -30.31 13.06
N GLY E 118 3.91 -29.58 13.19
CA GLY E 118 5.20 -30.24 13.33
C GLY E 118 5.39 -30.76 14.74
N SER E 119 5.74 -32.04 14.86
CA SER E 119 5.88 -32.70 16.16
C SER E 119 7.28 -33.29 16.26
N VAL E 120 8.00 -32.93 17.32
CA VAL E 120 9.36 -33.40 17.56
C VAL E 120 9.47 -33.88 18.99
N GLU E 121 9.99 -35.10 19.17
CA GLU E 121 10.25 -35.63 20.49
C GLU E 121 11.60 -35.13 21.01
N ASP E 122 11.66 -34.85 22.30
CA ASP E 122 12.88 -34.33 22.91
C ASP E 122 12.93 -34.75 24.37
N ILE E 123 14.15 -34.71 24.93
CA ILE E 123 14.32 -35.04 26.34
C ILE E 123 13.67 -33.99 27.23
N TYR E 124 13.73 -32.71 26.82
CA TYR E 124 13.01 -31.66 27.51
C TYR E 124 12.66 -30.57 26.51
N ALA E 125 11.64 -29.78 26.85
CA ALA E 125 11.19 -28.71 25.98
C ALA E 125 10.47 -27.65 26.82
N SER E 126 10.37 -26.46 26.23
CA SER E 126 9.71 -25.34 26.89
C SER E 126 9.03 -24.47 25.84
N THR E 127 7.85 -23.95 26.18
CA THR E 127 7.08 -23.11 25.27
C THR E 127 6.68 -21.82 25.98
N GLY E 128 6.28 -20.84 25.18
CA GLY E 128 5.86 -19.54 25.69
C GLY E 128 6.94 -18.49 25.58
N SER E 129 6.55 -17.26 25.93
CA SER E 129 7.48 -16.14 25.85
C SER E 129 8.65 -16.27 26.82
N GLY E 130 8.46 -16.99 27.93
CA GLY E 130 9.53 -17.23 28.88
C GLY E 130 10.39 -18.44 28.61
N SER E 131 10.15 -19.14 27.51
CA SER E 131 10.91 -20.35 27.22
C SER E 131 12.42 -20.14 27.09
N PRO E 132 12.93 -19.08 26.41
CA PRO E 132 14.39 -18.96 26.29
C PRO E 132 15.11 -18.87 27.63
N PHE E 133 14.50 -18.24 28.62
CA PHE E 133 15.10 -18.20 29.95
C PHE E 133 15.13 -19.59 30.58
N VAL E 134 14.09 -20.40 30.34
CA VAL E 134 14.07 -21.76 30.85
C VAL E 134 15.17 -22.60 30.21
N TYR E 135 15.36 -22.45 28.90
CA TYR E 135 16.37 -23.23 28.20
C TYR E 135 17.77 -22.93 28.72
N GLY E 136 18.01 -21.69 29.13
CA GLY E 136 19.30 -21.36 29.73
C GLY E 136 19.54 -22.12 31.02
N VAL E 137 18.52 -22.21 31.87
CA VAL E 137 18.64 -22.95 33.12
C VAL E 137 18.81 -24.45 32.84
N LEU E 138 18.01 -24.99 31.91
CA LEU E 138 18.08 -26.41 31.63
C LEU E 138 19.40 -26.81 30.99
N GLU E 139 19.93 -25.96 30.10
CA GLU E 139 21.20 -26.28 29.44
C GLU E 139 22.32 -26.43 30.45
N SER E 140 22.32 -25.60 31.50
CA SER E 140 23.43 -25.59 32.43
C SER E 140 23.24 -26.56 33.60
N GLN E 141 22.01 -26.98 33.89
CA GLN E 141 21.73 -27.72 35.12
C GLN E 141 21.03 -29.05 34.94
N TYR E 142 20.38 -29.30 33.80
CA TYR E 142 19.66 -30.56 33.63
C TYR E 142 20.62 -31.73 33.58
N SER E 143 20.23 -32.84 34.21
CA SER E 143 20.98 -34.08 34.17
C SER E 143 20.01 -35.24 34.00
N GLU E 144 20.38 -36.20 33.15
CA GLU E 144 19.52 -37.37 32.92
C GLU E 144 19.51 -38.32 34.11
N LYS E 145 20.43 -38.18 35.05
CA LYS E 145 20.49 -39.04 36.23
C LYS E 145 19.74 -38.46 37.42
N MET E 146 19.06 -37.33 37.24
CA MET E 146 18.36 -36.69 38.34
C MET E 146 17.22 -37.56 38.86
N THR E 147 16.97 -37.45 40.17
CA THR E 147 15.82 -38.07 40.79
C THR E 147 14.57 -37.22 40.55
N VAL E 148 13.42 -37.77 40.94
CA VAL E 148 12.16 -37.04 40.78
C VAL E 148 12.18 -35.77 41.62
N ASP E 149 12.65 -35.86 42.87
CA ASP E 149 12.71 -34.69 43.73
C ASP E 149 13.64 -33.63 43.15
N GLU E 150 14.79 -34.04 42.64
CA GLU E 150 15.71 -33.08 42.01
C GLU E 150 15.10 -32.49 40.75
N GLY E 151 14.34 -33.29 39.99
CA GLY E 151 13.70 -32.77 38.79
C GLY E 151 12.64 -31.73 39.11
N VAL E 152 11.88 -31.94 40.18
CA VAL E 152 10.86 -30.97 40.59
C VAL E 152 11.51 -29.64 40.97
N ASP E 153 12.62 -29.69 41.72
CA ASP E 153 13.33 -28.47 42.06
C ASP E 153 13.88 -27.78 40.81
N LEU E 154 14.29 -28.56 39.81
CA LEU E 154 14.85 -27.97 38.60
C LEU E 154 13.82 -27.15 37.85
N VAL E 155 12.62 -27.69 37.66
CA VAL E 155 11.60 -26.98 36.89
C VAL E 155 11.11 -25.75 37.67
N ILE E 156 11.08 -25.83 38.99
CA ILE E 156 10.69 -24.68 39.80
C ILE E 156 11.69 -23.54 39.64
N ARG E 157 12.98 -23.86 39.69
CA ARG E 157 14.00 -22.83 39.50
C ARG E 157 13.94 -22.24 38.10
N ALA E 158 13.72 -23.08 37.09
CA ALA E 158 13.68 -22.60 35.71
C ALA E 158 12.51 -21.64 35.49
N ILE E 159 11.33 -21.99 35.99
CA ILE E 159 10.17 -21.12 35.83
C ILE E 159 10.34 -19.84 36.67
N SER E 160 10.93 -19.95 37.86
CA SER E 160 11.15 -18.78 38.69
C SER E 160 12.07 -17.78 37.99
N ALA E 161 13.11 -18.27 37.30
CA ALA E 161 13.97 -17.39 36.54
C ALA E 161 13.22 -16.70 35.41
N ALA E 162 12.33 -17.44 34.73
CA ALA E 162 11.55 -16.85 33.65
C ALA E 162 10.63 -15.75 34.16
N LYS E 163 10.03 -15.93 35.34
CA LYS E 163 9.15 -14.92 35.90
C LYS E 163 9.90 -13.64 36.24
N GLN E 164 11.20 -13.75 36.52
CA GLN E 164 12.00 -12.56 36.85
C GLN E 164 12.32 -11.71 35.62
N ARG E 165 12.22 -12.28 34.41
CA ARG E 165 12.64 -11.58 33.21
C ARG E 165 11.57 -11.48 32.14
N ASP E 166 10.47 -12.22 32.23
CA ASP E 166 9.40 -12.17 31.25
C ASP E 166 8.16 -11.58 31.93
N SER E 167 7.74 -10.40 31.45
CA SER E 167 6.59 -9.73 32.06
C SER E 167 5.27 -10.45 31.78
N ALA E 168 5.22 -11.29 30.74
CA ALA E 168 4.02 -12.05 30.42
C ALA E 168 3.84 -13.28 31.31
N SER E 169 4.80 -13.58 32.17
CA SER E 169 4.74 -14.74 33.04
C SER E 169 4.65 -14.30 34.51
N GLY E 170 3.96 -15.10 35.31
CA GLY E 170 3.84 -14.81 36.72
C GLY E 170 2.85 -15.72 37.38
N GLY E 171 2.70 -15.53 38.69
CA GLY E 171 1.76 -16.29 39.46
C GLY E 171 2.34 -17.57 40.04
N MET E 172 1.47 -18.33 40.69
CA MET E 172 1.87 -19.59 41.31
C MET E 172 2.25 -20.62 40.25
N ILE E 173 3.19 -21.50 40.61
CA ILE E 173 3.69 -22.54 39.72
C ILE E 173 2.92 -23.83 40.00
N ASP E 174 2.39 -24.44 38.95
CA ASP E 174 1.72 -25.72 39.03
C ASP E 174 2.63 -26.80 38.47
N VAL E 175 2.77 -27.91 39.20
CA VAL E 175 3.68 -28.99 38.84
C VAL E 175 2.92 -30.31 38.89
N ALA E 176 3.13 -31.14 37.86
CA ALA E 176 2.56 -32.48 37.80
C ALA E 176 3.67 -33.50 37.55
N VAL E 177 3.56 -34.65 38.19
CA VAL E 177 4.50 -35.74 38.04
C VAL E 177 3.74 -36.97 37.55
N ILE E 178 4.24 -37.59 36.48
CA ILE E 178 3.60 -38.74 35.86
C ILE E 178 4.54 -39.93 35.97
N THR E 179 4.06 -41.00 36.61
CA THR E 179 4.80 -42.25 36.71
C THR E 179 3.84 -43.42 36.48
N ARG E 180 4.41 -44.55 36.08
CA ARG E 180 3.60 -45.75 35.91
C ARG E 180 3.02 -46.21 37.24
N LYS E 181 3.80 -46.13 38.32
CA LYS E 181 3.36 -46.64 39.60
C LYS E 181 2.23 -45.79 40.19
N ASP E 182 2.32 -44.46 40.07
CA ASP E 182 1.39 -43.56 40.73
C ASP E 182 0.46 -42.83 39.77
N GLY E 183 0.69 -42.92 38.46
CA GLY E 183 -0.18 -42.23 37.53
C GLY E 183 0.09 -40.73 37.50
N TYR E 184 -0.91 -39.99 37.05
CA TYR E 184 -0.84 -38.52 36.96
C TYR E 184 -1.13 -37.94 38.33
N VAL E 185 -0.13 -37.29 38.92
CA VAL E 185 -0.25 -36.70 40.25
C VAL E 185 0.13 -35.22 40.16
N GLN E 186 -0.82 -34.35 40.48
CA GLN E 186 -0.53 -32.92 40.56
C GLN E 186 -0.11 -32.58 41.98
N LEU E 187 1.07 -31.97 42.11
CA LEU E 187 1.61 -31.67 43.43
C LEU E 187 0.75 -30.61 44.12
N PRO E 188 0.54 -30.74 45.43
CA PRO E 188 -0.26 -29.73 46.15
C PRO E 188 0.46 -28.39 46.21
N THR E 189 -0.34 -27.33 46.33
CA THR E 189 0.21 -25.98 46.34
C THR E 189 1.15 -25.75 47.52
N ASP E 190 0.79 -26.28 48.69
CA ASP E 190 1.62 -26.09 49.87
C ASP E 190 2.99 -26.74 49.69
N GLN E 191 3.05 -27.90 49.04
CA GLN E 191 4.33 -28.55 48.78
C GLN E 191 5.19 -27.70 47.85
N ILE E 192 4.57 -27.08 46.84
CA ILE E 192 5.32 -26.20 45.95
C ILE E 192 5.88 -25.00 46.72
N GLU E 193 5.06 -24.42 47.60
CA GLU E 193 5.52 -23.28 48.39
C GLU E 193 6.66 -23.68 49.31
N SER E 194 6.60 -24.89 49.88
CA SER E 194 7.69 -25.35 50.74
C SER E 194 9.00 -25.48 49.96
N ARG E 195 8.93 -26.01 48.73
CA ARG E 195 10.13 -26.13 47.92
C ARG E 195 10.68 -24.75 47.53
N ILE E 196 9.79 -23.79 47.26
CA ILE E 196 10.23 -22.44 46.92
C ILE E 196 10.97 -21.81 48.09
N ARG E 197 10.44 -21.97 49.31
CA ARG E 197 11.11 -21.42 50.48
C ARG E 197 12.46 -22.11 50.73
N LYS E 198 12.52 -23.42 50.53
CA LYS E 198 13.77 -24.15 50.72
C LYS E 198 14.82 -23.75 49.68
N LEU E 199 14.41 -23.45 48.45
CA LEU E 199 15.34 -23.05 47.41
C LEU E 199 15.76 -21.59 47.51
N GLY E 200 15.16 -20.82 48.42
CA GLY E 200 15.49 -19.40 48.59
C GLY E 200 15.01 -18.55 47.44
N LEU E 201 13.82 -18.84 46.89
CA LEU E 201 13.30 -18.10 45.71
C LEU E 201 12.20 -17.16 46.20
N ILE E 202 12.22 -16.84 47.50
CA ILE E 202 11.23 -15.88 48.09
C ILE E 202 11.68 -15.57 49.52
N THR F 1 -18.14 2.10 28.32
CA THR F 1 -18.80 0.98 28.98
C THR F 1 -17.98 0.48 30.17
N THR F 2 -18.66 0.23 31.28
CA THR F 2 -18.01 -0.30 32.48
C THR F 2 -18.90 -1.35 33.10
N THR F 3 -18.41 -2.59 33.17
CA THR F 3 -19.11 -3.69 33.82
C THR F 3 -18.19 -4.31 34.86
N VAL F 4 -18.78 -4.88 35.91
CA VAL F 4 -18.01 -5.48 36.99
C VAL F 4 -18.82 -6.61 37.60
N GLY F 5 -18.12 -7.67 38.01
CA GLY F 5 -18.72 -8.78 38.72
C GLY F 5 -17.79 -9.32 39.80
N ILE F 6 -18.29 -9.51 41.01
CA ILE F 6 -17.48 -9.98 42.12
C ILE F 6 -18.16 -11.17 42.78
N THR F 7 -17.37 -11.98 43.48
CA THR F 7 -17.86 -13.13 44.23
C THR F 7 -17.66 -12.89 45.72
N LEU F 8 -18.61 -13.37 46.51
CA LEU F 8 -18.52 -13.33 47.97
C LEU F 8 -18.71 -14.75 48.49
N LYS F 9 -18.89 -14.87 49.80
CA LYS F 9 -19.02 -16.19 50.43
C LYS F 9 -20.19 -16.97 49.86
N ASP F 10 -21.36 -16.34 49.74
CA ASP F 10 -22.55 -17.00 49.23
C ASP F 10 -23.34 -16.10 48.29
N ALA F 11 -22.67 -15.22 47.56
CA ALA F 11 -23.37 -14.27 46.71
C ALA F 11 -22.50 -13.88 45.52
N VAL F 12 -23.16 -13.40 44.47
CA VAL F 12 -22.52 -12.82 43.31
C VAL F 12 -23.15 -11.46 43.05
N ILE F 13 -22.31 -10.44 42.85
CA ILE F 13 -22.77 -9.08 42.61
C ILE F 13 -22.24 -8.63 41.25
N MET F 14 -23.15 -8.16 40.39
CA MET F 14 -22.81 -7.65 39.08
C MET F 14 -23.40 -6.26 38.90
N ALA F 15 -22.67 -5.39 38.21
CA ALA F 15 -23.10 -4.01 38.05
C ALA F 15 -22.54 -3.42 36.77
N THR F 16 -23.32 -2.52 36.16
CA THR F 16 -22.93 -1.84 34.93
C THR F 16 -23.39 -0.39 35.00
N GLU F 17 -22.93 0.41 34.05
CA GLU F 17 -23.48 1.73 33.79
C GLU F 17 -24.35 1.65 32.54
N ARG F 18 -24.84 2.80 32.07
CA ARG F 18 -25.87 2.80 31.04
C ARG F 18 -25.53 3.61 29.77
N ARG F 19 -24.37 4.20 29.64
CA ARG F 19 -24.11 5.09 28.47
C ARG F 19 -23.87 4.32 27.16
N VAL F 20 -24.54 4.70 26.09
CA VAL F 20 -24.30 4.05 24.76
C VAL F 20 -23.80 5.09 23.76
N THR F 21 -22.64 4.86 23.17
CA THR F 21 -22.03 5.81 22.21
C THR F 21 -22.26 5.30 20.79
N MET F 22 -23.32 5.75 20.12
CA MET F 22 -23.69 5.35 18.71
C MET F 22 -23.41 6.55 17.79
N GLU F 23 -22.63 6.40 16.70
CA GLU F 23 -22.24 7.47 15.72
C GLU F 23 -21.30 8.51 16.35
N ASN F 24 -20.45 8.12 17.30
CA ASN F 24 -19.42 9.01 17.86
C ASN F 24 -19.97 10.14 18.74
N PHE F 25 -21.13 9.97 19.36
CA PHE F 25 -21.64 10.97 20.33
C PHE F 25 -22.44 10.17 21.37
N ILE F 26 -22.93 10.81 22.41
CA ILE F 26 -23.76 10.12 23.40
C ILE F 26 -25.21 10.14 22.94
N MET F 27 -25.63 9.10 22.22
CA MET F 27 -26.99 9.06 21.69
C MET F 27 -28.00 8.52 22.70
N HIS F 28 -27.58 7.61 23.58
CA HIS F 28 -28.48 7.00 24.54
C HIS F 28 -27.86 7.04 25.93
N LYS F 29 -28.64 7.49 26.92
CA LYS F 29 -28.17 7.60 28.29
C LYS F 29 -28.65 6.48 29.19
N ASN F 30 -29.58 5.64 28.73
CA ASN F 30 -30.21 4.61 29.56
C ASN F 30 -30.22 3.28 28.85
N GLY F 31 -29.09 2.89 28.27
CA GLY F 31 -28.97 1.57 27.69
C GLY F 31 -28.95 0.48 28.74
N LYS F 32 -29.23 -0.74 28.29
CA LYS F 32 -29.29 -1.91 29.17
C LYS F 32 -28.11 -2.82 28.86
N LYS F 33 -27.30 -3.10 29.89
CA LYS F 33 -26.11 -3.93 29.73
C LYS F 33 -26.06 -5.09 30.71
N LEU F 34 -27.01 -5.21 31.62
CA LEU F 34 -27.05 -6.28 32.59
C LEU F 34 -28.34 -7.07 32.39
N PHE F 35 -28.22 -8.38 32.22
CA PHE F 35 -29.35 -9.23 31.88
C PHE F 35 -29.39 -10.47 32.77
N GLN F 36 -30.59 -10.91 33.10
CA GLN F 36 -30.80 -12.20 33.75
C GLN F 36 -31.06 -13.24 32.66
N ILE F 37 -30.22 -14.27 32.61
CA ILE F 37 -30.34 -15.31 31.59
C ILE F 37 -30.79 -16.64 32.15
N ASP F 38 -30.89 -16.79 33.47
CA ASP F 38 -31.37 -18.01 34.08
C ASP F 38 -31.86 -17.68 35.48
N THR F 39 -32.33 -18.70 36.20
CA THR F 39 -32.86 -18.50 37.54
C THR F 39 -31.80 -17.92 38.47
N TYR F 40 -30.57 -18.43 38.38
CA TYR F 40 -29.48 -17.96 39.23
C TYR F 40 -28.27 -17.54 38.39
N THR F 41 -28.48 -16.94 37.23
CA THR F 41 -27.38 -16.58 36.35
C THR F 41 -27.62 -15.22 35.72
N GLY F 42 -26.56 -14.41 35.66
CA GLY F 42 -26.63 -13.13 35.00
C GLY F 42 -25.45 -12.94 34.06
N MET F 43 -25.57 -11.94 33.20
CA MET F 43 -24.55 -11.68 32.19
C MET F 43 -24.48 -10.19 31.88
N THR F 44 -23.26 -9.68 31.71
CA THR F 44 -23.02 -8.31 31.28
C THR F 44 -22.37 -8.31 29.91
N ILE F 45 -22.57 -7.23 29.16
CA ILE F 45 -22.13 -7.14 27.78
C ILE F 45 -21.33 -5.87 27.59
N ALA F 46 -20.28 -5.94 26.76
CA ALA F 46 -19.50 -4.80 26.36
C ALA F 46 -19.02 -5.01 24.93
N GLY F 47 -18.99 -3.93 24.15
CA GLY F 47 -18.58 -4.00 22.76
C GLY F 47 -19.71 -3.58 21.82
N LEU F 48 -19.77 -4.26 20.67
CA LEU F 48 -20.76 -3.93 19.66
C LEU F 48 -22.15 -4.29 20.17
N VAL F 49 -23.07 -3.32 20.13
CA VAL F 49 -24.40 -3.51 20.70
C VAL F 49 -25.16 -4.61 19.96
N GLY F 50 -25.08 -4.60 18.61
CA GLY F 50 -25.82 -5.58 17.84
C GLY F 50 -25.40 -7.01 18.13
N ASP F 51 -24.09 -7.25 18.17
CA ASP F 51 -23.58 -8.59 18.46
C ASP F 51 -23.97 -9.02 19.87
N ALA F 52 -23.85 -8.11 20.84
CA ALA F 52 -24.13 -8.44 22.23
C ALA F 52 -25.60 -8.80 22.42
N GLN F 53 -26.51 -8.05 21.82
CA GLN F 53 -27.93 -8.30 22.00
C GLN F 53 -28.34 -9.64 21.40
N VAL F 54 -27.75 -10.01 20.25
CA VAL F 54 -28.04 -11.31 19.65
C VAL F 54 -27.59 -12.44 20.58
N LEU F 55 -26.40 -12.30 21.18
CA LEU F 55 -25.89 -13.33 22.06
C LEU F 55 -26.77 -13.49 23.31
N VAL F 56 -27.28 -12.37 23.84
CA VAL F 56 -28.16 -12.46 25.00
C VAL F 56 -29.41 -13.26 24.68
N ARG F 57 -30.01 -13.02 23.51
CA ARG F 57 -31.19 -13.79 23.12
C ARG F 57 -30.85 -15.26 22.93
N TYR F 58 -29.70 -15.56 22.34
CA TYR F 58 -29.29 -16.96 22.18
C TYR F 58 -29.13 -17.66 23.52
N MET F 59 -28.49 -17.00 24.48
CA MET F 59 -28.23 -17.63 25.77
C MET F 59 -29.52 -17.86 26.55
N LYS F 60 -30.47 -16.92 26.47
CA LYS F 60 -31.75 -17.12 27.12
C LYS F 60 -32.49 -18.32 26.56
N ALA F 61 -32.45 -18.49 25.23
CA ALA F 61 -33.11 -19.63 24.61
C ALA F 61 -32.43 -20.94 24.97
N GLU F 62 -31.10 -20.97 24.91
CA GLU F 62 -30.37 -22.20 25.20
C GLU F 62 -30.56 -22.63 26.64
N LEU F 63 -30.49 -21.68 27.58
CA LEU F 63 -30.59 -22.02 29.00
C LEU F 63 -32.00 -22.46 29.37
N GLU F 64 -33.02 -21.82 28.79
CA GLU F 64 -34.40 -22.20 29.08
C GLU F 64 -34.70 -23.58 28.52
N LEU F 65 -34.24 -23.87 27.30
CA LEU F 65 -34.44 -25.20 26.73
C LEU F 65 -33.68 -26.25 27.54
N TYR F 66 -32.47 -25.90 28.01
CA TYR F 66 -31.69 -26.81 28.83
C TYR F 66 -32.42 -27.14 30.12
N ARG F 67 -33.03 -26.13 30.75
CA ARG F 67 -33.75 -26.34 32.01
C ARG F 67 -34.97 -27.23 31.80
N LEU F 68 -35.69 -27.04 30.69
CA LEU F 68 -36.89 -27.83 30.45
C LEU F 68 -36.57 -29.28 30.12
N GLN F 69 -35.45 -29.54 29.44
CA GLN F 69 -35.13 -30.90 29.03
C GLN F 69 -34.50 -31.71 30.16
N ARG F 70 -33.50 -31.14 30.82
CA ARG F 70 -32.76 -31.86 31.86
C ARG F 70 -33.26 -31.58 33.27
N ARG F 71 -34.33 -30.79 33.41
CA ARG F 71 -35.06 -30.53 34.65
C ARG F 71 -34.25 -29.76 35.70
N VAL F 72 -33.01 -29.36 35.40
CA VAL F 72 -32.19 -28.59 36.33
C VAL F 72 -31.54 -27.44 35.58
N ASN F 73 -31.11 -26.43 36.34
CA ASN F 73 -30.41 -25.30 35.77
C ASN F 73 -29.01 -25.70 35.31
N MET F 74 -28.58 -25.10 34.21
CA MET F 74 -27.25 -25.39 33.69
C MET F 74 -26.19 -24.87 34.66
N PRO F 75 -25.16 -25.64 34.97
CA PRO F 75 -24.09 -25.13 35.83
C PRO F 75 -23.39 -23.94 35.20
N ILE F 76 -22.86 -23.07 36.06
CA ILE F 76 -22.29 -21.81 35.59
C ILE F 76 -21.09 -22.06 34.68
N GLU F 77 -20.24 -23.02 35.03
CA GLU F 77 -19.09 -23.33 34.18
C GLU F 77 -19.54 -23.90 32.85
N ALA F 78 -20.65 -24.65 32.84
CA ALA F 78 -21.21 -25.15 31.59
C ALA F 78 -21.73 -24.01 30.72
N VAL F 79 -22.29 -22.97 31.34
CA VAL F 79 -22.73 -21.80 30.60
C VAL F 79 -21.54 -21.13 29.92
N ALA F 80 -20.44 -20.98 30.65
CA ALA F 80 -19.24 -20.36 30.07
C ALA F 80 -18.65 -21.21 28.96
N THR F 81 -18.66 -22.54 29.14
CA THR F 81 -18.13 -23.42 28.11
C THR F 81 -18.95 -23.35 26.83
N LEU F 82 -20.29 -23.28 26.96
CA LEU F 82 -21.15 -23.15 25.79
C LEU F 82 -20.86 -21.86 25.04
N LEU F 83 -20.72 -20.76 25.78
CA LEU F 83 -20.36 -19.49 25.14
C LEU F 83 -18.98 -19.56 24.51
N SER F 84 -18.04 -20.25 25.16
CA SER F 84 -16.69 -20.38 24.64
C SER F 84 -16.69 -21.08 23.28
N ASN F 85 -17.47 -22.15 23.15
CA ASN F 85 -17.55 -22.86 21.87
C ASN F 85 -18.19 -21.99 20.80
N MET F 86 -19.25 -21.27 21.14
CA MET F 86 -19.96 -20.47 20.16
C MET F 86 -19.07 -19.37 19.58
N LEU F 87 -18.31 -18.69 20.44
CA LEU F 87 -17.47 -17.60 19.98
C LEU F 87 -16.27 -18.12 19.19
N ASN F 88 -15.68 -19.23 19.62
CA ASN F 88 -14.48 -19.75 18.95
C ASN F 88 -14.80 -20.31 17.58
N GLN F 89 -16.01 -20.82 17.37
N GLN F 89 -16.01 -20.82 17.37
CA GLN F 89 -16.38 -21.40 16.08
CA GLN F 89 -16.38 -21.40 16.08
C GLN F 89 -16.41 -20.35 14.97
C GLN F 89 -16.41 -20.35 14.97
N VAL F 90 -16.53 -19.08 15.31
CA VAL F 90 -16.54 -18.01 14.32
C VAL F 90 -15.42 -17.00 14.58
N LYS F 91 -14.29 -17.47 15.11
CA LYS F 91 -13.21 -16.60 15.56
C LYS F 91 -12.69 -15.68 14.46
N TYR F 92 -12.73 -16.11 13.21
CA TYR F 92 -12.27 -15.28 12.10
C TYR F 92 -13.35 -14.35 11.56
N MET F 93 -14.60 -14.55 11.95
CA MET F 93 -15.68 -13.58 11.72
C MET F 93 -16.42 -13.35 13.03
N PRO F 94 -15.74 -12.81 14.04
CA PRO F 94 -16.18 -13.00 15.42
C PRO F 94 -17.20 -11.96 15.87
N TYR F 95 -17.84 -12.28 16.99
CA TYR F 95 -18.61 -11.30 17.76
C TYR F 95 -17.63 -10.39 18.48
N MET F 96 -17.74 -9.08 18.26
CA MET F 96 -16.82 -8.11 18.86
C MET F 96 -17.35 -7.68 20.23
N VAL F 97 -17.29 -8.63 21.18
CA VAL F 97 -17.90 -8.44 22.49
C VAL F 97 -16.92 -8.89 23.57
N GLN F 98 -17.16 -8.37 24.78
CA GLN F 98 -16.55 -8.84 26.01
C GLN F 98 -17.65 -9.19 26.99
N LEU F 99 -17.58 -10.39 27.58
CA LEU F 99 -18.69 -10.93 28.34
C LEU F 99 -18.23 -11.33 29.74
N LEU F 100 -19.13 -11.13 30.70
CA LEU F 100 -18.99 -11.64 32.06
C LEU F 100 -20.22 -12.47 32.40
N VAL F 101 -20.00 -13.66 32.97
CA VAL F 101 -21.08 -14.55 33.38
C VAL F 101 -20.87 -14.89 34.85
N GLY F 102 -21.91 -14.70 35.64
CA GLY F 102 -21.85 -15.00 37.06
C GLY F 102 -23.15 -15.61 37.55
N GLY F 103 -23.02 -16.47 38.56
CA GLY F 103 -24.18 -17.10 39.12
C GLY F 103 -23.82 -18.09 40.21
N ILE F 104 -24.85 -18.78 40.71
CA ILE F 104 -24.73 -19.75 41.80
C ILE F 104 -25.29 -21.08 41.31
N ASP F 105 -24.48 -22.14 41.38
CA ASP F 105 -24.99 -23.50 41.22
C ASP F 105 -24.82 -24.27 42.52
N THR F 106 -23.59 -24.42 43.01
CA THR F 106 -23.33 -24.86 44.37
C THR F 106 -22.42 -23.89 45.12
N ALA F 107 -21.79 -22.96 44.41
CA ALA F 107 -20.91 -21.96 44.97
C ALA F 107 -20.86 -20.79 44.01
N PRO F 108 -20.50 -19.60 44.48
CA PRO F 108 -20.41 -18.44 43.58
C PRO F 108 -19.34 -18.64 42.50
N HIS F 109 -19.63 -18.14 41.31
CA HIS F 109 -18.72 -18.20 40.18
C HIS F 109 -18.86 -16.94 39.34
N VAL F 110 -17.73 -16.47 38.81
CA VAL F 110 -17.70 -15.39 37.84
C VAL F 110 -16.71 -15.78 36.73
N PHE F 111 -17.16 -15.70 35.48
CA PHE F 111 -16.34 -16.07 34.33
C PHE F 111 -16.19 -14.88 33.39
N SER F 112 -14.99 -14.73 32.85
CA SER F 112 -14.70 -13.71 31.85
C SER F 112 -14.45 -14.39 30.51
N ILE F 113 -15.15 -13.96 29.47
CA ILE F 113 -15.06 -14.57 28.15
C ILE F 113 -14.74 -13.49 27.13
N ASP F 114 -13.74 -13.74 26.29
CA ASP F 114 -13.32 -12.80 25.28
C ASP F 114 -13.92 -13.19 23.93
N ALA F 115 -13.61 -12.37 22.91
CA ALA F 115 -14.20 -12.56 21.59
C ALA F 115 -13.74 -13.84 20.91
N ALA F 116 -12.58 -14.39 21.29
CA ALA F 116 -12.05 -15.59 20.69
C ALA F 116 -12.49 -16.86 21.40
N GLY F 117 -13.31 -16.75 22.44
CA GLY F 117 -13.80 -17.91 23.16
C GLY F 117 -12.98 -18.33 24.36
N GLY F 118 -12.02 -17.52 24.77
CA GLY F 118 -11.25 -17.84 25.98
C GLY F 118 -12.06 -17.52 27.22
N SER F 119 -12.17 -18.50 28.12
CA SER F 119 -12.98 -18.35 29.33
C SER F 119 -12.09 -18.63 30.54
N VAL F 120 -12.05 -17.69 31.47
CA VAL F 120 -11.24 -17.80 32.68
C VAL F 120 -12.11 -17.44 33.89
N GLU F 121 -12.11 -18.31 34.89
CA GLU F 121 -12.81 -18.03 36.14
C GLU F 121 -11.93 -17.19 37.06
N ASP F 122 -12.55 -16.25 37.77
CA ASP F 122 -11.82 -15.35 38.66
C ASP F 122 -12.72 -14.94 39.80
N ILE F 123 -12.09 -14.47 40.88
CA ILE F 123 -12.85 -13.98 42.03
C ILE F 123 -13.60 -12.70 41.68
N TYR F 124 -13.01 -11.84 40.86
CA TYR F 124 -13.70 -10.66 40.35
C TYR F 124 -13.11 -10.33 38.98
N ALA F 125 -13.90 -9.58 38.19
CA ALA F 125 -13.48 -9.21 36.85
C ALA F 125 -14.24 -7.95 36.43
N SER F 126 -13.69 -7.27 35.44
CA SER F 126 -14.31 -6.06 34.91
C SER F 126 -14.00 -5.96 33.42
N THR F 127 -14.98 -5.48 32.65
CA THR F 127 -14.85 -5.33 31.21
C THR F 127 -15.25 -3.93 30.79
N GLY F 128 -14.85 -3.56 29.58
CA GLY F 128 -15.15 -2.26 29.02
C GLY F 128 -13.97 -1.30 29.11
N SER F 129 -14.16 -0.13 28.51
CA SER F 129 -13.11 0.89 28.50
C SER F 129 -12.79 1.42 29.89
N GLY F 130 -13.75 1.37 30.81
CA GLY F 130 -13.55 1.80 32.17
C GLY F 130 -13.01 0.75 33.12
N SER F 131 -12.74 -0.46 32.62
CA SER F 131 -12.29 -1.54 33.48
C SER F 131 -10.98 -1.26 34.23
N PRO F 132 -9.94 -0.68 33.62
CA PRO F 132 -8.69 -0.46 34.39
C PRO F 132 -8.88 0.40 35.62
N PHE F 133 -9.78 1.39 35.57
CA PHE F 133 -10.07 2.19 36.75
C PHE F 133 -10.75 1.36 37.83
N VAL F 134 -11.62 0.43 37.42
CA VAL F 134 -12.28 -0.45 38.38
C VAL F 134 -11.27 -1.36 39.05
N TYR F 135 -10.33 -1.91 38.27
CA TYR F 135 -9.33 -2.82 38.83
C TYR F 135 -8.47 -2.14 39.88
N GLY F 136 -8.21 -0.84 39.70
CA GLY F 136 -7.47 -0.10 40.71
C GLY F 136 -8.21 -0.03 42.03
N VAL F 137 -9.52 0.21 41.97
CA VAL F 137 -10.33 0.27 43.18
C VAL F 137 -10.41 -1.11 43.83
N LEU F 138 -10.64 -2.15 43.01
CA LEU F 138 -10.79 -3.51 43.56
C LEU F 138 -9.48 -4.02 44.15
N GLU F 139 -8.35 -3.70 43.53
CA GLU F 139 -7.07 -4.18 44.04
C GLU F 139 -6.81 -3.64 45.45
N SER F 140 -7.20 -2.39 45.71
CA SER F 140 -6.88 -1.76 46.97
C SER F 140 -7.94 -1.98 48.05
N GLN F 141 -9.18 -2.32 47.66
CA GLN F 141 -10.28 -2.33 48.61
C GLN F 141 -11.07 -3.63 48.70
N TYR F 142 -10.98 -4.52 47.71
CA TYR F 142 -11.76 -5.75 47.76
C TYR F 142 -11.27 -6.67 48.88
N SER F 143 -12.22 -7.30 49.56
CA SER F 143 -11.93 -8.28 50.58
C SER F 143 -12.88 -9.46 50.43
N GLU F 144 -12.35 -10.68 50.58
CA GLU F 144 -13.18 -11.87 50.47
C GLU F 144 -14.12 -12.06 51.66
N LYS F 145 -13.90 -11.33 52.75
CA LYS F 145 -14.75 -11.42 53.93
C LYS F 145 -15.86 -10.39 53.95
N MET F 146 -16.02 -9.61 52.87
CA MET F 146 -17.03 -8.57 52.82
C MET F 146 -18.44 -9.17 52.86
N THR F 147 -19.36 -8.41 53.48
CA THR F 147 -20.76 -8.75 53.45
C THR F 147 -21.38 -8.30 52.12
N VAL F 148 -22.64 -8.69 51.91
CA VAL F 148 -23.34 -8.31 50.69
C VAL F 148 -23.49 -6.78 50.62
N ASP F 149 -23.86 -6.15 51.74
CA ASP F 149 -24.01 -4.71 51.76
C ASP F 149 -22.70 -4.01 51.46
N GLU F 150 -21.60 -4.50 52.04
CA GLU F 150 -20.29 -3.92 51.76
C GLU F 150 -19.89 -4.15 50.32
N GLY F 151 -20.24 -5.31 49.76
CA GLY F 151 -19.92 -5.58 48.37
C GLY F 151 -20.66 -4.66 47.40
N VAL F 152 -21.93 -4.35 47.72
CA VAL F 152 -22.70 -3.45 46.87
C VAL F 152 -22.08 -2.05 46.88
N ASP F 153 -21.67 -1.58 48.05
CA ASP F 153 -21.00 -0.29 48.13
C ASP F 153 -19.68 -0.28 47.36
N LEU F 154 -18.98 -1.43 47.36
CA LEU F 154 -17.70 -1.51 46.67
C LEU F 154 -17.85 -1.34 45.17
N VAL F 155 -18.83 -2.03 44.56
CA VAL F 155 -19.00 -1.94 43.12
C VAL F 155 -19.51 -0.56 42.71
N ILE F 156 -20.31 0.07 43.57
CA ILE F 156 -20.79 1.41 43.28
C ILE F 156 -19.64 2.40 43.25
N ARG F 157 -18.74 2.32 44.23
CA ARG F 157 -17.58 3.20 44.25
C ARG F 157 -16.68 2.95 43.05
N ALA F 158 -16.48 1.68 42.69
CA ALA F 158 -15.59 1.36 41.57
C ALA F 158 -16.13 1.91 40.26
N ILE F 159 -17.43 1.75 40.01
CA ILE F 159 -18.02 2.27 38.78
C ILE F 159 -18.05 3.79 38.80
N SER F 160 -18.30 4.39 39.96
CA SER F 160 -18.30 5.85 40.07
C SER F 160 -16.94 6.42 39.71
N ALA F 161 -15.86 5.77 40.16
CA ALA F 161 -14.51 6.21 39.79
C ALA F 161 -14.29 6.12 38.29
N ALA F 162 -14.78 5.04 37.67
CA ALA F 162 -14.61 4.87 36.23
C ALA F 162 -15.34 5.96 35.46
N LYS F 163 -16.53 6.35 35.92
CA LYS F 163 -17.28 7.40 35.23
C LYS F 163 -16.57 8.74 35.31
N GLN F 164 -15.74 8.95 36.33
CA GLN F 164 -15.01 10.21 36.46
C GLN F 164 -13.84 10.31 35.50
N ARG F 165 -13.38 9.20 34.95
CA ARG F 165 -12.17 9.19 34.12
C ARG F 165 -12.36 8.60 32.73
N ASP F 166 -13.46 7.89 32.47
CA ASP F 166 -13.72 7.29 31.16
C ASP F 166 -14.92 8.00 30.54
N SER F 167 -14.68 8.69 29.43
CA SER F 167 -15.75 9.44 28.77
C SER F 167 -16.80 8.54 28.14
N ALA F 168 -16.46 7.28 27.85
CA ALA F 168 -17.40 6.34 27.27
C ALA F 168 -18.36 5.74 28.30
N SER F 169 -18.18 6.05 29.58
CA SER F 169 -19.03 5.53 30.64
C SER F 169 -19.81 6.67 31.29
N GLY F 170 -21.02 6.34 31.75
CA GLY F 170 -21.85 7.32 32.42
C GLY F 170 -23.25 6.77 32.66
N GLY F 171 -24.06 7.61 33.28
CA GLY F 171 -25.44 7.26 33.57
C GLY F 171 -25.62 6.56 34.89
N MET F 172 -26.88 6.16 35.12
CA MET F 172 -27.24 5.47 36.34
C MET F 172 -26.60 4.09 36.42
N ILE F 173 -26.29 3.65 37.64
CA ILE F 173 -25.66 2.36 37.89
C ILE F 173 -26.73 1.34 38.20
N ASP F 174 -26.70 0.21 37.50
CA ASP F 174 -27.60 -0.91 37.75
C ASP F 174 -26.84 -2.02 38.48
N VAL F 175 -27.43 -2.53 39.55
CA VAL F 175 -26.78 -3.53 40.40
C VAL F 175 -27.73 -4.71 40.60
N ALA F 176 -27.20 -5.92 40.48
CA ALA F 176 -27.95 -7.14 40.72
C ALA F 176 -27.20 -8.00 41.73
N VAL F 177 -27.94 -8.65 42.62
CA VAL F 177 -27.40 -9.55 43.63
C VAL F 177 -28.02 -10.92 43.43
N ILE F 178 -27.17 -11.95 43.37
CA ILE F 178 -27.61 -13.32 43.13
C ILE F 178 -27.25 -14.16 44.35
N THR F 179 -28.25 -14.77 44.97
CA THR F 179 -28.05 -15.69 46.08
C THR F 179 -28.95 -16.91 45.89
N ARG F 180 -28.57 -18.00 46.53
CA ARG F 180 -29.41 -19.20 46.51
C ARG F 180 -30.74 -18.96 47.20
N LYS F 181 -30.72 -18.22 48.32
CA LYS F 181 -31.95 -18.03 49.10
C LYS F 181 -32.94 -17.13 48.36
N ASP F 182 -32.47 -16.06 47.71
CA ASP F 182 -33.35 -15.07 47.12
C ASP F 182 -33.33 -15.06 45.59
N GLY F 183 -32.42 -15.80 44.96
CA GLY F 183 -32.38 -15.82 43.51
C GLY F 183 -31.78 -14.54 42.94
N TYR F 184 -32.11 -14.26 41.69
CA TYR F 184 -31.63 -13.08 40.98
C TYR F 184 -32.50 -11.89 41.38
N VAL F 185 -31.90 -10.91 42.06
CA VAL F 185 -32.60 -9.73 42.54
C VAL F 185 -31.88 -8.50 42.00
N GLN F 186 -32.59 -7.70 41.21
CA GLN F 186 -32.06 -6.43 40.75
C GLN F 186 -32.44 -5.34 41.74
N LEU F 187 -31.45 -4.62 42.25
CA LEU F 187 -31.72 -3.61 43.27
C LEU F 187 -32.51 -2.45 42.67
N PRO F 188 -33.46 -1.89 43.42
CA PRO F 188 -34.24 -0.76 42.91
C PRO F 188 -33.37 0.48 42.74
N THR F 189 -33.80 1.35 41.82
CA THR F 189 -33.03 2.55 41.52
C THR F 189 -32.93 3.48 42.72
N ASP F 190 -34.01 3.61 43.49
CA ASP F 190 -33.99 4.48 44.66
C ASP F 190 -32.99 4.00 45.70
N GLN F 191 -32.87 2.68 45.88
CA GLN F 191 -31.89 2.15 46.81
C GLN F 191 -30.46 2.47 46.37
N ILE F 192 -30.21 2.40 45.05
CA ILE F 192 -28.90 2.76 44.54
C ILE F 192 -28.61 4.23 44.79
N GLU F 193 -29.60 5.09 44.56
CA GLU F 193 -29.42 6.52 44.80
C GLU F 193 -29.14 6.81 46.27
N SER F 194 -29.82 6.08 47.17
CA SER F 194 -29.59 6.27 48.60
C SER F 194 -28.16 5.90 48.98
N ARG F 195 -27.64 4.80 48.42
CA ARG F 195 -26.26 4.42 48.70
C ARG F 195 -25.27 5.43 48.14
N ILE F 196 -25.56 5.99 46.97
CA ILE F 196 -24.68 7.00 46.38
C ILE F 196 -24.62 8.23 47.28
N ARG F 197 -25.77 8.68 47.78
CA ARG F 197 -25.78 9.84 48.67
C ARG F 197 -25.05 9.54 49.98
N LYS F 198 -25.23 8.33 50.53
CA LYS F 198 -24.54 7.97 51.76
C LYS F 198 -23.03 7.87 51.57
N LEU F 199 -22.56 7.44 50.40
CA LEU F 199 -21.13 7.34 50.13
C LEU F 199 -20.50 8.67 49.76
N GLY F 200 -21.29 9.72 49.59
CA GLY F 200 -20.78 11.05 49.22
C GLY F 200 -20.27 11.11 47.80
N LEU F 201 -20.96 10.44 46.87
CA LEU F 201 -20.51 10.37 45.46
C LEU F 201 -21.40 11.30 44.64
N ILE F 202 -22.05 12.25 45.30
CA ILE F 202 -22.91 13.26 44.60
C ILE F 202 -23.31 14.33 45.63
N THR G 1 -29.88 14.60 5.54
CA THR G 1 -31.04 13.92 6.08
C THR G 1 -31.21 14.23 7.57
N THR G 2 -32.45 14.51 7.97
CA THR G 2 -32.76 14.79 9.37
C THR G 2 -34.08 14.11 9.71
N THR G 3 -34.05 13.18 10.65
CA THR G 3 -35.25 12.51 11.15
C THR G 3 -35.28 12.63 12.66
N VAL G 4 -36.49 12.64 13.22
CA VAL G 4 -36.66 12.78 14.67
C VAL G 4 -37.93 12.06 15.09
N GLY G 5 -37.88 11.46 16.28
CA GLY G 5 -39.04 10.85 16.89
C GLY G 5 -39.07 11.06 18.39
N ILE G 6 -40.21 11.47 18.93
CA ILE G 6 -40.34 11.77 20.35
C ILE G 6 -41.55 11.03 20.91
N THR G 7 -41.53 10.81 22.22
CA THR G 7 -42.64 10.19 22.93
C THR G 7 -43.27 11.19 23.88
N LEU G 8 -44.59 11.10 24.03
CA LEU G 8 -45.36 11.89 24.97
C LEU G 8 -46.17 10.95 25.85
N LYS G 9 -47.09 11.53 26.63
CA LYS G 9 -47.89 10.74 27.56
C LYS G 9 -48.66 9.64 26.85
N ASP G 10 -49.35 9.98 25.76
CA ASP G 10 -50.15 9.01 25.01
C ASP G 10 -49.99 9.19 23.51
N ALA G 11 -48.82 9.62 23.05
CA ALA G 11 -48.64 9.89 21.63
C ALA G 11 -47.18 9.70 21.24
N VAL G 12 -46.97 9.47 19.95
CA VAL G 12 -45.65 9.42 19.34
C VAL G 12 -45.65 10.36 18.14
N ILE G 13 -44.64 11.21 18.05
CA ILE G 13 -44.50 12.18 16.96
C ILE G 13 -43.20 11.90 16.22
N MET G 14 -43.30 11.73 14.91
CA MET G 14 -42.15 11.51 14.05
C MET G 14 -42.16 12.52 12.91
N ALA G 15 -40.97 12.97 12.52
CA ALA G 15 -40.87 14.00 11.49
C ALA G 15 -39.54 13.89 10.75
N THR G 16 -39.57 14.24 9.47
CA THR G 16 -38.38 14.21 8.61
C THR G 16 -38.43 15.41 7.68
N GLU G 17 -37.30 15.64 6.99
CA GLU G 17 -37.26 16.55 5.85
C GLU G 17 -37.24 15.72 4.56
N ARG G 18 -37.06 16.38 3.42
CA ARG G 18 -37.26 15.72 2.13
C ARG G 18 -36.08 15.78 1.18
N ARG G 19 -34.94 16.34 1.53
CA ARG G 19 -33.84 16.51 0.52
C ARG G 19 -33.09 15.19 0.23
N VAL G 20 -32.91 14.87 -1.04
CA VAL G 20 -32.12 13.65 -1.41
C VAL G 20 -30.90 14.06 -2.23
N THR G 21 -29.72 13.68 -1.78
CA THR G 21 -28.44 14.05 -2.44
C THR G 21 -27.94 12.84 -3.24
N MET G 22 -28.26 12.75 -4.53
CA MET G 22 -27.84 11.63 -5.44
C MET G 22 -26.79 12.18 -6.43
N GLU G 23 -25.60 11.58 -6.55
CA GLU G 23 -24.46 12.01 -7.44
C GLU G 23 -23.83 13.33 -6.96
N ASN G 24 -23.81 13.58 -5.65
CA ASN G 24 -23.11 14.76 -5.08
C ASN G 24 -23.75 16.11 -5.42
N PHE G 25 -25.05 16.16 -5.66
CA PHE G 25 -25.76 17.45 -5.84
C PHE G 25 -27.18 17.23 -5.31
N ILE G 26 -28.00 18.25 -5.27
CA ILE G 26 -29.38 18.10 -4.83
C ILE G 26 -30.25 17.71 -6.02
N MET G 27 -30.42 16.41 -6.24
CA MET G 27 -31.19 15.95 -7.38
C MET G 27 -32.69 15.90 -7.12
N HIS G 28 -33.10 15.65 -5.87
CA HIS G 28 -34.51 15.53 -5.54
C HIS G 28 -34.81 16.38 -4.31
N LYS G 29 -35.87 17.18 -4.39
CA LYS G 29 -36.27 18.06 -3.29
C LYS G 29 -37.44 17.53 -2.48
N ASN G 30 -38.11 16.47 -2.95
CA ASN G 30 -39.33 15.97 -2.32
C ASN G 30 -39.27 14.47 -2.14
N GLY G 31 -38.16 13.97 -1.62
CA GLY G 31 -38.07 12.57 -1.28
C GLY G 31 -38.93 12.20 -0.10
N LYS G 32 -39.20 10.90 0.04
CA LYS G 32 -40.05 10.38 1.10
C LYS G 32 -39.18 9.59 2.08
N LYS G 33 -39.21 9.98 3.35
CA LYS G 33 -38.41 9.34 4.38
C LYS G 33 -39.21 8.88 5.58
N LEU G 34 -40.52 9.15 5.62
CA LEU G 34 -41.38 8.75 6.71
C LEU G 34 -42.47 7.84 6.17
N PHE G 35 -42.61 6.66 6.76
CA PHE G 35 -43.51 5.64 6.26
C PHE G 35 -44.35 5.06 7.38
N GLN G 36 -45.60 4.72 7.05
CA GLN G 36 -46.46 3.95 7.94
C GLN G 36 -46.31 2.47 7.60
N ILE G 37 -45.88 1.67 8.58
CA ILE G 37 -45.64 0.25 8.35
C ILE G 37 -46.66 -0.63 9.07
N ASP G 38 -47.52 -0.08 9.90
CA ASP G 38 -48.57 -0.84 10.56
C ASP G 38 -49.66 0.12 10.99
N THR G 39 -50.69 -0.42 11.63
CA THR G 39 -51.83 0.41 12.04
C THR G 39 -51.40 1.50 13.01
N TYR G 40 -50.52 1.17 13.95
CA TYR G 40 -50.03 2.13 14.93
C TYR G 40 -48.51 2.19 14.96
N THR G 41 -47.86 2.06 13.81
CA THR G 41 -46.39 2.02 13.77
C THR G 41 -45.89 2.81 12.58
N GLY G 42 -44.81 3.59 12.80
CA GLY G 42 -44.16 4.31 11.74
C GLY G 42 -42.66 4.10 11.80
N MET G 43 -42.00 4.48 10.70
CA MET G 43 -40.56 4.30 10.58
C MET G 43 -39.96 5.40 9.72
N THR G 44 -38.78 5.87 10.12
CA THR G 44 -38.00 6.82 9.35
C THR G 44 -36.70 6.17 8.89
N ILE G 45 -36.16 6.66 7.78
CA ILE G 45 -35.00 6.06 7.15
C ILE G 45 -33.94 7.13 6.90
N ALA G 46 -32.67 6.75 7.08
CA ALA G 46 -31.54 7.59 6.76
C ALA G 46 -30.40 6.72 6.27
N GLY G 47 -29.66 7.21 5.27
CA GLY G 47 -28.55 6.47 4.69
C GLY G 47 -28.79 6.20 3.22
N LEU G 48 -28.35 5.02 2.78
CA LEU G 48 -28.46 4.64 1.37
C LEU G 48 -29.92 4.45 1.02
N VAL G 49 -30.37 5.14 -0.05
CA VAL G 49 -31.78 5.12 -0.42
C VAL G 49 -32.22 3.72 -0.83
N GLY G 50 -31.39 3.04 -1.63
CA GLY G 50 -31.78 1.72 -2.10
C GLY G 50 -31.97 0.72 -0.97
N ASP G 51 -31.02 0.69 -0.03
CA ASP G 51 -31.14 -0.23 1.10
C ASP G 51 -32.35 0.11 1.95
N ALA G 52 -32.59 1.40 2.20
CA ALA G 52 -33.70 1.81 3.05
C ALA G 52 -35.04 1.45 2.44
N GLN G 53 -35.21 1.66 1.13
CA GLN G 53 -36.49 1.37 0.50
C GLN G 53 -36.80 -0.12 0.50
N VAL G 54 -35.77 -0.96 0.33
CA VAL G 54 -35.99 -2.40 0.40
C VAL G 54 -36.45 -2.82 1.78
N LEU G 55 -35.84 -2.24 2.83
CA LEU G 55 -36.21 -2.59 4.19
C LEU G 55 -37.64 -2.17 4.51
N VAL G 56 -38.07 -1.02 3.99
CA VAL G 56 -39.44 -0.57 4.21
C VAL G 56 -40.43 -1.56 3.63
N ARG G 57 -40.17 -2.05 2.41
CA ARG G 57 -41.05 -3.03 1.80
C ARG G 57 -41.06 -4.33 2.59
N TYR G 58 -39.90 -4.76 3.08
CA TYR G 58 -39.84 -5.98 3.89
C TYR G 58 -40.66 -5.84 5.16
N MET G 59 -40.54 -4.71 5.85
CA MET G 59 -41.25 -4.52 7.12
C MET G 59 -42.75 -4.47 6.92
N LYS G 60 -43.21 -3.83 5.84
CA LYS G 60 -44.64 -3.79 5.55
C LYS G 60 -45.18 -5.19 5.32
N ALA G 61 -44.44 -6.02 4.59
CA ALA G 61 -44.89 -7.39 4.32
C ALA G 61 -44.90 -8.22 5.60
N GLU G 62 -43.83 -8.12 6.39
CA GLU G 62 -43.74 -8.93 7.62
C GLU G 62 -44.83 -8.55 8.61
N LEU G 63 -45.07 -7.25 8.79
CA LEU G 63 -46.04 -6.81 9.78
C LEU G 63 -47.47 -7.13 9.34
N GLU G 64 -47.76 -7.01 8.04
CA GLU G 64 -49.10 -7.35 7.56
C GLU G 64 -49.37 -8.84 7.68
N LEU G 65 -48.39 -9.67 7.34
CA LEU G 65 -48.54 -11.11 7.50
C LEU G 65 -48.69 -11.48 8.97
N TYR G 66 -47.92 -10.81 9.84
CA TYR G 66 -48.02 -11.05 11.28
C TYR G 66 -49.42 -10.73 11.78
N ARG G 67 -49.99 -9.62 11.33
CA ARG G 67 -51.33 -9.22 11.77
C ARG G 67 -52.39 -10.21 11.31
N LEU G 68 -52.26 -10.72 10.09
CA LEU G 68 -53.26 -11.65 9.56
C LEU G 68 -53.19 -13.01 10.25
N GLN G 69 -51.99 -13.46 10.64
CA GLN G 69 -51.85 -14.79 11.22
C GLN G 69 -52.21 -14.80 12.70
N ARG G 70 -51.68 -13.85 13.47
CA ARG G 70 -51.87 -13.83 14.92
C ARG G 70 -53.00 -12.90 15.35
N ARG G 71 -53.71 -12.29 14.40
CA ARG G 71 -54.92 -11.50 14.61
C ARG G 71 -54.70 -10.21 15.40
N VAL G 72 -53.47 -9.89 15.78
CA VAL G 72 -53.17 -8.66 16.51
C VAL G 72 -51.94 -8.01 15.89
N ASN G 73 -51.79 -6.71 16.15
CA ASN G 73 -50.63 -5.98 15.68
C ASN G 73 -49.38 -6.40 16.45
N MET G 74 -48.25 -6.42 15.75
CA MET G 74 -46.99 -6.78 16.38
C MET G 74 -46.60 -5.71 17.39
N PRO G 75 -46.16 -6.08 18.59
CA PRO G 75 -45.70 -5.07 19.55
C PRO G 75 -44.48 -4.32 19.02
N ILE G 76 -44.35 -3.06 19.47
CA ILE G 76 -43.31 -2.18 18.93
C ILE G 76 -41.93 -2.75 19.21
N GLU G 77 -41.70 -3.26 20.43
CA GLU G 77 -40.40 -3.84 20.74
C GLU G 77 -40.14 -5.08 19.90
N ALA G 78 -41.19 -5.84 19.56
CA ALA G 78 -41.02 -6.99 18.68
C ALA G 78 -40.65 -6.54 17.28
N VAL G 79 -41.18 -5.41 16.82
CA VAL G 79 -40.79 -4.87 15.52
C VAL G 79 -39.31 -4.53 15.51
N ALA G 80 -38.84 -3.88 16.58
CA ALA G 80 -37.42 -3.52 16.66
C ALA G 80 -36.53 -4.76 16.73
N THR G 81 -36.97 -5.79 17.47
CA THR G 81 -36.19 -7.01 17.57
C THR G 81 -36.08 -7.72 16.22
N LEU G 82 -37.18 -7.75 15.46
CA LEU G 82 -37.14 -8.36 14.13
C LEU G 82 -36.16 -7.63 13.22
N LEU G 83 -36.19 -6.30 13.24
CA LEU G 83 -35.23 -5.52 12.46
C LEU G 83 -33.81 -5.75 12.96
N SER G 84 -33.63 -5.88 14.27
CA SER G 84 -32.31 -6.11 14.84
C SER G 84 -31.70 -7.42 14.31
N ASN G 85 -32.50 -8.48 14.27
CA ASN G 85 -32.01 -9.75 13.76
C ASN G 85 -31.67 -9.66 12.28
N MET G 86 -32.53 -9.01 11.49
CA MET G 86 -32.30 -8.93 10.05
C MET G 86 -31.00 -8.20 9.72
N LEU G 87 -30.73 -7.09 10.41
CA LEU G 87 -29.53 -6.32 10.11
C LEU G 87 -28.27 -7.03 10.61
N ASN G 88 -28.35 -7.67 11.77
CA ASN G 88 -27.16 -8.32 12.34
C ASN G 88 -26.75 -9.56 11.54
N GLN G 89 -27.71 -10.24 10.92
N GLN G 89 -27.71 -10.24 10.92
CA GLN G 89 -27.41 -11.44 10.16
CA GLN G 89 -27.41 -11.44 10.16
C GLN G 89 -26.53 -11.16 8.94
C GLN G 89 -26.53 -11.16 8.94
N VAL G 90 -26.50 -9.92 8.47
CA VAL G 90 -25.66 -9.53 7.34
C VAL G 90 -24.68 -8.43 7.72
N LYS G 91 -24.22 -8.41 8.97
CA LYS G 91 -23.42 -7.31 9.49
C LYS G 91 -22.16 -7.04 8.69
N TYR G 92 -21.58 -8.09 8.09
CA TYR G 92 -20.38 -7.91 7.28
C TYR G 92 -20.67 -7.53 5.84
N MET G 93 -21.92 -7.64 5.40
CA MET G 93 -22.37 -7.07 4.13
C MET G 93 -23.64 -6.28 4.39
N PRO G 94 -23.57 -5.22 5.18
CA PRO G 94 -24.74 -4.69 5.86
C PRO G 94 -25.54 -3.70 5.02
N TYR G 95 -26.76 -3.44 5.48
CA TYR G 95 -27.55 -2.31 5.02
C TYR G 95 -26.97 -1.05 5.65
N MET G 96 -26.61 -0.08 4.81
CA MET G 96 -25.99 1.16 5.29
C MET G 96 -27.08 2.18 5.62
N VAL G 97 -27.81 1.89 6.70
CA VAL G 97 -28.99 2.67 7.07
C VAL G 97 -28.98 2.98 8.55
N GLN G 98 -29.72 4.03 8.92
CA GLN G 98 -30.06 4.34 10.29
C GLN G 98 -31.58 4.44 10.39
N LEU G 99 -32.15 3.75 11.38
CA LEU G 99 -33.60 3.57 11.43
C LEU G 99 -34.15 4.02 12.77
N LEU G 100 -35.36 4.59 12.73
CA LEU G 100 -36.16 4.89 13.91
C LEU G 100 -37.52 4.23 13.76
N VAL G 101 -37.96 3.55 14.81
CA VAL G 101 -39.26 2.89 14.83
C VAL G 101 -40.03 3.41 16.03
N GLY G 102 -41.27 3.87 15.80
CA GLY G 102 -42.10 4.37 16.87
C GLY G 102 -43.55 3.96 16.68
N GLY G 103 -44.24 3.79 17.80
CA GLY G 103 -45.63 3.41 17.73
C GLY G 103 -46.23 3.20 19.11
N ILE G 104 -47.49 2.77 19.11
CA ILE G 104 -48.26 2.53 20.32
C ILE G 104 -48.75 1.09 20.31
N ASP G 105 -48.43 0.33 21.35
CA ASP G 105 -49.08 -0.95 21.59
C ASP G 105 -49.89 -0.91 22.88
N THR G 106 -49.26 -0.63 24.01
CA THR G 106 -49.94 -0.24 25.24
C THR G 106 -49.42 1.06 25.80
N ALA G 107 -48.29 1.54 25.31
CA ALA G 107 -47.67 2.78 25.73
C ALA G 107 -46.78 3.27 24.59
N PRO G 108 -46.47 4.56 24.55
CA PRO G 108 -45.59 5.06 23.48
C PRO G 108 -44.20 4.47 23.57
N HIS G 109 -43.61 4.22 22.40
CA HIS G 109 -42.26 3.69 22.29
C HIS G 109 -41.58 4.28 21.07
N VAL G 110 -40.27 4.53 21.21
CA VAL G 110 -39.41 4.92 20.11
C VAL G 110 -38.12 4.13 20.21
N PHE G 111 -37.72 3.49 19.11
CA PHE G 111 -36.51 2.67 19.07
C PHE G 111 -35.56 3.18 18.01
N SER G 112 -34.28 3.17 18.33
CA SER G 112 -33.21 3.53 17.40
C SER G 112 -32.42 2.28 17.05
N ILE G 113 -32.26 2.02 15.75
CA ILE G 113 -31.59 0.82 15.27
C ILE G 113 -30.49 1.23 14.32
N ASP G 114 -29.28 0.69 14.54
CA ASP G 114 -28.13 1.00 13.71
C ASP G 114 -27.92 -0.11 12.68
N ALA G 115 -26.89 0.08 11.84
CA ALA G 115 -26.64 -0.85 10.74
C ALA G 115 -26.21 -2.23 11.22
N ALA G 116 -25.67 -2.35 12.43
CA ALA G 116 -25.21 -3.63 12.94
C ALA G 116 -26.29 -4.37 13.73
N GLY G 117 -27.50 -3.82 13.82
CA GLY G 117 -28.58 -4.47 14.51
C GLY G 117 -28.74 -4.10 15.97
N GLY G 118 -28.03 -3.09 16.45
CA GLY G 118 -28.20 -2.65 17.82
C GLY G 118 -29.46 -1.81 17.95
N SER G 119 -30.32 -2.17 18.91
CA SER G 119 -31.59 -1.50 19.11
C SER G 119 -31.68 -1.01 20.55
N VAL G 120 -31.95 0.30 20.70
CA VAL G 120 -32.04 0.93 22.01
C VAL G 120 -33.31 1.76 22.06
N GLU G 121 -34.11 1.56 23.10
CA GLU G 121 -35.30 2.38 23.33
C GLU G 121 -34.93 3.67 24.04
N ASP G 122 -35.59 4.76 23.66
CA ASP G 122 -35.30 6.06 24.24
C ASP G 122 -36.55 6.91 24.20
N ILE G 123 -36.57 7.96 25.04
CA ILE G 123 -37.70 8.88 25.05
C ILE G 123 -37.75 9.69 23.77
N TYR G 124 -36.60 10.05 23.21
CA TYR G 124 -36.54 10.70 21.90
C TYR G 124 -35.22 10.33 21.24
N ALA G 125 -35.20 10.44 19.91
CA ALA G 125 -34.01 10.10 19.15
C ALA G 125 -34.04 10.84 17.82
N SER G 126 -32.86 10.96 17.20
CA SER G 126 -32.72 11.64 15.92
C SER G 126 -31.61 10.96 15.13
N THR G 127 -31.82 10.86 13.81
CA THR G 127 -30.84 10.23 12.92
C THR G 127 -30.56 11.15 11.75
N GLY G 128 -29.46 10.87 11.06
CA GLY G 128 -29.04 11.63 9.91
C GLY G 128 -27.94 12.62 10.24
N SER G 129 -27.44 13.27 9.19
CA SER G 129 -26.36 14.25 9.34
C SER G 129 -26.78 15.46 10.15
N GLY G 130 -28.06 15.79 10.16
CA GLY G 130 -28.58 16.90 10.93
C GLY G 130 -28.97 16.56 12.36
N SER G 131 -28.78 15.32 12.78
CA SER G 131 -29.20 14.92 14.12
C SER G 131 -28.54 15.70 15.25
N PRO G 132 -27.22 15.99 15.25
CA PRO G 132 -26.65 16.72 16.40
C PRO G 132 -27.28 18.07 16.64
N PHE G 133 -27.70 18.77 15.58
CA PHE G 133 -28.40 20.05 15.77
C PHE G 133 -29.77 19.82 16.41
N VAL G 134 -30.44 18.73 16.06
CA VAL G 134 -31.73 18.41 16.67
C VAL G 134 -31.56 18.11 18.15
N TYR G 135 -30.52 17.35 18.51
CA TYR G 135 -30.30 17.00 19.91
C TYR G 135 -30.06 18.23 20.77
N GLY G 136 -29.41 19.26 20.20
CA GLY G 136 -29.24 20.49 20.94
C GLY G 136 -30.55 21.16 21.27
N VAL G 137 -31.47 21.19 20.32
CA VAL G 137 -32.79 21.77 20.55
C VAL G 137 -33.58 20.94 21.55
N LEU G 138 -33.54 19.62 21.40
CA LEU G 138 -34.32 18.75 22.29
C LEU G 138 -33.78 18.78 23.72
N GLU G 139 -32.45 18.83 23.87
CA GLU G 139 -31.88 18.86 25.22
C GLU G 139 -32.33 20.09 26.00
N SER G 140 -32.48 21.22 25.32
CA SER G 140 -32.79 22.47 26.02
C SER G 140 -34.29 22.73 26.13
N GLN G 141 -35.11 22.09 25.30
CA GLN G 141 -36.53 22.46 25.22
C GLN G 141 -37.51 21.31 25.41
N TYR G 142 -37.11 20.06 25.27
CA TYR G 142 -38.05 18.96 25.39
C TYR G 142 -38.54 18.83 26.83
N SER G 143 -39.84 18.55 26.97
CA SER G 143 -40.45 18.29 28.27
C SER G 143 -41.40 17.12 28.14
N GLU G 144 -41.39 16.23 29.15
CA GLU G 144 -42.27 15.07 29.14
C GLU G 144 -43.73 15.43 29.39
N LYS G 145 -44.00 16.64 29.86
CA LYS G 145 -45.36 17.09 30.13
C LYS G 145 -45.98 17.83 28.94
N MET G 146 -45.28 17.90 27.81
CA MET G 146 -45.78 18.64 26.66
C MET G 146 -47.05 18.00 26.10
N THR G 147 -47.92 18.85 25.57
CA THR G 147 -49.08 18.39 24.83
C THR G 147 -48.69 18.00 23.41
N VAL G 148 -49.66 17.41 22.68
CA VAL G 148 -49.40 17.02 21.30
C VAL G 148 -49.09 18.23 20.44
N ASP G 149 -49.87 19.31 20.61
CA ASP G 149 -49.62 20.53 19.85
C ASP G 149 -48.25 21.12 20.14
N GLU G 150 -47.86 21.13 21.42
CA GLU G 150 -46.54 21.62 21.77
C GLU G 150 -45.44 20.72 21.22
N GLY G 151 -45.69 19.40 21.21
CA GLY G 151 -44.71 18.49 20.65
C GLY G 151 -44.51 18.66 19.16
N VAL G 152 -45.59 18.94 18.43
CA VAL G 152 -45.48 19.17 17.00
C VAL G 152 -44.64 20.42 16.71
N ASP G 153 -44.88 21.48 17.49
CA ASP G 153 -44.07 22.69 17.33
C ASP G 153 -42.61 22.43 17.66
N LEU G 154 -42.35 21.55 18.63
CA LEU G 154 -40.98 21.27 19.03
C LEU G 154 -40.19 20.60 17.91
N VAL G 155 -40.78 19.60 17.26
CA VAL G 155 -40.06 18.88 16.21
C VAL G 155 -39.87 19.77 14.99
N ILE G 156 -40.84 20.66 14.72
CA ILE G 156 -40.70 21.58 13.59
C ILE G 156 -39.53 22.54 13.82
N ARG G 157 -39.42 23.08 15.04
CA ARG G 157 -38.31 23.97 15.35
C ARG G 157 -36.97 23.24 15.27
N ALA G 158 -36.93 22.00 15.77
CA ALA G 158 -35.68 21.24 15.77
C ALA G 158 -35.20 20.96 14.35
N ILE G 159 -36.11 20.53 13.48
CA ILE G 159 -35.74 20.26 12.09
C ILE G 159 -35.39 21.55 11.36
N SER G 160 -36.10 22.64 11.65
CA SER G 160 -35.79 23.91 11.01
C SER G 160 -34.37 24.37 11.37
N ALA G 161 -33.96 24.18 12.62
CA ALA G 161 -32.60 24.51 13.01
C ALA G 161 -31.58 23.67 12.25
N ALA G 162 -31.88 22.37 12.09
CA ALA G 162 -30.96 21.49 11.36
C ALA G 162 -30.81 21.92 9.90
N LYS G 163 -31.91 22.36 9.27
CA LYS G 163 -31.83 22.79 7.89
C LYS G 163 -30.98 24.05 7.72
N GLN G 164 -30.87 24.86 8.78
CA GLN G 164 -30.06 26.07 8.71
C GLN G 164 -28.56 25.79 8.78
N ARG G 165 -28.17 24.60 9.25
CA ARG G 165 -26.76 24.30 9.48
C ARG G 165 -26.25 23.05 8.78
N ASP G 166 -27.14 22.19 8.27
CA ASP G 166 -26.75 20.97 7.58
C ASP G 166 -27.15 21.10 6.12
N SER G 167 -26.15 21.12 5.23
CA SER G 167 -26.41 21.28 3.80
C SER G 167 -27.08 20.07 3.20
N ALA G 168 -26.98 18.90 3.82
CA ALA G 168 -27.61 17.70 3.32
C ALA G 168 -29.10 17.63 3.66
N SER G 169 -29.63 18.58 4.43
CA SER G 169 -31.03 18.60 4.81
C SER G 169 -31.73 19.81 4.20
N GLY G 170 -33.01 19.64 3.90
CA GLY G 170 -33.79 20.71 3.34
C GLY G 170 -35.14 20.23 2.89
N GLY G 171 -35.93 21.17 2.38
CA GLY G 171 -37.25 20.86 1.86
C GLY G 171 -38.34 20.94 2.91
N MET G 172 -39.54 20.58 2.48
CA MET G 172 -40.71 20.61 3.35
C MET G 172 -40.60 19.56 4.45
N ILE G 173 -41.17 19.87 5.61
CA ILE G 173 -41.14 18.99 6.77
C ILE G 173 -42.43 18.17 6.79
N ASP G 174 -42.29 16.85 6.92
CA ASP G 174 -43.41 15.93 7.05
C ASP G 174 -43.51 15.48 8.50
N VAL G 175 -44.73 15.53 9.06
CA VAL G 175 -44.96 15.22 10.46
C VAL G 175 -46.10 14.22 10.56
N ALA G 176 -45.93 13.19 11.39
CA ALA G 176 -46.96 12.21 11.66
C ALA G 176 -47.17 12.10 13.18
N VAL G 177 -48.44 11.94 13.57
CA VAL G 177 -48.81 11.78 14.97
C VAL G 177 -49.53 10.45 15.12
N ILE G 178 -49.10 9.65 16.09
CA ILE G 178 -49.64 8.32 16.33
C ILE G 178 -50.27 8.30 17.71
N THR G 179 -51.57 7.98 17.77
CA THR G 179 -52.28 7.83 19.03
C THR G 179 -53.18 6.60 18.93
N ARG G 180 -53.53 6.06 20.10
CA ARG G 180 -54.47 4.94 20.13
C ARG G 180 -55.85 5.36 19.63
N LYS G 181 -56.29 6.56 19.99
CA LYS G 181 -57.64 6.99 19.62
C LYS G 181 -57.76 7.25 18.12
N ASP G 182 -56.76 7.86 17.51
CA ASP G 182 -56.85 8.28 16.11
C ASP G 182 -55.95 7.49 15.17
N GLY G 183 -55.08 6.63 15.69
CA GLY G 183 -54.21 5.87 14.81
C GLY G 183 -53.09 6.71 14.21
N TYR G 184 -52.56 6.24 13.09
CA TYR G 184 -51.48 6.93 12.38
C TYR G 184 -52.09 8.03 11.53
N VAL G 185 -51.76 9.28 11.85
CA VAL G 185 -52.29 10.45 11.16
C VAL G 185 -51.11 11.30 10.69
N GLN G 186 -51.00 11.46 9.37
CA GLN G 186 -50.00 12.36 8.80
C GLN G 186 -50.60 13.75 8.66
N LEU G 187 -49.94 14.74 9.26
CA LEU G 187 -50.47 16.10 9.25
C LEU G 187 -50.46 16.66 7.83
N PRO G 188 -51.48 17.41 7.45
CA PRO G 188 -51.50 18.01 6.11
C PRO G 188 -50.42 19.07 5.95
N THR G 189 -50.01 19.27 4.69
CA THR G 189 -48.93 20.21 4.41
C THR G 189 -49.30 21.63 4.79
N ASP G 190 -50.56 22.02 4.54
CA ASP G 190 -50.99 23.39 4.86
C ASP G 190 -50.93 23.64 6.36
N GLN G 191 -51.27 22.64 7.17
CA GLN G 191 -51.18 22.79 8.62
C GLN G 191 -49.74 22.99 9.06
N ILE G 192 -48.79 22.27 8.44
CA ILE G 192 -47.39 22.45 8.75
C ILE G 192 -46.93 23.86 8.39
N GLU G 193 -47.35 24.34 7.22
CA GLU G 193 -46.99 25.70 6.80
C GLU G 193 -47.55 26.74 7.76
N SER G 194 -48.78 26.53 8.24
CA SER G 194 -49.38 27.46 9.20
C SER G 194 -48.57 27.52 10.49
N ARG G 195 -48.12 26.36 10.98
CA ARG G 195 -47.31 26.34 12.20
C ARG G 195 -45.96 27.02 11.97
N ILE G 196 -45.37 26.83 10.79
CA ILE G 196 -44.10 27.47 10.49
C ILE G 196 -44.24 29.00 10.51
N ARG G 197 -45.32 29.50 9.90
CA ARG G 197 -45.55 30.94 9.89
C ARG G 197 -45.81 31.47 11.30
N LYS G 198 -46.56 30.72 12.11
CA LYS G 198 -46.83 31.14 13.48
C LYS G 198 -45.57 31.14 14.34
N LEU G 199 -44.64 30.22 14.10
CA LEU G 199 -43.40 30.15 14.86
C LEU G 199 -42.36 31.15 14.39
N GLY G 200 -42.62 31.86 13.30
CA GLY G 200 -41.67 32.84 12.75
C GLY G 200 -40.44 32.19 12.14
N LEU G 201 -40.61 31.05 11.46
CA LEU G 201 -39.46 30.31 10.88
C LEU G 201 -39.45 30.55 9.38
N ILE G 202 -40.10 31.63 8.94
CA ILE G 202 -40.11 32.01 7.49
C ILE G 202 -40.74 33.40 7.38
N THR H 1 -22.75 11.77 -21.92
CA THR H 1 -24.14 11.35 -21.99
C THR H 1 -25.04 12.37 -21.31
N THR H 2 -26.17 12.68 -21.94
CA THR H 2 -27.15 13.61 -21.39
C THR H 2 -28.54 13.07 -21.68
N THR H 3 -29.29 12.78 -20.62
CA THR H 3 -30.68 12.35 -20.73
C THR H 3 -31.55 13.24 -19.85
N VAL H 4 -32.81 13.41 -20.26
CA VAL H 4 -33.73 14.26 -19.53
C VAL H 4 -35.15 13.73 -19.70
N GLY H 5 -35.94 13.86 -18.65
CA GLY H 5 -37.35 13.53 -18.69
C GLY H 5 -38.18 14.49 -17.86
N ILE H 6 -39.27 15.00 -18.42
CA ILE H 6 -40.11 15.98 -17.74
C ILE H 6 -41.56 15.52 -17.80
N THR H 7 -42.36 16.02 -16.86
CA THR H 7 -43.79 15.74 -16.79
C THR H 7 -44.57 17.02 -17.07
N LEU H 8 -45.70 16.86 -17.75
CA LEU H 8 -46.64 17.95 -18.01
C LEU H 8 -48.02 17.52 -17.50
N LYS H 9 -49.03 18.31 -17.86
CA LYS H 9 -50.39 18.05 -17.39
C LYS H 9 -50.87 16.65 -17.79
N ASP H 10 -50.68 16.28 -19.06
CA ASP H 10 -51.13 14.99 -19.56
C ASP H 10 -50.10 14.36 -20.49
N ALA H 11 -48.82 14.62 -20.26
CA ALA H 11 -47.79 14.12 -21.17
C ALA H 11 -46.47 13.92 -20.42
N VAL H 12 -45.63 13.07 -21.00
CA VAL H 12 -44.27 12.85 -20.54
C VAL H 12 -43.34 13.02 -21.74
N ILE H 13 -42.27 13.80 -21.57
CA ILE H 13 -41.31 14.06 -22.64
C ILE H 13 -39.94 13.59 -22.17
N MET H 14 -39.30 12.75 -22.97
CA MET H 14 -37.96 12.23 -22.69
C MET H 14 -37.06 12.48 -23.90
N ALA H 15 -35.80 12.80 -23.62
CA ALA H 15 -34.87 13.13 -24.69
C ALA H 15 -33.45 12.80 -24.28
N THR H 16 -32.64 12.42 -25.27
CA THR H 16 -31.23 12.08 -25.07
C THR H 16 -30.43 12.59 -26.25
N GLU H 17 -29.11 12.56 -26.10
CA GLU H 17 -28.19 12.73 -27.21
C GLU H 17 -27.63 11.35 -27.61
N ARG H 18 -26.67 11.32 -28.53
CA ARG H 18 -26.26 10.07 -29.16
C ARG H 18 -24.77 9.74 -29.05
N ARG H 19 -23.95 10.53 -28.40
CA ARG H 19 -22.48 10.28 -28.42
C ARG H 19 -22.05 9.10 -27.52
N VAL H 20 -21.27 8.18 -28.05
CA VAL H 20 -20.75 7.05 -27.23
C VAL H 20 -19.22 7.11 -27.17
N THR H 21 -18.65 7.16 -25.99
CA THR H 21 -17.18 7.26 -25.78
C THR H 21 -16.63 5.88 -25.40
N MET H 22 -16.17 5.10 -26.36
CA MET H 22 -15.60 3.72 -26.14
C MET H 22 -14.08 3.80 -26.38
N GLU H 23 -13.24 3.35 -25.43
CA GLU H 23 -11.74 3.38 -25.49
C GLU H 23 -11.18 4.80 -25.43
N ASN H 24 -11.85 5.72 -24.72
CA ASN H 24 -11.33 7.09 -24.49
C ASN H 24 -11.31 7.98 -25.74
N PHE H 25 -12.16 7.73 -26.71
CA PHE H 25 -12.29 8.65 -27.88
C PHE H 25 -13.75 8.57 -28.32
N ILE H 26 -14.16 9.38 -29.28
CA ILE H 26 -15.53 9.32 -29.79
C ILE H 26 -15.61 8.27 -30.88
N MET H 27 -15.95 7.03 -30.51
CA MET H 27 -16.01 5.95 -31.48
C MET H 27 -17.34 5.88 -32.21
N HIS H 28 -18.45 6.27 -31.57
CA HIS H 28 -19.76 6.19 -32.17
C HIS H 28 -20.48 7.51 -31.99
N LYS H 29 -21.06 8.03 -33.08
CA LYS H 29 -21.78 9.30 -33.05
C LYS H 29 -23.29 9.14 -33.02
N ASN H 30 -23.81 7.93 -33.22
CA ASN H 30 -25.25 7.70 -33.34
C ASN H 30 -25.69 6.53 -32.48
N GLY H 31 -25.25 6.52 -31.22
CA GLY H 31 -25.72 5.51 -30.29
C GLY H 31 -27.17 5.74 -29.90
N LYS H 32 -27.78 4.69 -29.37
CA LYS H 32 -29.18 4.71 -28.97
C LYS H 32 -29.27 4.66 -27.46
N LYS H 33 -29.92 5.65 -26.86
CA LYS H 33 -30.05 5.74 -25.41
C LYS H 33 -31.49 5.89 -24.94
N LEU H 34 -32.46 6.00 -25.85
CA LEU H 34 -33.86 6.14 -25.50
C LEU H 34 -34.62 4.96 -26.08
N PHE H 35 -35.37 4.26 -25.24
CA PHE H 35 -36.03 3.03 -25.62
C PHE H 35 -37.49 3.04 -25.17
N GLN H 36 -38.35 2.43 -25.97
CA GLN H 36 -39.73 2.16 -25.58
C GLN H 36 -39.79 0.75 -25.00
N ILE H 37 -40.22 0.64 -23.74
CA ILE H 37 -40.27 -0.65 -23.05
C ILE H 37 -41.69 -1.14 -22.81
N ASP H 38 -42.70 -0.32 -23.09
CA ASP H 38 -44.09 -0.74 -22.96
C ASP H 38 -44.94 0.17 -23.82
N THR H 39 -46.25 -0.07 -23.80
CA THR H 39 -47.16 0.71 -24.63
C THR H 39 -47.11 2.19 -24.28
N TYR H 40 -47.04 2.52 -22.99
CA TYR H 40 -46.98 3.90 -22.54
C TYR H 40 -45.81 4.13 -21.60
N THR H 41 -44.67 3.49 -21.86
CA THR H 41 -43.52 3.60 -20.96
C THR H 41 -42.23 3.71 -21.77
N GLY H 42 -41.33 4.60 -21.34
CA GLY H 42 -40.03 4.72 -21.95
C GLY H 42 -38.95 4.74 -20.89
N MET H 43 -37.71 4.57 -21.35
CA MET H 43 -36.56 4.51 -20.45
C MET H 43 -35.32 5.06 -21.14
N THR H 44 -34.52 5.80 -20.39
CA THR H 44 -33.23 6.29 -20.85
C THR H 44 -32.12 5.64 -20.02
N ILE H 45 -30.94 5.54 -20.62
CA ILE H 45 -29.82 4.84 -20.01
C ILE H 45 -28.58 5.74 -20.02
N ALA H 46 -27.79 5.65 -18.95
CA ALA H 46 -26.51 6.32 -18.85
C ALA H 46 -25.57 5.45 -18.04
N GLY H 47 -24.30 5.43 -18.45
CA GLY H 47 -23.28 4.63 -17.78
C GLY H 47 -22.69 3.60 -18.72
N LEU H 48 -22.39 2.43 -18.16
CA LEU H 48 -21.77 1.35 -18.92
C LEU H 48 -22.75 0.83 -19.97
N VAL H 49 -22.32 0.80 -21.23
CA VAL H 49 -23.20 0.43 -22.33
C VAL H 49 -23.66 -1.01 -22.19
N GLY H 50 -22.73 -1.91 -21.85
CA GLY H 50 -23.09 -3.32 -21.75
C GLY H 50 -24.14 -3.60 -20.69
N ASP H 51 -23.95 -3.02 -19.50
CA ASP H 51 -24.93 -3.20 -18.42
C ASP H 51 -26.28 -2.61 -18.81
N ALA H 52 -26.27 -1.43 -19.41
CA ALA H 52 -27.53 -0.76 -19.75
C ALA H 52 -28.32 -1.53 -20.80
N GLN H 53 -27.64 -2.07 -21.81
CA GLN H 53 -28.35 -2.79 -22.87
C GLN H 53 -28.96 -4.07 -22.34
N VAL H 54 -28.28 -4.77 -21.42
CA VAL H 54 -28.84 -5.97 -20.83
C VAL H 54 -30.11 -5.63 -20.04
N LEU H 55 -30.09 -4.53 -19.28
CA LEU H 55 -31.25 -4.15 -18.49
C LEU H 55 -32.43 -3.79 -19.38
N VAL H 56 -32.18 -3.14 -20.52
CA VAL H 56 -33.27 -2.80 -21.43
C VAL H 56 -33.95 -4.06 -21.94
N ARG H 57 -33.17 -5.08 -22.31
CA ARG H 57 -33.75 -6.33 -22.77
C ARG H 57 -34.54 -7.02 -21.65
N TYR H 58 -34.03 -6.99 -20.42
CA TYR H 58 -34.76 -7.58 -19.30
C TYR H 58 -36.10 -6.89 -19.08
N MET H 59 -36.11 -5.56 -19.12
CA MET H 59 -37.34 -4.82 -18.85
C MET H 59 -38.38 -5.05 -19.93
N LYS H 60 -37.95 -5.13 -21.20
CA LYS H 60 -38.89 -5.41 -22.27
C LYS H 60 -39.54 -6.78 -22.08
N ALA H 61 -38.75 -7.78 -21.68
CA ALA H 61 -39.29 -9.12 -21.48
C ALA H 61 -40.24 -9.15 -20.28
N GLU H 62 -39.84 -8.52 -19.17
CA GLU H 62 -40.68 -8.55 -17.97
C GLU H 62 -42.00 -7.83 -18.20
N LEU H 63 -41.96 -6.67 -18.86
CA LEU H 63 -43.18 -5.89 -19.05
C LEU H 63 -44.12 -6.56 -20.04
N GLU H 64 -43.57 -7.18 -21.10
CA GLU H 64 -44.43 -7.86 -22.06
C GLU H 64 -45.07 -9.10 -21.45
N LEU H 65 -44.32 -9.86 -20.65
CA LEU H 65 -44.90 -11.00 -19.96
C LEU H 65 -45.95 -10.55 -18.95
N TYR H 66 -45.69 -9.44 -18.26
CA TYR H 66 -46.65 -8.90 -17.31
C TYR H 66 -47.95 -8.53 -18.00
N ARG H 67 -47.85 -7.89 -19.18
CA ARG H 67 -49.05 -7.48 -19.91
C ARG H 67 -49.86 -8.69 -20.38
N LEU H 68 -49.18 -9.74 -20.82
CA LEU H 68 -49.89 -10.92 -21.32
C LEU H 68 -50.58 -11.70 -20.20
N GLN H 69 -49.99 -11.73 -19.01
CA GLN H 69 -50.55 -12.52 -17.92
C GLN H 69 -51.69 -11.79 -17.22
N ARG H 70 -51.47 -10.53 -16.85
CA ARG H 70 -52.44 -9.78 -16.08
C ARG H 70 -53.33 -8.89 -16.94
N ARG H 71 -53.18 -8.95 -18.27
CA ARG H 71 -54.06 -8.31 -19.26
C ARG H 71 -54.01 -6.79 -19.24
N VAL H 72 -53.18 -6.17 -18.39
CA VAL H 72 -53.06 -4.72 -18.34
C VAL H 72 -51.58 -4.36 -18.28
N ASN H 73 -51.30 -3.11 -18.64
CA ASN H 73 -49.92 -2.61 -18.57
C ASN H 73 -49.50 -2.41 -17.12
N MET H 74 -48.24 -2.68 -16.85
CA MET H 74 -47.70 -2.50 -15.51
C MET H 74 -47.70 -1.02 -15.15
N PRO H 75 -48.15 -0.65 -13.94
CA PRO H 75 -48.08 0.76 -13.54
C PRO H 75 -46.65 1.25 -13.48
N ILE H 76 -46.48 2.55 -13.72
CA ILE H 76 -45.14 3.13 -13.83
C ILE H 76 -44.37 2.97 -12.53
N GLU H 77 -45.02 3.20 -11.39
CA GLU H 77 -44.34 3.03 -10.11
C GLU H 77 -43.96 1.57 -9.88
N ALA H 78 -44.77 0.64 -10.38
CA ALA H 78 -44.43 -0.78 -10.28
C ALA H 78 -43.21 -1.10 -11.15
N VAL H 79 -43.08 -0.44 -12.30
CA VAL H 79 -41.90 -0.63 -13.14
C VAL H 79 -40.65 -0.18 -12.39
N ALA H 80 -40.73 0.99 -11.73
CA ALA H 80 -39.58 1.49 -10.98
C ALA H 80 -39.25 0.59 -9.80
N THR H 81 -40.27 0.06 -9.12
CA THR H 81 -40.03 -0.83 -7.99
C THR H 81 -39.35 -2.11 -8.43
N LEU H 82 -39.77 -2.67 -9.57
CA LEU H 82 -39.14 -3.88 -10.09
C LEU H 82 -37.66 -3.63 -10.40
N LEU H 83 -37.36 -2.50 -11.04
CA LEU H 83 -35.97 -2.14 -11.30
C LEU H 83 -35.20 -1.93 -10.01
N SER H 84 -35.86 -1.32 -9.01
CA SER H 84 -35.20 -1.06 -7.74
C SER H 84 -34.77 -2.36 -7.07
N ASN H 85 -35.63 -3.37 -7.09
CA ASN H 85 -35.28 -4.66 -6.50
C ASN H 85 -34.14 -5.32 -7.26
N MET H 86 -34.18 -5.28 -8.60
CA MET H 86 -33.17 -5.95 -9.39
C MET H 86 -31.79 -5.36 -9.14
N LEU H 87 -31.69 -4.03 -9.07
CA LEU H 87 -30.38 -3.40 -8.89
C LEU H 87 -29.87 -3.60 -7.47
N ASN H 88 -30.75 -3.53 -6.47
CA ASN H 88 -30.33 -3.65 -5.08
C ASN H 88 -29.87 -5.06 -4.74
N GLN H 89 -30.43 -6.07 -5.40
N GLN H 89 -30.43 -6.07 -5.40
CA GLN H 89 -30.05 -7.45 -5.11
CA GLN H 89 -30.05 -7.45 -5.11
C GLN H 89 -28.60 -7.74 -5.47
C GLN H 89 -28.60 -7.74 -5.47
N VAL H 90 -27.99 -6.94 -6.33
CA VAL H 90 -26.59 -7.12 -6.71
C VAL H 90 -25.76 -5.88 -6.40
N LYS H 91 -26.13 -5.15 -5.33
CA LYS H 91 -25.53 -3.86 -5.04
C LYS H 91 -24.01 -3.92 -4.88
N TYR H 92 -23.48 -5.04 -4.42
CA TYR H 92 -22.04 -5.18 -4.26
C TYR H 92 -21.34 -5.66 -5.52
N MET H 93 -22.09 -6.12 -6.52
CA MET H 93 -21.57 -6.36 -7.87
C MET H 93 -22.51 -5.70 -8.87
N PRO H 94 -22.62 -4.38 -8.82
CA PRO H 94 -23.81 -3.71 -9.38
C PRO H 94 -23.69 -3.42 -10.87
N TYR H 95 -24.85 -3.10 -11.45
CA TYR H 95 -24.91 -2.48 -12.76
C TYR H 95 -24.51 -1.02 -12.63
N MET H 96 -23.49 -0.60 -13.37
CA MET H 96 -22.98 0.77 -13.28
C MET H 96 -23.75 1.66 -14.25
N VAL H 97 -25.01 1.91 -13.88
CA VAL H 97 -25.95 2.62 -14.74
C VAL H 97 -26.70 3.68 -13.95
N GLN H 98 -27.23 4.66 -14.68
CA GLN H 98 -28.22 5.61 -14.18
C GLN H 98 -29.42 5.57 -15.10
N LEU H 99 -30.61 5.44 -14.52
CA LEU H 99 -31.82 5.15 -15.28
C LEU H 99 -32.90 6.18 -14.99
N LEU H 100 -33.67 6.49 -16.04
CA LEU H 100 -34.90 7.27 -15.93
C LEU H 100 -36.03 6.48 -16.55
N VAL H 101 -37.16 6.41 -15.85
CA VAL H 101 -38.36 5.72 -16.33
C VAL H 101 -39.51 6.70 -16.29
N GLY H 102 -40.21 6.82 -17.40
CA GLY H 102 -41.36 7.71 -17.49
C GLY H 102 -42.47 7.10 -18.31
N GLY H 103 -43.70 7.46 -17.95
CA GLY H 103 -44.84 6.96 -18.68
C GLY H 103 -46.15 7.42 -18.08
N ILE H 104 -47.25 6.92 -18.65
CA ILE H 104 -48.60 7.27 -18.25
C ILE H 104 -49.34 5.99 -17.88
N ASP H 105 -49.88 5.94 -16.66
CA ASP H 105 -50.85 4.90 -16.31
C ASP H 105 -52.21 5.54 -16.02
N THR H 106 -52.30 6.44 -15.04
CA THR H 106 -53.44 7.33 -14.89
C THR H 106 -53.02 8.79 -14.83
N ALA H 107 -51.73 9.06 -14.68
CA ALA H 107 -51.18 10.40 -14.62
C ALA H 107 -49.72 10.32 -15.01
N PRO H 108 -49.12 11.42 -15.47
CA PRO H 108 -47.70 11.38 -15.83
C PRO H 108 -46.81 11.07 -14.63
N HIS H 109 -45.74 10.32 -14.90
CA HIS H 109 -44.77 9.96 -13.88
C HIS H 109 -43.38 9.91 -14.49
N VAL H 110 -42.39 10.34 -13.72
CA VAL H 110 -40.98 10.19 -14.07
C VAL H 110 -40.23 9.73 -12.83
N PHE H 111 -39.46 8.65 -12.96
CA PHE H 111 -38.71 8.08 -11.86
C PHE H 111 -37.22 8.07 -12.18
N SER H 112 -36.41 8.38 -11.17
CA SER H 112 -34.96 8.31 -11.28
C SER H 112 -34.45 7.16 -10.42
N ILE H 113 -33.65 6.28 -11.01
CA ILE H 113 -33.16 5.08 -10.32
C ILE H 113 -31.64 5.07 -10.43
N ASP H 114 -30.97 4.87 -9.30
CA ASP H 114 -29.52 4.81 -9.25
C ASP H 114 -29.03 3.37 -9.25
N ALA H 115 -27.71 3.20 -9.22
CA ALA H 115 -27.11 1.86 -9.32
C ALA H 115 -27.41 1.00 -8.10
N ALA H 116 -27.70 1.60 -6.95
CA ALA H 116 -27.97 0.85 -5.73
C ALA H 116 -29.45 0.51 -5.55
N GLY H 117 -30.30 0.88 -6.51
CA GLY H 117 -31.71 0.57 -6.42
C GLY H 117 -32.58 1.65 -5.79
N GLY H 118 -32.03 2.82 -5.52
CA GLY H 118 -32.86 3.90 -4.99
C GLY H 118 -33.70 4.54 -6.08
N SER H 119 -35.00 4.63 -5.83
CA SER H 119 -35.94 5.15 -6.82
C SER H 119 -36.71 6.32 -6.21
N VAL H 120 -36.68 7.47 -6.89
CA VAL H 120 -37.34 8.68 -6.43
C VAL H 120 -38.15 9.26 -7.58
N GLU H 121 -39.42 9.55 -7.32
CA GLU H 121 -40.28 10.21 -8.30
C GLU H 121 -40.06 11.71 -8.25
N ASP H 122 -40.08 12.36 -9.41
CA ASP H 122 -39.86 13.80 -9.49
C ASP H 122 -40.60 14.35 -10.69
N ILE H 123 -40.83 15.67 -10.67
CA ILE H 123 -41.49 16.33 -11.79
C ILE H 123 -40.58 16.33 -13.02
N TYR H 124 -39.28 16.47 -12.83
CA TYR H 124 -38.32 16.32 -13.93
C TYR H 124 -37.01 15.82 -13.35
N ALA H 125 -36.19 15.22 -14.22
CA ALA H 125 -34.91 14.67 -13.80
C ALA H 125 -33.99 14.59 -15.01
N SER H 126 -32.69 14.50 -14.73
CA SER H 126 -31.68 14.41 -15.76
C SER H 126 -30.53 13.56 -15.26
N THR H 127 -29.95 12.75 -16.16
CA THR H 127 -28.85 11.87 -15.82
C THR H 127 -27.71 12.06 -16.82
N GLY H 128 -26.54 11.58 -16.43
CA GLY H 128 -25.36 11.67 -17.26
C GLY H 128 -24.43 12.80 -16.84
N SER H 129 -23.28 12.85 -17.52
CA SER H 129 -22.28 13.88 -17.20
C SER H 129 -22.77 15.28 -17.54
N GLY H 130 -23.69 15.42 -18.49
CA GLY H 130 -24.25 16.70 -18.84
C GLY H 130 -25.47 17.12 -18.04
N SER H 131 -25.87 16.31 -17.06
CA SER H 131 -27.07 16.63 -16.28
C SER H 131 -27.01 17.97 -15.54
N PRO H 132 -25.90 18.36 -14.88
CA PRO H 132 -25.94 19.64 -14.15
C PRO H 132 -26.23 20.84 -15.03
N PHE H 133 -25.77 20.82 -16.28
CA PHE H 133 -26.09 21.91 -17.20
C PHE H 133 -27.58 21.91 -17.53
N VAL H 134 -28.18 20.73 -17.65
CA VAL H 134 -29.62 20.63 -17.91
C VAL H 134 -30.42 21.19 -16.73
N TYR H 135 -30.00 20.84 -15.51
CA TYR H 135 -30.73 21.30 -14.33
C TYR H 135 -30.71 22.83 -14.22
N GLY H 136 -29.63 23.46 -14.67
CA GLY H 136 -29.60 24.91 -14.69
C GLY H 136 -30.65 25.51 -15.61
N VAL H 137 -30.81 24.91 -16.79
CA VAL H 137 -31.82 25.39 -17.73
C VAL H 137 -33.23 25.12 -17.20
N LEU H 138 -33.45 23.92 -16.64
CA LEU H 138 -34.78 23.57 -16.15
C LEU H 138 -35.17 24.42 -14.93
N GLU H 139 -34.21 24.70 -14.05
CA GLU H 139 -34.52 25.49 -12.86
C GLU H 139 -35.02 26.88 -13.24
N SER H 140 -34.46 27.47 -14.29
CA SER H 140 -34.79 28.84 -14.64
C SER H 140 -35.95 28.95 -15.62
N GLN H 141 -36.28 27.88 -16.35
CA GLN H 141 -37.23 27.99 -17.44
C GLN H 141 -38.41 27.02 -17.39
N TYR H 142 -38.32 25.92 -16.62
CA TYR H 142 -39.42 24.95 -16.60
C TYR H 142 -40.66 25.55 -15.95
N SER H 143 -41.82 25.23 -16.51
CA SER H 143 -43.10 25.63 -15.96
C SER H 143 -44.07 24.46 -16.06
N GLU H 144 -44.85 24.25 -15.01
CA GLU H 144 -45.83 23.17 -15.00
C GLU H 144 -47.02 23.44 -15.91
N LYS H 145 -47.20 24.68 -16.36
CA LYS H 145 -48.29 25.03 -17.26
C LYS H 145 -47.91 24.97 -18.73
N MET H 146 -46.70 24.50 -19.04
CA MET H 146 -46.25 24.46 -20.42
C MET H 146 -47.06 23.49 -21.25
N THR H 147 -47.22 23.82 -22.53
CA THR H 147 -47.83 22.90 -23.48
C THR H 147 -46.80 21.88 -23.95
N VAL H 148 -47.28 20.90 -24.72
CA VAL H 148 -46.39 19.86 -25.24
C VAL H 148 -45.35 20.47 -26.17
N ASP H 149 -45.78 21.38 -27.05
CA ASP H 149 -44.84 22.03 -27.97
C ASP H 149 -43.79 22.83 -27.22
N GLU H 150 -44.21 23.56 -26.18
CA GLU H 150 -43.26 24.31 -25.37
C GLU H 150 -42.33 23.38 -24.61
N GLY H 151 -42.85 22.24 -24.15
CA GLY H 151 -41.99 21.29 -23.45
C GLY H 151 -40.94 20.68 -24.35
N VAL H 152 -41.28 20.40 -25.61
CA VAL H 152 -40.32 19.85 -26.55
C VAL H 152 -39.20 20.86 -26.81
N ASP H 153 -39.55 22.13 -26.97
CA ASP H 153 -38.53 23.16 -27.15
C ASP H 153 -37.64 23.28 -25.92
N LEU H 154 -38.22 23.08 -24.73
CA LEU H 154 -37.46 23.22 -23.50
C LEU H 154 -36.36 22.16 -23.39
N VAL H 155 -36.71 20.90 -23.69
CA VAL H 155 -35.72 19.83 -23.56
C VAL H 155 -34.65 19.95 -24.64
N ILE H 156 -35.02 20.45 -25.82
CA ILE H 156 -34.04 20.65 -26.88
C ILE H 156 -33.02 21.71 -26.47
N ARG H 157 -33.49 22.81 -25.90
CA ARG H 157 -32.58 23.86 -25.45
C ARG H 157 -31.69 23.35 -24.32
N ALA H 158 -32.24 22.57 -23.40
CA ALA H 158 -31.47 22.08 -22.26
C ALA H 158 -30.35 21.15 -22.72
N ILE H 159 -30.67 20.23 -23.63
CA ILE H 159 -29.65 19.31 -24.14
C ILE H 159 -28.62 20.05 -24.98
N SER H 160 -29.07 21.05 -25.77
CA SER H 160 -28.14 21.81 -26.58
C SER H 160 -27.13 22.55 -25.71
N ALA H 161 -27.57 23.10 -24.57
CA ALA H 161 -26.65 23.74 -23.65
C ALA H 161 -25.64 22.75 -23.09
N ALA H 162 -26.10 21.54 -22.77
CA ALA H 162 -25.19 20.51 -22.23
C ALA H 162 -24.13 20.13 -23.25
N LYS H 163 -24.51 20.03 -24.54
CA LYS H 163 -23.55 19.68 -25.57
C LYS H 163 -22.48 20.76 -25.74
N GLN H 164 -22.79 22.00 -25.39
CA GLN H 164 -21.81 23.08 -25.52
C GLN H 164 -20.76 23.04 -24.42
N ARG H 165 -21.02 22.35 -23.31
CA ARG H 165 -20.14 22.38 -22.16
C ARG H 165 -19.65 21.01 -21.69
N ASP H 166 -20.28 19.92 -22.14
CA ASP H 166 -19.88 18.57 -21.76
C ASP H 166 -19.31 17.86 -22.98
N SER H 167 -18.02 17.53 -22.93
CA SER H 167 -17.36 16.89 -24.06
C SER H 167 -17.85 15.46 -24.29
N ALA H 168 -18.42 14.83 -23.27
CA ALA H 168 -18.93 13.47 -23.41
C ALA H 168 -20.30 13.42 -24.07
N SER H 169 -20.90 14.57 -24.37
CA SER H 169 -22.22 14.63 -25.00
C SER H 169 -22.10 15.23 -26.39
N GLY H 170 -22.97 14.79 -27.29
CA GLY H 170 -22.99 15.32 -28.64
C GLY H 170 -23.91 14.50 -29.52
N GLY H 171 -23.99 14.93 -30.77
CA GLY H 171 -24.79 14.26 -31.77
C GLY H 171 -26.23 14.76 -31.81
N MET H 172 -27.01 14.08 -32.66
CA MET H 172 -28.41 14.43 -32.85
C MET H 172 -29.22 14.14 -31.58
N ILE H 173 -30.25 14.95 -31.36
CA ILE H 173 -31.12 14.82 -30.20
C ILE H 173 -32.34 13.99 -30.59
N ASP H 174 -32.63 12.96 -29.79
CA ASP H 174 -33.82 12.13 -29.97
C ASP H 174 -34.85 12.50 -28.91
N VAL H 175 -36.10 12.70 -29.32
CA VAL H 175 -37.16 13.14 -28.44
C VAL H 175 -38.37 12.22 -28.62
N ALA H 176 -38.96 11.82 -27.50
CA ALA H 176 -40.18 11.02 -27.49
C ALA H 176 -41.23 11.69 -26.63
N VAL H 177 -42.48 11.62 -27.07
CA VAL H 177 -43.62 12.18 -26.36
C VAL H 177 -44.59 11.05 -26.07
N ILE H 178 -45.02 10.94 -24.81
CA ILE H 178 -45.92 9.88 -24.37
C ILE H 178 -47.21 10.52 -23.88
N THR H 179 -48.33 10.14 -24.49
CA THR H 179 -49.65 10.58 -24.06
C THR H 179 -50.61 9.40 -24.10
N ARG H 180 -51.69 9.52 -23.32
CA ARG H 180 -52.72 8.48 -23.35
C ARG H 180 -53.39 8.40 -24.72
N LYS H 181 -53.64 9.56 -25.33
CA LYS H 181 -54.37 9.59 -26.60
C LYS H 181 -53.55 8.99 -27.73
N ASP H 182 -52.25 9.29 -27.79
CA ASP H 182 -51.42 8.91 -28.93
C ASP H 182 -50.38 7.85 -28.59
N GLY H 183 -50.21 7.50 -27.32
CA GLY H 183 -49.22 6.49 -26.97
C GLY H 183 -47.80 7.02 -27.05
N TYR H 184 -46.85 6.10 -27.21
CA TYR H 184 -45.44 6.42 -27.31
C TYR H 184 -45.14 6.84 -28.75
N VAL H 185 -44.76 8.10 -28.93
CA VAL H 185 -44.48 8.66 -30.25
C VAL H 185 -43.08 9.26 -30.23
N GLN H 186 -42.19 8.71 -31.06
CA GLN H 186 -40.85 9.29 -31.23
C GLN H 186 -40.89 10.31 -32.34
N LEU H 187 -40.47 11.54 -32.03
CA LEU H 187 -40.54 12.61 -33.01
C LEU H 187 -39.56 12.34 -34.17
N PRO H 188 -39.96 12.66 -35.39
CA PRO H 188 -39.05 12.45 -36.53
C PRO H 188 -37.85 13.39 -36.47
N THR H 189 -36.75 12.94 -37.10
CA THR H 189 -35.51 13.71 -37.06
C THR H 189 -35.66 15.06 -37.73
N ASP H 190 -36.39 15.11 -38.86
CA ASP H 190 -36.59 16.38 -39.56
C ASP H 190 -37.33 17.39 -38.70
N GLN H 191 -38.31 16.93 -37.93
CA GLN H 191 -39.03 17.84 -37.04
C GLN H 191 -38.12 18.41 -35.96
N ILE H 192 -37.21 17.58 -35.44
CA ILE H 192 -36.25 18.06 -34.45
C ILE H 192 -35.33 19.11 -35.07
N GLU H 193 -34.86 18.86 -36.30
CA GLU H 193 -34.00 19.81 -36.97
C GLU H 193 -34.72 21.13 -37.22
N SER H 194 -36.01 21.07 -37.58
CA SER H 194 -36.78 22.28 -37.79
C SER H 194 -36.88 23.10 -36.51
N ARG H 195 -37.12 22.44 -35.37
CA ARG H 195 -37.19 23.16 -34.10
C ARG H 195 -35.84 23.76 -33.73
N ILE H 196 -34.74 23.06 -34.02
CA ILE H 196 -33.41 23.58 -33.73
C ILE H 196 -33.15 24.85 -34.54
N ARG H 197 -33.52 24.84 -35.82
CA ARG H 197 -33.32 26.03 -36.65
C ARG H 197 -34.20 27.18 -36.18
N LYS H 198 -35.44 26.89 -35.78
CA LYS H 198 -36.33 27.94 -35.28
C LYS H 198 -35.85 28.53 -33.96
N LEU H 199 -35.23 27.73 -33.11
CA LEU H 199 -34.71 28.22 -31.83
C LEU H 199 -33.37 28.93 -31.96
N GLY H 200 -32.76 28.91 -33.14
CA GLY H 200 -31.46 29.58 -33.36
C GLY H 200 -30.32 28.85 -32.68
N LEU H 201 -30.35 27.51 -32.68
CA LEU H 201 -29.31 26.71 -31.97
C LEU H 201 -28.37 26.12 -33.03
N ILE H 202 -28.35 26.73 -34.22
CA ILE H 202 -27.44 26.28 -35.31
C ILE H 202 -27.52 27.33 -36.43
N THR I 1 -6.87 18.80 -27.12
CA THR I 1 -5.92 19.68 -27.78
C THR I 1 -5.36 19.03 -29.03
N THR I 2 -5.28 19.79 -30.13
CA THR I 2 -4.73 19.31 -31.38
C THR I 2 -3.88 20.41 -32.00
N THR I 3 -2.58 20.14 -32.16
CA THR I 3 -1.67 21.05 -32.82
C THR I 3 -0.94 20.31 -33.94
N VAL I 4 -0.56 21.04 -34.97
CA VAL I 4 0.11 20.44 -36.12
C VAL I 4 1.05 21.47 -36.74
N GLY I 5 2.19 20.99 -37.23
CA GLY I 5 3.13 21.81 -37.97
C GLY I 5 3.77 21.04 -39.11
N ILE I 6 3.80 21.63 -40.31
CA ILE I 6 4.34 20.97 -41.49
C ILE I 6 5.34 21.88 -42.16
N THR I 7 6.24 21.27 -42.94
CA THR I 7 7.23 22.00 -43.72
C THR I 7 6.96 21.83 -45.21
N LEU I 8 7.21 22.89 -45.97
CA LEU I 8 7.12 22.86 -47.42
C LEU I 8 8.45 23.33 -47.99
N LYS I 9 8.46 23.59 -49.30
CA LYS I 9 9.68 23.98 -49.99
C LYS I 9 10.30 25.25 -49.38
N ASP I 10 9.47 26.27 -49.16
CA ASP I 10 9.94 27.54 -48.63
C ASP I 10 8.96 28.12 -47.60
N ALA I 11 8.26 27.26 -46.86
CA ALA I 11 7.26 27.73 -45.93
C ALA I 11 7.08 26.75 -44.78
N VAL I 12 6.56 27.27 -43.68
CA VAL I 12 6.17 26.47 -42.51
C VAL I 12 4.74 26.84 -42.17
N ILE I 13 3.89 25.83 -41.96
CA ILE I 13 2.49 26.03 -41.63
C ILE I 13 2.22 25.37 -40.29
N MET I 14 1.65 26.13 -39.36
CA MET I 14 1.29 25.64 -38.04
C MET I 14 -0.18 25.96 -37.76
N ALA I 15 -0.86 25.06 -37.08
CA ALA I 15 -2.29 25.23 -36.83
C ALA I 15 -2.69 24.51 -35.55
N THR I 16 -3.68 25.08 -34.86
CA THR I 16 -4.22 24.53 -33.62
C THR I 16 -5.73 24.73 -33.60
N GLU I 17 -6.37 24.07 -32.64
CA GLU I 17 -7.76 24.37 -32.28
C GLU I 17 -7.76 25.19 -30.98
N ARG I 18 -8.94 25.44 -30.43
CA ARG I 18 -9.08 26.40 -29.34
C ARG I 18 -9.73 25.87 -28.07
N ARG I 19 -10.09 24.61 -27.97
CA ARG I 19 -10.87 24.14 -26.78
C ARG I 19 -9.99 23.99 -25.53
N VAL I 20 -10.42 24.52 -24.40
CA VAL I 20 -9.66 24.34 -23.12
C VAL I 20 -10.55 23.62 -22.10
N THR I 21 -10.08 22.49 -21.59
CA THR I 21 -10.84 21.68 -20.62
C THR I 21 -10.31 21.93 -19.20
N MET I 22 -10.90 22.85 -18.46
CA MET I 22 -10.49 23.21 -17.06
C MET I 22 -11.57 22.68 -16.10
N GLU I 23 -11.22 21.90 -15.06
CA GLU I 23 -12.15 21.27 -14.06
C GLU I 23 -13.05 20.19 -14.69
N ASN I 24 -12.56 19.48 -15.69
CA ASN I 24 -13.29 18.33 -16.28
C ASN I 24 -14.54 18.71 -17.07
N PHE I 25 -14.62 19.90 -17.63
CA PHE I 25 -15.74 20.28 -18.52
C PHE I 25 -15.16 21.26 -19.54
N ILE I 26 -15.93 21.68 -20.53
CA ILE I 26 -15.45 22.66 -21.49
C ILE I 26 -15.70 24.06 -20.96
N MET I 27 -14.71 24.63 -20.27
CA MET I 27 -14.88 25.95 -19.67
C MET I 27 -14.58 27.08 -20.64
N HIS I 28 -13.67 26.88 -21.59
CA HIS I 28 -13.28 27.92 -22.53
C HIS I 28 -13.30 27.36 -23.93
N LYS I 29 -13.93 28.09 -24.85
CA LYS I 29 -14.04 27.68 -26.25
C LYS I 29 -13.07 28.40 -27.17
N ASN I 30 -12.38 29.43 -26.70
CA ASN I 30 -11.54 30.27 -27.54
C ASN I 30 -10.17 30.49 -26.88
N GLY I 31 -9.56 29.41 -26.40
CA GLY I 31 -8.21 29.51 -25.88
C GLY I 31 -7.19 29.74 -26.99
N LYS I 32 -6.02 30.21 -26.58
CA LYS I 32 -4.94 30.52 -27.52
C LYS I 32 -3.82 29.50 -27.32
N LYS I 33 -3.45 28.80 -28.40
CA LYS I 33 -2.43 27.78 -28.35
C LYS I 33 -1.32 27.98 -29.38
N LEU I 34 -1.43 28.98 -30.24
CA LEU I 34 -0.43 29.27 -31.26
C LEU I 34 0.13 30.66 -31.03
N PHE I 35 1.45 30.77 -30.93
CA PHE I 35 2.10 32.02 -30.57
C PHE I 35 3.25 32.31 -31.51
N GLN I 36 3.46 33.59 -31.79
CA GLN I 36 4.65 34.05 -32.48
C GLN I 36 5.69 34.45 -31.44
N ILE I 37 6.86 33.80 -31.49
CA ILE I 37 7.91 34.05 -30.51
C ILE I 37 9.11 34.76 -31.10
N ASP I 38 9.17 34.95 -32.42
CA ASP I 38 10.26 35.68 -33.06
C ASP I 38 9.75 36.15 -34.41
N THR I 39 10.64 36.83 -35.15
CA THR I 39 10.27 37.38 -36.45
C THR I 39 9.84 36.29 -37.41
N TYR I 40 10.55 35.16 -37.42
CA TYR I 40 10.23 34.05 -38.30
C TYR I 40 10.09 32.74 -37.52
N THR I 41 9.52 32.79 -36.32
CA THR I 41 9.42 31.60 -35.48
C THR I 41 8.07 31.57 -34.78
N GLY I 42 7.46 30.38 -34.74
CA GLY I 42 6.23 30.18 -34.02
C GLY I 42 6.31 28.94 -33.13
N MET I 43 5.35 28.83 -32.21
CA MET I 43 5.33 27.74 -31.26
C MET I 43 3.90 27.40 -30.89
N THR I 44 3.61 26.10 -30.77
CA THR I 44 2.34 25.59 -30.29
C THR I 44 2.54 24.89 -28.95
N ILE I 45 1.48 24.86 -28.15
CA ILE I 45 1.55 24.35 -26.79
C ILE I 45 0.44 23.32 -26.57
N ALA I 46 0.75 22.27 -25.82
CA ALA I 46 -0.21 21.27 -25.40
C ALA I 46 0.17 20.77 -24.02
N GLY I 47 -0.84 20.53 -23.18
CA GLY I 47 -0.63 20.06 -21.82
C GLY I 47 -1.18 21.05 -20.82
N LEU I 48 -0.47 21.17 -19.69
CA LEU I 48 -0.90 22.05 -18.62
C LEU I 48 -0.82 23.50 -19.06
N VAL I 49 -1.93 24.22 -18.92
CA VAL I 49 -2.01 25.60 -19.42
C VAL I 49 -1.03 26.50 -18.68
N GLY I 50 -0.95 26.35 -17.36
CA GLY I 50 -0.06 27.23 -16.59
C GLY I 50 1.39 27.07 -16.98
N ASP I 51 1.86 25.83 -17.09
CA ASP I 51 3.24 25.59 -17.48
C ASP I 51 3.52 26.11 -18.88
N ALA I 52 2.59 25.88 -19.80
CA ALA I 52 2.80 26.28 -21.19
C ALA I 52 2.88 27.79 -21.33
N GLN I 53 2.01 28.54 -20.62
CA GLN I 53 2.00 29.98 -20.74
C GLN I 53 3.28 30.59 -20.19
N VAL I 54 3.81 30.03 -19.10
CA VAL I 54 5.06 30.51 -18.55
C VAL I 54 6.20 30.31 -19.54
N LEU I 55 6.24 29.15 -20.21
CA LEU I 55 7.30 28.87 -21.17
C LEU I 55 7.22 29.82 -22.37
N VAL I 56 6.01 30.16 -22.81
CA VAL I 56 5.87 31.09 -23.93
C VAL I 56 6.46 32.44 -23.57
N ARG I 57 6.19 32.93 -22.36
CA ARG I 57 6.75 34.21 -21.94
C ARG I 57 8.27 34.14 -21.84
N TYR I 58 8.80 33.03 -21.34
CA TYR I 58 10.26 32.87 -21.26
C TYR I 58 10.89 32.90 -22.64
N MET I 59 10.31 32.19 -23.60
CA MET I 59 10.90 32.12 -24.94
C MET I 59 10.85 33.47 -25.65
N LYS I 60 9.77 34.22 -25.47
CA LYS I 60 9.69 35.55 -26.06
C LYS I 60 10.79 36.46 -25.51
N ALA I 61 11.03 36.39 -24.20
CA ALA I 61 12.07 37.22 -23.59
C ALA I 61 13.46 36.80 -24.05
N GLU I 62 13.73 35.49 -24.07
CA GLU I 62 15.05 35.01 -24.46
C GLU I 62 15.35 35.34 -25.91
N LEU I 63 14.38 35.15 -26.80
CA LEU I 63 14.62 35.37 -28.22
C LEU I 63 14.77 36.85 -28.54
N GLU I 64 14.00 37.72 -27.86
CA GLU I 64 14.12 39.15 -28.10
C GLU I 64 15.45 39.67 -27.59
N LEU I 65 15.89 39.21 -26.42
CA LEU I 65 17.20 39.61 -25.90
C LEU I 65 18.31 39.08 -26.80
N TYR I 66 18.16 37.86 -27.31
CA TYR I 66 19.15 37.30 -28.23
C TYR I 66 19.26 38.15 -29.49
N ARG I 67 18.13 38.59 -30.04
CA ARG I 67 18.14 39.39 -31.25
C ARG I 67 18.81 40.74 -31.03
N LEU I 68 18.56 41.36 -29.86
CA LEU I 68 19.14 42.67 -29.59
C LEU I 68 20.64 42.60 -29.36
N GLN I 69 21.12 41.52 -28.75
CA GLN I 69 22.55 41.42 -28.42
C GLN I 69 23.38 41.01 -29.63
N ARG I 70 22.97 39.95 -30.32
CA ARG I 70 23.75 39.40 -31.43
C ARG I 70 23.29 39.91 -32.79
N ARG I 71 22.32 40.82 -32.84
CA ARG I 71 21.87 41.55 -34.02
C ARG I 71 21.20 40.66 -35.07
N VAL I 72 21.03 39.37 -34.83
CA VAL I 72 20.38 38.46 -35.76
C VAL I 72 19.40 37.59 -34.99
N ASN I 73 18.44 37.03 -35.74
CA ASN I 73 17.48 36.11 -35.13
C ASN I 73 18.15 34.78 -34.78
N MET I 74 17.70 34.20 -33.69
CA MET I 74 18.24 32.92 -33.26
C MET I 74 17.86 31.83 -34.26
N PRO I 75 18.79 30.97 -34.65
CA PRO I 75 18.43 29.86 -35.56
C PRO I 75 17.41 28.93 -34.92
N ILE I 76 16.59 28.30 -35.76
CA ILE I 76 15.48 27.48 -35.27
C ILE I 76 16.01 26.32 -34.44
N GLU I 77 17.07 25.66 -34.89
CA GLU I 77 17.62 24.55 -34.12
C GLU I 77 18.19 25.04 -32.78
N ALA I 78 18.73 26.26 -32.76
CA ALA I 78 19.19 26.83 -31.50
C ALA I 78 18.03 27.10 -30.55
N VAL I 79 16.87 27.50 -31.09
CA VAL I 79 15.69 27.69 -30.26
C VAL I 79 15.28 26.37 -29.62
N ALA I 80 15.28 25.28 -30.40
CA ALA I 80 14.91 23.98 -29.87
C ALA I 80 15.92 23.50 -28.83
N THR I 81 17.21 23.74 -29.07
CA THR I 81 18.23 23.34 -28.12
C THR I 81 18.08 24.07 -26.79
N LEU I 82 17.78 25.38 -26.85
CA LEU I 82 17.58 26.14 -25.62
C LEU I 82 16.39 25.59 -24.83
N LEU I 83 15.28 25.29 -25.51
CA LEU I 83 14.14 24.68 -24.84
C LEU I 83 14.49 23.31 -24.29
N SER I 84 15.30 22.54 -25.04
CA SER I 84 15.69 21.21 -24.59
C SER I 84 16.44 21.28 -23.27
N ASN I 85 17.38 22.22 -23.15
CA ASN I 85 18.13 22.36 -21.91
C ASN I 85 17.22 22.78 -20.75
N MET I 86 16.32 23.73 -21.00
CA MET I 86 15.46 24.24 -19.93
C MET I 86 14.57 23.13 -19.37
N LEU I 87 13.99 22.30 -20.23
CA LEU I 87 13.09 21.25 -19.76
C LEU I 87 13.86 20.13 -19.07
N ASN I 88 15.03 19.77 -19.59
CA ASN I 88 15.78 18.66 -19.02
C ASN I 88 16.36 19.01 -17.65
N GLN I 89 16.67 20.28 -17.41
N GLN I 89 16.67 20.28 -17.41
CA GLN I 89 17.23 20.68 -16.13
CA GLN I 89 17.23 20.68 -16.13
C GLN I 89 16.27 20.48 -14.97
C GLN I 89 16.27 20.48 -14.97
N VAL I 90 14.97 20.38 -15.24
CA VAL I 90 13.97 20.16 -14.20
C VAL I 90 13.17 18.88 -14.47
N LYS I 91 13.80 17.87 -15.09
CA LYS I 91 13.10 16.69 -15.56
C LYS I 91 12.35 15.95 -14.45
N TYR I 92 12.85 16.02 -13.22
CA TYR I 92 12.17 15.36 -12.10
C TYR I 92 11.10 16.22 -11.46
N MET I 93 11.04 17.52 -11.78
CA MET I 93 9.92 18.39 -11.43
C MET I 93 9.50 19.14 -12.69
N PRO I 94 9.02 18.43 -13.71
CA PRO I 94 9.05 18.96 -15.07
C PRO I 94 7.83 19.80 -15.41
N TYR I 95 7.96 20.53 -16.52
CA TYR I 95 6.83 21.15 -17.19
C TYR I 95 6.06 20.05 -17.93
N MET I 96 4.77 19.93 -17.64
CA MET I 96 3.95 18.87 -18.24
C MET I 96 3.35 19.39 -19.54
N VAL I 97 4.23 19.55 -20.54
CA VAL I 97 3.87 20.16 -21.81
C VAL I 97 4.41 19.34 -22.97
N GLN I 98 3.79 19.54 -24.14
CA GLN I 98 4.30 19.08 -25.42
C GLN I 98 4.40 20.27 -26.36
N LEU I 99 5.55 20.44 -26.99
CA LEU I 99 5.85 21.66 -27.72
C LEU I 99 6.24 21.36 -29.17
N LEU I 100 5.82 22.26 -30.06
CA LEU I 100 6.28 22.27 -31.44
C LEU I 100 6.86 23.64 -31.75
N VAL I 101 8.03 23.66 -32.38
CA VAL I 101 8.70 24.90 -32.77
C VAL I 101 8.98 24.83 -34.27
N GLY I 102 8.57 25.86 -35.00
CA GLY I 102 8.78 25.92 -36.42
C GLY I 102 9.14 27.32 -36.88
N GLY I 103 9.94 27.39 -37.93
CA GLY I 103 10.33 28.68 -38.46
C GLY I 103 11.30 28.55 -39.61
N ILE I 104 11.76 29.71 -40.08
CA ILE I 104 12.68 29.81 -41.21
C ILE I 104 13.91 30.58 -40.76
N ASP I 105 15.09 29.97 -40.92
CA ASP I 105 16.35 30.71 -40.80
C ASP I 105 17.07 30.74 -42.15
N THR I 106 17.40 29.59 -42.72
CA THR I 106 17.80 29.48 -44.11
C THR I 106 16.97 28.44 -44.85
N ALA I 107 16.21 27.62 -44.15
CA ALA I 107 15.34 26.60 -44.71
C ALA I 107 14.25 26.30 -43.69
N PRO I 108 13.12 25.75 -44.13
CA PRO I 108 12.06 25.42 -43.18
C PRO I 108 12.49 24.35 -42.18
N HIS I 109 12.02 24.50 -40.94
CA HIS I 109 12.30 23.55 -39.88
C HIS I 109 11.09 23.43 -38.97
N VAL I 110 10.85 22.21 -38.48
CA VAL I 110 9.86 21.94 -37.45
C VAL I 110 10.48 20.99 -36.44
N PHE I 111 10.39 21.35 -35.16
CA PHE I 111 10.96 20.56 -34.08
C PHE I 111 9.88 20.17 -33.09
N SER I 112 9.97 18.93 -32.61
CA SER I 112 9.07 18.41 -31.58
C SER I 112 9.87 18.21 -30.29
N ILE I 113 9.38 18.78 -29.19
CA ILE I 113 10.07 18.75 -27.91
C ILE I 113 9.11 18.19 -26.87
N ASP I 114 9.59 17.20 -26.10
CA ASP I 114 8.80 16.57 -25.05
C ASP I 114 9.14 17.17 -23.69
N ALA I 115 8.46 16.68 -22.66
CA ALA I 115 8.62 17.23 -21.32
C ALA I 115 10.00 16.97 -20.73
N ALA I 116 10.71 15.95 -21.21
CA ALA I 116 12.03 15.61 -20.68
C ALA I 116 13.16 16.31 -21.44
N GLY I 117 12.84 17.15 -22.42
CA GLY I 117 13.86 17.86 -23.16
C GLY I 117 14.33 17.19 -24.43
N GLY I 118 13.69 16.11 -24.86
CA GLY I 118 14.08 15.48 -26.11
C GLY I 118 13.55 16.26 -27.30
N SER I 119 14.43 16.60 -28.23
CA SER I 119 14.09 17.42 -29.39
C SER I 119 14.45 16.66 -30.66
N VAL I 120 13.47 16.49 -31.55
CA VAL I 120 13.65 15.78 -32.81
C VAL I 120 13.08 16.62 -33.94
N GLU I 121 13.88 16.83 -34.98
CA GLU I 121 13.41 17.52 -36.17
C GLU I 121 12.68 16.55 -37.09
N ASP I 122 11.61 17.04 -37.73
CA ASP I 122 10.82 16.19 -38.60
C ASP I 122 10.18 17.07 -39.68
N ILE I 123 9.76 16.41 -40.77
CA ILE I 123 9.08 17.13 -41.85
C ILE I 123 7.71 17.62 -41.40
N TYR I 124 7.02 16.84 -40.58
CA TYR I 124 5.78 17.28 -39.96
C TYR I 124 5.61 16.59 -38.62
N ALA I 125 4.80 17.19 -37.76
CA ALA I 125 4.58 16.65 -36.43
C ALA I 125 3.24 17.16 -35.91
N SER I 126 2.71 16.44 -34.90
CA SER I 126 1.45 16.80 -34.28
C SER I 126 1.49 16.42 -32.81
N THR I 127 0.89 17.26 -31.97
CA THR I 127 0.85 17.03 -30.53
C THR I 127 -0.58 17.15 -30.03
N GLY I 128 -0.80 16.64 -28.82
CA GLY I 128 -2.10 16.68 -28.18
C GLY I 128 -2.83 15.35 -28.30
N SER I 129 -3.98 15.30 -27.63
CA SER I 129 -4.80 14.08 -27.63
C SER I 129 -5.35 13.74 -29.02
N GLY I 130 -5.52 14.75 -29.88
CA GLY I 130 -5.99 14.52 -31.23
C GLY I 130 -4.91 14.23 -32.25
N SER I 131 -3.65 14.16 -31.82
CA SER I 131 -2.55 13.95 -32.77
C SER I 131 -2.65 12.65 -33.56
N PRO I 132 -3.01 11.49 -32.99
CA PRO I 132 -3.03 10.27 -33.82
C PRO I 132 -3.99 10.36 -34.99
N PHE I 133 -5.11 11.06 -34.85
CA PHE I 133 -6.02 11.25 -35.97
C PHE I 133 -5.38 12.13 -37.05
N VAL I 134 -4.60 13.13 -36.64
CA VAL I 134 -3.91 13.98 -37.59
C VAL I 134 -2.87 13.18 -38.37
N TYR I 135 -2.12 12.32 -37.67
CA TYR I 135 -1.08 11.53 -38.33
C TYR I 135 -1.66 10.61 -39.39
N GLY I 136 -2.88 10.11 -39.16
CA GLY I 136 -3.54 9.30 -40.18
C GLY I 136 -3.81 10.08 -41.44
N VAL I 137 -4.28 11.31 -41.30
CA VAL I 137 -4.54 12.16 -42.47
C VAL I 137 -3.23 12.52 -43.16
N LEU I 138 -2.21 12.89 -42.40
CA LEU I 138 -0.94 13.30 -42.99
C LEU I 138 -0.23 12.14 -43.69
N GLU I 139 -0.31 10.95 -43.10
CA GLU I 139 0.35 9.79 -43.72
C GLU I 139 -0.21 9.51 -45.10
N SER I 140 -1.52 9.68 -45.28
CA SER I 140 -2.16 9.30 -46.54
C SER I 140 -2.19 10.45 -47.55
N GLN I 141 -2.05 11.70 -47.12
CA GLN I 141 -2.29 12.82 -48.01
C GLN I 141 -1.16 13.84 -48.11
N TYR I 142 -0.21 13.86 -47.17
CA TYR I 142 0.86 14.86 -47.23
C TYR I 142 1.78 14.59 -48.42
N SER I 143 2.20 15.68 -49.07
CA SER I 143 3.16 15.61 -50.16
C SER I 143 4.16 16.75 -50.01
N GLU I 144 5.43 16.45 -50.25
CA GLU I 144 6.47 17.47 -50.15
C GLU I 144 6.42 18.48 -51.29
N LYS I 145 5.69 18.19 -52.36
CA LYS I 145 5.56 19.10 -53.49
C LYS I 145 4.34 20.01 -53.38
N MET I 146 3.62 19.98 -52.27
CA MET I 146 2.42 20.79 -52.12
C MET I 146 2.75 22.28 -52.11
N THR I 147 1.82 23.07 -52.63
CA THR I 147 1.91 24.51 -52.53
C THR I 147 1.43 24.98 -51.15
N VAL I 148 1.60 26.27 -50.90
CA VAL I 148 1.17 26.84 -49.62
C VAL I 148 -0.34 26.71 -49.47
N ASP I 149 -1.09 27.02 -50.53
CA ASP I 149 -2.55 26.90 -50.47
C ASP I 149 -2.99 25.47 -50.22
N GLU I 150 -2.34 24.51 -50.89
CA GLU I 150 -2.66 23.11 -50.66
C GLU I 150 -2.29 22.68 -49.24
N GLY I 151 -1.17 23.21 -48.72
CA GLY I 151 -0.78 22.88 -47.36
C GLY I 151 -1.76 23.40 -46.32
N VAL I 152 -2.30 24.60 -46.54
CA VAL I 152 -3.28 25.16 -45.61
C VAL I 152 -4.54 24.30 -45.60
N ASP I 153 -4.99 23.86 -46.76
CA ASP I 153 -6.16 22.98 -46.82
C ASP I 153 -5.88 21.66 -46.13
N LEU I 154 -4.63 21.17 -46.22
CA LEU I 154 -4.29 19.89 -45.61
C LEU I 154 -4.40 19.93 -44.08
N VAL I 155 -3.85 20.99 -43.47
CA VAL I 155 -3.88 21.07 -42.01
C VAL I 155 -5.30 21.31 -41.51
N ILE I 156 -6.12 22.03 -42.29
CA ILE I 156 -7.51 22.25 -41.90
C ILE I 156 -8.28 20.94 -41.90
N ARG I 157 -8.09 20.11 -42.94
CA ARG I 157 -8.76 18.82 -42.98
C ARG I 157 -8.28 17.92 -41.85
N ALA I 158 -6.98 17.93 -41.55
CA ALA I 158 -6.45 17.06 -40.51
C ALA I 158 -7.01 17.43 -39.13
N ILE I 159 -7.06 18.72 -38.83
CA ILE I 159 -7.61 19.15 -37.54
C ILE I 159 -9.11 18.91 -37.49
N SER I 160 -9.81 19.10 -38.61
CA SER I 160 -11.25 18.85 -38.63
C SER I 160 -11.55 17.39 -38.33
N ALA I 161 -10.75 16.47 -38.86
CA ALA I 161 -10.93 15.06 -38.56
C ALA I 161 -10.70 14.78 -37.08
N ALA I 162 -9.69 15.42 -36.49
CA ALA I 162 -9.41 15.22 -35.07
C ALA I 162 -10.58 15.70 -34.21
N LYS I 163 -11.19 16.82 -34.57
CA LYS I 163 -12.32 17.34 -33.81
C LYS I 163 -13.51 16.41 -33.85
N GLN I 164 -13.64 15.60 -34.91
CA GLN I 164 -14.76 14.68 -35.02
C GLN I 164 -14.60 13.46 -34.11
N ARG I 165 -13.38 13.17 -33.65
CA ARG I 165 -13.11 11.95 -32.90
C ARG I 165 -12.49 12.17 -31.53
N ASP I 166 -11.97 13.36 -31.24
CA ASP I 166 -11.35 13.67 -29.96
C ASP I 166 -12.23 14.69 -29.23
N SER I 167 -12.81 14.28 -28.10
CA SER I 167 -13.69 15.16 -27.35
C SER I 167 -12.95 16.33 -26.70
N ALA I 168 -11.64 16.20 -26.50
CA ALA I 168 -10.84 17.27 -25.90
C ALA I 168 -10.49 18.36 -26.90
N SER I 169 -10.83 18.20 -28.18
CA SER I 169 -10.53 19.18 -29.22
C SER I 169 -11.81 19.78 -29.76
N GLY I 170 -11.73 21.04 -30.16
CA GLY I 170 -12.88 21.72 -30.74
C GLY I 170 -12.61 23.19 -30.92
N GLY I 171 -13.60 23.87 -31.46
CA GLY I 171 -13.53 25.30 -31.67
C GLY I 171 -12.94 25.68 -33.02
N MET I 172 -12.77 26.98 -33.20
CA MET I 172 -12.23 27.53 -34.44
C MET I 172 -10.77 27.13 -34.61
N ILE I 173 -10.36 26.98 -35.86
CA ILE I 173 -9.00 26.60 -36.21
C ILE I 173 -8.19 27.86 -36.51
N ASP I 174 -7.03 27.99 -35.87
CA ASP I 174 -6.11 29.08 -36.12
C ASP I 174 -4.93 28.57 -36.95
N VAL I 175 -4.59 29.29 -38.01
CA VAL I 175 -3.53 28.88 -38.93
C VAL I 175 -2.56 30.03 -39.13
N ALA I 176 -1.27 29.71 -39.10
CA ALA I 176 -0.21 30.68 -39.36
C ALA I 176 0.71 30.14 -40.45
N VAL I 177 1.17 31.04 -41.32
CA VAL I 177 2.08 30.71 -42.41
C VAL I 177 3.34 31.55 -42.24
N ILE I 178 4.50 30.90 -42.27
CA ILE I 178 5.78 31.56 -42.08
C ILE I 178 6.60 31.41 -43.35
N THR I 179 6.99 32.54 -43.93
CA THR I 179 7.86 32.56 -45.10
C THR I 179 8.91 33.65 -44.92
N ARG I 180 10.02 33.51 -45.64
CA ARG I 180 11.06 34.54 -45.62
C ARG I 180 10.54 35.84 -46.22
N LYS I 181 9.75 35.75 -47.31
CA LYS I 181 9.31 36.95 -47.99
C LYS I 181 8.29 37.74 -47.17
N ASP I 182 7.37 37.05 -46.50
CA ASP I 182 6.26 37.71 -45.81
C ASP I 182 6.35 37.61 -44.29
N GLY I 183 7.27 36.83 -43.74
CA GLY I 183 7.37 36.71 -42.30
C GLY I 183 6.25 35.87 -41.71
N TYR I 184 5.99 36.09 -40.42
CA TYR I 184 4.96 35.37 -39.69
C TYR I 184 3.61 36.03 -39.98
N VAL I 185 2.73 35.30 -40.65
CA VAL I 185 1.41 35.81 -41.03
C VAL I 185 0.35 34.85 -40.48
N GLN I 186 -0.51 35.36 -39.61
CA GLN I 186 -1.64 34.59 -39.12
C GLN I 186 -2.84 34.83 -40.03
N LEU I 187 -3.39 33.75 -40.57
CA LEU I 187 -4.49 33.88 -41.51
C LEU I 187 -5.73 34.43 -40.82
N PRO I 188 -6.50 35.30 -41.48
CA PRO I 188 -7.71 35.83 -40.87
C PRO I 188 -8.77 34.75 -40.70
N THR I 189 -9.66 34.97 -39.72
CA THR I 189 -10.68 33.98 -39.40
C THR I 189 -11.64 33.77 -40.57
N ASP I 190 -12.00 34.86 -41.26
CA ASP I 190 -12.93 34.74 -42.38
C ASP I 190 -12.34 33.89 -43.50
N GLN I 191 -11.03 34.01 -43.75
CA GLN I 191 -10.39 33.18 -44.77
C GLN I 191 -10.43 31.71 -44.38
N ILE I 192 -10.23 31.40 -43.10
CA ILE I 192 -10.32 30.02 -42.63
C ILE I 192 -11.74 29.49 -42.84
N GLU I 193 -12.75 30.30 -42.50
CA GLU I 193 -14.14 29.88 -42.69
C GLU I 193 -14.44 29.63 -44.16
N SER I 194 -13.90 30.48 -45.05
CA SER I 194 -14.13 30.28 -46.48
C SER I 194 -13.53 28.96 -46.95
N ARG I 195 -12.34 28.62 -46.48
CA ARG I 195 -11.72 27.34 -46.87
C ARG I 195 -12.52 26.17 -46.31
N ILE I 196 -13.06 26.30 -45.10
CA ILE I 196 -13.85 25.22 -44.52
C ILE I 196 -15.11 24.98 -45.35
N ARG I 197 -15.78 26.06 -45.77
CA ARG I 197 -16.97 25.90 -46.60
C ARG I 197 -16.63 25.30 -47.96
N LYS I 198 -15.50 25.71 -48.56
CA LYS I 198 -15.10 25.16 -49.83
C LYS I 198 -14.73 23.68 -49.75
N LEU I 199 -14.15 23.25 -48.62
CA LEU I 199 -13.78 21.85 -48.44
C LEU I 199 -14.97 20.97 -48.04
N GLY I 200 -16.12 21.56 -47.78
CA GLY I 200 -17.32 20.79 -47.38
C GLY I 200 -17.20 20.22 -45.99
N LEU I 201 -16.61 20.97 -45.06
CA LEU I 201 -16.39 20.47 -43.67
C LEU I 201 -17.41 21.14 -42.75
N ILE I 202 -18.49 21.64 -43.34
CA ILE I 202 -19.59 22.28 -42.55
C ILE I 202 -20.77 22.53 -43.49
N THR J 1 -19.91 27.01 -3.15
CA THR J 1 -19.49 28.31 -3.64
C THR J 1 -19.90 28.50 -5.10
N THR J 2 -20.42 29.67 -5.42
CA THR J 2 -20.82 30.01 -6.78
C THR J 2 -20.41 31.44 -7.07
N THR J 3 -19.53 31.62 -8.06
CA THR J 3 -19.12 32.93 -8.52
C THR J 3 -19.33 33.02 -10.02
N VAL J 4 -19.59 34.23 -10.51
CA VAL J 4 -19.84 34.45 -11.93
C VAL J 4 -19.38 35.84 -12.32
N GLY J 5 -18.85 35.96 -13.53
CA GLY J 5 -18.49 37.25 -14.10
C GLY J 5 -18.78 37.29 -15.58
N ILE J 6 -19.42 38.38 -16.04
CA ILE J 6 -19.80 38.52 -17.44
C ILE J 6 -19.34 39.87 -17.96
N THR J 7 -19.19 39.95 -19.28
CA THR J 7 -18.81 41.18 -19.95
C THR J 7 -19.96 41.68 -20.82
N LEU J 8 -20.11 43.00 -20.88
CA LEU J 8 -21.08 43.65 -21.74
C LEU J 8 -20.35 44.66 -22.63
N LYS J 9 -21.13 45.50 -23.31
CA LYS J 9 -20.54 46.46 -24.23
C LYS J 9 -19.55 47.39 -23.54
N ASP J 10 -19.94 47.95 -22.39
CA ASP J 10 -19.09 48.88 -21.65
C ASP J 10 -19.15 48.62 -20.15
N ALA J 11 -19.34 47.37 -19.75
CA ALA J 11 -19.50 47.07 -18.32
C ALA J 11 -19.03 45.66 -18.03
N VAL J 12 -18.69 45.43 -16.76
CA VAL J 12 -18.37 44.11 -16.23
C VAL J 12 -19.24 43.89 -14.99
N ILE J 13 -19.88 42.72 -14.91
CA ILE J 13 -20.75 42.38 -13.80
C ILE J 13 -20.21 41.11 -13.14
N MET J 14 -19.99 41.17 -11.84
CA MET J 14 -19.52 40.03 -11.06
C MET J 14 -20.44 39.81 -9.87
N ALA J 15 -20.66 38.55 -9.53
CA ALA J 15 -21.59 38.21 -8.46
C ALA J 15 -21.20 36.89 -7.81
N THR J 16 -21.48 36.79 -6.51
CA THR J 16 -21.20 35.59 -5.72
C THR J 16 -22.34 35.37 -4.74
N GLU J 17 -22.33 34.21 -4.10
CA GLU J 17 -23.14 33.93 -2.93
C GLU J 17 -22.25 34.01 -1.69
N ARG J 18 -22.80 33.65 -0.52
CA ARG J 18 -22.12 33.91 0.74
C ARG J 18 -21.91 32.69 1.63
N ARG J 19 -22.29 31.48 1.24
CA ARG J 19 -22.20 30.33 2.18
C ARG J 19 -20.76 29.82 2.37
N VAL J 20 -20.34 29.63 3.61
CA VAL J 20 -18.98 29.06 3.88
C VAL J 20 -19.12 27.73 4.65
N THR J 21 -18.57 26.66 4.11
CA THR J 21 -18.66 25.32 4.72
C THR J 21 -17.35 24.99 5.43
N MET J 22 -17.24 25.27 6.73
CA MET J 22 -16.02 25.01 7.56
C MET J 22 -16.32 23.83 8.51
N GLU J 23 -15.51 22.76 8.53
CA GLU J 23 -15.68 21.53 9.37
C GLU J 23 -16.90 20.70 8.92
N ASN J 24 -17.21 20.69 7.62
CA ASN J 24 -18.28 19.82 7.07
C ASN J 24 -19.70 20.20 7.51
N PHE J 25 -19.97 21.45 7.84
CA PHE J 25 -21.35 21.91 8.11
C PHE J 25 -21.41 23.38 7.65
N ILE J 26 -22.57 24.00 7.70
CA ILE J 26 -22.68 25.40 7.34
C ILE J 26 -22.38 26.26 8.56
N MET J 27 -21.12 26.66 8.72
CA MET J 27 -20.73 27.44 9.89
C MET J 27 -20.97 28.94 9.71
N HIS J 28 -20.86 29.45 8.48
CA HIS J 28 -21.01 30.87 8.23
C HIS J 28 -21.97 31.07 7.05
N LYS J 29 -22.93 31.97 7.23
CA LYS J 29 -23.93 32.25 6.20
C LYS J 29 -23.66 33.54 5.44
N ASN J 30 -22.72 34.36 5.89
CA ASN J 30 -22.48 35.69 5.31
C ASN J 30 -21.00 35.91 5.06
N GLY J 31 -20.34 34.92 4.45
CA GLY J 31 -18.96 35.09 4.05
C GLY J 31 -18.83 36.07 2.89
N LYS J 32 -17.61 36.57 2.72
CA LYS J 32 -17.30 37.55 1.67
C LYS J 32 -16.42 36.88 0.62
N LYS J 33 -16.89 36.91 -0.64
CA LYS J 33 -16.18 36.28 -1.73
C LYS J 33 -15.93 37.22 -2.91
N LEU J 34 -16.43 38.44 -2.85
CA LEU J 34 -16.25 39.42 -3.92
C LEU J 34 -15.52 40.63 -3.35
N PHE J 35 -14.41 41.01 -4.00
CA PHE J 35 -13.53 42.05 -3.49
C PHE J 35 -13.19 43.04 -4.58
N GLN J 36 -13.05 44.30 -4.20
CA GLN J 36 -12.50 45.32 -5.09
C GLN J 36 -11.00 45.42 -4.81
N ILE J 37 -10.20 45.19 -5.86
CA ILE J 37 -8.74 45.20 -5.71
C ILE J 37 -8.08 46.39 -6.41
N ASP J 38 -8.84 47.18 -7.16
CA ASP J 38 -8.31 48.38 -7.80
C ASP J 38 -9.47 49.30 -8.11
N THR J 39 -9.15 50.44 -8.72
CA THR J 39 -10.18 51.43 -9.03
C THR J 39 -11.24 50.86 -9.97
N TYR J 40 -10.82 50.10 -10.97
CA TYR J 40 -11.74 49.50 -11.93
C TYR J 40 -11.52 47.99 -12.05
N THR J 41 -11.21 47.32 -10.94
CA THR J 41 -10.92 45.89 -10.99
C THR J 41 -11.54 45.18 -9.79
N GLY J 42 -12.13 44.01 -10.05
CA GLY J 42 -12.66 43.18 -8.98
C GLY J 42 -12.20 41.76 -9.13
N MET J 43 -12.39 40.98 -8.06
CA MET J 43 -11.95 39.60 -8.03
C MET J 43 -12.87 38.76 -7.15
N THR J 44 -13.15 37.54 -7.61
CA THR J 44 -13.92 36.56 -6.83
C THR J 44 -13.02 35.39 -6.48
N ILE J 45 -13.35 34.71 -5.39
CA ILE J 45 -12.52 33.65 -4.84
C ILE J 45 -13.36 32.40 -4.62
N ALA J 46 -12.78 31.23 -4.89
CA ALA J 46 -13.39 29.95 -4.59
C ALA J 46 -12.30 28.97 -4.21
N GLY J 47 -12.60 28.10 -3.24
CA GLY J 47 -11.65 27.13 -2.75
C GLY J 47 -11.34 27.33 -1.28
N LEU J 48 -10.08 27.08 -0.92
CA LEU J 48 -9.64 27.19 0.47
C LEU J 48 -9.69 28.66 0.90
N VAL J 49 -10.39 28.91 2.01
CA VAL J 49 -10.60 30.29 2.47
C VAL J 49 -9.28 30.94 2.84
N GLY J 50 -8.40 30.22 3.54
CA GLY J 50 -7.15 30.80 3.98
C GLY J 50 -6.27 31.22 2.82
N ASP J 51 -6.12 30.35 1.83
CA ASP J 51 -5.31 30.69 0.66
C ASP J 51 -5.90 31.86 -0.11
N ALA J 52 -7.22 31.87 -0.27
CA ALA J 52 -7.88 32.93 -1.04
C ALA J 52 -7.71 34.28 -0.38
N GLN J 53 -7.88 34.35 0.95
CA GLN J 53 -7.79 35.62 1.65
C GLN J 53 -6.37 36.20 1.59
N VAL J 54 -5.35 35.33 1.66
CA VAL J 54 -3.98 35.80 1.54
C VAL J 54 -3.73 36.40 0.16
N LEU J 55 -4.25 35.75 -0.89
CA LEU J 55 -4.05 36.23 -2.25
C LEU J 55 -4.73 37.58 -2.45
N VAL J 56 -5.91 37.77 -1.86
CA VAL J 56 -6.62 39.04 -1.98
C VAL J 56 -5.78 40.17 -1.39
N ARG J 57 -5.18 39.94 -0.22
CA ARG J 57 -4.33 40.95 0.40
C ARG J 57 -3.10 41.23 -0.45
N TYR J 58 -2.50 40.20 -1.03
CA TYR J 58 -1.34 40.39 -1.90
C TYR J 58 -1.69 41.24 -3.11
N MET J 59 -2.83 40.96 -3.75
CA MET J 59 -3.21 41.67 -4.96
C MET J 59 -3.51 43.13 -4.67
N LYS J 60 -4.16 43.42 -3.54
CA LYS J 60 -4.43 44.80 -3.17
C LYS J 60 -3.14 45.57 -2.97
N ALA J 61 -2.15 44.96 -2.33
CA ALA J 61 -0.87 45.62 -2.10
C ALA J 61 -0.12 45.84 -3.41
N GLU J 62 -0.08 44.82 -4.27
CA GLU J 62 0.66 44.93 -5.53
C GLU J 62 0.03 45.98 -6.43
N LEU J 63 -1.29 45.99 -6.54
CA LEU J 63 -1.95 46.93 -7.44
C LEU J 63 -1.86 48.36 -6.95
N GLU J 64 -1.95 48.57 -5.63
CA GLU J 64 -1.83 49.91 -5.09
C GLU J 64 -0.42 50.45 -5.26
N LEU J 65 0.59 49.61 -5.02
CA LEU J 65 1.98 50.03 -5.24
C LEU J 65 2.23 50.31 -6.72
N TYR J 66 1.65 49.48 -7.59
CA TYR J 66 1.78 49.69 -9.03
C TYR J 66 1.20 51.04 -9.44
N ARG J 67 0.03 51.37 -8.90
CA ARG J 67 -0.62 52.64 -9.24
C ARG J 67 0.20 53.84 -8.77
N LEU J 68 0.79 53.74 -7.58
CA LEU J 68 1.56 54.86 -7.05
C LEU J 68 2.87 55.07 -7.80
N GLN J 69 3.50 54.00 -8.27
CA GLN J 69 4.79 54.11 -8.93
C GLN J 69 4.65 54.54 -10.39
N ARG J 70 3.78 53.88 -11.14
CA ARG J 70 3.63 54.15 -12.56
C ARG J 70 2.50 55.11 -12.89
N ARG J 71 1.82 55.66 -11.88
CA ARG J 71 0.82 56.72 -11.97
C ARG J 71 -0.45 56.31 -12.72
N VAL J 72 -0.57 55.06 -13.15
CA VAL J 72 -1.76 54.58 -13.84
C VAL J 72 -2.16 53.22 -13.26
N ASN J 73 -3.42 52.86 -13.47
CA ASN J 73 -3.91 51.57 -13.03
C ASN J 73 -3.32 50.45 -13.89
N MET J 74 -3.06 49.32 -13.25
CA MET J 74 -2.52 48.16 -13.98
C MET J 74 -3.57 47.64 -14.95
N PRO J 75 -3.20 47.33 -16.19
CA PRO J 75 -4.15 46.74 -17.13
C PRO J 75 -4.65 45.39 -16.63
N ILE J 76 -5.89 45.06 -17.03
CA ILE J 76 -6.54 43.86 -16.51
C ILE J 76 -5.75 42.61 -16.90
N GLU J 77 -5.28 42.54 -18.15
CA GLU J 77 -4.50 41.38 -18.57
C GLU J 77 -3.19 41.30 -17.80
N ALA J 78 -2.61 42.46 -17.45
CA ALA J 78 -1.40 42.45 -16.63
C ALA J 78 -1.69 41.93 -15.22
N VAL J 79 -2.87 42.23 -14.68
CA VAL J 79 -3.27 41.69 -13.39
C VAL J 79 -3.34 40.17 -13.45
N ALA J 80 -3.95 39.64 -14.50
CA ALA J 80 -4.05 38.19 -14.64
C ALA J 80 -2.69 37.55 -14.82
N THR J 81 -1.80 38.19 -15.59
CA THR J 81 -0.47 37.65 -15.80
C THR J 81 0.32 37.60 -14.49
N LEU J 82 0.20 38.64 -13.67
CA LEU J 82 0.88 38.66 -12.38
C LEU J 82 0.39 37.53 -11.50
N LEU J 83 -0.93 37.32 -11.44
CA LEU J 83 -1.47 36.19 -10.69
C LEU J 83 -1.02 34.86 -11.27
N SER J 84 -0.94 34.78 -12.60
CA SER J 84 -0.52 33.54 -13.25
C SER J 84 0.90 33.15 -12.83
N ASN J 85 1.80 34.13 -12.79
CA ASN J 85 3.17 33.85 -12.37
C ASN J 85 3.22 33.42 -10.91
N MET J 86 2.47 34.11 -10.03
CA MET J 86 2.53 33.81 -8.61
C MET J 86 2.06 32.39 -8.32
N LEU J 87 0.97 31.96 -8.98
CA LEU J 87 0.44 30.62 -8.71
C LEU J 87 1.34 29.54 -9.31
N ASN J 88 1.89 29.77 -10.50
CA ASN J 88 2.69 28.76 -11.16
C ASN J 88 4.03 28.54 -10.46
N GLN J 89 4.57 29.58 -9.81
N GLN J 89 4.57 29.58 -9.81
CA GLN J 89 5.85 29.45 -9.12
CA GLN J 89 5.85 29.45 -9.12
C GLN J 89 5.79 28.48 -7.94
C GLN J 89 5.79 28.48 -7.94
N VAL J 90 4.60 28.20 -7.42
CA VAL J 90 4.43 27.26 -6.32
C VAL J 90 3.50 26.12 -6.70
N LYS J 91 3.49 25.72 -7.98
CA LYS J 91 2.52 24.76 -8.50
C LYS J 91 2.53 23.44 -7.75
N TYR J 92 3.68 23.02 -7.24
CA TYR J 92 3.78 21.77 -6.50
C TYR J 92 3.44 21.92 -5.01
N MET J 93 3.35 23.15 -4.51
CA MET J 93 2.79 23.43 -3.19
C MET J 93 1.76 24.56 -3.33
N PRO J 94 0.68 24.32 -4.08
CA PRO J 94 -0.08 25.42 -4.67
C PRO J 94 -1.14 25.99 -3.74
N TYR J 95 -1.62 27.17 -4.11
CA TYR J 95 -2.85 27.72 -3.55
C TYR J 95 -4.03 26.95 -4.15
N MET J 96 -4.87 26.38 -3.30
CA MET J 96 -6.01 25.58 -3.76
C MET J 96 -7.22 26.48 -3.96
N VAL J 97 -7.13 27.30 -5.01
CA VAL J 97 -8.12 28.34 -5.27
C VAL J 97 -8.52 28.34 -6.75
N GLN J 98 -9.69 28.91 -7.01
CA GLN J 98 -10.14 29.26 -8.35
C GLN J 98 -10.51 30.73 -8.36
N LEU J 99 -9.98 31.47 -9.34
CA LEU J 99 -10.06 32.93 -9.32
C LEU J 99 -10.69 33.45 -10.60
N LEU J 100 -11.45 34.53 -10.47
CA LEU J 100 -11.95 35.32 -11.58
C LEU J 100 -11.53 36.77 -11.38
N VAL J 101 -11.00 37.38 -12.44
CA VAL J 101 -10.58 38.78 -12.41
C VAL J 101 -11.29 39.50 -13.55
N GLY J 102 -11.95 40.60 -13.23
CA GLY J 102 -12.65 41.40 -14.22
C GLY J 102 -12.49 42.89 -13.96
N GLY J 103 -12.51 43.64 -15.04
CA GLY J 103 -12.38 45.08 -14.91
C GLY J 103 -12.34 45.77 -16.26
N ILE J 104 -12.14 47.08 -16.22
CA ILE J 104 -12.12 47.94 -17.39
C ILE J 104 -10.80 48.68 -17.42
N ASP J 105 -10.04 48.55 -18.51
CA ASP J 105 -8.90 49.44 -18.77
C ASP J 105 -9.17 50.28 -20.01
N THR J 106 -9.40 49.67 -21.17
CA THR J 106 -9.97 50.34 -22.33
C THR J 106 -11.19 49.61 -22.86
N ALA J 107 -11.43 48.39 -22.41
CA ALA J 107 -12.57 47.58 -22.80
C ALA J 107 -12.83 46.57 -21.71
N PRO J 108 -14.05 46.03 -21.61
CA PRO J 108 -14.32 45.02 -20.59
C PRO J 108 -13.49 43.77 -20.77
N HIS J 109 -13.08 43.18 -19.64
CA HIS J 109 -12.32 41.94 -19.65
C HIS J 109 -12.71 41.10 -18.44
N VAL J 110 -12.73 39.78 -18.64
CA VAL J 110 -12.91 38.82 -17.57
C VAL J 110 -11.91 37.68 -17.78
N PHE J 111 -11.14 37.35 -16.75
CA PHE J 111 -10.13 36.32 -16.81
C PHE J 111 -10.41 35.24 -15.79
N SER J 112 -10.18 33.99 -16.19
CA SER J 112 -10.29 32.84 -15.30
C SER J 112 -8.91 32.26 -15.05
N ILE J 113 -8.55 32.10 -13.79
CA ILE J 113 -7.23 31.63 -13.40
C ILE J 113 -7.38 30.42 -12.50
N ASP J 114 -6.66 29.35 -12.80
CA ASP J 114 -6.70 28.12 -12.04
C ASP J 114 -5.52 28.05 -11.06
N ALA J 115 -5.47 26.97 -10.28
CA ALA J 115 -4.46 26.84 -9.25
C ALA J 115 -3.05 26.69 -9.80
N ALA J 116 -2.91 26.23 -11.05
CA ALA J 116 -1.60 26.04 -11.65
C ALA J 116 -1.10 27.27 -12.41
N GLY J 117 -1.86 28.36 -12.40
CA GLY J 117 -1.45 29.58 -13.07
C GLY J 117 -1.93 29.74 -14.48
N GLY J 118 -2.82 28.87 -14.96
CA GLY J 118 -3.37 29.03 -16.30
C GLY J 118 -4.42 30.13 -16.32
N SER J 119 -4.27 31.08 -17.24
CA SER J 119 -5.16 32.23 -17.33
C SER J 119 -5.76 32.29 -18.74
N VAL J 120 -7.08 32.33 -18.81
CA VAL J 120 -7.80 32.37 -20.08
C VAL J 120 -8.84 33.48 -20.02
N GLU J 121 -8.84 34.35 -21.03
CA GLU J 121 -9.86 35.38 -21.13
C GLU J 121 -11.11 34.81 -21.80
N ASP J 122 -12.28 35.26 -21.34
CA ASP J 122 -13.54 34.77 -21.87
C ASP J 122 -14.60 35.85 -21.72
N ILE J 123 -15.67 35.72 -22.51
CA ILE J 123 -16.78 36.66 -22.42
C ILE J 123 -17.51 36.51 -21.08
N TYR J 124 -17.64 35.28 -20.59
CA TYR J 124 -18.18 35.06 -19.25
C TYR J 124 -17.55 33.78 -18.68
N ALA J 125 -17.58 33.68 -17.36
CA ALA J 125 -17.00 32.53 -16.68
C ALA J 125 -17.65 32.37 -15.32
N SER J 126 -17.53 31.16 -14.76
CA SER J 126 -18.09 30.84 -13.46
C SER J 126 -17.19 29.84 -12.77
N THR J 127 -17.05 29.98 -11.45
CA THR J 127 -16.21 29.11 -10.64
C THR J 127 -17.00 28.60 -9.45
N GLY J 128 -16.49 27.53 -8.84
CA GLY J 128 -17.11 26.93 -7.67
C GLY J 128 -17.89 25.68 -8.02
N SER J 129 -18.39 25.04 -6.97
CA SER J 129 -19.17 23.81 -7.15
C SER J 129 -20.48 24.04 -7.87
N GLY J 130 -21.03 25.25 -7.79
CA GLY J 130 -22.26 25.59 -8.49
C GLY J 130 -22.08 26.10 -9.89
N SER J 131 -20.84 26.16 -10.39
CA SER J 131 -20.60 26.71 -11.72
C SER J 131 -21.32 25.97 -12.85
N PRO J 132 -21.37 24.63 -12.90
CA PRO J 132 -22.05 23.99 -14.04
C PRO J 132 -23.51 24.39 -14.19
N PHE J 133 -24.20 24.62 -13.08
CA PHE J 133 -25.59 25.09 -13.16
C PHE J 133 -25.65 26.49 -13.74
N VAL J 134 -24.68 27.34 -13.40
CA VAL J 134 -24.62 28.69 -13.95
C VAL J 134 -24.39 28.66 -15.46
N TYR J 135 -23.47 27.78 -15.90
CA TYR J 135 -23.17 27.70 -17.33
C TYR J 135 -24.38 27.28 -18.13
N GLY J 136 -25.25 26.44 -17.56
CA GLY J 136 -26.47 26.07 -18.25
C GLY J 136 -27.38 27.27 -18.48
N VAL J 137 -27.51 28.12 -17.46
CA VAL J 137 -28.34 29.33 -17.60
C VAL J 137 -27.71 30.29 -18.60
N LEU J 138 -26.39 30.49 -18.50
CA LEU J 138 -25.73 31.44 -19.39
C LEU J 138 -25.74 30.98 -20.84
N GLU J 139 -25.58 29.68 -21.07
CA GLU J 139 -25.58 29.16 -22.44
C GLU J 139 -26.91 29.44 -23.13
N SER J 140 -28.01 29.36 -22.40
CA SER J 140 -29.33 29.47 -23.02
C SER J 140 -29.85 30.90 -23.03
N GLN J 141 -29.32 31.79 -22.18
CA GLN J 141 -29.93 33.10 -22.00
C GLN J 141 -28.99 34.29 -22.19
N TYR J 142 -27.67 34.10 -22.12
CA TYR J 142 -26.76 35.23 -22.25
C TYR J 142 -26.81 35.81 -23.67
N SER J 143 -26.77 37.14 -23.75
CA SER J 143 -26.69 37.85 -25.02
C SER J 143 -25.69 38.99 -24.89
N GLU J 144 -24.88 39.17 -25.94
CA GLU J 144 -23.90 40.25 -25.92
C GLU J 144 -24.52 41.63 -26.09
N LYS J 145 -25.78 41.70 -26.49
CA LYS J 145 -26.48 42.98 -26.64
C LYS J 145 -27.25 43.39 -25.40
N MET J 146 -27.13 42.65 -24.30
CA MET J 146 -27.88 42.94 -23.09
C MET J 146 -27.44 44.28 -22.49
N THR J 147 -28.40 44.96 -21.86
CA THR J 147 -28.10 46.15 -21.09
C THR J 147 -27.57 45.77 -19.70
N VAL J 148 -27.12 46.78 -18.96
CA VAL J 148 -26.61 46.53 -17.62
C VAL J 148 -27.71 45.98 -16.72
N ASP J 149 -28.92 46.55 -16.79
CA ASP J 149 -30.03 46.07 -15.98
C ASP J 149 -30.38 44.62 -16.32
N GLU J 150 -30.39 44.29 -17.62
CA GLU J 150 -30.67 42.92 -18.03
C GLU J 150 -29.55 41.98 -17.59
N GLY J 151 -28.30 42.45 -17.62
CA GLY J 151 -27.19 41.63 -17.17
C GLY J 151 -27.26 41.33 -15.68
N VAL J 152 -27.67 42.31 -14.87
CA VAL J 152 -27.79 42.08 -13.44
C VAL J 152 -28.86 41.04 -13.15
N ASP J 153 -29.99 41.11 -13.85
CA ASP J 153 -31.03 40.10 -13.68
C ASP J 153 -30.54 38.73 -14.11
N LEU J 154 -29.68 38.67 -15.14
CA LEU J 154 -29.19 37.39 -15.64
C LEU J 154 -28.34 36.68 -14.59
N VAL J 155 -27.41 37.41 -13.96
CA VAL J 155 -26.52 36.78 -12.98
C VAL J 155 -27.29 36.37 -11.73
N ILE J 156 -28.32 37.15 -11.37
CA ILE J 156 -29.14 36.79 -10.21
C ILE J 156 -29.88 35.49 -10.46
N ARG J 157 -30.47 35.34 -11.66
CA ARG J 157 -31.17 34.10 -11.98
C ARG J 157 -30.21 32.92 -12.03
N ALA J 158 -29.00 33.12 -12.58
CA ALA J 158 -28.05 32.03 -12.69
C ALA J 158 -27.60 31.55 -11.31
N ILE J 159 -27.29 32.47 -10.41
CA ILE J 159 -26.87 32.08 -9.06
C ILE J 159 -28.04 31.47 -8.29
N SER J 160 -29.26 31.99 -8.49
CA SER J 160 -30.42 31.43 -7.81
C SER J 160 -30.64 29.97 -8.22
N ALA J 161 -30.46 29.66 -9.51
CA ALA J 161 -30.57 28.27 -9.95
C ALA J 161 -29.51 27.40 -9.31
N ALA J 162 -28.28 27.91 -9.18
CA ALA J 162 -27.21 27.14 -8.55
C ALA J 162 -27.52 26.84 -7.09
N LYS J 163 -28.11 27.81 -6.38
CA LYS J 163 -28.45 27.59 -4.97
C LYS J 163 -29.52 26.52 -4.81
N GLN J 164 -30.36 26.31 -5.82
CA GLN J 164 -31.40 25.30 -5.74
C GLN J 164 -30.87 23.89 -5.91
N ARG J 165 -29.66 23.73 -6.46
CA ARG J 165 -29.13 22.41 -6.79
C ARG J 165 -27.78 22.11 -6.18
N ASP J 166 -27.05 23.10 -5.66
CA ASP J 166 -25.75 22.91 -5.05
C ASP J 166 -25.87 23.20 -3.56
N SER J 167 -25.66 22.17 -2.74
CA SER J 167 -25.78 22.33 -1.29
C SER J 167 -24.67 23.18 -0.70
N ALA J 168 -23.55 23.31 -1.39
CA ALA J 168 -22.44 24.13 -0.91
C ALA J 168 -22.65 25.63 -1.16
N SER J 169 -23.72 26.00 -1.85
CA SER J 169 -24.01 27.40 -2.16
C SER J 169 -25.28 27.84 -1.44
N GLY J 170 -25.32 29.11 -1.08
CA GLY J 170 -26.49 29.66 -0.43
C GLY J 170 -26.21 31.06 0.08
N GLY J 171 -27.25 31.64 0.68
CA GLY J 171 -27.16 32.97 1.26
C GLY J 171 -27.49 34.07 0.27
N MET J 172 -27.32 35.30 0.75
CA MET J 172 -27.60 36.48 -0.04
C MET J 172 -26.61 36.61 -1.20
N ILE J 173 -27.07 37.18 -2.30
CA ILE J 173 -26.28 37.37 -3.51
C ILE J 173 -25.69 38.78 -3.49
N ASP J 174 -24.38 38.88 -3.69
CA ASP J 174 -23.69 40.14 -3.80
C ASP J 174 -23.34 40.40 -5.26
N VAL J 175 -23.64 41.61 -5.74
CA VAL J 175 -23.45 41.97 -7.14
C VAL J 175 -22.67 43.28 -7.22
N ALA J 176 -21.69 43.32 -8.11
CA ALA J 176 -20.91 44.53 -8.38
C ALA J 176 -20.93 44.83 -9.87
N VAL J 177 -21.02 46.11 -10.20
CA VAL J 177 -21.00 46.59 -11.58
C VAL J 177 -19.83 47.54 -11.75
N ILE J 178 -19.03 47.29 -12.78
CA ILE J 178 -17.83 48.09 -13.05
C ILE J 178 -17.99 48.78 -14.40
N THR J 179 -17.92 50.10 -14.39
CA THR J 179 -17.96 50.89 -15.62
C THR J 179 -16.90 51.99 -15.53
N ARG J 180 -16.49 52.49 -16.70
CA ARG J 180 -15.57 53.61 -16.72
C ARG J 180 -16.19 54.86 -16.12
N LYS J 181 -17.47 55.10 -16.39
CA LYS J 181 -18.12 56.34 -15.94
C LYS J 181 -18.30 56.34 -14.43
N ASP J 182 -18.68 55.21 -13.84
CA ASP J 182 -19.04 55.16 -12.43
C ASP J 182 -18.05 54.37 -11.57
N GLY J 183 -17.08 53.69 -12.17
CA GLY J 183 -16.12 52.93 -11.39
C GLY J 183 -16.73 51.66 -10.82
N TYR J 184 -16.12 51.16 -9.76
CA TYR J 184 -16.55 49.94 -9.08
C TYR J 184 -17.70 50.30 -8.13
N VAL J 185 -18.89 49.77 -8.42
CA VAL J 185 -20.09 50.05 -7.65
C VAL J 185 -20.68 48.72 -7.20
N GLN J 186 -20.76 48.52 -5.89
CA GLN J 186 -21.43 47.34 -5.34
C GLN J 186 -22.89 47.68 -5.09
N LEU J 187 -23.78 46.88 -5.68
CA LEU J 187 -25.20 47.16 -5.58
C LEU J 187 -25.69 46.98 -4.14
N PRO J 188 -26.58 47.83 -3.65
CA PRO J 188 -27.09 47.69 -2.30
C PRO J 188 -27.93 46.42 -2.14
N THR J 189 -27.99 45.92 -0.91
CA THR J 189 -28.70 44.68 -0.64
C THR J 189 -30.19 44.82 -0.93
N ASP J 190 -30.78 45.97 -0.59
CA ASP J 190 -32.21 46.17 -0.82
C ASP J 190 -32.54 46.13 -2.31
N GLN J 191 -31.66 46.69 -3.15
CA GLN J 191 -31.88 46.64 -4.59
C GLN J 191 -31.85 45.20 -5.11
N ILE J 192 -30.94 44.39 -4.57
CA ILE J 192 -30.88 42.98 -4.96
C ILE J 192 -32.16 42.27 -4.55
N GLU J 193 -32.66 42.54 -3.34
CA GLU J 193 -33.90 41.92 -2.89
C GLU J 193 -35.08 42.34 -3.75
N SER J 194 -35.11 43.60 -4.17
CA SER J 194 -36.18 44.06 -5.04
C SER J 194 -36.17 43.32 -6.38
N ARG J 195 -34.99 43.11 -6.96
CA ARG J 195 -34.89 42.38 -8.22
C ARG J 195 -35.31 40.92 -8.04
N ILE J 196 -34.96 40.32 -6.90
CA ILE J 196 -35.35 38.93 -6.64
C ILE J 196 -36.87 38.81 -6.57
N ARG J 197 -37.53 39.75 -5.88
CA ARG J 197 -38.99 39.72 -5.79
C ARG J 197 -39.62 39.95 -7.17
N LYS J 198 -39.06 40.86 -7.96
CA LYS J 198 -39.60 41.11 -9.29
C LYS J 198 -39.42 39.92 -10.23
N LEU J 199 -38.34 39.17 -10.08
CA LEU J 199 -38.10 37.99 -10.92
C LEU J 199 -38.87 36.76 -10.45
N GLY J 200 -39.55 36.84 -9.32
CA GLY J 200 -40.32 35.70 -8.78
C GLY J 200 -39.43 34.58 -8.28
N LEU J 201 -38.31 34.92 -7.64
CA LEU J 201 -37.34 33.90 -7.16
C LEU J 201 -37.50 33.76 -5.65
N ILE J 202 -38.65 34.18 -5.12
CA ILE J 202 -38.94 34.06 -3.67
C ILE J 202 -40.41 34.43 -3.45
N THR K 1 -14.32 19.21 23.71
CA THR K 1 -14.14 20.65 23.84
C THR K 1 -15.34 21.40 23.25
N THR K 2 -15.82 22.41 23.97
CA THR K 2 -16.92 23.23 23.53
C THR K 2 -16.63 24.69 23.86
N THR K 3 -16.53 25.53 22.83
CA THR K 3 -16.34 26.96 23.00
C THR K 3 -17.42 27.70 22.22
N VAL K 4 -17.79 28.88 22.70
CA VAL K 4 -18.83 29.68 22.07
C VAL K 4 -18.54 31.15 22.30
N GLY K 5 -18.88 31.97 21.30
CA GLY K 5 -18.79 33.40 21.40
C GLY K 5 -19.94 34.09 20.67
N ILE K 6 -20.59 35.05 21.32
CA ILE K 6 -21.74 35.73 20.74
C ILE K 6 -21.54 37.23 20.85
N THR K 7 -22.23 37.97 19.99
CA THR K 7 -22.21 39.43 20.00
C THR K 7 -23.58 39.97 20.37
N LEU K 8 -23.59 41.07 21.11
CA LEU K 8 -24.80 41.78 21.47
C LEU K 8 -24.65 43.23 21.03
N LYS K 9 -25.59 44.07 21.48
CA LYS K 9 -25.59 45.48 21.08
C LYS K 9 -24.28 46.18 21.43
N ASP K 10 -23.81 46.00 22.67
CA ASP K 10 -22.59 46.65 23.14
C ASP K 10 -21.75 45.70 23.98
N ALA K 11 -21.79 44.40 23.68
CA ALA K 11 -21.06 43.44 24.51
C ALA K 11 -20.68 42.23 23.68
N VAL K 12 -19.67 41.51 24.16
CA VAL K 12 -19.24 40.23 23.62
C VAL K 12 -19.17 39.24 24.77
N ILE K 13 -19.76 38.07 24.58
CA ILE K 13 -19.78 37.01 25.59
C ILE K 13 -19.11 35.78 25.03
N MET K 14 -18.12 35.25 25.76
CA MET K 14 -17.40 34.05 25.37
C MET K 14 -17.42 33.06 26.53
N ALA K 15 -17.52 31.77 26.20
CA ALA K 15 -17.63 30.76 27.23
C ALA K 15 -17.07 29.43 26.72
N THR K 16 -16.50 28.66 27.65
CA THR K 16 -15.93 27.35 27.35
C THR K 16 -16.23 26.40 28.51
N GLU K 17 -15.96 25.12 28.28
CA GLU K 17 -15.90 24.13 29.34
C GLU K 17 -14.44 23.82 29.65
N ARG K 18 -14.19 22.83 30.51
CA ARG K 18 -12.85 22.61 31.05
C ARG K 18 -12.28 21.22 30.84
N ARG K 19 -12.95 20.30 30.18
CA ARG K 19 -12.43 18.90 30.11
C ARG K 19 -11.25 18.74 29.13
N VAL K 20 -10.19 18.10 29.56
CA VAL K 20 -9.02 17.83 28.66
C VAL K 20 -8.81 16.32 28.52
N THR K 21 -8.83 15.81 27.30
CA THR K 21 -8.69 14.36 27.03
C THR K 21 -7.26 14.09 26.55
N MET K 22 -6.35 13.73 27.44
CA MET K 22 -4.92 13.42 27.13
C MET K 22 -4.70 11.90 27.28
N GLU K 23 -4.17 11.20 26.27
CA GLU K 23 -3.94 9.71 26.25
C GLU K 23 -5.25 8.91 26.22
N ASN K 24 -6.29 9.45 25.58
CA ASN K 24 -7.56 8.70 25.40
C ASN K 24 -8.36 8.47 26.68
N PHE K 25 -8.22 9.29 27.70
CA PHE K 25 -9.07 9.20 28.91
C PHE K 25 -9.24 10.63 29.43
N ILE K 26 -10.04 10.84 30.45
CA ILE K 26 -10.19 12.18 31.03
C ILE K 26 -9.11 12.39 32.07
N MET K 27 -7.97 12.97 31.66
CA MET K 27 -6.86 13.17 32.58
C MET K 27 -6.99 14.46 33.39
N HIS K 28 -7.60 15.50 32.82
CA HIS K 28 -7.72 16.78 33.50
C HIS K 28 -9.16 17.27 33.42
N LYS K 29 -9.71 17.69 34.56
CA LYS K 29 -11.08 18.17 34.64
C LYS K 29 -11.20 19.69 34.68
N ASN K 30 -10.08 20.40 34.85
CA ASN K 30 -10.10 21.85 35.05
C ASN K 30 -9.08 22.53 34.16
N GLY K 31 -9.06 22.16 32.88
CA GLY K 31 -8.22 22.85 31.93
C GLY K 31 -8.71 24.26 31.64
N LYS K 32 -7.82 25.06 31.09
CA LYS K 32 -8.11 26.46 30.78
C LYS K 32 -8.15 26.62 29.26
N LYS K 33 -9.29 27.12 28.76
CA LYS K 33 -9.49 27.30 27.32
C LYS K 33 -9.91 28.70 26.94
N LEU K 34 -10.12 29.59 27.91
CA LEU K 34 -10.52 30.96 27.65
C LEU K 34 -9.47 31.90 28.22
N PHE K 35 -8.96 32.80 27.38
CA PHE K 35 -7.84 33.66 27.74
C PHE K 35 -8.14 35.10 27.37
N GLN K 36 -7.65 36.03 28.19
CA GLN K 36 -7.65 37.44 27.87
C GLN K 36 -6.30 37.77 27.23
N ILE K 37 -6.34 38.28 26.00
CA ILE K 37 -5.12 38.60 25.25
C ILE K 37 -4.90 40.09 25.07
N ASP K 38 -5.87 40.92 25.44
CA ASP K 38 -5.71 42.37 25.36
C ASP K 38 -6.70 43.00 26.32
N THR K 39 -6.70 44.34 26.36
CA THR K 39 -7.58 45.05 27.28
C THR K 39 -9.05 44.75 27.01
N TYR K 40 -9.42 44.69 25.72
CA TYR K 40 -10.80 44.40 25.34
C TYR K 40 -10.88 43.25 24.34
N THR K 41 -10.03 42.24 24.51
CA THR K 41 -9.99 41.13 23.56
C THR K 41 -9.82 39.80 24.29
N GLY K 42 -10.56 38.78 23.85
CA GLY K 42 -10.43 37.45 24.39
C GLY K 42 -10.31 36.43 23.27
N MET K 43 -9.90 35.23 23.66
CA MET K 43 -9.69 34.15 22.69
C MET K 43 -9.97 32.80 23.33
N THR K 44 -10.60 31.92 22.57
CA THR K 44 -10.83 30.54 22.98
C THR K 44 -10.06 29.60 22.06
N ILE K 45 -9.71 28.42 22.59
CA ILE K 45 -8.85 27.48 21.88
C ILE K 45 -9.51 26.11 21.86
N ALA K 46 -9.36 25.41 20.74
CA ALA K 46 -9.80 24.03 20.60
C ALA K 46 -8.82 23.29 19.70
N GLY K 47 -8.55 22.03 20.03
CA GLY K 47 -7.63 21.21 19.27
C GLY K 47 -6.45 20.76 20.12
N LEU K 48 -5.28 20.70 19.49
CA LEU K 48 -4.07 20.25 20.17
C LEU K 48 -3.67 21.26 21.25
N VAL K 49 -3.51 20.78 22.47
CA VAL K 49 -3.23 21.66 23.61
C VAL K 49 -1.90 22.37 23.43
N GLY K 50 -0.87 21.65 22.99
CA GLY K 50 0.45 22.25 22.84
C GLY K 50 0.48 23.38 21.83
N ASP K 51 -0.14 23.15 20.67
CA ASP K 51 -0.18 24.20 19.63
C ASP K 51 -0.98 25.41 20.12
N ALA K 52 -2.11 25.15 20.78
CA ALA K 52 -2.97 26.24 21.22
C ALA K 52 -2.28 27.12 22.26
N GLN K 53 -1.58 26.49 23.22
CA GLN K 53 -0.94 27.26 24.28
C GLN K 53 0.20 28.13 23.73
N VAL K 54 0.94 27.62 22.74
CA VAL K 54 1.99 28.42 22.12
C VAL K 54 1.38 29.64 21.42
N LEU K 55 0.27 29.45 20.72
CA LEU K 55 -0.36 30.57 20.01
C LEU K 55 -0.87 31.63 20.99
N VAL K 56 -1.40 31.20 22.14
CA VAL K 56 -1.87 32.17 23.13
C VAL K 56 -0.72 33.05 23.62
N ARG K 57 0.44 32.44 23.88
CA ARG K 57 1.60 33.22 24.32
C ARG K 57 2.06 34.17 23.22
N TYR K 58 2.05 33.72 21.97
CA TYR K 58 2.44 34.59 20.86
C TYR K 58 1.52 35.80 20.76
N MET K 59 0.20 35.57 20.86
CA MET K 59 -0.76 36.66 20.69
C MET K 59 -0.64 37.68 21.82
N LYS K 60 -0.42 37.20 23.05
CA LYS K 60 -0.24 38.13 24.16
C LYS K 60 0.98 39.02 23.95
N ALA K 61 2.07 38.43 23.45
CA ALA K 61 3.28 39.21 23.22
C ALA K 61 3.08 40.21 22.08
N GLU K 62 2.47 39.76 20.98
CA GLU K 62 2.28 40.64 19.82
C GLU K 62 1.36 41.81 20.17
N LEU K 63 0.26 41.53 20.88
CA LEU K 63 -0.71 42.58 21.17
C LEU K 63 -0.16 43.58 22.18
N GLU K 64 0.60 43.10 23.18
CA GLU K 64 1.18 44.01 24.15
C GLU K 64 2.24 44.91 23.52
N LEU K 65 3.08 44.34 22.66
CA LEU K 65 4.06 45.15 21.94
C LEU K 65 3.38 46.14 21.01
N TYR K 66 2.29 45.71 20.36
CA TYR K 66 1.54 46.61 19.49
C TYR K 66 0.99 47.79 20.28
N ARG K 67 0.44 47.52 21.47
CA ARG K 67 -0.13 48.59 22.28
C ARG K 67 0.94 49.58 22.75
N LEU K 68 2.12 49.08 23.11
CA LEU K 68 3.18 49.97 23.59
C LEU K 68 3.76 50.84 22.47
N GLN K 69 3.83 50.31 21.25
CA GLN K 69 4.45 51.05 20.16
C GLN K 69 3.49 52.07 19.55
N ARG K 70 2.27 51.65 19.23
CA ARG K 70 1.31 52.52 18.56
C ARG K 70 0.33 53.19 19.51
N ARG K 71 0.49 53.00 20.82
CA ARG K 71 -0.22 53.69 21.89
C ARG K 71 -1.71 53.37 21.94
N VAL K 72 -2.23 52.49 21.09
CA VAL K 72 -3.63 52.11 21.08
C VAL K 72 -3.74 50.60 20.96
N ASN K 73 -4.89 50.08 21.36
CA ASN K 73 -5.15 48.65 21.23
C ASN K 73 -5.36 48.27 19.78
N MET K 74 -4.88 47.08 19.43
CA MET K 74 -5.04 46.59 18.06
C MET K 74 -6.52 46.34 17.77
N PRO K 75 -7.02 46.77 16.62
CA PRO K 75 -8.42 46.47 16.27
C PRO K 75 -8.66 44.98 16.16
N ILE K 76 -9.89 44.57 16.45
CA ILE K 76 -10.22 43.15 16.51
C ILE K 76 -9.99 42.48 15.16
N GLU K 77 -10.40 43.13 14.07
CA GLU K 77 -10.19 42.56 12.75
C GLU K 77 -8.70 42.46 12.43
N ALA K 78 -7.91 43.39 12.93
CA ALA K 78 -6.46 43.31 12.75
C ALA K 78 -5.87 42.14 13.52
N VAL K 79 -6.44 41.84 14.70
CA VAL K 79 -6.00 40.66 15.45
C VAL K 79 -6.26 39.40 14.66
N ALA K 80 -7.46 39.29 14.06
CA ALA K 80 -7.79 38.11 13.27
C ALA K 80 -6.91 38.00 12.04
N THR K 81 -6.62 39.14 11.39
CA THR K 81 -5.77 39.12 10.21
C THR K 81 -4.36 38.65 10.54
N LEU K 82 -3.83 39.11 11.68
CA LEU K 82 -2.50 38.68 12.11
C LEU K 82 -2.45 37.17 12.34
N LEU K 83 -3.48 36.64 13.02
CA LEU K 83 -3.56 35.20 13.21
C LEU K 83 -3.72 34.47 11.89
N SER K 84 -4.49 35.04 10.96
CA SER K 84 -4.71 34.43 9.67
C SER K 84 -3.39 34.26 8.91
N ASN K 85 -2.55 35.29 8.93
CA ASN K 85 -1.25 35.20 8.27
C ASN K 85 -0.35 34.16 8.93
N MET K 86 -0.33 34.14 10.26
CA MET K 86 0.56 33.21 10.97
C MET K 86 0.20 31.76 10.66
N LEU K 87 -1.09 31.43 10.66
CA LEU K 87 -1.49 30.05 10.43
C LEU K 87 -1.29 29.64 8.97
N ASN K 88 -1.56 30.56 8.03
CA ASN K 88 -1.45 30.21 6.62
C ASN K 88 -0.01 30.03 6.18
N GLN K 89 0.92 30.73 6.82
N GLN K 89 0.92 30.73 6.82
CA GLN K 89 2.33 30.63 6.45
CA GLN K 89 2.33 30.63 6.45
C GLN K 89 2.90 29.24 6.71
C GLN K 89 2.90 29.24 6.71
N VAL K 90 2.26 28.45 7.58
CA VAL K 90 2.70 27.09 7.87
C VAL K 90 1.62 26.07 7.56
N LYS K 91 0.78 26.34 6.56
CA LYS K 91 -0.42 25.54 6.29
C LYS K 91 -0.09 24.07 6.04
N TYR K 92 1.08 23.77 5.49
CA TYR K 92 1.46 22.38 5.25
C TYR K 92 2.12 21.72 6.44
N MET K 93 2.50 22.49 7.46
CA MET K 93 2.92 21.96 8.77
C MET K 93 2.16 22.72 9.85
N PRO K 94 0.83 22.60 9.87
CA PRO K 94 0.00 23.61 10.52
C PRO K 94 -0.19 23.38 12.01
N TYR K 95 -0.66 24.42 12.68
CA TYR K 95 -1.21 24.31 14.02
C TYR K 95 -2.58 23.66 13.92
N MET K 96 -2.77 22.56 14.64
CA MET K 96 -4.03 21.81 14.59
C MET K 96 -5.00 22.37 15.62
N VAL K 97 -5.49 23.58 15.35
CA VAL K 97 -6.30 24.33 16.30
C VAL K 97 -7.52 24.93 15.61
N GLN K 98 -8.53 25.23 16.41
CA GLN K 98 -9.67 26.05 16.01
C GLN K 98 -9.79 27.20 17.00
N LEU K 99 -9.90 28.43 16.47
CA LEU K 99 -9.79 29.62 17.29
C LEU K 99 -11.00 30.52 17.12
N LEU K 100 -11.38 31.17 18.22
CA LEU K 100 -12.37 32.24 18.22
C LEU K 100 -11.75 33.47 18.86
N VAL K 101 -11.93 34.62 18.22
CA VAL K 101 -11.43 35.89 18.73
C VAL K 101 -12.60 36.86 18.81
N GLY K 102 -12.78 37.48 19.97
CA GLY K 102 -13.85 38.44 20.16
C GLY K 102 -13.39 39.60 21.02
N GLY K 103 -13.99 40.76 20.75
CA GLY K 103 -13.64 41.94 21.52
C GLY K 103 -14.38 43.17 21.00
N ILE K 104 -14.04 44.31 21.61
CA ILE K 104 -14.65 45.59 21.31
C ILE K 104 -13.54 46.57 20.93
N ASP K 105 -13.65 47.17 19.73
CA ASP K 105 -12.82 48.32 19.39
C ASP K 105 -13.69 49.56 19.21
N THR K 106 -14.66 49.53 18.28
CA THR K 106 -15.74 50.50 18.24
C THR K 106 -17.10 49.84 18.23
N ALA K 107 -17.15 48.53 18.01
CA ALA K 107 -18.38 47.75 17.99
C ALA K 107 -18.02 46.31 18.30
N PRO K 108 -18.96 45.50 18.77
CA PRO K 108 -18.67 44.10 19.04
C PRO K 108 -18.28 43.34 17.79
N HIS K 109 -17.33 42.40 17.95
CA HIS K 109 -16.87 41.56 16.86
C HIS K 109 -16.54 40.17 17.39
N VAL K 110 -16.83 39.16 16.59
CA VAL K 110 -16.42 37.79 16.85
C VAL K 110 -15.89 37.19 15.54
N PHE K 111 -14.70 36.62 15.58
CA PHE K 111 -14.06 36.03 14.41
C PHE K 111 -13.78 34.56 14.65
N SER K 112 -13.99 33.75 13.62
CA SER K 112 -13.67 32.34 13.63
C SER K 112 -12.50 32.09 12.69
N ILE K 113 -11.46 31.44 13.19
CA ILE K 113 -10.24 31.19 12.42
C ILE K 113 -9.94 29.70 12.44
N ASP K 114 -9.69 29.12 11.27
CA ASP K 114 -9.39 27.71 11.13
C ASP K 114 -7.88 27.49 11.03
N ALA K 115 -7.48 26.23 10.93
CA ALA K 115 -6.07 25.88 10.92
C ALA K 115 -5.33 26.37 9.68
N ALA K 116 -6.04 26.62 8.58
CA ALA K 116 -5.43 27.07 7.34
C ALA K 116 -5.36 28.59 7.23
N GLY K 117 -5.82 29.31 8.25
CA GLY K 117 -5.77 30.76 8.24
C GLY K 117 -7.01 31.45 7.70
N GLY K 118 -8.09 30.72 7.46
CA GLY K 118 -9.32 31.36 7.02
C GLY K 118 -10.03 32.02 8.19
N SER K 119 -10.37 33.30 8.03
CA SER K 119 -10.99 34.09 9.09
C SER K 119 -12.31 34.65 8.58
N VAL K 120 -13.39 34.39 9.31
CA VAL K 120 -14.73 34.85 8.95
C VAL K 120 -15.38 35.49 10.17
N GLU K 121 -15.89 36.70 10.00
CA GLU K 121 -16.63 37.36 11.06
C GLU K 121 -18.09 36.89 11.06
N ASP K 122 -18.66 36.75 12.26
CA ASP K 122 -20.02 36.27 12.39
C ASP K 122 -20.63 36.83 13.66
N ILE K 123 -21.96 36.83 13.71
CA ILE K 123 -22.66 37.30 14.90
C ILE K 123 -22.43 36.36 16.07
N TYR K 124 -22.35 35.05 15.82
CA TYR K 124 -21.99 34.09 16.84
C TYR K 124 -21.29 32.91 16.17
N ALA K 125 -20.51 32.18 16.96
CA ALA K 125 -19.77 31.04 16.45
C ALA K 125 -19.46 30.09 17.59
N SER K 126 -19.15 28.84 17.24
CA SER K 126 -18.83 27.81 18.21
C SER K 126 -17.81 26.85 17.59
N THR K 127 -16.88 26.39 18.42
CA THR K 127 -15.82 25.48 17.98
C THR K 127 -15.76 24.28 18.91
N GLY K 128 -15.11 23.24 18.44
CA GLY K 128 -14.94 22.01 19.21
C GLY K 128 -15.91 20.92 18.79
N SER K 129 -15.73 19.75 19.39
CA SER K 129 -16.57 18.61 19.08
C SER K 129 -18.02 18.82 19.51
N GLY K 130 -18.26 19.65 20.52
CA GLY K 130 -19.60 19.96 20.96
C GLY K 130 -20.27 21.12 20.25
N SER K 131 -19.61 21.71 19.26
CA SER K 131 -20.18 22.86 18.57
C SER K 131 -21.52 22.60 17.88
N PRO K 132 -21.75 21.48 17.18
CA PRO K 132 -23.05 21.31 16.52
C PRO K 132 -24.23 21.34 17.47
N PHE K 133 -24.06 20.84 18.69
CA PHE K 133 -25.14 20.92 19.68
C PHE K 133 -25.38 22.36 20.09
N VAL K 134 -24.32 23.16 20.19
CA VAL K 134 -24.46 24.58 20.52
C VAL K 134 -25.21 25.32 19.42
N TYR K 135 -24.87 25.03 18.16
CA TYR K 135 -25.52 25.71 17.04
C TYR K 135 -27.02 25.43 17.01
N GLY K 136 -27.43 24.23 17.43
CA GLY K 136 -28.85 23.95 17.52
C GLY K 136 -29.56 24.84 18.52
N VAL K 137 -28.94 25.04 19.69
CA VAL K 137 -29.52 25.91 20.70
C VAL K 137 -29.55 27.36 20.23
N LEU K 138 -28.44 27.81 19.63
CA LEU K 138 -28.35 29.20 19.20
C LEU K 138 -29.33 29.50 18.05
N GLU K 139 -29.48 28.55 17.13
CA GLU K 139 -30.38 28.77 16.00
C GLU K 139 -31.82 28.99 16.47
N SER K 140 -32.24 28.29 17.52
CA SER K 140 -33.63 28.35 17.95
C SER K 140 -33.89 29.43 19.00
N GLN K 141 -32.84 29.90 19.69
CA GLN K 141 -33.05 30.77 20.84
C GLN K 141 -32.31 32.11 20.81
N TYR K 142 -31.26 32.25 19.99
CA TYR K 142 -30.51 33.49 19.98
C TYR K 142 -31.35 34.64 19.43
N SER K 143 -31.21 35.81 20.06
CA SER K 143 -31.85 37.03 19.59
C SER K 143 -30.87 38.19 19.69
N GLU K 144 -30.85 39.04 18.68
CA GLU K 144 -29.96 40.19 18.68
C GLU K 144 -30.38 41.27 19.67
N LYS K 145 -31.61 41.20 20.18
CA LYS K 145 -32.10 42.18 21.15
C LYS K 145 -31.89 41.74 22.59
N MET K 146 -31.21 40.62 22.82
CA MET K 146 -30.99 40.11 24.16
C MET K 146 -30.14 41.06 24.99
N THR K 147 -30.42 41.09 26.29
CA THR K 147 -29.58 41.81 27.23
C THR K 147 -28.35 40.96 27.59
N VAL K 148 -27.43 41.56 28.34
CA VAL K 148 -26.23 40.85 28.76
C VAL K 148 -26.60 39.68 29.65
N ASP K 149 -27.51 39.89 30.60
CA ASP K 149 -27.93 38.81 31.50
C ASP K 149 -28.58 37.67 30.72
N GLU K 150 -29.43 38.01 29.74
CA GLU K 150 -30.05 36.97 28.92
C GLU K 150 -29.02 36.26 28.07
N GLY K 151 -28.01 36.99 27.58
CA GLY K 151 -26.96 36.36 26.80
C GLY K 151 -26.13 35.39 27.60
N VAL K 152 -25.84 35.72 28.86
CA VAL K 152 -25.08 34.82 29.71
C VAL K 152 -25.85 33.52 29.95
N ASP K 153 -27.16 33.63 30.20
CA ASP K 153 -27.98 32.44 30.38
C ASP K 153 -28.02 31.61 29.09
N LEU K 154 -27.99 32.27 27.94
CA LEU K 154 -28.05 31.55 26.67
C LEU K 154 -26.83 30.67 26.46
N VAL K 155 -25.64 31.22 26.70
CA VAL K 155 -24.41 30.45 26.47
C VAL K 155 -24.29 29.33 27.49
N ILE K 156 -24.78 29.54 28.71
CA ILE K 156 -24.74 28.49 29.72
C ILE K 156 -25.63 27.32 29.31
N ARG K 157 -26.83 27.61 28.82
CA ARG K 157 -27.72 26.55 28.37
C ARG K 157 -27.14 25.81 27.17
N ALA K 158 -26.52 26.55 26.23
CA ALA K 158 -25.96 25.92 25.03
C ALA K 158 -24.82 24.97 25.38
N ILE K 159 -23.92 25.41 26.27
CA ILE K 159 -22.81 24.54 26.67
C ILE K 159 -23.31 23.36 27.50
N SER K 160 -24.32 23.59 28.35
CA SER K 160 -24.87 22.49 29.14
C SER K 160 -25.47 21.41 28.25
N ALA K 161 -26.14 21.80 27.17
CA ALA K 161 -26.67 20.82 26.22
C ALA K 161 -25.54 20.04 25.56
N ALA K 162 -24.45 20.73 25.21
CA ALA K 162 -23.32 20.04 24.58
C ALA K 162 -22.70 19.02 25.52
N LYS K 163 -22.61 19.35 26.81
CA LYS K 163 -22.02 18.41 27.77
C LYS K 163 -22.88 17.16 27.92
N GLN K 164 -24.18 17.25 27.67
CA GLN K 164 -25.06 16.10 27.79
C GLN K 164 -24.91 15.12 26.63
N ARG K 165 -24.33 15.57 25.51
CA ARG K 165 -24.27 14.74 24.30
C ARG K 165 -22.86 14.54 23.75
N ASP K 166 -21.88 15.31 24.18
CA ASP K 166 -20.51 15.18 23.70
C ASP K 166 -19.65 14.69 24.87
N SER K 167 -19.09 13.48 24.72
CA SER K 167 -18.29 12.90 25.78
C SER K 167 -16.95 13.62 25.97
N ALA K 168 -16.48 14.34 24.95
CA ALA K 168 -15.23 15.09 25.05
C ALA K 168 -15.39 16.40 25.80
N SER K 169 -16.60 16.78 26.18
CA SER K 169 -16.86 18.03 26.88
C SER K 169 -17.35 17.74 28.29
N GLY K 170 -17.01 18.63 29.22
CA GLY K 170 -17.45 18.49 30.59
C GLY K 170 -16.77 19.50 31.49
N GLY K 171 -17.14 19.44 32.76
CA GLY K 171 -16.56 20.31 33.76
C GLY K 171 -17.29 21.63 33.92
N MET K 172 -16.73 22.47 34.77
CA MET K 172 -17.30 23.78 35.06
C MET K 172 -17.24 24.68 33.83
N ILE K 173 -18.21 25.57 33.71
CA ILE K 173 -18.31 26.51 32.59
C ILE K 173 -17.68 27.83 33.01
N ASP K 174 -16.77 28.34 32.18
CA ASP K 174 -16.16 29.64 32.38
C ASP K 174 -16.76 30.64 31.40
N VAL K 175 -17.16 31.80 31.90
CA VAL K 175 -17.83 32.83 31.10
C VAL K 175 -17.12 34.15 31.30
N ALA K 176 -16.90 34.88 30.20
CA ALA K 176 -16.32 36.21 30.23
C ALA K 176 -17.22 37.17 29.46
N VAL K 177 -17.34 38.39 29.97
CA VAL K 177 -18.13 39.44 29.35
C VAL K 177 -17.22 40.62 29.06
N ILE K 178 -17.24 41.11 27.83
CA ILE K 178 -16.38 42.21 27.39
C ILE K 178 -17.27 43.38 27.00
N THR K 179 -17.06 44.53 27.65
CA THR K 179 -17.75 45.75 27.33
C THR K 179 -16.75 46.90 27.36
N ARG K 180 -17.10 47.98 26.65
CA ARG K 180 -16.27 49.18 26.70
C ARG K 180 -16.23 49.79 28.09
N LYS K 181 -17.37 49.81 28.78
CA LYS K 181 -17.46 50.46 30.08
C LYS K 181 -16.66 49.70 31.14
N ASP K 182 -16.73 48.37 31.14
CA ASP K 182 -16.14 47.56 32.20
C ASP K 182 -14.94 46.75 31.75
N GLY K 183 -14.63 46.70 30.46
CA GLY K 183 -13.49 45.93 30.00
C GLY K 183 -13.76 44.43 30.04
N TYR K 184 -12.68 43.66 30.09
CA TYR K 184 -12.73 42.21 30.12
C TYR K 184 -13.00 41.77 31.56
N VAL K 185 -14.17 41.17 31.79
CA VAL K 185 -14.60 40.73 33.11
C VAL K 185 -14.94 39.24 33.03
N GLN K 186 -14.21 38.42 33.78
CA GLN K 186 -14.52 37.01 33.91
C GLN K 186 -15.47 36.80 35.08
N LEU K 187 -16.62 36.19 34.80
CA LEU K 187 -17.63 36.01 35.83
C LEU K 187 -17.13 35.05 36.91
N PRO K 188 -17.44 35.32 38.18
CA PRO K 188 -17.01 34.42 39.25
C PRO K 188 -17.73 33.07 39.16
N THR K 189 -17.06 32.04 39.70
CA THR K 189 -17.59 30.69 39.63
C THR K 189 -18.92 30.57 40.38
N ASP K 190 -19.04 31.22 41.54
CA ASP K 190 -20.26 31.15 42.31
C ASP K 190 -21.45 31.74 41.55
N GLN K 191 -21.21 32.83 40.81
CA GLN K 191 -22.27 33.42 40.01
C GLN K 191 -22.73 32.46 38.91
N ILE K 192 -21.79 31.74 38.29
CA ILE K 192 -22.15 30.75 37.28
C ILE K 192 -22.99 29.64 37.90
N GLU K 193 -22.58 29.17 39.08
CA GLU K 193 -23.34 28.11 39.74
C GLU K 193 -24.74 28.58 40.10
N SER K 194 -24.88 29.84 40.52
CA SER K 194 -26.21 30.37 40.84
C SER K 194 -27.10 30.39 39.61
N ARG K 195 -26.56 30.78 38.45
CA ARG K 195 -27.34 30.79 37.23
C ARG K 195 -27.73 29.37 36.80
N ILE K 196 -26.83 28.41 37.00
CA ILE K 196 -27.13 27.02 36.66
C ILE K 196 -28.28 26.50 37.51
N ARG K 197 -28.26 26.79 38.81
CA ARG K 197 -29.34 26.36 39.69
C ARG K 197 -30.66 27.04 39.32
N LYS K 198 -30.62 28.33 38.98
CA LYS K 198 -31.83 29.04 38.59
C LYS K 198 -32.41 28.52 37.27
N LEU K 199 -31.55 28.09 36.34
CA LEU K 199 -32.02 27.57 35.06
C LEU K 199 -32.47 26.12 35.15
N GLY K 200 -32.28 25.46 36.29
CA GLY K 200 -32.69 24.05 36.47
C GLY K 200 -31.82 23.09 35.69
N LEU K 201 -30.51 23.36 35.62
CA LEU K 201 -29.58 22.52 34.82
C LEU K 201 -28.78 21.65 35.79
N ILE K 202 -29.30 21.47 37.01
CA ILE K 202 -28.64 20.59 38.02
C ILE K 202 -29.62 20.43 39.20
N THR L 1 5.71 1.27 33.20
CA THR L 1 6.09 2.46 33.93
C THR L 1 4.89 3.06 34.66
N THR L 2 5.08 3.45 35.91
CA THR L 2 4.03 4.08 36.71
C THR L 2 4.64 5.22 37.51
N THR L 3 4.18 6.44 37.25
CA THR L 3 4.59 7.63 38.00
C THR L 3 3.36 8.34 38.52
N VAL L 4 3.51 9.01 39.65
CA VAL L 4 2.39 9.72 40.28
C VAL L 4 2.93 10.93 41.04
N GLY L 5 2.15 12.01 41.03
CA GLY L 5 2.44 13.19 41.81
C GLY L 5 1.18 13.82 42.36
N ILE L 6 1.18 14.16 43.65
CA ILE L 6 0.00 14.72 44.31
C ILE L 6 0.40 15.99 45.05
N THR L 7 -0.57 16.85 45.29
CA THR L 7 -0.39 18.07 46.05
C THR L 7 -1.17 18.00 47.36
N LEU L 8 -0.59 18.57 48.41
CA LEU L 8 -1.23 18.70 49.70
C LEU L 8 -1.22 20.17 50.11
N LYS L 9 -1.57 20.42 51.37
CA LYS L 9 -1.66 21.80 51.86
C LYS L 9 -0.34 22.55 51.70
N ASP L 10 0.77 21.93 52.11
CA ASP L 10 2.08 22.56 52.05
C ASP L 10 3.15 21.58 51.58
N ALA L 11 2.79 20.62 50.74
CA ALA L 11 3.74 19.60 50.34
C ALA L 11 3.39 19.06 48.96
N VAL L 12 4.40 18.49 48.30
CA VAL L 12 4.25 17.77 47.04
C VAL L 12 4.90 16.40 47.20
N ILE L 13 4.19 15.36 46.79
CA ILE L 13 4.67 13.98 46.89
C ILE L 13 4.71 13.39 45.49
N MET L 14 5.86 12.84 45.11
CA MET L 14 6.04 12.20 43.82
C MET L 14 6.63 10.81 44.05
N ALA L 15 6.21 9.86 43.21
CA ALA L 15 6.64 8.48 43.39
C ALA L 15 6.61 7.74 42.06
N THR L 16 7.53 6.80 41.89
CA THR L 16 7.64 5.98 40.69
C THR L 16 8.02 4.56 41.09
N GLU L 17 7.93 3.65 40.12
CA GLU L 17 8.52 2.33 40.24
C GLU L 17 9.81 2.29 39.42
N ARG L 18 10.42 1.11 39.29
CA ARG L 18 11.77 1.01 38.75
C ARG L 18 11.93 0.08 37.56
N ARG L 19 10.90 -0.55 37.04
CA ARG L 19 11.09 -1.56 35.96
C ARG L 19 11.40 -0.93 34.59
N VAL L 20 12.42 -1.42 33.91
CA VAL L 20 12.72 -0.91 32.53
C VAL L 20 12.63 -2.07 31.53
N THR L 21 11.80 -1.92 30.52
CA THR L 21 11.58 -2.97 29.50
C THR L 21 12.37 -2.62 28.23
N MET L 22 13.59 -3.11 28.08
CA MET L 22 14.48 -2.86 26.89
C MET L 22 14.56 -4.16 26.06
N GLU L 23 14.27 -4.13 24.75
CA GLU L 23 14.26 -5.32 23.83
C GLU L 23 13.13 -6.30 24.13
N ASN L 24 11.99 -5.82 24.63
CA ASN L 24 10.79 -6.68 24.85
C ASN L 24 10.95 -7.70 25.99
N PHE L 25 11.77 -7.44 26.98
CA PHE L 25 11.85 -8.32 28.17
C PHE L 25 12.21 -7.40 29.34
N ILE L 26 12.24 -7.91 30.56
CA ILE L 26 12.64 -7.10 31.70
C ILE L 26 14.15 -7.14 31.85
N MET L 27 14.84 -6.17 31.25
CA MET L 27 16.30 -6.16 31.30
C MET L 27 16.84 -5.49 32.55
N HIS L 28 16.14 -4.50 33.09
CA HIS L 28 16.61 -3.77 34.27
C HIS L 28 15.49 -3.69 35.30
N LYS L 29 15.82 -4.01 36.55
CA LYS L 29 14.85 -4.00 37.64
C LYS L 29 14.97 -2.77 38.53
N ASN L 30 16.02 -1.97 38.38
CA ASN L 30 16.30 -0.85 39.28
C ASN L 30 16.62 0.41 38.48
N GLY L 31 15.80 0.72 37.48
CA GLY L 31 15.95 1.96 36.76
C GLY L 31 15.55 3.16 37.60
N LYS L 32 16.00 4.32 37.17
CA LYS L 32 15.74 5.58 37.87
C LYS L 32 14.80 6.43 37.04
N LYS L 33 13.66 6.79 37.64
CA LYS L 33 12.64 7.58 36.94
C LYS L 33 12.23 8.84 37.69
N LEU L 34 12.76 9.07 38.88
CA LEU L 34 12.45 10.25 39.68
C LEU L 34 13.73 11.04 39.92
N PHE L 35 13.72 12.32 39.57
CA PHE L 35 14.91 13.15 39.61
C PHE L 35 14.62 14.47 40.31
N GLN L 36 15.61 14.98 41.03
CA GLN L 36 15.58 16.32 41.57
C GLN L 36 16.26 17.26 40.57
N ILE L 37 15.53 18.25 40.09
CA ILE L 37 16.05 19.19 39.08
C ILE L 37 16.28 20.59 39.63
N ASP L 38 15.86 20.87 40.86
CA ASP L 38 16.11 22.16 41.48
C ASP L 38 16.00 21.99 42.98
N THR L 39 16.17 23.09 43.71
CA THR L 39 16.15 23.04 45.17
C THR L 39 14.79 22.54 45.68
N TYR L 40 13.70 23.01 45.06
CA TYR L 40 12.36 22.61 45.47
C TYR L 40 11.55 22.09 44.28
N THR L 41 12.19 21.36 43.36
CA THR L 41 11.51 20.90 42.15
C THR L 41 11.94 19.47 41.82
N GLY L 42 10.98 18.63 41.44
CA GLY L 42 11.27 17.30 40.99
C GLY L 42 10.54 16.99 39.70
N MET L 43 10.97 15.90 39.06
CA MET L 43 10.41 15.51 37.77
C MET L 43 10.43 14.00 37.62
N THR L 44 9.37 13.45 37.04
CA THR L 44 9.28 12.04 36.71
C THR L 44 9.21 11.88 35.19
N ILE L 45 9.67 10.73 34.70
CA ILE L 45 9.80 10.48 33.27
C ILE L 45 9.11 9.17 32.91
N ALA L 46 8.46 9.16 31.75
CA ALA L 46 7.87 7.95 31.19
C ALA L 46 7.99 8.01 29.68
N GLY L 47 8.25 6.85 29.07
CA GLY L 47 8.40 6.75 27.63
C GLY L 47 9.80 6.27 27.25
N LEU L 48 10.31 6.81 26.15
CA LEU L 48 11.62 6.42 25.65
C LEU L 48 12.71 6.86 26.62
N VAL L 49 13.55 5.91 27.03
CA VAL L 49 14.56 6.18 28.05
C VAL L 49 15.57 7.20 27.55
N GLY L 50 16.02 7.06 26.30
CA GLY L 50 17.02 7.97 25.77
C GLY L 50 16.55 9.41 25.72
N ASP L 51 15.33 9.62 25.21
CA ASP L 51 14.78 10.98 25.15
C ASP L 51 14.60 11.56 26.55
N ALA L 52 14.10 10.75 27.48
CA ALA L 52 13.82 11.24 28.83
C ALA L 52 15.11 11.65 29.54
N GLN L 53 16.17 10.85 29.41
CA GLN L 53 17.41 11.16 30.11
C GLN L 53 18.06 12.43 29.58
N VAL L 54 17.96 12.67 28.26
CA VAL L 54 18.49 13.90 27.68
C VAL L 54 17.73 15.10 28.24
N LEU L 55 16.40 15.00 28.34
CA LEU L 55 15.61 16.12 28.84
C LEU L 55 15.93 16.42 30.30
N VAL L 56 16.19 15.39 31.11
CA VAL L 56 16.54 15.60 32.51
C VAL L 56 17.83 16.40 32.62
N ARG L 57 18.83 16.05 31.80
CA ARG L 57 20.09 16.80 31.81
C ARG L 57 19.89 18.24 31.36
N TYR L 58 19.05 18.45 30.35
CA TYR L 58 18.77 19.81 29.88
C TYR L 58 18.13 20.65 30.99
N MET L 59 17.14 20.07 31.68
CA MET L 59 16.42 20.82 32.69
C MET L 59 17.32 21.18 33.88
N LYS L 60 18.19 20.25 34.28
CA LYS L 60 19.13 20.54 35.35
C LYS L 60 20.05 21.70 34.99
N ALA L 61 20.53 21.72 33.74
CA ALA L 61 21.41 22.80 33.31
C ALA L 61 20.67 24.12 33.23
N GLU L 62 19.47 24.12 32.67
CA GLU L 62 18.71 25.36 32.52
C GLU L 62 18.33 25.95 33.87
N LEU L 63 17.89 25.10 34.80
CA LEU L 63 17.43 25.60 36.09
C LEU L 63 18.60 26.09 36.94
N GLU L 64 19.75 25.41 36.87
CA GLU L 64 20.91 25.85 37.63
C GLU L 64 21.45 27.18 37.09
N LEU L 65 21.51 27.33 35.77
CA LEU L 65 21.91 28.60 35.19
C LEU L 65 20.93 29.71 35.51
N TYR L 66 19.64 29.39 35.51
CA TYR L 66 18.61 30.37 35.87
C TYR L 66 18.80 30.84 37.30
N ARG L 67 19.09 29.91 38.22
CA ARG L 67 19.27 30.28 39.63
C ARG L 67 20.50 31.16 39.82
N LEU L 68 21.58 30.87 39.09
CA LEU L 68 22.80 31.66 39.26
C LEU L 68 22.67 33.06 38.69
N GLN L 69 21.90 33.22 37.60
CA GLN L 69 21.79 34.52 36.95
C GLN L 69 20.80 35.42 37.66
N ARG L 70 19.59 34.92 37.94
CA ARG L 70 18.54 35.72 38.53
C ARG L 70 18.44 35.59 40.04
N ARG L 71 19.35 34.84 40.67
CA ARG L 71 19.54 34.73 42.11
C ARG L 71 18.37 34.07 42.84
N VAL L 72 17.35 33.61 42.13
CA VAL L 72 16.20 32.94 42.74
C VAL L 72 15.87 31.68 41.93
N ASN L 73 15.16 30.76 42.57
CA ASN L 73 14.72 29.56 41.88
C ASN L 73 13.62 29.89 40.88
N MET L 74 13.63 29.17 39.77
CA MET L 74 12.60 29.36 38.74
C MET L 74 11.24 28.92 39.28
N PRO L 75 10.19 29.70 39.08
CA PRO L 75 8.85 29.26 39.51
C PRO L 75 8.43 28.00 38.78
N ILE L 76 7.59 27.21 39.46
CA ILE L 76 7.21 25.89 38.93
C ILE L 76 6.49 26.03 37.61
N GLU L 77 5.57 26.99 37.51
CA GLU L 77 4.85 27.19 36.25
C GLU L 77 5.81 27.63 35.15
N ALA L 78 6.84 28.39 35.50
CA ALA L 78 7.84 28.78 34.50
C ALA L 78 8.64 27.56 34.03
N VAL L 79 8.89 26.61 34.93
CA VAL L 79 9.57 25.37 34.54
C VAL L 79 8.72 24.62 33.53
N ALA L 80 7.42 24.50 33.78
CA ALA L 80 6.53 23.81 32.87
C ALA L 80 6.44 24.53 31.52
N THR L 81 6.39 25.86 31.54
CA THR L 81 6.33 26.62 30.30
C THR L 81 7.59 26.42 29.46
N LEU L 82 8.76 26.41 30.10
CA LEU L 82 10.00 26.18 29.38
C LEU L 82 10.00 24.80 28.72
N LEU L 83 9.56 23.78 29.45
CA LEU L 83 9.45 22.44 28.87
C LEU L 83 8.43 22.42 27.74
N SER L 84 7.33 23.16 27.91
CA SER L 84 6.29 23.19 26.89
C SER L 84 6.83 23.74 25.57
N ASN L 85 7.61 24.82 25.64
CA ASN L 85 8.20 25.39 24.43
C ASN L 85 9.19 24.42 23.79
N MET L 86 10.03 23.78 24.59
CA MET L 86 11.04 22.88 24.04
C MET L 86 10.42 21.71 23.29
N LEU L 87 9.37 21.11 23.85
CA LEU L 87 8.75 19.96 23.21
C LEU L 87 7.96 20.36 21.97
N ASN L 88 7.28 21.51 22.02
CA ASN L 88 6.44 21.92 20.90
C ASN L 88 7.27 22.34 19.69
N GLN L 89 8.49 22.86 19.93
N GLN L 89 8.49 22.86 19.93
CA GLN L 89 9.34 23.30 18.83
CA GLN L 89 9.34 23.30 18.83
C GLN L 89 9.78 22.15 17.93
C GLN L 89 9.78 22.15 17.93
N VAL L 90 9.73 20.92 18.43
CA VAL L 90 10.09 19.75 17.64
C VAL L 90 8.94 18.76 17.53
N LYS L 91 7.70 19.25 17.53
CA LYS L 91 6.52 18.40 17.62
C LYS L 91 6.44 17.36 16.52
N TYR L 92 6.98 17.67 15.34
CA TYR L 92 6.96 16.71 14.24
C TYR L 92 8.15 15.76 14.25
N MET L 93 9.16 16.01 15.08
CA MET L 93 10.22 15.05 15.38
C MET L 93 10.39 14.98 16.90
N PRO L 94 9.37 14.54 17.61
CA PRO L 94 9.23 14.87 19.02
C PRO L 94 9.98 13.91 19.94
N TYR L 95 10.14 14.37 21.19
CA TYR L 95 10.53 13.49 22.29
C TYR L 95 9.33 12.64 22.67
N MET L 96 9.49 11.32 22.65
CA MET L 96 8.39 10.41 22.94
C MET L 96 8.34 10.12 24.45
N VAL L 97 7.94 11.16 25.19
CA VAL L 97 7.97 11.13 26.64
C VAL L 97 6.67 11.66 27.22
N GLN L 98 6.41 11.27 28.47
CA GLN L 98 5.37 11.87 29.30
C GLN L 98 6.02 12.34 30.60
N LEU L 99 5.76 13.59 30.98
CA LEU L 99 6.48 14.24 32.05
C LEU L 99 5.53 14.77 33.12
N LEU L 100 5.99 14.70 34.37
CA LEU L 100 5.34 15.35 35.50
C LEU L 100 6.36 16.23 36.20
N VAL L 101 5.96 17.47 36.50
CA VAL L 101 6.81 18.43 37.20
C VAL L 101 6.06 18.91 38.43
N GLY L 102 6.71 18.82 39.59
CA GLY L 102 6.11 19.27 40.83
C GLY L 102 7.13 19.97 41.71
N GLY L 103 6.63 20.91 42.50
CA GLY L 103 7.50 21.63 43.40
C GLY L 103 6.77 22.72 44.16
N ILE L 104 7.53 23.48 44.94
CA ILE L 104 7.02 24.55 45.78
C ILE L 104 7.75 25.84 45.41
N ASP L 105 7.00 26.88 45.05
CA ASP L 105 7.56 28.22 44.96
C ASP L 105 6.92 29.13 46.00
N THR L 106 5.60 29.30 45.96
CA THR L 106 4.84 29.87 47.07
C THR L 106 3.69 28.97 47.50
N ALA L 107 3.37 27.96 46.69
CA ALA L 107 2.31 27.01 46.98
C ALA L 107 2.62 25.73 46.19
N PRO L 108 2.08 24.59 46.62
CA PRO L 108 2.32 23.36 45.88
C PRO L 108 1.75 23.41 44.46
N HIS L 109 2.48 22.79 43.53
CA HIS L 109 2.07 22.71 42.14
C HIS L 109 2.50 21.37 41.56
N VAL L 110 1.66 20.82 40.68
CA VAL L 110 1.99 19.65 39.88
C VAL L 110 1.52 19.90 38.47
N PHE L 111 2.41 19.70 37.50
CA PHE L 111 2.11 19.93 36.09
C PHE L 111 2.31 18.65 35.30
N SER L 112 1.41 18.41 34.35
CA SER L 112 1.51 17.29 33.42
C SER L 112 1.81 17.82 32.02
N ILE L 113 2.86 17.30 31.39
CA ILE L 113 3.30 17.76 30.09
C ILE L 113 3.38 16.57 29.14
N ASP L 114 2.78 16.71 27.96
CA ASP L 114 2.76 15.66 26.96
C ASP L 114 3.85 15.91 25.92
N ALA L 115 3.96 14.99 24.95
CA ALA L 115 5.01 15.06 23.96
C ALA L 115 4.88 16.25 23.02
N ALA L 116 3.67 16.80 22.86
CA ALA L 116 3.45 17.92 21.97
C ALA L 116 3.60 19.27 22.66
N GLY L 117 3.95 19.28 23.95
CA GLY L 117 4.15 20.53 24.67
C GLY L 117 2.93 21.04 25.41
N GLY L 118 1.86 20.27 25.50
CA GLY L 118 0.70 20.71 26.27
C GLY L 118 0.95 20.53 27.76
N SER L 119 0.73 21.60 28.52
CA SER L 119 1.00 21.60 29.96
C SER L 119 -0.28 21.98 30.69
N VAL L 120 -0.70 21.14 31.64
CA VAL L 120 -1.91 21.36 32.42
C VAL L 120 -1.59 21.15 33.89
N GLU L 121 -1.96 22.13 34.72
CA GLU L 121 -1.80 21.99 36.16
C GLU L 121 -2.99 21.23 36.74
N ASP L 122 -2.71 20.39 37.75
CA ASP L 122 -3.75 19.58 38.36
C ASP L 122 -3.37 19.30 39.81
N ILE L 123 -4.38 18.94 40.60
CA ILE L 123 -4.13 18.59 42.00
C ILE L 123 -3.34 17.30 42.11
N TYR L 124 -3.59 16.34 41.22
CA TYR L 124 -2.78 15.13 41.13
C TYR L 124 -2.79 14.63 39.70
N ALA L 125 -1.77 13.84 39.36
CA ALA L 125 -1.65 13.30 38.01
C ALA L 125 -0.81 12.04 38.05
N SER L 126 -0.94 11.24 36.99
CA SER L 126 -0.20 9.99 36.88
C SER L 126 0.10 9.74 35.40
N THR L 127 1.28 9.19 35.14
CA THR L 127 1.72 8.90 33.78
C THR L 127 2.22 7.45 33.70
N GLY L 128 2.32 6.96 32.47
CA GLY L 128 2.78 5.61 32.22
C GLY L 128 1.63 4.64 31.94
N SER L 129 2.02 3.42 31.59
CA SER L 129 1.04 2.39 31.28
C SER L 129 0.20 2.00 32.49
N GLY L 130 0.72 2.17 33.69
CA GLY L 130 -0.02 1.87 34.90
C GLY L 130 -0.84 3.01 35.46
N SER L 131 -0.87 4.15 34.77
CA SER L 131 -1.60 5.31 35.27
C SER L 131 -3.10 5.07 35.47
N PRO L 132 -3.84 4.40 34.56
CA PRO L 132 -5.29 4.26 34.81
C PRO L 132 -5.61 3.53 36.11
N PHE L 133 -4.78 2.56 36.51
CA PHE L 133 -5.00 1.89 37.79
C PHE L 133 -4.77 2.85 38.96
N VAL L 134 -3.79 3.74 38.82
CA VAL L 134 -3.53 4.74 39.86
C VAL L 134 -4.71 5.70 39.98
N TYR L 135 -5.26 6.14 38.85
CA TYR L 135 -6.37 7.09 38.89
C TYR L 135 -7.59 6.49 39.58
N GLY L 136 -7.79 5.18 39.45
CA GLY L 136 -8.88 4.54 40.17
C GLY L 136 -8.71 4.63 41.67
N VAL L 137 -7.48 4.39 42.16
CA VAL L 137 -7.21 4.50 43.58
C VAL L 137 -7.35 5.94 44.06
N LEU L 138 -6.81 6.88 43.30
CA LEU L 138 -6.85 8.29 43.71
C LEU L 138 -8.28 8.83 43.70
N GLU L 139 -9.08 8.44 42.70
CA GLU L 139 -10.45 8.93 42.64
C GLU L 139 -11.25 8.53 43.88
N SER L 140 -11.01 7.33 44.40
CA SER L 140 -11.82 6.83 45.50
C SER L 140 -11.25 7.18 46.87
N GLN L 141 -9.96 7.51 46.96
CA GLN L 141 -9.31 7.64 48.26
C GLN L 141 -8.60 8.97 48.50
N TYR L 142 -8.27 9.74 47.48
CA TYR L 142 -7.54 10.98 47.69
C TYR L 142 -8.40 12.00 48.43
N SER L 143 -7.78 12.72 49.35
CA SER L 143 -8.42 13.81 50.07
C SER L 143 -7.46 14.98 50.18
N GLU L 144 -7.98 16.19 49.99
CA GLU L 144 -7.16 17.39 50.08
C GLU L 144 -6.75 17.71 51.51
N LYS L 145 -7.39 17.11 52.51
CA LYS L 145 -7.06 17.34 53.90
C LYS L 145 -6.06 16.34 54.45
N MET L 146 -5.51 15.46 53.61
CA MET L 146 -4.58 14.44 54.08
C MET L 146 -3.30 15.06 54.59
N THR L 147 -2.71 14.40 55.58
CA THR L 147 -1.39 14.77 56.08
C THR L 147 -0.31 14.19 55.15
N VAL L 148 0.94 14.58 55.40
CA VAL L 148 2.05 14.08 54.60
C VAL L 148 2.18 12.57 54.75
N ASP L 149 2.08 12.07 55.99
CA ASP L 149 2.18 10.63 56.22
C ASP L 149 1.06 9.88 55.51
N GLU L 150 -0.16 10.41 55.56
CA GLU L 150 -1.27 9.77 54.86
C GLU L 150 -1.08 9.83 53.35
N GLY L 151 -0.51 10.94 52.86
CA GLY L 151 -0.25 11.06 51.43
C GLY L 151 0.78 10.06 50.93
N VAL L 152 1.82 9.81 51.74
CA VAL L 152 2.84 8.83 51.36
C VAL L 152 2.24 7.44 51.28
N ASP L 153 1.38 7.08 52.25
CA ASP L 153 0.71 5.79 52.19
C ASP L 153 -0.20 5.68 50.98
N LEU L 154 -0.82 6.80 50.58
CA LEU L 154 -1.74 6.79 49.45
C LEU L 154 -1.01 6.46 48.14
N VAL L 155 0.13 7.10 47.90
CA VAL L 155 0.86 6.87 46.65
C VAL L 155 1.45 5.46 46.62
N ILE L 156 1.85 4.95 47.78
CA ILE L 156 2.38 3.59 47.84
C ILE L 156 1.30 2.57 47.48
N ARG L 157 0.09 2.75 48.02
CA ARG L 157 -1.01 1.85 47.68
C ARG L 157 -1.37 1.94 46.20
N ALA L 158 -1.38 3.16 45.66
CA ALA L 158 -1.76 3.35 44.26
C ALA L 158 -0.77 2.67 43.32
N ILE L 159 0.53 2.84 43.58
CA ILE L 159 1.54 2.20 42.74
C ILE L 159 1.52 0.69 42.93
N SER L 160 1.29 0.22 44.16
CA SER L 160 1.23 -1.21 44.40
C SER L 160 0.09 -1.86 43.60
N ALA L 161 -1.06 -1.18 43.53
CA ALA L 161 -2.16 -1.70 42.73
C ALA L 161 -1.79 -1.75 41.25
N ALA L 162 -1.07 -0.73 40.76
CA ALA L 162 -0.66 -0.72 39.36
C ALA L 162 0.29 -1.88 39.05
N LYS L 163 1.19 -2.19 39.98
CA LYS L 163 2.13 -3.29 39.75
C LYS L 163 1.42 -4.63 39.68
N GLN L 164 0.25 -4.75 40.32
CA GLN L 164 -0.50 -6.01 40.29
C GLN L 164 -1.21 -6.24 38.97
N ARG L 165 -1.39 -5.19 38.15
CA ARG L 165 -2.19 -5.30 36.94
C ARG L 165 -1.46 -4.85 35.67
N ASP L 166 -0.34 -4.15 35.79
CA ASP L 166 0.42 -3.69 34.64
C ASP L 166 1.75 -4.44 34.60
N SER L 167 1.95 -5.24 33.56
CA SER L 167 3.18 -6.04 33.45
C SER L 167 4.41 -5.18 33.18
N ALA L 168 4.23 -3.97 32.66
CA ALA L 168 5.35 -3.08 32.40
C ALA L 168 5.84 -2.36 33.64
N SER L 169 5.18 -2.53 34.78
CA SER L 169 5.56 -1.88 36.03
C SER L 169 6.01 -2.92 37.04
N GLY L 170 6.95 -2.52 37.90
CA GLY L 170 7.43 -3.40 38.94
C GLY L 170 8.63 -2.81 39.64
N GLY L 171 9.12 -3.56 40.62
CA GLY L 171 10.30 -3.15 41.37
C GLY L 171 9.97 -2.31 42.59
N MET L 172 11.04 -1.86 43.23
CA MET L 172 10.91 -1.03 44.43
C MET L 172 10.31 0.32 44.09
N ILE L 173 9.58 0.88 45.05
CA ILE L 173 8.92 2.17 44.90
C ILE L 173 9.82 3.26 45.49
N ASP L 174 10.07 4.31 44.72
CA ASP L 174 10.83 5.46 45.18
C ASP L 174 9.87 6.62 45.44
N VAL L 175 10.01 7.27 46.60
CA VAL L 175 9.12 8.32 47.01
C VAL L 175 9.94 9.54 47.44
N ALA L 176 9.52 10.72 46.99
CA ALA L 176 10.13 11.98 47.39
C ALA L 176 9.07 12.92 47.92
N VAL L 177 9.43 13.67 48.96
CA VAL L 177 8.55 14.66 49.58
C VAL L 177 9.22 16.02 49.49
N ILE L 178 8.50 17.02 49.00
CA ILE L 178 9.03 18.36 48.80
C ILE L 178 8.23 19.31 49.69
N THR L 179 8.93 20.02 50.58
CA THR L 179 8.33 21.03 51.42
C THR L 179 9.26 22.24 51.47
N ARG L 180 8.68 23.40 51.80
CA ARG L 180 9.49 24.60 51.97
C ARG L 180 10.45 24.46 53.15
N LYS L 181 9.98 23.86 54.25
CA LYS L 181 10.81 23.76 55.45
C LYS L 181 12.00 22.82 55.25
N ASP L 182 11.78 21.69 54.59
CA ASP L 182 12.80 20.65 54.49
C ASP L 182 13.37 20.47 53.09
N GLY L 183 12.80 21.13 52.09
CA GLY L 183 13.32 20.98 50.73
C GLY L 183 12.95 19.64 50.13
N TYR L 184 13.75 19.25 49.13
CA TYR L 184 13.55 17.98 48.42
C TYR L 184 14.18 16.86 49.24
N VAL L 185 13.34 15.95 49.74
CA VAL L 185 13.78 14.85 50.57
C VAL L 185 13.29 13.54 49.94
N GLN L 186 14.23 12.69 49.56
CA GLN L 186 13.90 11.35 49.07
C GLN L 186 13.85 10.38 50.25
N LEU L 187 12.72 9.71 50.41
CA LEU L 187 12.55 8.81 51.54
C LEU L 187 13.49 7.62 51.43
N PRO L 188 14.06 7.16 52.54
CA PRO L 188 14.95 6.00 52.50
C PRO L 188 14.19 4.72 52.14
N THR L 189 14.92 3.77 51.55
CA THR L 189 14.31 2.53 51.11
C THR L 189 13.72 1.73 52.26
N ASP L 190 14.42 1.71 53.41
CA ASP L 190 13.93 0.96 54.56
C ASP L 190 12.62 1.53 55.07
N GLN L 191 12.46 2.85 55.04
CA GLN L 191 11.21 3.47 55.47
C GLN L 191 10.07 3.06 54.53
N ILE L 192 10.34 3.00 53.23
CA ILE L 192 9.31 2.56 52.28
C ILE L 192 8.92 1.11 52.55
N GLU L 193 9.90 0.25 52.82
CA GLU L 193 9.61 -1.15 53.12
C GLU L 193 8.79 -1.28 54.40
N SER L 194 9.09 -0.45 55.40
CA SER L 194 8.31 -0.49 56.64
C SER L 194 6.86 -0.12 56.39
N ARG L 195 6.62 0.90 55.56
CA ARG L 195 5.25 1.29 55.25
C ARG L 195 4.52 0.21 54.47
N ILE L 196 5.24 -0.47 53.56
CA ILE L 196 4.64 -1.56 52.79
C ILE L 196 4.20 -2.68 53.71
N ARG L 197 5.05 -3.06 54.66
CA ARG L 197 4.70 -4.11 55.61
C ARG L 197 3.52 -3.70 56.49
N LYS L 198 3.50 -2.44 56.94
CA LYS L 198 2.39 -1.96 57.75
C LYS L 198 1.07 -1.92 56.99
N LEU L 199 1.11 -1.62 55.69
CA LEU L 199 -0.10 -1.57 54.88
C LEU L 199 -0.57 -2.95 54.44
N GLY L 200 0.21 -4.00 54.70
CA GLY L 200 -0.16 -5.37 54.31
C GLY L 200 -0.07 -5.58 52.80
N LEU L 201 0.94 -5.00 52.15
CA LEU L 201 1.07 -5.10 50.68
C LEU L 201 2.19 -6.09 50.37
N ILE L 202 2.51 -6.95 51.32
CA ILE L 202 3.55 -8.00 51.14
C ILE L 202 3.50 -8.95 52.33
N THR M 1 25.07 -13.30 18.18
CA THR M 1 25.96 -12.55 19.05
C THR M 1 25.54 -12.69 20.51
N THR M 2 26.50 -12.91 21.39
CA THR M 2 26.26 -13.02 22.82
C THR M 2 27.35 -12.29 23.57
N THR M 3 26.98 -11.26 24.33
CA THR M 3 27.90 -10.52 25.18
C THR M 3 27.34 -10.48 26.59
N VAL M 4 28.23 -10.41 27.58
CA VAL M 4 27.84 -10.39 28.98
C VAL M 4 28.86 -9.60 29.78
N GLY M 5 28.37 -8.88 30.79
CA GLY M 5 29.21 -8.18 31.73
C GLY M 5 28.65 -8.23 33.13
N ILE M 6 29.48 -8.57 34.12
CA ILE M 6 29.03 -8.70 35.50
C ILE M 6 29.95 -7.89 36.41
N THR M 7 29.43 -7.53 37.57
CA THR M 7 30.19 -6.81 38.58
C THR M 7 30.39 -7.69 39.81
N LEU M 8 31.56 -7.56 40.44
CA LEU M 8 31.86 -8.24 41.69
C LEU M 8 32.29 -7.19 42.72
N LYS M 9 32.83 -7.66 43.83
CA LYS M 9 33.21 -6.76 44.92
C LYS M 9 34.23 -5.72 44.45
N ASP M 10 35.28 -6.16 43.75
CA ASP M 10 36.33 -5.27 43.29
C ASP M 10 36.77 -5.60 41.86
N ALA M 11 35.85 -6.10 41.04
CA ALA M 11 36.23 -6.53 39.69
C ALA M 11 35.05 -6.41 38.76
N VAL M 12 35.36 -6.32 37.47
CA VAL M 12 34.38 -6.36 36.38
C VAL M 12 34.83 -7.42 35.39
N ILE M 13 33.90 -8.30 34.99
CA ILE M 13 34.19 -9.38 34.06
C ILE M 13 33.28 -9.21 32.84
N MET M 14 33.88 -9.19 31.66
CA MET M 14 33.16 -9.08 30.40
C MET M 14 33.59 -10.19 29.47
N ALA M 15 32.63 -10.72 28.69
CA ALA M 15 32.91 -11.84 27.83
C ALA M 15 31.98 -11.84 26.62
N THR M 16 32.50 -12.32 25.49
CA THR M 16 31.74 -12.41 24.25
C THR M 16 32.11 -13.70 23.53
N GLU M 17 31.35 -14.03 22.50
CA GLU M 17 31.73 -15.05 21.54
C GLU M 17 32.22 -14.36 20.26
N ARG M 18 32.49 -15.14 19.21
CA ARG M 18 33.19 -14.63 18.04
C ARG M 18 32.47 -14.80 16.71
N ARG M 19 31.27 -15.35 16.65
CA ARG M 19 30.64 -15.64 15.32
C ARG M 19 30.10 -14.38 14.63
N VAL M 20 30.42 -14.20 13.36
CA VAL M 20 29.87 -13.05 12.59
C VAL M 20 29.04 -13.57 11.40
N THR M 21 27.79 -13.17 11.31
CA THR M 21 26.88 -13.63 10.25
C THR M 21 26.73 -12.52 9.20
N MET M 22 27.53 -12.56 8.13
CA MET M 22 27.52 -11.56 7.02
C MET M 22 26.94 -12.23 5.77
N GLU M 23 25.90 -11.66 5.13
CA GLU M 23 25.18 -12.21 3.92
C GLU M 23 24.39 -13.48 4.25
N ASN M 24 23.85 -13.60 5.46
CA ASN M 24 22.96 -14.73 5.84
C ASN M 24 23.66 -16.09 5.93
N PHE M 25 24.95 -16.14 6.22
CA PHE M 25 25.64 -17.43 6.46
C PHE M 25 26.75 -17.11 7.47
N ILE M 26 27.47 -18.12 7.94
CA ILE M 26 28.57 -17.89 8.86
C ILE M 26 29.85 -17.61 8.07
N MET M 27 30.12 -16.33 7.79
CA MET M 27 31.28 -15.97 6.99
C MET M 27 32.55 -15.87 7.82
N HIS M 28 32.46 -15.48 9.09
CA HIS M 28 33.63 -15.30 9.93
C HIS M 28 33.41 -16.00 11.26
N LYS M 29 34.40 -16.78 11.69
CA LYS M 29 34.32 -17.54 12.93
C LYS M 29 35.10 -16.90 14.07
N ASN M 30 35.93 -15.88 13.80
CA ASN M 30 36.82 -15.30 14.79
C ASN M 30 36.73 -13.78 14.77
N GLY M 31 35.50 -13.26 14.77
CA GLY M 31 35.32 -11.83 14.89
C GLY M 31 35.66 -11.31 16.28
N LYS M 32 35.89 -10.00 16.37
CA LYS M 32 36.26 -9.36 17.61
C LYS M 32 35.11 -8.49 18.08
N LYS M 33 34.63 -8.75 19.30
CA LYS M 33 33.50 -8.02 19.87
C LYS M 33 33.79 -7.41 21.23
N LEU M 34 34.97 -7.66 21.80
CA LEU M 34 35.35 -7.12 23.10
C LEU M 34 36.59 -6.25 22.92
N PHE M 35 36.51 -5.00 23.40
CA PHE M 35 37.56 -4.02 23.17
C PHE M 35 37.92 -3.32 24.47
N GLN M 36 39.20 -2.98 24.62
CA GLN M 36 39.65 -2.11 25.69
C GLN M 36 39.68 -0.68 25.16
N ILE M 37 38.92 0.21 25.80
CA ILE M 37 38.82 1.59 25.36
C ILE M 37 39.50 2.58 26.30
N ASP M 38 39.96 2.12 27.47
CA ASP M 38 40.68 2.98 28.40
C ASP M 38 41.50 2.08 29.32
N THR M 39 42.22 2.72 30.25
CA THR M 39 43.09 1.97 31.15
C THR M 39 42.30 0.97 31.99
N TYR M 40 41.12 1.37 32.47
CA TYR M 40 40.27 0.51 33.28
C TYR M 40 38.86 0.43 32.73
N THR M 41 38.71 0.43 31.41
CA THR M 41 37.38 0.42 30.80
C THR M 41 37.35 -0.50 29.59
N GLY M 42 36.27 -1.27 29.47
CA GLY M 42 36.05 -2.12 28.32
C GLY M 42 34.66 -1.93 27.75
N MET M 43 34.46 -2.43 26.54
CA MET M 43 33.19 -2.29 25.84
C MET M 43 32.94 -3.49 24.94
N THR M 44 31.70 -3.95 24.90
CA THR M 44 31.26 -5.00 24.00
C THR M 44 30.25 -4.43 23.01
N ILE M 45 30.18 -5.04 21.83
CA ILE M 45 29.36 -4.54 20.73
C ILE M 45 28.46 -5.65 20.22
N ALA M 46 27.23 -5.27 19.85
CA ALA M 46 26.29 -6.18 19.20
C ALA M 46 25.45 -5.37 18.22
N GLY M 47 25.14 -5.99 17.08
CA GLY M 47 24.36 -5.35 16.03
C GLY M 47 25.16 -5.22 14.74
N LEU M 48 24.94 -4.11 14.04
CA LEU M 48 25.60 -3.87 12.76
C LEU M 48 27.10 -3.69 12.98
N VAL M 49 27.90 -4.48 12.26
CA VAL M 49 29.35 -4.47 12.46
C VAL M 49 29.95 -3.11 12.10
N GLY M 50 29.51 -2.53 10.99
CA GLY M 50 30.07 -1.26 10.56
C GLY M 50 29.83 -0.14 11.56
N ASP M 51 28.60 -0.03 12.06
CA ASP M 51 28.28 1.00 13.05
C ASP M 51 29.06 0.79 14.33
N ALA M 52 29.16 -0.47 14.77
CA ALA M 52 29.84 -0.77 16.03
C ALA M 52 31.33 -0.44 15.96
N GLN M 53 31.98 -0.78 14.84
CA GLN M 53 33.41 -0.54 14.73
C GLN M 53 33.73 0.95 14.70
N VAL M 54 32.87 1.75 14.06
CA VAL M 54 33.07 3.19 14.04
C VAL M 54 32.96 3.76 15.46
N LEU M 55 31.98 3.29 16.23
CA LEU M 55 31.81 3.78 17.59
C LEU M 55 32.99 3.43 18.47
N VAL M 56 33.56 2.24 18.29
CA VAL M 56 34.73 1.84 19.08
C VAL M 56 35.90 2.79 18.82
N ARG M 57 36.12 3.13 17.55
CA ARG M 57 37.21 4.07 17.23
C ARG M 57 36.93 5.45 17.83
N TYR M 58 35.67 5.90 17.78
CA TYR M 58 35.33 7.20 18.36
C TYR M 58 35.60 7.21 19.86
N MET M 59 35.19 6.15 20.56
CA MET M 59 35.35 6.12 22.02
C MET M 59 36.82 6.08 22.42
N LYS M 60 37.64 5.33 21.68
CA LYS M 60 39.07 5.30 21.97
C LYS M 60 39.70 6.68 21.82
N ALA M 61 39.30 7.41 20.78
CA ALA M 61 39.84 8.75 20.57
C ALA M 61 39.38 9.71 21.65
N GLU M 62 38.09 9.68 21.98
CA GLU M 62 37.54 10.60 22.98
C GLU M 62 38.16 10.36 24.35
N LEU M 63 38.29 9.09 24.74
CA LEU M 63 38.79 8.78 26.07
C LEU M 63 40.28 9.09 26.19
N GLU M 64 41.05 8.84 25.13
CA GLU M 64 42.48 9.14 25.17
C GLU M 64 42.71 10.65 25.23
N LEU M 65 41.96 11.42 24.44
CA LEU M 65 42.06 12.87 24.51
C LEU M 65 41.63 13.39 25.87
N TYR M 66 40.58 12.80 26.44
CA TYR M 66 40.12 13.19 27.77
C TYR M 66 41.21 12.96 28.81
N ARG M 67 41.88 11.81 28.72
CA ARG M 67 42.93 11.50 29.69
C ARG M 67 44.11 12.46 29.58
N LEU M 68 44.48 12.83 28.35
CA LEU M 68 45.62 13.73 28.16
C LEU M 68 45.32 15.15 28.62
N GLN M 69 44.08 15.61 28.46
CA GLN M 69 43.74 16.98 28.80
C GLN M 69 43.50 17.15 30.30
N ARG M 70 42.69 16.29 30.90
CA ARG M 70 42.31 16.43 32.29
C ARG M 70 43.17 15.57 33.23
N ARG M 71 44.17 14.87 32.71
CA ARG M 71 45.19 14.14 33.45
C ARG M 71 44.66 12.94 34.22
N VAL M 72 43.37 12.62 34.12
CA VAL M 72 42.78 11.47 34.81
C VAL M 72 41.88 10.73 33.83
N ASN M 73 41.61 9.47 34.16
CA ASN M 73 40.70 8.66 33.35
C ASN M 73 39.26 9.13 33.52
N MET M 74 38.51 9.07 32.44
CA MET M 74 37.10 9.46 32.49
C MET M 74 36.32 8.49 33.38
N PRO M 75 35.47 8.98 34.26
CA PRO M 75 34.64 8.07 35.07
C PRO M 75 33.71 7.24 34.19
N ILE M 76 33.40 6.04 34.69
CA ILE M 76 32.63 5.08 33.88
C ILE M 76 31.25 5.65 33.55
N GLU M 77 30.59 6.28 34.51
CA GLU M 77 29.28 6.86 34.24
C GLU M 77 29.39 8.00 33.24
N ALA M 78 30.49 8.73 33.26
CA ALA M 78 30.71 9.78 32.26
C ALA M 78 30.90 9.18 30.87
N VAL M 79 31.55 8.02 30.79
CA VAL M 79 31.68 7.33 29.50
C VAL M 79 30.31 6.97 28.95
N ALA M 80 29.44 6.42 29.81
CA ALA M 80 28.10 6.05 29.38
C ALA M 80 27.29 7.27 28.96
N THR M 81 27.42 8.37 29.70
CA THR M 81 26.68 9.58 29.37
C THR M 81 27.12 10.14 28.02
N LEU M 82 28.43 10.11 27.74
CA LEU M 82 28.93 10.58 26.45
C LEU M 82 28.36 9.74 25.31
N LEU M 83 28.35 8.42 25.48
CA LEU M 83 27.75 7.54 24.47
C LEU M 83 26.26 7.80 24.34
N SER M 84 25.59 8.06 25.47
CA SER M 84 24.15 8.32 25.44
C SER M 84 23.83 9.54 24.60
N ASN M 85 24.60 10.62 24.76
CA ASN M 85 24.38 11.82 23.96
C ASN M 85 24.64 11.56 22.49
N MET M 86 25.72 10.84 22.16
CA MET M 86 26.06 10.61 20.77
C MET M 86 24.98 9.83 20.04
N LEU M 87 24.44 8.79 20.68
CA LEU M 87 23.43 7.96 20.03
C LEU M 87 22.09 8.69 19.92
N ASN M 88 21.73 9.46 20.94
CA ASN M 88 20.43 10.14 20.93
C ASN M 88 20.39 11.28 19.92
N GLN M 89 21.54 11.91 19.65
N GLN M 89 21.54 11.91 19.65
CA GLN M 89 21.57 13.02 18.70
CA GLN M 89 21.57 13.02 18.70
C GLN M 89 21.23 12.59 17.28
C GLN M 89 21.23 12.59 17.28
N VAL M 90 21.35 11.30 16.97
CA VAL M 90 21.02 10.78 15.65
C VAL M 90 19.93 9.71 15.73
N LYS M 91 19.03 9.80 16.71
CA LYS M 91 18.06 8.75 16.99
C LYS M 91 17.20 8.38 15.79
N TYR M 92 16.93 9.34 14.91
CA TYR M 92 16.12 9.05 13.72
C TYR M 92 16.95 8.53 12.54
N MET M 93 18.27 8.62 12.62
CA MET M 93 19.18 7.93 11.69
C MET M 93 20.23 7.19 12.50
N PRO M 94 19.83 6.22 13.31
CA PRO M 94 20.63 5.79 14.44
C PRO M 94 21.68 4.74 14.09
N TYR M 95 22.62 4.57 15.01
CA TYR M 95 23.50 3.41 15.02
C TYR M 95 22.70 2.20 15.50
N MET M 96 22.66 1.14 14.70
CA MET M 96 21.88 -0.05 15.03
C MET M 96 22.74 -1.01 15.86
N VAL M 97 23.00 -0.60 17.10
CA VAL M 97 23.92 -1.30 17.98
C VAL M 97 23.32 -1.46 19.36
N GLN M 98 23.85 -2.45 20.09
CA GLN M 98 23.62 -2.60 21.52
C GLN M 98 24.99 -2.65 22.21
N LEU M 99 25.16 -1.85 23.25
CA LEU M 99 26.46 -1.64 23.85
C LEU M 99 26.44 -1.93 25.34
N LEU M 100 27.56 -2.48 25.83
CA LEU M 100 27.83 -2.63 27.25
C LEU M 100 29.16 -1.96 27.58
N VAL M 101 29.18 -1.17 28.64
CA VAL M 101 30.38 -0.48 29.09
C VAL M 101 30.61 -0.85 30.55
N GLY M 102 31.82 -1.31 30.85
CA GLY M 102 32.17 -1.67 32.22
C GLY M 102 33.58 -1.26 32.56
N GLY M 103 33.80 -0.96 33.83
CA GLY M 103 35.11 -0.56 34.27
C GLY M 103 35.13 -0.19 35.74
N ILE M 104 36.30 0.28 36.19
CA ILE M 104 36.54 0.64 37.58
C ILE M 104 37.03 2.09 37.60
N ASP M 105 36.34 2.95 38.34
CA ASP M 105 36.88 4.27 38.68
C ASP M 105 37.13 4.38 40.18
N THR M 106 36.10 4.20 41.01
CA THR M 106 36.25 3.96 42.43
C THR M 106 35.52 2.72 42.88
N ALA M 107 34.66 2.16 42.04
CA ALA M 107 33.89 0.95 42.32
C ALA M 107 33.51 0.33 40.99
N PRO M 108 33.22 -0.97 40.96
CA PRO M 108 32.80 -1.60 39.70
C PRO M 108 31.50 -1.02 39.17
N HIS M 109 31.42 -0.92 37.85
CA HIS M 109 30.23 -0.42 37.17
C HIS M 109 30.05 -1.17 35.85
N VAL M 110 28.80 -1.42 35.50
CA VAL M 110 28.42 -1.95 34.20
C VAL M 110 27.21 -1.17 33.70
N PHE M 111 27.28 -0.66 32.47
CA PHE M 111 26.21 0.13 31.89
C PHE M 111 25.73 -0.53 30.60
N SER M 112 24.41 -0.50 30.39
CA SER M 112 23.79 -0.97 29.17
C SER M 112 23.22 0.21 28.41
N ILE M 113 23.58 0.34 27.14
CA ILE M 113 23.18 1.47 26.31
C ILE M 113 22.52 0.93 25.04
N ASP M 114 21.34 1.46 24.73
CA ASP M 114 20.59 1.04 23.55
C ASP M 114 20.82 2.03 22.40
N ALA M 115 20.20 1.73 21.25
CA ALA M 115 20.41 2.54 20.06
C ALA M 115 19.87 3.95 20.18
N ALA M 116 18.90 4.18 21.06
CA ALA M 116 18.30 5.50 21.22
C ALA M 116 19.01 6.35 22.29
N GLY M 117 20.07 5.84 22.89
CA GLY M 117 20.81 6.59 23.89
C GLY M 117 20.39 6.36 25.32
N GLY M 118 19.52 5.39 25.59
CA GLY M 118 19.14 5.11 26.96
C GLY M 118 20.23 4.31 27.66
N SER M 119 20.65 4.79 28.82
CA SER M 119 21.75 4.17 29.58
C SER M 119 21.25 3.83 30.97
N VAL M 120 21.41 2.56 31.36
CA VAL M 120 20.97 2.07 32.66
C VAL M 120 22.11 1.27 33.29
N GLU M 121 22.44 1.60 34.53
CA GLU M 121 23.44 0.85 35.28
C GLU M 121 22.80 -0.38 35.92
N ASP M 122 23.53 -1.49 35.95
CA ASP M 122 23.01 -2.72 36.49
C ASP M 122 24.16 -3.56 37.04
N ILE M 123 23.83 -4.51 37.92
CA ILE M 123 24.84 -5.39 38.47
C ILE M 123 25.37 -6.34 37.41
N TYR M 124 24.52 -6.78 36.49
CA TYR M 124 24.96 -7.55 35.33
C TYR M 124 24.01 -7.29 34.18
N ALA M 125 24.49 -7.54 32.96
CA ALA M 125 23.70 -7.31 31.76
C ALA M 125 24.24 -8.19 30.64
N SER M 126 23.39 -8.39 29.64
CA SER M 126 23.74 -9.20 28.48
C SER M 126 23.04 -8.64 27.24
N THR M 127 23.74 -8.67 26.10
CA THR M 127 23.21 -8.16 24.85
C THR M 127 23.37 -9.21 23.77
N GLY M 128 22.63 -9.02 22.68
CA GLY M 128 22.69 -9.91 21.54
C GLY M 128 21.51 -10.89 21.51
N SER M 129 21.45 -11.66 20.43
CA SER M 129 20.38 -12.62 20.25
C SER M 129 20.43 -13.74 21.29
N GLY M 130 21.60 -14.04 21.84
CA GLY M 130 21.74 -15.06 22.86
C GLY M 130 21.57 -14.56 24.28
N SER M 131 21.26 -13.28 24.46
CA SER M 131 21.13 -12.73 25.81
C SER M 131 20.06 -13.41 26.67
N PRO M 132 18.85 -13.72 26.18
CA PRO M 132 17.86 -14.33 27.09
C PRO M 132 18.32 -15.64 27.70
N PHE M 133 19.10 -16.44 26.97
CA PHE M 133 19.64 -17.67 27.55
C PHE M 133 20.65 -17.36 28.65
N VAL M 134 21.44 -16.30 28.47
CA VAL M 134 22.39 -15.89 29.49
C VAL M 134 21.66 -15.44 30.75
N TYR M 135 20.59 -14.66 30.59
CA TYR M 135 19.85 -14.16 31.75
C TYR M 135 19.26 -15.31 32.57
N GLY M 136 18.87 -16.40 31.91
CA GLY M 136 18.40 -17.55 32.65
C GLY M 136 19.46 -18.16 33.54
N VAL M 137 20.69 -18.26 33.02
CA VAL M 137 21.79 -18.80 33.81
C VAL M 137 22.15 -17.84 34.94
N LEU M 138 22.21 -16.54 34.65
CA LEU M 138 22.59 -15.57 35.68
C LEU M 138 21.54 -15.47 36.77
N GLU M 139 20.25 -15.53 36.41
CA GLU M 139 19.21 -15.43 37.41
C GLU M 139 19.29 -16.55 38.44
N SER M 140 19.68 -17.75 38.00
CA SER M 140 19.66 -18.90 38.90
C SER M 140 20.99 -19.12 39.61
N GLN M 141 22.09 -18.56 39.10
CA GLN M 141 23.41 -18.90 39.60
C GLN M 141 24.27 -17.72 40.04
N TYR M 142 23.98 -16.50 39.62
CA TYR M 142 24.83 -15.37 39.99
C TYR M 142 24.72 -15.08 41.49
N SER M 143 25.87 -14.76 42.08
CA SER M 143 25.93 -14.36 43.48
C SER M 143 26.88 -13.18 43.61
N GLU M 144 26.50 -12.19 44.43
CA GLU M 144 27.34 -11.02 44.64
C GLU M 144 28.57 -11.32 45.48
N LYS M 145 28.62 -12.47 46.15
CA LYS M 145 29.77 -12.86 46.96
C LYS M 145 30.77 -13.70 46.19
N MET M 146 30.57 -13.91 44.89
CA MET M 146 31.46 -14.75 44.11
C MET M 146 32.86 -14.15 44.02
N THR M 147 33.86 -15.03 43.96
CA THR M 147 35.22 -14.62 43.69
C THR M 147 35.42 -14.40 42.19
N VAL M 148 36.60 -13.87 41.84
CA VAL M 148 36.91 -13.63 40.44
C VAL M 148 36.94 -14.94 39.67
N ASP M 149 37.56 -15.97 40.23
CA ASP M 149 37.61 -17.28 39.56
C ASP M 149 36.22 -17.85 39.36
N GLU M 150 35.36 -17.74 40.38
CA GLU M 150 33.99 -18.22 40.25
C GLU M 150 33.22 -17.40 39.21
N GLY M 151 33.47 -16.09 39.16
CA GLY M 151 32.81 -15.25 38.17
C GLY M 151 33.20 -15.59 36.75
N VAL M 152 34.47 -15.93 36.53
CA VAL M 152 34.92 -16.31 35.19
C VAL M 152 34.24 -17.60 34.75
N ASP M 153 34.13 -18.57 35.66
CA ASP M 153 33.43 -19.80 35.33
C ASP M 153 31.95 -19.54 35.04
N LEU M 154 31.35 -18.56 35.73
CA LEU M 154 29.94 -18.27 35.55
C LEU M 154 29.66 -17.75 34.14
N VAL M 155 30.47 -16.80 33.67
CA VAL M 155 30.24 -16.22 32.35
C VAL M 155 30.53 -17.23 31.25
N ILE M 156 31.49 -18.12 31.47
CA ILE M 156 31.79 -19.16 30.49
C ILE M 156 30.60 -20.12 30.34
N ARG M 157 30.02 -20.53 31.47
CA ARG M 157 28.85 -21.40 31.42
C ARG M 157 27.67 -20.72 30.76
N ALA M 158 27.46 -19.43 31.06
CA ALA M 158 26.32 -18.71 30.50
C ALA M 158 26.44 -18.58 28.98
N ILE M 159 27.63 -18.23 28.48
CA ILE M 159 27.82 -18.12 27.04
C ILE M 159 27.76 -19.48 26.37
N SER M 160 28.28 -20.52 27.04
CA SER M 160 28.21 -21.87 26.47
C SER M 160 26.76 -22.31 26.29
N ALA M 161 25.90 -22.00 27.26
CA ALA M 161 24.48 -22.32 27.11
C ALA M 161 23.86 -21.57 25.94
N ALA M 162 24.23 -20.30 25.77
CA ALA M 162 23.68 -19.52 24.66
C ALA M 162 24.09 -20.10 23.31
N LYS M 163 25.34 -20.59 23.20
CA LYS M 163 25.80 -21.16 21.94
C LYS M 163 25.05 -22.44 21.60
N GLN M 164 24.52 -23.14 22.61
CA GLN M 164 23.78 -24.37 22.36
C GLN M 164 22.38 -24.11 21.81
N ARG M 165 21.86 -22.89 21.97
CA ARG M 165 20.47 -22.60 21.60
C ARG M 165 20.32 -21.44 20.63
N ASP M 166 21.34 -20.63 20.42
CA ASP M 166 21.27 -19.50 19.51
C ASP M 166 22.21 -19.78 18.33
N SER M 167 21.62 -19.91 17.14
CA SER M 167 22.42 -20.22 15.95
C SER M 167 23.30 -19.05 15.53
N ALA M 168 22.99 -17.83 15.93
CA ALA M 168 23.80 -16.67 15.60
C ALA M 168 25.03 -16.54 16.47
N SER M 169 25.19 -17.39 17.48
CA SER M 169 26.33 -17.34 18.38
C SER M 169 27.20 -18.59 18.21
N GLY M 170 28.50 -18.42 18.41
CA GLY M 170 29.42 -19.53 18.33
C GLY M 170 30.85 -19.07 18.38
N GLY M 171 31.75 -20.04 18.33
CA GLY M 171 33.17 -19.75 18.33
C GLY M 171 33.77 -19.71 19.73
N MET M 172 35.05 -19.37 19.76
CA MET M 172 35.78 -19.28 21.01
C MET M 172 35.28 -18.12 21.86
N ILE M 173 35.36 -18.29 23.18
CA ILE M 173 34.90 -17.30 24.14
C ILE M 173 36.09 -16.45 24.56
N ASP M 174 35.94 -15.13 24.49
CA ASP M 174 36.93 -14.18 24.95
C ASP M 174 36.48 -13.58 26.28
N VAL M 175 37.38 -13.55 27.26
CA VAL M 175 37.07 -13.08 28.60
C VAL M 175 38.10 -12.05 29.03
N ALA M 176 37.64 -10.96 29.61
CA ALA M 176 38.50 -9.92 30.16
C ALA M 176 38.12 -9.65 31.61
N VAL M 177 39.13 -9.41 32.45
CA VAL M 177 38.94 -9.10 33.87
C VAL M 177 39.56 -7.74 34.13
N ILE M 178 38.81 -6.86 34.76
CA ILE M 178 39.25 -5.50 35.06
C ILE M 178 39.29 -5.32 36.56
N THR M 179 40.47 -4.98 37.09
CA THR M 179 40.64 -4.67 38.50
C THR M 179 41.54 -3.44 38.64
N ARG M 180 41.41 -2.77 39.78
CA ARG M 180 42.29 -1.63 40.05
C ARG M 180 43.75 -2.07 40.17
N LYS M 181 43.99 -3.23 40.81
CA LYS M 181 45.37 -3.66 41.04
C LYS M 181 46.06 -4.07 39.74
N ASP M 182 45.36 -4.77 38.85
CA ASP M 182 45.97 -5.33 37.66
C ASP M 182 45.53 -4.66 36.36
N GLY M 183 44.54 -3.77 36.40
CA GLY M 183 44.09 -3.12 35.18
C GLY M 183 43.28 -4.06 34.30
N TYR M 184 43.23 -3.72 33.00
CA TYR M 184 42.50 -4.49 32.01
C TYR M 184 43.37 -5.67 31.58
N VAL M 185 42.91 -6.88 31.89
CA VAL M 185 43.64 -8.10 31.58
C VAL M 185 42.72 -9.02 30.78
N GLN M 186 43.12 -9.33 29.54
CA GLN M 186 42.41 -10.30 28.73
C GLN M 186 42.98 -11.69 28.98
N LEU M 187 42.13 -12.62 29.37
CA LEU M 187 42.58 -13.96 29.72
C LEU M 187 43.11 -14.67 28.47
N PRO M 188 44.20 -15.44 28.60
CA PRO M 188 44.71 -16.17 27.44
C PRO M 188 43.76 -17.26 26.99
N THR M 189 43.86 -17.61 25.70
CA THR M 189 42.96 -18.59 25.11
C THR M 189 43.13 -19.96 25.77
N ASP M 190 44.38 -20.35 26.06
CA ASP M 190 44.62 -21.66 26.67
C ASP M 190 43.97 -21.75 28.05
N GLN M 191 43.99 -20.66 28.81
CA GLN M 191 43.34 -20.67 30.12
C GLN M 191 41.84 -20.85 29.99
N ILE M 192 41.24 -20.22 28.97
CA ILE M 192 39.80 -20.39 28.74
C ILE M 192 39.50 -21.84 28.38
N GLU M 193 40.33 -22.44 27.52
CA GLU M 193 40.12 -23.83 27.15
C GLU M 193 40.26 -24.76 28.35
N SER M 194 41.20 -24.47 29.25
CA SER M 194 41.36 -25.29 30.44
C SER M 194 40.11 -25.23 31.32
N ARG M 195 39.54 -24.04 31.48
CA ARG M 195 38.32 -23.90 32.27
C ARG M 195 37.15 -24.63 31.62
N ILE M 196 37.07 -24.58 30.29
CA ILE M 196 36.00 -25.28 29.58
C ILE M 196 36.09 -26.79 29.82
N ARG M 197 37.31 -27.33 29.73
CA ARG M 197 37.50 -28.76 29.97
C ARG M 197 37.17 -29.13 31.41
N LYS M 198 37.57 -28.28 32.36
CA LYS M 198 37.27 -28.55 33.77
C LYS M 198 35.78 -28.48 34.07
N LEU M 199 35.05 -27.60 33.40
CA LEU M 199 33.60 -27.49 33.60
C LEU M 199 32.80 -28.56 32.87
N GLY M 200 33.45 -29.37 32.04
CA GLY M 200 32.76 -30.42 31.28
C GLY M 200 31.88 -29.87 30.18
N LEU M 201 32.34 -28.81 29.49
CA LEU M 201 31.51 -28.16 28.45
C LEU M 201 32.08 -28.55 27.08
N ILE M 202 32.82 -29.66 27.04
CA ILE M 202 33.39 -30.19 25.77
C ILE M 202 33.98 -31.57 26.06
N THR N 1 29.20 -13.52 -10.02
CA THR N 1 30.52 -13.08 -9.59
C THR N 1 31.07 -14.00 -8.50
N THR N 2 32.35 -14.36 -8.63
CA THR N 2 33.02 -15.20 -7.64
C THR N 2 34.43 -14.66 -7.42
N THR N 3 34.72 -14.25 -6.19
CA THR N 3 36.04 -13.79 -5.80
C THR N 3 36.49 -14.58 -4.57
N VAL N 4 37.79 -14.76 -4.44
CA VAL N 4 38.35 -15.51 -3.31
C VAL N 4 39.73 -14.97 -2.98
N GLY N 5 40.05 -14.98 -1.69
CA GLY N 5 41.38 -14.62 -1.22
C GLY N 5 41.80 -15.47 -0.04
N ILE N 6 43.01 -16.02 -0.07
CA ILE N 6 43.51 -16.89 0.96
C ILE N 6 44.88 -16.41 1.44
N THR N 7 45.23 -16.80 2.66
CA THR N 7 46.54 -16.48 3.24
C THR N 7 47.34 -17.75 3.42
N LEU N 8 48.65 -17.65 3.22
CA LEU N 8 49.58 -18.74 3.47
C LEU N 8 50.67 -18.23 4.41
N LYS N 9 51.73 -19.03 4.56
CA LYS N 9 52.80 -18.69 5.48
C LYS N 9 53.42 -17.33 5.16
N ASP N 10 53.75 -17.10 3.89
CA ASP N 10 54.39 -15.86 3.46
C ASP N 10 53.81 -15.36 2.15
N ALA N 11 52.53 -15.62 1.89
CA ALA N 11 51.95 -15.24 0.61
C ALA N 11 50.45 -15.00 0.76
N VAL N 12 49.92 -14.23 -0.19
CA VAL N 12 48.49 -14.00 -0.32
C VAL N 12 48.10 -14.30 -1.75
N ILE N 13 47.03 -15.09 -1.94
CA ILE N 13 46.55 -15.48 -3.25
C ILE N 13 45.11 -14.99 -3.40
N MET N 14 44.85 -14.25 -4.48
CA MET N 14 43.53 -13.74 -4.78
C MET N 14 43.15 -14.13 -6.21
N ALA N 15 41.87 -14.44 -6.42
CA ALA N 15 41.43 -14.92 -7.72
C ALA N 15 39.96 -14.56 -7.93
N THR N 16 39.61 -14.31 -9.20
CA THR N 16 38.25 -13.98 -9.59
C THR N 16 37.95 -14.63 -10.93
N GLU N 17 36.66 -14.60 -11.30
CA GLU N 17 36.24 -14.92 -12.66
C GLU N 17 35.93 -13.60 -13.38
N ARG N 18 35.40 -13.69 -14.61
CA ARG N 18 35.28 -12.52 -15.47
C ARG N 18 33.88 -12.22 -15.99
N ARG N 19 32.84 -12.95 -15.62
CA ARG N 19 31.50 -12.73 -16.24
C ARG N 19 30.79 -11.48 -15.70
N VAL N 20 30.28 -10.63 -16.59
CA VAL N 20 29.52 -9.43 -16.16
C VAL N 20 28.07 -9.51 -16.70
N THR N 21 27.09 -9.45 -15.81
CA THR N 21 25.67 -9.56 -16.20
C THR N 21 25.04 -8.17 -16.20
N MET N 22 25.00 -7.50 -17.34
CA MET N 22 24.42 -6.12 -17.50
C MET N 22 23.11 -6.25 -18.30
N GLU N 23 21.98 -5.72 -17.81
CA GLU N 23 20.61 -5.79 -18.44
C GLU N 23 20.05 -7.23 -18.45
N ASN N 24 20.37 -8.03 -17.44
CA ASN N 24 19.78 -9.39 -17.29
C ASN N 24 20.22 -10.40 -18.35
N PHE N 25 21.39 -10.25 -18.94
CA PHE N 25 21.93 -11.27 -19.86
C PHE N 25 23.46 -11.22 -19.70
N ILE N 26 24.19 -12.10 -20.35
CA ILE N 26 25.65 -12.06 -20.28
C ILE N 26 26.17 -11.13 -21.37
N MET N 27 26.36 -9.85 -21.01
CA MET N 27 26.82 -8.88 -22.01
C MET N 27 28.34 -8.86 -22.16
N HIS N 28 29.08 -9.17 -21.11
CA HIS N 28 30.53 -9.12 -21.16
C HIS N 28 31.10 -10.40 -20.57
N LYS N 29 32.05 -11.01 -21.28
CA LYS N 29 32.67 -12.25 -20.86
C LYS N 29 34.06 -12.06 -20.26
N ASN N 30 34.64 -10.87 -20.36
CA ASN N 30 36.02 -10.62 -19.95
C ASN N 30 36.12 -9.36 -19.11
N GLY N 31 35.22 -9.23 -18.13
CA GLY N 31 35.32 -8.12 -17.20
C GLY N 31 36.50 -8.27 -16.25
N LYS N 32 36.87 -7.15 -15.64
CA LYS N 32 38.02 -7.11 -14.73
C LYS N 32 37.51 -6.89 -13.32
N LYS N 33 37.86 -7.81 -12.42
CA LYS N 33 37.41 -7.75 -11.03
C LYS N 33 38.55 -7.81 -10.03
N LEU N 34 39.79 -7.99 -10.47
CA LEU N 34 40.95 -8.06 -9.60
C LEU N 34 41.90 -6.93 -9.95
N PHE N 35 42.28 -6.13 -8.96
CA PHE N 35 43.08 -4.93 -9.19
C PHE N 35 44.23 -4.86 -8.21
N GLN N 36 45.36 -4.34 -8.67
CA GLN N 36 46.47 -3.99 -7.82
C GLN N 36 46.33 -2.52 -7.40
N ILE N 37 46.24 -2.27 -6.10
CA ILE N 37 46.05 -0.92 -5.59
C ILE N 37 47.27 -0.38 -4.86
N ASP N 38 48.30 -1.19 -4.64
CA ASP N 38 49.54 -0.73 -4.03
C ASP N 38 50.64 -1.72 -4.40
N THR N 39 51.85 -1.44 -3.89
CA THR N 39 52.99 -2.29 -4.22
C THR N 39 52.78 -3.72 -3.77
N TYR N 40 52.20 -3.91 -2.57
CA TYR N 40 51.95 -5.24 -2.03
C TYR N 40 50.49 -5.40 -1.61
N THR N 41 49.56 -4.81 -2.35
CA THR N 41 48.15 -4.86 -1.97
C THR N 41 47.27 -5.07 -3.19
N GLY N 42 46.26 -5.93 -3.06
CA GLY N 42 45.30 -6.15 -4.10
C GLY N 42 43.89 -6.08 -3.55
N MET N 43 42.92 -5.98 -4.47
CA MET N 43 41.52 -5.85 -4.10
C MET N 43 40.64 -6.49 -5.15
N THR N 44 39.58 -7.17 -4.69
CA THR N 44 38.56 -7.74 -5.56
C THR N 44 37.24 -7.04 -5.30
N ILE N 45 36.38 -7.03 -6.32
CA ILE N 45 35.13 -6.28 -6.28
C ILE N 45 33.98 -7.20 -6.66
N ALA N 46 32.84 -7.01 -6.00
CA ALA N 46 31.60 -7.70 -6.32
C ALA N 46 30.44 -6.77 -6.04
N GLY N 47 29.42 -6.83 -6.91
CA GLY N 47 28.24 -5.98 -6.77
C GLY N 47 28.08 -5.06 -7.97
N LEU N 48 27.61 -3.85 -7.70
CA LEU N 48 27.36 -2.88 -8.75
C LEU N 48 28.69 -2.44 -9.39
N VAL N 49 28.77 -2.56 -10.71
CA VAL N 49 30.02 -2.29 -11.42
C VAL N 49 30.42 -0.82 -11.26
N GLY N 50 29.46 0.09 -11.41
CA GLY N 50 29.77 1.51 -11.33
C GLY N 50 30.33 1.92 -9.98
N ASP N 51 29.69 1.46 -8.89
CA ASP N 51 30.18 1.78 -7.55
C ASP N 51 31.56 1.19 -7.32
N ALA N 52 31.76 -0.06 -7.75
CA ALA N 52 33.03 -0.74 -7.50
C ALA N 52 34.18 -0.05 -8.23
N GLN N 53 33.97 0.35 -9.49
CA GLN N 53 35.03 0.98 -10.26
C GLN N 53 35.44 2.33 -9.68
N VAL N 54 34.46 3.09 -9.16
CA VAL N 54 34.78 4.36 -8.52
C VAL N 54 35.63 4.13 -7.29
N LEU N 55 35.29 3.12 -6.48
CA LEU N 55 36.05 2.85 -5.26
C LEU N 55 37.48 2.43 -5.58
N VAL N 56 37.67 1.66 -6.65
CA VAL N 56 39.01 1.24 -7.04
C VAL N 56 39.88 2.46 -7.37
N ARG N 57 39.31 3.41 -8.11
CA ARG N 57 40.06 4.63 -8.44
C ARG N 57 40.38 5.44 -7.19
N TYR N 58 39.42 5.52 -6.26
CA TYR N 58 39.67 6.25 -5.02
C TYR N 58 40.81 5.61 -4.22
N MET N 59 40.80 4.29 -4.11
CA MET N 59 41.81 3.60 -3.30
C MET N 59 43.20 3.75 -3.91
N LYS N 60 43.30 3.68 -5.25
CA LYS N 60 44.59 3.87 -5.90
C LYS N 60 45.14 5.27 -5.63
N ALA N 61 44.28 6.27 -5.67
CA ALA N 61 44.72 7.65 -5.41
C ALA N 61 45.13 7.82 -3.96
N GLU N 62 44.33 7.31 -3.02
CA GLU N 62 44.63 7.48 -1.60
C GLU N 62 45.93 6.77 -1.23
N LEU N 63 46.12 5.55 -1.73
CA LEU N 63 47.30 4.78 -1.34
C LEU N 63 48.57 5.36 -1.96
N GLU N 64 48.48 5.85 -3.20
CA GLU N 64 49.65 6.45 -3.83
C GLU N 64 50.05 7.75 -3.14
N LEU N 65 49.06 8.58 -2.79
CA LEU N 65 49.35 9.80 -2.05
C LEU N 65 49.91 9.48 -0.68
N TYR N 66 49.38 8.45 -0.02
CA TYR N 66 49.89 8.03 1.28
C TYR N 66 51.35 7.62 1.18
N ARG N 67 51.69 6.86 0.14
CA ARG N 67 53.07 6.40 -0.03
C ARG N 67 54.03 7.56 -0.27
N LEU N 68 53.60 8.55 -1.05
CA LEU N 68 54.47 9.68 -1.36
C LEU N 68 54.69 10.58 -0.14
N GLN N 69 53.68 10.73 0.71
CA GLN N 69 53.78 11.64 1.84
C GLN N 69 54.55 11.02 3.00
N ARG N 70 54.18 9.80 3.39
CA ARG N 70 54.77 9.15 4.55
C ARG N 70 55.91 8.20 4.21
N ARG N 71 56.28 8.12 2.92
CA ARG N 71 57.45 7.40 2.42
C ARG N 71 57.38 5.89 2.58
N VAL N 72 56.27 5.34 3.10
CA VAL N 72 56.10 3.90 3.25
C VAL N 72 54.71 3.51 2.77
N ASN N 73 54.57 2.23 2.47
CA ASN N 73 53.26 1.71 2.05
C ASN N 73 52.31 1.65 3.24
N MET N 74 51.04 1.92 2.96
CA MET N 74 50.02 1.87 4.00
C MET N 74 49.85 0.44 4.50
N PRO N 75 49.79 0.21 5.81
CA PRO N 75 49.54 -1.15 6.30
C PRO N 75 48.19 -1.67 5.86
N ILE N 76 48.09 -2.99 5.71
CA ILE N 76 46.90 -3.61 5.15
C ILE N 76 45.68 -3.32 6.03
N GLU N 77 45.84 -3.41 7.35
CA GLU N 77 44.71 -3.12 8.24
C GLU N 77 44.31 -1.66 8.14
N ALA N 78 45.27 -0.76 7.91
CA ALA N 78 44.95 0.64 7.70
C ALA N 78 44.17 0.85 6.42
N VAL N 79 44.48 0.07 5.38
CA VAL N 79 43.72 0.14 4.13
C VAL N 79 42.27 -0.25 4.38
N ALA N 80 42.06 -1.34 5.13
CA ALA N 80 40.71 -1.79 5.43
C ALA N 80 39.96 -0.77 6.29
N THR N 81 40.64 -0.16 7.25
CA THR N 81 40.01 0.84 8.11
C THR N 81 39.58 2.05 7.30
N LEU N 82 40.42 2.50 6.36
CA LEU N 82 40.07 3.63 5.51
C LEU N 82 38.82 3.32 4.68
N LEU N 83 38.76 2.12 4.09
CA LEU N 83 37.58 1.71 3.36
C LEU N 83 36.36 1.62 4.27
N SER N 84 36.57 1.13 5.49
CA SER N 84 35.47 0.99 6.45
C SER N 84 34.84 2.34 6.74
N ASN N 85 35.66 3.37 6.96
CA ASN N 85 35.13 4.70 7.23
C ASN N 85 34.39 5.25 6.01
N MET N 86 34.95 5.08 4.82
CA MET N 86 34.34 5.64 3.62
C MET N 86 32.95 5.05 3.37
N LEU N 87 32.81 3.74 3.54
CA LEU N 87 31.51 3.10 3.27
C LEU N 87 30.50 3.43 4.36
N ASN N 88 30.93 3.49 5.61
CA ASN N 88 29.99 3.74 6.71
C ASN N 88 29.47 5.17 6.70
N GLN N 89 30.27 6.11 6.21
N GLN N 89 30.27 6.11 6.21
CA GLN N 89 29.84 7.50 6.17
CA GLN N 89 29.84 7.50 6.17
C GLN N 89 28.64 7.74 5.25
C GLN N 89 28.64 7.74 5.25
N VAL N 90 28.40 6.83 4.31
CA VAL N 90 27.26 6.94 3.41
C VAL N 90 26.34 5.73 3.51
N LYS N 91 26.26 5.12 4.70
CA LYS N 91 25.56 3.85 4.87
C LYS N 91 24.10 3.90 4.42
N TYR N 92 23.45 5.05 4.53
CA TYR N 92 22.07 5.18 4.10
C TYR N 92 21.92 5.50 2.62
N MET N 93 23.01 5.87 1.94
CA MET N 93 23.06 5.97 0.48
C MET N 93 24.30 5.22 0.00
N PRO N 94 24.36 3.92 0.22
CA PRO N 94 25.65 3.22 0.25
C PRO N 94 26.12 2.76 -1.13
N TYR N 95 27.40 2.41 -1.19
CA TYR N 95 27.96 1.66 -2.30
C TYR N 95 27.49 0.21 -2.17
N MET N 96 26.84 -0.31 -3.21
CA MET N 96 26.30 -1.66 -3.18
C MET N 96 27.37 -2.65 -3.66
N VAL N 97 28.39 -2.83 -2.82
CA VAL N 97 29.56 -3.61 -3.17
C VAL N 97 29.94 -4.55 -2.04
N GLN N 98 30.69 -5.60 -2.40
CA GLN N 98 31.38 -6.47 -1.47
C GLN N 98 32.85 -6.49 -1.84
N LEU N 99 33.72 -6.27 -0.86
CA LEU N 99 35.13 -6.05 -1.12
C LEU N 99 36.01 -7.02 -0.34
N LEU N 100 37.11 -7.42 -0.96
CA LEU N 100 38.18 -8.16 -0.30
C LEU N 100 39.49 -7.41 -0.52
N VAL N 101 40.25 -7.25 0.56
CA VAL N 101 41.55 -6.58 0.51
C VAL N 101 42.59 -7.53 1.09
N GLY N 102 43.66 -7.76 0.35
CA GLY N 102 44.73 -8.62 0.81
C GLY N 102 46.09 -8.08 0.43
N GLY N 103 47.08 -8.38 1.26
CA GLY N 103 48.42 -7.92 0.99
C GLY N 103 49.38 -8.29 2.10
N ILE N 104 50.62 -7.83 1.94
CA ILE N 104 51.71 -8.11 2.87
C ILE N 104 52.28 -6.79 3.36
N ASP N 105 52.30 -6.59 4.69
CA ASP N 105 53.08 -5.50 5.28
C ASP N 105 54.20 -6.06 6.14
N THR N 106 53.90 -6.87 7.16
CA THR N 106 54.87 -7.71 7.83
C THR N 106 54.43 -9.16 7.88
N ALA N 107 53.17 -9.44 7.55
CA ALA N 107 52.61 -10.78 7.53
C ALA N 107 51.42 -10.76 6.59
N PRO N 108 51.03 -11.92 6.06
CA PRO N 108 49.85 -11.96 5.17
C PRO N 108 48.58 -11.55 5.90
N HIS N 109 47.71 -10.86 5.17
CA HIS N 109 46.43 -10.41 5.69
C HIS N 109 45.39 -10.45 4.57
N VAL N 110 44.16 -10.82 4.94
CA VAL N 110 43.00 -10.74 4.06
C VAL N 110 41.85 -10.16 4.86
N PHE N 111 41.20 -9.12 4.32
CA PHE N 111 40.10 -8.46 4.99
C PHE N 111 38.85 -8.51 4.11
N SER N 112 37.71 -8.73 4.74
CA SER N 112 36.41 -8.70 4.09
C SER N 112 35.63 -7.48 4.57
N ILE N 113 35.14 -6.67 3.62
CA ILE N 113 34.45 -5.43 3.93
C ILE N 113 33.09 -5.46 3.24
N ASP N 114 32.04 -5.15 3.99
CA ASP N 114 30.68 -5.14 3.47
C ASP N 114 30.27 -3.70 3.14
N ALA N 115 29.04 -3.55 2.62
CA ALA N 115 28.56 -2.25 2.17
C ALA N 115 28.37 -1.26 3.31
N ALA N 116 28.19 -1.73 4.53
CA ALA N 116 27.98 -0.85 5.67
C ALA N 116 29.28 -0.46 6.38
N GLY N 117 30.43 -0.91 5.88
CA GLY N 117 31.70 -0.57 6.47
C GLY N 117 32.24 -1.54 7.49
N GLY N 118 31.60 -2.70 7.66
CA GLY N 118 32.13 -3.70 8.57
C GLY N 118 33.31 -4.43 7.97
N SER N 119 34.42 -4.48 8.71
CA SER N 119 35.66 -5.07 8.23
C SER N 119 36.10 -6.15 9.20
N VAL N 120 36.31 -7.36 8.69
CA VAL N 120 36.72 -8.51 9.50
C VAL N 120 37.90 -9.19 8.82
N GLU N 121 38.97 -9.41 9.58
CA GLU N 121 40.12 -10.16 9.07
C GLU N 121 39.87 -11.66 9.21
N ASP N 122 40.33 -12.42 8.22
CA ASP N 122 40.12 -13.86 8.21
C ASP N 122 41.26 -14.53 7.45
N ILE N 123 41.43 -15.83 7.69
CA ILE N 123 42.47 -16.58 6.98
C ILE N 123 42.11 -16.73 5.51
N TYR N 124 40.83 -16.88 5.19
CA TYR N 124 40.36 -16.87 3.81
C TYR N 124 38.94 -16.34 3.77
N ALA N 125 38.54 -15.86 2.60
CA ALA N 125 37.21 -15.29 2.43
C ALA N 125 36.83 -15.36 0.96
N SER N 126 35.53 -15.27 0.71
CA SER N 126 35.00 -15.31 -0.65
C SER N 126 33.76 -14.43 -0.72
N THR N 127 33.59 -13.74 -1.85
CA THR N 127 32.46 -12.84 -2.06
C THR N 127 31.79 -13.16 -3.39
N GLY N 128 30.58 -12.67 -3.55
CA GLY N 128 29.80 -12.88 -4.76
C GLY N 128 28.77 -13.98 -4.62
N SER N 129 27.96 -14.12 -5.67
CA SER N 129 26.90 -15.12 -5.66
C SER N 129 27.45 -16.54 -5.63
N GLY N 130 28.67 -16.76 -6.13
CA GLY N 130 29.30 -18.07 -6.10
C GLY N 130 30.10 -18.37 -4.85
N SER N 131 30.11 -17.46 -3.88
CA SER N 131 30.91 -17.67 -2.68
C SER N 131 30.53 -18.92 -1.88
N PRO N 132 29.25 -19.26 -1.65
CA PRO N 132 28.97 -20.46 -0.84
C PRO N 132 29.55 -21.74 -1.41
N PHE N 133 29.62 -21.86 -2.74
CA PHE N 133 30.25 -23.03 -3.34
C PHE N 133 31.75 -23.04 -3.06
N VAL N 134 32.38 -21.86 -3.06
CA VAL N 134 33.80 -21.77 -2.75
C VAL N 134 34.06 -22.17 -1.31
N TYR N 135 33.22 -21.71 -0.38
CA TYR N 135 33.42 -22.03 1.02
C TYR N 135 33.33 -23.53 1.27
N GLY N 136 32.50 -24.24 0.51
CA GLY N 136 32.45 -25.68 0.64
C GLY N 136 33.76 -26.35 0.26
N VAL N 137 34.38 -25.88 -0.82
CA VAL N 137 35.66 -26.42 -1.25
C VAL N 137 36.75 -26.07 -0.23
N LEU N 138 36.77 -24.82 0.24
CA LEU N 138 37.81 -24.39 1.17
C LEU N 138 37.68 -25.09 2.52
N GLU N 139 36.45 -25.30 3.00
CA GLU N 139 36.26 -25.95 4.28
C GLU N 139 36.84 -27.37 4.28
N SER N 140 36.72 -28.07 3.15
CA SER N 140 37.13 -29.47 3.11
C SER N 140 38.57 -29.65 2.68
N GLN N 141 39.18 -28.66 2.02
CA GLN N 141 40.49 -28.86 1.40
C GLN N 141 41.57 -27.86 1.80
N TYR N 142 41.21 -26.69 2.35
CA TYR N 142 42.23 -25.71 2.69
C TYR N 142 43.11 -26.21 3.84
N SER N 143 44.41 -25.93 3.73
CA SER N 143 45.36 -26.24 4.78
C SER N 143 46.32 -25.07 4.93
N GLU N 144 46.64 -24.73 6.18
CA GLU N 144 47.56 -23.63 6.45
C GLU N 144 49.00 -23.96 6.11
N LYS N 145 49.32 -25.24 5.89
CA LYS N 145 50.67 -25.66 5.54
C LYS N 145 50.89 -25.76 4.04
N MET N 146 49.90 -25.37 3.23
CA MET N 146 50.01 -25.48 1.79
C MET N 146 51.11 -24.58 1.24
N THR N 147 51.75 -25.04 0.16
CA THR N 147 52.70 -24.22 -0.57
C THR N 147 51.95 -23.27 -1.50
N VAL N 148 52.71 -22.37 -2.12
CA VAL N 148 52.11 -21.41 -3.06
C VAL N 148 51.50 -22.13 -4.25
N ASP N 149 52.21 -23.12 -4.80
CA ASP N 149 51.69 -23.88 -5.93
C ASP N 149 50.42 -24.62 -5.56
N GLU N 150 50.39 -25.23 -4.37
CA GLU N 150 49.19 -25.91 -3.92
C GLU N 150 48.05 -24.93 -3.68
N GLY N 151 48.37 -23.74 -3.17
CA GLY N 151 47.34 -22.74 -2.97
C GLY N 151 46.72 -22.25 -4.27
N VAL N 152 47.54 -22.09 -5.32
CA VAL N 152 47.03 -21.67 -6.61
C VAL N 152 46.07 -22.72 -7.17
N ASP N 153 46.43 -23.99 -7.05
CA ASP N 153 45.53 -25.06 -7.50
C ASP N 153 44.25 -25.07 -6.71
N LEU N 154 44.32 -24.73 -5.42
CA LEU N 154 43.13 -24.75 -4.57
C LEU N 154 42.11 -23.71 -5.01
N VAL N 155 42.57 -22.48 -5.27
CA VAL N 155 41.63 -21.42 -5.65
C VAL N 155 41.06 -21.69 -7.04
N ILE N 156 41.84 -22.30 -7.93
CA ILE N 156 41.35 -22.63 -9.26
C ILE N 156 40.23 -23.66 -9.17
N ARG N 157 40.42 -24.70 -8.35
CA ARG N 157 39.38 -25.71 -8.17
C ARG N 157 38.13 -25.10 -7.54
N ALA N 158 38.30 -24.22 -6.55
CA ALA N 158 37.15 -23.63 -5.87
C ALA N 158 36.33 -22.77 -6.82
N ILE N 159 36.99 -21.94 -7.63
CA ILE N 159 36.25 -21.10 -8.59
C ILE N 159 35.63 -21.95 -9.69
N SER N 160 36.32 -23.00 -10.13
CA SER N 160 35.77 -23.89 -11.15
C SER N 160 34.48 -24.54 -10.66
N ALA N 161 34.44 -24.96 -9.39
CA ALA N 161 33.21 -25.52 -8.84
C ALA N 161 32.09 -24.49 -8.81
N ALA N 162 32.42 -23.25 -8.47
CA ALA N 162 31.40 -22.19 -8.44
C ALA N 162 30.82 -21.95 -9.83
N LYS N 163 31.67 -21.98 -10.87
CA LYS N 163 31.19 -21.76 -12.23
C LYS N 163 30.25 -22.86 -12.67
N GLN N 164 30.37 -24.07 -12.12
CA GLN N 164 29.50 -25.16 -12.49
C GLN N 164 28.10 -25.04 -11.89
N ARG N 165 27.93 -24.23 -10.86
CA ARG N 165 26.67 -24.15 -10.13
C ARG N 165 26.07 -22.75 -10.04
N ASP N 166 26.84 -21.71 -10.32
CA ASP N 166 26.35 -20.33 -10.27
C ASP N 166 26.31 -19.77 -11.69
N SER N 167 25.11 -19.46 -12.18
CA SER N 167 24.96 -18.96 -13.53
C SER N 167 25.53 -17.55 -13.70
N ALA N 168 25.66 -16.80 -12.61
CA ALA N 168 26.23 -15.45 -12.68
C ALA N 168 27.74 -15.44 -12.77
N SER N 169 28.39 -16.60 -12.69
CA SER N 169 29.84 -16.70 -12.74
C SER N 169 30.27 -17.45 -14.01
N GLY N 170 31.43 -17.08 -14.53
CA GLY N 170 31.94 -17.75 -15.70
C GLY N 170 33.16 -17.01 -16.25
N GLY N 171 33.71 -17.57 -17.32
CA GLY N 171 34.85 -16.99 -17.98
C GLY N 171 36.18 -17.46 -17.43
N MET N 172 37.24 -16.86 -17.97
CA MET N 172 38.60 -17.20 -17.56
C MET N 172 38.86 -16.76 -16.12
N ILE N 173 39.71 -17.51 -15.43
CA ILE N 173 40.07 -17.25 -14.04
C ILE N 173 41.36 -16.43 -14.01
N ASP N 174 41.34 -15.33 -13.28
CA ASP N 174 42.51 -14.49 -13.07
C ASP N 174 43.04 -14.72 -11.66
N VAL N 175 44.35 -14.94 -11.54
CA VAL N 175 44.99 -15.27 -10.28
C VAL N 175 46.18 -14.35 -10.06
N ALA N 176 46.31 -13.82 -8.84
CA ALA N 176 47.44 -12.99 -8.45
C ALA N 176 48.07 -13.55 -7.19
N VAL N 177 49.40 -13.49 -7.12
CA VAL N 177 50.16 -13.95 -5.96
C VAL N 177 50.97 -12.78 -5.44
N ILE N 178 50.87 -12.53 -4.13
CA ILE N 178 51.55 -11.41 -3.49
C ILE N 178 52.54 -11.96 -2.48
N THR N 179 53.81 -11.62 -2.64
CA THR N 179 54.86 -11.99 -1.69
C THR N 179 55.77 -10.80 -1.48
N ARG N 180 56.47 -10.81 -0.34
CA ARG N 180 57.45 -9.76 -0.08
C ARG N 180 58.61 -9.81 -1.08
N LYS N 181 59.05 -11.03 -1.43
CA LYS N 181 60.21 -11.17 -2.30
C LYS N 181 59.91 -10.71 -3.72
N ASP N 182 58.73 -11.05 -4.24
CA ASP N 182 58.40 -10.80 -5.64
C ASP N 182 57.34 -9.73 -5.85
N GLY N 183 56.70 -9.25 -4.79
CA GLY N 183 55.67 -8.24 -4.95
C GLY N 183 54.38 -8.81 -5.52
N TYR N 184 53.59 -7.92 -6.13
CA TYR N 184 52.32 -8.28 -6.74
C TYR N 184 52.59 -8.86 -8.13
N VAL N 185 52.29 -10.13 -8.31
CA VAL N 185 52.52 -10.84 -9.57
C VAL N 185 51.21 -11.45 -10.02
N GLN N 186 50.73 -11.03 -11.18
CA GLN N 186 49.55 -11.64 -11.80
C GLN N 186 49.99 -12.79 -12.70
N LEU N 187 49.46 -13.97 -12.45
CA LEU N 187 49.88 -15.15 -13.21
C LEU N 187 49.43 -15.03 -14.67
N PRO N 188 50.27 -15.46 -15.61
CA PRO N 188 49.88 -15.39 -17.02
C PRO N 188 48.72 -16.34 -17.33
N THR N 189 47.96 -15.98 -18.38
CA THR N 189 46.79 -16.77 -18.74
C THR N 189 47.17 -18.18 -19.16
N ASP N 190 48.27 -18.33 -19.90
CA ASP N 190 48.69 -19.66 -20.34
C ASP N 190 49.02 -20.56 -19.16
N GLN N 191 49.65 -20.00 -18.11
CA GLN N 191 49.94 -20.80 -16.92
C GLN N 191 48.67 -21.27 -16.24
N ILE N 192 47.65 -20.40 -16.19
CA ILE N 192 46.37 -20.80 -15.61
C ILE N 192 45.74 -21.92 -16.42
N GLU N 193 45.79 -21.81 -17.76
CA GLU N 193 45.24 -22.86 -18.61
C GLU N 193 45.97 -24.18 -18.42
N SER N 194 47.29 -24.12 -18.25
CA SER N 194 48.06 -25.34 -18.02
C SER N 194 47.64 -26.02 -16.71
N ARG N 195 47.43 -25.24 -15.65
CA ARG N 195 46.99 -25.82 -14.39
C ARG N 195 45.59 -26.41 -14.51
N ILE N 196 44.71 -25.77 -15.28
CA ILE N 196 43.35 -26.28 -15.46
C ILE N 196 43.40 -27.63 -16.17
N ARG N 197 44.23 -27.75 -17.21
CA ARG N 197 44.36 -29.02 -17.92
C ARG N 197 44.95 -30.10 -17.02
N LYS N 198 45.96 -29.74 -16.21
CA LYS N 198 46.56 -30.70 -15.29
C LYS N 198 45.59 -31.17 -14.22
N LEU N 199 44.70 -30.30 -13.75
CA LEU N 199 43.72 -30.66 -12.74
C LEU N 199 42.53 -31.41 -13.30
N GLY N 200 42.42 -31.54 -14.61
CA GLY N 200 41.30 -32.24 -15.25
C GLY N 200 39.99 -31.47 -15.15
N LEU N 201 40.04 -30.15 -15.28
CA LEU N 201 38.84 -29.29 -15.11
C LEU N 201 38.39 -28.84 -16.51
N ILE N 202 38.81 -29.57 -17.54
CA ILE N 202 38.41 -29.27 -18.95
C ILE N 202 38.89 -30.42 -19.83
N THR O 1 14.99 0.77 -30.18
CA THR O 1 16.33 1.27 -30.42
C THR O 1 17.32 0.11 -30.55
N THR O 2 18.20 0.20 -31.55
CA THR O 2 19.23 -0.82 -31.77
C THR O 2 20.53 -0.12 -32.15
N THR O 3 21.56 -0.28 -31.32
CA THR O 3 22.88 0.25 -31.61
C THR O 3 23.90 -0.88 -31.50
N VAL O 4 24.98 -0.76 -32.26
CA VAL O 4 26.02 -1.80 -32.29
C VAL O 4 27.36 -1.14 -32.58
N GLY O 5 28.40 -1.68 -31.96
CA GLY O 5 29.77 -1.27 -32.24
C GLY O 5 30.72 -2.44 -32.20
N ILE O 6 31.59 -2.57 -33.20
CA ILE O 6 32.51 -3.69 -33.30
C ILE O 6 33.92 -3.16 -33.53
N THR O 7 34.91 -3.98 -33.18
CA THR O 7 36.32 -3.65 -33.40
C THR O 7 36.91 -4.62 -34.41
N LEU O 8 37.81 -4.10 -35.24
CA LEU O 8 38.58 -4.89 -36.20
C LEU O 8 40.06 -4.64 -35.96
N LYS O 9 40.88 -5.12 -36.90
CA LYS O 9 42.33 -5.01 -36.76
C LYS O 9 42.77 -3.55 -36.60
N ASP O 10 42.27 -2.67 -37.47
CA ASP O 10 42.63 -1.26 -37.45
C ASP O 10 41.43 -0.36 -37.67
N ALA O 11 40.25 -0.77 -37.24
CA ALA O 11 39.05 0.01 -37.50
C ALA O 11 38.01 -0.23 -36.42
N VAL O 12 37.09 0.72 -36.30
CA VAL O 12 35.93 0.62 -35.43
C VAL O 12 34.70 0.95 -36.27
N ILE O 13 33.68 0.11 -36.18
CA ILE O 13 32.43 0.28 -36.93
C ILE O 13 31.29 0.40 -35.95
N MET O 14 30.50 1.47 -36.08
CA MET O 14 29.34 1.71 -35.24
C MET O 14 28.13 1.96 -36.13
N ALA O 15 26.96 1.48 -35.69
CA ALA O 15 25.76 1.59 -36.50
C ALA O 15 24.52 1.62 -35.60
N THR O 16 23.50 2.34 -36.05
CA THR O 16 22.24 2.46 -35.34
C THR O 16 21.10 2.48 -36.36
N GLU O 17 19.87 2.35 -35.84
CA GLU O 17 18.67 2.64 -36.61
C GLU O 17 18.13 4.00 -36.19
N ARG O 18 16.95 4.37 -36.70
CA ARG O 18 16.47 5.74 -36.55
C ARG O 18 15.10 5.88 -35.90
N ARG O 19 14.43 4.83 -35.47
CA ARG O 19 13.03 4.98 -34.98
C ARG O 19 12.95 5.60 -33.57
N VAL O 20 12.11 6.61 -33.39
CA VAL O 20 11.92 7.20 -32.03
C VAL O 20 10.46 7.04 -31.59
N THR O 21 10.24 6.42 -30.44
CA THR O 21 8.88 6.14 -29.93
C THR O 21 8.56 7.17 -28.83
N MET O 22 7.90 8.27 -29.17
CA MET O 22 7.51 9.36 -28.21
C MET O 22 5.97 9.30 -28.02
N GLU O 23 5.46 9.22 -26.79
CA GLU O 23 3.99 9.12 -26.43
C GLU O 23 3.39 7.77 -26.87
N ASN O 24 4.17 6.69 -26.85
CA ASN O 24 3.65 5.33 -27.12
C ASN O 24 3.21 5.09 -28.57
N PHE O 25 3.78 5.80 -29.54
CA PHE O 25 3.51 5.52 -30.97
C PHE O 25 4.80 5.87 -31.72
N ILE O 26 4.88 5.61 -33.01
CA ILE O 26 6.05 5.99 -33.79
C ILE O 26 5.90 7.42 -34.27
N MET O 27 6.41 8.37 -33.50
CA MET O 27 6.27 9.78 -33.85
C MET O 27 7.35 10.25 -34.83
N HIS O 28 8.55 9.69 -34.75
CA HIS O 28 9.65 10.12 -35.60
C HIS O 28 10.32 8.90 -36.23
N LYS O 29 10.54 8.97 -37.54
CA LYS O 29 11.15 7.88 -38.28
C LYS O 29 12.62 8.10 -38.60
N ASN O 30 13.14 9.30 -38.38
CA ASN O 30 14.50 9.66 -38.78
C ASN O 30 15.24 10.35 -37.64
N GLY O 31 15.16 9.77 -36.45
CA GLY O 31 15.94 10.27 -35.34
C GLY O 31 17.42 10.00 -35.51
N LYS O 32 18.23 10.75 -34.76
CA LYS O 32 19.68 10.65 -34.81
C LYS O 32 20.18 10.02 -33.52
N LYS O 33 20.91 8.92 -33.64
CA LYS O 33 21.43 8.19 -32.48
C LYS O 33 22.93 7.94 -32.54
N LEU O 34 23.60 8.32 -33.63
CA LEU O 34 25.02 8.13 -33.79
C LEU O 34 25.67 9.50 -33.97
N PHE O 35 26.67 9.79 -33.14
CA PHE O 35 27.28 11.11 -33.10
C PHE O 35 28.80 10.99 -33.12
N GLN O 36 29.45 11.95 -33.78
CA GLN O 36 30.90 12.12 -33.69
C GLN O 36 31.21 13.11 -32.59
N ILE O 37 31.97 12.69 -31.59
CA ILE O 37 32.30 13.53 -30.45
C ILE O 37 33.75 13.95 -30.41
N ASP O 38 34.59 13.42 -31.30
CA ASP O 38 35.99 13.82 -31.37
C ASP O 38 36.51 13.45 -32.76
N THR O 39 37.79 13.74 -33.00
CA THR O 39 38.38 13.47 -34.30
C THR O 39 38.33 12.00 -34.65
N TYR O 40 38.60 11.13 -33.67
CA TYR O 40 38.58 9.69 -33.89
C TYR O 40 37.69 8.98 -32.87
N THR O 41 36.57 9.59 -32.49
CA THR O 41 35.71 9.02 -31.46
C THR O 41 34.25 9.20 -31.84
N GLY O 42 33.44 8.15 -31.62
CA GLY O 42 32.03 8.22 -31.84
C GLY O 42 31.27 7.66 -30.64
N MET O 43 29.97 7.94 -30.61
CA MET O 43 29.12 7.51 -29.51
C MET O 43 27.70 7.25 -30.00
N THR O 44 27.09 6.20 -29.47
CA THR O 44 25.70 5.88 -29.72
C THR O 44 24.91 6.01 -28.42
N ILE O 45 23.61 6.29 -28.55
CA ILE O 45 22.75 6.59 -27.41
C ILE O 45 21.50 5.70 -27.48
N ALA O 46 21.05 5.25 -26.31
CA ALA O 46 19.81 4.52 -26.17
C ALA O 46 19.18 4.87 -24.83
N GLY O 47 17.86 4.98 -24.82
CA GLY O 47 17.12 5.33 -23.62
C GLY O 47 16.36 6.63 -23.79
N LEU O 48 16.31 7.41 -22.71
CA LEU O 48 15.57 8.67 -22.71
C LEU O 48 16.26 9.67 -23.64
N VAL O 49 15.49 10.22 -24.58
CA VAL O 49 16.07 11.10 -25.59
C VAL O 49 16.63 12.36 -24.96
N GLY O 50 15.90 12.95 -24.01
CA GLY O 50 16.36 14.20 -23.40
C GLY O 50 17.68 14.03 -22.67
N ASP O 51 17.80 12.97 -21.86
CA ASP O 51 19.04 12.72 -21.13
C ASP O 51 20.19 12.45 -22.09
N ALA O 52 19.94 11.67 -23.13
CA ALA O 52 21.00 11.31 -24.07
C ALA O 52 21.52 12.51 -24.83
N GLN O 53 20.63 13.40 -25.27
CA GLN O 53 21.06 14.57 -26.04
C GLN O 53 21.88 15.52 -25.19
N VAL O 54 21.53 15.68 -23.91
CA VAL O 54 22.31 16.52 -23.02
C VAL O 54 23.72 15.96 -22.85
N LEU O 55 23.83 14.64 -22.69
CA LEU O 55 25.14 14.02 -22.51
C LEU O 55 26.02 14.17 -23.75
N VAL O 56 25.40 14.09 -24.93
CA VAL O 56 26.17 14.27 -26.17
C VAL O 56 26.77 15.66 -26.23
N ARG O 57 26.00 16.67 -25.88
CA ARG O 57 26.51 18.04 -25.87
C ARG O 57 27.62 18.21 -24.84
N TYR O 58 27.46 17.60 -23.66
CA TYR O 58 28.51 17.68 -22.64
C TYR O 58 29.81 17.05 -23.13
N MET O 59 29.72 15.88 -23.76
CA MET O 59 30.93 15.18 -24.20
C MET O 59 31.64 15.94 -25.30
N LYS O 60 30.89 16.55 -26.22
CA LYS O 60 31.51 17.34 -27.28
C LYS O 60 32.27 18.52 -26.69
N ALA O 61 31.69 19.18 -25.69
CA ALA O 61 32.36 20.32 -25.06
C ALA O 61 33.60 19.89 -24.29
N GLU O 62 33.48 18.80 -23.51
CA GLU O 62 34.62 18.35 -22.71
C GLU O 62 35.77 17.89 -23.59
N LEU O 63 35.48 17.15 -24.66
CA LEU O 63 36.54 16.62 -25.50
C LEU O 63 37.21 17.72 -26.32
N GLU O 64 36.44 18.70 -26.78
CA GLU O 64 37.04 19.81 -27.54
C GLU O 64 37.91 20.67 -26.64
N LEU O 65 37.46 20.95 -25.42
CA LEU O 65 38.29 21.71 -24.48
C LEU O 65 39.54 20.92 -24.11
N TYR O 66 39.40 19.61 -23.94
CA TYR O 66 40.55 18.76 -23.64
C TYR O 66 41.58 18.83 -24.76
N ARG O 67 41.12 18.77 -26.01
CA ARG O 67 42.04 18.81 -27.15
C ARG O 67 42.76 20.15 -27.24
N LEU O 68 42.06 21.24 -26.95
CA LEU O 68 42.69 22.56 -27.06
C LEU O 68 43.70 22.81 -25.94
N GLN O 69 43.46 22.26 -24.75
CA GLN O 69 44.35 22.53 -23.63
C GLN O 69 45.59 21.64 -23.66
N ARG O 70 45.40 20.33 -23.85
CA ARG O 70 46.50 19.38 -23.81
C ARG O 70 47.06 19.04 -25.18
N ARG O 71 46.56 19.67 -26.24
CA ARG O 71 47.08 19.61 -27.61
C ARG O 71 46.93 18.23 -28.26
N VAL O 72 46.33 17.25 -27.58
CA VAL O 72 46.14 15.92 -28.15
C VAL O 72 44.71 15.46 -27.86
N ASN O 73 44.25 14.49 -28.64
CA ASN O 73 42.93 13.93 -28.42
C ASN O 73 42.91 13.08 -27.16
N MET O 74 41.78 13.11 -26.46
CA MET O 74 41.63 12.31 -25.25
C MET O 74 41.63 10.82 -25.60
N PRO O 75 42.37 9.99 -24.86
CA PRO O 75 42.33 8.55 -25.13
C PRO O 75 40.93 7.99 -24.91
N ILE O 76 40.62 6.92 -25.64
CA ILE O 76 39.27 6.36 -25.62
C ILE O 76 38.89 5.89 -24.23
N GLU O 77 39.82 5.21 -23.54
CA GLU O 77 39.53 4.74 -22.19
C GLU O 77 39.33 5.92 -21.24
N ALA O 78 40.04 7.03 -21.47
CA ALA O 78 39.82 8.22 -20.67
C ALA O 78 38.44 8.82 -20.92
N VAL O 79 37.95 8.74 -22.16
CA VAL O 79 36.60 9.20 -22.47
C VAL O 79 35.58 8.38 -21.68
N ALA O 80 35.75 7.05 -21.66
CA ALA O 80 34.83 6.19 -20.93
C ALA O 80 34.90 6.45 -19.43
N THR O 81 36.10 6.68 -18.90
CA THR O 81 36.25 6.95 -17.48
C THR O 81 35.56 8.26 -17.09
N LEU O 82 35.68 9.29 -17.93
CA LEU O 82 35.01 10.56 -17.65
C LEU O 82 33.50 10.38 -17.62
N LEU O 83 32.95 9.64 -18.59
CA LEU O 83 31.52 9.35 -18.59
C LEU O 83 31.13 8.51 -17.37
N SER O 84 31.99 7.57 -16.98
CA SER O 84 31.71 6.73 -15.83
C SER O 84 31.56 7.57 -14.56
N ASN O 85 32.45 8.53 -14.36
CA ASN O 85 32.35 9.39 -13.18
C ASN O 85 31.10 10.25 -13.22
N MET O 86 30.77 10.81 -14.39
CA MET O 86 29.62 11.70 -14.49
C MET O 86 28.32 10.97 -14.16
N LEU O 87 28.16 9.75 -14.67
CA LEU O 87 26.93 9.01 -14.43
C LEU O 87 26.83 8.52 -12.99
N ASN O 88 27.96 8.08 -12.41
CA ASN O 88 27.93 7.53 -11.06
C ASN O 88 27.68 8.60 -10.01
N GLN O 89 28.10 9.84 -10.28
N GLN O 89 28.10 9.84 -10.28
CA GLN O 89 27.91 10.92 -9.32
CA GLN O 89 27.91 10.92 -9.32
C GLN O 89 26.45 11.25 -9.09
C GLN O 89 26.45 11.25 -9.09
N VAL O 90 25.56 10.87 -10.02
CA VAL O 90 24.13 11.11 -9.87
C VAL O 90 23.34 9.81 -9.92
N LYS O 91 23.93 8.71 -9.45
CA LYS O 91 23.36 7.38 -9.60
C LYS O 91 21.95 7.26 -9.03
N TYR O 92 21.64 8.03 -7.98
CA TYR O 92 20.31 7.98 -7.38
C TYR O 92 19.33 8.92 -8.06
N MET O 93 19.80 9.83 -8.91
CA MET O 93 18.94 10.61 -9.80
C MET O 93 19.53 10.53 -11.21
N PRO O 94 19.56 9.34 -11.79
CA PRO O 94 20.50 9.07 -12.88
C PRO O 94 19.96 9.46 -14.25
N TYR O 95 20.88 9.52 -15.21
CA TYR O 95 20.53 9.55 -16.63
C TYR O 95 20.09 8.16 -17.04
N MET O 96 18.88 8.06 -17.59
CA MET O 96 18.32 6.75 -17.98
C MET O 96 18.74 6.43 -19.41
N VAL O 97 20.04 6.14 -19.57
CA VAL O 97 20.64 5.95 -20.87
C VAL O 97 21.53 4.70 -20.88
N GLN O 98 21.76 4.19 -22.09
CA GLN O 98 22.78 3.18 -22.35
C GLN O 98 23.69 3.71 -23.45
N LEU O 99 24.99 3.65 -23.22
CA LEU O 99 25.96 4.32 -24.08
C LEU O 99 27.01 3.35 -24.60
N LEU O 100 27.44 3.59 -25.83
CA LEU O 100 28.59 2.92 -26.43
C LEU O 100 29.57 3.98 -26.92
N VAL O 101 30.84 3.80 -26.60
CA VAL O 101 31.90 4.72 -27.02
C VAL O 101 32.95 3.90 -27.76
N GLY O 102 33.31 4.33 -28.95
CA GLY O 102 34.33 3.66 -29.74
C GLY O 102 35.21 4.65 -30.47
N GLY O 103 36.46 4.24 -30.67
CA GLY O 103 37.39 5.10 -31.38
C GLY O 103 38.77 4.49 -31.44
N ILE O 104 39.70 5.28 -31.99
CA ILE O 104 41.08 4.87 -32.19
C ILE O 104 41.99 5.89 -31.51
N ASP O 105 42.84 5.44 -30.59
CA ASP O 105 43.94 6.27 -30.10
C ASP O 105 45.28 5.67 -30.51
N THR O 106 45.57 4.44 -30.11
CA THR O 106 46.65 3.64 -30.69
C THR O 106 46.17 2.30 -31.18
N ALA O 107 44.96 1.89 -30.81
CA ALA O 107 44.36 0.63 -31.20
C ALA O 107 42.85 0.79 -31.10
N PRO O 108 42.08 -0.03 -31.81
CA PRO O 108 40.62 0.06 -31.71
C PRO O 108 40.12 -0.26 -30.31
N HIS O 109 39.07 0.46 -29.90
CA HIS O 109 38.45 0.26 -28.61
C HIS O 109 36.94 0.49 -28.73
N VAL O 110 36.17 -0.30 -27.98
CA VAL O 110 34.74 -0.11 -27.83
C VAL O 110 34.40 -0.30 -26.35
N PHE O 111 33.69 0.67 -25.78
CA PHE O 111 33.31 0.64 -24.38
C PHE O 111 31.80 0.70 -24.23
N SER O 112 31.28 -0.07 -23.28
CA SER O 112 29.86 -0.07 -22.94
C SER O 112 29.69 0.53 -21.56
N ILE O 113 28.83 1.53 -21.45
CA ILE O 113 28.62 2.26 -20.20
C ILE O 113 27.13 2.23 -19.87
N ASP O 114 26.81 1.86 -18.62
CA ASP O 114 25.44 1.78 -18.16
C ASP O 114 25.08 3.03 -17.38
N ALA O 115 23.82 3.09 -16.92
CA ALA O 115 23.32 4.28 -16.24
C ALA O 115 23.99 4.53 -14.90
N ALA O 116 24.56 3.51 -14.27
CA ALA O 116 25.19 3.65 -12.97
C ALA O 116 26.68 3.97 -13.08
N GLY O 117 27.21 4.13 -14.28
CA GLY O 117 28.61 4.45 -14.47
C GLY O 117 29.55 3.28 -14.64
N GLY O 118 29.02 2.07 -14.79
CA GLY O 118 29.88 0.92 -15.04
C GLY O 118 30.35 0.90 -16.48
N SER O 119 31.65 0.78 -16.69
CA SER O 119 32.26 0.82 -18.01
C SER O 119 33.07 -0.44 -18.23
N VAL O 120 32.79 -1.16 -19.31
CA VAL O 120 33.46 -2.41 -19.64
C VAL O 120 33.89 -2.36 -21.10
N GLU O 121 35.16 -2.64 -21.36
CA GLU O 121 35.65 -2.74 -22.73
C GLU O 121 35.37 -4.13 -23.29
N ASP O 122 35.03 -4.18 -24.58
CA ASP O 122 34.70 -5.44 -25.22
C ASP O 122 35.04 -5.36 -26.70
N ILE O 123 35.18 -6.52 -27.33
CA ILE O 123 35.46 -6.56 -28.76
C ILE O 123 34.25 -6.07 -29.56
N TYR O 124 33.04 -6.38 -29.11
CA TYR O 124 31.83 -5.83 -29.70
C TYR O 124 30.76 -5.72 -28.63
N ALA O 125 29.78 -4.84 -28.87
CA ALA O 125 28.70 -4.63 -27.92
C ALA O 125 27.49 -4.08 -28.66
N SER O 126 26.33 -4.22 -28.01
CA SER O 126 25.07 -3.74 -28.58
C SER O 126 24.17 -3.28 -27.45
N THR O 127 23.43 -2.20 -27.69
CA THR O 127 22.51 -1.63 -26.71
C THR O 127 21.13 -1.43 -27.33
N GLY O 128 20.15 -1.26 -26.47
CA GLY O 128 18.78 -1.04 -26.89
C GLY O 128 17.94 -2.30 -26.78
N SER O 129 16.65 -2.13 -27.05
CA SER O 129 15.70 -3.24 -26.98
C SER O 129 15.98 -4.31 -28.02
N GLY O 130 16.59 -3.95 -29.14
CA GLY O 130 16.96 -4.90 -30.17
C GLY O 130 18.31 -5.56 -30.01
N SER O 131 19.03 -5.25 -28.93
CA SER O 131 20.37 -5.80 -28.74
C SER O 131 20.43 -7.32 -28.67
N PRO O 132 19.52 -8.04 -27.98
CA PRO O 132 19.67 -9.51 -27.94
C PRO O 132 19.62 -10.17 -29.31
N PHE O 133 18.84 -9.63 -30.25
CA PHE O 133 18.83 -10.17 -31.60
C PHE O 133 20.16 -9.92 -32.30
N VAL O 134 20.79 -8.77 -32.03
CA VAL O 134 22.10 -8.47 -32.61
C VAL O 134 23.15 -9.43 -32.07
N TYR O 135 23.12 -9.71 -30.77
CA TYR O 135 24.10 -10.60 -30.16
C TYR O 135 24.02 -12.00 -30.75
N GLY O 136 22.81 -12.44 -31.12
CA GLY O 136 22.69 -13.74 -31.77
C GLY O 136 23.40 -13.77 -33.11
N VAL O 137 23.26 -12.71 -33.90
CA VAL O 137 23.95 -12.64 -35.19
C VAL O 137 25.45 -12.55 -35.00
N LEU O 138 25.90 -11.73 -34.06
CA LEU O 138 27.33 -11.54 -33.84
C LEU O 138 27.98 -12.81 -33.29
N GLU O 139 27.30 -13.52 -32.39
CA GLU O 139 27.88 -14.73 -31.83
C GLU O 139 28.16 -15.78 -32.91
N SER O 140 27.29 -15.86 -33.92
CA SER O 140 27.42 -16.92 -34.91
C SER O 140 28.26 -16.50 -36.12
N GLN O 141 28.44 -15.20 -36.34
CA GLN O 141 29.04 -14.74 -37.59
C GLN O 141 30.25 -13.82 -37.43
N TYR O 142 30.45 -13.19 -36.27
CA TYR O 142 31.56 -12.26 -36.13
C TYR O 142 32.90 -13.00 -36.18
N SER O 143 33.87 -12.39 -36.85
CA SER O 143 35.22 -12.90 -36.91
C SER O 143 36.21 -11.76 -36.73
N GLU O 144 37.27 -11.98 -35.96
CA GLU O 144 38.27 -10.95 -35.74
C GLU O 144 39.15 -10.70 -36.97
N LYS O 145 39.11 -11.59 -37.95
CA LYS O 145 39.90 -11.44 -39.17
C LYS O 145 39.12 -10.76 -40.29
N MET O 146 37.90 -10.29 -40.02
CA MET O 146 37.08 -9.66 -41.05
C MET O 146 37.71 -8.36 -41.54
N THR O 147 37.49 -8.08 -42.83
CA THR O 147 37.87 -6.81 -43.41
C THR O 147 36.82 -5.74 -43.06
N VAL O 148 37.14 -4.49 -43.41
CA VAL O 148 36.21 -3.39 -43.14
C VAL O 148 34.91 -3.59 -43.92
N ASP O 149 35.01 -3.99 -45.19
CA ASP O 149 33.82 -4.22 -46.01
C ASP O 149 32.97 -5.34 -45.43
N GLU O 150 33.61 -6.43 -44.99
CA GLU O 150 32.88 -7.52 -44.38
C GLU O 150 32.25 -7.09 -43.05
N GLY O 151 32.95 -6.25 -42.29
CA GLY O 151 32.39 -5.76 -41.04
C GLY O 151 31.17 -4.88 -41.24
N VAL O 152 31.17 -4.06 -42.29
CA VAL O 152 30.02 -3.21 -42.57
C VAL O 152 28.81 -4.07 -42.93
N ASP O 153 29.02 -5.11 -43.74
CA ASP O 153 27.92 -6.01 -44.07
C ASP O 153 27.41 -6.73 -42.83
N LEU O 154 28.30 -7.04 -41.89
CA LEU O 154 27.90 -7.76 -40.68
C LEU O 154 26.95 -6.93 -39.83
N VAL O 155 27.28 -5.66 -39.60
CA VAL O 155 26.45 -4.82 -38.74
C VAL O 155 25.11 -4.53 -39.42
N ILE O 156 25.11 -4.42 -40.75
CA ILE O 156 23.86 -4.19 -41.47
C ILE O 156 22.92 -5.39 -41.33
N ARG O 157 23.46 -6.60 -41.46
CA ARG O 157 22.64 -7.80 -41.28
C ARG O 157 22.12 -7.91 -39.85
N ALA O 158 22.97 -7.59 -38.87
CA ALA O 158 22.57 -7.71 -37.47
C ALA O 158 21.44 -6.75 -37.13
N ILE O 159 21.55 -5.49 -37.59
CA ILE O 159 20.49 -4.51 -37.33
C ILE O 159 19.23 -4.87 -38.11
N SER O 160 19.37 -5.38 -39.34
CA SER O 160 18.21 -5.77 -40.12
C SER O 160 17.42 -6.88 -39.42
N ALA O 161 18.13 -7.84 -38.82
CA ALA O 161 17.46 -8.89 -38.06
C ALA O 161 16.71 -8.31 -36.87
N ALA O 162 17.32 -7.34 -36.18
CA ALA O 162 16.67 -6.74 -35.03
C ALA O 162 15.39 -6.01 -35.43
N LYS O 163 15.41 -5.33 -36.57
CA LYS O 163 14.22 -4.62 -37.03
C LYS O 163 13.07 -5.57 -37.35
N GLN O 164 13.39 -6.81 -37.71
CA GLN O 164 12.35 -7.79 -38.03
C GLN O 164 11.64 -8.31 -36.78
N ARG O 165 12.25 -8.17 -35.60
CA ARG O 165 11.72 -8.77 -34.39
C ARG O 165 11.47 -7.79 -33.25
N ASP O 166 12.01 -6.57 -33.31
CA ASP O 166 11.83 -5.57 -32.27
C ASP O 166 11.00 -4.43 -32.84
N SER O 167 9.80 -4.24 -32.30
CA SER O 167 8.89 -3.21 -32.79
C SER O 167 9.39 -1.80 -32.49
N ALA O 168 10.26 -1.65 -31.48
CA ALA O 168 10.81 -0.35 -31.14
C ALA O 168 11.93 0.10 -32.07
N SER O 169 12.36 -0.76 -33.00
CA SER O 169 13.44 -0.45 -33.92
C SER O 169 12.90 -0.38 -35.35
N GLY O 170 13.52 0.48 -36.15
CA GLY O 170 13.13 0.61 -37.54
C GLY O 170 13.81 1.79 -38.18
N GLY O 171 13.52 1.97 -39.47
CA GLY O 171 14.07 3.07 -40.23
C GLY O 171 15.39 2.75 -40.89
N MET O 172 15.96 3.77 -41.53
CA MET O 172 17.22 3.64 -42.23
C MET O 172 18.36 3.39 -41.24
N ILE O 173 19.36 2.65 -41.70
CA ILE O 173 20.53 2.29 -40.90
C ILE O 173 21.65 3.29 -41.19
N ASP O 174 22.22 3.87 -40.14
CA ASP O 174 23.36 4.77 -40.24
C ASP O 174 24.61 4.04 -39.79
N VAL O 175 25.68 4.13 -40.59
CA VAL O 175 26.92 3.41 -40.33
C VAL O 175 28.08 4.39 -40.40
N ALA O 176 29.00 4.29 -39.42
CA ALA O 176 30.21 5.09 -39.40
C ALA O 176 31.41 4.16 -39.26
N VAL O 177 32.50 4.51 -39.95
CA VAL O 177 33.75 3.77 -39.91
C VAL O 177 34.84 4.71 -39.42
N ILE O 178 35.60 4.28 -38.42
CA ILE O 178 36.65 5.09 -37.82
C ILE O 178 37.99 4.39 -38.05
N THR O 179 38.92 5.07 -38.70
CA THR O 179 40.27 4.57 -38.91
C THR O 179 41.25 5.71 -38.67
N ARG O 180 42.50 5.34 -38.37
CA ARG O 180 43.55 6.34 -38.20
C ARG O 180 43.82 7.06 -39.53
N LYS O 181 43.81 6.32 -40.64
CA LYS O 181 44.16 6.92 -41.92
C LYS O 181 43.09 7.90 -42.40
N ASP O 182 41.82 7.56 -42.23
CA ASP O 182 40.73 8.35 -42.79
C ASP O 182 39.89 9.08 -41.74
N GLY O 183 40.11 8.82 -40.45
CA GLY O 183 39.33 9.49 -39.43
C GLY O 183 37.90 8.96 -39.35
N TYR O 184 37.02 9.80 -38.81
CA TYR O 184 35.61 9.46 -38.65
C TYR O 184 34.90 9.71 -39.98
N VAL O 185 34.40 8.64 -40.59
CA VAL O 185 33.72 8.71 -41.88
C VAL O 185 32.35 8.07 -41.74
N GLN O 186 31.31 8.87 -41.96
CA GLN O 186 29.95 8.34 -41.99
C GLN O 186 29.60 7.93 -43.41
N LEU O 187 29.20 6.67 -43.58
CA LEU O 187 28.93 6.15 -44.91
C LEU O 187 27.70 6.83 -45.51
N PRO O 188 27.70 7.13 -46.80
CA PRO O 188 26.54 7.76 -47.43
C PRO O 188 25.34 6.82 -47.45
N THR O 189 24.15 7.42 -47.49
CA THR O 189 22.92 6.64 -47.46
C THR O 189 22.78 5.74 -48.68
N ASP O 190 23.17 6.24 -49.86
CA ASP O 190 23.07 5.44 -51.07
C ASP O 190 23.96 4.21 -51.00
N GLN O 191 25.15 4.33 -50.41
CA GLN O 191 26.02 3.17 -50.26
C GLN O 191 25.40 2.13 -49.34
N ILE O 192 24.73 2.57 -48.27
CA ILE O 192 24.05 1.64 -47.37
C ILE O 192 22.93 0.92 -48.12
N GLU O 193 22.16 1.66 -48.92
CA GLU O 193 21.08 1.05 -49.69
C GLU O 193 21.62 0.03 -50.69
N SER O 194 22.76 0.33 -51.31
CA SER O 194 23.37 -0.61 -52.25
C SER O 194 23.75 -1.91 -51.55
N ARG O 195 24.33 -1.81 -50.35
CA ARG O 195 24.72 -3.01 -49.61
C ARG O 195 23.48 -3.81 -49.19
N ILE O 196 22.40 -3.11 -48.83
CA ILE O 196 21.17 -3.80 -48.44
C ILE O 196 20.61 -4.60 -49.63
N ARG O 197 20.60 -3.99 -50.82
CA ARG O 197 20.11 -4.69 -52.00
C ARG O 197 21.01 -5.87 -52.35
N LYS O 198 22.33 -5.71 -52.22
CA LYS O 198 23.24 -6.80 -52.51
C LYS O 198 23.11 -7.95 -51.52
N LEU O 199 22.80 -7.67 -50.26
CA LEU O 199 22.63 -8.70 -49.25
C LEU O 199 21.26 -9.37 -49.31
N GLY O 200 20.35 -8.87 -50.14
CA GLY O 200 19.00 -9.45 -50.26
C GLY O 200 18.14 -9.18 -49.04
N LEU O 201 18.26 -7.98 -48.45
CA LEU O 201 17.52 -7.66 -47.21
C LEU O 201 16.36 -6.72 -47.59
N ILE O 202 15.97 -6.73 -48.86
CA ILE O 202 14.83 -5.91 -49.35
C ILE O 202 14.51 -6.33 -50.78
N GLY P 1 -44.56 -67.45 -18.82
CA GLY P 1 -43.11 -67.43 -18.65
C GLY P 1 -42.48 -66.13 -19.09
N GLN P 2 -42.70 -65.77 -20.36
CA GLN P 2 -42.13 -64.53 -20.88
C GLN P 2 -42.74 -63.31 -20.21
N MET P 3 -44.03 -63.37 -19.86
CA MET P 3 -44.71 -62.24 -19.25
C MET P 3 -44.18 -61.94 -17.85
N ALA P 4 -43.40 -62.82 -17.24
CA ALA P 4 -42.83 -62.60 -15.93
C ALA P 4 -41.48 -61.90 -15.97
N TYR P 5 -40.89 -61.72 -17.15
CA TYR P 5 -39.56 -61.12 -17.29
C TYR P 5 -39.54 -60.05 -18.38
N ASP P 6 -40.67 -59.37 -18.62
CA ASP P 6 -40.75 -58.37 -19.67
C ASP P 6 -41.36 -57.06 -19.18
N ARG P 7 -41.36 -56.82 -17.87
CA ARG P 7 -41.96 -55.63 -17.30
C ARG P 7 -40.96 -54.55 -16.93
N ALA P 8 -39.73 -54.91 -16.61
CA ALA P 8 -38.70 -53.98 -16.18
C ALA P 8 -37.50 -54.05 -17.11
N ILE P 9 -36.90 -52.89 -17.37
CA ILE P 9 -35.75 -52.83 -18.27
C ILE P 9 -34.54 -53.53 -17.67
N THR P 10 -34.36 -53.44 -16.35
CA THR P 10 -33.17 -53.95 -15.68
C THR P 10 -33.31 -55.40 -15.22
N VAL P 11 -34.16 -56.19 -15.86
CA VAL P 11 -34.38 -57.59 -15.48
C VAL P 11 -33.97 -58.48 -16.63
N PHE P 12 -33.08 -59.42 -16.36
CA PHE P 12 -32.72 -60.44 -17.33
C PHE P 12 -33.72 -61.59 -17.29
N SER P 13 -34.00 -62.15 -18.46
CA SER P 13 -34.80 -63.36 -18.55
C SER P 13 -33.94 -64.57 -18.17
N PRO P 14 -34.58 -65.71 -17.85
CA PRO P 14 -33.79 -66.91 -17.55
C PRO P 14 -32.84 -67.33 -18.67
N ASP P 15 -33.18 -67.04 -19.92
CA ASP P 15 -32.30 -67.32 -21.04
C ASP P 15 -31.47 -66.10 -21.44
N GLY P 16 -31.27 -65.15 -20.53
CA GLY P 16 -30.40 -64.01 -20.78
C GLY P 16 -30.87 -63.05 -21.85
N ARG P 17 -32.15 -62.69 -21.84
CA ARG P 17 -32.71 -61.74 -22.79
C ARG P 17 -33.26 -60.53 -22.06
N LEU P 18 -33.28 -59.40 -22.78
CA LEU P 18 -33.83 -58.13 -22.28
C LEU P 18 -35.04 -57.81 -23.15
N PHE P 19 -36.22 -58.21 -22.68
CA PHE P 19 -37.42 -58.09 -23.50
C PHE P 19 -37.84 -56.64 -23.71
N GLN P 20 -37.58 -55.76 -22.74
CA GLN P 20 -37.92 -54.35 -22.91
C GLN P 20 -37.13 -53.73 -24.06
N VAL P 21 -35.86 -54.10 -24.20
CA VAL P 21 -35.08 -53.67 -25.35
C VAL P 21 -35.66 -54.26 -26.64
N GLU P 22 -36.02 -55.50 -26.62
CA GLU P 22 -36.62 -56.18 -27.79
C GLU P 22 -37.94 -55.53 -28.18
N TYR P 23 -38.76 -55.17 -27.16
CA TYR P 23 -40.02 -54.51 -27.45
C TYR P 23 -39.81 -53.14 -28.07
N ALA P 24 -38.74 -52.45 -27.68
CA ALA P 24 -38.44 -51.16 -28.30
C ALA P 24 -38.14 -51.32 -29.78
N ARG P 25 -37.48 -52.41 -30.16
CA ARG P 25 -37.17 -52.72 -31.57
C ARG P 25 -38.47 -52.93 -32.35
N GLU P 26 -39.57 -53.34 -31.73
CA GLU P 26 -40.85 -53.47 -32.41
C GLU P 26 -41.39 -52.11 -32.83
N ALA P 27 -41.17 -51.08 -32.00
CA ALA P 27 -41.59 -49.74 -32.37
C ALA P 27 -40.85 -49.24 -33.60
N VAL P 28 -39.58 -49.64 -33.75
CA VAL P 28 -38.80 -49.24 -34.92
C VAL P 28 -39.43 -49.78 -36.20
N LYS P 29 -39.87 -51.04 -36.18
CA LYS P 29 -40.42 -51.67 -37.38
C LYS P 29 -41.75 -51.04 -37.82
N LYS P 30 -42.37 -50.21 -36.99
CA LYS P 30 -43.56 -49.49 -37.42
C LYS P 30 -43.24 -48.25 -38.26
N GLY P 31 -41.98 -47.81 -38.29
CA GLY P 31 -41.63 -46.63 -39.04
C GLY P 31 -41.47 -46.89 -40.52
N SER P 32 -41.40 -45.79 -41.28
CA SER P 32 -41.23 -45.88 -42.72
C SER P 32 -39.84 -46.40 -43.07
N THR P 33 -39.75 -47.10 -44.20
CA THR P 33 -38.49 -47.69 -44.62
C THR P 33 -37.52 -46.62 -45.11
N ALA P 34 -36.26 -46.76 -44.71
CA ALA P 34 -35.19 -45.88 -45.19
C ALA P 34 -33.94 -46.72 -45.38
N LEU P 35 -33.06 -46.26 -46.27
CA LEU P 35 -31.86 -47.00 -46.59
C LEU P 35 -30.75 -46.05 -47.01
N GLY P 36 -29.52 -46.56 -46.95
CA GLY P 36 -28.37 -45.81 -47.42
C GLY P 36 -27.33 -46.75 -47.97
N MET P 37 -26.54 -46.25 -48.91
CA MET P 37 -25.51 -47.05 -49.55
C MET P 37 -24.35 -46.16 -49.97
N LYS P 38 -23.16 -46.75 -50.02
CA LYS P 38 -21.97 -46.04 -50.47
C LYS P 38 -21.71 -46.34 -51.95
N PHE P 39 -21.16 -45.35 -52.65
CA PHE P 39 -20.81 -45.48 -54.05
C PHE P 39 -19.42 -44.91 -54.26
N ALA P 40 -19.04 -44.72 -55.53
CA ALA P 40 -17.72 -44.23 -55.85
C ALA P 40 -17.47 -42.83 -55.28
N ASN P 41 -16.61 -42.75 -54.27
CA ASN P 41 -16.26 -41.48 -53.61
C ASN P 41 -17.50 -40.75 -53.11
N GLY P 42 -18.42 -41.49 -52.49
CA GLY P 42 -19.61 -40.84 -51.95
C GLY P 42 -20.50 -41.84 -51.23
N VAL P 43 -21.59 -41.29 -50.68
CA VAL P 43 -22.59 -42.07 -49.97
C VAL P 43 -23.91 -41.31 -50.06
N LEU P 44 -25.01 -42.06 -50.11
CA LEU P 44 -26.33 -41.45 -50.28
C LEU P 44 -27.31 -42.06 -49.30
N LEU P 45 -28.44 -41.38 -49.11
CA LEU P 45 -29.52 -41.83 -48.24
C LEU P 45 -30.85 -41.68 -48.98
N ILE P 46 -31.71 -42.68 -48.83
CA ILE P 46 -33.05 -42.67 -49.41
C ILE P 46 -34.05 -43.00 -48.32
N SER P 47 -35.11 -42.20 -48.22
CA SER P 47 -36.13 -42.38 -47.19
C SER P 47 -37.50 -42.37 -47.85
N ASP P 48 -38.25 -43.45 -47.66
CA ASP P 48 -39.58 -43.55 -48.25
C ASP P 48 -40.53 -42.54 -47.61
N LYS P 49 -41.44 -42.01 -48.42
CA LYS P 49 -42.43 -41.04 -47.97
C LYS P 49 -43.83 -41.64 -48.14
N LYS P 50 -44.61 -41.62 -47.08
CA LYS P 50 -46.02 -42.02 -47.13
C LYS P 50 -46.85 -40.76 -47.21
N VAL P 51 -47.46 -40.54 -48.38
CA VAL P 51 -48.18 -39.29 -48.63
C VAL P 51 -49.45 -39.25 -47.79
N ARG P 52 -49.53 -38.28 -46.89
CA ARG P 52 -50.73 -38.06 -46.09
C ARG P 52 -51.62 -37.06 -46.81
N SER P 53 -52.63 -36.52 -46.12
CA SER P 53 -53.56 -35.57 -46.72
C SER P 53 -52.82 -34.32 -47.18
N ARG P 54 -53.44 -33.58 -48.12
CA ARG P 54 -52.81 -32.40 -48.71
C ARG P 54 -52.65 -31.26 -47.72
N LEU P 55 -53.28 -31.33 -46.55
CA LEU P 55 -53.20 -30.26 -45.57
C LEU P 55 -51.83 -30.20 -44.86
N ILE P 56 -50.98 -31.20 -45.06
CA ILE P 56 -49.68 -31.24 -44.39
C ILE P 56 -48.64 -30.58 -45.29
N GLU P 57 -47.87 -29.66 -44.72
CA GLU P 57 -46.77 -29.04 -45.45
C GLU P 57 -45.70 -30.07 -45.79
N GLN P 58 -45.20 -30.01 -47.02
CA GLN P 58 -44.19 -30.96 -47.48
C GLN P 58 -42.77 -30.47 -47.17
N ASN P 59 -42.56 -30.01 -45.94
CA ASN P 59 -41.22 -29.61 -45.50
C ASN P 59 -40.84 -30.10 -44.12
N SER P 60 -41.78 -30.60 -43.31
CA SER P 60 -41.48 -31.02 -41.94
C SER P 60 -41.43 -32.54 -41.78
N ILE P 61 -41.99 -33.30 -42.72
CA ILE P 61 -42.02 -34.75 -42.61
C ILE P 61 -40.75 -35.35 -43.19
N GLU P 62 -39.77 -34.49 -43.51
CA GLU P 62 -38.50 -34.97 -44.04
C GLU P 62 -37.73 -35.70 -42.95
N LYS P 63 -37.49 -36.99 -43.17
CA LYS P 63 -36.78 -37.81 -42.19
C LYS P 63 -35.27 -37.71 -42.31
N ILE P 64 -34.75 -37.11 -43.37
CA ILE P 64 -33.31 -36.91 -43.52
C ILE P 64 -32.94 -35.58 -42.88
N GLN P 65 -32.05 -35.63 -41.90
CA GLN P 65 -31.63 -34.45 -41.16
C GLN P 65 -30.12 -34.28 -41.27
N LEU P 66 -29.69 -33.05 -41.48
CA LEU P 66 -28.26 -32.75 -41.55
C LEU P 66 -27.71 -32.52 -40.15
N ILE P 67 -26.71 -33.31 -39.77
CA ILE P 67 -25.99 -33.07 -38.52
C ILE P 67 -25.03 -31.91 -38.67
N ASP P 68 -24.37 -31.81 -39.81
CA ASP P 68 -23.59 -30.65 -40.20
C ASP P 68 -23.54 -30.63 -41.73
N ASP P 69 -22.64 -29.82 -42.30
CA ASP P 69 -22.52 -29.75 -43.74
C ASP P 69 -21.98 -31.04 -44.36
N TYR P 70 -21.41 -31.93 -43.56
CA TYR P 70 -20.79 -33.14 -44.08
C TYR P 70 -21.34 -34.44 -43.49
N VAL P 71 -22.29 -34.37 -42.55
CA VAL P 71 -22.87 -35.55 -41.94
C VAL P 71 -24.39 -35.42 -41.95
N ALA P 72 -25.08 -36.47 -42.38
CA ALA P 72 -26.54 -36.51 -42.41
C ALA P 72 -27.02 -37.77 -41.71
N ALA P 73 -28.25 -37.72 -41.22
CA ALA P 73 -28.84 -38.84 -40.50
C ALA P 73 -30.29 -39.03 -40.91
N VAL P 74 -30.76 -40.27 -40.85
CA VAL P 74 -32.14 -40.63 -41.08
C VAL P 74 -32.58 -41.60 -39.99
N THR P 75 -33.81 -41.44 -39.52
CA THR P 75 -34.30 -42.17 -38.36
C THR P 75 -35.58 -42.93 -38.71
N SER P 76 -35.93 -43.88 -37.84
CA SER P 76 -37.16 -44.64 -37.96
C SER P 76 -37.61 -45.05 -36.57
N GLY P 77 -38.93 -44.99 -36.34
CA GLY P 77 -39.51 -45.33 -35.05
C GLY P 77 -40.33 -44.17 -34.50
N LEU P 78 -40.28 -44.01 -33.17
CA LEU P 78 -40.97 -42.91 -32.46
C LEU P 78 -40.38 -41.56 -32.92
N VAL P 79 -41.17 -40.70 -33.56
CA VAL P 79 -40.76 -39.39 -34.12
C VAL P 79 -40.26 -38.51 -32.98
N ALA P 80 -40.95 -38.48 -31.85
CA ALA P 80 -40.58 -37.60 -30.76
C ALA P 80 -39.22 -37.97 -30.18
N ASP P 81 -38.96 -39.27 -29.98
CA ASP P 81 -37.64 -39.70 -29.52
C ASP P 81 -36.58 -39.44 -30.58
N ALA P 82 -36.94 -39.60 -31.86
CA ALA P 82 -35.99 -39.37 -32.94
C ALA P 82 -35.53 -37.91 -32.97
N ARG P 83 -36.46 -36.98 -32.73
CA ARG P 83 -36.09 -35.56 -32.72
C ARG P 83 -35.10 -35.26 -31.61
N VAL P 84 -35.29 -35.86 -30.44
CA VAL P 84 -34.38 -35.63 -29.32
C VAL P 84 -32.99 -36.15 -29.64
N LEU P 85 -32.90 -37.35 -30.24
CA LEU P 85 -31.59 -37.93 -30.54
C LEU P 85 -30.86 -37.12 -31.62
N VAL P 86 -31.60 -36.61 -32.61
CA VAL P 86 -30.98 -35.79 -33.64
C VAL P 86 -30.42 -34.50 -33.05
N ASP P 87 -31.17 -33.88 -32.14
CA ASP P 87 -30.66 -32.69 -31.45
C ASP P 87 -29.42 -33.01 -30.63
N PHE P 88 -29.41 -34.16 -29.97
CA PHE P 88 -28.22 -34.56 -29.21
C PHE P 88 -27.02 -34.76 -30.11
N ALA P 89 -27.24 -35.35 -31.29
CA ALA P 89 -26.13 -35.55 -32.23
C ALA P 89 -25.57 -34.23 -32.72
N ARG P 90 -26.44 -33.26 -33.00
CA ARG P 90 -25.99 -31.95 -33.48
C ARG P 90 -25.15 -31.24 -32.42
N ILE P 91 -25.59 -31.30 -31.16
CA ILE P 91 -24.82 -30.69 -30.08
C ILE P 91 -23.48 -31.41 -29.91
N SER P 92 -23.49 -32.74 -30.01
CA SER P 92 -22.25 -33.50 -29.86
C SER P 92 -21.26 -33.16 -30.97
N ALA P 93 -21.75 -32.98 -32.19
CA ALA P 93 -20.86 -32.64 -33.30
C ALA P 93 -20.20 -31.29 -33.08
N GLN P 94 -20.95 -30.31 -32.58
CA GLN P 94 -20.37 -28.99 -32.34
C GLN P 94 -19.37 -29.02 -31.19
N GLN P 95 -19.63 -29.85 -30.17
CA GLN P 95 -18.67 -30.00 -29.08
C GLN P 95 -17.34 -30.54 -29.60
N GLU P 96 -17.38 -31.47 -30.54
CA GLU P 96 -16.16 -31.99 -31.15
C GLU P 96 -15.42 -30.88 -31.89
N LYS P 97 -16.15 -30.03 -32.62
CA LYS P 97 -15.51 -28.96 -33.37
C LYS P 97 -14.90 -27.89 -32.46
N VAL P 98 -15.54 -27.62 -31.32
CA VAL P 98 -14.99 -26.63 -30.40
C VAL P 98 -13.71 -27.17 -29.75
N THR P 99 -13.69 -28.46 -29.41
CA THR P 99 -12.55 -29.02 -28.69
C THR P 99 -11.33 -29.16 -29.58
N TYR P 100 -11.50 -29.67 -30.81
CA TYR P 100 -10.38 -30.00 -31.67
C TYR P 100 -10.26 -29.10 -32.90
N GLY P 101 -11.27 -28.27 -33.19
CA GLY P 101 -11.23 -27.42 -34.35
C GLY P 101 -11.85 -28.02 -35.61
N SER P 102 -12.17 -29.31 -35.60
CA SER P 102 -12.77 -29.97 -36.75
C SER P 102 -13.29 -31.33 -36.28
N LEU P 103 -13.94 -32.02 -37.21
CA LEU P 103 -14.43 -33.38 -36.99
C LEU P 103 -13.60 -34.32 -37.85
N VAL P 104 -12.98 -35.32 -37.23
CA VAL P 104 -12.06 -36.22 -37.91
C VAL P 104 -12.70 -37.56 -38.24
N ASN P 105 -13.40 -38.16 -37.28
CA ASN P 105 -14.02 -39.46 -37.49
C ASN P 105 -15.49 -39.38 -37.13
N ILE P 106 -16.34 -39.79 -38.08
CA ILE P 106 -17.78 -39.81 -37.82
C ILE P 106 -18.15 -40.92 -36.83
N GLU P 107 -17.39 -42.00 -36.82
CA GLU P 107 -17.67 -43.11 -35.91
C GLU P 107 -17.68 -42.67 -34.46
N ASN P 108 -16.84 -41.70 -34.10
CA ASN P 108 -16.84 -41.17 -32.74
C ASN P 108 -18.17 -40.50 -32.42
N LEU P 109 -18.72 -39.74 -33.38
CA LEU P 109 -20.02 -39.11 -33.17
C LEU P 109 -21.12 -40.14 -32.95
N VAL P 110 -21.09 -41.23 -33.72
CA VAL P 110 -22.10 -42.27 -33.58
C VAL P 110 -21.98 -42.95 -32.21
N LYS P 111 -20.75 -43.13 -31.72
CA LYS P 111 -20.56 -43.78 -30.44
C LYS P 111 -21.15 -42.96 -29.29
N ARG P 112 -21.00 -41.64 -29.34
CA ARG P 112 -21.58 -40.80 -28.29
C ARG P 112 -23.10 -40.91 -28.29
N VAL P 113 -23.71 -40.95 -29.46
CA VAL P 113 -25.17 -41.14 -29.55
C VAL P 113 -25.55 -42.52 -29.03
N ALA P 114 -24.80 -43.55 -29.42
CA ALA P 114 -25.12 -44.90 -28.98
C ALA P 114 -24.90 -45.09 -27.48
N ASP P 115 -23.87 -44.44 -26.92
CA ASP P 115 -23.66 -44.51 -25.48
C ASP P 115 -24.84 -43.90 -24.73
N GLN P 116 -25.40 -42.80 -25.26
CA GLN P 116 -26.60 -42.22 -24.67
C GLN P 116 -27.76 -43.21 -24.69
N MET P 117 -27.92 -43.93 -25.81
CA MET P 117 -29.01 -44.90 -25.92
C MET P 117 -28.75 -46.12 -25.04
N GLN P 118 -27.50 -46.55 -24.94
CA GLN P 118 -27.17 -47.71 -24.10
C GLN P 118 -27.44 -47.41 -22.64
N GLN P 119 -27.21 -46.17 -22.21
CA GLN P 119 -27.43 -45.79 -20.82
C GLN P 119 -28.89 -45.98 -20.42
N TYR P 120 -29.82 -45.73 -21.33
CA TYR P 120 -31.24 -45.86 -21.06
C TYR P 120 -31.73 -47.30 -21.12
N THR P 121 -30.83 -48.27 -21.14
CA THR P 121 -31.19 -49.68 -21.08
C THR P 121 -30.66 -50.38 -19.84
N GLN P 122 -29.93 -49.68 -18.98
CA GLN P 122 -29.31 -50.30 -17.82
C GLN P 122 -29.75 -49.71 -16.48
N TYR P 123 -30.43 -48.57 -16.49
CA TYR P 123 -30.86 -47.91 -15.25
C TYR P 123 -32.38 -47.90 -15.17
N GLY P 124 -32.90 -48.18 -13.98
CA GLY P 124 -34.33 -48.15 -13.79
C GLY P 124 -34.90 -46.74 -13.78
N GLY P 125 -36.22 -46.67 -13.95
CA GLY P 125 -36.91 -45.40 -13.98
C GLY P 125 -36.94 -44.71 -15.32
N VAL P 126 -36.31 -45.28 -16.35
CA VAL P 126 -36.33 -44.73 -17.69
C VAL P 126 -36.65 -45.84 -18.67
N ARG P 127 -37.09 -45.45 -19.86
CA ARG P 127 -37.34 -46.40 -20.92
C ARG P 127 -36.38 -46.17 -22.08
N PRO P 128 -36.03 -47.21 -22.83
CA PRO P 128 -35.12 -47.04 -23.96
C PRO P 128 -35.76 -46.23 -25.08
N TYR P 129 -34.90 -45.59 -25.87
CA TYR P 129 -35.36 -44.90 -27.07
C TYR P 129 -35.84 -45.91 -28.10
N GLY P 130 -37.03 -45.69 -28.65
CA GLY P 130 -37.55 -46.56 -29.68
C GLY P 130 -37.22 -46.06 -31.08
N VAL P 131 -35.94 -45.83 -31.34
CA VAL P 131 -35.49 -45.21 -32.59
C VAL P 131 -34.27 -45.96 -33.10
N SER P 132 -34.24 -46.19 -34.41
CA SER P 132 -33.05 -46.64 -35.11
C SER P 132 -32.58 -45.53 -36.06
N LEU P 133 -31.27 -45.34 -36.15
CA LEU P 133 -30.70 -44.24 -36.90
C LEU P 133 -29.66 -44.77 -37.88
N ILE P 134 -29.49 -44.05 -38.98
CA ILE P 134 -28.44 -44.31 -39.96
C ILE P 134 -27.65 -43.02 -40.15
N PHE P 135 -26.33 -43.11 -39.98
CA PHE P 135 -25.44 -41.97 -40.13
C PHE P 135 -24.56 -42.18 -41.36
N ALA P 136 -24.50 -41.15 -42.22
CA ALA P 136 -23.69 -41.19 -43.43
C ALA P 136 -23.04 -39.84 -43.65
N GLY P 137 -21.78 -39.85 -44.09
CA GLY P 137 -21.09 -38.61 -44.32
C GLY P 137 -19.68 -38.84 -44.80
N ILE P 138 -18.92 -37.74 -44.86
CA ILE P 138 -17.54 -37.75 -45.31
C ILE P 138 -16.67 -37.21 -44.18
N ASP P 139 -15.62 -37.96 -43.84
CA ASP P 139 -14.65 -37.49 -42.84
C ASP P 139 -13.23 -37.68 -43.37
N GLN P 140 -12.23 -37.52 -42.50
CA GLN P 140 -10.84 -37.65 -42.92
C GLN P 140 -10.45 -39.07 -43.34
N ILE P 141 -11.35 -40.04 -43.25
CA ILE P 141 -11.08 -41.39 -43.72
C ILE P 141 -11.78 -41.68 -45.06
N GLY P 142 -12.93 -41.08 -45.31
CA GLY P 142 -13.67 -41.31 -46.53
C GLY P 142 -15.15 -41.42 -46.27
N PRO P 143 -15.90 -41.93 -47.25
CA PRO P 143 -17.34 -42.15 -47.03
C PRO P 143 -17.58 -43.15 -45.93
N ARG P 144 -18.55 -42.84 -45.07
CA ARG P 144 -18.88 -43.68 -43.92
C ARG P 144 -20.38 -43.94 -43.91
N LEU P 145 -20.77 -45.11 -43.39
CA LEU P 145 -22.17 -45.48 -43.28
C LEU P 145 -22.34 -46.32 -42.02
N PHE P 146 -23.12 -45.82 -41.07
CA PHE P 146 -23.33 -46.48 -39.79
C PHE P 146 -24.83 -46.60 -39.52
N ASP P 147 -25.17 -47.53 -38.64
CA ASP P 147 -26.53 -47.67 -38.12
C ASP P 147 -26.46 -47.83 -36.61
N CYS P 148 -27.58 -47.51 -35.96
CA CYS P 148 -27.67 -47.62 -34.51
C CYS P 148 -29.07 -48.11 -34.15
N ASP P 149 -29.14 -49.00 -33.17
CA ASP P 149 -30.41 -49.60 -32.76
C ASP P 149 -30.80 -49.10 -31.37
N PRO P 150 -32.01 -49.39 -30.90
CA PRO P 150 -32.37 -48.97 -29.53
C PRO P 150 -31.43 -49.49 -28.45
N ALA P 151 -30.85 -50.68 -28.64
CA ALA P 151 -29.92 -51.21 -27.65
C ALA P 151 -28.59 -50.47 -27.64
N GLY P 152 -28.31 -49.63 -28.64
CA GLY P 152 -27.05 -48.94 -28.70
C GLY P 152 -25.95 -49.65 -29.46
N THR P 153 -26.28 -50.65 -30.26
CA THR P 153 -25.28 -51.38 -31.03
C THR P 153 -24.91 -50.60 -32.28
N ILE P 154 -23.64 -50.69 -32.67
CA ILE P 154 -23.11 -49.96 -33.81
C ILE P 154 -22.55 -50.95 -34.83
N ASN P 155 -22.93 -50.76 -36.09
CA ASN P 155 -22.39 -51.54 -37.20
C ASN P 155 -22.13 -50.62 -38.37
N GLU P 156 -21.12 -50.95 -39.17
CA GLU P 156 -20.76 -50.20 -40.35
C GLU P 156 -21.07 -51.02 -41.59
N TYR P 157 -21.70 -50.39 -42.58
CA TYR P 157 -22.20 -51.08 -43.75
C TYR P 157 -21.72 -50.41 -45.03
N LYS P 158 -21.63 -51.21 -46.09
CA LYS P 158 -21.60 -50.67 -47.44
C LYS P 158 -22.98 -50.27 -47.92
N ALA P 159 -24.01 -50.96 -47.43
CA ALA P 159 -25.40 -50.63 -47.69
C ALA P 159 -26.25 -51.25 -46.59
N THR P 160 -27.28 -50.54 -46.15
CA THR P 160 -28.14 -51.00 -45.08
C THR P 160 -29.48 -50.32 -45.18
N ALA P 161 -30.43 -50.78 -44.37
CA ALA P 161 -31.77 -50.22 -44.36
C ALA P 161 -32.37 -50.34 -42.96
N ILE P 162 -33.37 -49.50 -42.70
CA ILE P 162 -34.14 -49.53 -41.46
C ILE P 162 -35.61 -49.32 -41.81
N GLY P 163 -36.46 -49.67 -40.86
CA GLY P 163 -37.89 -49.46 -41.02
C GLY P 163 -38.66 -50.74 -41.23
N SER P 164 -39.92 -50.57 -41.65
CA SER P 164 -40.81 -51.71 -41.81
C SER P 164 -40.34 -52.65 -42.91
N GLY P 165 -39.89 -52.11 -44.04
CA GLY P 165 -39.46 -52.94 -45.15
C GLY P 165 -37.98 -53.23 -45.13
N LYS P 166 -37.39 -53.26 -43.93
CA LYS P 166 -35.95 -53.48 -43.83
C LYS P 166 -35.54 -54.84 -44.40
N ASP P 167 -36.29 -55.89 -44.06
CA ASP P 167 -35.92 -57.23 -44.51
C ASP P 167 -35.98 -57.35 -46.03
N ALA P 168 -37.01 -56.78 -46.65
CA ALA P 168 -37.12 -56.86 -48.09
C ALA P 168 -36.02 -56.08 -48.80
N VAL P 169 -35.67 -54.90 -48.27
CA VAL P 169 -34.64 -54.07 -48.91
C VAL P 169 -33.28 -54.72 -48.79
N VAL P 170 -32.94 -55.24 -47.60
CA VAL P 170 -31.62 -55.83 -47.40
C VAL P 170 -31.48 -57.10 -48.24
N SER P 171 -32.57 -57.86 -48.41
CA SER P 171 -32.52 -59.03 -49.29
C SER P 171 -32.28 -58.62 -50.73
N PHE P 172 -32.97 -57.55 -51.19
CA PHE P 172 -32.76 -57.07 -52.54
C PHE P 172 -31.34 -56.56 -52.73
N LEU P 173 -30.82 -55.81 -51.75
CA LEU P 173 -29.45 -55.31 -51.86
C LEU P 173 -28.43 -56.43 -51.73
N GLU P 174 -28.79 -57.53 -51.06
CA GLU P 174 -27.89 -58.67 -50.97
C GLU P 174 -27.66 -59.31 -52.34
N ARG P 175 -28.56 -59.08 -53.28
CA ARG P 175 -28.49 -59.72 -54.59
C ARG P 175 -27.98 -58.78 -55.69
N GLU P 176 -28.28 -57.48 -55.59
CA GLU P 176 -28.06 -56.57 -56.70
C GLU P 176 -27.07 -55.44 -56.41
N TYR P 177 -26.55 -55.33 -55.19
CA TYR P 177 -25.65 -54.23 -54.88
C TYR P 177 -24.30 -54.43 -55.54
N LYS P 178 -23.74 -53.33 -56.05
CA LYS P 178 -22.41 -53.31 -56.62
C LYS P 178 -21.62 -52.15 -56.00
N GLU P 179 -20.32 -52.35 -55.89
CA GLU P 179 -19.45 -51.33 -55.30
C GLU P 179 -18.95 -50.36 -56.36
N ASN P 180 -18.63 -49.14 -55.91
CA ASN P 180 -18.03 -48.10 -56.74
C ASN P 180 -18.91 -47.74 -57.94
N LEU P 181 -20.23 -47.86 -57.77
CA LEU P 181 -21.14 -47.45 -58.83
C LEU P 181 -21.18 -45.94 -58.95
N PRO P 182 -21.51 -45.41 -60.13
CA PRO P 182 -21.73 -43.97 -60.26
C PRO P 182 -22.96 -43.54 -59.50
N GLU P 183 -23.01 -42.24 -59.19
CA GLU P 183 -24.08 -41.71 -58.32
C GLU P 183 -25.45 -41.93 -58.96
N LYS P 184 -25.57 -41.69 -60.26
CA LYS P 184 -26.86 -41.86 -60.92
C LYS P 184 -27.32 -43.32 -60.87
N GLU P 185 -26.40 -44.26 -61.12
CA GLU P 185 -26.76 -45.68 -61.07
C GLU P 185 -27.13 -46.10 -59.66
N ALA P 186 -26.42 -45.58 -58.65
CA ALA P 186 -26.71 -45.95 -57.27
C ALA P 186 -28.11 -45.52 -56.87
N VAL P 187 -28.53 -44.32 -57.28
CA VAL P 187 -29.87 -43.85 -56.97
C VAL P 187 -30.92 -44.74 -57.63
N THR P 188 -30.69 -45.12 -58.89
CA THR P 188 -31.63 -46.01 -59.58
C THR P 188 -31.73 -47.36 -58.88
N LEU P 189 -30.59 -47.91 -58.44
CA LEU P 189 -30.62 -49.17 -57.71
C LEU P 189 -31.37 -49.02 -56.39
N GLY P 190 -31.15 -47.90 -55.68
CA GLY P 190 -31.84 -47.69 -54.42
C GLY P 190 -33.34 -47.55 -54.57
N ILE P 191 -33.79 -46.93 -55.67
CA ILE P 191 -35.22 -46.81 -55.92
C ILE P 191 -35.84 -48.18 -56.12
N LYS P 192 -35.17 -49.05 -56.88
CA LYS P 192 -35.67 -50.40 -57.10
C LYS P 192 -35.75 -51.19 -55.78
N ALA P 193 -34.74 -51.04 -54.93
CA ALA P 193 -34.75 -51.73 -53.65
C ALA P 193 -35.93 -51.27 -52.79
N LEU P 194 -36.19 -49.96 -52.75
CA LEU P 194 -37.35 -49.47 -52.03
C LEU P 194 -38.65 -49.89 -52.70
N LYS P 195 -38.64 -49.96 -54.04
CA LYS P 195 -39.82 -50.39 -54.77
C LYS P 195 -40.16 -51.85 -54.46
N SER P 196 -39.14 -52.69 -54.34
CA SER P 196 -39.32 -54.13 -54.12
C SER P 196 -39.72 -54.48 -52.69
N SER P 197 -39.95 -53.48 -51.83
CA SER P 197 -40.36 -53.73 -50.46
C SER P 197 -41.81 -53.37 -50.18
N LEU P 198 -42.47 -52.63 -51.07
CA LEU P 198 -43.86 -52.25 -50.87
C LEU P 198 -44.79 -53.41 -51.23
N GLU P 199 -46.05 -53.27 -50.83
CA GLU P 199 -47.06 -54.25 -51.19
C GLU P 199 -47.55 -54.02 -52.61
N GLU P 200 -48.33 -54.97 -53.12
CA GLU P 200 -48.83 -54.86 -54.48
C GLU P 200 -49.81 -53.69 -54.63
N GLY P 201 -50.50 -53.34 -53.55
CA GLY P 201 -51.51 -52.30 -53.64
C GLY P 201 -50.95 -50.93 -53.98
N GLU P 202 -49.88 -50.53 -53.30
CA GLU P 202 -49.34 -49.17 -53.45
C GLU P 202 -48.18 -49.15 -54.44
N GLU P 203 -47.58 -47.97 -54.60
CA GLU P 203 -46.45 -47.79 -55.49
C GLU P 203 -45.55 -46.70 -54.93
N LEU P 204 -44.34 -46.61 -55.50
CA LEU P 204 -43.35 -45.65 -55.02
C LEU P 204 -43.85 -44.23 -55.20
N LYS P 205 -43.51 -43.35 -54.26
CA LYS P 205 -44.10 -42.02 -54.21
C LYS P 205 -43.07 -40.90 -54.06
N ALA P 206 -42.03 -40.89 -54.90
CA ALA P 206 -41.08 -39.78 -54.96
C ALA P 206 -40.42 -39.52 -53.61
N PRO P 207 -39.51 -40.40 -53.16
CA PRO P 207 -38.98 -40.29 -51.80
C PRO P 207 -37.94 -39.19 -51.63
N GLU P 208 -37.34 -39.12 -50.44
CA GLU P 208 -36.26 -38.19 -50.19
C GLU P 208 -34.92 -38.81 -50.57
N ILE P 209 -34.11 -38.05 -51.30
CA ILE P 209 -32.78 -38.50 -51.70
C ILE P 209 -31.77 -37.43 -51.35
N ALA P 210 -30.70 -37.84 -50.67
CA ALA P 210 -29.59 -36.96 -50.34
C ALA P 210 -28.28 -37.70 -50.57
N SER P 211 -27.25 -36.96 -50.98
CA SER P 211 -25.97 -37.56 -51.28
C SER P 211 -24.87 -36.54 -51.06
N ILE P 212 -23.64 -37.04 -50.94
CA ILE P 212 -22.46 -36.20 -50.75
C ILE P 212 -21.26 -36.92 -51.37
N THR P 213 -20.32 -36.14 -51.90
CA THR P 213 -19.11 -36.67 -52.50
C THR P 213 -17.90 -36.04 -51.82
N VAL P 214 -16.75 -36.70 -51.99
CA VAL P 214 -15.52 -36.21 -51.36
C VAL P 214 -15.17 -34.84 -51.91
N GLY P 215 -14.86 -33.91 -51.01
CA GLY P 215 -14.52 -32.55 -51.38
C GLY P 215 -15.70 -31.61 -51.50
N ASN P 216 -16.93 -32.11 -51.34
CA ASN P 216 -18.13 -31.29 -51.45
C ASN P 216 -18.97 -31.44 -50.20
N LYS P 217 -20.03 -30.63 -50.12
CA LYS P 217 -20.98 -30.68 -49.04
C LYS P 217 -22.21 -31.49 -49.45
N TYR P 218 -23.06 -31.78 -48.46
CA TYR P 218 -24.29 -32.51 -48.75
C TYR P 218 -25.22 -31.68 -49.62
N ARG P 219 -25.87 -32.34 -50.57
CA ARG P 219 -26.87 -31.71 -51.42
C ARG P 219 -28.16 -32.53 -51.34
N ILE P 220 -29.30 -31.84 -51.30
CA ILE P 220 -30.59 -32.47 -51.19
C ILE P 220 -31.24 -32.47 -52.57
N TYR P 221 -31.65 -33.64 -53.04
CA TYR P 221 -32.31 -33.75 -54.33
C TYR P 221 -33.64 -33.03 -54.30
N ASP P 222 -33.89 -32.19 -55.32
CA ASP P 222 -35.17 -31.53 -55.44
C ASP P 222 -36.19 -32.46 -56.09
N GLN P 223 -37.47 -32.07 -56.01
CA GLN P 223 -38.54 -32.90 -56.55
C GLN P 223 -38.37 -33.14 -58.04
N GLU P 224 -37.84 -32.17 -58.78
CA GLU P 224 -37.64 -32.34 -60.21
C GLU P 224 -36.66 -33.49 -60.50
N GLU P 225 -35.55 -33.52 -59.76
CA GLU P 225 -34.56 -34.58 -59.97
C GLU P 225 -35.08 -35.94 -59.51
N VAL P 226 -35.90 -35.97 -58.45
CA VAL P 226 -36.44 -37.22 -57.95
C VAL P 226 -37.36 -37.86 -58.99
N LYS P 227 -38.20 -37.04 -59.65
CA LYS P 227 -39.11 -37.56 -60.65
C LYS P 227 -38.38 -38.23 -61.80
N LYS P 228 -37.14 -37.82 -62.06
CA LYS P 228 -36.36 -38.40 -63.16
C LYS P 228 -36.01 -39.87 -62.91
N PHE P 229 -35.95 -40.29 -61.65
CA PHE P 229 -35.63 -41.71 -61.34
C PHE P 229 -36.93 -42.42 -61.01
N LEU P 230 -38.02 -41.66 -60.91
CA LEU P 230 -39.30 -42.28 -60.45
C LEU P 230 -39.81 -43.29 -61.47
N GLY Q 1 -40.92 -71.84 -7.14
CA GLY Q 1 -39.89 -71.58 -6.15
C GLY Q 1 -38.82 -70.64 -6.66
N GLN Q 2 -38.16 -71.03 -7.75
CA GLN Q 2 -37.12 -70.20 -8.33
C GLN Q 2 -37.67 -68.88 -8.87
N MET Q 3 -38.89 -68.90 -9.42
CA MET Q 3 -39.49 -67.70 -9.98
C MET Q 3 -39.80 -66.65 -8.93
N ALA Q 4 -39.76 -66.99 -7.65
CA ALA Q 4 -40.01 -66.04 -6.57
C ALA Q 4 -38.76 -65.32 -6.10
N TYR Q 5 -37.58 -65.72 -6.58
CA TYR Q 5 -36.31 -65.13 -6.13
C TYR Q 5 -35.40 -64.80 -7.29
N ASP Q 6 -35.98 -64.49 -8.47
CA ASP Q 6 -35.18 -64.21 -9.66
C ASP Q 6 -35.61 -62.93 -10.35
N ARG Q 7 -36.30 -62.03 -9.64
CA ARG Q 7 -36.79 -60.79 -10.23
C ARG Q 7 -35.95 -59.57 -9.90
N ALA Q 8 -35.27 -59.57 -8.75
CA ALA Q 8 -34.48 -58.43 -8.30
C ALA Q 8 -33.03 -58.85 -8.11
N ILE Q 9 -32.12 -57.94 -8.45
CA ILE Q 9 -30.69 -58.23 -8.34
C ILE Q 9 -30.27 -58.36 -6.88
N THR Q 10 -30.87 -57.57 -5.99
CA THR Q 10 -30.45 -57.50 -4.60
C THR Q 10 -31.19 -58.51 -3.71
N VAL Q 11 -31.68 -59.61 -4.24
CA VAL Q 11 -32.43 -60.60 -3.48
C VAL Q 11 -31.68 -61.92 -3.52
N PHE Q 12 -31.37 -62.46 -2.35
CA PHE Q 12 -30.80 -63.79 -2.25
C PHE Q 12 -31.89 -64.85 -2.29
N SER Q 13 -31.57 -65.97 -2.92
CA SER Q 13 -32.45 -67.13 -2.89
C SER Q 13 -32.31 -67.85 -1.56
N PRO Q 14 -33.27 -68.71 -1.21
CA PRO Q 14 -33.14 -69.47 0.05
C PRO Q 14 -31.87 -70.30 0.13
N ASP Q 15 -31.34 -70.76 -1.01
CA ASP Q 15 -30.07 -71.48 -1.04
C ASP Q 15 -28.89 -70.58 -1.35
N GLY Q 16 -29.02 -69.28 -1.11
CA GLY Q 16 -27.91 -68.35 -1.27
C GLY Q 16 -27.42 -68.16 -2.70
N ARG Q 17 -28.33 -68.00 -3.64
CA ARG Q 17 -27.98 -67.77 -5.04
C ARG Q 17 -28.52 -66.42 -5.51
N LEU Q 18 -27.84 -65.85 -6.51
CA LEU Q 18 -28.23 -64.59 -7.13
C LEU Q 18 -28.60 -64.91 -8.58
N PHE Q 19 -29.89 -65.14 -8.83
CA PHE Q 19 -30.32 -65.61 -10.14
C PHE Q 19 -30.15 -64.55 -11.21
N GLN Q 20 -30.29 -63.27 -10.87
CA GLN Q 20 -30.09 -62.21 -11.86
C GLN Q 20 -28.67 -62.21 -12.38
N VAL Q 21 -27.69 -62.44 -11.50
CA VAL Q 21 -26.31 -62.60 -11.96
C VAL Q 21 -26.17 -63.84 -12.83
N GLU Q 22 -26.78 -64.91 -12.47
CA GLU Q 22 -26.75 -66.18 -13.24
C GLU Q 22 -27.39 -65.98 -14.60
N TYR Q 23 -28.52 -65.24 -14.65
CA TYR Q 23 -29.17 -64.98 -15.92
C TYR Q 23 -28.31 -64.13 -16.83
N ALA Q 24 -27.51 -63.22 -16.26
CA ALA Q 24 -26.60 -62.43 -17.08
C ALA Q 24 -25.55 -63.31 -17.75
N ARG Q 25 -25.11 -64.34 -17.05
CA ARG Q 25 -24.13 -65.31 -17.59
C ARG Q 25 -24.75 -66.06 -18.78
N GLU Q 26 -26.07 -66.20 -18.87
CA GLU Q 26 -26.69 -66.82 -20.03
C GLU Q 26 -26.54 -65.95 -21.28
N ALA Q 27 -26.58 -64.62 -21.12
CA ALA Q 27 -26.36 -63.73 -22.24
C ALA Q 27 -24.95 -63.89 -22.79
N VAL Q 28 -23.97 -64.15 -21.92
CA VAL Q 28 -22.60 -64.34 -22.36
C VAL Q 28 -22.48 -65.54 -23.28
N LYS Q 29 -23.17 -66.64 -22.94
CA LYS Q 29 -23.06 -67.86 -23.73
C LYS Q 29 -23.68 -67.73 -25.13
N LYS Q 30 -24.42 -66.66 -25.39
CA LYS Q 30 -24.92 -66.42 -26.74
C LYS Q 30 -23.89 -65.78 -27.66
N GLY Q 31 -22.77 -65.29 -27.11
CA GLY Q 31 -21.78 -64.64 -27.92
C GLY Q 31 -20.86 -65.63 -28.64
N SER Q 32 -20.09 -65.09 -29.58
CA SER Q 32 -19.16 -65.91 -30.34
C SER Q 32 -18.00 -66.37 -29.45
N THR Q 33 -17.46 -67.53 -29.77
CA THR Q 33 -16.39 -68.12 -28.97
C THR Q 33 -15.08 -67.37 -29.20
N ALA Q 34 -14.36 -67.12 -28.10
CA ALA Q 34 -13.04 -66.52 -28.16
C ALA Q 34 -12.16 -67.17 -27.10
N LEU Q 35 -10.85 -67.14 -27.34
CA LEU Q 35 -9.92 -67.81 -26.44
C LEU Q 35 -8.57 -67.10 -26.48
N GLY Q 36 -7.78 -67.35 -25.44
CA GLY Q 36 -6.42 -66.83 -25.38
C GLY Q 36 -5.54 -67.80 -24.63
N MET Q 37 -4.25 -67.78 -24.97
CA MET Q 37 -3.29 -68.68 -24.36
C MET Q 37 -1.92 -68.01 -24.34
N LYS Q 38 -1.11 -68.40 -23.36
CA LYS Q 38 0.25 -67.91 -23.24
C LYS Q 38 1.23 -68.90 -23.86
N PHE Q 39 2.30 -68.37 -24.42
CA PHE Q 39 3.35 -69.18 -25.03
C PHE Q 39 4.70 -68.64 -24.57
N ALA Q 40 5.76 -69.11 -25.22
CA ALA Q 40 7.12 -68.71 -24.85
C ALA Q 40 7.32 -67.21 -25.01
N ASN Q 41 7.44 -66.51 -23.88
CA ASN Q 41 7.65 -65.06 -23.86
C ASN Q 41 6.58 -64.31 -24.65
N GLY Q 42 5.32 -64.72 -24.49
CA GLY Q 42 4.26 -64.03 -25.19
C GLY Q 42 2.89 -64.59 -24.82
N VAL Q 43 1.87 -63.97 -25.41
CA VAL Q 43 0.49 -64.36 -25.20
C VAL Q 43 -0.31 -63.92 -26.43
N LEU Q 44 -1.31 -64.71 -26.79
CA LEU Q 44 -2.10 -64.44 -27.99
C LEU Q 44 -3.58 -64.56 -27.69
N LEU Q 45 -4.39 -64.01 -28.60
CA LEU Q 45 -5.84 -64.05 -28.51
C LEU Q 45 -6.42 -64.47 -29.86
N ILE Q 46 -7.43 -65.34 -29.81
CA ILE Q 46 -8.13 -65.80 -31.01
C ILE Q 46 -9.62 -65.62 -30.78
N SER Q 47 -10.30 -65.01 -31.76
CA SER Q 47 -11.73 -64.73 -31.67
C SER Q 47 -12.41 -65.23 -32.93
N ASP Q 48 -13.38 -66.13 -32.76
CA ASP Q 48 -14.11 -66.67 -33.89
C ASP Q 48 -14.96 -65.60 -34.56
N LYS Q 49 -15.06 -65.68 -35.89
CA LYS Q 49 -15.86 -64.74 -36.68
C LYS Q 49 -16.99 -65.50 -37.36
N LYS Q 50 -18.21 -65.02 -37.18
CA LYS Q 50 -19.37 -65.54 -37.88
C LYS Q 50 -19.65 -64.62 -39.07
N VAL Q 51 -19.41 -65.12 -40.28
CA VAL Q 51 -19.50 -64.29 -41.47
C VAL Q 51 -20.97 -63.96 -41.74
N ARG Q 52 -21.30 -62.68 -41.69
CA ARG Q 52 -22.64 -62.20 -42.04
C ARG Q 52 -22.67 -61.84 -43.52
N SER Q 53 -23.71 -61.15 -43.96
CA SER Q 53 -23.85 -60.77 -45.36
C SER Q 53 -22.69 -59.88 -45.81
N ARG Q 54 -22.44 -59.82 -47.11
CA ARG Q 54 -21.32 -59.07 -47.65
C ARG Q 54 -21.48 -57.56 -47.49
N LEU Q 55 -22.66 -57.08 -47.12
CA LEU Q 55 -22.89 -55.65 -46.95
C LEU Q 55 -22.22 -55.07 -45.70
N ILE Q 56 -21.70 -55.91 -44.82
CA ILE Q 56 -21.07 -55.45 -43.59
C ILE Q 56 -19.58 -55.25 -43.82
N GLU Q 57 -19.07 -54.08 -43.42
CA GLU Q 57 -17.65 -53.82 -43.51
C GLU Q 57 -16.88 -54.74 -42.57
N GLN Q 58 -15.77 -55.28 -43.05
CA GLN Q 58 -14.96 -56.21 -42.26
C GLN Q 58 -13.91 -55.47 -41.43
N ASN Q 59 -14.33 -54.41 -40.74
CA ASN Q 59 -13.44 -53.68 -39.84
C ASN Q 59 -14.07 -53.32 -38.50
N SER Q 60 -15.38 -53.42 -38.34
CA SER Q 60 -16.03 -53.03 -37.09
C SER Q 60 -16.48 -54.20 -36.24
N ILE Q 61 -16.56 -55.41 -36.81
CA ILE Q 61 -17.02 -56.58 -36.07
C ILE Q 61 -15.85 -57.24 -35.36
N GLU Q 62 -14.69 -56.57 -35.36
CA GLU Q 62 -13.52 -57.10 -34.68
C GLU Q 62 -13.72 -57.05 -33.18
N LYS Q 63 -13.73 -58.23 -32.55
CA LYS Q 63 -13.95 -58.33 -31.11
C LYS Q 63 -12.69 -58.12 -30.30
N ILE Q 64 -11.52 -58.12 -30.94
CA ILE Q 64 -10.27 -57.86 -30.24
C ILE Q 64 -10.01 -56.36 -30.25
N GLN Q 65 -9.89 -55.78 -29.06
CA GLN Q 65 -9.69 -54.35 -28.89
C GLN Q 65 -8.42 -54.09 -28.12
N LEU Q 66 -7.63 -53.11 -28.57
CA LEU Q 66 -6.41 -52.74 -27.88
C LEU Q 66 -6.72 -51.74 -26.77
N ILE Q 67 -6.37 -52.09 -25.54
CA ILE Q 67 -6.47 -51.15 -24.42
C ILE Q 67 -5.34 -50.14 -24.47
N ASP Q 68 -4.15 -50.57 -24.83
CA ASP Q 68 -3.02 -49.71 -25.15
C ASP Q 68 -2.10 -50.50 -26.07
N ASP Q 69 -0.86 -50.01 -26.26
CA ASP Q 69 0.07 -50.70 -27.14
C ASP Q 69 0.53 -52.05 -26.57
N TYR Q 70 0.27 -52.31 -25.30
CA TYR Q 70 0.76 -53.54 -24.66
C TYR Q 70 -0.34 -54.37 -24.01
N VAL Q 71 -1.59 -53.93 -24.05
CA VAL Q 71 -2.71 -54.67 -23.46
C VAL Q 71 -3.84 -54.74 -24.47
N ALA Q 72 -4.39 -55.94 -24.66
CA ALA Q 72 -5.53 -56.15 -25.55
C ALA Q 72 -6.63 -56.90 -24.81
N ALA Q 73 -7.85 -56.75 -25.29
CA ALA Q 73 -9.00 -57.38 -24.67
C ALA Q 73 -9.94 -57.93 -25.73
N VAL Q 74 -10.66 -58.99 -25.37
CA VAL Q 74 -11.70 -59.57 -26.22
C VAL Q 74 -12.91 -59.86 -25.34
N THR Q 75 -14.09 -59.62 -25.88
CA THR Q 75 -15.32 -59.69 -25.11
C THR Q 75 -16.31 -60.65 -25.75
N SER Q 76 -17.31 -61.04 -24.97
CA SER Q 76 -18.40 -61.89 -25.44
C SER Q 76 -19.66 -61.55 -24.66
N GLY Q 77 -20.80 -61.53 -25.35
CA GLY Q 77 -22.08 -61.21 -24.74
C GLY Q 77 -22.75 -60.03 -25.45
N LEU Q 78 -23.43 -59.19 -24.67
CA LEU Q 78 -24.10 -57.97 -25.18
C LEU Q 78 -23.04 -57.01 -25.74
N VAL Q 79 -23.06 -56.71 -27.04
CA VAL Q 79 -22.09 -55.85 -27.76
C VAL Q 79 -22.14 -54.46 -27.15
N ALA Q 80 -23.31 -53.92 -26.89
CA ALA Q 80 -23.43 -52.55 -26.39
C ALA Q 80 -22.79 -52.41 -25.02
N ASP Q 81 -23.03 -53.37 -24.12
CA ASP Q 81 -22.38 -53.33 -22.82
C ASP Q 81 -20.88 -53.56 -22.94
N ALA Q 82 -20.47 -54.40 -23.89
CA ALA Q 82 -19.05 -54.65 -24.09
C ALA Q 82 -18.31 -53.40 -24.53
N ARG Q 83 -18.93 -52.60 -25.39
CA ARG Q 83 -18.29 -51.35 -25.83
C ARG Q 83 -18.08 -50.40 -24.67
N VAL Q 84 -19.06 -50.32 -23.76
CA VAL Q 84 -18.93 -49.42 -22.61
C VAL Q 84 -17.80 -49.87 -21.71
N LEU Q 85 -17.68 -51.17 -21.46
CA LEU Q 85 -16.63 -51.67 -20.57
C LEU Q 85 -15.25 -51.48 -21.18
N VAL Q 86 -15.12 -51.66 -22.50
CA VAL Q 86 -13.83 -51.45 -23.16
C VAL Q 86 -13.42 -49.98 -23.04
N ASP Q 87 -14.37 -49.06 -23.23
CA ASP Q 87 -14.06 -47.64 -23.06
C ASP Q 87 -13.65 -47.33 -21.63
N PHE Q 88 -14.32 -47.94 -20.66
CA PHE Q 88 -13.94 -47.75 -19.26
C PHE Q 88 -12.52 -48.25 -19.00
N ALA Q 89 -12.17 -49.40 -19.58
CA ALA Q 89 -10.82 -49.94 -19.39
C ALA Q 89 -9.77 -49.02 -19.98
N ARG Q 90 -10.04 -48.46 -21.17
CA ARG Q 90 -9.08 -47.55 -21.79
C ARG Q 90 -8.86 -46.30 -20.96
N ILE Q 91 -9.94 -45.73 -20.41
CA ILE Q 91 -9.81 -44.56 -19.55
C ILE Q 91 -9.04 -44.92 -18.28
N SER Q 92 -9.34 -46.09 -17.71
CA SER Q 92 -8.64 -46.51 -16.49
C SER Q 92 -7.14 -46.69 -16.73
N ALA Q 93 -6.78 -47.25 -17.89
CA ALA Q 93 -5.37 -47.44 -18.20
C ALA Q 93 -4.63 -46.11 -18.29
N GLN Q 94 -5.26 -45.10 -18.91
CA GLN Q 94 -4.61 -43.80 -19.03
C GLN Q 94 -4.49 -43.10 -17.68
N GLN Q 95 -5.50 -43.29 -16.81
CA GLN Q 95 -5.41 -42.74 -15.46
C GLN Q 95 -4.22 -43.31 -14.70
N GLU Q 96 -3.95 -44.60 -14.88
CA GLU Q 96 -2.77 -45.21 -14.27
C GLU Q 96 -1.50 -44.58 -14.79
N LYS Q 97 -1.43 -44.33 -16.11
CA LYS Q 97 -0.23 -43.75 -16.69
C LYS Q 97 -0.01 -42.30 -16.25
N VAL Q 98 -1.09 -41.55 -16.07
CA VAL Q 98 -0.94 -40.16 -15.62
C VAL Q 98 -0.46 -40.13 -14.18
N THR Q 99 -0.97 -41.04 -13.33
CA THR Q 99 -0.63 -41.00 -11.91
C THR Q 99 0.80 -41.44 -11.65
N TYR Q 100 1.23 -42.54 -12.28
CA TYR Q 100 2.53 -43.13 -11.98
C TYR Q 100 3.56 -43.01 -13.09
N GLY Q 101 3.15 -42.59 -14.29
CA GLY Q 101 4.06 -42.48 -15.41
C GLY Q 101 4.14 -43.71 -16.28
N SER Q 102 3.56 -44.83 -15.86
CA SER Q 102 3.59 -46.07 -16.64
C SER Q 102 2.58 -47.03 -16.02
N LEU Q 103 2.42 -48.18 -16.67
CA LEU Q 103 1.57 -49.26 -16.18
C LEU Q 103 2.48 -50.41 -15.77
N VAL Q 104 2.35 -50.85 -14.52
CA VAL Q 104 3.24 -51.85 -13.95
C VAL Q 104 2.59 -53.23 -13.91
N ASN Q 105 1.34 -53.31 -13.46
CA ASN Q 105 0.64 -54.59 -13.34
C ASN Q 105 -0.68 -54.51 -14.07
N ILE Q 106 -0.91 -55.45 -14.99
CA ILE Q 106 -2.19 -55.50 -15.71
C ILE Q 106 -3.31 -55.95 -14.78
N GLU Q 107 -3.00 -56.77 -13.78
CA GLU Q 107 -4.03 -57.26 -12.86
C GLU Q 107 -4.76 -56.12 -12.18
N ASN Q 108 -4.07 -55.02 -11.89
CA ASN Q 108 -4.72 -53.86 -11.30
C ASN Q 108 -5.76 -53.27 -12.24
N LEU Q 109 -5.45 -53.21 -13.54
CA LEU Q 109 -6.42 -52.71 -14.50
C LEU Q 109 -7.66 -53.59 -14.56
N VAL Q 110 -7.47 -54.91 -14.50
CA VAL Q 110 -8.60 -55.83 -14.53
C VAL Q 110 -9.46 -55.66 -13.29
N LYS Q 111 -8.83 -55.42 -12.14
CA LYS Q 111 -9.58 -55.27 -10.90
C LYS Q 111 -10.50 -54.05 -10.93
N ARG Q 112 -10.03 -52.94 -11.51
CA ARG Q 112 -10.86 -51.75 -11.62
C ARG Q 112 -12.08 -52.01 -12.49
N VAL Q 113 -11.89 -52.73 -13.59
CA VAL Q 113 -13.01 -53.11 -14.44
C VAL Q 113 -13.96 -54.03 -13.70
N ALA Q 114 -13.41 -55.03 -12.99
CA ALA Q 114 -14.25 -55.97 -12.26
C ALA Q 114 -14.99 -55.31 -11.11
N ASP Q 115 -14.35 -54.35 -10.43
CA ASP Q 115 -15.04 -53.63 -9.36
C ASP Q 115 -16.23 -52.85 -9.92
N GLN Q 116 -16.08 -52.28 -11.12
CA GLN Q 116 -17.21 -51.61 -11.76
C GLN Q 116 -18.35 -52.60 -12.02
N MET Q 117 -18.02 -53.80 -12.48
CA MET Q 117 -19.05 -54.80 -12.75
C MET Q 117 -19.66 -55.34 -11.46
N GLN Q 118 -18.85 -55.51 -10.42
CA GLN Q 118 -19.37 -56.00 -9.14
C GLN Q 118 -20.35 -55.00 -8.53
N GLN Q 119 -20.09 -53.71 -8.72
CA GLN Q 119 -20.97 -52.68 -8.16
C GLN Q 119 -22.39 -52.80 -8.71
N TYR Q 120 -22.52 -53.18 -9.99
CA TYR Q 120 -23.82 -53.31 -10.64
C TYR Q 120 -24.53 -54.61 -10.27
N THR Q 121 -24.05 -55.34 -9.27
CA THR Q 121 -24.73 -56.54 -8.79
C THR Q 121 -25.21 -56.41 -7.34
N GLN Q 122 -24.96 -55.28 -6.69
CA GLN Q 122 -25.29 -55.11 -5.29
C GLN Q 122 -26.26 -53.97 -5.01
N TYR Q 123 -26.50 -53.08 -5.97
CA TYR Q 123 -27.38 -51.94 -5.78
C TYR Q 123 -28.60 -52.07 -6.67
N GLY Q 124 -29.76 -51.71 -6.12
CA GLY Q 124 -30.99 -51.76 -6.89
C GLY Q 124 -31.07 -50.64 -7.91
N GLY Q 125 -31.98 -50.82 -8.86
CA GLY Q 125 -32.18 -49.85 -9.91
C GLY Q 125 -31.26 -49.97 -11.10
N VAL Q 126 -30.32 -50.92 -11.08
CA VAL Q 126 -29.42 -51.17 -12.21
C VAL Q 126 -29.40 -52.67 -12.48
N ARG Q 127 -28.95 -53.01 -13.69
CA ARG Q 127 -28.78 -54.40 -14.04
C ARG Q 127 -27.30 -54.71 -14.29
N PRO Q 128 -26.88 -55.94 -14.05
CA PRO Q 128 -25.47 -56.29 -14.28
C PRO Q 128 -25.12 -56.27 -15.76
N TYR Q 129 -23.83 -56.04 -16.03
CA TYR Q 129 -23.33 -56.15 -17.39
C TYR Q 129 -23.37 -57.60 -17.85
N GLY Q 130 -23.92 -57.84 -19.04
CA GLY Q 130 -23.95 -59.18 -19.59
C GLY Q 130 -22.77 -59.46 -20.48
N VAL Q 131 -21.55 -59.25 -19.98
CA VAL Q 131 -20.35 -59.34 -20.77
C VAL Q 131 -19.28 -60.10 -19.98
N SER Q 132 -18.56 -60.98 -20.68
CA SER Q 132 -17.35 -61.59 -20.17
C SER Q 132 -16.17 -61.11 -21.00
N LEU Q 133 -15.05 -60.84 -20.33
CA LEU Q 133 -13.88 -60.25 -20.98
C LEU Q 133 -12.65 -61.08 -20.70
N ILE Q 134 -11.70 -61.04 -21.63
CA ILE Q 134 -10.38 -61.65 -21.47
C ILE Q 134 -9.33 -60.58 -21.72
N PHE Q 135 -8.43 -60.40 -20.75
CA PHE Q 135 -7.35 -59.42 -20.85
C PHE Q 135 -6.02 -60.14 -20.98
N ALA Q 136 -5.23 -59.73 -21.96
CA ALA Q 136 -3.91 -60.31 -22.20
C ALA Q 136 -2.94 -59.21 -22.59
N GLY Q 137 -1.72 -59.30 -22.08
CA GLY Q 137 -0.72 -58.30 -22.40
C GLY Q 137 0.60 -58.58 -21.70
N ILE Q 138 1.50 -57.60 -21.80
CA ILE Q 138 2.84 -57.68 -21.23
C ILE Q 138 2.99 -56.53 -20.23
N ASP Q 139 3.43 -56.86 -19.03
CA ASP Q 139 3.73 -55.84 -18.02
C ASP Q 139 5.09 -56.11 -17.39
N GLN Q 140 5.41 -55.40 -16.31
CA GLN Q 140 6.71 -55.57 -15.64
C GLN Q 140 6.89 -56.94 -14.99
N ILE Q 141 5.88 -57.81 -15.03
CA ILE Q 141 6.02 -59.17 -14.51
C ILE Q 141 6.18 -60.19 -15.64
N GLY Q 142 5.57 -59.95 -16.80
CA GLY Q 142 5.65 -60.87 -17.90
C GLY Q 142 4.31 -61.01 -18.61
N PRO Q 143 4.17 -62.04 -19.44
CA PRO Q 143 2.87 -62.27 -20.08
C PRO Q 143 1.79 -62.56 -19.05
N ARG Q 144 0.61 -61.96 -19.27
CA ARG Q 144 -0.52 -62.10 -18.36
C ARG Q 144 -1.75 -62.48 -19.14
N LEU Q 145 -2.64 -63.25 -18.51
CA LEU Q 145 -3.89 -63.66 -19.12
C LEU Q 145 -4.96 -63.73 -18.04
N PHE Q 146 -5.99 -62.89 -18.17
CA PHE Q 146 -7.05 -62.80 -17.18
C PHE Q 146 -8.40 -62.92 -17.88
N ASP Q 147 -9.41 -63.29 -17.09
CA ASP Q 147 -10.80 -63.29 -17.54
C ASP Q 147 -11.66 -62.61 -16.47
N CYS Q 148 -12.82 -62.14 -16.90
CA CYS Q 148 -13.75 -61.47 -16.00
C CYS Q 148 -15.17 -61.85 -16.41
N ASP Q 149 -16.02 -62.08 -15.41
CA ASP Q 149 -17.39 -62.53 -15.66
C ASP Q 149 -18.36 -61.43 -15.27
N PRO Q 150 -19.66 -61.56 -15.58
CA PRO Q 150 -20.62 -60.53 -15.15
C PRO Q 150 -20.63 -60.30 -13.64
N ALA Q 151 -20.37 -61.32 -12.83
CA ALA Q 151 -20.34 -61.14 -11.39
C ALA Q 151 -19.14 -60.35 -10.91
N GLY Q 152 -18.14 -60.15 -11.77
CA GLY Q 152 -16.93 -59.45 -11.36
C GLY Q 152 -15.83 -60.32 -10.81
N THR Q 153 -15.88 -61.63 -11.05
CA THR Q 153 -14.84 -62.52 -10.56
C THR Q 153 -13.64 -62.49 -11.48
N ILE Q 154 -12.45 -62.63 -10.90
CA ILE Q 154 -11.19 -62.55 -11.63
C ILE Q 154 -10.43 -63.85 -11.46
N ASN Q 155 -9.95 -64.40 -12.57
CA ASN Q 155 -9.10 -65.58 -12.55
C ASN Q 155 -7.98 -65.38 -13.58
N GLU Q 156 -6.82 -65.98 -13.29
CA GLU Q 156 -5.67 -65.92 -14.17
C GLU Q 156 -5.41 -67.31 -14.75
N TYR Q 157 -5.17 -67.36 -16.05
CA TYR Q 157 -5.07 -68.62 -16.77
C TYR Q 157 -3.78 -68.68 -17.59
N LYS Q 158 -3.30 -69.90 -17.82
CA LYS Q 158 -2.37 -70.16 -18.90
C LYS Q 158 -3.07 -70.23 -20.24
N ALA Q 159 -4.32 -70.67 -20.24
CA ALA Q 159 -5.18 -70.69 -21.42
C ALA Q 159 -6.63 -70.73 -20.96
N THR Q 160 -7.50 -70.02 -21.66
CA THR Q 160 -8.90 -69.95 -21.29
C THR Q 160 -9.72 -69.58 -22.52
N ALA Q 161 -11.04 -69.64 -22.36
CA ALA Q 161 -11.94 -69.33 -23.46
C ALA Q 161 -13.24 -68.77 -22.90
N ILE Q 162 -13.96 -68.03 -23.75
CA ILE Q 162 -15.27 -67.50 -23.43
C ILE Q 162 -16.17 -67.67 -24.66
N GLY Q 163 -17.47 -67.56 -24.43
CA GLY Q 163 -18.44 -67.64 -25.51
C GLY Q 163 -19.24 -68.92 -25.49
N SER Q 164 -19.93 -69.14 -26.62
CA SER Q 164 -20.83 -70.29 -26.74
C SER Q 164 -20.06 -71.61 -26.67
N GLY Q 165 -18.93 -71.69 -27.36
CA GLY Q 165 -18.17 -72.93 -27.40
C GLY Q 165 -17.09 -72.99 -26.34
N LYS Q 166 -17.33 -72.32 -25.21
CA LYS Q 166 -16.32 -72.27 -24.15
C LYS Q 166 -16.02 -73.67 -23.61
N ASP Q 167 -17.07 -74.47 -23.36
CA ASP Q 167 -16.87 -75.79 -22.77
C ASP Q 167 -16.07 -76.70 -23.69
N ALA Q 168 -16.37 -76.66 -25.00
CA ALA Q 168 -15.65 -77.51 -25.94
C ALA Q 168 -14.19 -77.09 -26.06
N VAL Q 169 -13.91 -75.78 -26.08
CA VAL Q 169 -12.54 -75.31 -26.24
C VAL Q 169 -11.71 -75.63 -25.01
N VAL Q 170 -12.26 -75.39 -23.82
CA VAL Q 170 -11.50 -75.64 -22.59
C VAL Q 170 -11.22 -77.13 -22.43
N SER Q 171 -12.16 -77.98 -22.84
CA SER Q 171 -11.92 -79.43 -22.80
C SER Q 171 -10.80 -79.81 -23.76
N PHE Q 172 -10.81 -79.25 -24.97
CA PHE Q 172 -9.75 -79.52 -25.92
C PHE Q 172 -8.40 -79.03 -25.41
N LEU Q 173 -8.37 -77.82 -24.84
CA LEU Q 173 -7.12 -77.30 -24.29
C LEU Q 173 -6.68 -78.06 -23.05
N GLU Q 174 -7.63 -78.67 -22.33
CA GLU Q 174 -7.26 -79.48 -21.18
C GLU Q 174 -6.45 -80.71 -21.58
N ARG Q 175 -6.56 -81.12 -22.85
CA ARG Q 175 -5.91 -82.34 -23.30
C ARG Q 175 -4.65 -82.07 -24.13
N GLU Q 176 -4.62 -80.96 -24.88
CA GLU Q 176 -3.57 -80.76 -25.86
C GLU Q 176 -2.69 -79.53 -25.62
N TYR Q 177 -2.95 -78.74 -24.59
CA TYR Q 177 -2.16 -77.54 -24.35
C TYR Q 177 -0.77 -77.89 -23.84
N LYS Q 178 0.24 -77.19 -24.34
CA LYS Q 178 1.61 -77.31 -23.89
C LYS Q 178 2.16 -75.92 -23.56
N GLU Q 179 3.06 -75.87 -22.60
CA GLU Q 179 3.64 -74.60 -22.18
C GLU Q 179 4.89 -74.29 -22.99
N ASN Q 180 5.18 -72.99 -23.10
CA ASN Q 180 6.40 -72.48 -23.75
C ASN Q 180 6.49 -72.91 -25.21
N LEU Q 181 5.34 -73.07 -25.87
CA LEU Q 181 5.34 -73.40 -27.28
C LEU Q 181 5.76 -72.19 -28.11
N PRO Q 182 6.32 -72.40 -29.30
CA PRO Q 182 6.59 -71.29 -30.21
C PRO Q 182 5.29 -70.67 -30.70
N GLU Q 183 5.41 -69.41 -31.14
CA GLU Q 183 4.22 -68.65 -31.52
C GLU Q 183 3.45 -69.31 -32.65
N LYS Q 184 4.17 -69.81 -33.66
CA LYS Q 184 3.50 -70.46 -34.79
C LYS Q 184 2.75 -71.72 -34.34
N GLU Q 185 3.38 -72.53 -33.48
CA GLU Q 185 2.71 -73.73 -33.00
C GLU Q 185 1.50 -73.39 -32.14
N ALA Q 186 1.61 -72.34 -31.33
CA ALA Q 186 0.49 -71.96 -30.46
C ALA Q 186 -0.72 -71.54 -31.27
N VAL Q 187 -0.51 -70.80 -32.37
CA VAL Q 187 -1.62 -70.40 -33.22
C VAL Q 187 -2.28 -71.62 -33.85
N THR Q 188 -1.47 -72.58 -34.32
CA THR Q 188 -2.02 -73.79 -34.91
C THR Q 188 -2.85 -74.58 -33.89
N LEU Q 189 -2.36 -74.67 -32.66
CA LEU Q 189 -3.12 -75.35 -31.60
C LEU Q 189 -4.42 -74.61 -31.31
N GLY Q 190 -4.37 -73.28 -31.28
CA GLY Q 190 -5.57 -72.51 -31.01
C GLY Q 190 -6.62 -72.66 -32.10
N ILE Q 191 -6.19 -72.76 -33.35
CA ILE Q 191 -7.13 -72.96 -34.45
C ILE Q 191 -7.84 -74.29 -34.30
N LYS Q 192 -7.11 -75.34 -33.95
CA LYS Q 192 -7.71 -76.65 -33.75
C LYS Q 192 -8.72 -76.63 -32.60
N ALA Q 193 -8.39 -75.93 -31.51
CA ALA Q 193 -9.32 -75.84 -30.39
C ALA Q 193 -10.61 -75.15 -30.80
N LEU Q 194 -10.50 -74.05 -31.56
CA LEU Q 194 -11.70 -73.38 -32.06
C LEU Q 194 -12.42 -74.25 -33.08
N LYS Q 195 -11.66 -75.01 -33.88
CA LYS Q 195 -12.28 -75.90 -34.86
C LYS Q 195 -13.08 -77.01 -34.18
N SER Q 196 -12.57 -77.54 -33.07
CA SER Q 196 -13.21 -78.65 -32.36
C SER Q 196 -14.42 -78.23 -31.54
N SER Q 197 -14.85 -76.97 -31.63
CA SER Q 197 -16.01 -76.50 -30.91
C SER Q 197 -17.21 -76.21 -31.80
N LEU Q 198 -17.03 -76.14 -33.11
CA LEU Q 198 -18.13 -75.87 -34.02
C LEU Q 198 -18.94 -77.14 -34.26
N GLU Q 199 -20.11 -76.97 -34.86
CA GLU Q 199 -20.95 -78.10 -35.23
C GLU Q 199 -20.45 -78.71 -36.55
N GLU Q 200 -21.01 -79.87 -36.89
CA GLU Q 200 -20.58 -80.55 -38.11
C GLU Q 200 -20.96 -79.76 -39.36
N GLY Q 201 -22.04 -78.97 -39.28
CA GLY Q 201 -22.51 -78.26 -40.45
C GLY Q 201 -21.53 -77.21 -40.97
N GLU Q 202 -20.98 -76.40 -40.08
CA GLU Q 202 -20.14 -75.28 -40.50
C GLU Q 202 -18.66 -75.65 -40.41
N GLU Q 203 -17.81 -74.67 -40.70
CA GLU Q 203 -16.36 -74.85 -40.64
C GLU Q 203 -15.71 -73.53 -40.25
N LEU Q 204 -14.43 -73.61 -39.90
CA LEU Q 204 -13.68 -72.45 -39.45
C LEU Q 204 -13.59 -71.41 -40.56
N LYS Q 205 -13.66 -70.12 -40.17
CA LYS Q 205 -13.80 -69.05 -41.14
C LYS Q 205 -12.81 -67.91 -40.95
N ALA Q 206 -11.51 -68.22 -40.83
CA ALA Q 206 -10.46 -67.20 -40.82
C ALA Q 206 -10.66 -66.20 -39.69
N PRO Q 207 -10.43 -66.60 -38.44
CA PRO Q 207 -10.78 -65.73 -37.31
C PRO Q 207 -9.78 -64.60 -37.09
N GLU Q 208 -9.98 -63.84 -36.01
CA GLU Q 208 -9.05 -62.80 -35.62
C GLU Q 208 -7.95 -63.37 -34.74
N ILE Q 209 -6.70 -63.01 -35.05
CA ILE Q 209 -5.55 -63.46 -34.28
C ILE Q 209 -4.70 -62.24 -33.93
N ALA Q 210 -4.35 -62.12 -32.66
CA ALA Q 210 -3.46 -61.06 -32.18
C ALA Q 210 -2.50 -61.66 -31.17
N SER Q 211 -1.27 -61.13 -31.14
CA SER Q 211 -0.25 -61.65 -30.25
C SER Q 211 0.74 -60.54 -29.93
N ILE Q 212 1.50 -60.77 -28.85
CA ILE Q 212 2.52 -59.82 -28.41
C ILE Q 212 3.62 -60.61 -27.71
N THR Q 213 4.85 -60.13 -27.84
CA THR Q 213 6.01 -60.74 -27.21
C THR Q 213 6.72 -59.72 -26.34
N VAL Q 214 7.55 -60.23 -25.43
CA VAL Q 214 8.27 -59.35 -24.50
C VAL Q 214 9.21 -58.45 -25.29
N GLY Q 215 9.17 -57.15 -24.97
CA GLY Q 215 9.97 -56.17 -25.64
C GLY Q 215 9.36 -55.56 -26.89
N ASN Q 216 8.20 -56.04 -27.32
CA ASN Q 216 7.53 -55.55 -28.52
C ASN Q 216 6.11 -55.12 -28.18
N LYS Q 217 5.46 -54.51 -29.17
CA LYS Q 217 4.08 -54.10 -29.05
C LYS Q 217 3.16 -55.15 -29.68
N TYR Q 218 1.86 -54.96 -29.46
CA TYR Q 218 0.87 -55.86 -30.05
C TYR Q 218 0.87 -55.73 -31.56
N ARG Q 219 0.74 -56.87 -32.24
CA ARG Q 219 0.60 -56.90 -33.69
C ARG Q 219 -0.65 -57.70 -34.05
N ILE Q 220 -1.39 -57.23 -35.05
CA ILE Q 220 -2.62 -57.86 -35.48
C ILE Q 220 -2.33 -58.65 -36.74
N TYR Q 221 -2.67 -59.94 -36.73
CA TYR Q 221 -2.47 -60.79 -37.90
C TYR Q 221 -3.35 -60.31 -39.04
N ASP Q 222 -2.74 -60.19 -40.23
CA ASP Q 222 -3.50 -59.83 -41.41
C ASP Q 222 -4.16 -61.08 -42.00
N GLN Q 223 -5.10 -60.86 -42.93
CA GLN Q 223 -5.83 -61.96 -43.52
C GLN Q 223 -4.91 -62.94 -44.24
N GLU Q 224 -3.83 -62.44 -44.84
CA GLU Q 224 -2.89 -63.32 -45.53
C GLU Q 224 -2.26 -64.32 -44.56
N GLU Q 225 -1.82 -63.84 -43.39
CA GLU Q 225 -1.20 -64.72 -42.42
C GLU Q 225 -2.21 -65.67 -41.80
N VAL Q 226 -3.46 -65.23 -41.63
CA VAL Q 226 -4.49 -66.10 -41.05
C VAL Q 226 -4.76 -67.28 -41.96
N LYS Q 227 -4.83 -67.04 -43.28
CA LYS Q 227 -5.10 -68.12 -44.23
C LYS Q 227 -4.04 -69.20 -44.18
N LYS Q 228 -2.82 -68.86 -43.77
CA LYS Q 228 -1.73 -69.83 -43.70
C LYS Q 228 -1.97 -70.89 -42.64
N PHE Q 229 -2.75 -70.58 -41.60
CA PHE Q 229 -3.04 -71.56 -40.54
C PHE Q 229 -4.42 -72.14 -40.79
N LEU Q 230 -5.15 -71.58 -41.76
CA LEU Q 230 -6.56 -72.01 -41.96
C LEU Q 230 -6.62 -73.46 -42.43
N GLY R 1 -45.88 -69.04 4.47
CA GLY R 1 -45.58 -68.17 5.59
C GLY R 1 -44.22 -67.52 5.50
N GLN R 2 -43.17 -68.35 5.40
CA GLN R 2 -41.82 -67.83 5.30
C GLN R 2 -41.61 -67.07 4.00
N MET R 3 -42.25 -67.52 2.91
CA MET R 3 -42.09 -66.88 1.61
C MET R 3 -42.67 -65.46 1.57
N ALA R 4 -43.46 -65.08 2.57
CA ALA R 4 -44.03 -63.74 2.63
C ALA R 4 -43.15 -62.74 3.35
N TYR R 5 -42.07 -63.19 3.98
CA TYR R 5 -41.19 -62.31 4.75
C TYR R 5 -39.72 -62.54 4.43
N ASP R 6 -39.42 -62.97 3.20
CA ASP R 6 -38.04 -63.26 2.81
C ASP R 6 -37.66 -62.58 1.49
N ARG R 7 -38.37 -61.54 1.10
CA ARG R 7 -38.11 -60.87 -0.17
C ARG R 7 -37.35 -59.56 -0.03
N ALA R 8 -37.47 -58.88 1.12
CA ALA R 8 -36.83 -57.60 1.33
C ALA R 8 -35.92 -57.68 2.56
N ILE R 9 -34.77 -56.99 2.47
CA ILE R 9 -33.81 -57.01 3.56
C ILE R 9 -34.35 -56.30 4.79
N THR R 10 -35.12 -55.22 4.61
CA THR R 10 -35.59 -54.39 5.71
C THR R 10 -36.94 -54.85 6.28
N VAL R 11 -37.28 -56.13 6.16
CA VAL R 11 -38.56 -56.64 6.65
C VAL R 11 -38.28 -57.69 7.72
N PHE R 12 -38.85 -57.49 8.91
CA PHE R 12 -38.80 -58.49 9.95
C PHE R 12 -39.89 -59.54 9.76
N SER R 13 -39.56 -60.78 10.08
CA SER R 13 -40.55 -61.84 10.11
C SER R 13 -41.39 -61.74 11.38
N PRO R 14 -42.56 -62.39 11.42
CA PRO R 14 -43.36 -62.35 12.65
C PRO R 14 -42.63 -62.86 13.88
N ASP R 15 -41.69 -63.78 13.72
CA ASP R 15 -40.87 -64.25 14.82
C ASP R 15 -39.53 -63.52 14.93
N GLY R 16 -39.45 -62.31 14.38
CA GLY R 16 -38.26 -61.48 14.52
C GLY R 16 -37.02 -62.02 13.84
N ARG R 17 -37.13 -62.49 12.61
CA ARG R 17 -35.99 -62.99 11.84
C ARG R 17 -35.81 -62.16 10.58
N LEU R 18 -34.56 -62.13 10.10
CA LEU R 18 -34.19 -61.43 8.87
C LEU R 18 -33.72 -62.52 7.88
N PHE R 19 -34.64 -62.98 7.05
CA PHE R 19 -34.33 -64.12 6.18
C PHE R 19 -33.32 -63.77 5.10
N GLN R 20 -33.31 -62.52 4.63
CA GLN R 20 -32.32 -62.14 3.62
C GLN R 20 -30.90 -62.24 4.18
N VAL R 21 -30.71 -61.86 5.43
CA VAL R 21 -29.42 -62.07 6.08
C VAL R 21 -29.11 -63.56 6.20
N GLU R 22 -30.07 -64.35 6.58
CA GLU R 22 -29.93 -65.81 6.71
C GLU R 22 -29.58 -66.44 5.38
N TYR R 23 -30.24 -65.97 4.30
CA TYR R 23 -29.96 -66.50 2.97
C TYR R 23 -28.54 -66.16 2.52
N ALA R 24 -28.03 -65.00 2.94
CA ALA R 24 -26.64 -64.65 2.62
C ALA R 24 -25.67 -65.63 3.26
N ARG R 25 -25.98 -66.07 4.48
CA ARG R 25 -25.15 -67.08 5.20
C ARG R 25 -25.13 -68.40 4.43
N GLU R 26 -26.14 -68.71 3.63
CA GLU R 26 -26.13 -69.92 2.80
C GLU R 26 -25.07 -69.83 1.71
N ALA R 27 -24.87 -68.64 1.16
CA ALA R 27 -23.82 -68.45 0.15
C ALA R 27 -22.43 -68.70 0.75
N VAL R 28 -22.26 -68.36 2.03
CA VAL R 28 -20.98 -68.58 2.69
C VAL R 28 -20.65 -70.07 2.76
N LYS R 29 -21.65 -70.89 3.08
CA LYS R 29 -21.43 -72.33 3.23
C LYS R 29 -21.08 -73.01 1.92
N LYS R 30 -21.23 -72.35 0.78
CA LYS R 30 -20.78 -72.91 -0.49
C LYS R 30 -19.29 -72.73 -0.73
N GLY R 31 -18.62 -71.89 0.07
CA GLY R 31 -17.21 -71.66 -0.13
C GLY R 31 -16.34 -72.76 0.45
N SER R 32 -15.06 -72.72 0.08
CA SER R 32 -14.10 -73.70 0.58
C SER R 32 -13.82 -73.48 2.06
N THR R 33 -13.52 -74.58 2.75
CA THR R 33 -13.29 -74.51 4.19
C THR R 33 -11.95 -73.85 4.50
N ALA R 34 -11.96 -72.98 5.51
CA ALA R 34 -10.75 -72.35 6.01
C ALA R 34 -10.84 -72.24 7.52
N LEU R 35 -9.68 -72.19 8.17
CA LEU R 35 -9.63 -72.17 9.62
C LEU R 35 -8.39 -71.43 10.10
N GLY R 36 -8.43 -71.00 11.35
CA GLY R 36 -7.29 -70.39 11.98
C GLY R 36 -7.27 -70.70 13.46
N MET R 37 -6.06 -70.71 14.02
CA MET R 37 -5.90 -71.03 15.44
C MET R 37 -4.68 -70.30 15.98
N LYS R 38 -4.72 -70.01 17.27
CA LYS R 38 -3.60 -69.38 17.95
C LYS R 38 -2.73 -70.42 18.65
N PHE R 39 -1.43 -70.16 18.71
CA PHE R 39 -0.47 -71.03 19.36
C PHE R 39 0.45 -70.18 20.22
N ALA R 40 1.53 -70.80 20.69
CA ALA R 40 2.48 -70.11 21.57
C ALA R 40 3.10 -68.91 20.89
N ASN R 41 2.71 -67.70 21.33
CA ASN R 41 3.23 -66.44 20.79
C ASN R 41 3.05 -66.36 19.27
N GLY R 42 1.87 -66.75 18.79
CA GLY R 42 1.62 -66.68 17.36
C GLY R 42 0.21 -67.11 17.02
N VAL R 43 -0.10 -67.01 15.73
CA VAL R 43 -1.40 -67.39 15.18
C VAL R 43 -1.19 -67.77 13.72
N LEU R 44 -1.97 -68.73 13.24
CA LEU R 44 -1.81 -69.23 11.88
C LEU R 44 -3.17 -69.34 11.21
N LEU R 45 -3.14 -69.45 9.88
CA LEU R 45 -4.33 -69.61 9.06
C LEU R 45 -4.11 -70.74 8.06
N ILE R 46 -5.13 -71.57 7.87
CA ILE R 46 -5.10 -72.66 6.91
C ILE R 46 -6.35 -72.58 6.04
N SER R 47 -6.16 -72.65 4.72
CA SER R 47 -7.26 -72.53 3.77
C SER R 47 -7.19 -73.69 2.79
N ASP R 48 -8.27 -74.48 2.73
CA ASP R 48 -8.32 -75.62 1.83
C ASP R 48 -8.32 -75.16 0.37
N LYS R 49 -7.66 -75.94 -0.47
CA LYS R 49 -7.59 -75.67 -1.90
C LYS R 49 -8.26 -76.79 -2.68
N LYS R 50 -9.19 -76.44 -3.55
CA LYS R 50 -9.83 -77.38 -4.46
C LYS R 50 -9.13 -77.26 -5.81
N VAL R 51 -8.36 -78.29 -6.17
CA VAL R 51 -7.55 -78.22 -7.38
C VAL R 51 -8.45 -78.26 -8.60
N ARG R 52 -8.41 -77.20 -9.40
CA ARG R 52 -9.13 -77.14 -10.66
C ARG R 52 -8.21 -77.62 -11.78
N SER R 53 -8.59 -77.38 -13.03
CA SER R 53 -7.80 -77.81 -14.17
C SER R 53 -6.42 -77.17 -14.16
N ARG R 54 -5.46 -77.77 -14.85
CA ARG R 54 -4.08 -77.29 -14.86
C ARG R 54 -3.92 -75.96 -15.57
N LEU R 55 -4.94 -75.49 -16.30
CA LEU R 55 -4.84 -74.23 -17.01
C LEU R 55 -4.90 -73.00 -16.10
N ILE R 56 -5.21 -73.19 -14.82
CA ILE R 56 -5.33 -72.07 -13.88
C ILE R 56 -3.98 -71.85 -13.21
N GLU R 57 -3.52 -70.60 -13.20
CA GLU R 57 -2.29 -70.26 -12.49
C GLU R 57 -2.47 -70.45 -11.00
N GLN R 58 -1.46 -71.03 -10.35
CA GLN R 58 -1.52 -71.29 -8.92
C GLN R 58 -1.00 -70.12 -8.10
N ASN R 59 -1.45 -68.91 -8.43
CA ASN R 59 -1.10 -67.73 -7.67
C ASN R 59 -2.27 -66.79 -7.39
N SER R 60 -3.41 -66.94 -8.05
CA SER R 60 -4.54 -66.03 -7.87
C SER R 60 -5.68 -66.62 -7.04
N ILE R 61 -5.71 -67.95 -6.87
CA ILE R 61 -6.79 -68.60 -6.14
C ILE R 61 -6.45 -68.65 -4.65
N GLU R 62 -5.38 -67.96 -4.26
CA GLU R 62 -4.98 -67.90 -2.86
C GLU R 62 -6.01 -67.10 -2.07
N LYS R 63 -6.67 -67.75 -1.12
CA LYS R 63 -7.69 -67.10 -0.32
C LYS R 63 -7.13 -66.37 0.89
N ILE R 64 -5.85 -66.56 1.20
CA ILE R 64 -5.22 -65.83 2.29
C ILE R 64 -4.64 -64.53 1.73
N GLN R 65 -5.08 -63.41 2.27
CA GLN R 65 -4.66 -62.10 1.81
C GLN R 65 -4.04 -61.32 2.98
N LEU R 66 -2.94 -60.64 2.71
CA LEU R 66 -2.29 -59.81 3.72
C LEU R 66 -2.91 -58.42 3.74
N ILE R 67 -3.44 -58.04 4.89
CA ILE R 67 -3.92 -56.67 5.09
C ILE R 67 -2.76 -55.70 5.27
N ASP R 68 -1.73 -56.14 5.99
CA ASP R 68 -0.45 -55.44 6.07
C ASP R 68 0.60 -56.48 6.45
N ASP R 69 1.78 -56.03 6.85
CA ASP R 69 2.85 -56.95 7.22
C ASP R 69 2.54 -57.74 8.48
N TYR R 70 1.53 -57.32 9.26
CA TYR R 70 1.24 -57.96 10.54
C TYR R 70 -0.20 -58.45 10.66
N VAL R 71 -1.05 -58.25 9.65
CA VAL R 71 -2.44 -58.70 9.69
C VAL R 71 -2.76 -59.42 8.39
N ALA R 72 -3.38 -60.58 8.50
CA ALA R 72 -3.80 -61.36 7.34
C ALA R 72 -5.27 -61.74 7.49
N ALA R 73 -5.91 -62.00 6.35
CA ALA R 73 -7.32 -62.35 6.33
C ALA R 73 -7.57 -63.48 5.34
N VAL R 74 -8.61 -64.27 5.63
CA VAL R 74 -9.07 -65.32 4.74
C VAL R 74 -10.60 -65.24 4.68
N THR R 75 -11.15 -65.46 3.49
CA THR R 75 -12.56 -65.26 3.25
C THR R 75 -13.21 -66.53 2.69
N SER R 76 -14.53 -66.56 2.74
CA SER R 76 -15.32 -67.64 2.19
C SER R 76 -16.67 -67.09 1.74
N GLY R 77 -17.15 -67.58 0.60
CA GLY R 77 -18.41 -67.14 0.03
C GLY R 77 -18.22 -66.60 -1.38
N LEU R 78 -19.00 -65.55 -1.72
CA LEU R 78 -18.92 -64.87 -3.03
C LEU R 78 -17.53 -64.24 -3.18
N VAL R 79 -16.72 -64.67 -4.15
CA VAL R 79 -15.33 -64.21 -4.42
C VAL R 79 -15.36 -62.72 -4.72
N ALA R 80 -16.30 -62.27 -5.55
CA ALA R 80 -16.33 -60.87 -5.96
C ALA R 80 -16.59 -59.95 -4.77
N ASP R 81 -17.54 -60.31 -3.91
CA ASP R 81 -17.77 -59.52 -2.70
C ASP R 81 -16.58 -59.60 -1.75
N ALA R 82 -15.93 -60.76 -1.69
CA ALA R 82 -14.78 -60.92 -0.80
C ALA R 82 -13.64 -60.01 -1.22
N ARG R 83 -13.41 -59.85 -2.53
CA ARG R 83 -12.35 -58.97 -3.00
C ARG R 83 -12.61 -57.52 -2.60
N VAL R 84 -13.88 -57.09 -2.68
CA VAL R 84 -14.22 -55.72 -2.31
C VAL R 84 -13.97 -55.48 -0.83
N LEU R 85 -14.36 -56.43 0.02
CA LEU R 85 -14.18 -56.27 1.47
C LEU R 85 -12.70 -56.27 1.85
N VAL R 86 -11.89 -57.09 1.19
CA VAL R 86 -10.45 -57.10 1.47
C VAL R 86 -9.82 -55.77 1.09
N ASP R 87 -10.23 -55.20 -0.05
CA ASP R 87 -9.72 -53.89 -0.43
C ASP R 87 -10.15 -52.82 0.57
N PHE R 88 -11.39 -52.91 1.07
CA PHE R 88 -11.85 -51.96 2.08
C PHE R 88 -11.03 -52.08 3.36
N ALA R 89 -10.71 -53.31 3.77
CA ALA R 89 -9.90 -53.51 4.97
C ALA R 89 -8.51 -52.92 4.81
N ARG R 90 -7.89 -53.10 3.63
CA ARG R 90 -6.55 -52.57 3.40
C ARG R 90 -6.55 -51.04 3.46
N ILE R 91 -7.56 -50.40 2.87
CA ILE R 91 -7.66 -48.95 2.94
C ILE R 91 -7.89 -48.49 4.37
N SER R 92 -8.74 -49.21 5.10
CA SER R 92 -9.00 -48.84 6.49
C SER R 92 -7.76 -48.95 7.35
N ALA R 93 -6.94 -49.98 7.12
CA ALA R 93 -5.71 -50.15 7.89
C ALA R 93 -4.75 -48.98 7.65
N GLN R 94 -4.63 -48.53 6.40
CA GLN R 94 -3.73 -47.42 6.10
C GLN R 94 -4.25 -46.12 6.69
N GLN R 95 -5.57 -45.93 6.71
CA GLN R 95 -6.14 -44.74 7.33
C GLN R 95 -5.80 -44.68 8.81
N GLU R 96 -5.81 -45.84 9.49
CA GLU R 96 -5.41 -45.88 10.89
C GLU R 96 -3.94 -45.49 11.05
N LYS R 97 -3.07 -45.96 10.16
CA LYS R 97 -1.65 -45.65 10.26
C LYS R 97 -1.38 -44.18 9.97
N VAL R 98 -2.13 -43.56 9.06
CA VAL R 98 -1.94 -42.14 8.77
C VAL R 98 -2.37 -41.29 9.96
N THR R 99 -3.48 -41.67 10.61
CA THR R 99 -4.04 -40.86 11.68
C THR R 99 -3.18 -40.93 12.95
N TYR R 100 -2.75 -42.13 13.34
CA TYR R 100 -2.08 -42.32 14.61
C TYR R 100 -0.60 -42.68 14.49
N GLY R 101 -0.12 -43.01 13.29
CA GLY R 101 1.25 -43.39 13.10
C GLY R 101 1.53 -44.88 13.19
N SER R 102 0.55 -45.67 13.63
CA SER R 102 0.70 -47.12 13.75
C SER R 102 -0.68 -47.72 13.96
N LEU R 103 -0.73 -49.05 14.01
CA LEU R 103 -1.94 -49.80 14.31
C LEU R 103 -1.76 -50.44 15.67
N VAL R 104 -2.70 -50.18 16.58
CA VAL R 104 -2.58 -50.62 17.96
C VAL R 104 -3.46 -51.83 18.25
N ASN R 105 -4.71 -51.82 17.80
CA ASN R 105 -5.64 -52.91 18.05
C ASN R 105 -6.23 -53.38 16.73
N ILE R 106 -6.12 -54.69 16.47
CA ILE R 106 -6.70 -55.25 15.25
C ILE R 106 -8.22 -55.27 15.35
N GLU R 107 -8.76 -55.41 16.56
CA GLU R 107 -10.22 -55.46 16.73
C GLU R 107 -10.90 -54.21 16.16
N ASN R 108 -10.24 -53.06 16.26
CA ASN R 108 -10.80 -51.84 15.67
C ASN R 108 -10.92 -51.97 14.16
N LEU R 109 -9.92 -52.56 13.51
CA LEU R 109 -9.99 -52.76 12.06
C LEU R 109 -11.14 -53.68 11.69
N VAL R 110 -11.36 -54.74 12.47
CA VAL R 110 -12.46 -55.66 12.19
C VAL R 110 -13.80 -54.97 12.35
N LYS R 111 -13.91 -54.08 13.34
CA LYS R 111 -15.17 -53.39 13.58
C LYS R 111 -15.55 -52.49 12.41
N ARG R 112 -14.58 -51.80 11.82
CA ARG R 112 -14.87 -50.95 10.67
C ARG R 112 -15.38 -51.78 9.50
N VAL R 113 -14.77 -52.94 9.27
CA VAL R 113 -15.25 -53.84 8.22
C VAL R 113 -16.65 -54.33 8.54
N ALA R 114 -16.88 -54.73 9.79
CA ALA R 114 -18.19 -55.25 10.18
C ALA R 114 -19.26 -54.17 10.14
N ASP R 115 -18.92 -52.93 10.49
CA ASP R 115 -19.87 -51.84 10.39
C ASP R 115 -20.29 -51.61 8.95
N GLN R 116 -19.35 -51.74 8.01
CA GLN R 116 -19.69 -51.66 6.60
C GLN R 116 -20.67 -52.75 6.20
N MET R 117 -20.46 -53.98 6.69
CA MET R 117 -21.35 -55.07 6.36
C MET R 117 -22.70 -54.92 7.04
N GLN R 118 -22.71 -54.43 8.28
CA GLN R 118 -23.98 -54.23 8.98
C GLN R 118 -24.84 -53.18 8.29
N GLN R 119 -24.21 -52.16 7.71
CA GLN R 119 -24.96 -51.11 7.03
C GLN R 119 -25.77 -51.65 5.86
N TYR R 120 -25.23 -52.66 5.17
CA TYR R 120 -25.90 -53.26 4.03
C TYR R 120 -26.98 -54.26 4.43
N THR R 121 -27.38 -54.28 5.70
CA THR R 121 -28.48 -55.12 6.15
C THR R 121 -29.65 -54.31 6.71
N GLN R 122 -29.56 -52.98 6.72
CA GLN R 122 -30.58 -52.14 7.32
C GLN R 122 -31.21 -51.15 6.35
N TYR R 123 -30.61 -50.94 5.18
CA TYR R 123 -31.12 -49.97 4.21
C TYR R 123 -31.59 -50.69 2.96
N GLY R 124 -32.73 -50.25 2.42
CA GLY R 124 -33.24 -50.82 1.21
C GLY R 124 -32.44 -50.43 -0.02
N GLY R 125 -32.64 -51.19 -1.10
CA GLY R 125 -31.95 -50.94 -2.34
C GLY R 125 -30.58 -51.56 -2.45
N VAL R 126 -30.10 -52.25 -1.41
CA VAL R 126 -28.81 -52.94 -1.44
C VAL R 126 -29.02 -54.34 -0.88
N ARG R 127 -28.06 -55.21 -1.20
CA ARG R 127 -28.07 -56.56 -0.65
C ARG R 127 -26.86 -56.77 0.25
N PRO R 128 -26.97 -57.63 1.25
CA PRO R 128 -25.84 -57.89 2.15
C PRO R 128 -24.70 -58.60 1.42
N TYR R 129 -23.49 -58.41 1.94
CA TYR R 129 -22.34 -59.16 1.46
C TYR R 129 -22.48 -60.62 1.83
N GLY R 130 -22.27 -61.51 0.86
CA GLY R 130 -22.32 -62.93 1.13
C GLY R 130 -20.96 -63.51 1.44
N VAL R 131 -20.26 -62.92 2.40
CA VAL R 131 -18.88 -63.26 2.70
C VAL R 131 -18.69 -63.37 4.21
N SER R 132 -17.96 -64.39 4.63
CA SER R 132 -17.46 -64.50 6.00
C SER R 132 -15.94 -64.38 5.98
N LEU R 133 -15.38 -63.68 6.96
CA LEU R 133 -13.96 -63.38 6.99
C LEU R 133 -13.37 -63.80 8.32
N ILE R 134 -12.08 -64.15 8.31
CA ILE R 134 -11.31 -64.42 9.51
C ILE R 134 -10.08 -63.52 9.50
N PHE R 135 -9.89 -62.76 10.58
CA PHE R 135 -8.75 -61.86 10.71
C PHE R 135 -7.82 -62.37 11.80
N ALA R 136 -6.52 -62.46 11.47
CA ALA R 136 -5.52 -62.91 12.41
C ALA R 136 -4.26 -62.08 12.25
N GLY R 137 -3.62 -61.74 13.37
CA GLY R 137 -2.42 -60.95 13.30
C GLY R 137 -1.87 -60.67 14.68
N ILE R 138 -0.86 -59.80 14.71
CA ILE R 138 -0.17 -59.41 15.94
C ILE R 138 -0.32 -57.90 16.11
N ASP R 139 -0.77 -57.48 17.29
CA ASP R 139 -0.86 -56.06 17.61
C ASP R 139 -0.23 -55.79 18.98
N GLN R 140 -0.43 -54.59 19.52
CA GLN R 140 0.16 -54.24 20.81
C GLN R 140 -0.42 -55.03 21.99
N ILE R 141 -1.40 -55.89 21.76
CA ILE R 141 -1.92 -56.75 22.82
C ILE R 141 -1.42 -58.19 22.70
N GLY R 142 -1.17 -58.67 21.48
CA GLY R 142 -0.70 -60.02 21.28
C GLY R 142 -1.37 -60.65 20.07
N PRO R 143 -1.25 -61.98 19.95
CA PRO R 143 -1.96 -62.68 18.86
C PRO R 143 -3.46 -62.50 18.98
N ARG R 144 -4.10 -62.25 17.84
CA ARG R 144 -5.53 -62.01 17.77
C ARG R 144 -6.14 -62.89 16.70
N LEU R 145 -7.39 -63.30 16.91
CA LEU R 145 -8.12 -64.12 15.95
C LEU R 145 -9.59 -63.73 15.99
N PHE R 146 -10.11 -63.21 14.89
CA PHE R 146 -11.48 -62.74 14.79
C PHE R 146 -12.16 -63.38 13.59
N ASP R 147 -13.49 -63.38 13.63
CA ASP R 147 -14.31 -63.78 12.50
C ASP R 147 -15.42 -62.76 12.31
N CYS R 148 -15.96 -62.70 11.09
CA CYS R 148 -17.03 -61.79 10.77
C CYS R 148 -18.00 -62.49 9.82
N ASP R 149 -19.29 -62.26 10.03
CA ASP R 149 -20.32 -62.92 9.24
C ASP R 149 -21.03 -61.90 8.36
N PRO R 150 -21.90 -62.33 7.43
CA PRO R 150 -22.63 -61.35 6.62
C PRO R 150 -23.45 -60.36 7.43
N ALA R 151 -23.97 -60.77 8.59
CA ALA R 151 -24.74 -59.86 9.43
C ALA R 151 -23.87 -58.79 10.10
N GLY R 152 -22.55 -58.96 10.09
CA GLY R 152 -21.68 -58.01 10.74
C GLY R 152 -21.35 -58.33 12.19
N THR R 153 -21.59 -59.56 12.63
CA THR R 153 -21.29 -59.93 14.00
C THR R 153 -19.80 -60.25 14.15
N ILE R 154 -19.25 -59.92 15.32
CA ILE R 154 -17.83 -60.10 15.59
C ILE R 154 -17.66 -61.01 16.80
N ASN R 155 -16.79 -62.00 16.66
CA ASN R 155 -16.42 -62.88 17.76
C ASN R 155 -14.93 -63.14 17.71
N GLU R 156 -14.34 -63.35 18.90
CA GLU R 156 -12.92 -63.63 19.03
C GLU R 156 -12.74 -65.07 19.49
N TYR R 157 -11.82 -65.78 18.85
CA TYR R 157 -11.64 -67.20 19.06
C TYR R 157 -10.19 -67.53 19.36
N LYS R 158 -9.99 -68.62 20.10
CA LYS R 158 -8.70 -69.29 20.13
C LYS R 158 -8.50 -70.15 18.88
N ALA R 159 -9.59 -70.67 18.32
CA ALA R 159 -9.57 -71.40 17.07
C ALA R 159 -10.96 -71.37 16.48
N THR R 160 -11.06 -71.24 15.16
CA THR R 160 -12.35 -71.14 14.49
C THR R 160 -12.19 -71.58 13.05
N ALA R 161 -13.31 -71.71 12.35
CA ALA R 161 -13.31 -72.11 10.96
C ALA R 161 -14.51 -71.50 10.24
N ILE R 162 -14.38 -71.41 8.91
CA ILE R 162 -15.45 -70.95 8.04
C ILE R 162 -15.49 -71.84 6.81
N GLY R 163 -16.61 -71.78 6.10
CA GLY R 163 -16.76 -72.52 4.86
C GLY R 163 -17.71 -73.70 4.98
N SER R 164 -17.65 -74.56 3.96
CA SER R 164 -18.57 -75.69 3.88
C SER R 164 -18.35 -76.68 5.02
N GLY R 165 -17.09 -76.98 5.32
CA GLY R 165 -16.79 -77.95 6.37
C GLY R 165 -16.58 -77.32 7.73
N LYS R 166 -17.24 -76.19 7.97
CA LYS R 166 -17.06 -75.48 9.23
C LYS R 166 -17.49 -76.33 10.43
N ASP R 167 -18.64 -77.00 10.31
CA ASP R 167 -19.17 -77.77 11.43
C ASP R 167 -18.24 -78.93 11.78
N ALA R 168 -17.72 -79.62 10.76
CA ALA R 168 -16.82 -80.74 11.01
C ALA R 168 -15.51 -80.29 11.65
N VAL R 169 -14.96 -79.16 11.17
CA VAL R 169 -13.68 -78.70 11.69
C VAL R 169 -13.82 -78.22 13.14
N VAL R 170 -14.88 -77.45 13.43
CA VAL R 170 -15.05 -76.93 14.78
C VAL R 170 -15.32 -78.06 15.76
N SER R 171 -16.02 -79.12 15.33
CA SER R 171 -16.22 -80.27 16.20
C SER R 171 -14.89 -80.98 16.47
N PHE R 172 -14.06 -81.13 15.45
CA PHE R 172 -12.74 -81.75 15.63
C PHE R 172 -11.87 -80.90 16.54
N LEU R 173 -11.88 -79.58 16.35
CA LEU R 173 -11.09 -78.71 17.21
C LEU R 173 -11.65 -78.65 18.63
N GLU R 174 -12.95 -78.89 18.78
CA GLU R 174 -13.54 -78.92 20.12
C GLU R 174 -12.99 -80.07 20.95
N ARG R 175 -12.45 -81.10 20.29
CA ARG R 175 -11.99 -82.29 20.98
C ARG R 175 -10.46 -82.35 21.12
N GLU R 176 -9.73 -81.82 20.15
CA GLU R 176 -8.29 -82.03 20.07
C GLU R 176 -7.44 -80.77 20.19
N TYR R 177 -8.04 -79.59 20.29
CA TYR R 177 -7.25 -78.36 20.35
C TYR R 177 -6.56 -78.23 21.71
N LYS R 178 -5.30 -77.78 21.68
CA LYS R 178 -4.53 -77.48 22.87
C LYS R 178 -3.94 -76.08 22.74
N GLU R 179 -3.78 -75.42 23.89
CA GLU R 179 -3.25 -74.07 23.90
C GLU R 179 -1.73 -74.08 24.01
N ASN R 180 -1.12 -73.01 23.51
CA ASN R 180 0.33 -72.78 23.61
C ASN R 180 1.13 -73.91 22.96
N LEU R 181 0.57 -74.53 21.92
CA LEU R 181 1.31 -75.54 21.18
C LEU R 181 2.43 -74.90 20.35
N PRO R 182 3.48 -75.65 20.06
CA PRO R 182 4.49 -75.15 19.13
C PRO R 182 3.92 -75.03 17.72
N GLU R 183 4.58 -74.21 16.91
CA GLU R 183 4.07 -73.89 15.58
C GLU R 183 3.96 -75.14 14.71
N LYS R 184 4.97 -76.01 14.76
CA LYS R 184 4.94 -77.22 13.96
C LYS R 184 3.79 -78.14 14.36
N GLU R 185 3.58 -78.30 15.68
CA GLU R 185 2.47 -79.14 16.14
C GLU R 185 1.11 -78.53 15.77
N ALA R 186 1.00 -77.21 15.85
CA ALA R 186 -0.27 -76.55 15.52
C ALA R 186 -0.64 -76.78 14.05
N VAL R 187 0.34 -76.70 13.15
CA VAL R 187 0.07 -76.94 11.74
C VAL R 187 -0.38 -78.39 11.52
N THR R 188 0.28 -79.34 12.19
CA THR R 188 -0.13 -80.74 12.06
C THR R 188 -1.55 -80.96 12.55
N LEU R 189 -1.91 -80.34 13.68
CA LEU R 189 -3.27 -80.45 14.19
C LEU R 189 -4.27 -79.82 13.21
N GLY R 190 -3.92 -78.68 12.63
CA GLY R 190 -4.81 -78.02 11.69
C GLY R 190 -5.04 -78.84 10.43
N ILE R 191 -3.99 -79.53 9.96
CA ILE R 191 -4.16 -80.39 8.78
C ILE R 191 -5.13 -81.52 9.07
N LYS R 192 -5.02 -82.13 10.25
CA LYS R 192 -5.94 -83.21 10.62
C LYS R 192 -7.38 -82.71 10.71
N ALA R 193 -7.57 -81.50 11.27
CA ALA R 193 -8.92 -80.95 11.35
C ALA R 193 -9.51 -80.72 9.97
N LEU R 194 -8.71 -80.18 9.03
CA LEU R 194 -9.18 -80.02 7.66
C LEU R 194 -9.38 -81.38 6.99
N LYS R 195 -8.52 -82.35 7.31
CA LYS R 195 -8.66 -83.69 6.75
C LYS R 195 -9.96 -84.36 7.20
N SER R 196 -10.33 -84.16 8.46
CA SER R 196 -11.50 -84.80 9.05
C SER R 196 -12.82 -84.16 8.61
N SER R 197 -12.78 -83.19 7.70
CA SER R 197 -13.99 -82.55 7.20
C SER R 197 -14.34 -82.92 5.77
N LEU R 198 -13.42 -83.52 5.02
CA LEU R 198 -13.69 -83.90 3.65
C LEU R 198 -14.50 -85.20 3.60
N GLU R 199 -15.02 -85.50 2.42
CA GLU R 199 -15.73 -86.75 2.21
C GLU R 199 -14.75 -87.90 1.98
N GLU R 200 -15.27 -89.12 1.97
CA GLU R 200 -14.42 -90.29 1.80
C GLU R 200 -13.80 -90.32 0.41
N GLY R 201 -14.48 -89.74 -0.58
CA GLY R 201 -13.98 -89.82 -1.94
C GLY R 201 -12.66 -89.09 -2.16
N GLU R 202 -12.54 -87.88 -1.64
CA GLU R 202 -11.38 -87.05 -1.93
C GLU R 202 -10.37 -87.14 -0.78
N GLU R 203 -9.29 -86.36 -0.90
CA GLU R 203 -8.25 -86.33 0.11
C GLU R 203 -7.63 -84.93 0.13
N LEU R 204 -6.85 -84.67 1.18
CA LEU R 204 -6.24 -83.36 1.37
C LEU R 204 -5.27 -83.05 0.24
N LYS R 205 -5.22 -81.78 -0.18
CA LYS R 205 -4.50 -81.41 -1.39
C LYS R 205 -3.55 -80.22 -1.20
N ALA R 206 -2.69 -80.27 -0.18
CA ALA R 206 -1.63 -79.29 0.00
C ALA R 206 -2.17 -77.87 0.11
N PRO R 207 -2.82 -77.52 1.23
CA PRO R 207 -3.52 -76.23 1.30
C PRO R 207 -2.59 -75.04 1.52
N GLU R 208 -3.18 -73.87 1.71
CA GLU R 208 -2.41 -72.67 2.02
C GLU R 208 -2.21 -72.56 3.54
N ILE R 209 -0.97 -72.28 3.94
CA ILE R 209 -0.63 -72.12 5.35
C ILE R 209 0.14 -70.81 5.51
N ALA R 210 -0.29 -70.00 6.46
CA ALA R 210 0.39 -68.75 6.80
C ALA R 210 0.41 -68.62 8.32
N SER R 211 1.47 -68.01 8.84
CA SER R 211 1.63 -67.85 10.27
C SER R 211 2.48 -66.64 10.57
N ILE R 212 2.41 -66.17 11.82
CA ILE R 212 3.18 -65.02 12.27
C ILE R 212 3.44 -65.20 13.76
N THR R 213 4.59 -64.71 14.21
CA THR R 213 4.97 -64.76 15.61
C THR R 213 5.29 -63.37 16.11
N VAL R 214 5.28 -63.21 17.44
CA VAL R 214 5.52 -61.91 18.04
C VAL R 214 6.93 -61.44 17.70
N GLY R 215 7.05 -60.19 17.26
CA GLY R 215 8.31 -59.62 16.86
C GLY R 215 8.70 -59.84 15.42
N ASN R 216 7.92 -60.60 14.66
CA ASN R 216 8.22 -60.90 13.27
C ASN R 216 7.03 -60.52 12.38
N LYS R 217 7.25 -60.60 11.09
CA LYS R 217 6.21 -60.36 10.10
C LYS R 217 5.58 -61.67 9.65
N TYR R 218 4.49 -61.56 8.89
CA TYR R 218 3.84 -62.75 8.34
C TYR R 218 4.74 -63.44 7.33
N ARG R 219 4.75 -64.77 7.37
CA ARG R 219 5.47 -65.57 6.39
C ARG R 219 4.50 -66.56 5.77
N ILE R 220 4.62 -66.79 4.47
CA ILE R 220 3.75 -67.69 3.73
C ILE R 220 4.50 -68.99 3.50
N TYR R 221 3.90 -70.11 3.91
CA TYR R 221 4.52 -71.40 3.71
C TYR R 221 4.62 -71.72 2.23
N ASP R 222 5.80 -72.16 1.80
CA ASP R 222 5.99 -72.57 0.42
C ASP R 222 5.50 -74.01 0.23
N GLN R 223 5.36 -74.41 -1.03
CA GLN R 223 4.86 -75.75 -1.33
C GLN R 223 5.74 -76.85 -0.74
N GLU R 224 7.05 -76.62 -0.68
CA GLU R 224 7.96 -77.62 -0.12
C GLU R 224 7.64 -77.86 1.35
N GLU R 225 7.42 -76.80 2.12
CA GLU R 225 7.12 -76.96 3.54
C GLU R 225 5.74 -77.55 3.75
N VAL R 226 4.78 -77.23 2.88
CA VAL R 226 3.43 -77.78 3.02
C VAL R 226 3.44 -79.29 2.84
N LYS R 227 4.21 -79.78 1.86
CA LYS R 227 4.27 -81.22 1.61
C LYS R 227 4.80 -81.98 2.82
N LYS R 228 5.61 -81.34 3.66
CA LYS R 228 6.16 -81.99 4.85
C LYS R 228 5.10 -82.35 5.87
N PHE R 229 3.97 -81.64 5.87
CA PHE R 229 2.89 -81.95 6.84
C PHE R 229 1.81 -82.73 6.10
N LEU R 230 1.95 -82.85 4.78
CA LEU R 230 0.86 -83.48 3.99
C LEU R 230 0.72 -84.95 4.34
N GLY S 1 -55.73 -61.05 7.33
CA GLY S 1 -55.93 -59.69 7.81
C GLY S 1 -54.65 -59.05 8.29
N GLN S 2 -53.99 -59.67 9.27
CA GLN S 2 -52.74 -59.13 9.79
C GLN S 2 -51.64 -59.15 8.74
N MET S 3 -51.62 -60.18 7.88
CA MET S 3 -50.59 -60.29 6.86
C MET S 3 -50.67 -59.19 5.81
N ALA S 4 -51.76 -58.44 5.76
CA ALA S 4 -51.90 -57.35 4.81
C ALA S 4 -51.38 -56.01 5.34
N TYR S 5 -51.01 -55.93 6.61
CA TYR S 5 -50.55 -54.69 7.22
C TYR S 5 -49.28 -54.89 8.03
N ASP S 6 -48.45 -55.86 7.64
CA ASP S 6 -47.22 -56.16 8.39
C ASP S 6 -46.00 -56.23 7.49
N ARG S 7 -46.06 -55.64 6.29
CA ARG S 7 -44.95 -55.71 5.34
C ARG S 7 -44.11 -54.44 5.29
N ALA S 8 -44.70 -53.29 5.60
CA ALA S 8 -44.00 -52.01 5.53
C ALA S 8 -44.01 -51.33 6.90
N ILE S 9 -42.90 -50.66 7.22
CA ILE S 9 -42.77 -50.00 8.51
C ILE S 9 -43.73 -48.82 8.61
N THR S 10 -43.95 -48.10 7.51
CA THR S 10 -44.74 -46.88 7.52
C THR S 10 -46.23 -47.12 7.27
N VAL S 11 -46.77 -48.29 7.59
CA VAL S 11 -48.17 -48.61 7.35
C VAL S 11 -48.82 -48.91 8.69
N PHE S 12 -49.89 -48.18 8.99
CA PHE S 12 -50.71 -48.47 10.16
C PHE S 12 -51.71 -49.58 9.86
N SER S 13 -51.96 -50.42 10.86
CA SER S 13 -53.01 -51.41 10.77
C SER S 13 -54.37 -50.75 10.99
N PRO S 14 -55.46 -51.41 10.61
CA PRO S 14 -56.79 -50.83 10.85
C PRO S 14 -57.06 -50.53 12.32
N ASP S 15 -56.46 -51.29 13.24
CA ASP S 15 -56.57 -51.01 14.67
C ASP S 15 -55.41 -50.19 15.20
N GLY S 16 -54.73 -49.44 14.34
CA GLY S 16 -53.67 -48.54 14.77
C GLY S 16 -52.44 -49.20 15.36
N ARG S 17 -51.95 -50.26 14.74
CA ARG S 17 -50.75 -50.95 15.20
C ARG S 17 -49.67 -50.89 14.12
N LEU S 18 -48.41 -50.98 14.58
CA LEU S 18 -47.24 -51.00 13.71
C LEU S 18 -46.58 -52.36 13.89
N PHE S 19 -46.93 -53.32 13.02
CA PHE S 19 -46.49 -54.69 13.20
C PHE S 19 -45.00 -54.85 12.99
N GLN S 20 -44.39 -54.04 12.10
CA GLN S 20 -42.95 -54.13 11.90
C GLN S 20 -42.19 -53.77 13.16
N VAL S 21 -42.67 -52.76 13.91
CA VAL S 21 -42.09 -52.45 15.21
C VAL S 21 -42.29 -53.61 16.17
N GLU S 22 -43.44 -54.18 16.19
CA GLU S 22 -43.78 -55.33 17.07
C GLU S 22 -42.91 -56.53 16.73
N TYR S 23 -42.69 -56.77 15.42
CA TYR S 23 -41.83 -57.88 15.02
C TYR S 23 -40.39 -57.66 15.45
N ALA S 24 -39.93 -56.41 15.48
CA ALA S 24 -38.59 -56.12 15.96
C ALA S 24 -38.44 -56.50 17.43
N ARG S 25 -39.49 -56.28 18.21
CA ARG S 25 -39.52 -56.64 19.65
C ARG S 25 -39.39 -58.16 19.80
N GLU S 26 -39.79 -58.97 18.83
CA GLU S 26 -39.62 -60.41 18.90
C GLU S 26 -38.14 -60.79 18.81
N ALA S 27 -37.36 -60.05 18.03
CA ALA S 27 -35.93 -60.30 17.96
C ALA S 27 -35.25 -60.04 19.31
N VAL S 28 -35.76 -59.05 20.05
CA VAL S 28 -35.20 -58.76 21.37
C VAL S 28 -35.37 -59.93 22.32
N LYS S 29 -36.54 -60.58 22.29
CA LYS S 29 -36.81 -61.69 23.20
C LYS S 29 -35.96 -62.92 22.92
N LYS S 30 -35.25 -62.96 21.79
CA LYS S 30 -34.31 -64.05 21.54
C LYS S 30 -32.97 -63.86 22.23
N GLY S 31 -32.69 -62.65 22.74
CA GLY S 31 -31.42 -62.40 23.39
C GLY S 31 -31.35 -62.93 24.81
N SER S 32 -30.13 -62.94 25.34
CA SER S 32 -29.92 -63.40 26.71
C SER S 32 -30.50 -62.41 27.71
N THR S 33 -30.94 -62.93 28.85
CA THR S 33 -31.57 -62.10 29.87
C THR S 33 -30.54 -61.22 30.57
N ALA S 34 -30.91 -59.95 30.79
CA ALA S 34 -30.09 -59.02 31.55
C ALA S 34 -31.00 -58.14 32.39
N LEU S 35 -30.45 -57.63 33.49
CA LEU S 35 -31.26 -56.85 34.42
C LEU S 35 -30.38 -55.84 35.14
N GLY S 36 -31.02 -54.82 35.69
CA GLY S 36 -30.33 -53.83 36.50
C GLY S 36 -31.25 -53.33 37.59
N MET S 37 -30.64 -52.89 38.69
CA MET S 37 -31.40 -52.41 39.83
C MET S 37 -30.58 -51.37 40.58
N LYS S 38 -31.27 -50.45 41.23
CA LYS S 38 -30.63 -49.43 42.06
C LYS S 38 -30.63 -49.85 43.51
N PHE S 39 -29.57 -49.44 44.22
CA PHE S 39 -29.43 -49.73 45.65
C PHE S 39 -29.00 -48.45 46.35
N ALA S 40 -28.57 -48.60 47.60
CA ALA S 40 -28.18 -47.45 48.41
C ALA S 40 -27.00 -46.72 47.79
N ASN S 41 -27.24 -45.52 47.26
CA ASN S 41 -26.20 -44.69 46.64
C ASN S 41 -25.46 -45.43 45.54
N GLY S 42 -26.20 -46.15 44.70
CA GLY S 42 -25.55 -46.86 43.61
C GLY S 42 -26.57 -47.57 42.73
N VAL S 43 -26.04 -48.20 41.69
CA VAL S 43 -26.83 -48.96 40.73
C VAL S 43 -25.92 -50.02 40.11
N LEU S 44 -26.50 -51.17 39.79
CA LEU S 44 -25.73 -52.29 39.27
C LEU S 44 -26.42 -52.89 38.06
N LEU S 45 -25.66 -53.68 37.30
CA LEU S 45 -26.16 -54.39 36.13
C LEU S 45 -25.69 -55.83 36.17
N ILE S 46 -26.59 -56.75 35.81
CA ILE S 46 -26.30 -58.17 35.74
C ILE S 46 -26.74 -58.69 34.39
N SER S 47 -25.85 -59.43 33.71
CA SER S 47 -26.14 -59.95 32.38
C SER S 47 -25.82 -61.44 32.36
N ASP S 48 -26.81 -62.25 32.03
CA ASP S 48 -26.62 -63.69 31.98
C ASP S 48 -25.68 -64.07 30.85
N LYS S 49 -24.87 -65.10 31.08
CA LYS S 49 -23.92 -65.61 30.09
C LYS S 49 -24.29 -67.04 29.74
N LYS S 50 -24.42 -67.30 28.44
CA LYS S 50 -24.63 -68.66 27.93
C LYS S 50 -23.28 -69.19 27.45
N VAL S 51 -22.73 -70.15 28.17
CA VAL S 51 -21.39 -70.63 27.90
C VAL S 51 -21.39 -71.42 26.59
N ARG S 52 -20.64 -70.93 25.62
CA ARG S 52 -20.47 -71.61 24.35
C ARG S 52 -19.23 -72.51 24.44
N SER S 53 -18.75 -73.01 23.30
CA SER S 53 -17.58 -73.88 23.27
C SER S 53 -16.34 -73.17 23.83
N ARG S 54 -15.36 -73.94 24.28
CA ARG S 54 -14.15 -73.38 24.89
C ARG S 54 -13.28 -72.61 23.91
N LEU S 55 -13.55 -72.71 22.61
CA LEU S 55 -12.74 -72.01 21.61
C LEU S 55 -13.00 -70.52 21.58
N ILE S 56 -14.02 -70.03 22.28
CA ILE S 56 -14.38 -68.61 22.27
C ILE S 56 -13.65 -67.91 23.42
N GLU S 57 -12.99 -66.79 23.11
CA GLU S 57 -12.36 -66.00 24.15
C GLU S 57 -13.41 -65.40 25.07
N GLN S 58 -13.13 -65.44 26.37
CA GLN S 58 -14.07 -64.91 27.37
C GLN S 58 -13.83 -63.43 27.64
N ASN S 59 -13.69 -62.64 26.57
CA ASN S 59 -13.55 -61.20 26.71
C ASN S 59 -14.39 -60.40 25.73
N SER S 60 -14.95 -61.00 24.68
CA SER S 60 -15.70 -60.27 23.67
C SER S 60 -17.20 -60.47 23.76
N ILE S 61 -17.66 -61.50 24.48
CA ILE S 61 -19.09 -61.78 24.58
C ILE S 61 -19.68 -61.01 25.75
N GLU S 62 -18.90 -60.09 26.32
CA GLU S 62 -19.39 -59.27 27.42
C GLU S 62 -20.44 -58.29 26.91
N LYS S 63 -21.67 -58.43 27.41
CA LYS S 63 -22.76 -57.56 26.98
C LYS S 63 -22.82 -56.25 27.73
N ILE S 64 -22.06 -56.10 28.81
CA ILE S 64 -22.02 -54.84 29.53
C ILE S 64 -20.91 -53.98 28.92
N GLN S 65 -21.28 -52.79 28.46
CA GLN S 65 -20.36 -51.87 27.81
C GLN S 65 -20.35 -50.55 28.54
N LEU S 66 -19.16 -49.99 28.74
CA LEU S 66 -19.03 -48.69 29.38
C LEU S 66 -19.18 -47.57 28.34
N ILE S 67 -20.16 -46.70 28.57
CA ILE S 67 -20.30 -45.50 27.74
C ILE S 67 -19.25 -44.46 28.11
N ASP S 68 -18.98 -44.33 29.40
CA ASP S 68 -17.85 -43.55 29.92
C ASP S 68 -17.51 -44.12 31.29
N ASP S 69 -16.70 -43.39 32.06
CA ASP S 69 -16.32 -43.85 33.39
C ASP S 69 -17.49 -43.88 34.37
N TYR S 70 -18.61 -43.24 34.03
CA TYR S 70 -19.73 -43.14 34.95
C TYR S 70 -21.05 -43.65 34.38
N VAL S 71 -21.08 -44.11 33.13
CA VAL S 71 -22.29 -44.62 32.51
C VAL S 71 -21.98 -45.95 31.84
N ALA S 72 -22.82 -46.95 32.08
CA ALA S 72 -22.68 -48.26 31.46
C ALA S 72 -24.01 -48.67 30.82
N ALA S 73 -23.92 -49.56 29.84
CA ALA S 73 -25.09 -50.02 29.12
C ALA S 73 -25.00 -51.52 28.87
N VAL S 74 -26.17 -52.15 28.80
CA VAL S 74 -26.28 -53.56 28.45
C VAL S 74 -27.42 -53.70 27.44
N THR S 75 -27.23 -54.58 26.46
CA THR S 75 -28.14 -54.70 25.33
C THR S 75 -28.64 -56.13 25.19
N SER S 76 -29.71 -56.28 24.42
CA SER S 76 -30.28 -57.57 24.09
C SER S 76 -30.92 -57.50 22.72
N GLY S 77 -30.77 -58.57 21.94
CA GLY S 77 -31.32 -58.63 20.59
C GLY S 77 -30.22 -58.90 19.56
N LEU S 78 -30.36 -58.28 18.39
CA LEU S 78 -29.38 -58.38 17.28
C LEU S 78 -28.04 -57.78 17.75
N VAL S 79 -26.97 -58.56 17.85
CA VAL S 79 -25.63 -58.15 18.31
C VAL S 79 -25.09 -57.06 17.39
N ALA S 80 -25.24 -57.21 16.09
CA ALA S 80 -24.67 -56.26 15.15
C ALA S 80 -25.33 -54.88 15.28
N ASP S 81 -26.65 -54.84 15.42
CA ASP S 81 -27.33 -53.57 15.66
C ASP S 81 -26.97 -53.01 17.03
N ALA S 82 -26.79 -53.88 18.02
CA ALA S 82 -26.44 -53.42 19.36
C ALA S 82 -25.08 -52.73 19.37
N ARG S 83 -24.11 -53.27 18.61
CA ARG S 83 -22.79 -52.65 18.56
C ARG S 83 -22.87 -51.25 17.96
N VAL S 84 -23.70 -51.07 16.93
CA VAL S 84 -23.83 -49.75 16.29
C VAL S 84 -24.43 -48.74 17.27
N LEU S 85 -25.46 -49.16 18.02
CA LEU S 85 -26.10 -48.24 18.95
C LEU S 85 -25.17 -47.87 20.10
N VAL S 86 -24.37 -48.82 20.58
CA VAL S 86 -23.42 -48.51 21.65
C VAL S 86 -22.37 -47.51 21.17
N ASP S 87 -21.88 -47.68 19.93
CA ASP S 87 -20.95 -46.72 19.37
C ASP S 87 -21.59 -45.34 19.24
N PHE S 88 -22.86 -45.29 18.83
CA PHE S 88 -23.56 -44.02 18.73
C PHE S 88 -23.68 -43.35 20.10
N ALA S 89 -23.98 -44.14 21.13
CA ALA S 89 -24.09 -43.58 22.47
C ALA S 89 -22.76 -43.01 22.96
N ARG S 90 -21.65 -43.70 22.68
CA ARG S 90 -20.35 -43.22 23.10
C ARG S 90 -20.00 -41.90 22.42
N ILE S 91 -20.28 -41.79 21.13
CA ILE S 91 -20.03 -40.54 20.42
C ILE S 91 -20.91 -39.43 20.96
N SER S 92 -22.18 -39.75 21.24
CA SER S 92 -23.10 -38.74 21.77
C SER S 92 -22.64 -38.24 23.13
N ALA S 93 -22.13 -39.14 23.98
CA ALA S 93 -21.66 -38.72 25.30
C ALA S 93 -20.48 -37.77 25.20
N GLN S 94 -19.55 -38.03 24.28
CA GLN S 94 -18.40 -37.14 24.11
C GLN S 94 -18.81 -35.80 23.54
N GLN S 95 -19.81 -35.78 22.66
CA GLN S 95 -20.31 -34.51 22.13
C GLN S 95 -20.88 -33.64 23.24
N GLU S 96 -21.57 -34.27 24.20
CA GLU S 96 -22.07 -33.53 25.36
C GLU S 96 -20.92 -32.94 26.18
N LYS S 97 -19.85 -33.72 26.37
CA LYS S 97 -18.72 -33.23 27.15
C LYS S 97 -17.97 -32.11 26.45
N VAL S 98 -17.88 -32.15 25.12
CA VAL S 98 -17.21 -31.08 24.40
C VAL S 98 -18.02 -29.79 24.46
N THR S 99 -19.34 -29.90 24.36
CA THR S 99 -20.19 -28.71 24.32
C THR S 99 -20.27 -28.01 25.67
N TYR S 100 -20.46 -28.77 26.75
CA TYR S 100 -20.72 -28.19 28.06
C TYR S 100 -19.59 -28.39 29.06
N GLY S 101 -18.61 -29.24 28.75
CA GLY S 101 -17.52 -29.51 29.66
C GLY S 101 -17.74 -30.68 30.60
N SER S 102 -18.95 -31.23 30.64
CA SER S 102 -19.27 -32.37 31.50
C SER S 102 -20.63 -32.92 31.07
N LEU S 103 -21.01 -34.02 31.70
CA LEU S 103 -22.32 -34.64 31.50
C LEU S 103 -23.13 -34.45 32.77
N VAL S 104 -24.31 -33.85 32.64
CA VAL S 104 -25.13 -33.49 33.79
C VAL S 104 -26.29 -34.46 34.01
N ASN S 105 -26.99 -34.82 32.94
CA ASN S 105 -28.13 -35.72 33.05
C ASN S 105 -27.95 -36.87 32.07
N ILE S 106 -28.04 -38.10 32.59
CA ILE S 106 -27.95 -39.28 31.74
C ILE S 106 -29.19 -39.44 30.87
N GLU S 107 -30.34 -38.97 31.36
CA GLU S 107 -31.58 -39.08 30.60
C GLU S 107 -31.48 -38.41 29.24
N ASN S 108 -30.73 -37.31 29.15
CA ASN S 108 -30.52 -36.66 27.86
C ASN S 108 -29.78 -37.57 26.89
N LEU S 109 -28.77 -38.30 27.38
CA LEU S 109 -28.04 -39.23 26.53
C LEU S 109 -28.96 -40.34 26.02
N VAL S 110 -29.84 -40.85 26.87
CA VAL S 110 -30.77 -41.90 26.46
C VAL S 110 -31.73 -41.38 25.40
N LYS S 111 -32.17 -40.12 25.54
CA LYS S 111 -33.12 -39.56 24.58
C LYS S 111 -32.51 -39.45 23.19
N ARG S 112 -31.23 -39.07 23.09
CA ARG S 112 -30.59 -38.99 21.79
C ARG S 112 -30.52 -40.37 21.12
N VAL S 113 -30.21 -41.40 21.91
CA VAL S 113 -30.21 -42.76 21.37
C VAL S 113 -31.60 -43.17 20.95
N ALA S 114 -32.61 -42.88 21.79
CA ALA S 114 -33.98 -43.25 21.47
C ALA S 114 -34.51 -42.49 20.26
N ASP S 115 -34.14 -41.22 20.12
CA ASP S 115 -34.56 -40.47 18.94
C ASP S 115 -33.99 -41.08 17.66
N GLN S 116 -32.75 -41.58 17.72
CA GLN S 116 -32.17 -42.29 16.59
C GLN S 116 -32.99 -43.53 16.25
N MET S 117 -33.42 -44.27 17.28
CA MET S 117 -34.20 -45.49 17.03
C MET S 117 -35.61 -45.15 16.55
N GLN S 118 -36.20 -44.08 17.08
CA GLN S 118 -37.54 -43.68 16.66
C GLN S 118 -37.55 -43.26 15.19
N GLN S 119 -36.47 -42.64 14.74
CA GLN S 119 -36.39 -42.19 13.34
C GLN S 119 -36.49 -43.36 12.38
N TYR S 120 -35.94 -44.51 12.75
CA TYR S 120 -35.95 -45.69 11.90
C TYR S 120 -37.27 -46.45 11.95
N THR S 121 -38.32 -45.85 12.52
CA THR S 121 -39.65 -46.44 12.52
C THR S 121 -40.67 -45.61 11.77
N GLN S 122 -40.27 -44.46 11.21
CA GLN S 122 -41.20 -43.55 10.55
C GLN S 122 -40.88 -43.30 9.09
N TYR S 123 -39.70 -43.67 8.62
CA TYR S 123 -39.28 -43.41 7.24
C TYR S 123 -39.11 -44.73 6.51
N GLY S 124 -39.58 -44.77 5.25
CA GLY S 124 -39.43 -45.97 4.44
C GLY S 124 -38.00 -46.17 3.98
N GLY S 125 -37.73 -47.40 3.55
CA GLY S 125 -36.41 -47.77 3.07
C GLY S 125 -35.44 -48.20 4.14
N VAL S 126 -35.83 -48.17 5.42
CA VAL S 126 -35.00 -48.63 6.52
C VAL S 126 -35.82 -49.54 7.41
N ARG S 127 -35.12 -50.33 8.21
CA ARG S 127 -35.78 -51.19 9.19
C ARG S 127 -35.41 -50.74 10.60
N PRO S 128 -36.29 -50.95 11.57
CA PRO S 128 -35.98 -50.58 12.96
C PRO S 128 -34.86 -51.43 13.53
N TYR S 129 -34.18 -50.85 14.52
CA TYR S 129 -33.18 -51.61 15.27
C TYR S 129 -33.88 -52.67 16.12
N GLY S 130 -33.39 -53.90 16.06
CA GLY S 130 -33.93 -54.96 16.87
C GLY S 130 -33.19 -55.13 18.18
N VAL S 131 -33.05 -54.04 18.94
CA VAL S 131 -32.24 -54.03 20.14
C VAL S 131 -32.99 -53.30 21.25
N SER S 132 -32.92 -53.85 22.47
CA SER S 132 -33.33 -53.17 23.68
C SER S 132 -32.11 -52.92 24.55
N LEU S 133 -32.07 -51.74 25.18
CA LEU S 133 -30.90 -51.32 25.93
C LEU S 133 -31.32 -50.89 27.34
N ILE S 134 -30.39 -51.04 28.27
CA ILE S 134 -30.55 -50.56 29.64
C ILE S 134 -29.36 -49.67 29.96
N PHE S 135 -29.63 -48.44 30.40
CA PHE S 135 -28.60 -47.48 30.76
C PHE S 135 -28.62 -47.23 32.26
N ALA S 136 -27.46 -47.33 32.89
CA ALA S 136 -27.32 -47.11 34.33
C ALA S 136 -26.04 -46.34 34.60
N GLY S 137 -26.11 -45.40 35.53
CA GLY S 137 -24.93 -44.63 35.87
C GLY S 137 -25.22 -43.61 36.94
N ILE S 138 -24.23 -42.73 37.16
CA ILE S 138 -24.30 -41.69 38.16
C ILE S 138 -24.13 -40.34 37.47
N ASP S 139 -25.06 -39.42 37.74
CA ASP S 139 -24.95 -38.06 37.21
C ASP S 139 -25.18 -37.04 38.33
N GLN S 140 -25.35 -35.77 37.97
CA GLN S 140 -25.55 -34.72 38.98
C GLN S 140 -26.86 -34.84 39.73
N ILE S 141 -27.73 -35.81 39.40
CA ILE S 141 -28.95 -36.04 40.15
C ILE S 141 -28.85 -37.25 41.06
N GLY S 142 -28.08 -38.26 40.69
CA GLY S 142 -27.94 -39.46 41.49
C GLY S 142 -27.92 -40.71 40.62
N PRO S 143 -28.10 -41.87 41.24
CA PRO S 143 -28.19 -43.11 40.45
C PRO S 143 -29.38 -43.07 39.51
N ARG S 144 -29.16 -43.54 38.28
CA ARG S 144 -30.19 -43.53 37.25
C ARG S 144 -30.26 -44.91 36.61
N LEU S 145 -31.46 -45.29 36.16
CA LEU S 145 -31.69 -46.57 35.51
C LEU S 145 -32.76 -46.38 34.45
N PHE S 146 -32.38 -46.58 33.19
CA PHE S 146 -33.29 -46.39 32.06
C PHE S 146 -33.29 -47.63 31.18
N ASP S 147 -34.35 -47.77 30.39
CA ASP S 147 -34.44 -48.79 29.36
C ASP S 147 -34.94 -48.15 28.07
N CYS S 148 -34.64 -48.81 26.95
CA CYS S 148 -35.06 -48.33 25.65
C CYS S 148 -35.44 -49.53 24.79
N ASP S 149 -36.51 -49.38 24.01
CA ASP S 149 -37.04 -50.47 23.21
C ASP S 149 -36.82 -50.15 21.72
N PRO S 150 -37.07 -51.10 20.82
CA PRO S 150 -36.93 -50.78 19.38
C PRO S 150 -37.79 -49.61 18.92
N ALA S 151 -38.96 -49.41 19.52
CA ALA S 151 -39.80 -48.29 19.14
C ALA S 151 -39.25 -46.95 19.59
N GLY S 152 -38.25 -46.93 20.47
CA GLY S 152 -37.71 -45.69 20.98
C GLY S 152 -38.37 -45.16 22.24
N THR S 153 -39.11 -46.00 22.95
CA THR S 153 -39.77 -45.56 24.18
C THR S 153 -38.78 -45.58 25.34
N ILE S 154 -38.93 -44.63 26.26
CA ILE S 154 -38.03 -44.46 27.39
C ILE S 154 -38.81 -44.58 28.68
N ASN S 155 -38.31 -45.40 29.60
CA ASN S 155 -38.88 -45.52 30.94
C ASN S 155 -37.76 -45.59 31.95
N GLU S 156 -38.02 -45.07 33.16
CA GLU S 156 -37.07 -45.08 34.25
C GLU S 156 -37.55 -46.03 35.33
N TYR S 157 -36.64 -46.87 35.83
CA TYR S 157 -36.99 -47.93 36.76
C TYR S 157 -36.11 -47.88 38.00
N LYS S 158 -36.65 -48.39 39.10
CA LYS S 158 -35.85 -48.81 40.23
C LYS S 158 -35.18 -50.15 39.98
N ALA S 159 -35.83 -51.01 39.20
CA ALA S 159 -35.28 -52.29 38.77
C ALA S 159 -36.03 -52.72 37.52
N THR S 160 -35.32 -53.31 36.58
CA THR S 160 -35.91 -53.73 35.31
C THR S 160 -35.06 -54.84 34.71
N ALA S 161 -35.58 -55.44 33.64
CA ALA S 161 -34.88 -56.52 32.97
C ALA S 161 -35.24 -56.51 31.49
N ILE S 162 -34.36 -57.12 30.69
CA ILE S 162 -34.58 -57.31 29.26
C ILE S 162 -34.12 -58.71 28.89
N GLY S 163 -34.56 -59.16 27.72
CA GLY S 163 -34.15 -60.46 27.20
C GLY S 163 -35.26 -61.49 27.25
N SER S 164 -34.86 -62.74 27.04
CA SER S 164 -35.81 -63.85 26.97
C SER S 164 -36.54 -64.06 28.29
N GLY S 165 -35.81 -64.01 29.40
CA GLY S 165 -36.41 -64.25 30.70
C GLY S 165 -36.88 -62.98 31.39
N LYS S 166 -37.25 -61.97 30.59
CA LYS S 166 -37.65 -60.69 31.16
C LYS S 166 -38.88 -60.83 32.05
N ASP S 167 -39.89 -61.58 31.58
CA ASP S 167 -41.13 -61.71 32.34
C ASP S 167 -40.90 -62.40 33.68
N ALA S 168 -40.09 -63.45 33.68
CA ALA S 168 -39.81 -64.17 34.93
C ALA S 168 -39.04 -63.30 35.92
N VAL S 169 -38.06 -62.54 35.43
CA VAL S 169 -37.24 -61.72 36.31
C VAL S 169 -38.06 -60.58 36.91
N VAL S 170 -38.86 -59.91 36.07
CA VAL S 170 -39.63 -58.78 36.58
C VAL S 170 -40.70 -59.24 37.57
N SER S 171 -41.27 -60.43 37.36
CA SER S 171 -42.21 -60.99 38.34
C SER S 171 -41.50 -61.28 39.66
N PHE S 172 -40.30 -61.86 39.60
CA PHE S 172 -39.54 -62.12 40.81
C PHE S 172 -39.17 -60.84 41.53
N LEU S 173 -38.74 -59.82 40.78
CA LEU S 173 -38.39 -58.54 41.39
C LEU S 173 -39.63 -57.82 41.90
N GLU S 174 -40.80 -58.08 41.31
CA GLU S 174 -42.02 -57.48 41.81
C GLU S 174 -42.37 -57.95 43.22
N ARG S 175 -41.83 -59.11 43.62
CA ARG S 175 -42.16 -59.70 44.91
C ARG S 175 -41.07 -59.50 45.95
N GLU S 176 -39.81 -59.47 45.55
CA GLU S 176 -38.70 -59.53 46.49
C GLU S 176 -37.78 -58.30 46.49
N TYR S 177 -38.01 -57.33 45.63
CA TYR S 177 -37.12 -56.17 45.57
C TYR S 177 -37.33 -55.27 46.79
N LYS S 178 -36.23 -54.76 47.32
CA LYS S 178 -36.24 -53.79 48.40
C LYS S 178 -35.36 -52.61 48.03
N GLU S 179 -35.72 -51.43 48.53
CA GLU S 179 -34.97 -50.22 48.22
C GLU S 179 -33.85 -50.00 49.24
N ASN S 180 -32.81 -49.29 48.80
CA ASN S 180 -31.69 -48.89 49.64
C ASN S 180 -30.96 -50.08 50.25
N LEU S 181 -30.96 -51.21 49.56
CA LEU S 181 -30.23 -52.37 50.03
C LEU S 181 -28.73 -52.14 49.89
N PRO S 182 -27.91 -52.81 50.71
CA PRO S 182 -26.46 -52.76 50.52
C PRO S 182 -26.07 -53.47 49.23
N GLU S 183 -24.88 -53.12 48.73
CA GLU S 183 -24.44 -53.61 47.43
C GLU S 183 -24.34 -55.13 47.42
N LYS S 184 -23.80 -55.72 48.48
CA LYS S 184 -23.67 -57.17 48.52
C LYS S 184 -25.04 -57.86 48.51
N GLU S 185 -25.99 -57.33 49.28
CA GLU S 185 -27.33 -57.92 49.29
C GLU S 185 -28.02 -57.77 47.94
N ALA S 186 -27.82 -56.62 47.27
CA ALA S 186 -28.45 -56.38 45.98
C ALA S 186 -27.96 -57.39 44.94
N VAL S 187 -26.66 -57.68 44.94
CA VAL S 187 -26.12 -58.66 44.00
C VAL S 187 -26.71 -60.04 44.27
N THR S 188 -26.82 -60.42 45.55
CA THR S 188 -27.41 -61.71 45.87
C THR S 188 -28.86 -61.80 45.41
N LEU S 189 -29.62 -60.72 45.61
CA LEU S 189 -31.00 -60.70 45.13
C LEU S 189 -31.07 -60.80 43.61
N GLY S 190 -30.17 -60.10 42.92
CA GLY S 190 -30.16 -60.15 41.47
C GLY S 190 -29.82 -61.53 40.92
N ILE S 191 -28.92 -62.24 41.60
CA ILE S 191 -28.58 -63.60 41.18
C ILE S 191 -29.79 -64.51 41.29
N LYS S 192 -30.53 -64.39 42.40
CA LYS S 192 -31.73 -65.21 42.57
C LYS S 192 -32.78 -64.90 41.49
N ALA S 193 -32.94 -63.62 41.15
CA ALA S 193 -33.90 -63.26 40.10
C ALA S 193 -33.51 -63.87 38.76
N LEU S 194 -32.22 -63.81 38.42
CA LEU S 194 -31.76 -64.45 37.19
C LEU S 194 -31.87 -65.97 37.29
N LYS S 195 -31.63 -66.52 38.48
CA LYS S 195 -31.75 -67.96 38.68
C LYS S 195 -33.19 -68.43 38.48
N SER S 196 -34.15 -67.65 38.95
CA SER S 196 -35.57 -68.01 38.90
C SER S 196 -36.18 -67.85 37.51
N SER S 197 -35.38 -67.52 36.50
CA SER S 197 -35.88 -67.37 35.14
C SER S 197 -35.42 -68.48 34.19
N LEU S 198 -34.42 -69.26 34.58
CA LEU S 198 -33.94 -70.35 33.74
C LEU S 198 -34.87 -71.56 33.82
N GLU S 199 -34.67 -72.49 32.90
CA GLU S 199 -35.42 -73.73 32.92
C GLU S 199 -34.81 -74.70 33.93
N GLU S 200 -35.52 -75.80 34.18
CA GLU S 200 -35.06 -76.78 35.14
C GLU S 200 -33.78 -77.47 34.68
N GLY S 201 -33.59 -77.58 33.36
CA GLY S 201 -32.45 -78.30 32.84
C GLY S 201 -31.11 -77.65 33.18
N GLU S 202 -31.01 -76.34 33.00
CA GLU S 202 -29.73 -75.66 33.15
C GLU S 202 -29.62 -75.02 34.54
N GLU S 203 -28.51 -74.30 34.75
CA GLU S 203 -28.27 -73.62 36.02
C GLU S 203 -27.45 -72.37 35.75
N LEU S 204 -27.39 -71.50 36.77
CA LEU S 204 -26.70 -70.23 36.63
C LEU S 204 -25.20 -70.46 36.37
N LYS S 205 -24.61 -69.59 35.55
CA LYS S 205 -23.26 -69.83 35.05
C LYS S 205 -22.33 -68.62 35.20
N ALA S 206 -22.26 -68.03 36.39
CA ALA S 206 -21.29 -66.98 36.69
C ALA S 206 -21.41 -65.80 35.75
N PRO S 207 -22.47 -64.99 35.89
CA PRO S 207 -22.74 -63.94 34.89
C PRO S 207 -21.84 -62.72 35.04
N GLU S 208 -22.12 -61.70 34.24
CA GLU S 208 -21.39 -60.43 34.34
C GLU S 208 -22.08 -59.53 35.36
N ILE S 209 -21.28 -58.94 36.24
CA ILE S 209 -21.77 -58.01 37.26
C ILE S 209 -20.94 -56.74 37.22
N ALA S 210 -21.61 -55.60 37.16
CA ALA S 210 -20.97 -54.30 37.21
C ALA S 210 -21.79 -53.38 38.11
N SER S 211 -21.10 -52.48 38.80
CA SER S 211 -21.78 -51.57 39.73
C SER S 211 -20.97 -50.30 39.87
N ILE S 212 -21.62 -49.26 40.38
CA ILE S 212 -21.00 -47.96 40.60
C ILE S 212 -21.70 -47.29 41.77
N THR S 213 -20.94 -46.52 42.54
CA THR S 213 -21.46 -45.79 43.68
C THR S 213 -21.14 -44.30 43.52
N VAL S 214 -21.88 -43.48 44.27
CA VAL S 214 -21.70 -42.03 44.19
C VAL S 214 -20.29 -41.66 44.62
N GLY S 215 -19.63 -40.83 43.82
CA GLY S 215 -18.27 -40.41 44.08
C GLY S 215 -17.20 -41.31 43.52
N ASN S 216 -17.57 -42.44 42.92
CA ASN S 216 -16.61 -43.38 42.37
C ASN S 216 -16.93 -43.66 40.91
N LYS S 217 -16.03 -44.40 40.27
CA LYS S 217 -16.22 -44.83 38.89
C LYS S 217 -16.77 -46.25 38.84
N TYR S 218 -17.16 -46.66 37.65
CA TYR S 218 -17.66 -48.02 37.46
C TYR S 218 -16.54 -49.04 37.70
N ARG S 219 -16.89 -50.14 38.36
CA ARG S 219 -15.97 -51.25 38.58
C ARG S 219 -16.63 -52.52 38.06
N ILE S 220 -15.83 -53.38 37.42
CA ILE S 220 -16.32 -54.63 36.85
C ILE S 220 -15.93 -55.76 37.78
N TYR S 221 -16.91 -56.55 38.20
CA TYR S 221 -16.64 -57.69 39.08
C TYR S 221 -15.79 -58.72 38.36
N ASP S 222 -14.73 -59.17 39.02
CA ASP S 222 -13.91 -60.23 38.47
C ASP S 222 -14.54 -61.60 38.73
N GLN S 223 -14.02 -62.62 38.04
CA GLN S 223 -14.59 -63.96 38.17
C GLN S 223 -14.51 -64.47 39.60
N GLU S 224 -13.46 -64.10 40.34
CA GLU S 224 -13.33 -64.54 41.73
C GLU S 224 -14.49 -64.02 42.58
N GLU S 225 -14.83 -62.74 42.43
CA GLU S 225 -15.92 -62.16 43.20
C GLU S 225 -17.27 -62.71 42.77
N VAL S 226 -17.43 -63.01 41.48
CA VAL S 226 -18.70 -63.55 41.00
C VAL S 226 -18.97 -64.92 41.61
N LYS S 227 -17.93 -65.76 41.70
CA LYS S 227 -18.11 -67.10 42.26
C LYS S 227 -18.58 -67.04 43.71
N LYS S 228 -18.28 -65.96 44.42
CA LYS S 228 -18.69 -65.84 45.82
C LYS S 228 -20.19 -65.72 45.98
N PHE S 229 -20.89 -65.25 44.95
CA PHE S 229 -22.37 -65.12 45.03
C PHE S 229 -22.98 -66.29 44.27
N LEU S 230 -22.14 -67.07 43.59
CA LEU S 230 -22.69 -68.15 42.71
C LEU S 230 -23.39 -69.22 43.55
N GLY T 1 -63.03 -54.00 -0.71
CA GLY T 1 -63.12 -52.62 -1.18
C GLY T 1 -62.22 -51.67 -0.41
N GLN T 2 -62.44 -51.62 0.92
CA GLN T 2 -61.63 -50.74 1.75
C GLN T 2 -60.17 -51.18 1.79
N MET T 3 -59.93 -52.50 1.74
CA MET T 3 -58.57 -53.01 1.80
C MET T 3 -57.74 -52.65 0.57
N ALA T 4 -58.37 -52.17 -0.50
CA ALA T 4 -57.66 -51.77 -1.69
C ALA T 4 -57.21 -50.31 -1.68
N TYR T 5 -57.64 -49.53 -0.68
CA TYR T 5 -57.32 -48.11 -0.62
C TYR T 5 -56.85 -47.70 0.77
N ASP T 6 -56.21 -48.62 1.51
CA ASP T 6 -55.77 -48.34 2.87
C ASP T 6 -54.32 -48.74 3.10
N ARG T 7 -53.53 -48.87 2.03
CA ARG T 7 -52.14 -49.31 2.15
C ARG T 7 -51.14 -48.17 2.03
N ALA T 8 -51.48 -47.09 1.32
CA ALA T 8 -50.57 -45.98 1.11
C ALA T 8 -51.19 -44.69 1.63
N ILE T 9 -50.34 -43.83 2.19
CA ILE T 9 -50.82 -42.58 2.77
C ILE T 9 -51.32 -41.64 1.67
N THR T 10 -50.69 -41.65 0.50
CA THR T 10 -50.99 -40.70 -0.56
C THR T 10 -52.06 -41.20 -1.52
N VAL T 11 -52.95 -42.08 -1.10
CA VAL T 11 -54.00 -42.64 -1.95
C VAL T 11 -55.36 -42.26 -1.38
N PHE T 12 -56.18 -41.62 -2.21
CA PHE T 12 -57.56 -41.34 -1.84
C PHE T 12 -58.44 -42.55 -2.12
N SER T 13 -59.42 -42.76 -1.25
CA SER T 13 -60.44 -43.76 -1.48
C SER T 13 -61.46 -43.24 -2.50
N PRO T 14 -62.26 -44.13 -3.09
CA PRO T 14 -63.29 -43.65 -4.03
C PRO T 14 -64.26 -42.67 -3.43
N ASP T 15 -64.51 -42.75 -2.12
CA ASP T 15 -65.36 -41.78 -1.43
C ASP T 15 -64.55 -40.66 -0.77
N GLY T 16 -63.33 -40.41 -1.23
CA GLY T 16 -62.53 -39.30 -0.75
C GLY T 16 -62.08 -39.40 0.69
N ARG T 17 -61.60 -40.56 1.12
CA ARG T 17 -61.12 -40.77 2.47
C ARG T 17 -59.64 -41.16 2.45
N LEU T 18 -58.95 -40.85 3.54
CA LEU T 18 -57.54 -41.19 3.73
C LEU T 18 -57.48 -42.17 4.91
N PHE T 19 -57.49 -43.47 4.59
CA PHE T 19 -57.61 -44.48 5.64
C PHE T 19 -56.35 -44.55 6.50
N GLN T 20 -55.17 -44.27 5.93
CA GLN T 20 -53.96 -44.28 6.74
C GLN T 20 -54.00 -43.23 7.83
N VAL T 21 -54.54 -42.05 7.52
CA VAL T 21 -54.75 -41.03 8.54
C VAL T 21 -55.77 -41.53 9.57
N GLU T 22 -56.82 -42.12 9.14
CA GLU T 22 -57.87 -42.67 10.03
C GLU T 22 -57.30 -43.75 10.94
N TYR T 23 -56.44 -44.62 10.36
CA TYR T 23 -55.83 -45.67 11.17
C TYR T 23 -54.89 -45.10 12.23
N ALA T 24 -54.24 -43.97 11.93
CA ALA T 24 -53.40 -43.32 12.92
C ALA T 24 -54.23 -42.85 14.12
N ARG T 25 -55.44 -42.37 13.86
CA ARG T 25 -56.38 -41.93 14.91
C ARG T 25 -56.76 -43.10 15.80
N GLU T 26 -56.71 -44.35 15.33
CA GLU T 26 -56.97 -45.51 16.17
C GLU T 26 -55.88 -45.70 17.22
N ALA T 27 -54.63 -45.39 16.85
CA ALA T 27 -53.54 -45.48 17.81
C ALA T 27 -53.73 -44.47 18.95
N VAL T 28 -54.30 -43.31 18.63
CA VAL T 28 -54.55 -42.30 19.65
C VAL T 28 -55.52 -42.81 20.71
N LYS T 29 -56.57 -43.50 20.28
CA LYS T 29 -57.59 -43.98 21.20
C LYS T 29 -57.08 -45.07 22.14
N LYS T 30 -55.89 -45.62 21.89
CA LYS T 30 -55.29 -46.56 22.83
C LYS T 30 -54.60 -45.88 24.01
N GLY T 31 -54.37 -44.56 23.92
CA GLY T 31 -53.69 -43.87 24.99
C GLY T 31 -54.58 -43.56 26.17
N SER T 32 -53.96 -43.15 27.27
CA SER T 32 -54.69 -42.78 28.48
C SER T 32 -55.46 -41.49 28.26
N THR T 33 -56.59 -41.38 28.95
CA THR T 33 -57.45 -40.21 28.81
C THR T 33 -56.83 -38.99 29.47
N ALA T 34 -56.93 -37.85 28.78
CA ALA T 34 -56.49 -36.57 29.31
C ALA T 34 -57.46 -35.49 28.86
N LEU T 35 -57.54 -34.41 29.64
CA LEU T 35 -58.50 -33.36 29.35
C LEU T 35 -57.97 -32.03 29.86
N GLY T 36 -58.53 -30.96 29.32
CA GLY T 36 -58.21 -29.61 29.79
C GLY T 36 -59.42 -28.73 29.66
N MET T 37 -59.48 -27.70 30.53
CA MET T 37 -60.60 -26.79 30.54
C MET T 37 -60.12 -25.42 31.02
N LYS T 38 -60.81 -24.38 30.55
CA LYS T 38 -60.52 -23.02 30.98
C LYS T 38 -61.46 -22.61 32.10
N PHE T 39 -60.95 -21.76 33.00
CA PHE T 39 -61.73 -21.24 34.11
C PHE T 39 -61.47 -19.74 34.22
N ALA T 40 -61.90 -19.15 35.33
CA ALA T 40 -61.76 -17.71 35.54
C ALA T 40 -60.30 -17.29 35.54
N ASN T 41 -59.89 -16.58 34.48
CA ASN T 41 -58.52 -16.09 34.33
C ASN T 41 -57.49 -17.22 34.46
N GLY T 42 -57.77 -18.34 33.81
CA GLY T 42 -56.82 -19.45 33.87
C GLY T 42 -57.28 -20.62 33.04
N VAL T 43 -56.42 -21.65 33.01
CA VAL T 43 -56.68 -22.88 32.27
C VAL T 43 -55.89 -23.99 32.95
N LEU T 44 -56.45 -25.21 32.95
CA LEU T 44 -55.82 -26.32 33.63
C LEU T 44 -55.83 -27.55 32.73
N LEU T 45 -54.99 -28.53 33.10
CA LEU T 45 -54.89 -29.80 32.39
C LEU T 45 -54.92 -30.94 33.40
N ILE T 46 -55.65 -32.00 33.05
CA ILE T 46 -55.73 -33.21 33.88
C ILE T 46 -55.44 -34.41 33.00
N SER T 47 -54.54 -35.28 33.47
CA SER T 47 -54.13 -36.46 32.72
C SER T 47 -54.24 -37.68 33.61
N ASP T 48 -55.03 -38.66 33.17
CA ASP T 48 -55.22 -39.88 33.95
C ASP T 48 -53.93 -40.68 34.00
N LYS T 49 -53.70 -41.33 35.15
CA LYS T 49 -52.53 -42.17 35.35
C LYS T 49 -52.96 -43.61 35.58
N LYS T 50 -52.40 -44.53 34.81
CA LYS T 50 -52.60 -45.96 35.01
C LYS T 50 -51.41 -46.50 35.79
N VAL T 51 -51.65 -46.87 37.05
CA VAL T 51 -50.57 -47.27 37.94
C VAL T 51 -50.02 -48.62 37.49
N ARG T 52 -48.75 -48.64 37.11
CA ARG T 52 -48.05 -49.87 36.74
C ARG T 52 -47.37 -50.41 38.00
N SER T 53 -46.47 -51.40 37.82
CA SER T 53 -45.77 -52.00 38.94
C SER T 53 -44.95 -50.97 39.71
N ARG T 54 -44.62 -51.27 40.97
CA ARG T 54 -43.91 -50.33 41.83
C ARG T 54 -42.47 -50.09 41.38
N LEU T 55 -41.95 -50.90 40.46
CA LEU T 55 -40.58 -50.74 40.00
C LEU T 55 -40.37 -49.52 39.10
N ILE T 56 -41.45 -48.87 38.67
CA ILE T 56 -41.36 -47.72 37.78
C ILE T 56 -41.28 -46.45 38.61
N GLU T 57 -40.31 -45.59 38.30
CA GLU T 57 -40.20 -44.30 38.96
C GLU T 57 -41.41 -43.43 38.61
N GLN T 58 -41.94 -42.74 39.60
CA GLN T 58 -43.12 -41.88 39.40
C GLN T 58 -42.72 -40.47 39.01
N ASN T 59 -41.80 -40.35 38.05
CA ASN T 59 -41.40 -39.05 37.53
C ASN T 59 -41.28 -38.97 36.02
N SER T 60 -41.26 -40.11 35.31
CA SER T 60 -41.08 -40.10 33.87
C SER T 60 -42.35 -40.40 33.09
N ILE T 61 -43.38 -40.95 33.75
CA ILE T 61 -44.62 -41.29 33.07
C ILE T 61 -45.57 -40.09 33.05
N GLU T 62 -45.05 -38.93 33.46
CA GLU T 62 -45.86 -37.71 33.45
C GLU T 62 -46.13 -37.28 32.02
N LYS T 63 -47.40 -37.28 31.64
CA LYS T 63 -47.79 -36.91 30.28
C LYS T 63 -47.94 -35.41 30.09
N ILE T 64 -47.93 -34.63 31.16
CA ILE T 64 -47.99 -33.18 31.05
C ILE T 64 -46.57 -32.64 30.94
N GLN T 65 -46.28 -31.93 29.85
CA GLN T 65 -44.95 -31.40 29.57
C GLN T 65 -45.04 -29.90 29.41
N LEU T 66 -44.08 -29.18 30.00
CA LEU T 66 -44.02 -27.74 29.86
C LEU T 66 -43.27 -27.36 28.59
N ILE T 67 -43.93 -26.62 27.71
CA ILE T 67 -43.26 -26.06 26.54
C ILE T 67 -42.39 -24.87 26.92
N ASP T 68 -42.89 -24.04 27.83
CA ASP T 68 -42.11 -22.99 28.48
C ASP T 68 -42.77 -22.71 29.83
N ASP T 69 -42.41 -21.59 30.45
CA ASP T 69 -42.99 -21.23 31.75
C ASP T 69 -44.47 -20.88 31.65
N TYR T 70 -44.99 -20.65 30.44
CA TYR T 70 -46.36 -20.21 30.28
C TYR T 70 -47.19 -21.08 29.35
N VAL T 71 -46.61 -22.13 28.77
CA VAL T 71 -47.33 -23.04 27.87
C VAL T 71 -47.03 -24.47 28.28
N ALA T 72 -48.08 -25.29 28.38
CA ALA T 72 -47.94 -26.70 28.71
C ALA T 72 -48.71 -27.53 27.68
N ALA T 73 -48.31 -28.79 27.55
CA ALA T 73 -48.92 -29.70 26.59
C ALA T 73 -49.09 -31.07 27.21
N VAL T 74 -50.12 -31.78 26.74
CA VAL T 74 -50.37 -33.16 27.12
C VAL T 74 -50.70 -33.94 25.85
N THR T 75 -50.21 -35.18 25.77
CA THR T 75 -50.30 -35.98 24.56
C THR T 75 -50.97 -37.31 24.85
N SER T 76 -51.39 -37.98 23.78
CA SER T 76 -51.98 -39.30 23.85
C SER T 76 -51.68 -40.04 22.54
N GLY T 77 -51.37 -41.33 22.67
CA GLY T 77 -51.04 -42.15 21.51
C GLY T 77 -49.67 -42.79 21.68
N LEU T 78 -48.95 -42.91 20.55
CA LEU T 78 -47.57 -43.47 20.52
C LEU T 78 -46.65 -42.57 21.35
N VAL T 79 -46.06 -43.04 22.44
CA VAL T 79 -45.19 -42.30 23.37
C VAL T 79 -43.97 -41.80 22.61
N ALA T 80 -43.36 -42.64 21.78
CA ALA T 80 -42.14 -42.26 21.07
C ALA T 80 -42.38 -41.11 20.12
N ASP T 81 -43.48 -41.16 19.36
CA ASP T 81 -43.82 -40.04 18.48
C ASP T 81 -44.19 -38.80 19.28
N ALA T 82 -44.84 -38.99 20.43
CA ALA T 82 -45.22 -37.86 21.27
C ALA T 82 -43.99 -37.11 21.79
N ARG T 83 -42.94 -37.85 22.17
CA ARG T 83 -41.73 -37.21 22.65
C ARG T 83 -41.08 -36.36 21.56
N VAL T 84 -41.09 -36.84 20.32
CA VAL T 84 -40.50 -36.09 19.21
C VAL T 84 -41.27 -34.79 18.98
N LEU T 85 -42.61 -34.86 19.00
CA LEU T 85 -43.41 -33.67 18.76
C LEU T 85 -43.25 -32.64 19.87
N VAL T 86 -43.15 -33.10 21.12
CA VAL T 86 -42.94 -32.17 22.24
C VAL T 86 -41.60 -31.46 22.10
N ASP T 87 -40.56 -32.20 21.71
CA ASP T 87 -39.26 -31.57 21.48
C ASP T 87 -39.33 -30.55 20.35
N PHE T 88 -40.07 -30.87 19.28
CA PHE T 88 -40.24 -29.94 18.18
C PHE T 88 -40.95 -28.67 18.63
N ALA T 89 -41.97 -28.82 19.49
CA ALA T 89 -42.69 -27.66 19.98
C ALA T 89 -41.79 -26.77 20.83
N ARG T 90 -40.95 -27.37 21.68
CA ARG T 90 -40.05 -26.59 22.52
C ARG T 90 -39.05 -25.80 21.68
N ILE T 91 -38.50 -26.42 20.65
CA ILE T 91 -37.58 -25.72 19.76
C ILE T 91 -38.30 -24.59 19.02
N SER T 92 -39.53 -24.86 18.57
CA SER T 92 -40.28 -23.84 17.86
C SER T 92 -40.59 -22.65 18.75
N ALA T 93 -40.90 -22.90 20.02
CA ALA T 93 -41.20 -21.80 20.94
C ALA T 93 -39.97 -20.91 21.15
N GLN T 94 -38.79 -21.51 21.27
CA GLN T 94 -37.58 -20.72 21.46
C GLN T 94 -37.23 -19.94 20.20
N GLN T 95 -37.49 -20.50 19.03
CA GLN T 95 -37.25 -19.77 17.79
C GLN T 95 -38.12 -18.52 17.72
N GLU T 96 -39.36 -18.62 18.19
CA GLU T 96 -40.23 -17.45 18.25
C GLU T 96 -39.66 -16.38 19.19
N LYS T 97 -39.14 -16.81 20.34
CA LYS T 97 -38.58 -15.85 21.30
C LYS T 97 -37.31 -15.20 20.79
N VAL T 98 -36.49 -15.92 20.04
CA VAL T 98 -35.27 -15.33 19.48
C VAL T 98 -35.62 -14.30 18.41
N THR T 99 -36.62 -14.60 17.58
CA THR T 99 -36.94 -13.72 16.46
C THR T 99 -37.61 -12.43 16.93
N TYR T 100 -38.58 -12.52 17.84
CA TYR T 100 -39.37 -11.36 18.23
C TYR T 100 -39.12 -10.88 19.65
N GLY T 101 -38.40 -11.64 20.47
CA GLY T 101 -38.15 -11.27 21.85
C GLY T 101 -39.16 -11.78 22.84
N SER T 102 -40.27 -12.36 22.39
CA SER T 102 -41.29 -12.91 23.27
C SER T 102 -42.24 -13.75 22.43
N LEU T 103 -43.18 -14.40 23.10
CA LEU T 103 -44.24 -15.17 22.47
C LEU T 103 -45.55 -14.43 22.67
N VAL T 104 -46.25 -14.13 21.58
CA VAL T 104 -47.45 -13.31 21.62
C VAL T 104 -48.72 -14.15 21.50
N ASN T 105 -48.75 -15.10 20.57
CA ASN T 105 -49.93 -15.94 20.36
C ASN T 105 -49.52 -17.40 20.41
N ILE T 106 -50.20 -18.17 21.26
CA ILE T 106 -49.93 -19.60 21.35
C ILE T 106 -50.43 -20.32 20.11
N GLU T 107 -51.50 -19.81 19.49
CA GLU T 107 -52.05 -20.46 18.30
C GLU T 107 -51.01 -20.60 17.19
N ASN T 108 -50.11 -19.63 17.08
CA ASN T 108 -49.03 -19.74 16.08
C ASN T 108 -48.13 -20.92 16.37
N LEU T 109 -47.82 -21.17 17.65
CA LEU T 109 -47.00 -22.31 18.01
C LEU T 109 -47.69 -23.63 17.65
N VAL T 110 -49.01 -23.70 17.88
CA VAL T 110 -49.75 -24.92 17.56
C VAL T 110 -49.76 -25.14 16.05
N LYS T 111 -49.86 -24.07 15.27
CA LYS T 111 -49.90 -24.20 13.81
C LYS T 111 -48.61 -24.78 13.26
N ARG T 112 -47.46 -24.36 13.81
CA ARG T 112 -46.19 -24.91 13.36
C ARG T 112 -46.10 -26.41 13.63
N VAL T 113 -46.57 -26.83 14.81
CA VAL T 113 -46.61 -28.25 15.13
C VAL T 113 -47.56 -28.98 14.19
N ALA T 114 -48.74 -28.41 13.96
CA ALA T 114 -49.73 -29.05 13.09
C ALA T 114 -49.26 -29.11 11.64
N ASP T 115 -48.56 -28.07 11.18
CA ASP T 115 -48.01 -28.10 9.83
C ASP T 115 -46.99 -29.23 9.67
N GLN T 116 -46.19 -29.47 10.71
CA GLN T 116 -45.27 -30.60 10.69
C GLN T 116 -46.02 -31.92 10.57
N MET T 117 -47.13 -32.06 11.30
CA MET T 117 -47.90 -33.29 11.24
C MET T 117 -48.64 -33.42 9.92
N GLN T 118 -49.14 -32.31 9.37
CA GLN T 118 -49.84 -32.36 8.09
C GLN T 118 -48.90 -32.78 6.96
N GLN T 119 -47.63 -32.36 7.05
CA GLN T 119 -46.66 -32.72 6.01
C GLN T 119 -46.48 -34.22 5.90
N TYR T 120 -46.54 -34.93 7.02
CA TYR T 120 -46.37 -36.38 7.06
C TYR T 120 -47.62 -37.14 6.62
N THR T 121 -48.61 -36.46 6.05
CA THR T 121 -49.80 -37.10 5.51
C THR T 121 -49.94 -36.92 4.00
N GLN T 122 -49.02 -36.20 3.36
CA GLN T 122 -49.14 -35.90 1.94
C GLN T 122 -47.98 -36.42 1.10
N TYR T 123 -46.88 -36.83 1.72
CA TYR T 123 -45.71 -37.30 0.99
C TYR T 123 -45.48 -38.77 1.26
N GLY T 124 -45.14 -39.52 0.21
CA GLY T 124 -44.86 -40.93 0.36
C GLY T 124 -43.54 -41.19 1.06
N GLY T 125 -43.38 -42.42 1.53
CA GLY T 125 -42.19 -42.83 2.22
C GLY T 125 -42.15 -42.51 3.70
N VAL T 126 -43.18 -41.87 4.24
CA VAL T 126 -43.28 -41.57 5.66
C VAL T 126 -44.67 -41.97 6.15
N ARG T 127 -44.79 -42.12 7.47
CA ARG T 127 -46.07 -42.40 8.07
C ARG T 127 -46.49 -41.25 8.98
N PRO T 128 -47.78 -41.02 9.14
CA PRO T 128 -48.24 -39.94 10.01
C PRO T 128 -47.92 -40.21 11.47
N TYR T 129 -47.80 -39.13 12.24
CA TYR T 129 -47.66 -39.26 13.69
C TYR T 129 -48.96 -39.78 14.30
N GLY T 130 -48.85 -40.80 15.14
CA GLY T 130 -50.02 -41.33 15.82
C GLY T 130 -50.23 -40.69 17.18
N VAL T 131 -50.29 -39.36 17.22
CA VAL T 131 -50.34 -38.62 18.47
C VAL T 131 -51.37 -37.51 18.36
N SER T 132 -52.15 -37.33 19.42
CA SER T 132 -53.00 -36.16 19.60
C SER T 132 -52.49 -35.35 20.77
N LEU T 133 -52.52 -34.03 20.64
CA LEU T 133 -51.94 -33.14 21.62
C LEU T 133 -52.96 -32.09 22.04
N ILE T 134 -52.82 -31.62 23.27
CA ILE T 134 -53.60 -30.51 23.81
C ILE T 134 -52.64 -29.45 24.31
N PHE T 135 -52.79 -28.21 23.84
CA PHE T 135 -51.95 -27.09 24.24
C PHE T 135 -52.77 -26.10 25.05
N ALA T 136 -52.25 -25.70 26.21
CA ALA T 136 -52.92 -24.76 27.08
C ALA T 136 -51.88 -23.81 27.68
N GLY T 137 -52.23 -22.54 27.78
CA GLY T 137 -51.31 -21.58 28.35
C GLY T 137 -51.89 -20.18 28.36
N ILE T 138 -51.03 -19.22 28.69
CA ILE T 138 -51.40 -17.82 28.77
C ILE T 138 -50.53 -17.03 27.80
N ASP T 139 -51.16 -16.22 26.95
CA ASP T 139 -50.44 -15.34 26.05
C ASP T 139 -51.00 -13.92 26.12
N GLN T 140 -50.60 -13.06 25.19
CA GLN T 140 -51.07 -11.67 25.20
C GLN T 140 -52.57 -11.53 24.91
N ILE T 141 -53.28 -12.61 24.62
CA ILE T 141 -54.73 -12.55 24.45
C ILE T 141 -55.48 -13.08 25.66
N GLY T 142 -54.92 -14.04 26.38
CA GLY T 142 -55.58 -14.61 27.54
C GLY T 142 -55.38 -16.11 27.61
N PRO T 143 -56.17 -16.80 28.44
CA PRO T 143 -56.10 -18.25 28.48
C PRO T 143 -56.48 -18.87 27.13
N ARG T 144 -55.72 -19.87 26.72
CA ARG T 144 -55.92 -20.53 25.44
C ARG T 144 -55.96 -22.04 25.65
N LEU T 145 -56.74 -22.72 24.81
CA LEU T 145 -56.86 -24.18 24.87
C LEU T 145 -57.03 -24.71 23.46
N PHE T 146 -56.06 -25.49 22.99
CA PHE T 146 -56.07 -26.04 21.63
C PHE T 146 -55.88 -27.54 21.68
N ASP T 147 -56.28 -28.19 20.60
CA ASP T 147 -56.02 -29.61 20.38
C ASP T 147 -55.51 -29.81 18.96
N CYS T 148 -54.80 -30.92 18.76
CA CYS T 148 -54.26 -31.25 17.46
C CYS T 148 -54.36 -32.76 17.26
N ASP T 149 -54.71 -33.16 16.04
CA ASP T 149 -54.93 -34.57 15.72
C ASP T 149 -53.83 -35.05 14.78
N PRO T 150 -53.74 -36.36 14.51
CA PRO T 150 -52.72 -36.83 13.55
C PRO T 150 -52.83 -36.18 12.18
N ALA T 151 -54.03 -35.83 11.73
CA ALA T 151 -54.19 -35.18 10.43
C ALA T 151 -53.67 -33.76 10.42
N GLY T 152 -53.41 -33.17 11.58
CA GLY T 152 -52.96 -31.80 11.64
C GLY T 152 -54.06 -30.77 11.77
N THR T 153 -55.27 -31.17 12.16
CA THR T 153 -56.37 -30.24 12.31
C THR T 153 -56.27 -29.53 13.66
N ILE T 154 -56.68 -28.26 13.69
CA ILE T 154 -56.58 -27.42 14.87
C ILE T 154 -57.97 -26.93 15.25
N ASN T 155 -58.32 -27.07 16.52
CA ASN T 155 -59.56 -26.54 17.07
C ASN T 155 -59.28 -25.92 18.43
N GLU T 156 -60.05 -24.90 18.77
CA GLU T 156 -59.94 -24.22 20.05
C GLU T 156 -61.18 -24.50 20.89
N TYR T 157 -60.96 -24.83 22.15
CA TYR T 157 -62.04 -25.28 23.02
C TYR T 157 -62.07 -24.48 24.32
N LYS T 158 -63.24 -24.40 24.92
CA LYS T 158 -63.37 -24.05 26.32
C LYS T 158 -63.06 -25.24 27.22
N ALA T 159 -63.33 -26.45 26.74
CA ALA T 159 -62.98 -27.69 27.42
C ALA T 159 -62.95 -28.80 26.38
N THR T 160 -62.00 -29.71 26.52
CA THR T 160 -61.85 -30.80 25.56
C THR T 160 -61.12 -31.95 26.23
N ALA T 161 -61.05 -33.08 25.53
CA ALA T 161 -60.40 -34.27 26.05
C ALA T 161 -59.82 -35.08 24.90
N ILE T 162 -58.83 -35.91 25.23
CA ILE T 162 -58.23 -36.85 24.29
C ILE T 162 -58.02 -38.17 25.01
N GLY T 163 -57.80 -39.22 24.22
CA GLY T 163 -57.51 -40.54 24.77
C GLY T 163 -58.67 -41.52 24.60
N SER T 164 -58.55 -42.62 25.33
CA SER T 164 -59.53 -43.71 25.21
C SER T 164 -60.91 -43.27 25.70
N GLY T 165 -60.97 -42.56 26.81
CA GLY T 165 -62.24 -42.15 27.37
C GLY T 165 -62.68 -40.77 26.91
N LYS T 166 -62.26 -40.38 25.70
CA LYS T 166 -62.57 -39.05 25.19
C LYS T 166 -64.07 -38.85 25.05
N ASP T 167 -64.78 -39.84 24.50
CA ASP T 167 -66.21 -39.69 24.27
C ASP T 167 -66.98 -39.54 25.58
N ALA T 168 -66.62 -40.33 26.59
CA ALA T 168 -67.30 -40.24 27.87
C ALA T 168 -67.05 -38.90 28.55
N VAL T 169 -65.81 -38.41 28.49
CA VAL T 169 -65.48 -37.15 29.16
C VAL T 169 -66.17 -35.97 28.49
N VAL T 170 -66.14 -35.93 27.15
CA VAL T 170 -66.75 -34.81 26.44
C VAL T 170 -68.26 -34.81 26.64
N SER T 171 -68.89 -35.98 26.72
CA SER T 171 -70.31 -36.04 27.02
C SER T 171 -70.61 -35.52 28.41
N PHE T 172 -69.78 -35.89 29.39
CA PHE T 172 -69.96 -35.39 30.75
C PHE T 172 -69.76 -33.87 30.81
N LEU T 173 -68.73 -33.37 30.13
CA LEU T 173 -68.49 -31.93 30.11
C LEU T 173 -69.56 -31.19 29.32
N GLU T 174 -70.20 -31.87 28.36
CA GLU T 174 -71.28 -31.24 27.62
C GLU T 174 -72.47 -30.93 28.52
N ARG T 175 -72.58 -31.63 29.65
CA ARG T 175 -73.73 -31.48 30.53
C ARG T 175 -73.44 -30.64 31.77
N GLU T 176 -72.21 -30.68 32.29
CA GLU T 176 -71.91 -30.12 33.58
C GLU T 176 -70.88 -28.98 33.57
N TYR T 177 -70.32 -28.63 32.42
CA TYR T 177 -69.30 -27.59 32.38
C TYR T 177 -69.93 -26.21 32.58
N LYS T 178 -69.25 -25.37 33.36
CA LYS T 178 -69.64 -23.98 33.58
C LYS T 178 -68.43 -23.09 33.32
N GLU T 179 -68.71 -21.87 32.84
CA GLU T 179 -67.65 -20.93 32.55
C GLU T 179 -67.31 -20.08 33.77
N ASN T 180 -66.06 -19.60 33.79
CA ASN T 180 -65.57 -18.68 34.82
C ASN T 180 -65.66 -19.29 36.22
N LEU T 181 -65.55 -20.60 36.32
CA LEU T 181 -65.54 -21.25 37.63
C LEU T 181 -64.23 -20.95 38.36
N PRO T 182 -64.24 -20.99 39.69
CA PRO T 182 -62.99 -20.88 40.44
C PRO T 182 -62.12 -22.11 40.22
N GLU T 183 -60.82 -21.93 40.47
CA GLU T 183 -59.85 -22.99 40.16
C GLU T 183 -60.15 -24.27 40.94
N LYS T 184 -60.50 -24.14 42.22
CA LYS T 184 -60.79 -25.32 43.03
C LYS T 184 -62.02 -26.07 42.49
N GLU T 185 -63.07 -25.33 42.13
CA GLU T 185 -64.26 -25.97 41.58
C GLU T 185 -63.98 -26.64 40.24
N ALA T 186 -63.15 -25.99 39.41
CA ALA T 186 -62.84 -26.56 38.09
C ALA T 186 -62.12 -27.89 38.22
N VAL T 187 -61.18 -27.99 39.17
CA VAL T 187 -60.47 -29.24 39.38
C VAL T 187 -61.43 -30.34 39.85
N THR T 188 -62.35 -30.00 40.75
CA THR T 188 -63.32 -30.98 41.22
C THR T 188 -64.20 -31.46 40.07
N LEU T 189 -64.64 -30.54 39.20
CA LEU T 189 -65.44 -30.93 38.05
C LEU T 189 -64.64 -31.82 37.11
N GLY T 190 -63.36 -31.49 36.89
CA GLY T 190 -62.54 -32.29 36.01
C GLY T 190 -62.31 -33.70 36.54
N ILE T 191 -62.18 -33.85 37.86
CA ILE T 191 -62.01 -35.17 38.45
C ILE T 191 -63.25 -36.02 38.22
N LYS T 192 -64.43 -35.43 38.38
CA LYS T 192 -65.67 -36.16 38.14
C LYS T 192 -65.79 -36.59 36.68
N ALA T 193 -65.39 -35.71 35.75
CA ALA T 193 -65.45 -36.07 34.33
C ALA T 193 -64.52 -37.24 34.02
N LEU T 194 -63.31 -37.23 34.58
CA LEU T 194 -62.41 -38.35 34.40
C LEU T 194 -62.93 -39.60 35.12
N LYS T 195 -63.57 -39.40 36.27
CA LYS T 195 -64.15 -40.52 37.01
C LYS T 195 -65.27 -41.20 36.22
N SER T 196 -66.10 -40.40 35.54
CA SER T 196 -67.26 -40.90 34.81
C SER T 196 -66.89 -41.57 33.49
N SER T 197 -65.60 -41.73 33.19
CA SER T 197 -65.17 -42.38 31.96
C SER T 197 -64.54 -43.74 32.18
N LEU T 198 -64.20 -44.09 33.41
CA LEU T 198 -63.61 -45.40 33.69
C LEU T 198 -64.69 -46.48 33.75
N GLU T 199 -64.25 -47.73 33.74
CA GLU T 199 -65.16 -48.85 33.88
C GLU T 199 -65.50 -49.06 35.35
N GLU T 200 -66.48 -49.94 35.60
CA GLU T 200 -66.93 -50.20 36.96
C GLU T 200 -65.83 -50.89 37.78
N GLY T 201 -64.96 -51.64 37.12
CA GLY T 201 -63.94 -52.39 37.84
C GLY T 201 -62.94 -51.51 38.58
N GLU T 202 -62.42 -50.49 37.90
CA GLU T 202 -61.34 -49.69 38.47
C GLU T 202 -61.90 -48.41 39.09
N GLU T 203 -60.99 -47.56 39.57
CA GLU T 203 -61.34 -46.29 40.18
C GLU T 203 -60.24 -45.29 39.92
N LEU T 204 -60.55 -44.01 40.19
CA LEU T 204 -59.62 -42.93 39.93
C LEU T 204 -58.36 -43.09 40.79
N LYS T 205 -57.20 -42.73 40.24
CA LYS T 205 -55.93 -43.03 40.87
C LYS T 205 -54.99 -41.84 40.96
N ALA T 206 -55.47 -40.69 41.46
CA ALA T 206 -54.62 -39.54 41.77
C ALA T 206 -53.87 -39.06 40.52
N PRO T 207 -54.57 -38.43 39.58
CA PRO T 207 -53.94 -38.10 38.29
C PRO T 207 -53.02 -36.90 38.35
N GLU T 208 -52.51 -36.48 37.19
CA GLU T 208 -51.69 -35.28 37.10
C GLU T 208 -52.57 -34.06 36.89
N ILE T 209 -52.31 -33.01 37.66
CA ILE T 209 -53.05 -31.75 37.55
C ILE T 209 -52.06 -30.61 37.43
N ALA T 210 -52.25 -29.75 36.43
CA ALA T 210 -51.46 -28.55 36.24
C ALA T 210 -52.37 -27.41 35.86
N SER T 211 -52.02 -26.20 36.29
CA SER T 211 -52.84 -25.03 36.01
C SER T 211 -51.96 -23.79 36.00
N ILE T 212 -52.50 -22.72 35.42
CA ILE T 212 -51.82 -21.44 35.33
C ILE T 212 -52.87 -20.34 35.31
N THR T 213 -52.52 -19.19 35.88
CA THR T 213 -53.40 -18.04 35.93
C THR T 213 -52.69 -16.83 35.32
N VAL T 214 -53.48 -15.82 34.95
CA VAL T 214 -52.93 -14.64 34.31
C VAL T 214 -51.99 -13.93 35.28
N GLY T 215 -50.81 -13.58 34.78
CA GLY T 215 -49.79 -12.93 35.58
C GLY T 215 -48.86 -13.86 36.32
N ASN T 216 -49.08 -15.16 36.26
CA ASN T 216 -48.26 -16.14 36.97
C ASN T 216 -47.75 -17.18 35.98
N LYS T 217 -46.86 -18.04 36.49
CA LYS T 217 -46.32 -19.14 35.71
C LYS T 217 -47.08 -20.43 36.01
N TYR T 218 -46.81 -21.47 35.22
CA TYR T 218 -47.42 -22.76 35.45
C TYR T 218 -46.96 -23.36 36.77
N ARG T 219 -47.88 -23.97 37.49
CA ARG T 219 -47.57 -24.69 38.72
C ARG T 219 -48.12 -26.11 38.61
N ILE T 220 -47.35 -27.08 39.10
CA ILE T 220 -47.71 -28.48 39.05
C ILE T 220 -48.24 -28.91 40.41
N TYR T 221 -49.44 -29.47 40.43
CA TYR T 221 -50.02 -29.93 41.69
C TYR T 221 -49.20 -31.07 42.26
N ASP T 222 -48.88 -31.00 43.54
CA ASP T 222 -48.19 -32.08 44.22
C ASP T 222 -49.17 -33.16 44.63
N GLN T 223 -48.64 -34.32 45.01
CA GLN T 223 -49.49 -35.45 45.39
C GLN T 223 -50.39 -35.11 46.57
N GLU T 224 -49.90 -34.28 47.50
CA GLU T 224 -50.71 -33.92 48.66
C GLU T 224 -51.96 -33.16 48.23
N GLU T 225 -51.81 -32.21 47.31
CA GLU T 225 -52.96 -31.43 46.85
C GLU T 225 -53.90 -32.28 46.01
N VAL T 226 -53.37 -33.23 45.25
CA VAL T 226 -54.21 -34.09 44.42
C VAL T 226 -55.11 -34.95 45.29
N LYS T 227 -54.57 -35.49 46.38
CA LYS T 227 -55.37 -36.34 47.26
C LYS T 227 -56.56 -35.60 47.86
N LYS T 228 -56.46 -34.26 47.97
CA LYS T 228 -57.55 -33.47 48.53
C LYS T 228 -58.79 -33.47 47.65
N PHE T 229 -58.62 -33.69 46.35
CA PHE T 229 -59.78 -33.71 45.42
C PHE T 229 -60.12 -35.16 45.13
N LEU T 230 -59.27 -36.08 45.59
CA LEU T 230 -59.47 -37.51 45.22
C LEU T 230 -60.76 -38.06 45.83
N GLY U 1 -62.27 -53.12 -13.64
CA GLY U 1 -61.72 -52.22 -14.64
C GLY U 1 -61.24 -50.91 -14.05
N GLN U 2 -62.14 -50.20 -13.39
CA GLN U 2 -61.78 -48.92 -12.78
C GLN U 2 -60.78 -49.11 -11.64
N MET U 3 -60.89 -50.20 -10.89
CA MET U 3 -59.99 -50.46 -9.77
C MET U 3 -58.55 -50.70 -10.20
N ALA U 4 -58.31 -50.93 -11.49
CA ALA U 4 -56.96 -51.14 -11.99
C ALA U 4 -56.27 -49.85 -12.40
N TYR U 5 -56.97 -48.73 -12.42
CA TYR U 5 -56.40 -47.45 -12.86
C TYR U 5 -56.73 -46.32 -11.89
N ASP U 6 -56.89 -46.64 -10.60
CA ASP U 6 -57.26 -45.63 -9.61
C ASP U 6 -56.36 -45.67 -8.38
N ARG U 7 -55.17 -46.26 -8.49
CA ARG U 7 -54.27 -46.41 -7.36
C ARG U 7 -53.13 -45.40 -7.35
N ALA U 8 -52.71 -44.91 -8.51
CA ALA U 8 -51.60 -43.98 -8.63
C ALA U 8 -52.06 -42.69 -9.29
N ILE U 9 -51.51 -41.57 -8.82
CA ILE U 9 -51.89 -40.27 -9.36
C ILE U 9 -51.42 -40.11 -10.81
N THR U 10 -50.25 -40.65 -11.13
CA THR U 10 -49.63 -40.45 -12.44
C THR U 10 -50.04 -41.51 -13.47
N VAL U 11 -51.21 -42.13 -13.33
CA VAL U 11 -51.66 -43.16 -14.24
C VAL U 11 -52.95 -42.70 -14.90
N PHE U 12 -52.95 -42.69 -16.23
CA PHE U 12 -54.16 -42.42 -16.99
C PHE U 12 -55.00 -43.70 -17.13
N SER U 13 -56.32 -43.53 -17.09
CA SER U 13 -57.23 -44.61 -17.39
C SER U 13 -57.30 -44.82 -18.90
N PRO U 14 -57.81 -45.99 -19.34
CA PRO U 14 -57.95 -46.20 -20.79
C PRO U 14 -58.80 -45.15 -21.49
N ASP U 15 -59.77 -44.56 -20.79
CA ASP U 15 -60.58 -43.49 -21.34
C ASP U 15 -60.05 -42.10 -20.97
N GLY U 16 -58.77 -42.00 -20.62
CA GLY U 16 -58.15 -40.71 -20.34
C GLY U 16 -58.66 -39.98 -19.12
N ARG U 17 -58.83 -40.69 -18.01
CA ARG U 17 -59.27 -40.09 -16.75
C ARG U 17 -58.20 -40.26 -15.67
N LEU U 18 -58.22 -39.34 -14.72
CA LEU U 18 -57.33 -39.37 -13.56
C LEU U 18 -58.19 -39.57 -12.32
N PHE U 19 -58.36 -40.83 -11.91
CA PHE U 19 -59.30 -41.15 -10.84
C PHE U 19 -58.84 -40.60 -9.49
N GLN U 20 -57.53 -40.52 -9.26
CA GLN U 20 -57.05 -39.97 -7.99
C GLN U 20 -57.44 -38.51 -7.84
N VAL U 21 -57.39 -37.74 -8.93
CA VAL U 21 -57.89 -36.38 -8.91
C VAL U 21 -59.39 -36.36 -8.66
N GLU U 22 -60.11 -37.22 -9.29
CA GLU U 22 -61.58 -37.34 -9.12
C GLU U 22 -61.93 -37.71 -7.69
N TYR U 23 -61.15 -38.64 -7.10
CA TYR U 23 -61.40 -39.02 -5.72
C TYR U 23 -61.14 -37.87 -4.76
N ALA U 24 -60.17 -37.01 -5.07
CA ALA U 24 -59.94 -35.84 -4.24
C ALA U 24 -61.14 -34.91 -4.24
N ARG U 25 -61.82 -34.79 -5.37
CA ARG U 25 -63.03 -33.96 -5.51
C ARG U 25 -64.15 -34.53 -4.61
N GLU U 26 -64.15 -35.82 -4.29
CA GLU U 26 -65.13 -36.39 -3.38
C GLU U 26 -64.93 -35.87 -1.96
N ALA U 27 -63.68 -35.66 -1.55
CA ALA U 27 -63.40 -35.10 -0.24
C ALA U 27 -63.93 -33.68 -0.12
N VAL U 28 -63.92 -32.93 -1.23
CA VAL U 28 -64.43 -31.56 -1.23
C VAL U 28 -65.93 -31.56 -0.92
N LYS U 29 -66.68 -32.49 -1.51
CA LYS U 29 -68.12 -32.52 -1.33
C LYS U 29 -68.54 -32.89 0.09
N LYS U 30 -67.62 -33.34 0.93
CA LYS U 30 -67.92 -33.57 2.34
C LYS U 30 -67.89 -32.30 3.17
N GLY U 31 -67.34 -31.20 2.64
CA GLY U 31 -67.24 -29.98 3.40
C GLY U 31 -68.54 -29.19 3.42
N SER U 32 -68.57 -28.21 4.31
CA SER U 32 -69.74 -27.35 4.44
C SER U 32 -69.90 -26.45 3.22
N THR U 33 -71.14 -26.13 2.90
CA THR U 33 -71.44 -25.32 1.72
C THR U 33 -71.03 -23.87 1.92
N ALA U 34 -70.41 -23.30 0.90
CA ALA U 34 -70.05 -21.88 0.89
C ALA U 34 -70.28 -21.33 -0.51
N LEU U 35 -70.52 -20.02 -0.58
CA LEU U 35 -70.83 -19.39 -1.86
C LEU U 35 -70.37 -17.94 -1.84
N GLY U 36 -70.24 -17.38 -3.03
CA GLY U 36 -69.92 -15.98 -3.19
C GLY U 36 -70.56 -15.42 -4.44
N MET U 37 -70.84 -14.13 -4.41
CA MET U 37 -71.48 -13.47 -5.54
C MET U 37 -71.05 -12.01 -5.60
N LYS U 38 -71.06 -11.47 -6.81
CA LYS U 38 -70.73 -10.06 -7.01
C LYS U 38 -72.01 -9.23 -7.09
N PHE U 39 -71.91 -7.99 -6.61
CA PHE U 39 -73.02 -7.05 -6.64
C PHE U 39 -72.50 -5.70 -7.13
N ALA U 40 -73.33 -4.68 -6.98
CA ALA U 40 -72.99 -3.34 -7.45
C ALA U 40 -71.74 -2.81 -6.76
N ASN U 41 -70.63 -2.73 -7.49
CA ASN U 41 -69.36 -2.22 -6.98
C ASN U 41 -68.91 -2.99 -5.73
N GLY U 42 -69.04 -4.31 -5.76
CA GLY U 42 -68.61 -5.11 -4.62
C GLY U 42 -68.79 -6.58 -4.87
N VAL U 43 -68.36 -7.37 -3.86
CA VAL U 43 -68.46 -8.82 -3.90
C VAL U 43 -68.51 -9.31 -2.45
N LEU U 44 -69.26 -10.39 -2.22
CA LEU U 44 -69.44 -10.90 -0.87
C LEU U 44 -69.24 -12.41 -0.85
N LEU U 45 -69.05 -12.94 0.36
CA LEU U 45 -68.88 -14.37 0.58
C LEU U 45 -69.77 -14.81 1.73
N ILE U 46 -70.41 -15.97 1.58
CA ILE U 46 -71.24 -16.55 2.61
C ILE U 46 -70.81 -18.00 2.82
N SER U 47 -70.61 -18.38 4.08
CA SER U 47 -70.15 -19.73 4.43
C SER U 47 -71.07 -20.30 5.49
N ASP U 48 -71.68 -21.44 5.20
CA ASP U 48 -72.58 -22.08 6.15
C ASP U 48 -71.81 -22.58 7.36
N LYS U 49 -72.45 -22.51 8.53
CA LYS U 49 -71.86 -22.96 9.79
C LYS U 49 -72.70 -24.10 10.34
N LYS U 50 -72.05 -25.21 10.65
CA LYS U 50 -72.69 -26.34 11.32
C LYS U 50 -72.35 -26.24 12.81
N VAL U 51 -73.35 -25.93 13.62
CA VAL U 51 -73.12 -25.67 15.04
C VAL U 51 -72.78 -26.97 15.74
N ARG U 52 -71.57 -27.04 16.29
CA ARG U 52 -71.13 -28.18 17.09
C ARG U 52 -71.46 -27.92 18.56
N SER U 53 -70.91 -28.72 19.46
CA SER U 53 -71.16 -28.57 20.89
C SER U 53 -70.71 -27.20 21.39
N ARG U 54 -71.26 -26.75 22.51
CA ARG U 54 -70.96 -25.42 23.05
C ARG U 54 -69.52 -25.29 23.54
N LEU U 55 -68.79 -26.39 23.68
CA LEU U 55 -67.41 -26.34 24.16
C LEU U 55 -66.44 -25.77 23.14
N ILE U 56 -66.86 -25.56 21.90
CA ILE U 56 -65.98 -25.06 20.84
C ILE U 56 -66.08 -23.55 20.81
N GLU U 57 -64.93 -22.87 20.81
CA GLU U 57 -64.90 -21.42 20.67
C GLU U 57 -65.41 -21.01 19.29
N GLN U 58 -66.23 -19.97 19.25
CA GLN U 58 -66.81 -19.50 17.99
C GLN U 58 -65.91 -18.46 17.32
N ASN U 59 -64.61 -18.75 17.24
CA ASN U 59 -63.68 -17.88 16.53
C ASN U 59 -62.70 -18.62 15.63
N SER U 60 -62.56 -19.94 15.74
CA SER U 60 -61.59 -20.68 14.95
C SER U 60 -62.21 -21.48 13.81
N ILE U 61 -63.52 -21.71 13.85
CA ILE U 61 -64.19 -22.51 12.82
C ILE U 61 -64.60 -21.62 11.66
N GLU U 62 -64.15 -20.36 11.68
CA GLU U 62 -64.46 -19.44 10.60
C GLU U 62 -63.74 -19.85 9.33
N LYS U 63 -64.51 -20.20 8.30
CA LYS U 63 -63.94 -20.65 7.04
C LYS U 63 -63.56 -19.51 6.11
N ILE U 64 -63.97 -18.28 6.41
CA ILE U 64 -63.59 -17.12 5.61
C ILE U 64 -62.29 -16.56 6.17
N GLN U 65 -61.26 -16.52 5.32
CA GLN U 65 -59.94 -16.06 5.71
C GLN U 65 -59.52 -14.88 4.84
N LEU U 66 -58.94 -13.86 5.47
CA LEU U 66 -58.44 -12.70 4.73
C LEU U 66 -57.03 -12.97 4.23
N ILE U 67 -56.85 -12.89 2.92
CA ILE U 67 -55.51 -12.96 2.33
C ILE U 67 -54.76 -11.65 2.54
N ASP U 68 -55.46 -10.53 2.40
CA ASP U 68 -54.96 -9.22 2.78
C ASP U 68 -56.19 -8.35 3.08
N ASP U 69 -55.98 -7.03 3.17
CA ASP U 69 -57.09 -6.13 3.45
C ASP U 69 -58.10 -6.05 2.30
N TYR U 70 -57.74 -6.54 1.11
CA TYR U 70 -58.61 -6.42 -0.05
C TYR U 70 -58.93 -7.75 -0.72
N VAL U 71 -58.42 -8.87 -0.22
CA VAL U 71 -58.69 -10.18 -0.80
C VAL U 71 -59.06 -11.14 0.32
N ALA U 72 -60.13 -11.90 0.13
CA ALA U 72 -60.58 -12.90 1.09
C ALA U 72 -60.79 -14.23 0.37
N ALA U 73 -60.71 -15.31 1.14
CA ALA U 73 -60.87 -16.65 0.59
C ALA U 73 -61.71 -17.51 1.52
N VAL U 74 -62.42 -18.46 0.94
CA VAL U 74 -63.18 -19.46 1.68
C VAL U 74 -62.91 -20.82 1.05
N THR U 75 -62.79 -21.85 1.90
CA THR U 75 -62.36 -23.17 1.46
C THR U 75 -63.39 -24.22 1.87
N SER U 76 -63.26 -25.39 1.24
CA SER U 76 -64.09 -26.54 1.56
C SER U 76 -63.30 -27.81 1.28
N GLY U 77 -63.45 -28.80 2.16
CA GLY U 77 -62.75 -30.06 2.04
C GLY U 77 -61.93 -30.36 3.29
N LEU U 78 -60.75 -30.97 3.09
CA LEU U 78 -59.81 -31.29 4.19
C LEU U 78 -59.33 -29.98 4.84
N VAL U 79 -59.63 -29.74 6.12
CA VAL U 79 -59.30 -28.52 6.88
C VAL U 79 -57.78 -28.36 6.93
N ALA U 80 -57.05 -29.44 7.17
CA ALA U 80 -55.60 -29.35 7.31
C ALA U 80 -54.94 -28.91 6.01
N ASP U 81 -55.37 -29.47 4.88
CA ASP U 81 -54.85 -29.04 3.59
C ASP U 81 -55.28 -27.62 3.28
N ALA U 82 -56.50 -27.24 3.68
CA ALA U 82 -56.99 -25.89 3.44
C ALA U 82 -56.15 -24.85 4.16
N ARG U 83 -55.74 -25.16 5.40
CA ARG U 83 -54.90 -24.22 6.15
C ARG U 83 -53.56 -23.99 5.46
N VAL U 84 -52.98 -25.06 4.90
CA VAL U 84 -51.69 -24.93 4.22
C VAL U 84 -51.82 -24.07 2.98
N LEU U 85 -52.89 -24.26 2.21
CA LEU U 85 -53.08 -23.49 0.99
C LEU U 85 -53.34 -22.00 1.29
N VAL U 86 -54.10 -21.73 2.36
CA VAL U 86 -54.34 -20.33 2.74
C VAL U 86 -53.03 -19.65 3.14
N ASP U 87 -52.18 -20.35 3.89
CA ASP U 87 -50.88 -19.80 4.25
C ASP U 87 -50.03 -19.55 3.01
N PHE U 88 -50.08 -20.47 2.05
CA PHE U 88 -49.33 -20.27 0.80
C PHE U 88 -49.83 -19.05 0.05
N ALA U 89 -51.15 -18.84 0.02
CA ALA U 89 -51.71 -17.68 -0.66
C ALA U 89 -51.27 -16.38 0.00
N ARG U 90 -51.26 -16.35 1.33
CA ARG U 90 -50.85 -15.15 2.04
C ARG U 90 -49.39 -14.81 1.77
N ILE U 91 -48.51 -15.82 1.75
CA ILE U 91 -47.11 -15.57 1.43
C ILE U 91 -46.96 -15.10 -0.01
N SER U 92 -47.72 -15.70 -0.93
CA SER U 92 -47.65 -15.31 -2.33
C SER U 92 -48.09 -13.87 -2.53
N ALA U 93 -49.14 -13.45 -1.81
CA ALA U 93 -49.62 -12.08 -1.93
C ALA U 93 -48.56 -11.08 -1.48
N GLN U 94 -47.86 -11.39 -0.38
CA GLN U 94 -46.83 -10.48 0.12
C GLN U 94 -45.63 -10.43 -0.83
N GLN U 95 -45.30 -11.57 -1.46
CA GLN U 95 -44.22 -11.58 -2.44
C GLN U 95 -44.54 -10.66 -3.61
N GLU U 96 -45.80 -10.63 -4.04
CA GLU U 96 -46.22 -9.71 -5.09
C GLU U 96 -46.04 -8.26 -4.66
N LYS U 97 -46.40 -7.95 -3.42
CA LYS U 97 -46.29 -6.58 -2.93
C LYS U 97 -44.84 -6.15 -2.78
N VAL U 98 -43.95 -7.06 -2.39
CA VAL U 98 -42.54 -6.70 -2.27
C VAL U 98 -41.93 -6.45 -3.64
N THR U 99 -42.31 -7.25 -4.64
CA THR U 99 -41.69 -7.13 -5.95
C THR U 99 -42.15 -5.87 -6.69
N TYR U 100 -43.45 -5.58 -6.67
CA TYR U 100 -44.00 -4.50 -7.48
C TYR U 100 -44.50 -3.32 -6.67
N GLY U 101 -44.60 -3.44 -5.35
CA GLY U 101 -45.11 -2.38 -4.51
C GLY U 101 -46.59 -2.40 -4.25
N SER U 102 -47.34 -3.26 -4.95
CA SER U 102 -48.78 -3.37 -4.77
C SER U 102 -49.25 -4.64 -5.48
N LEU U 103 -50.54 -4.93 -5.34
CA LEU U 103 -51.19 -6.04 -6.02
C LEU U 103 -52.14 -5.47 -7.05
N VAL U 104 -51.97 -5.87 -8.31
CA VAL U 104 -52.72 -5.30 -9.41
C VAL U 104 -53.85 -6.21 -9.87
N ASN U 105 -53.59 -7.51 -10.02
CA ASN U 105 -54.59 -8.46 -10.49
C ASN U 105 -54.67 -9.62 -9.50
N ILE U 106 -55.89 -9.90 -9.02
CA ILE U 106 -56.09 -11.02 -8.12
C ILE U 106 -55.95 -12.34 -8.86
N GLU U 107 -56.29 -12.37 -10.16
CA GLU U 107 -56.20 -13.60 -10.93
C GLU U 107 -54.80 -14.18 -10.92
N ASN U 108 -53.76 -13.32 -10.89
CA ASN U 108 -52.40 -13.81 -10.79
C ASN U 108 -52.16 -14.55 -9.49
N LEU U 109 -52.71 -14.04 -8.38
CA LEU U 109 -52.57 -14.73 -7.11
C LEU U 109 -53.23 -16.10 -7.14
N VAL U 110 -54.41 -16.19 -7.76
CA VAL U 110 -55.10 -17.47 -7.86
C VAL U 110 -54.31 -18.46 -8.69
N LYS U 111 -53.66 -17.98 -9.76
CA LYS U 111 -52.90 -18.86 -10.63
C LYS U 111 -51.71 -19.49 -9.90
N ARG U 112 -51.03 -18.72 -9.05
CA ARG U 112 -49.91 -19.27 -8.28
C ARG U 112 -50.39 -20.37 -7.34
N VAL U 113 -51.55 -20.16 -6.70
CA VAL U 113 -52.11 -21.20 -5.84
C VAL U 113 -52.50 -22.42 -6.66
N ALA U 114 -53.14 -22.20 -7.82
CA ALA U 114 -53.56 -23.32 -8.66
C ALA U 114 -52.38 -24.06 -9.25
N ASP U 115 -51.30 -23.35 -9.60
CA ASP U 115 -50.10 -24.03 -10.10
C ASP U 115 -49.51 -24.94 -9.03
N GLN U 116 -49.54 -24.51 -7.77
CA GLN U 116 -49.11 -25.36 -6.67
C GLN U 116 -49.95 -26.62 -6.59
N MET U 117 -51.27 -26.48 -6.75
CA MET U 117 -52.16 -27.64 -6.68
C MET U 117 -52.00 -28.54 -7.89
N GLN U 118 -51.79 -27.95 -9.08
CA GLN U 118 -51.61 -28.74 -10.28
C GLN U 118 -50.34 -29.58 -10.20
N GLN U 119 -49.29 -29.03 -9.57
CA GLN U 119 -48.03 -29.77 -9.45
C GLN U 119 -48.20 -31.08 -8.69
N TYR U 120 -49.09 -31.08 -7.69
CA TYR U 120 -49.33 -32.26 -6.87
C TYR U 120 -50.25 -33.28 -7.56
N THR U 121 -50.51 -33.13 -8.86
CA THR U 121 -51.29 -34.09 -9.62
C THR U 121 -50.49 -34.74 -10.73
N GLN U 122 -49.23 -34.37 -10.91
CA GLN U 122 -48.42 -34.87 -12.02
C GLN U 122 -47.16 -35.62 -11.58
N TYR U 123 -46.77 -35.52 -10.32
CA TYR U 123 -45.56 -36.16 -9.82
C TYR U 123 -45.91 -37.24 -8.81
N GLY U 124 -45.22 -38.37 -8.91
CA GLY U 124 -45.46 -39.45 -7.97
C GLY U 124 -44.89 -39.16 -6.59
N GLY U 125 -45.36 -39.93 -5.61
CA GLY U 125 -44.93 -39.75 -4.23
C GLY U 125 -45.67 -38.71 -3.44
N VAL U 126 -46.62 -38.00 -4.05
CA VAL U 126 -47.44 -37.02 -3.36
C VAL U 126 -48.90 -37.25 -3.72
N ARG U 127 -49.79 -36.71 -2.90
CA ARG U 127 -51.21 -36.77 -3.18
C ARG U 127 -51.76 -35.37 -3.42
N PRO U 128 -52.80 -35.24 -4.23
CA PRO U 128 -53.39 -33.92 -4.48
C PRO U 128 -54.06 -33.35 -3.24
N TYR U 129 -54.13 -32.02 -3.20
CA TYR U 129 -54.88 -31.34 -2.15
C TYR U 129 -56.37 -31.62 -2.32
N GLY U 130 -57.03 -32.02 -1.24
CA GLY U 130 -58.46 -32.24 -1.28
C GLY U 130 -59.25 -31.02 -0.87
N VAL U 131 -58.99 -29.88 -1.51
CA VAL U 131 -59.55 -28.60 -1.11
C VAL U 131 -60.02 -27.85 -2.35
N SER U 132 -61.19 -27.23 -2.26
CA SER U 132 -61.66 -26.25 -3.23
C SER U 132 -61.73 -24.89 -2.56
N LEU U 133 -61.34 -23.85 -3.30
CA LEU U 133 -61.23 -22.51 -2.74
C LEU U 133 -62.00 -21.52 -3.60
N ILE U 134 -62.48 -20.46 -2.98
CA ILE U 134 -63.11 -19.34 -3.67
C ILE U 134 -62.39 -18.06 -3.25
N PHE U 135 -61.92 -17.30 -4.23
CA PHE U 135 -61.21 -16.04 -3.99
C PHE U 135 -62.08 -14.88 -4.46
N ALA U 136 -62.23 -13.88 -3.60
CA ALA U 136 -63.01 -12.69 -3.92
C ALA U 136 -62.31 -11.47 -3.35
N GLY U 137 -62.32 -10.37 -4.12
CA GLY U 137 -61.69 -9.16 -3.65
C GLY U 137 -61.79 -8.05 -4.67
N ILE U 138 -61.07 -6.97 -4.39
CA ILE U 138 -61.04 -5.78 -5.24
C ILE U 138 -59.62 -5.53 -5.68
N ASP U 139 -59.43 -5.37 -6.98
CA ASP U 139 -58.11 -5.02 -7.53
C ASP U 139 -58.24 -3.86 -8.50
N GLN U 140 -57.17 -3.57 -9.25
CA GLN U 140 -57.18 -2.45 -10.19
C GLN U 140 -58.14 -2.65 -11.37
N ILE U 141 -58.82 -3.80 -11.47
CA ILE U 141 -59.82 -4.01 -12.51
C ILE U 141 -61.23 -3.90 -11.95
N GLY U 142 -61.46 -4.27 -10.70
CA GLY U 142 -62.78 -4.22 -10.11
C GLY U 142 -63.05 -5.42 -9.23
N PRO U 143 -64.30 -5.65 -8.89
CA PRO U 143 -64.65 -6.85 -8.12
C PRO U 143 -64.32 -8.12 -8.90
N ARG U 144 -63.75 -9.10 -8.21
CA ARG U 144 -63.33 -10.35 -8.82
C ARG U 144 -63.87 -11.51 -7.99
N LEU U 145 -64.16 -12.62 -8.67
CA LEU U 145 -64.65 -13.83 -8.02
C LEU U 145 -64.11 -15.04 -8.76
N PHE U 146 -63.30 -15.84 -8.07
CA PHE U 146 -62.66 -17.00 -8.67
C PHE U 146 -62.91 -18.23 -7.81
N ASP U 147 -62.77 -19.40 -8.42
CA ASP U 147 -62.80 -20.67 -7.72
C ASP U 147 -61.64 -21.52 -8.20
N CYS U 148 -61.25 -22.48 -7.36
CA CYS U 148 -60.16 -23.39 -7.68
C CYS U 148 -60.51 -24.77 -7.16
N ASP U 149 -60.18 -25.80 -7.94
CA ASP U 149 -60.52 -27.17 -7.60
C ASP U 149 -59.24 -27.95 -7.28
N PRO U 150 -59.35 -29.18 -6.77
CA PRO U 150 -58.12 -29.96 -6.52
C PRO U 150 -57.25 -30.16 -7.75
N ALA U 151 -57.85 -30.24 -8.94
CA ALA U 151 -57.06 -30.40 -10.17
C ALA U 151 -56.29 -29.14 -10.53
N GLY U 152 -56.59 -28.00 -9.91
CA GLY U 152 -55.94 -26.75 -10.26
C GLY U 152 -56.61 -25.95 -11.35
N THR U 153 -57.87 -26.22 -11.66
CA THR U 153 -58.58 -25.48 -12.69
C THR U 153 -59.10 -24.16 -12.12
N ILE U 154 -59.11 -23.13 -12.95
CA ILE U 154 -59.51 -21.79 -12.56
C ILE U 154 -60.68 -21.34 -13.42
N ASN U 155 -61.72 -20.82 -12.76
CA ASN U 155 -62.87 -20.24 -13.45
C ASN U 155 -63.28 -18.97 -12.71
N GLU U 156 -63.81 -18.01 -13.47
CA GLU U 156 -64.29 -16.75 -12.93
C GLU U 156 -65.81 -16.70 -13.02
N TYR U 157 -66.46 -16.29 -11.95
CA TYR U 157 -67.91 -16.33 -11.84
C TYR U 157 -68.46 -14.98 -11.43
N LYS U 158 -69.71 -14.73 -11.83
CA LYS U 158 -70.53 -13.71 -11.19
C LYS U 158 -71.09 -14.20 -9.87
N ALA U 159 -71.33 -15.51 -9.77
CA ALA U 159 -71.77 -16.15 -8.53
C ALA U 159 -71.44 -17.64 -8.64
N THR U 160 -71.00 -18.22 -7.52
CA THR U 160 -70.61 -19.63 -7.52
C THR U 160 -70.72 -20.15 -6.10
N ALA U 161 -70.55 -21.47 -5.96
CA ALA U 161 -70.64 -22.12 -4.66
C ALA U 161 -69.74 -23.34 -4.64
N ILE U 162 -69.37 -23.75 -3.42
CA ILE U 162 -68.60 -24.96 -3.19
C ILE U 162 -69.17 -25.67 -1.99
N GLY U 163 -68.83 -26.95 -1.84
CA GLY U 163 -69.25 -27.74 -0.70
C GLY U 163 -70.29 -28.78 -1.05
N SER U 164 -70.90 -29.32 0.01
CA SER U 164 -71.86 -30.40 -0.16
C SER U 164 -73.11 -29.94 -0.91
N GLY U 165 -73.62 -28.76 -0.59
CA GLY U 165 -74.83 -28.27 -1.23
C GLY U 165 -74.54 -27.40 -2.44
N LYS U 166 -73.42 -27.66 -3.11
CA LYS U 166 -73.04 -26.84 -4.26
C LYS U 166 -74.09 -26.92 -5.37
N ASP U 167 -74.56 -28.13 -5.68
CA ASP U 167 -75.51 -28.29 -6.79
C ASP U 167 -76.82 -27.57 -6.51
N ALA U 168 -77.31 -27.66 -5.28
CA ALA U 168 -78.57 -26.99 -4.94
C ALA U 168 -78.42 -25.47 -5.00
N VAL U 169 -77.31 -24.94 -4.51
CA VAL U 169 -77.11 -23.50 -4.48
C VAL U 169 -76.95 -22.94 -5.89
N VAL U 170 -76.16 -23.61 -6.73
CA VAL U 170 -75.94 -23.10 -8.08
C VAL U 170 -77.22 -23.17 -8.90
N SER U 171 -78.06 -24.18 -8.67
CA SER U 171 -79.35 -24.25 -9.34
C SER U 171 -80.25 -23.10 -8.89
N PHE U 172 -80.28 -22.81 -7.59
CA PHE U 172 -81.07 -21.69 -7.10
C PHE U 172 -80.56 -20.37 -7.65
N LEU U 173 -79.24 -20.19 -7.68
CA LEU U 173 -78.68 -18.95 -8.23
C LEU U 173 -78.87 -18.87 -9.73
N GLU U 174 -78.98 -20.02 -10.41
CA GLU U 174 -79.24 -20.00 -11.85
C GLU U 174 -80.61 -19.40 -12.16
N ARG U 175 -81.52 -19.41 -11.19
CA ARG U 175 -82.89 -18.95 -11.42
C ARG U 175 -83.15 -17.56 -10.87
N GLU U 176 -82.50 -17.19 -9.76
CA GLU U 176 -82.87 -15.99 -9.03
C GLU U 176 -81.78 -14.92 -8.95
N TYR U 177 -80.59 -15.17 -9.48
CA TYR U 177 -79.52 -14.19 -9.38
C TYR U 177 -79.78 -13.00 -10.30
N LYS U 178 -79.49 -11.80 -9.79
CA LYS U 178 -79.56 -10.57 -10.56
C LYS U 178 -78.24 -9.81 -10.40
N GLU U 179 -77.89 -9.07 -11.45
CA GLU U 179 -76.65 -8.30 -11.42
C GLU U 179 -76.87 -6.91 -10.85
N ASN U 180 -75.79 -6.35 -10.30
CA ASN U 180 -75.77 -4.98 -9.79
C ASN U 180 -76.80 -4.75 -8.69
N LEU U 181 -77.10 -5.79 -7.92
CA LEU U 181 -78.01 -5.64 -6.80
C LEU U 181 -77.34 -4.87 -5.66
N PRO U 182 -78.12 -4.19 -4.83
CA PRO U 182 -77.55 -3.56 -3.63
C PRO U 182 -77.06 -4.62 -2.66
N GLU U 183 -76.16 -4.19 -1.77
CA GLU U 183 -75.48 -5.12 -0.86
C GLU U 183 -76.49 -5.83 0.04
N LYS U 184 -77.46 -5.08 0.57
CA LYS U 184 -78.45 -5.69 1.45
C LYS U 184 -79.29 -6.74 0.72
N GLU U 185 -79.72 -6.43 -0.51
CA GLU U 185 -80.49 -7.39 -1.28
C GLU U 185 -79.66 -8.63 -1.62
N ALA U 186 -78.38 -8.43 -1.95
CA ALA U 186 -77.53 -9.56 -2.31
C ALA U 186 -77.37 -10.53 -1.15
N VAL U 187 -77.21 -10.01 0.08
CA VAL U 187 -77.09 -10.87 1.25
C VAL U 187 -78.38 -11.66 1.46
N THR U 188 -79.54 -11.00 1.30
CA THR U 188 -80.82 -11.70 1.45
C THR U 188 -80.96 -12.81 0.43
N LEU U 189 -80.57 -12.54 -0.82
CA LEU U 189 -80.63 -13.58 -1.85
C LEU U 189 -79.68 -14.72 -1.53
N GLY U 190 -78.48 -14.41 -1.03
CA GLY U 190 -77.55 -15.46 -0.68
C GLY U 190 -78.01 -16.34 0.46
N ILE U 191 -78.71 -15.75 1.43
CA ILE U 191 -79.26 -16.53 2.54
C ILE U 191 -80.30 -17.51 2.02
N LYS U 192 -81.16 -17.07 1.12
CA LYS U 192 -82.18 -17.95 0.54
C LYS U 192 -81.54 -19.10 -0.24
N ALA U 193 -80.47 -18.81 -0.99
CA ALA U 193 -79.79 -19.85 -1.74
C ALA U 193 -79.20 -20.90 -0.81
N LEU U 194 -78.56 -20.45 0.29
CA LEU U 194 -78.04 -21.40 1.27
C LEU U 194 -79.18 -22.13 1.98
N LYS U 195 -80.29 -21.43 2.21
CA LYS U 195 -81.44 -22.05 2.86
C LYS U 195 -82.03 -23.16 1.99
N SER U 196 -82.08 -22.95 0.67
CA SER U 196 -82.69 -23.88 -0.25
C SER U 196 -81.82 -25.10 -0.54
N SER U 197 -80.68 -25.24 0.14
CA SER U 197 -79.80 -26.39 -0.05
C SER U 197 -79.79 -27.35 1.13
N LEU U 198 -80.32 -26.96 2.27
CA LEU U 198 -80.35 -27.84 3.44
C LEU U 198 -81.50 -28.84 3.32
N GLU U 199 -81.47 -29.85 4.19
CA GLU U 199 -82.53 -30.82 4.25
C GLU U 199 -83.70 -30.27 5.05
N GLU U 200 -84.82 -30.99 5.01
CA GLU U 200 -86.02 -30.55 5.72
C GLU U 200 -85.82 -30.57 7.23
N GLY U 201 -84.95 -31.44 7.72
CA GLY U 201 -84.77 -31.58 9.16
C GLY U 201 -84.18 -30.34 9.82
N GLU U 202 -83.13 -29.78 9.23
CA GLU U 202 -82.42 -28.68 9.86
C GLU U 202 -82.88 -27.33 9.31
N GLU U 203 -82.23 -26.27 9.77
CA GLU U 203 -82.55 -24.91 9.33
C GLU U 203 -81.29 -24.07 9.36
N LEU U 204 -81.36 -22.90 8.73
CA LEU U 204 -80.21 -22.01 8.64
C LEU U 204 -79.77 -21.54 10.03
N LYS U 205 -78.46 -21.41 10.22
CA LYS U 205 -77.91 -21.18 11.55
C LYS U 205 -76.92 -20.02 11.61
N ALA U 206 -77.30 -18.84 11.10
CA ALA U 206 -76.53 -17.62 11.25
C ALA U 206 -75.11 -17.76 10.71
N PRO U 207 -74.94 -17.82 9.38
CA PRO U 207 -73.63 -18.15 8.81
C PRO U 207 -72.65 -16.99 8.85
N GLU U 208 -71.48 -17.20 8.24
CA GLU U 208 -70.48 -16.14 8.11
C GLU U 208 -70.74 -15.33 6.85
N ILE U 209 -70.71 -14.00 7.00
CA ILE U 209 -70.91 -13.09 5.87
C ILE U 209 -69.78 -12.07 5.87
N ALA U 210 -69.14 -11.90 4.71
CA ALA U 210 -68.11 -10.90 4.52
C ALA U 210 -68.31 -10.24 3.16
N SER U 211 -67.97 -8.96 3.08
CA SER U 211 -68.16 -8.21 1.84
C SER U 211 -67.15 -7.07 1.78
N ILE U 212 -66.98 -6.54 0.57
CA ILE U 212 -66.06 -5.43 0.33
C ILE U 212 -66.59 -4.64 -0.85
N THR U 213 -66.37 -3.33 -0.82
CA THR U 213 -66.78 -2.43 -1.89
C THR U 213 -65.57 -1.66 -2.40
N VAL U 214 -65.72 -1.09 -3.61
CA VAL U 214 -64.62 -0.37 -4.23
C VAL U 214 -64.27 0.85 -3.38
N GLY U 215 -62.97 1.03 -3.12
CA GLY U 215 -62.48 2.11 -2.31
C GLY U 215 -62.43 1.82 -0.82
N ASN U 216 -62.89 0.67 -0.38
CA ASN U 216 -62.90 0.30 1.03
C ASN U 216 -62.20 -1.03 1.23
N LYS U 217 -62.01 -1.39 2.50
CA LYS U 217 -61.43 -2.66 2.87
C LYS U 217 -62.53 -3.67 3.21
N TYR U 218 -62.11 -4.92 3.38
CA TYR U 218 -63.05 -5.97 3.76
C TYR U 218 -63.60 -5.72 5.15
N ARG U 219 -64.90 -5.97 5.32
CA ARG U 219 -65.54 -5.89 6.63
C ARG U 219 -66.25 -7.21 6.90
N ILE U 220 -66.19 -7.67 8.15
CA ILE U 220 -66.79 -8.93 8.56
C ILE U 220 -68.09 -8.63 9.28
N TYR U 221 -69.19 -9.23 8.82
CA TYR U 221 -70.47 -9.02 9.47
C TYR U 221 -70.46 -9.59 10.88
N ASP U 222 -70.93 -8.80 11.85
CA ASP U 222 -71.04 -9.28 13.21
C ASP U 222 -72.33 -10.10 13.37
N GLN U 223 -72.42 -10.81 14.49
CA GLN U 223 -73.58 -11.66 14.74
C GLN U 223 -74.88 -10.86 14.77
N GLU U 224 -74.83 -9.61 15.26
CA GLU U 224 -76.03 -8.79 15.31
C GLU U 224 -76.57 -8.52 13.90
N GLU U 225 -75.68 -8.19 12.96
CA GLU U 225 -76.12 -7.91 11.60
C GLU U 225 -76.57 -9.18 10.89
N VAL U 226 -75.96 -10.32 11.20
CA VAL U 226 -76.35 -11.58 10.57
C VAL U 226 -77.78 -11.95 10.96
N LYS U 227 -78.12 -11.77 12.24
CA LYS U 227 -79.47 -12.11 12.70
C LYS U 227 -80.53 -11.30 11.98
N LYS U 228 -80.19 -10.11 11.49
CA LYS U 228 -81.16 -9.28 10.78
C LYS U 228 -81.61 -9.88 9.46
N PHE U 229 -80.80 -10.73 8.86
CA PHE U 229 -81.17 -11.37 7.58
C PHE U 229 -81.63 -12.79 7.87
N LEU U 230 -81.47 -13.23 9.12
CA LEU U 230 -81.77 -14.64 9.45
C LEU U 230 -83.26 -14.93 9.29
N GLY V 1 49.77 66.02 -7.03
CA GLY V 1 48.38 65.99 -7.44
C GLY V 1 47.94 64.64 -7.95
N GLN V 2 48.61 64.16 -8.99
CA GLN V 2 48.28 62.86 -9.56
C GLN V 2 48.56 61.73 -8.57
N MET V 3 49.60 61.85 -7.77
CA MET V 3 49.97 60.81 -6.82
C MET V 3 48.93 60.63 -5.71
N ALA V 4 48.00 61.57 -5.56
CA ALA V 4 46.96 61.47 -4.56
C ALA V 4 45.71 60.74 -5.05
N TYR V 5 45.63 60.42 -6.34
CA TYR V 5 44.45 59.78 -6.91
C TYR V 5 44.82 58.60 -7.80
N ASP V 6 45.94 57.94 -7.51
CA ASP V 6 46.41 56.83 -8.34
C ASP V 6 46.75 55.60 -7.51
N ARG V 7 46.22 55.49 -6.30
CA ARG V 7 46.55 54.38 -5.42
C ARG V 7 45.46 53.32 -5.34
N ALA V 8 44.20 53.70 -5.58
CA ALA V 8 43.08 52.78 -5.48
C ALA V 8 42.33 52.74 -6.80
N ILE V 9 41.85 51.54 -7.16
CA ILE V 9 41.14 51.36 -8.43
C ILE V 9 39.81 52.09 -8.42
N THR V 10 39.13 52.13 -7.27
CA THR V 10 37.78 52.68 -7.17
C THR V 10 37.77 54.18 -6.85
N VAL V 11 38.80 54.92 -7.19
CA VAL V 11 38.89 56.35 -6.89
C VAL V 11 38.99 57.12 -8.20
N PHE V 12 38.07 58.06 -8.40
CA PHE V 12 38.14 58.96 -9.53
C PHE V 12 39.07 60.13 -9.22
N SER V 13 39.79 60.57 -10.24
CA SER V 13 40.58 61.78 -10.14
C SER V 13 39.69 63.01 -10.25
N PRO V 14 40.17 64.18 -9.84
CA PRO V 14 39.35 65.40 -9.98
C PRO V 14 38.92 65.67 -11.42
N ASP V 15 39.71 65.27 -12.41
CA ASP V 15 39.34 65.40 -13.81
C ASP V 15 38.70 64.13 -14.38
N GLY V 16 38.15 63.29 -13.52
CA GLY V 16 37.42 62.10 -13.97
C GLY V 16 38.25 61.04 -14.65
N ARG V 17 39.41 60.72 -14.12
CA ARG V 17 40.28 59.69 -14.67
C ARG V 17 40.48 58.56 -13.66
N LEU V 18 40.75 57.37 -14.20
CA LEU V 18 41.04 56.17 -13.39
C LEU V 18 42.49 55.79 -13.68
N PHE V 19 43.40 56.26 -12.84
CA PHE V 19 44.82 56.08 -13.11
C PHE V 19 45.25 54.63 -13.00
N GLN V 20 44.62 53.85 -12.11
CA GLN V 20 44.97 52.44 -11.99
C GLN V 20 44.68 51.69 -13.28
N VAL V 21 43.56 52.01 -13.94
CA VAL V 21 43.28 51.44 -15.26
C VAL V 21 44.34 51.91 -16.26
N GLU V 22 44.68 53.15 -16.24
CA GLU V 22 45.70 53.72 -17.14
C GLU V 22 47.06 53.06 -16.93
N TYR V 23 47.41 52.82 -15.64
CA TYR V 23 48.68 52.16 -15.35
C TYR V 23 48.69 50.73 -15.85
N ALA V 24 47.54 50.05 -15.84
CA ALA V 24 47.47 48.70 -16.39
C ALA V 24 47.78 48.71 -17.88
N ARG V 25 47.34 49.74 -18.59
CA ARG V 25 47.61 49.89 -20.03
C ARG V 25 49.11 50.05 -20.27
N GLU V 26 49.89 50.55 -19.32
CA GLU V 26 51.34 50.63 -19.46
C GLU V 26 51.97 49.25 -19.49
N ALA V 27 51.42 48.31 -18.71
CA ALA V 27 51.93 46.93 -18.74
C ALA V 27 51.71 46.30 -20.11
N VAL V 28 50.62 46.65 -20.78
CA VAL V 28 50.34 46.11 -22.10
C VAL V 28 51.42 46.53 -23.10
N LYS V 29 51.85 47.79 -23.03
CA LYS V 29 52.84 48.31 -23.98
C LYS V 29 54.21 47.68 -23.81
N LYS V 30 54.45 46.94 -22.72
CA LYS V 30 55.69 46.20 -22.58
C LYS V 30 55.70 44.88 -23.34
N GLY V 31 54.54 44.41 -23.81
CA GLY V 31 54.49 43.15 -24.51
C GLY V 31 54.93 43.25 -25.96
N SER V 32 55.13 42.09 -26.56
CA SER V 32 55.53 42.01 -27.96
C SER V 32 54.39 42.46 -28.87
N THR V 33 54.76 43.04 -30.01
CA THR V 33 53.78 43.55 -30.95
C THR V 33 53.06 42.42 -31.67
N ALA V 34 51.74 42.57 -31.81
CA ALA V 34 50.92 41.63 -32.56
C ALA V 34 49.85 42.41 -33.30
N LEU V 35 49.38 41.84 -34.41
CA LEU V 35 48.41 42.53 -35.25
C LEU V 35 47.54 41.51 -35.97
N GLY V 36 46.39 41.99 -36.44
CA GLY V 36 45.50 41.19 -37.24
C GLY V 36 44.78 42.04 -38.25
N MET V 37 44.40 41.42 -39.36
CA MET V 37 43.72 42.13 -40.43
C MET V 37 42.79 41.17 -41.18
N LYS V 38 41.73 41.73 -41.74
CA LYS V 38 40.80 40.96 -42.55
C LYS V 38 41.13 41.09 -44.03
N PHE V 39 40.88 40.03 -44.78
CA PHE V 39 41.10 40.00 -46.22
C PHE V 39 39.88 39.38 -46.88
N ALA V 40 40.03 39.05 -48.16
CA ALA V 40 38.92 38.49 -48.94
C ALA V 40 38.45 37.16 -48.36
N ASN V 41 37.26 37.17 -47.76
CA ASN V 41 36.66 35.98 -47.16
C ASN V 41 37.59 35.33 -46.13
N GLY V 42 38.21 36.13 -45.29
CA GLY V 42 39.08 35.59 -44.28
C GLY V 42 39.65 36.65 -43.37
N VAL V 43 40.43 36.20 -42.39
CA VAL V 43 41.09 37.07 -41.42
C VAL V 43 42.32 36.33 -40.91
N LEU V 44 43.37 37.09 -40.61
CA LEU V 44 44.64 36.50 -40.20
C LEU V 44 45.17 37.24 -38.97
N LEU V 45 46.12 36.60 -38.30
CA LEU V 45 46.79 37.16 -37.14
C LEU V 45 48.31 36.96 -37.27
N ILE V 46 49.06 38.00 -36.92
CA ILE V 46 50.52 37.95 -36.93
C ILE V 46 51.03 38.42 -35.57
N SER V 47 51.94 37.66 -34.99
CA SER V 47 52.49 37.96 -33.67
C SER V 47 54.01 37.91 -33.73
N ASP V 48 54.66 39.02 -33.39
CA ASP V 48 56.11 39.09 -33.42
C ASP V 48 56.71 38.17 -32.36
N LYS V 49 57.85 37.57 -32.69
CA LYS V 49 58.57 36.68 -31.80
C LYS V 49 59.94 37.28 -31.48
N LYS V 50 60.24 37.40 -30.19
CA LYS V 50 61.56 37.83 -29.73
C LYS V 50 62.35 36.57 -29.36
N VAL V 51 63.36 36.24 -30.16
CA VAL V 51 64.09 35.00 -29.99
C VAL V 51 64.93 35.07 -28.72
N ARG V 52 64.64 34.20 -27.76
CA ARG V 52 65.43 34.09 -26.55
C ARG V 52 66.50 33.04 -26.75
N SER V 53 67.16 32.61 -25.67
CA SER V 53 68.22 31.61 -25.76
C SER V 53 67.71 30.30 -26.35
N ARG V 54 68.61 29.48 -26.89
CA ARG V 54 68.23 28.24 -27.55
C ARG V 54 67.68 27.20 -26.58
N LEU V 55 67.82 27.41 -25.27
CA LEU V 55 67.32 26.45 -24.29
C LEU V 55 65.81 26.42 -24.16
N ILE V 56 65.11 27.38 -24.78
CA ILE V 56 63.66 27.47 -24.68
C ILE V 56 63.03 26.69 -25.83
N GLU V 57 62.07 25.82 -25.52
CA GLU V 57 61.34 25.10 -26.55
C GLU V 57 60.51 26.07 -27.38
N GLN V 58 60.52 25.87 -28.69
CA GLN V 58 59.79 26.75 -29.61
C GLN V 58 58.36 26.26 -29.82
N ASN V 59 57.67 25.94 -28.73
CA ASN V 59 56.27 25.54 -28.80
C ASN V 59 55.38 26.17 -27.74
N SER V 60 55.94 26.78 -26.69
CA SER V 60 55.14 27.33 -25.61
C SER V 60 55.07 28.85 -25.62
N ILE V 61 55.96 29.53 -26.35
CA ILE V 61 55.99 30.98 -26.39
C ILE V 61 55.04 31.49 -27.48
N GLU V 62 54.26 30.58 -28.06
CA GLU V 62 53.29 30.97 -29.07
C GLU V 62 52.17 31.79 -28.47
N LYS V 63 52.06 33.05 -28.90
CA LYS V 63 51.06 33.95 -28.36
C LYS V 63 49.70 33.80 -29.04
N ILE V 64 49.63 33.08 -30.16
CA ILE V 64 48.36 32.84 -30.82
C ILE V 64 47.74 31.58 -30.25
N GLN V 65 46.54 31.71 -29.70
CA GLN V 65 45.84 30.60 -29.05
C GLN V 65 44.49 30.40 -29.72
N LEU V 66 44.14 29.14 -29.96
CA LEU V 66 42.84 28.81 -30.55
C LEU V 66 41.79 28.70 -29.45
N ILE V 67 40.75 29.51 -29.58
CA ILE V 67 39.59 29.40 -28.69
C ILE V 67 38.73 28.20 -29.07
N ASP V 68 38.57 27.97 -30.36
CA ASP V 68 37.98 26.75 -30.90
C ASP V 68 38.52 26.57 -32.32
N ASP V 69 37.89 25.70 -33.10
CA ASP V 69 38.35 25.47 -34.47
C ASP V 69 38.11 26.67 -35.38
N TYR V 70 37.30 27.64 -34.95
CA TYR V 70 36.96 28.78 -35.80
C TYR V 70 37.26 30.13 -35.18
N VAL V 71 37.77 30.17 -33.95
CA VAL V 71 38.10 31.43 -33.28
C VAL V 71 39.50 31.33 -32.70
N ALA V 72 40.32 32.35 -32.93
CA ALA V 72 41.66 32.41 -32.39
C ALA V 72 41.87 33.76 -31.70
N ALA V 73 42.82 33.78 -30.77
CA ALA V 73 43.11 34.99 -29.99
C ALA V 73 44.61 35.15 -29.84
N VAL V 74 45.03 36.41 -29.72
CA VAL V 74 46.41 36.77 -29.43
C VAL V 74 46.40 37.85 -28.36
N THR V 75 47.36 37.78 -27.44
CA THR V 75 47.37 38.64 -26.26
C THR V 75 48.70 39.38 -26.17
N SER V 76 48.71 40.42 -25.34
CA SER V 76 49.90 41.19 -25.06
C SER V 76 49.79 41.75 -23.64
N GLY V 77 50.91 41.75 -22.92
CA GLY V 77 50.96 42.23 -21.55
C GLY V 77 51.47 41.16 -20.61
N LEU V 78 50.91 41.13 -19.39
CA LEU V 78 51.24 40.13 -18.34
C LEU V 78 50.86 38.73 -18.87
N VAL V 79 51.81 37.82 -19.05
CA VAL V 79 51.62 36.45 -19.59
C VAL V 79 50.70 35.69 -18.65
N ALA V 80 50.90 35.79 -17.35
CA ALA V 80 50.11 35.02 -16.38
C ALA V 80 48.64 35.42 -16.43
N ASP V 81 48.36 36.73 -16.49
CA ASP V 81 46.98 37.17 -16.62
C ASP V 81 46.40 36.78 -17.97
N ALA V 82 47.24 36.81 -19.02
CA ALA V 82 46.77 36.45 -20.35
C ALA V 82 46.34 34.99 -20.41
N ARG V 83 47.07 34.11 -19.74
CA ARG V 83 46.69 32.69 -19.72
C ARG V 83 45.34 32.49 -19.05
N VAL V 84 45.08 33.21 -17.97
CA VAL V 84 43.80 33.08 -17.27
C VAL V 84 42.65 33.53 -18.16
N LEU V 85 42.83 34.65 -18.86
CA LEU V 85 41.76 35.17 -19.72
C LEU V 85 41.49 34.24 -20.90
N VAL V 86 42.54 33.64 -21.46
CA VAL V 86 42.35 32.71 -22.57
C VAL V 86 41.58 31.48 -22.10
N ASP V 87 41.90 30.97 -20.91
CA ASP V 87 41.14 29.85 -20.36
C ASP V 87 39.68 30.22 -20.13
N PHE V 88 39.45 31.44 -19.63
CA PHE V 88 38.07 31.90 -19.44
C PHE V 88 37.32 31.97 -20.76
N ALA V 89 37.98 32.45 -21.82
CA ALA V 89 37.34 32.52 -23.13
C ALA V 89 36.98 31.14 -23.66
N ARG V 90 37.88 30.16 -23.48
CA ARG V 90 37.61 28.82 -23.95
C ARG V 90 36.41 28.19 -23.23
N ILE V 91 36.33 28.39 -21.92
CA ILE V 91 35.19 27.88 -21.16
C ILE V 91 33.91 28.58 -21.60
N SER V 92 33.98 29.89 -21.83
CA SER V 92 32.80 30.65 -22.25
C SER V 92 32.30 30.17 -23.62
N ALA V 93 33.23 29.87 -24.53
CA ALA V 93 32.84 29.40 -25.85
C ALA V 93 32.10 28.07 -25.77
N GLN V 94 32.57 27.16 -24.91
CA GLN V 94 31.93 25.86 -24.78
C GLN V 94 30.56 25.99 -24.12
N GLN V 95 30.42 26.93 -23.17
CA GLN V 95 29.12 27.16 -22.57
C GLN V 95 28.09 27.62 -23.60
N GLU V 96 28.53 28.45 -24.54
CA GLU V 96 27.65 28.87 -25.64
C GLU V 96 27.23 27.69 -26.49
N LYS V 97 28.16 26.78 -26.78
CA LYS V 97 27.84 25.62 -27.61
C LYS V 97 26.92 24.64 -26.89
N VAL V 98 27.06 24.50 -25.57
CA VAL V 98 26.16 23.60 -24.83
C VAL V 98 24.75 24.17 -24.80
N THR V 99 24.63 25.50 -24.63
CA THR V 99 23.31 26.11 -24.47
C THR V 99 22.53 26.13 -25.78
N TYR V 100 23.17 26.51 -26.88
CA TYR V 100 22.49 26.71 -28.15
C TYR V 100 22.83 25.69 -29.22
N GLY V 101 23.85 24.87 -29.01
CA GLY V 101 24.26 23.89 -30.01
C GLY V 101 25.32 24.37 -30.98
N SER V 102 25.64 25.66 -30.98
CA SER V 102 26.66 26.21 -31.86
C SER V 102 26.98 27.62 -31.39
N LEU V 103 27.96 28.23 -32.04
CA LEU V 103 28.35 29.61 -31.80
C LEU V 103 27.94 30.44 -33.01
N VAL V 104 27.15 31.49 -32.78
CA VAL V 104 26.59 32.28 -33.86
C VAL V 104 27.32 33.59 -34.05
N ASN V 105 27.61 34.32 -32.97
CA ASN V 105 28.29 35.60 -33.06
C ASN V 105 29.52 35.58 -32.15
N ILE V 106 30.68 35.92 -32.72
CA ILE V 106 31.91 35.99 -31.94
C ILE V 106 31.88 37.19 -31.00
N GLU V 107 31.19 38.27 -31.41
CA GLU V 107 31.12 39.47 -30.57
C GLU V 107 30.57 39.17 -29.19
N ASN V 108 29.62 38.24 -29.09
CA ASN V 108 29.09 37.85 -27.79
C ASN V 108 30.17 37.25 -26.91
N LEU V 109 31.04 36.41 -27.49
CA LEU V 109 32.14 35.82 -26.73
C LEU V 109 33.08 36.90 -26.21
N VAL V 110 33.38 37.90 -27.05
CA VAL V 110 34.27 38.98 -26.63
C VAL V 110 33.65 39.78 -25.49
N LYS V 111 32.34 39.99 -25.54
CA LYS V 111 31.67 40.77 -24.51
C LYS V 111 31.75 40.09 -23.15
N ARG V 112 31.60 38.77 -23.11
CA ARG V 112 31.72 38.05 -21.84
C ARG V 112 33.12 38.20 -21.25
N VAL V 113 34.15 38.11 -22.10
CA VAL V 113 35.51 38.33 -21.63
C VAL V 113 35.69 39.76 -21.15
N ALA V 114 35.18 40.73 -21.91
CA ALA V 114 35.33 42.13 -21.53
C ALA V 114 34.55 42.47 -20.27
N ASP V 115 33.37 41.86 -20.08
CA ASP V 115 32.63 42.07 -18.84
C ASP V 115 33.40 41.57 -17.63
N GLN V 116 34.11 40.44 -17.78
CA GLN V 116 34.97 39.95 -16.72
C GLN V 116 36.07 40.96 -16.40
N MET V 117 36.66 41.56 -17.43
CA MET V 117 37.73 42.54 -17.21
C MET V 117 37.18 43.83 -16.62
N GLN V 118 35.99 44.25 -17.07
CA GLN V 118 35.39 45.48 -16.55
C GLN V 118 35.06 45.34 -15.07
N GLN V 119 34.66 44.14 -14.65
CA GLN V 119 34.31 43.92 -13.24
C GLN V 119 35.50 44.18 -12.33
N TYR V 120 36.71 43.86 -12.79
CA TYR V 120 37.93 44.04 -12.00
C TYR V 120 38.43 45.48 -12.01
N THR V 121 37.62 46.43 -12.49
CA THR V 121 37.96 47.84 -12.44
C THR V 121 37.01 48.66 -11.58
N GLN V 122 35.98 48.04 -11.00
CA GLN V 122 34.97 48.75 -10.24
C GLN V 122 34.86 48.32 -8.78
N TYR V 123 35.46 47.20 -8.41
CA TYR V 123 35.36 46.67 -7.04
C TYR V 123 36.73 46.72 -6.38
N GLY V 124 36.75 47.12 -5.11
CA GLY V 124 38.00 47.15 -4.37
C GLY V 124 38.49 45.76 -4.00
N GLY V 125 39.76 45.70 -3.64
CA GLY V 125 40.38 44.44 -3.27
C GLY V 125 40.92 43.61 -4.40
N VAL V 126 40.75 44.07 -5.65
CA VAL V 126 41.28 43.38 -6.81
C VAL V 126 41.98 44.39 -7.71
N ARG V 127 42.84 43.88 -8.59
CA ARG V 127 43.50 44.73 -9.56
C ARG V 127 43.06 44.36 -10.97
N PRO V 128 43.05 45.31 -11.90
CA PRO V 128 42.66 45.00 -13.28
C PRO V 128 43.65 44.08 -13.97
N TYR V 129 43.16 43.35 -14.95
CA TYR V 129 44.02 42.55 -15.80
C TYR V 129 44.89 43.47 -16.66
N GLY V 130 46.19 43.20 -16.68
CA GLY V 130 47.10 43.97 -17.52
C GLY V 130 47.32 43.33 -18.87
N VAL V 131 46.24 43.04 -19.58
CA VAL V 131 46.29 42.29 -20.83
C VAL V 131 45.39 42.95 -21.86
N SER V 132 45.87 43.04 -23.09
CA SER V 132 45.06 43.39 -24.25
C SER V 132 44.97 42.18 -25.17
N LEU V 133 43.79 41.96 -25.75
CA LEU V 133 43.54 40.78 -26.55
C LEU V 133 42.97 41.17 -27.89
N ILE V 134 43.22 40.33 -28.90
CA ILE V 134 42.63 40.47 -30.23
C ILE V 134 41.95 39.15 -30.58
N PHE V 135 40.67 39.23 -30.94
CA PHE V 135 39.89 38.06 -31.31
C PHE V 135 39.56 38.11 -32.79
N ALA V 136 39.82 37.02 -33.50
CA ALA V 136 39.55 36.91 -34.92
C ALA V 136 39.01 35.52 -35.23
N GLY V 137 38.02 35.46 -36.12
CA GLY V 137 37.44 34.19 -36.48
C GLY V 137 36.33 34.34 -37.49
N ILE V 138 35.63 33.22 -37.72
CA ILE V 138 34.53 33.15 -38.66
C ILE V 138 33.28 32.72 -37.91
N ASP V 139 32.20 33.46 -38.09
CA ASP V 139 30.91 33.10 -37.51
C ASP V 139 29.81 33.19 -38.56
N GLN V 140 28.55 33.11 -38.13
CA GLN V 140 27.42 33.16 -39.07
C GLN V 140 27.26 34.53 -39.76
N ILE V 141 28.08 35.52 -39.42
CA ILE V 141 28.04 36.80 -40.11
C ILE V 141 29.20 36.97 -41.08
N GLY V 142 30.36 36.37 -40.81
CA GLY V 142 31.51 36.49 -41.66
C GLY V 142 32.79 36.64 -40.86
N PRO V 143 33.87 37.07 -41.53
CA PRO V 143 35.11 37.34 -40.79
C PRO V 143 34.92 38.46 -39.78
N ARG V 144 35.48 38.26 -38.59
CA ARG V 144 35.36 39.22 -37.50
C ARG V 144 36.74 39.52 -36.92
N LEU V 145 36.92 40.74 -36.43
CA LEU V 145 38.18 41.16 -35.83
C LEU V 145 37.87 42.13 -34.69
N PHE V 146 38.20 41.73 -33.46
CA PHE V 146 37.92 42.53 -32.28
C PHE V 146 39.19 42.72 -31.47
N ASP V 147 39.18 43.74 -30.62
CA ASP V 147 40.23 43.96 -29.64
C ASP V 147 39.60 44.28 -28.30
N CYS V 148 40.36 44.05 -27.23
CA CYS V 148 39.88 44.31 -25.88
C CYS V 148 41.04 44.85 -25.06
N ASP V 149 40.76 45.85 -24.22
CA ASP V 149 41.77 46.52 -23.43
C ASP V 149 41.58 46.18 -21.95
N PRO V 150 42.52 46.55 -21.08
CA PRO V 150 42.31 46.28 -19.64
C PRO V 150 41.05 46.89 -19.08
N ALA V 151 40.60 48.03 -19.60
CA ALA V 151 39.37 48.64 -19.11
C ALA V 151 38.12 47.88 -19.53
N GLY V 152 38.24 46.94 -20.47
CA GLY V 152 37.09 46.21 -20.95
C GLY V 152 36.38 46.82 -22.13
N THR V 153 37.03 47.74 -22.85
CA THR V 153 36.41 48.37 -24.01
C THR V 153 36.54 47.45 -25.23
N ILE V 154 35.53 47.47 -26.08
CA ILE V 154 35.45 46.61 -27.26
C ILE V 154 35.36 47.47 -28.51
N ASN V 155 36.19 47.17 -29.49
CA ASN V 155 36.14 47.81 -30.79
C ASN V 155 36.34 46.77 -31.88
N GLU V 156 35.72 47.01 -33.03
CA GLU V 156 35.84 46.11 -34.18
C GLU V 156 36.63 46.82 -35.28
N TYR V 157 37.58 46.09 -35.87
CA TYR V 157 38.51 46.67 -36.83
C TYR V 157 38.54 45.87 -38.12
N LYS V 158 38.88 46.54 -39.20
CA LYS V 158 39.37 45.87 -40.40
C LYS V 158 40.83 45.45 -40.25
N ALA V 159 41.59 46.21 -39.48
CA ALA V 159 42.97 45.88 -39.15
C ALA V 159 43.34 46.63 -37.87
N THR V 160 44.10 45.98 -37.01
CA THR V 160 44.49 46.58 -35.73
C THR V 160 45.76 45.92 -35.24
N ALA V 161 46.31 46.48 -34.17
CA ALA V 161 47.54 45.96 -33.58
C ALA V 161 47.55 46.23 -32.08
N ILE V 162 48.35 45.44 -31.37
CA ILE V 162 48.58 45.62 -29.94
C ILE V 162 50.06 45.41 -29.66
N GLY V 163 50.50 45.86 -28.50
CA GLY V 163 51.87 45.68 -28.06
C GLY V 163 52.68 46.96 -28.10
N SER V 164 54.00 46.77 -27.98
CA SER V 164 54.92 47.90 -27.90
C SER V 164 54.93 48.71 -29.19
N GLY V 165 54.94 48.04 -30.33
CA GLY V 165 54.99 48.74 -31.60
C GLY V 165 53.62 49.00 -32.20
N LYS V 166 52.61 49.15 -31.34
CA LYS V 166 51.25 49.34 -31.82
C LYS V 166 51.12 50.62 -32.64
N ASP V 167 51.71 51.72 -32.16
CA ASP V 167 51.57 53.00 -32.84
C ASP V 167 52.21 52.96 -34.22
N ALA V 168 53.39 52.35 -34.33
CA ALA V 168 54.06 52.28 -35.62
C ALA V 168 53.29 51.41 -36.61
N VAL V 169 52.75 50.28 -36.14
CA VAL V 169 52.04 49.38 -37.03
C VAL V 169 50.74 50.00 -37.52
N VAL V 170 49.98 50.63 -36.62
CA VAL V 170 48.70 51.22 -37.01
C VAL V 170 48.93 52.38 -37.97
N SER V 171 50.00 53.15 -37.78
CA SER V 171 50.33 54.22 -38.73
C SER V 171 50.66 53.65 -40.10
N PHE V 172 51.44 52.57 -40.13
CA PHE V 172 51.77 51.93 -41.41
C PHE V 172 50.52 51.37 -42.08
N LEU V 173 49.64 50.72 -41.31
CA LEU V 173 48.42 50.18 -41.87
C LEU V 173 47.46 51.30 -42.27
N GLU V 174 47.55 52.46 -41.63
CA GLU V 174 46.70 53.58 -42.03
C GLU V 174 47.03 54.07 -43.44
N ARG V 175 48.24 53.77 -43.92
CA ARG V 175 48.68 54.26 -45.22
C ARG V 175 48.62 53.21 -46.31
N GLU V 176 48.84 51.94 -45.98
CA GLU V 176 49.04 50.90 -46.98
C GLU V 176 48.00 49.79 -46.98
N TYR V 177 47.05 49.79 -46.06
CA TYR V 177 46.07 48.72 -46.00
C TYR V 177 45.08 48.81 -47.16
N LYS V 178 44.75 47.66 -47.73
CA LYS V 178 43.72 47.55 -48.77
C LYS V 178 42.75 46.45 -48.38
N GLU V 179 41.50 46.62 -48.80
CA GLU V 179 40.46 45.66 -48.49
C GLU V 179 40.39 44.57 -49.56
N ASN V 180 39.90 43.40 -49.13
CA ASN V 180 39.64 42.26 -50.02
C ASN V 180 40.91 41.80 -50.74
N LEU V 181 42.06 41.95 -50.10
CA LEU V 181 43.31 41.47 -50.66
C LEU V 181 43.35 39.94 -50.60
N PRO V 182 44.10 39.31 -51.51
CA PRO V 182 44.32 37.87 -51.39
C PRO V 182 45.16 37.54 -50.17
N GLU V 183 45.05 36.29 -49.72
CA GLU V 183 45.69 35.87 -48.47
C GLU V 183 47.21 36.05 -48.53
N LYS V 184 47.82 35.68 -49.66
CA LYS V 184 49.27 35.81 -49.78
C LYS V 184 49.70 37.28 -49.71
N GLU V 185 48.97 38.16 -50.39
CA GLU V 185 49.30 39.59 -50.35
C GLU V 185 49.11 40.17 -48.96
N ALA V 186 48.05 39.73 -48.27
CA ALA V 186 47.80 40.25 -46.92
C ALA V 186 48.91 39.89 -45.96
N VAL V 187 49.44 38.67 -46.05
CA VAL V 187 50.55 38.27 -45.20
C VAL V 187 51.79 39.11 -45.49
N THR V 188 52.07 39.35 -46.77
CA THR V 188 53.22 40.17 -47.14
C THR V 188 53.08 41.59 -46.59
N LEU V 189 51.87 42.16 -46.69
CA LEU V 189 51.64 43.49 -46.14
C LEU V 189 51.81 43.50 -44.62
N GLY V 190 51.32 42.45 -43.96
CA GLY V 190 51.45 42.39 -42.50
C GLY V 190 52.89 42.28 -42.05
N ILE V 191 53.72 41.55 -42.81
CA ILE V 191 55.14 41.43 -42.47
C ILE V 191 55.81 42.79 -42.56
N LYS V 192 55.50 43.57 -43.61
CA LYS V 192 56.08 44.89 -43.75
C LYS V 192 55.66 45.81 -42.61
N ALA V 193 54.39 45.73 -42.19
CA ALA V 193 53.92 46.56 -41.09
C ALA V 193 54.67 46.21 -39.80
N LEU V 194 54.86 44.92 -39.52
CA LEU V 194 55.64 44.52 -38.35
C LEU V 194 57.10 44.90 -38.52
N LYS V 195 57.62 44.83 -39.75
CA LYS V 195 59.01 45.21 -40.01
C LYS V 195 59.22 46.70 -39.75
N SER V 196 58.26 47.54 -40.12
CA SER V 196 58.36 48.98 -40.01
C SER V 196 58.19 49.49 -38.58
N SER V 197 58.05 48.60 -37.60
CA SER V 197 57.90 48.99 -36.20
C SER V 197 59.11 48.69 -35.35
N LEU V 198 60.05 47.88 -35.83
CA LEU V 198 61.25 47.56 -35.06
C LEU V 198 62.27 48.69 -35.15
N GLU V 199 63.27 48.63 -34.29
CA GLU V 199 64.35 49.58 -34.33
C GLU V 199 65.36 49.20 -35.41
N GLU V 200 66.30 50.11 -35.67
CA GLU V 200 67.29 49.88 -36.72
C GLU V 200 68.22 48.73 -36.36
N GLY V 201 68.43 48.50 -35.06
CA GLY V 201 69.37 47.47 -34.64
C GLY V 201 68.95 46.06 -35.02
N GLU V 202 67.69 45.71 -34.78
CA GLU V 202 67.24 44.35 -34.98
C GLU V 202 66.55 44.19 -36.34
N GLU V 203 66.03 42.99 -36.58
CA GLU V 203 65.34 42.69 -37.83
C GLU V 203 64.26 41.65 -37.55
N LEU V 204 63.37 41.48 -38.52
CA LEU V 204 62.25 40.55 -38.37
C LEU V 204 62.74 39.12 -38.21
N LYS V 205 62.05 38.35 -37.37
CA LYS V 205 62.55 37.03 -36.97
C LYS V 205 61.52 35.92 -37.11
N ALA V 206 60.88 35.79 -38.28
CA ALA V 206 60.01 34.67 -38.59
C ALA V 206 58.87 34.53 -37.58
N PRO V 207 57.88 35.43 -37.62
CA PRO V 207 56.86 35.46 -36.57
C PRO V 207 55.82 34.37 -36.70
N GLU V 208 54.81 34.41 -35.84
CA GLU V 208 53.69 33.48 -35.92
C GLU V 208 52.62 34.03 -36.86
N ILE V 209 52.13 33.19 -37.75
CA ILE V 209 51.08 33.56 -38.69
C ILE V 209 49.98 32.50 -38.64
N ALA V 210 48.74 32.96 -38.49
CA ALA V 210 47.57 32.10 -38.51
C ALA V 210 46.47 32.78 -39.31
N SER V 211 45.67 31.98 -40.00
CA SER V 211 44.61 32.53 -40.85
C SER V 211 43.48 31.50 -40.97
N ILE V 212 42.32 31.99 -41.39
CA ILE V 212 41.14 31.15 -41.58
C ILE V 212 40.29 31.78 -42.68
N THR V 213 39.63 30.93 -43.45
CA THR V 213 38.75 31.36 -44.52
C THR V 213 37.36 30.78 -44.32
N VAL V 214 36.37 31.39 -44.99
CA VAL V 214 34.99 30.95 -44.84
C VAL V 214 34.85 29.52 -45.33
N GLY V 215 34.19 28.69 -44.54
CA GLY V 215 34.00 27.29 -44.86
C GLY V 215 35.11 26.36 -44.40
N ASN V 216 36.19 26.90 -43.83
CA ASN V 216 37.32 26.11 -43.39
C ASN V 216 37.62 26.40 -41.93
N LYS V 217 38.55 25.61 -41.37
CA LYS V 217 39.01 25.81 -40.00
C LYS V 217 40.31 26.61 -39.99
N TYR V 218 40.72 27.01 -38.80
CA TYR V 218 41.98 27.73 -38.65
C TYR V 218 43.16 26.83 -39.00
N ARG V 219 44.13 27.40 -39.70
CA ARG V 219 45.38 26.70 -40.01
C ARG V 219 46.54 27.56 -39.53
N ILE V 220 47.56 26.90 -38.98
CA ILE V 220 48.73 27.57 -38.44
C ILE V 220 49.87 27.44 -39.45
N TYR V 221 50.45 28.57 -39.84
CA TYR V 221 51.55 28.55 -40.78
C TYR V 221 52.76 27.86 -40.17
N ASP V 222 53.36 26.94 -40.91
CA ASP V 222 54.58 26.28 -40.46
C ASP V 222 55.79 27.17 -40.75
N GLN V 223 56.93 26.82 -40.15
CA GLN V 223 58.14 27.60 -40.31
C GLN V 223 58.57 27.69 -41.77
N GLU V 224 58.34 26.64 -42.55
CA GLU V 224 58.73 26.66 -43.95
C GLU V 224 57.96 27.74 -44.71
N GLU V 225 56.65 27.84 -44.46
CA GLU V 225 55.85 28.84 -45.16
C GLU V 225 56.17 30.25 -44.68
N VAL V 226 56.52 30.40 -43.40
CA VAL V 226 56.84 31.71 -42.86
C VAL V 226 58.11 32.26 -43.52
N LYS V 227 59.11 31.40 -43.72
CA LYS V 227 60.37 31.83 -44.33
C LYS V 227 60.15 32.35 -45.74
N LYS V 228 59.09 31.90 -46.42
CA LYS V 228 58.82 32.35 -47.78
C LYS V 228 58.43 33.82 -47.84
N PHE V 229 57.90 34.37 -46.76
CA PHE V 229 57.50 35.80 -46.75
C PHE V 229 58.59 36.58 -46.02
N LEU V 230 59.54 35.85 -45.42
CA LEU V 230 60.55 36.54 -44.57
C LEU V 230 61.44 37.45 -45.42
N GLY W 1 42.03 71.52 1.76
CA GLY W 1 40.69 71.34 2.30
C GLY W 1 39.87 70.33 1.52
N GLN W 2 39.70 70.59 0.22
CA GLN W 2 38.93 69.68 -0.62
C GLN W 2 39.62 68.33 -0.77
N MET W 3 40.96 68.32 -0.80
CA MET W 3 41.70 67.08 -0.96
C MET W 3 41.57 66.14 0.23
N ALA W 4 41.04 66.63 1.36
CA ALA W 4 40.83 65.79 2.53
C ALA W 4 39.49 65.10 2.56
N TYR W 5 38.58 65.43 1.63
CA TYR W 5 37.24 64.86 1.61
C TYR W 5 36.84 64.39 0.22
N ASP W 6 37.81 63.97 -0.59
CA ASP W 6 37.54 63.56 -1.97
C ASP W 6 38.17 62.21 -2.30
N ARG W 7 38.50 61.41 -1.29
CA ARG W 7 39.17 60.13 -1.51
C ARG W 7 38.24 58.93 -1.40
N ALA W 8 37.16 59.03 -0.62
CA ALA W 8 36.24 57.93 -0.40
C ALA W 8 34.84 58.34 -0.82
N ILE W 9 34.11 57.38 -1.39
CA ILE W 9 32.75 57.65 -1.88
C ILE W 9 31.81 57.92 -0.72
N THR W 10 32.00 57.24 0.41
CA THR W 10 31.07 57.31 1.54
C THR W 10 31.43 58.42 2.53
N VAL W 11 32.12 59.47 2.12
CA VAL W 11 32.53 60.55 3.00
C VAL W 11 31.88 61.84 2.54
N PHE W 12 31.15 62.50 3.43
CA PHE W 12 30.61 63.82 3.17
C PHE W 12 31.67 64.89 3.44
N SER W 13 31.65 65.94 2.62
CA SER W 13 32.47 67.11 2.87
C SER W 13 31.84 67.96 3.95
N PRO W 14 32.60 68.87 4.56
CA PRO W 14 32.01 69.76 5.58
C PRO W 14 30.83 70.57 5.08
N ASP W 15 30.79 70.89 3.78
CA ASP W 15 29.65 71.58 3.20
C ASP W 15 28.65 70.63 2.54
N GLY W 16 28.66 69.36 2.95
CA GLY W 16 27.69 68.40 2.47
C GLY W 16 27.78 68.04 0.99
N ARG W 17 28.97 67.80 0.49
CA ARG W 17 29.19 67.43 -0.89
C ARG W 17 29.83 66.04 -0.98
N LEU W 18 29.59 65.37 -2.09
CA LEU W 18 30.16 64.05 -2.39
C LEU W 18 31.06 64.22 -3.60
N PHE W 19 32.35 64.46 -3.36
CA PHE W 19 33.27 64.79 -4.43
C PHE W 19 33.51 63.62 -5.38
N GLN W 20 33.47 62.39 -4.87
CA GLN W 20 33.66 61.24 -5.74
C GLN W 20 32.54 61.14 -6.78
N VAL W 21 31.31 61.45 -6.37
CA VAL W 21 30.21 61.53 -7.34
C VAL W 21 30.46 62.66 -8.33
N GLU W 22 30.88 63.79 -7.87
CA GLU W 22 31.19 64.95 -8.72
C GLU W 22 32.30 64.64 -9.70
N TYR W 23 33.34 63.92 -9.22
CA TYR W 23 34.43 63.54 -10.11
C TYR W 23 33.98 62.58 -11.19
N ALA W 24 33.00 61.71 -10.88
CA ALA W 24 32.45 60.82 -11.89
C ALA W 24 31.78 61.61 -13.02
N ARG W 25 31.11 62.71 -12.65
CA ARG W 25 30.43 63.60 -13.63
C ARG W 25 31.49 64.22 -14.56
N GLU W 26 32.74 64.38 -14.15
CA GLU W 26 33.79 64.88 -15.03
C GLU W 26 34.10 63.90 -16.14
N ALA W 27 34.04 62.60 -15.83
CA ALA W 27 34.27 61.58 -16.87
C ALA W 27 33.18 61.65 -17.93
N VAL W 28 31.96 61.99 -17.54
CA VAL W 28 30.86 62.09 -18.49
C VAL W 28 31.13 63.20 -19.51
N LYS W 29 31.65 64.34 -19.05
CA LYS W 29 31.89 65.47 -19.93
C LYS W 29 32.99 65.21 -20.95
N LYS W 30 33.76 64.13 -20.81
CA LYS W 30 34.73 63.76 -21.82
C LYS W 30 34.12 63.01 -22.99
N GLY W 31 32.87 62.54 -22.86
CA GLY W 31 32.25 61.80 -23.94
C GLY W 31 31.71 62.68 -25.04
N SER W 32 31.36 62.05 -26.16
CA SER W 32 30.81 62.76 -27.29
C SER W 32 29.40 63.28 -26.98
N THR W 33 29.06 64.40 -27.60
CA THR W 33 27.77 65.03 -27.34
C THR W 33 26.63 64.24 -27.98
N ALA W 34 25.55 64.09 -27.23
CA ALA W 34 24.34 63.45 -27.73
C ALA W 34 23.13 64.19 -27.17
N LEU W 35 22.01 64.13 -27.89
CA LEU W 35 20.82 64.86 -27.50
C LEU W 35 19.58 64.13 -27.98
N GLY W 36 18.45 64.46 -27.35
CA GLY W 36 17.17 63.93 -27.77
C GLY W 36 16.08 64.96 -27.54
N MET W 37 15.03 64.87 -28.35
CA MET W 37 13.92 65.80 -28.24
C MET W 37 12.64 65.12 -28.68
N LYS W 38 11.52 65.59 -28.14
CA LYS W 38 10.20 65.08 -28.51
C LYS W 38 9.57 65.99 -29.55
N PHE W 39 8.78 65.38 -30.44
CA PHE W 39 8.07 66.10 -31.48
C PHE W 39 6.63 65.59 -31.53
N ALA W 40 5.91 65.96 -32.58
CA ALA W 40 4.52 65.57 -32.73
C ALA W 40 4.36 64.06 -32.79
N ASN W 41 3.80 63.48 -31.73
CA ASN W 41 3.57 62.04 -31.64
C ASN W 41 4.85 61.24 -31.88
N GLY W 42 5.95 61.68 -31.29
CA GLY W 42 7.19 60.95 -31.44
C GLY W 42 8.31 61.57 -30.64
N VAL W 43 9.47 60.91 -30.71
CA VAL W 43 10.68 61.35 -30.03
C VAL W 43 11.86 60.80 -30.80
N LEU W 44 12.96 61.56 -30.82
CA LEU W 44 14.13 61.19 -31.59
C LEU W 44 15.39 61.37 -30.75
N LEU W 45 16.48 60.74 -31.22
CA LEU W 45 17.78 60.83 -30.58
C LEU W 45 18.84 61.11 -31.63
N ILE W 46 19.77 62.01 -31.30
CA ILE W 46 20.90 62.34 -32.17
C ILE W 46 22.19 62.22 -31.36
N SER W 47 23.17 61.52 -31.93
CA SER W 47 24.44 61.29 -31.26
C SER W 47 25.57 61.67 -32.20
N ASP W 48 26.42 62.60 -31.77
CA ASP W 48 27.54 63.03 -32.58
C ASP W 48 28.56 61.92 -32.76
N LYS W 49 29.18 61.87 -33.94
CA LYS W 49 30.19 60.87 -34.25
C LYS W 49 31.51 61.57 -34.52
N LYS W 50 32.56 61.13 -33.83
CA LYS W 50 33.91 61.60 -34.08
C LYS W 50 34.62 60.57 -34.96
N VAL W 51 34.86 60.93 -36.22
CA VAL W 51 35.39 59.98 -37.18
C VAL W 51 36.84 59.66 -36.84
N ARG W 52 37.11 58.40 -36.54
CA ARG W 52 38.45 57.92 -36.28
C ARG W 52 39.05 57.40 -37.59
N SER W 53 40.17 56.69 -37.51
CA SER W 53 40.83 56.17 -38.71
C SER W 53 39.91 55.22 -39.46
N ARG W 54 40.19 55.02 -40.76
CA ARG W 54 39.35 54.18 -41.61
C ARG W 54 39.40 52.71 -41.24
N LEU W 55 40.33 52.29 -40.38
CA LEU W 55 40.45 50.89 -40.00
C LEU W 55 39.34 50.43 -39.06
N ILE W 56 38.53 51.35 -38.54
CA ILE W 56 37.47 51.01 -37.60
C ILE W 56 36.18 50.75 -38.37
N GLU W 57 35.53 49.63 -38.08
CA GLU W 57 34.24 49.32 -38.68
C GLU W 57 33.20 50.32 -38.21
N GLN W 58 32.37 50.79 -39.15
CA GLN W 58 31.33 51.78 -38.83
C GLN W 58 30.03 51.10 -38.40
N ASN W 59 30.13 50.13 -37.50
CA ASN W 59 28.95 49.48 -36.94
C ASN W 59 29.00 49.28 -35.43
N SER W 60 30.15 49.43 -34.78
CA SER W 60 30.26 49.17 -33.35
C SER W 60 30.37 50.44 -32.51
N ILE W 61 30.69 51.58 -33.12
CA ILE W 61 30.85 52.83 -32.40
C ILE W 61 29.50 53.54 -32.27
N GLU W 62 28.43 52.85 -32.66
CA GLU W 62 27.09 53.42 -32.54
C GLU W 62 26.70 53.54 -31.08
N LYS W 63 26.49 54.78 -30.62
CA LYS W 63 26.15 55.02 -29.23
C LYS W 63 24.66 54.89 -28.95
N ILE W 64 23.83 54.80 -29.99
CA ILE W 64 22.40 54.58 -29.81
C ILE W 64 22.13 53.08 -29.75
N GLN W 65 21.55 52.63 -28.65
CA GLN W 65 21.27 51.21 -28.43
C GLN W 65 19.78 51.02 -28.18
N LEU W 66 19.22 49.98 -28.80
CA LEU W 66 17.82 49.66 -28.60
C LEU W 66 17.65 48.78 -27.36
N ILE W 67 16.85 49.26 -26.40
CA ILE W 67 16.50 48.44 -25.25
C ILE W 67 15.45 47.40 -25.62
N ASP W 68 14.51 47.78 -26.46
CA ASP W 68 13.57 46.85 -27.11
C ASP W 68 13.09 47.52 -28.39
N ASP W 69 12.02 47.00 -28.99
CA ASP W 69 11.51 47.57 -30.22
C ASP W 69 10.90 48.96 -30.02
N TYR W 70 10.65 49.36 -28.78
CA TYR W 70 9.99 50.64 -28.51
C TYR W 70 10.75 51.55 -27.58
N VAL W 71 11.92 51.14 -27.08
CA VAL W 71 12.73 51.97 -26.19
C VAL W 71 14.17 51.96 -26.68
N ALA W 72 14.78 53.13 -26.76
CA ALA W 72 16.17 53.26 -27.17
C ALA W 72 16.91 54.12 -26.14
N ALA W 73 18.23 53.94 -26.08
CA ALA W 73 19.06 54.65 -25.14
C ALA W 73 20.35 55.11 -25.81
N VAL W 74 20.90 56.22 -25.32
CA VAL W 74 22.19 56.73 -25.75
C VAL W 74 22.97 57.13 -24.50
N THR W 75 24.28 56.87 -24.51
CA THR W 75 25.11 57.04 -23.34
C THR W 75 26.29 57.95 -23.64
N SER W 76 26.93 58.44 -22.57
CA SER W 76 28.12 59.25 -22.68
C SER W 76 28.97 59.02 -21.44
N GLY W 77 30.29 58.96 -21.63
CA GLY W 77 31.23 58.73 -20.55
C GLY W 77 32.09 57.49 -20.81
N LEU W 78 32.40 56.76 -19.74
CA LEU W 78 33.18 55.49 -19.83
C LEU W 78 32.41 54.47 -20.65
N VAL W 79 32.92 54.04 -21.80
CA VAL W 79 32.29 53.09 -22.74
C VAL W 79 32.06 51.76 -22.03
N ALA W 80 33.04 51.28 -21.28
CA ALA W 80 32.93 49.98 -20.63
C ALA W 80 31.80 49.96 -19.61
N ASP W 81 31.70 51.01 -18.79
CA ASP W 81 30.59 51.09 -17.84
C ASP W 81 29.27 51.28 -18.56
N ALA W 82 29.27 52.01 -19.68
CA ALA W 82 28.04 52.22 -20.44
C ALA W 82 27.50 50.91 -21.00
N ARG W 83 28.39 50.03 -21.47
CA ARG W 83 27.94 48.74 -21.99
C ARG W 83 27.28 47.90 -20.90
N VAL W 84 27.82 47.93 -19.69
CA VAL W 84 27.26 47.16 -18.59
C VAL W 84 25.86 47.68 -18.24
N LEU W 85 25.69 49.00 -18.19
CA LEU W 85 24.39 49.57 -17.84
C LEU W 85 23.34 49.29 -18.91
N VAL W 86 23.74 49.32 -20.18
CA VAL W 86 22.81 49.01 -21.26
C VAL W 86 22.34 47.57 -21.17
N ASP W 87 23.27 46.65 -20.89
CA ASP W 87 22.90 45.24 -20.69
C ASP W 87 21.95 45.08 -19.52
N PHE W 88 22.21 45.81 -18.42
CA PHE W 88 21.32 45.75 -17.28
C PHE W 88 19.92 46.25 -17.63
N ALA W 89 19.84 47.32 -18.42
CA ALA W 89 18.54 47.85 -18.82
C ALA W 89 17.77 46.85 -19.68
N ARG W 90 18.47 46.17 -20.60
CA ARG W 90 17.81 45.18 -21.45
C ARG W 90 17.26 44.02 -20.64
N ILE W 91 18.02 43.54 -19.66
CA ILE W 91 17.54 42.46 -18.81
C ILE W 91 16.36 42.93 -17.97
N SER W 92 16.42 44.17 -17.46
CA SER W 92 15.33 44.70 -16.66
C SER W 92 14.05 44.83 -17.47
N ALA W 93 14.17 45.24 -18.74
CA ALA W 93 12.99 45.38 -19.58
C ALA W 93 12.32 44.03 -19.82
N GLN W 94 13.11 42.98 -20.04
CA GLN W 94 12.54 41.65 -20.26
C GLN W 94 11.90 41.11 -18.99
N GLN W 95 12.48 41.40 -17.83
CA GLN W 95 11.87 40.98 -16.57
C GLN W 95 10.49 41.61 -16.39
N GLU W 96 10.34 42.87 -16.79
CA GLU W 96 9.03 43.51 -16.75
C GLU W 96 8.04 42.81 -17.67
N LYS W 97 8.48 42.42 -18.87
CA LYS W 97 7.58 41.76 -19.82
C LYS W 97 7.20 40.37 -19.34
N VAL W 98 8.10 39.65 -18.68
CA VAL W 98 7.76 38.32 -18.18
C VAL W 98 6.75 38.43 -17.03
N THR W 99 6.91 39.43 -16.16
CA THR W 99 6.06 39.53 -14.99
C THR W 99 4.64 39.97 -15.35
N TYR W 100 4.50 40.99 -16.21
CA TYR W 100 3.21 41.58 -16.49
C TYR W 100 2.70 41.33 -17.90
N GLY W 101 3.52 40.79 -18.79
CA GLY W 101 3.12 40.55 -20.16
C GLY W 101 3.40 41.67 -21.13
N SER W 102 3.79 42.84 -20.63
CA SER W 102 4.10 43.99 -21.48
C SER W 102 4.82 45.04 -20.62
N LEU W 103 5.24 46.11 -21.27
CA LEU W 103 5.85 47.25 -20.62
C LEU W 103 4.88 48.43 -20.71
N VAL W 104 4.54 48.99 -19.56
CA VAL W 104 3.51 50.03 -19.48
C VAL W 104 4.12 51.42 -19.34
N ASN W 105 5.10 51.58 -18.45
CA ASN W 105 5.73 52.87 -18.21
C ASN W 105 7.23 52.74 -18.36
N ILE W 106 7.82 53.59 -19.21
CA ILE W 106 9.27 53.58 -19.38
C ILE W 106 9.96 54.14 -18.14
N GLU W 107 9.31 55.07 -17.43
CA GLU W 107 9.91 55.67 -16.24
C GLU W 107 10.29 54.62 -15.22
N ASN W 108 9.51 53.54 -15.09
CA ASN W 108 9.86 52.46 -14.18
C ASN W 108 11.17 51.81 -14.57
N LEU W 109 11.39 51.61 -15.88
CA LEU W 109 12.65 51.02 -16.34
C LEU W 109 13.82 51.92 -16.01
N VAL W 110 13.66 53.23 -16.16
CA VAL W 110 14.73 54.17 -15.85
C VAL W 110 15.05 54.15 -14.36
N LYS W 111 14.02 54.01 -13.52
CA LYS W 111 14.23 54.01 -12.08
C LYS W 111 15.06 52.81 -11.63
N ARG W 112 14.81 51.64 -12.23
CA ARG W 112 15.60 50.46 -11.87
C ARG W 112 17.07 50.66 -12.23
N VAL W 113 17.34 51.26 -13.40
CA VAL W 113 18.71 51.56 -13.77
C VAL W 113 19.32 52.57 -12.82
N ALA W 114 18.56 53.63 -12.49
CA ALA W 114 19.08 54.67 -11.60
C ALA W 114 19.29 54.15 -10.18
N ASP W 115 18.42 53.24 -9.71
CA ASP W 115 18.63 52.65 -8.40
C ASP W 115 19.92 51.84 -8.36
N GLN W 116 20.24 51.15 -9.45
CA GLN W 116 21.51 50.44 -9.54
C GLN W 116 22.68 51.42 -9.43
N MET W 117 22.58 52.56 -10.11
CA MET W 117 23.66 53.55 -10.07
C MET W 117 23.74 54.22 -8.70
N GLN W 118 22.58 54.49 -8.08
CA GLN W 118 22.59 55.12 -6.76
C GLN W 118 23.22 54.21 -5.72
N GLN W 119 23.04 52.90 -5.85
CA GLN W 119 23.61 51.96 -4.89
C GLN W 119 25.13 52.04 -4.87
N TYR W 120 25.75 52.29 -6.02
CA TYR W 120 27.20 52.38 -6.12
C TYR W 120 27.75 53.73 -5.65
N THR W 121 26.94 54.55 -4.99
CA THR W 121 27.39 55.80 -4.42
C THR W 121 27.27 55.84 -2.90
N GLN W 122 26.77 54.78 -2.27
CA GLN W 122 26.53 54.77 -0.84
C GLN W 122 27.29 53.67 -0.10
N TYR W 123 27.86 52.69 -0.79
CA TYR W 123 28.57 51.60 -0.16
C TYR W 123 30.05 51.65 -0.52
N GLY W 124 30.89 51.39 0.48
CA GLY W 124 32.32 51.38 0.25
C GLY W 124 32.78 50.16 -0.55
N GLY W 125 33.99 50.25 -1.09
CA GLY W 125 34.56 49.18 -1.86
C GLY W 125 34.17 49.16 -3.32
N VAL W 126 33.32 50.10 -3.77
CA VAL W 126 32.93 50.20 -5.17
C VAL W 126 33.04 51.66 -5.58
N ARG W 127 33.11 51.88 -6.90
CA ARG W 127 33.12 53.22 -7.45
C ARG W 127 31.86 53.46 -8.27
N PRO W 128 31.39 54.70 -8.35
CA PRO W 128 30.20 55.00 -9.14
C PRO W 128 30.45 54.81 -10.62
N TYR W 129 29.36 54.54 -11.35
CA TYR W 129 29.42 54.49 -12.80
C TYR W 129 29.68 55.89 -13.36
N GLY W 130 30.64 56.00 -14.25
CA GLY W 130 30.92 57.28 -14.89
C GLY W 130 30.18 57.45 -16.20
N VAL W 131 28.86 57.26 -16.18
CA VAL W 131 28.05 57.25 -17.39
C VAL W 131 26.78 58.06 -17.16
N SER W 132 26.41 58.84 -18.16
CA SER W 132 25.10 59.48 -18.23
C SER W 132 24.33 58.89 -19.39
N LEU W 133 23.03 58.67 -19.20
CA LEU W 133 22.20 57.99 -20.18
C LEU W 133 20.96 58.83 -20.49
N ILE W 134 20.45 58.66 -21.70
CA ILE W 134 19.19 59.26 -22.12
C ILE W 134 18.29 58.15 -22.64
N PHE W 135 17.09 58.06 -22.09
CA PHE W 135 16.11 57.05 -22.49
C PHE W 135 14.94 57.73 -23.20
N ALA W 136 14.58 57.19 -24.37
CA ALA W 136 13.47 57.72 -25.16
C ALA W 136 12.70 56.56 -25.77
N GLY W 137 11.38 56.69 -25.79
CA GLY W 137 10.57 55.64 -26.37
C GLY W 137 9.09 55.96 -26.27
N ILE W 138 8.28 54.96 -26.60
CA ILE W 138 6.83 55.08 -26.60
C ILE W 138 6.27 54.03 -25.64
N ASP W 139 5.41 54.47 -24.73
CA ASP W 139 4.72 53.55 -23.82
C ASP W 139 3.23 53.86 -23.79
N GLN W 140 2.50 53.27 -22.85
CA GLN W 140 1.06 53.47 -22.76
C GLN W 140 0.66 54.90 -22.38
N ILE W 141 1.62 55.79 -22.10
CA ILE W 141 1.32 57.18 -21.84
C ILE W 141 1.63 58.08 -23.03
N GLY W 142 2.64 57.74 -23.83
CA GLY W 142 3.02 58.54 -24.98
C GLY W 142 4.52 58.62 -25.13
N PRO W 143 5.00 59.56 -25.93
CA PRO W 143 6.45 59.76 -26.04
C PRO W 143 7.06 60.18 -24.71
N ARG W 144 8.21 59.58 -24.39
CA ARG W 144 8.90 59.84 -23.13
C ARG W 144 10.35 60.16 -23.42
N LEU W 145 10.95 61.00 -22.57
CA LEU W 145 12.35 61.38 -22.70
C LEU W 145 12.91 61.58 -21.29
N PHE W 146 13.89 60.75 -20.92
CA PHE W 146 14.49 60.79 -19.61
C PHE W 146 16.00 60.87 -19.73
N ASP W 147 16.63 61.33 -18.65
CA ASP W 147 18.09 61.31 -18.52
C ASP W 147 18.45 60.78 -17.15
N CYS W 148 19.68 60.27 -17.05
CA CYS W 148 20.19 59.73 -15.78
C CYS W 148 21.65 60.09 -15.65
N ASP W 149 22.06 60.45 -14.44
CA ASP W 149 23.41 60.89 -14.18
C ASP W 149 24.14 59.86 -13.33
N PRO W 150 25.46 59.99 -13.12
CA PRO W 150 26.16 59.02 -12.25
C PRO W 150 25.59 58.95 -10.84
N ALA W 151 25.06 60.05 -10.30
CA ALA W 151 24.46 60.02 -8.98
C ALA W 151 23.15 59.25 -8.92
N GLY W 152 22.55 58.94 -10.07
CA GLY W 152 21.27 58.26 -10.09
C GLY W 152 20.06 59.17 -10.10
N THR W 153 20.23 60.44 -10.44
CA THR W 153 19.10 61.37 -10.49
C THR W 153 18.34 61.21 -11.80
N ILE W 154 17.03 61.38 -11.74
CA ILE W 154 16.15 61.20 -12.89
C ILE W 154 15.41 62.50 -13.16
N ASN W 155 15.41 62.92 -14.42
CA ASN W 155 14.64 64.07 -14.86
C ASN W 155 14.00 63.76 -16.21
N GLU W 156 12.84 64.35 -16.45
CA GLU W 156 12.11 64.18 -17.70
C GLU W 156 12.13 65.49 -18.48
N TYR W 157 12.42 65.41 -19.77
CA TYR W 157 12.62 66.58 -20.60
C TYR W 157 11.76 66.52 -21.85
N LYS W 158 11.43 67.71 -22.37
CA LYS W 158 10.99 67.83 -23.75
C LYS W 158 12.16 67.78 -24.72
N ALA W 159 13.34 68.24 -24.28
CA ALA W 159 14.57 68.16 -25.04
C ALA W 159 15.73 68.28 -24.06
N THR W 160 16.79 67.50 -24.29
CA THR W 160 17.93 67.51 -23.39
C THR W 160 19.15 67.03 -24.17
N ALA W 161 20.31 67.14 -23.52
CA ALA W 161 21.57 66.72 -24.14
C ALA W 161 22.53 66.25 -23.07
N ILE W 162 23.51 65.45 -23.50
CA ILE W 162 24.59 64.97 -22.63
C ILE W 162 25.89 65.03 -23.43
N GLY W 163 27.00 64.98 -22.71
CA GLY W 163 28.31 64.96 -23.32
C GLY W 163 29.08 66.25 -23.13
N SER W 164 30.15 66.37 -23.93
CA SER W 164 31.04 67.52 -23.81
C SER W 164 30.35 68.82 -24.18
N GLY W 165 29.57 68.81 -25.27
CA GLY W 165 28.90 70.02 -25.72
C GLY W 165 27.51 70.17 -25.17
N LYS W 166 27.27 69.63 -23.97
CA LYS W 166 25.94 69.67 -23.38
C LYS W 166 25.48 71.11 -23.14
N ASP W 167 26.36 71.96 -22.61
CA ASP W 167 25.98 73.33 -22.27
C ASP W 167 25.62 74.11 -23.53
N ALA W 168 26.40 73.95 -24.59
CA ALA W 168 26.12 74.67 -25.83
C ALA W 168 24.81 74.22 -26.46
N VAL W 169 24.54 72.91 -26.45
CA VAL W 169 23.33 72.39 -27.08
C VAL W 169 22.09 72.83 -26.30
N VAL W 170 22.13 72.72 -24.98
CA VAL W 170 20.96 73.08 -24.18
C VAL W 170 20.68 74.58 -24.28
N SER W 171 21.72 75.41 -24.39
CA SER W 171 21.51 76.83 -24.60
C SER W 171 20.86 77.10 -25.95
N PHE W 172 21.32 76.40 -26.99
CA PHE W 172 20.72 76.56 -28.31
C PHE W 172 19.27 76.09 -28.32
N LEU W 173 18.99 74.95 -27.67
CA LEU W 173 17.61 74.46 -27.60
C LEU W 173 16.75 75.34 -26.72
N GLU W 174 17.35 76.04 -25.75
CA GLU W 174 16.59 76.96 -24.93
C GLU W 174 16.03 78.12 -25.74
N ARG W 175 16.62 78.41 -26.89
CA ARG W 175 16.23 79.56 -27.69
C ARG W 175 15.38 79.18 -28.90
N GLU W 176 15.62 78.00 -29.49
CA GLU W 176 15.02 77.66 -30.77
C GLU W 176 14.10 76.46 -30.77
N TYR W 177 13.92 75.78 -29.63
CA TYR W 177 13.07 74.60 -29.61
C TYR W 177 11.59 74.98 -29.71
N LYS W 178 10.85 74.20 -30.48
CA LYS W 178 9.41 74.33 -30.60
C LYS W 178 8.75 72.99 -30.38
N GLU W 179 7.54 73.01 -29.83
CA GLU W 179 6.82 71.78 -29.55
C GLU W 179 5.97 71.35 -30.75
N ASN W 180 5.72 70.05 -30.83
CA ASN W 180 4.84 69.45 -31.83
C ASN W 180 5.34 69.72 -33.26
N LEU W 181 6.65 69.85 -33.43
CA LEU W 181 7.20 70.02 -34.76
C LEU W 181 7.10 68.72 -35.55
N PRO W 182 7.05 68.80 -36.88
CA PRO W 182 7.14 67.59 -37.69
C PRO W 182 8.51 66.95 -37.58
N GLU W 183 8.55 65.65 -37.90
CA GLU W 183 9.77 64.88 -37.71
C GLU W 183 10.93 65.44 -38.52
N LYS W 184 10.67 65.81 -39.78
CA LYS W 184 11.74 66.35 -40.62
C LYS W 184 12.28 67.66 -40.05
N GLU W 185 11.39 68.55 -39.59
CA GLU W 185 11.84 69.80 -39.01
C GLU W 185 12.62 69.58 -37.72
N ALA W 186 12.18 68.62 -36.90
CA ALA W 186 12.86 68.35 -35.63
C ALA W 186 14.30 67.88 -35.87
N VAL W 187 14.50 67.02 -36.87
CA VAL W 187 15.86 66.56 -37.19
C VAL W 187 16.73 67.72 -37.64
N THR W 188 16.18 68.60 -38.48
CA THR W 188 16.95 69.76 -38.94
C THR W 188 17.34 70.66 -37.76
N LEU W 189 16.40 70.89 -36.83
CA LEU W 189 16.72 71.68 -35.65
C LEU W 189 17.78 71.00 -34.80
N GLY W 190 17.70 69.68 -34.64
CA GLY W 190 18.68 68.97 -33.86
C GLY W 190 20.08 69.02 -34.46
N ILE W 191 20.16 68.98 -35.79
CA ILE W 191 21.46 69.08 -36.45
C ILE W 191 22.10 70.44 -36.19
N LYS W 192 21.29 71.51 -36.25
CA LYS W 192 21.81 72.85 -35.97
C LYS W 192 22.29 72.96 -34.53
N ALA W 193 21.55 72.38 -33.58
CA ALA W 193 21.97 72.43 -32.19
C ALA W 193 23.30 71.72 -31.99
N LEU W 194 23.47 70.54 -32.61
CA LEU W 194 24.75 69.85 -32.54
C LEU W 194 25.83 70.63 -33.28
N LYS W 195 25.47 71.28 -34.39
CA LYS W 195 26.43 72.07 -35.14
C LYS W 195 26.93 73.26 -34.33
N SER W 196 26.05 73.89 -33.55
CA SER W 196 26.38 75.08 -32.79
C SER W 196 27.17 74.78 -31.52
N SER W 197 27.57 73.53 -31.30
CA SER W 197 28.35 73.16 -30.14
C SER W 197 29.80 72.80 -30.46
N LEU W 198 30.13 72.59 -31.73
CA LEU W 198 31.50 72.26 -32.10
C LEU W 198 32.37 73.51 -32.15
N GLU W 199 33.68 73.30 -32.22
CA GLU W 199 34.62 74.40 -32.36
C GLU W 199 34.68 74.86 -33.82
N GLU W 200 35.35 75.98 -34.04
CA GLU W 200 35.45 76.53 -35.38
C GLU W 200 36.26 75.62 -36.30
N GLY W 201 37.20 74.87 -35.74
CA GLY W 201 38.08 74.04 -36.55
C GLY W 201 37.35 72.93 -37.30
N GLU W 202 36.48 72.21 -36.60
CA GLU W 202 35.85 71.04 -37.19
C GLU W 202 34.45 71.38 -37.72
N GLU W 203 33.76 70.36 -38.22
CA GLU W 203 32.41 70.51 -38.75
C GLU W 203 31.63 69.23 -38.51
N LEU W 204 30.31 69.32 -38.69
CA LEU W 204 29.43 68.20 -38.44
C LEU W 204 29.75 67.04 -39.38
N LYS W 205 29.63 65.80 -38.87
CA LYS W 205 30.12 64.64 -39.60
C LYS W 205 29.10 63.50 -39.68
N ALA W 206 27.87 63.80 -40.11
CA ALA W 206 26.87 62.77 -40.40
C ALA W 206 26.59 61.89 -39.18
N PRO W 207 25.91 62.42 -38.17
CA PRO W 207 25.77 61.68 -36.91
C PRO W 207 24.74 60.56 -36.97
N GLU W 208 24.49 59.93 -35.82
CA GLU W 208 23.47 58.90 -35.72
C GLU W 208 22.12 59.54 -35.40
N ILE W 209 21.08 59.13 -36.13
CA ILE W 209 19.73 59.62 -35.92
C ILE W 209 18.79 58.44 -35.80
N ALA W 210 17.97 58.44 -34.75
CA ALA W 210 16.94 57.42 -34.55
C ALA W 210 15.68 58.10 -34.06
N SER W 211 14.53 57.56 -34.46
CA SER W 211 13.25 58.14 -34.09
C SER W 211 12.19 57.06 -34.06
N ILE W 212 11.07 57.37 -33.40
CA ILE W 212 9.94 56.46 -33.28
C ILE W 212 8.68 57.30 -33.15
N THR W 213 7.58 56.78 -33.70
CA THR W 213 6.28 57.44 -33.63
C THR W 213 5.27 56.49 -33.01
N VAL W 214 4.16 57.07 -32.54
CA VAL W 214 3.12 56.29 -31.88
C VAL W 214 2.54 55.28 -32.86
N GLY W 215 2.43 54.02 -32.43
CA GLY W 215 1.92 52.96 -33.25
C GLY W 215 2.95 52.25 -34.09
N ASN W 216 4.20 52.70 -34.08
CA ASN W 216 5.27 52.10 -34.88
C ASN W 216 6.44 51.73 -33.98
N LYS W 217 7.41 51.04 -34.57
CA LYS W 217 8.63 50.66 -33.88
C LYS W 217 9.75 51.66 -34.21
N TYR W 218 10.85 51.53 -33.48
CA TYR W 218 12.01 52.39 -33.74
C TYR W 218 12.60 52.10 -35.10
N ARG W 219 13.00 53.17 -35.80
CA ARG W 219 13.70 53.04 -37.07
C ARG W 219 15.00 53.83 -37.00
N ILE W 220 16.05 53.27 -37.58
CA ILE W 220 17.38 53.87 -37.57
C ILE W 220 17.61 54.53 -38.92
N TYR W 221 17.95 55.81 -38.90
CA TYR W 221 18.24 56.53 -40.14
C TYR W 221 19.47 55.96 -40.81
N ASP W 222 19.37 55.70 -42.11
CA ASP W 222 20.53 55.23 -42.87
C ASP W 222 21.39 56.43 -43.28
N GLN W 223 22.61 56.12 -43.74
CA GLN W 223 23.54 57.17 -44.12
C GLN W 223 22.98 58.06 -45.23
N GLU W 224 22.21 57.48 -46.15
CA GLU W 224 21.64 58.27 -47.24
C GLU W 224 20.69 59.34 -46.71
N GLU W 225 19.84 58.98 -45.75
CA GLU W 225 18.90 59.95 -45.18
C GLU W 225 19.61 60.98 -44.33
N VAL W 226 20.69 60.59 -43.65
CA VAL W 226 21.43 61.52 -42.81
C VAL W 226 22.07 62.62 -43.66
N LYS W 227 22.63 62.24 -44.81
CA LYS W 227 23.28 63.21 -45.69
C LYS W 227 22.29 64.27 -46.17
N LYS W 228 21.00 63.94 -46.24
CA LYS W 228 20.00 64.90 -46.68
C LYS W 228 19.82 66.07 -45.73
N PHE W 229 20.15 65.89 -44.45
CA PHE W 229 20.02 66.99 -43.46
C PHE W 229 21.41 67.56 -43.22
N LEU W 230 22.43 66.92 -43.77
CA LEU W 230 23.82 67.34 -43.46
C LEU W 230 24.09 68.74 -44.01
N GLY X 1 42.03 70.07 14.61
CA GLY X 1 41.31 69.31 15.61
C GLY X 1 40.07 68.62 15.07
N GLN X 2 39.17 69.42 14.49
CA GLN X 2 37.94 68.86 13.92
C GLN X 2 38.23 67.97 12.73
N MET X 3 39.25 68.31 11.94
CA MET X 3 39.59 67.53 10.75
C MET X 3 40.12 66.14 11.08
N ALA X 4 40.45 65.87 12.35
CA ALA X 4 40.93 64.57 12.76
C ALA X 4 39.81 63.62 13.19
N TYR X 5 38.57 64.11 13.29
CA TYR X 5 37.45 63.31 13.76
C TYR X 5 36.23 63.47 12.87
N ASP X 6 36.43 63.75 11.58
CA ASP X 6 35.32 63.98 10.66
C ASP X 6 35.46 63.16 9.38
N ARG X 7 36.25 62.09 9.40
CA ARG X 7 36.49 61.29 8.20
C ARG X 7 35.69 59.99 8.18
N ALA X 8 35.35 59.44 9.35
CA ALA X 8 34.64 58.17 9.43
C ALA X 8 33.34 58.36 10.19
N ILE X 9 32.30 57.64 9.74
CA ILE X 9 30.98 57.76 10.37
C ILE X 9 30.99 57.19 11.78
N THR X 10 31.76 56.13 12.02
CA THR X 10 31.74 55.43 13.30
C THR X 10 32.76 55.96 14.30
N VAL X 11 33.16 57.23 14.19
CA VAL X 11 34.16 57.82 15.07
C VAL X 11 33.51 58.97 15.83
N PHE X 12 33.58 58.91 17.17
CA PHE X 12 33.14 60.01 18.00
C PHE X 12 34.25 61.05 18.13
N SER X 13 33.85 62.32 18.18
CA SER X 13 34.77 63.40 18.47
C SER X 13 35.05 63.43 19.97
N PRO X 14 36.13 64.12 20.39
CA PRO X 14 36.39 64.23 21.83
C PRO X 14 35.25 64.85 22.62
N ASP X 15 34.47 65.72 22.00
CA ASP X 15 33.30 66.29 22.66
C ASP X 15 32.02 65.55 22.31
N GLY X 16 32.12 64.29 21.91
CA GLY X 16 30.94 63.46 21.66
C GLY X 16 30.07 63.89 20.50
N ARG X 17 30.67 64.23 19.36
CA ARG X 17 29.93 64.62 18.17
C ARG X 17 30.22 63.66 17.03
N LEU X 18 29.27 63.55 16.11
CA LEU X 18 29.39 62.73 14.91
C LEU X 18 29.35 63.69 13.72
N PHE X 19 30.54 64.09 13.26
CA PHE X 19 30.62 65.12 12.23
C PHE X 19 30.09 64.64 10.87
N GLN X 20 30.24 63.35 10.57
CA GLN X 20 29.71 62.83 9.31
C GLN X 20 28.19 62.98 9.25
N VAL X 21 27.51 62.72 10.37
CA VAL X 21 26.07 62.97 10.44
C VAL X 21 25.79 64.46 10.27
N GLU X 22 26.53 65.29 10.91
CA GLU X 22 26.37 66.76 10.82
C GLU X 22 26.60 67.24 9.39
N TYR X 23 27.62 66.67 8.72
CA TYR X 23 27.87 67.06 7.33
C TYR X 23 26.74 66.63 6.41
N ALA X 24 26.08 65.52 6.72
CA ALA X 24 24.92 65.11 5.93
C ALA X 24 23.80 66.13 6.03
N ARG X 25 23.62 66.72 7.21
CA ARG X 25 22.60 67.77 7.46
C ARG X 25 22.91 69.00 6.60
N GLU X 26 24.16 69.25 6.23
CA GLU X 26 24.49 70.36 5.33
C GLU X 26 23.94 70.13 3.94
N ALA X 27 23.94 68.88 3.47
CA ALA X 27 23.36 68.57 2.17
C ALA X 27 21.85 68.85 2.16
N VAL X 28 21.19 68.64 3.29
CA VAL X 28 19.75 68.92 3.38
C VAL X 28 19.46 70.39 3.16
N LYS X 29 20.28 71.26 3.75
CA LYS X 29 20.05 72.70 3.65
C LYS X 29 20.25 73.25 2.24
N LYS X 30 20.81 72.46 1.33
CA LYS X 30 20.91 72.87 -0.06
C LYS X 30 19.62 72.64 -0.83
N GLY X 31 18.67 71.88 -0.29
CA GLY X 31 17.44 71.60 -0.99
C GLY X 31 16.44 72.74 -0.91
N SER X 32 15.40 72.64 -1.74
CA SER X 32 14.35 73.64 -1.77
C SER X 32 13.52 73.57 -0.49
N THR X 33 12.99 74.73 -0.09
CA THR X 33 12.22 74.81 1.15
C THR X 33 10.86 74.16 0.99
N ALA X 34 10.45 73.40 2.01
CA ALA X 34 9.13 72.79 2.06
C ALA X 34 8.62 72.85 3.49
N LEU X 35 7.30 72.84 3.64
CA LEU X 35 6.70 72.98 4.96
C LEU X 35 5.36 72.27 4.99
N GLY X 36 4.90 71.98 6.20
CA GLY X 36 3.58 71.40 6.40
C GLY X 36 3.00 71.88 7.71
N MET X 37 1.67 71.92 7.76
CA MET X 37 0.97 72.38 8.95
C MET X 37 -0.37 71.69 9.05
N LYS X 38 -0.85 71.54 10.29
CA LYS X 38 -2.16 70.96 10.54
C LYS X 38 -3.20 72.06 10.74
N PHE X 39 -4.42 71.76 10.31
CA PHE X 39 -5.54 72.69 10.45
C PHE X 39 -6.74 71.91 10.96
N ALA X 40 -7.92 72.55 10.92
CA ALA X 40 -9.14 71.94 11.43
C ALA X 40 -9.47 70.66 10.69
N ASN X 41 -9.31 69.52 11.37
CA ASN X 41 -9.61 68.21 10.80
C ASN X 41 -8.85 67.96 9.49
N GLY X 42 -7.58 68.33 9.47
CA GLY X 42 -6.79 68.11 8.27
C GLY X 42 -5.35 68.53 8.45
N VAL X 43 -4.57 68.30 7.40
CA VAL X 43 -3.16 68.66 7.36
C VAL X 43 -2.77 68.86 5.90
N LEU X 44 -1.85 69.79 5.66
CA LEU X 44 -1.45 70.14 4.31
C LEU X 44 0.07 70.20 4.20
N LEU X 45 0.55 70.18 2.96
CA LEU X 45 1.97 70.28 2.65
C LEU X 45 2.17 71.28 1.53
N ILE X 46 3.21 72.11 1.68
CA ILE X 46 3.58 73.10 0.67
C ILE X 46 5.07 72.93 0.36
N SER X 47 5.40 72.87 -0.92
CA SER X 47 6.78 72.67 -1.35
C SER X 47 7.12 73.72 -2.40
N ASP X 48 8.15 74.52 -2.13
CA ASP X 48 8.57 75.56 -3.05
C ASP X 48 9.13 74.96 -4.33
N LYS X 49 8.88 75.62 -5.45
CA LYS X 49 9.36 75.20 -6.76
C LYS X 49 10.30 76.25 -7.33
N LYS X 50 11.49 75.82 -7.72
CA LYS X 50 12.45 76.68 -8.41
C LYS X 50 12.33 76.41 -9.91
N VAL X 51 11.79 77.36 -10.65
CA VAL X 51 11.49 77.16 -12.06
C VAL X 51 12.80 77.09 -12.84
N ARG X 52 13.05 75.95 -13.46
CA ARG X 52 14.20 75.76 -14.33
C ARG X 52 13.80 76.11 -15.77
N SER X 53 14.63 75.75 -16.74
CA SER X 53 14.35 76.04 -18.14
C SER X 53 13.06 75.36 -18.59
N ARG X 54 12.46 75.88 -19.66
CA ARG X 54 11.18 75.38 -20.15
C ARG X 54 11.27 73.96 -20.73
N LEU X 55 12.48 73.45 -20.94
CA LEU X 55 12.65 72.11 -21.51
C LEU X 55 12.32 71.00 -20.52
N ILE X 56 12.11 71.32 -19.25
CA ILE X 56 11.83 70.32 -18.22
C ILE X 56 10.32 70.14 -18.11
N GLU X 57 9.86 68.89 -18.15
CA GLU X 57 8.45 68.60 -17.93
C GLU X 57 8.05 68.95 -16.52
N GLN X 58 6.87 69.57 -16.38
CA GLN X 58 6.38 69.99 -15.07
C GLN X 58 5.56 68.90 -14.40
N ASN X 59 6.08 67.67 -14.41
CA ASN X 59 5.43 66.56 -13.72
C ASN X 59 6.37 65.69 -12.90
N SER X 60 7.69 65.80 -13.09
CA SER X 60 8.63 64.94 -12.39
C SER X 60 9.38 65.64 -11.26
N ILE X 61 9.38 66.96 -11.23
CA ILE X 61 10.10 67.72 -10.20
C ILE X 61 9.21 67.90 -8.98
N GLU X 62 8.06 67.24 -8.97
CA GLU X 62 7.16 67.32 -7.82
C GLU X 62 7.77 66.62 -6.62
N LYS X 63 8.03 67.40 -5.57
CA LYS X 63 8.65 66.86 -4.37
C LYS X 63 7.64 66.23 -3.41
N ILE X 64 6.35 66.44 -3.62
CA ILE X 64 5.32 65.82 -2.80
C ILE X 64 4.98 64.46 -3.40
N GLN X 65 5.15 63.40 -2.61
CA GLN X 65 4.91 62.03 -3.05
C GLN X 65 3.88 61.37 -2.15
N LEU X 66 2.95 60.65 -2.75
CA LEU X 66 1.94 59.92 -2.00
C LEU X 66 2.47 58.56 -1.59
N ILE X 67 2.51 58.30 -0.28
CA ILE X 67 2.84 56.98 0.22
C ILE X 67 1.68 56.01 0.03
N ASP X 68 0.47 56.49 0.26
CA ASP X 68 -0.76 55.79 -0.09
C ASP X 68 -1.85 56.84 -0.27
N ASP X 69 -3.11 56.41 -0.31
CA ASP X 69 -4.21 57.35 -0.49
C ASP X 69 -4.40 58.27 0.72
N TYR X 70 -3.78 57.96 1.86
CA TYR X 70 -3.99 58.73 3.07
C TYR X 70 -2.71 59.25 3.70
N VAL X 71 -1.55 58.97 3.12
CA VAL X 71 -0.26 59.44 3.66
C VAL X 71 0.55 60.03 2.51
N ALA X 72 1.11 61.22 2.72
CA ALA X 72 1.96 61.87 1.74
C ALA X 72 3.27 62.29 2.41
N ALA X 73 4.30 62.45 1.59
CA ALA X 73 5.62 62.82 2.08
C ALA X 73 6.26 63.84 1.16
N VAL X 74 7.11 64.68 1.73
CA VAL X 74 7.91 65.64 0.99
C VAL X 74 9.33 65.59 1.53
N THR X 75 10.31 65.69 0.64
CA THR X 75 11.72 65.49 0.99
C THR X 75 12.54 66.71 0.59
N SER X 76 13.75 66.77 1.15
CA SER X 76 14.71 67.81 0.82
C SER X 76 16.12 67.24 0.99
N GLY X 77 17.02 67.61 0.09
CA GLY X 77 18.39 67.13 0.10
C GLY X 77 18.75 66.45 -1.21
N LEU X 78 19.56 65.39 -1.10
CA LEU X 78 19.99 64.57 -2.27
C LEU X 78 18.76 63.90 -2.89
N VAL X 79 18.40 64.22 -4.12
CA VAL X 79 17.21 63.70 -4.86
C VAL X 79 17.32 62.19 -4.97
N ALA X 80 18.49 61.67 -5.32
CA ALA X 80 18.66 60.24 -5.52
C ALA X 80 18.41 59.45 -4.25
N ASP X 81 18.95 59.92 -3.12
CA ASP X 81 18.69 59.26 -1.85
C ASP X 81 17.24 59.43 -1.44
N ALA X 82 16.63 60.58 -1.76
CA ALA X 82 15.23 60.80 -1.42
C ALA X 82 14.31 59.82 -2.15
N ARG X 83 14.61 59.52 -3.41
CA ARG X 83 13.80 58.58 -4.17
C ARG X 83 13.86 57.19 -3.54
N VAL X 84 15.03 56.77 -3.08
CA VAL X 84 15.18 55.46 -2.46
C VAL X 84 14.37 55.38 -1.17
N LEU X 85 14.42 56.43 -0.35
CA LEU X 85 13.69 56.40 0.92
C LEU X 85 12.19 56.41 0.70
N VAL X 86 11.71 57.15 -0.31
CA VAL X 86 10.27 57.16 -0.61
C VAL X 86 9.81 55.78 -1.05
N ASP X 87 10.61 55.11 -1.88
CA ASP X 87 10.27 53.75 -2.29
C ASP X 87 10.25 52.81 -1.10
N PHE X 88 11.20 52.96 -0.17
CA PHE X 88 11.21 52.14 1.04
C PHE X 88 9.96 52.37 1.88
N ALA X 89 9.54 53.64 1.99
CA ALA X 89 8.33 53.94 2.76
C ALA X 89 7.10 53.31 2.13
N ARG X 90 6.99 53.36 0.81
CA ARG X 90 5.84 52.76 0.13
C ARG X 90 5.78 51.26 0.34
N ILE X 91 6.92 50.58 0.26
CA ILE X 91 6.95 49.15 0.51
C ILE X 91 6.60 48.84 1.96
N SER X 92 7.11 49.66 2.90
CA SER X 92 6.81 49.44 4.30
C SER X 92 5.33 49.62 4.60
N ALA X 93 4.69 50.60 3.96
CA ALA X 93 3.26 50.82 4.17
C ALA X 93 2.44 49.62 3.70
N GLN X 94 2.80 49.04 2.56
CA GLN X 94 2.06 47.89 2.05
C GLN X 94 2.29 46.65 2.93
N GLN X 95 3.49 46.50 3.48
CA GLN X 95 3.75 45.40 4.39
C GLN X 95 2.86 45.49 5.63
N GLU X 96 2.64 46.71 6.13
CA GLU X 96 1.72 46.89 7.24
C GLU X 96 0.30 46.49 6.87
N LYS X 97 -0.14 46.85 5.66
CA LYS X 97 -1.50 46.51 5.24
C LYS X 97 -1.67 45.01 5.02
N VAL X 98 -0.64 44.32 4.54
CA VAL X 98 -0.74 42.88 4.35
C VAL X 98 -0.81 42.17 5.70
N THR X 99 -0.04 42.64 6.68
CA THR X 99 0.04 41.95 7.97
C THR X 99 -1.24 42.14 8.79
N TYR X 100 -1.75 43.36 8.86
CA TYR X 100 -2.87 43.67 9.74
C TYR X 100 -4.17 43.99 9.02
N GLY X 101 -4.14 44.18 7.69
CA GLY X 101 -5.33 44.51 6.95
C GLY X 101 -5.58 46.00 6.77
N SER X 102 -4.83 46.85 7.48
CA SER X 102 -4.97 48.30 7.37
C SER X 102 -3.78 48.95 8.04
N LEU X 103 -3.72 50.28 7.96
CA LEU X 103 -2.71 51.08 8.62
C LEU X 103 -3.39 51.86 9.73
N VAL X 104 -2.88 51.72 10.96
CA VAL X 104 -3.52 52.30 12.13
C VAL X 104 -2.79 53.55 12.61
N ASN X 105 -1.46 53.51 12.68
CA ASN X 105 -0.68 54.65 13.16
C ASN X 105 0.38 54.98 12.13
N ILE X 106 0.42 56.25 11.70
CA ILE X 106 1.44 56.70 10.76
C ILE X 106 2.80 56.76 11.43
N GLU X 107 2.84 57.03 12.74
CA GLU X 107 4.11 57.13 13.45
C GLU X 107 4.92 55.85 13.33
N ASN X 108 4.26 54.69 13.28
CA ASN X 108 4.98 53.44 13.09
C ASN X 108 5.68 53.40 11.74
N LEU X 109 5.02 53.90 10.69
CA LEU X 109 5.64 53.95 9.38
C LEU X 109 6.87 54.84 9.38
N VAL X 110 6.79 55.98 10.07
CA VAL X 110 7.94 56.90 10.13
C VAL X 110 9.10 56.25 10.88
N LYS X 111 8.79 55.48 11.92
CA LYS X 111 9.85 54.84 12.71
C LYS X 111 10.63 53.83 11.88
N ARG X 112 9.95 53.06 11.03
CA ARG X 112 10.64 52.09 10.18
C ARG X 112 11.59 52.81 9.22
N VAL X 113 11.14 53.93 8.64
CA VAL X 113 12.01 54.72 7.78
C VAL X 113 13.19 55.28 8.56
N ALA X 114 12.92 55.81 9.76
CA ALA X 114 13.99 56.39 10.57
C ALA X 114 14.97 55.34 11.05
N ASP X 115 14.49 54.13 11.38
CA ASP X 115 15.39 53.05 11.77
C ASP X 115 16.33 52.68 10.62
N GLN X 116 15.81 52.70 9.40
CA GLN X 116 16.68 52.47 8.23
C GLN X 116 17.76 53.54 8.13
N MET X 117 17.40 54.80 8.38
CA MET X 117 18.38 55.87 8.30
C MET X 117 19.36 55.82 9.47
N GLN X 118 18.88 55.46 10.66
CA GLN X 118 19.77 55.36 11.82
C GLN X 118 20.81 54.27 11.63
N GLN X 119 20.43 53.18 10.96
CA GLN X 119 21.35 52.07 10.74
C GLN X 119 22.56 52.52 9.92
N TYR X 120 22.36 53.43 8.97
CA TYR X 120 23.43 53.93 8.13
C TYR X 120 24.30 54.98 8.81
N THR X 121 24.18 55.14 10.13
CA THR X 121 25.04 56.05 10.88
C THR X 121 25.88 55.32 11.92
N GLN X 122 25.76 54.00 12.04
CA GLN X 122 26.45 53.26 13.07
C GLN X 122 27.38 52.17 12.53
N TYR X 123 27.28 51.83 11.25
CA TYR X 123 28.09 50.77 10.66
C TYR X 123 29.03 51.36 9.62
N GLY X 124 30.28 50.89 9.62
CA GLY X 124 31.24 51.35 8.64
C GLY X 124 30.96 50.81 7.25
N GLY X 125 31.58 51.46 6.26
CA GLY X 125 31.42 51.07 4.88
C GLY X 125 30.22 51.65 4.18
N VAL X 126 29.39 52.43 4.87
CA VAL X 126 28.24 53.08 4.28
C VAL X 126 28.22 54.54 4.72
N ARG X 127 27.49 55.36 3.97
CA ARG X 127 27.32 56.75 4.33
C ARG X 127 25.86 57.03 4.67
N PRO X 128 25.59 58.00 5.55
CA PRO X 128 24.21 58.32 5.89
C PRO X 128 23.46 58.93 4.71
N TYR X 129 22.14 58.77 4.75
CA TYR X 129 21.28 59.44 3.77
C TYR X 129 21.30 60.94 4.02
N GLY X 130 21.51 61.71 2.95
CA GLY X 130 21.47 63.16 3.07
C GLY X 130 20.12 63.74 2.75
N VAL X 131 19.08 63.23 3.43
CA VAL X 131 17.69 63.58 3.13
C VAL X 131 16.95 63.85 4.43
N SER X 132 16.13 64.89 4.43
CA SER X 132 15.14 65.13 5.47
C SER X 132 13.75 64.99 4.88
N LEU X 133 12.84 64.38 5.64
CA LEU X 133 11.51 64.06 5.14
C LEU X 133 10.46 64.60 6.10
N ILE X 134 9.28 64.91 5.55
CA ILE X 134 8.11 65.29 6.33
C ILE X 134 6.96 64.37 5.93
N PHE X 135 6.35 63.74 6.92
CA PHE X 135 5.23 62.83 6.70
C PHE X 135 3.96 63.43 7.27
N ALA X 136 2.90 63.45 6.47
CA ALA X 136 1.61 63.99 6.89
C ALA X 136 0.50 63.11 6.34
N GLY X 137 -0.52 62.89 7.16
CA GLY X 137 -1.63 62.08 6.72
C GLY X 137 -2.69 61.92 7.79
N ILE X 138 -3.64 61.04 7.52
CA ILE X 138 -4.75 60.76 8.42
C ILE X 138 -4.71 59.29 8.80
N ASP X 139 -4.77 59.00 10.10
CA ASP X 139 -4.85 57.63 10.57
C ASP X 139 -5.96 57.50 11.60
N GLN X 140 -6.02 56.36 12.30
CA GLN X 140 -7.06 56.13 13.31
C GLN X 140 -6.96 57.06 14.52
N ILE X 141 -5.95 57.92 14.61
CA ILE X 141 -5.86 58.88 15.68
C ILE X 141 -6.25 60.29 15.23
N GLY X 142 -6.00 60.64 13.96
CA GLY X 142 -6.32 61.95 13.46
C GLY X 142 -5.23 62.46 12.54
N PRO X 143 -5.25 63.76 12.25
CA PRO X 143 -4.17 64.35 11.45
C PRO X 143 -2.83 64.23 12.15
N ARG X 144 -1.80 63.86 11.38
CA ARG X 144 -0.46 63.66 11.90
C ARG X 144 0.53 64.43 11.06
N LEU X 145 1.62 64.88 11.70
CA LEU X 145 2.67 65.62 11.01
C LEU X 145 4.00 65.27 11.66
N PHE X 146 4.89 64.63 10.91
CA PHE X 146 6.18 64.19 11.40
C PHE X 146 7.30 64.71 10.50
N ASP X 147 8.50 64.74 11.05
CA ASP X 147 9.70 65.04 10.29
C ASP X 147 10.79 64.02 10.65
N CYS X 148 11.74 63.86 9.75
CA CYS X 148 12.84 62.93 9.97
C CYS X 148 14.11 63.55 9.40
N ASP X 149 15.22 63.37 10.12
CA ASP X 149 16.49 63.97 9.73
C ASP X 149 17.46 62.87 9.30
N PRO X 150 18.62 63.21 8.73
CA PRO X 150 19.60 62.17 8.38
C PRO X 150 20.01 61.28 9.55
N ALA X 151 20.06 61.83 10.76
CA ALA X 151 20.42 61.02 11.93
C ALA X 151 19.34 60.02 12.32
N GLY X 152 18.13 60.15 11.77
CA GLY X 152 17.05 59.27 12.13
C GLY X 152 16.20 59.73 13.30
N THR X 153 16.27 61.00 13.67
CA THR X 153 15.46 61.52 14.77
C THR X 153 14.05 61.82 14.30
N ILE X 154 13.08 61.60 15.18
CA ILE X 154 11.67 61.77 14.87
C ILE X 154 11.08 62.80 15.81
N ASN X 155 10.34 63.76 15.25
CA ASN X 155 9.60 64.74 16.02
C ASN X 155 8.24 64.96 15.37
N GLU X 156 7.25 65.28 16.21
CA GLU X 156 5.89 65.55 15.75
C GLU X 156 5.58 67.02 15.95
N TYR X 157 4.99 67.64 14.92
CA TYR X 157 4.78 69.08 14.91
C TYR X 157 3.32 69.40 14.58
N LYS X 158 2.89 70.56 15.07
CA LYS X 158 1.70 71.22 14.52
C LYS X 158 2.01 71.92 13.21
N ALA X 159 3.25 72.41 13.06
CA ALA X 159 3.73 73.01 11.83
C ALA X 159 5.25 72.94 11.85
N THR X 160 5.84 72.66 10.68
CA THR X 160 7.29 72.53 10.58
C THR X 160 7.71 72.80 9.14
N ALA X 161 9.02 72.88 8.94
CA ALA X 161 9.56 73.14 7.62
C ALA X 161 10.93 72.48 7.49
N ILE X 162 11.33 72.25 6.23
CA ILE X 162 12.64 71.72 5.90
C ILE X 162 13.18 72.47 4.70
N GLY X 163 14.48 72.36 4.47
CA GLY X 163 15.11 72.97 3.32
C GLY X 163 15.97 74.17 3.68
N SER X 164 16.34 74.92 2.63
CA SER X 164 17.24 76.06 2.80
C SER X 164 16.61 77.16 3.64
N GLY X 165 15.34 77.46 3.41
CA GLY X 165 14.68 78.53 4.14
C GLY X 165 13.95 78.04 5.37
N LYS X 166 14.44 76.95 5.98
CA LYS X 166 13.77 76.38 7.13
C LYS X 166 13.73 77.35 8.29
N ASP X 167 14.84 78.03 8.58
CA ASP X 167 14.91 78.94 9.72
C ASP X 167 13.94 80.11 9.56
N ALA X 168 13.87 80.67 8.35
CA ALA X 168 12.97 81.80 8.12
C ALA X 168 11.51 81.39 8.24
N VAL X 169 11.17 80.21 7.71
CA VAL X 169 9.77 79.76 7.74
C VAL X 169 9.33 79.44 9.16
N VAL X 170 10.18 78.74 9.92
CA VAL X 170 9.80 78.37 11.28
C VAL X 170 9.68 79.60 12.16
N SER X 171 10.52 80.61 11.94
CA SER X 171 10.40 81.87 12.68
C SER X 171 9.08 82.56 12.35
N PHE X 172 8.72 82.60 11.06
CA PHE X 172 7.45 83.20 10.66
C PHE X 172 6.27 82.43 11.25
N LEU X 173 6.32 81.11 11.21
CA LEU X 173 5.24 80.31 11.78
C LEU X 173 5.22 80.41 13.31
N GLU X 174 6.36 80.70 13.93
CA GLU X 174 6.38 80.88 15.37
C GLU X 174 5.58 82.10 15.80
N ARG X 175 5.36 83.04 14.88
CA ARG X 175 4.68 84.30 15.20
C ARG X 175 3.24 84.33 14.73
N GLU X 176 2.92 83.68 13.61
CA GLU X 176 1.63 83.86 12.97
C GLU X 176 0.78 82.60 12.88
N TYR X 177 1.26 81.45 13.33
CA TYR X 177 0.48 80.23 13.22
C TYR X 177 -0.69 80.22 14.20
N LYS X 178 -1.84 79.74 13.73
CA LYS X 178 -3.02 79.55 14.56
C LYS X 178 -3.54 78.14 14.37
N GLU X 179 -4.15 77.60 15.42
CA GLU X 179 -4.67 76.24 15.37
C GLU X 179 -6.12 76.24 14.87
N ASN X 180 -6.52 75.11 14.29
CA ASN X 180 -7.88 74.86 13.84
C ASN X 180 -8.35 75.89 12.81
N LEU X 181 -7.42 76.40 12.01
CA LEU X 181 -7.79 77.33 10.95
C LEU X 181 -8.51 76.59 9.83
N PRO X 182 -9.35 77.28 9.07
CA PRO X 182 -9.94 76.66 7.87
C PRO X 182 -8.87 76.41 6.82
N GLU X 183 -9.18 75.48 5.91
CA GLU X 183 -8.20 75.04 4.92
C GLU X 183 -7.74 76.20 4.04
N LYS X 184 -8.68 77.05 3.61
CA LYS X 184 -8.30 78.17 2.74
C LYS X 184 -7.38 79.14 3.47
N GLU X 185 -7.68 79.44 4.74
CA GLU X 185 -6.83 80.34 5.51
C GLU X 185 -5.46 79.73 5.75
N ALA X 186 -5.40 78.42 6.01
CA ALA X 186 -4.12 77.78 6.27
C ALA X 186 -3.21 77.84 5.05
N VAL X 187 -3.76 77.66 3.85
CA VAL X 187 -2.96 77.75 2.64
C VAL X 187 -2.43 79.18 2.46
N THR X 188 -3.27 80.19 2.71
CA THR X 188 -2.81 81.56 2.60
C THR X 188 -1.69 81.85 3.58
N LEU X 189 -1.81 81.37 4.82
CA LEU X 189 -0.75 81.55 5.80
C LEU X 189 0.53 80.85 5.37
N GLY X 190 0.40 79.65 4.81
CA GLY X 190 1.58 78.92 4.37
C GLY X 190 2.30 79.61 3.21
N ILE X 191 1.54 80.22 2.31
CA ILE X 191 2.15 80.95 1.20
C ILE X 191 2.96 82.13 1.73
N LYS X 192 2.42 82.86 2.70
CA LYS X 192 3.14 83.99 3.28
C LYS X 192 4.43 83.52 3.97
N ALA X 193 4.37 82.39 4.68
CA ALA X 193 5.56 81.88 5.33
C ALA X 193 6.64 81.52 4.33
N LEU X 194 6.25 80.87 3.22
CA LEU X 194 7.21 80.57 2.17
C LEU X 194 7.69 81.85 1.48
N LYS X 195 6.79 82.83 1.35
CA LYS X 195 7.17 84.11 0.74
C LYS X 195 8.20 84.85 1.59
N SER X 196 8.06 84.79 2.91
CA SER X 196 8.92 85.52 3.83
C SER X 196 10.29 84.86 4.01
N SER X 197 10.59 83.80 3.26
CA SER X 197 11.89 83.13 3.34
C SER X 197 12.77 83.36 2.12
N LEU X 198 12.23 83.86 1.02
CA LEU X 198 13.01 84.10 -0.18
C LEU X 198 13.80 85.40 -0.04
N GLU X 199 14.75 85.59 -0.95
CA GLU X 199 15.52 86.82 -1.00
C GLU X 199 14.72 87.91 -1.71
N GLU X 200 15.23 89.14 -1.65
CA GLU X 200 14.54 90.27 -2.25
C GLU X 200 14.51 90.14 -3.77
N GLY X 201 15.50 89.47 -4.36
CA GLY X 201 15.58 89.39 -5.81
C GLY X 201 14.43 88.63 -6.44
N GLU X 202 14.09 87.46 -5.89
CA GLU X 202 13.10 86.59 -6.51
C GLU X 202 11.73 86.78 -5.86
N GLU X 203 10.77 85.97 -6.30
CA GLU X 203 9.42 86.03 -5.78
C GLU X 203 8.81 84.63 -5.86
N LEU X 204 7.68 84.46 -5.17
CA LEU X 204 7.02 83.16 -5.09
C LEU X 204 6.55 82.72 -6.48
N LYS X 205 6.64 81.42 -6.73
CA LYS X 205 6.43 80.89 -8.08
C LYS X 205 5.47 79.72 -8.16
N ALA X 206 4.27 79.87 -7.56
CA ALA X 206 3.19 78.88 -7.71
C ALA X 206 3.63 77.48 -7.24
N PRO X 207 3.79 77.27 -5.94
CA PRO X 207 4.37 76.02 -5.45
C PRO X 207 3.41 74.84 -5.49
N GLU X 208 3.85 73.70 -4.97
CA GLU X 208 3.00 72.53 -4.85
C GLU X 208 2.22 72.57 -3.54
N ILE X 209 0.92 72.32 -3.62
CA ILE X 209 0.06 72.29 -2.44
C ILE X 209 -0.75 71.00 -2.45
N ALA X 210 -0.74 70.29 -1.33
CA ALA X 210 -1.53 69.08 -1.15
C ALA X 210 -2.13 69.10 0.25
N SER X 211 -3.34 68.54 0.37
CA SER X 211 -4.03 68.52 1.65
C SER X 211 -4.96 67.34 1.71
N ILE X 212 -5.38 67.00 2.93
CA ILE X 212 -6.30 65.89 3.17
C ILE X 212 -7.11 66.22 4.42
N THR X 213 -8.36 65.76 4.44
CA THR X 213 -9.25 65.95 5.57
C THR X 213 -9.76 64.60 6.05
N VAL X 214 -10.28 64.59 7.28
CA VAL X 214 -10.76 63.35 7.88
C VAL X 214 -11.94 62.83 7.07
N GLY X 215 -11.90 61.53 6.74
CA GLY X 215 -12.93 60.90 5.96
C GLY X 215 -12.72 60.97 4.47
N ASN X 216 -11.69 61.65 3.99
CA ASN X 216 -11.42 61.79 2.57
C ASN X 216 -9.99 61.35 2.26
N LYS X 217 -9.69 61.29 0.97
CA LYS X 217 -8.36 60.96 0.50
C LYS X 217 -7.57 62.24 0.18
N TYR X 218 -6.29 62.07 -0.07
CA TYR X 218 -5.44 63.20 -0.45
C TYR X 218 -5.86 63.76 -1.79
N ARG X 219 -5.86 65.09 -1.90
CA ARG X 219 -6.12 65.76 -3.16
C ARG X 219 -4.97 66.71 -3.45
N ILE X 220 -4.56 66.78 -4.71
CA ILE X 220 -3.46 67.63 -5.15
C ILE X 220 -4.03 68.89 -5.79
N TYR X 221 -3.61 70.05 -5.30
CA TYR X 221 -4.08 71.31 -5.86
C TYR X 221 -3.60 71.46 -7.29
N ASP X 222 -4.51 71.83 -8.19
CA ASP X 222 -4.13 72.09 -9.57
C ASP X 222 -3.57 73.52 -9.69
N GLN X 223 -2.95 73.78 -10.84
CA GLN X 223 -2.34 75.09 -11.06
C GLN X 223 -3.35 76.22 -10.98
N GLU X 224 -4.59 75.97 -11.42
CA GLU X 224 -5.62 77.00 -11.35
C GLU X 224 -5.90 77.41 -9.91
N GLU X 225 -6.02 76.44 -9.00
CA GLU X 225 -6.29 76.75 -7.62
C GLU X 225 -5.08 77.41 -6.94
N VAL X 226 -3.87 77.01 -7.33
CA VAL X 226 -2.67 77.60 -6.74
C VAL X 226 -2.57 79.08 -7.07
N LYS X 227 -2.89 79.45 -8.32
CA LYS X 227 -2.82 80.85 -8.72
C LYS X 227 -3.76 81.73 -7.90
N LYS X 228 -4.84 81.15 -7.36
CA LYS X 228 -5.79 81.92 -6.57
C LYS X 228 -5.20 82.41 -5.26
N PHE X 229 -4.18 81.72 -4.74
CA PHE X 229 -3.55 82.14 -3.47
C PHE X 229 -2.25 82.87 -3.81
N LEU X 230 -1.87 82.84 -5.08
CA LEU X 230 -0.55 83.42 -5.47
C LEU X 230 -0.51 84.92 -5.23
N GLY Y 1 49.82 62.66 21.87
CA GLY Y 1 49.79 61.37 22.53
C GLY Y 1 48.42 60.74 22.54
N GLN Y 2 47.44 61.45 23.11
CA GLN Y 2 46.08 60.94 23.17
C GLN Y 2 45.46 60.83 21.78
N MET Y 3 45.80 61.75 20.87
CA MET Y 3 45.25 61.74 19.52
C MET Y 3 45.71 60.54 18.70
N ALA Y 4 46.72 59.81 19.17
CA ALA Y 4 47.19 58.63 18.46
C ALA Y 4 46.48 57.35 18.88
N TYR Y 5 45.63 57.40 19.92
CA TYR Y 5 44.96 56.22 20.43
C TYR Y 5 43.47 56.47 20.66
N ASP Y 6 42.87 57.37 19.88
CA ASP Y 6 41.47 57.73 20.06
C ASP Y 6 40.69 57.68 18.75
N ARG Y 7 41.19 56.97 17.74
CA ARG Y 7 40.54 56.91 16.44
C ARG Y 7 39.76 55.63 16.20
N ALA Y 8 40.15 54.52 16.83
CA ALA Y 8 39.50 53.24 16.63
C ALA Y 8 38.97 52.71 17.95
N ILE Y 9 37.81 52.05 17.89
CA ILE Y 9 37.18 51.52 19.09
C ILE Y 9 38.00 50.37 19.68
N THR Y 10 38.62 49.55 18.84
CA THR Y 10 39.32 48.35 19.27
C THR Y 10 40.79 48.59 19.60
N VAL Y 11 41.18 49.80 19.97
CA VAL Y 11 42.57 50.14 20.26
C VAL Y 11 42.67 50.58 21.71
N PHE Y 12 43.53 49.91 22.48
CA PHE Y 12 43.83 50.34 23.83
C PHE Y 12 44.89 51.43 23.82
N SER Y 13 44.76 52.37 24.75
CA SER Y 13 45.78 53.37 24.97
C SER Y 13 46.94 52.77 25.77
N PRO Y 14 48.10 53.41 25.77
CA PRO Y 14 49.22 52.89 26.58
C PRO Y 14 48.89 52.75 28.05
N ASP Y 15 48.00 53.58 28.59
CA ASP Y 15 47.55 53.46 29.97
C ASP Y 15 46.26 52.67 30.10
N GLY Y 16 45.94 51.83 29.11
CA GLY Y 16 44.77 50.95 29.20
C GLY Y 16 43.44 51.64 29.19
N ARG Y 17 43.23 52.62 28.32
CA ARG Y 17 41.97 53.33 28.20
C ARG Y 17 41.38 53.15 26.81
N LEU Y 18 40.06 53.24 26.73
CA LEU Y 18 39.31 53.15 25.48
C LEU Y 18 38.66 54.51 25.25
N PHE Y 19 39.35 55.37 24.49
CA PHE Y 19 38.90 56.75 24.34
C PHE Y 19 37.60 56.86 23.55
N GLN Y 20 37.37 55.96 22.60
CA GLN Y 20 36.12 55.99 21.83
C GLN Y 20 34.92 55.75 22.74
N VAL Y 21 35.06 54.82 23.70
CA VAL Y 21 34.01 54.65 24.70
C VAL Y 21 33.85 55.90 25.55
N GLU Y 22 34.92 56.50 25.95
CA GLU Y 22 34.92 57.73 26.76
C GLU Y 22 34.27 58.87 25.99
N TYR Y 23 34.58 58.97 24.68
CA TYR Y 23 33.97 60.02 23.87
C TYR Y 23 32.47 59.82 23.73
N ALA Y 24 32.01 58.56 23.71
CA ALA Y 24 30.57 58.30 23.67
C ALA Y 24 29.88 58.83 24.91
N ARG Y 25 30.55 58.72 26.06
CA ARG Y 25 30.02 59.22 27.35
C ARG Y 25 29.88 60.75 27.28
N GLU Y 26 30.64 61.46 26.46
CA GLU Y 26 30.48 62.90 26.30
C GLU Y 26 29.16 63.24 25.62
N ALA Y 27 28.73 62.40 24.67
CA ALA Y 27 27.44 62.60 24.02
C ALA Y 27 26.30 62.47 25.03
N VAL Y 28 26.45 61.59 26.01
CA VAL Y 28 25.41 61.41 27.03
C VAL Y 28 25.23 62.69 27.84
N LYS Y 29 26.33 63.36 28.20
CA LYS Y 29 26.26 64.55 29.03
C LYS Y 29 25.61 65.73 28.31
N LYS Y 30 25.39 65.65 27.00
CA LYS Y 30 24.64 66.68 26.29
C LYS Y 30 23.14 66.53 26.42
N GLY Y 31 22.65 65.39 26.92
CA GLY Y 31 21.23 65.18 27.04
C GLY Y 31 20.63 65.84 28.26
N SER Y 32 19.31 65.89 28.27
CA SER Y 32 18.58 66.48 29.40
C SER Y 32 18.71 65.61 30.64
N THR Y 33 18.69 66.26 31.81
CA THR Y 33 18.85 65.55 33.06
C THR Y 33 17.62 64.73 33.40
N ALA Y 34 17.85 63.51 33.88
CA ALA Y 34 16.78 62.64 34.35
C ALA Y 34 17.27 61.88 35.56
N LEU Y 35 16.33 61.47 36.42
CA LEU Y 35 16.70 60.80 37.67
C LEU Y 35 15.59 59.86 38.08
N GLY Y 36 15.94 58.92 38.95
CA GLY Y 36 14.97 58.01 39.53
C GLY Y 36 15.39 57.64 40.94
N MET Y 37 14.38 57.32 41.76
CA MET Y 37 14.64 56.97 43.15
C MET Y 37 13.56 55.99 43.62
N LYS Y 38 13.94 55.16 44.59
CA LYS Y 38 13.01 54.22 45.20
C LYS Y 38 12.44 54.80 46.49
N PHE Y 39 11.20 54.45 46.78
CA PHE Y 39 10.52 54.88 47.99
C PHE Y 39 9.81 53.67 48.61
N ALA Y 40 8.95 53.93 49.58
CA ALA Y 40 8.24 52.87 50.29
C ALA Y 40 7.37 52.06 49.33
N ASN Y 41 7.78 50.81 49.07
CA ASN Y 41 7.05 49.90 48.19
C ASN Y 41 6.80 50.51 46.81
N GLY Y 42 7.83 51.15 46.26
CA GLY Y 42 7.67 51.72 44.93
C GLY Y 42 8.96 52.36 44.44
N VAL Y 43 8.89 52.87 43.21
CA VAL Y 43 10.00 53.54 42.56
C VAL Y 43 9.43 54.50 41.54
N LEU Y 44 10.11 55.64 41.35
CA LEU Y 44 9.62 56.67 40.45
C LEU Y 44 10.74 57.16 39.55
N LEU Y 45 10.35 57.85 38.48
CA LEU Y 45 11.28 58.44 37.52
C LEU Y 45 10.87 59.86 37.23
N ILE Y 46 11.86 60.76 37.16
CA ILE Y 46 11.63 62.16 36.82
C ILE Y 46 12.59 62.54 35.69
N SER Y 47 12.05 63.18 34.66
CA SER Y 47 12.84 63.57 33.50
C SER Y 47 12.58 65.05 33.19
N ASP Y 48 13.64 65.85 33.19
CA ASP Y 48 13.51 67.27 32.92
C ASP Y 48 13.09 67.50 31.47
N LYS Y 49 12.27 68.54 31.27
CA LYS Y 49 11.79 68.91 29.96
C LYS Y 49 12.30 70.31 29.61
N LYS Y 50 12.93 70.44 28.45
CA LYS Y 50 13.35 71.74 27.92
C LYS Y 50 12.30 72.18 26.91
N VAL Y 51 11.53 73.21 27.26
CA VAL Y 51 10.41 73.63 26.43
C VAL Y 51 10.94 74.28 25.15
N ARG Y 52 10.62 73.67 24.02
CA ARG Y 52 10.96 74.22 22.71
C ARG Y 52 9.79 75.08 22.23
N SER Y 53 9.81 75.45 20.95
CA SER Y 53 8.76 76.29 20.38
C SER Y 53 7.39 75.62 20.49
N ARG Y 54 6.32 76.41 20.43
CA ARG Y 54 4.97 75.89 20.60
C ARG Y 54 4.53 75.00 19.44
N LEU Y 55 5.28 74.97 18.33
CA LEU Y 55 4.90 74.16 17.19
C LEU Y 55 5.12 72.66 17.41
N ILE Y 56 5.79 72.28 18.49
CA ILE Y 56 6.08 70.87 18.77
C ILE Y 56 4.96 70.29 19.62
N GLU Y 57 4.44 69.14 19.20
CA GLU Y 57 3.43 68.44 19.99
C GLU Y 57 4.03 67.96 21.30
N GLN Y 58 3.28 68.12 22.39
CA GLN Y 58 3.75 67.73 23.72
C GLN Y 58 3.40 66.28 24.03
N ASN Y 59 3.66 65.38 23.09
CA ASN Y 59 3.45 63.96 23.31
C ASN Y 59 4.58 63.07 22.81
N SER Y 60 5.51 63.57 22.00
CA SER Y 60 6.57 62.75 21.44
C SER Y 60 7.94 62.99 22.09
N ILE Y 61 8.10 64.10 22.81
CA ILE Y 61 9.37 64.43 23.43
C ILE Y 61 9.47 63.79 24.81
N GLU Y 62 8.51 62.93 25.13
CA GLU Y 62 8.51 62.23 26.41
C GLU Y 62 9.66 61.22 26.45
N LYS Y 63 10.60 61.44 27.37
CA LYS Y 63 11.76 60.57 27.48
C LYS Y 63 11.49 59.33 28.34
N ILE Y 64 10.37 59.29 29.04
CA ILE Y 64 10.02 58.10 29.82
C ILE Y 64 9.21 57.16 28.94
N GLN Y 65 9.72 55.95 28.78
CA GLN Y 65 9.09 54.94 27.92
C GLN Y 65 8.78 53.69 28.73
N LEU Y 66 7.59 53.14 28.50
CA LEU Y 66 7.19 51.91 29.17
C LEU Y 66 7.71 50.70 28.40
N ILE Y 67 8.50 49.87 29.07
CA ILE Y 67 8.92 48.60 28.50
C ILE Y 67 7.80 47.58 28.54
N ASP Y 68 7.04 47.58 29.64
CA ASP Y 68 5.79 46.83 29.75
C ASP Y 68 4.96 47.54 30.82
N ASP Y 69 3.90 46.87 31.29
CA ASP Y 69 3.05 47.47 32.31
C ASP Y 69 3.74 47.63 33.66
N TYR Y 70 4.89 46.97 33.85
CA TYR Y 70 5.57 47.00 35.14
C TYR Y 70 7.02 47.47 35.07
N VAL Y 71 7.54 47.80 33.89
CA VAL Y 71 8.91 48.26 33.74
C VAL Y 71 8.90 49.51 32.86
N ALA Y 72 9.61 50.54 33.29
CA ALA Y 72 9.75 51.79 32.54
C ALA Y 72 11.22 52.15 32.42
N ALA Y 73 11.54 52.93 31.39
CA ALA Y 73 12.92 53.33 31.14
C ALA Y 73 12.96 54.80 30.73
N VAL Y 74 14.08 55.45 31.04
CA VAL Y 74 14.35 56.82 30.62
C VAL Y 74 15.79 56.87 30.12
N THR Y 75 16.01 57.64 29.05
CA THR Y 75 17.29 57.65 28.36
C THR Y 75 17.83 59.07 28.27
N SER Y 76 19.13 59.16 27.96
CA SER Y 76 19.79 60.43 27.75
C SER Y 76 20.92 60.22 26.76
N GLY Y 77 21.11 61.20 25.85
CA GLY Y 77 22.13 61.14 24.83
C GLY Y 77 21.53 61.26 23.44
N LEU Y 78 22.10 60.54 22.48
CA LEU Y 78 21.62 60.49 21.07
C LEU Y 78 20.20 59.92 21.05
N VAL Y 79 19.19 60.68 20.64
CA VAL Y 79 17.76 60.30 20.60
C VAL Y 79 17.60 59.10 19.66
N ALA Y 80 18.24 59.13 18.50
CA ALA Y 80 18.07 58.06 17.52
C ALA Y 80 18.57 56.73 18.05
N ASP Y 81 19.75 56.72 18.69
CA ASP Y 81 20.26 55.50 19.30
C ASP Y 81 19.39 55.08 20.47
N ALA Y 82 18.85 56.05 21.23
CA ALA Y 82 18.00 55.73 22.36
C ALA Y 82 16.73 55.01 21.92
N ARG Y 83 16.15 55.44 20.80
CA ARG Y 83 14.94 54.79 20.29
C ARG Y 83 15.20 53.33 19.93
N VAL Y 84 16.36 53.07 19.32
CA VAL Y 84 16.71 51.70 18.92
C VAL Y 84 16.86 50.81 20.16
N LEU Y 85 17.53 51.32 21.20
CA LEU Y 85 17.74 50.52 22.40
C LEU Y 85 16.43 50.24 23.13
N VAL Y 86 15.52 51.22 23.17
CA VAL Y 86 14.23 51.02 23.80
C VAL Y 86 13.44 49.95 23.07
N ASP Y 87 13.46 49.97 21.73
CA ASP Y 87 12.79 48.94 20.95
C ASP Y 87 13.39 47.57 21.22
N PHE Y 88 14.73 47.51 21.34
CA PHE Y 88 15.38 46.24 21.66
C PHE Y 88 14.96 45.73 23.03
N ALA Y 89 14.84 46.62 24.01
CA ALA Y 89 14.42 46.22 25.35
C ALA Y 89 12.99 45.66 25.33
N ARG Y 90 12.10 46.31 24.58
CA ARG Y 90 10.72 45.85 24.52
C ARG Y 90 10.63 44.46 23.89
N ILE Y 91 11.39 44.22 22.82
CA ILE Y 91 11.40 42.89 22.21
C ILE Y 91 11.98 41.87 23.16
N SER Y 92 13.06 42.23 23.88
CA SER Y 92 13.67 41.31 24.83
C SER Y 92 12.72 40.94 25.95
N ALA Y 93 11.93 41.91 26.43
CA ALA Y 93 10.98 41.63 27.50
C ALA Y 93 9.92 40.64 27.05
N GLN Y 94 9.43 40.79 25.82
CA GLN Y 94 8.40 39.87 25.32
C GLN Y 94 8.97 38.48 25.09
N GLN Y 95 10.23 38.39 24.66
CA GLN Y 95 10.87 37.09 24.51
C GLN Y 95 10.95 36.35 25.84
N GLU Y 96 11.22 37.09 26.92
CA GLU Y 96 11.23 36.49 28.25
C GLU Y 96 9.84 35.96 28.62
N LYS Y 97 8.80 36.73 28.31
CA LYS Y 97 7.44 36.30 28.64
C LYS Y 97 7.00 35.10 27.82
N VAL Y 98 7.43 35.00 26.56
CA VAL Y 98 7.07 33.85 25.75
C VAL Y 98 7.76 32.59 26.26
N THR Y 99 9.02 32.72 26.67
CA THR Y 99 9.79 31.54 27.08
C THR Y 99 9.33 30.99 28.42
N TYR Y 100 9.11 31.87 29.41
CA TYR Y 100 8.82 31.43 30.77
C TYR Y 100 7.39 31.71 31.22
N GLY Y 101 6.63 32.50 30.48
CA GLY Y 101 5.28 32.84 30.87
C GLY Y 101 5.15 34.12 31.68
N SER Y 102 6.26 34.69 32.14
CA SER Y 102 6.24 35.92 32.92
C SER Y 102 7.67 36.45 32.99
N LEU Y 103 7.81 37.62 33.61
CA LEU Y 103 9.11 38.24 33.86
C LEU Y 103 9.35 38.20 35.36
N VAL Y 104 10.49 37.62 35.76
CA VAL Y 104 10.79 37.39 37.17
C VAL Y 104 11.79 38.40 37.71
N ASN Y 105 12.86 38.67 36.97
CA ASN Y 105 13.90 39.60 37.42
C ASN Y 105 14.13 40.64 36.33
N ILE Y 106 14.03 41.91 36.72
CA ILE Y 106 14.30 43.00 35.77
C ILE Y 106 15.79 43.07 35.44
N GLU Y 107 16.66 42.70 36.39
CA GLU Y 107 18.09 42.75 36.15
C GLU Y 107 18.50 41.94 34.94
N ASN Y 108 17.82 40.82 34.67
CA ASN Y 108 18.12 40.03 33.48
C ASN Y 108 17.83 40.83 32.21
N LEU Y 109 16.73 41.57 32.20
CA LEU Y 109 16.40 42.40 31.04
C LEU Y 109 17.47 43.47 30.81
N VAL Y 110 17.96 44.08 31.88
CA VAL Y 110 19.00 45.10 31.75
C VAL Y 110 20.28 44.49 31.21
N LYS Y 111 20.61 43.27 31.63
CA LYS Y 111 21.84 42.63 31.19
C LYS Y 111 21.82 42.37 29.68
N ARG Y 112 20.67 41.95 29.14
CA ARG Y 112 20.58 41.72 27.70
C ARG Y 112 20.80 43.01 26.93
N VAL Y 113 20.24 44.12 27.42
CA VAL Y 113 20.47 45.41 26.78
C VAL Y 113 21.94 45.80 26.89
N ALA Y 114 22.52 45.62 28.07
CA ALA Y 114 23.92 45.99 28.28
C ALA Y 114 24.86 45.12 27.46
N ASP Y 115 24.55 43.83 27.31
CA ASP Y 115 25.37 42.96 26.47
C ASP Y 115 25.35 43.43 25.02
N GLN Y 116 24.19 43.90 24.55
CA GLN Y 116 24.12 44.48 23.21
C GLN Y 116 25.03 45.70 23.09
N MET Y 117 25.05 46.55 24.11
CA MET Y 117 25.88 47.74 24.06
C MET Y 117 27.36 47.39 24.20
N GLN Y 118 27.68 46.40 25.04
CA GLN Y 118 29.08 45.99 25.21
C GLN Y 118 29.64 45.41 23.91
N GLN Y 119 28.81 44.72 23.14
CA GLN Y 119 29.26 44.13 21.88
C GLN Y 119 29.75 45.19 20.90
N TYR Y 120 29.12 46.37 20.91
CA TYR Y 120 29.48 47.46 20.02
C TYR Y 120 30.70 48.23 20.50
N THR Y 121 31.44 47.72 21.49
CA THR Y 121 32.67 48.34 21.94
C THR Y 121 33.88 47.45 21.73
N GLN Y 122 33.72 46.25 21.18
CA GLN Y 122 34.80 45.30 21.04
C GLN Y 122 35.08 44.88 19.59
N TYR Y 123 34.16 45.17 18.67
CA TYR Y 123 34.31 44.77 17.27
C TYR Y 123 34.47 45.99 16.39
N GLY Y 124 35.39 45.91 15.42
CA GLY Y 124 35.58 47.01 14.50
C GLY Y 124 34.45 47.14 13.51
N GLY Y 125 34.40 48.31 12.87
CA GLY Y 125 33.37 48.59 11.88
C GLY Y 125 32.07 49.12 12.45
N VAL Y 126 31.94 49.24 13.77
CA VAL Y 126 30.76 49.78 14.40
C VAL Y 126 31.19 50.80 15.45
N ARG Y 127 30.25 51.66 15.84
CA ARG Y 127 30.49 52.61 16.89
C ARG Y 127 29.59 52.33 18.09
N PRO Y 128 30.03 52.66 19.30
CA PRO Y 128 29.21 52.42 20.48
C PRO Y 128 27.97 53.31 20.49
N TYR Y 129 26.95 52.82 21.18
CA TYR Y 129 25.75 53.63 21.42
C TYR Y 129 26.09 54.78 22.35
N GLY Y 130 25.69 55.99 21.97
CA GLY Y 130 25.91 57.14 22.83
C GLY Y 130 24.71 57.44 23.71
N VAL Y 131 24.27 56.44 24.47
CA VAL Y 131 23.05 56.52 25.26
C VAL Y 131 23.30 55.94 26.64
N SER Y 132 22.78 56.62 27.67
CA SER Y 132 22.69 56.07 29.01
C SER Y 132 21.22 55.88 29.36
N LEU Y 133 20.91 54.78 30.04
CA LEU Y 133 19.53 54.41 30.33
C LEU Y 133 19.36 54.14 31.82
N ILE Y 134 18.15 54.38 32.31
CA ILE Y 134 17.75 54.04 33.67
C ILE Y 134 16.51 53.16 33.60
N PHE Y 135 16.58 52.00 34.24
CA PHE Y 135 15.46 51.05 34.27
C PHE Y 135 14.90 50.97 35.68
N ALA Y 136 13.57 51.10 35.80
CA ALA Y 136 12.89 51.03 37.08
C ALA Y 136 11.59 50.27 36.91
N GLY Y 137 11.27 49.44 37.89
CA GLY Y 137 10.04 48.68 37.83
C GLY Y 137 9.87 47.78 39.03
N ILE Y 138 8.86 46.92 38.94
CA ILE Y 138 8.50 45.98 40.00
C ILE Y 138 8.60 44.57 39.44
N ASP Y 139 9.33 43.69 40.13
CA ASP Y 139 9.40 42.29 39.77
C ASP Y 139 9.16 41.40 40.97
N GLN Y 140 9.42 40.11 40.85
CA GLN Y 140 9.19 39.18 41.96
C GLN Y 140 10.12 39.40 43.15
N ILE Y 141 11.06 40.34 43.07
CA ILE Y 141 11.91 40.67 44.21
C ILE Y 141 11.49 41.97 44.88
N GLY Y 142 10.94 42.93 44.13
CA GLY Y 142 10.53 44.19 44.68
C GLY Y 142 10.88 45.34 43.75
N PRO Y 143 10.83 46.57 44.27
CA PRO Y 143 11.25 47.72 43.45
C PRO Y 143 12.71 47.61 43.06
N ARG Y 144 12.98 47.93 41.79
CA ARG Y 144 14.33 47.84 41.24
C ARG Y 144 14.68 49.15 40.54
N LEU Y 145 15.96 49.50 40.56
CA LEU Y 145 16.46 50.71 39.91
C LEU Y 145 17.85 50.44 39.37
N PHE Y 146 18.00 50.49 38.05
CA PHE Y 146 19.26 50.20 37.38
C PHE Y 146 19.62 51.34 36.45
N ASP Y 147 20.91 51.43 36.12
CA ASP Y 147 21.41 52.33 35.11
C ASP Y 147 22.35 51.58 34.18
N CYS Y 148 22.53 52.11 32.98
CA CYS Y 148 23.41 51.50 31.99
C CYS Y 148 24.12 52.61 31.23
N ASP Y 149 25.40 52.40 30.95
CA ASP Y 149 26.23 53.41 30.29
C ASP Y 149 26.58 52.93 28.89
N PRO Y 150 27.19 53.78 28.05
CA PRO Y 150 27.61 53.32 26.71
C PRO Y 150 28.55 52.12 26.75
N ALA Y 151 29.39 52.01 27.77
CA ALA Y 151 30.30 50.87 27.87
C ALA Y 151 29.58 49.57 28.20
N GLY Y 152 28.33 49.64 28.63
CA GLY Y 152 27.60 48.44 29.02
C GLY Y 152 27.71 48.06 30.47
N THR Y 153 28.14 48.98 31.33
CA THR Y 153 28.26 48.69 32.76
C THR Y 153 26.89 48.82 33.43
N ILE Y 154 26.66 47.96 34.43
CA ILE Y 154 25.39 47.90 35.13
C ILE Y 154 25.62 48.17 36.61
N ASN Y 155 24.82 49.06 37.18
CA ASN Y 155 24.83 49.34 38.61
C ASN Y 155 23.40 49.49 39.10
N GLU Y 156 23.18 49.11 40.36
CA GLU Y 156 21.87 49.21 40.99
C GLU Y 156 21.92 50.29 42.08
N TYR Y 157 20.90 51.14 42.09
CA TYR Y 157 20.89 52.31 42.96
C TYR Y 157 19.60 52.37 43.76
N LYS Y 158 19.68 53.00 44.92
CA LYS Y 158 18.50 53.52 45.60
C LYS Y 158 18.02 54.82 44.98
N ALA Y 159 18.95 55.60 44.43
CA ALA Y 159 18.63 56.82 43.69
C ALA Y 159 19.81 57.13 42.79
N THR Y 160 19.52 57.61 41.57
CA THR Y 160 20.57 57.91 40.62
C THR Y 160 20.05 58.93 39.62
N ALA Y 161 20.95 59.42 38.78
CA ALA Y 161 20.59 60.40 37.77
C ALA Y 161 21.49 60.25 36.56
N ILE Y 162 21.01 60.76 35.42
CA ILE Y 162 21.76 60.79 34.17
C ILE Y 162 21.52 62.15 33.51
N GLY Y 163 22.39 62.48 32.56
CA GLY Y 163 22.24 63.70 31.80
C GLY Y 163 23.26 64.75 32.16
N SER Y 164 22.98 65.98 31.68
CA SER Y 164 23.92 67.08 31.87
C SER Y 164 24.08 67.45 33.33
N GLY Y 165 22.98 67.50 34.08
CA GLY Y 165 23.04 67.89 35.47
C GLY Y 165 23.18 66.71 36.41
N LYS Y 166 23.81 65.63 35.94
CA LYS Y 166 23.94 64.42 36.75
C LYS Y 166 24.73 64.68 38.02
N ASP Y 167 25.85 65.41 37.91
CA ASP Y 167 26.71 65.64 39.07
C ASP Y 167 26.00 66.46 40.13
N ALA Y 168 25.26 67.48 39.71
CA ALA Y 168 24.55 68.32 40.68
C ALA Y 168 23.44 67.55 41.37
N VAL Y 169 22.70 66.72 40.62
CA VAL Y 169 21.58 65.98 41.20
C VAL Y 169 22.09 64.92 42.19
N VAL Y 170 23.13 64.17 41.81
CA VAL Y 170 23.64 63.12 42.68
C VAL Y 170 24.23 63.72 43.96
N SER Y 171 24.86 64.89 43.86
CA SER Y 171 25.36 65.57 45.05
C SER Y 171 24.22 65.98 45.96
N PHE Y 172 23.14 66.52 45.39
CA PHE Y 172 21.98 66.90 46.17
C PHE Y 172 21.33 65.68 46.83
N LEU Y 173 21.20 64.58 46.07
CA LEU Y 173 20.62 63.37 46.63
C LEU Y 173 21.54 62.73 47.66
N GLU Y 174 22.85 62.96 47.53
CA GLU Y 174 23.78 62.43 48.54
C GLU Y 174 23.56 63.06 49.90
N ARG Y 175 22.94 64.24 49.94
CA ARG Y 175 22.76 64.97 51.19
C ARG Y 175 21.34 64.86 51.75
N GLU Y 176 20.33 64.76 50.89
CA GLU Y 176 18.95 64.89 51.32
C GLU Y 176 18.08 63.66 51.10
N TYR Y 177 18.61 62.60 50.50
CA TYR Y 177 17.79 61.43 50.22
C TYR Y 177 17.48 60.66 51.51
N LYS Y 178 16.25 60.19 51.62
CA LYS Y 178 15.81 59.34 52.73
C LYS Y 178 15.12 58.11 52.17
N GLU Y 179 15.23 57.00 52.89
CA GLU Y 179 14.64 55.75 52.45
C GLU Y 179 13.21 55.62 52.97
N ASN Y 180 12.41 54.84 52.23
CA ASN Y 180 11.04 54.50 52.61
C ASN Y 180 10.16 55.74 52.77
N LEU Y 181 10.45 56.78 52.01
CA LEU Y 181 9.62 57.98 52.04
C LEU Y 181 8.27 57.70 51.35
N PRO Y 182 7.23 58.43 51.73
CA PRO Y 182 5.97 58.33 50.99
C PRO Y 182 6.12 58.89 49.58
N GLU Y 183 5.20 58.47 48.70
CA GLU Y 183 5.31 58.81 47.29
C GLU Y 183 5.26 60.32 47.08
N LYS Y 184 4.36 61.01 47.79
CA LYS Y 184 4.26 62.46 47.63
C LYS Y 184 5.53 63.16 48.07
N GLU Y 185 6.11 62.73 49.19
CA GLU Y 185 7.35 63.35 49.65
C GLU Y 185 8.50 63.06 48.70
N ALA Y 186 8.55 61.86 48.15
CA ALA Y 186 9.63 61.50 47.23
C ALA Y 186 9.61 62.37 45.97
N VAL Y 187 8.41 62.64 45.44
CA VAL Y 187 8.29 63.50 44.27
C VAL Y 187 8.76 64.92 44.59
N THR Y 188 8.38 65.44 45.77
CA THR Y 188 8.82 66.77 46.16
C THR Y 188 10.34 66.83 46.29
N LEU Y 189 10.95 65.80 46.88
CA LEU Y 189 12.40 65.77 46.98
C LEU Y 189 13.05 65.70 45.60
N GLY Y 190 12.48 64.92 44.69
CA GLY Y 190 13.03 64.81 43.36
C GLY Y 190 12.96 66.11 42.58
N ILE Y 191 11.88 66.87 42.77
CA ILE Y 191 11.75 68.17 42.11
C ILE Y 191 12.84 69.12 42.59
N LYS Y 192 13.11 69.14 43.90
CA LYS Y 192 14.16 69.99 44.44
C LYS Y 192 15.53 69.59 43.89
N ALA Y 193 15.79 68.29 43.77
CA ALA Y 193 17.07 67.84 43.23
C ALA Y 193 17.24 68.29 41.79
N LEU Y 194 16.19 68.18 40.97
CA LEU Y 194 16.25 68.67 39.60
C LEU Y 194 16.34 70.19 39.58
N LYS Y 195 15.68 70.86 40.52
CA LYS Y 195 15.74 72.32 40.60
C LYS Y 195 17.16 72.79 40.92
N SER Y 196 17.85 72.08 41.80
CA SER Y 196 19.18 72.47 42.26
C SER Y 196 20.27 72.18 41.24
N SER Y 197 19.92 71.72 40.05
CA SER Y 197 20.91 71.45 39.00
C SER Y 197 20.86 72.43 37.85
N LEU Y 198 19.82 73.24 37.73
CA LEU Y 198 19.73 74.21 36.66
C LEU Y 198 20.58 75.45 36.97
N GLU Y 199 20.77 76.28 35.95
CA GLU Y 199 21.48 77.53 36.13
C GLU Y 199 20.54 78.59 36.72
N GLU Y 200 21.13 79.72 37.11
CA GLU Y 200 20.35 80.79 37.72
C GLU Y 200 19.37 81.40 36.72
N GLY Y 201 19.70 81.36 35.43
CA GLY Y 201 18.86 82.00 34.43
C GLY Y 201 17.49 81.36 34.29
N GLU Y 202 17.43 80.04 34.22
CA GLU Y 202 16.18 79.35 33.94
C GLU Y 202 15.53 78.86 35.23
N GLU Y 203 14.42 78.14 35.09
CA GLU Y 203 13.69 77.59 36.22
C GLU Y 203 13.00 76.30 35.79
N LEU Y 204 12.54 75.54 36.78
CA LEU Y 204 11.92 74.25 36.53
C LEU Y 204 10.66 74.42 35.69
N LYS Y 205 10.41 73.45 34.79
CA LYS Y 205 9.36 73.61 33.79
C LYS Y 205 8.42 72.41 33.69
N ALA Y 206 7.88 71.94 34.83
CA ALA Y 206 6.84 70.91 34.83
C ALA Y 206 7.30 69.63 34.15
N PRO Y 207 8.20 68.88 34.75
CA PRO Y 207 8.81 67.73 34.06
C PRO Y 207 7.90 66.52 33.98
N GLU Y 208 8.44 65.41 33.46
CA GLU Y 208 7.71 64.16 33.40
C GLU Y 208 7.92 63.38 34.70
N ILE Y 209 6.83 62.87 35.26
CA ILE Y 209 6.88 62.08 36.49
C ILE Y 209 6.10 60.78 36.25
N ALA Y 210 6.71 59.66 36.58
CA ALA Y 210 6.08 58.35 36.51
C ALA Y 210 6.47 57.55 37.75
N SER Y 211 5.54 56.71 38.22
CA SER Y 211 5.79 55.92 39.42
C SER Y 211 4.96 54.66 39.37
N ILE Y 212 5.35 53.68 40.19
CA ILE Y 212 4.66 52.41 40.29
C ILE Y 212 4.83 51.88 41.71
N THR Y 213 3.82 51.17 42.20
CA THR Y 213 3.84 50.58 43.52
C THR Y 213 3.58 49.08 43.41
N VAL Y 214 3.95 48.36 44.47
CA VAL Y 214 3.79 46.90 44.47
C VAL Y 214 2.32 46.55 44.37
N GLY Y 215 2.00 45.63 43.46
CA GLY Y 215 0.65 45.21 43.23
C GLY Y 215 -0.12 46.02 42.20
N ASN Y 216 0.48 47.09 41.67
CA ASN Y 216 -0.17 47.95 40.71
C ASN Y 216 0.69 48.09 39.46
N LYS Y 217 0.13 48.73 38.44
CA LYS Y 217 0.84 49.01 37.21
C LYS Y 217 1.41 50.43 37.23
N TYR Y 218 2.23 50.73 36.24
CA TYR Y 218 2.79 52.07 36.11
C TYR Y 218 1.69 53.08 35.80
N ARG Y 219 1.78 54.25 36.43
CA ARG Y 219 0.88 55.35 36.14
C ARG Y 219 1.71 56.59 35.80
N ILE Y 220 1.24 57.35 34.82
CA ILE Y 220 1.93 58.54 34.35
C ILE Y 220 1.24 59.77 34.94
N TYR Y 221 2.00 60.61 35.61
CA TYR Y 221 1.44 61.83 36.20
C TYR Y 221 0.95 62.76 35.10
N ASP Y 222 -0.27 63.27 35.25
CA ASP Y 222 -0.79 64.24 34.31
C ASP Y 222 -0.28 65.63 34.66
N GLN Y 223 -0.47 66.57 33.72
CA GLN Y 223 0.02 67.93 33.92
C GLN Y 223 -0.59 68.59 35.14
N GLU Y 224 -1.84 68.27 35.45
CA GLU Y 224 -2.49 68.85 36.63
C GLU Y 224 -1.78 68.44 37.91
N GLU Y 225 -1.42 67.16 38.03
CA GLU Y 225 -0.73 66.70 39.23
C GLU Y 225 0.70 67.22 39.29
N VAL Y 226 1.34 67.39 38.14
CA VAL Y 226 2.72 67.90 38.13
C VAL Y 226 2.76 69.33 38.65
N LYS Y 227 1.79 70.15 38.25
CA LYS Y 227 1.75 71.55 38.70
C LYS Y 227 1.63 71.66 40.21
N LYS Y 228 1.05 70.66 40.85
CA LYS Y 228 0.89 70.68 42.31
C LYS Y 228 2.22 70.62 43.05
N PHE Y 229 3.25 70.05 42.43
CA PHE Y 229 4.58 69.96 43.09
C PHE Y 229 5.46 71.06 42.50
N LEU Y 230 4.96 71.74 41.48
CA LEU Y 230 5.83 72.73 40.78
C LEU Y 230 6.17 73.90 41.69
N GLY Z 1 59.53 54.94 18.12
CA GLY Z 1 59.76 53.53 17.86
C GLY Z 1 58.62 52.65 18.32
N GLN Z 2 58.30 52.73 19.62
CA GLN Z 2 57.22 51.94 20.17
C GLN Z 2 55.87 52.36 19.59
N MET Z 3 55.68 53.65 19.31
CA MET Z 3 54.42 54.14 18.79
C MET Z 3 54.13 53.64 17.38
N ALA Z 4 55.11 53.05 16.69
CA ALA Z 4 54.91 52.52 15.36
C ALA Z 4 54.47 51.06 15.36
N TYR Z 5 54.46 50.40 16.51
CA TYR Z 5 54.11 48.98 16.60
C TYR Z 5 53.12 48.71 17.73
N ASP Z 6 52.27 49.69 18.07
CA ASP Z 6 51.33 49.54 19.17
C ASP Z 6 49.91 49.93 18.77
N ARG Z 7 49.60 49.95 17.48
CA ARG Z 7 48.29 50.36 17.01
C ARG Z 7 47.38 49.20 16.62
N ALA Z 8 47.95 48.06 16.21
CA ALA Z 8 47.18 46.91 15.78
C ALA Z 8 47.51 45.70 16.64
N ILE Z 9 46.49 44.89 16.92
CA ILE Z 9 46.68 43.71 17.76
C ILE Z 9 47.55 42.67 17.04
N THR Z 10 47.42 42.54 15.73
CA THR Z 10 48.09 41.50 14.97
C THR Z 10 49.47 41.91 14.46
N VAL Z 11 50.14 42.85 15.11
CA VAL Z 11 51.44 43.33 14.66
C VAL Z 11 52.46 43.04 15.75
N PHE Z 12 53.53 42.34 15.39
CA PHE Z 12 54.65 42.12 16.28
C PHE Z 12 55.60 43.32 16.24
N SER Z 13 56.16 43.63 17.40
CA SER Z 13 57.21 44.63 17.48
C SER Z 13 58.54 44.03 17.00
N PRO Z 14 59.52 44.87 16.66
CA PRO Z 14 60.83 44.33 16.25
C PRO Z 14 61.47 43.42 17.29
N ASP Z 15 61.20 43.64 18.58
CA ASP Z 15 61.69 42.77 19.63
C ASP Z 15 60.66 41.71 20.04
N GLY Z 16 59.72 41.39 19.17
CA GLY Z 16 58.76 40.32 19.43
C GLY Z 16 57.79 40.56 20.56
N ARG Z 17 57.22 41.76 20.64
CA ARG Z 17 56.24 42.09 21.67
C ARG Z 17 54.91 42.45 21.03
N LEU Z 18 53.84 42.24 21.79
CA LEU Z 18 52.47 42.57 21.39
C LEU Z 18 51.98 43.66 22.33
N PHE Z 19 52.14 44.92 21.92
CA PHE Z 19 51.86 46.04 22.81
C PHE Z 19 50.38 46.18 23.12
N GLN Z 20 49.50 45.81 22.17
CA GLN Z 20 48.07 45.89 22.44
C GLN Z 20 47.66 44.95 23.57
N VAL Z 21 48.25 43.75 23.60
CA VAL Z 21 48.03 42.86 24.74
C VAL Z 21 48.58 43.47 26.02
N GLU Z 22 49.73 44.05 25.97
CA GLU Z 22 50.37 44.71 27.14
C GLU Z 22 49.52 45.87 27.63
N TYR Z 23 48.96 46.65 26.68
CA TYR Z 23 48.12 47.77 27.07
C TYR Z 23 46.83 47.29 27.74
N ALA Z 24 46.32 46.12 27.33
CA ALA Z 24 45.14 45.56 27.98
C ALA Z 24 45.43 45.23 29.45
N ARG Z 25 46.64 44.75 29.73
CA ARG Z 25 47.09 44.44 31.10
C ARG Z 25 47.11 45.72 31.94
N GLU Z 26 47.28 46.90 31.36
CA GLU Z 26 47.22 48.15 32.11
C GLU Z 26 45.81 48.42 32.62
N ALA Z 27 44.80 48.07 31.84
CA ALA Z 27 43.41 48.22 32.29
C ALA Z 27 43.13 47.34 33.50
N VAL Z 28 43.76 46.17 33.56
CA VAL Z 28 43.56 45.28 34.70
C VAL Z 28 44.06 45.91 35.99
N LYS Z 29 45.21 46.58 35.93
CA LYS Z 29 45.80 47.18 37.12
C LYS Z 29 44.99 48.35 37.68
N LYS Z 30 44.00 48.84 36.93
CA LYS Z 30 43.11 49.87 37.45
C LYS Z 30 42.00 49.29 38.32
N GLY Z 31 41.79 47.98 38.30
CA GLY Z 31 40.73 47.38 39.08
C GLY Z 31 41.10 47.21 40.56
N SER Z 32 40.08 46.89 41.35
CA SER Z 32 40.28 46.69 42.78
C SER Z 32 41.05 45.39 43.02
N THR Z 33 41.81 45.37 44.10
CA THR Z 33 42.65 44.21 44.42
C THR Z 33 41.79 43.05 44.92
N ALA Z 34 42.13 41.86 44.44
CA ALA Z 34 41.48 40.63 44.89
C ALA Z 34 42.53 39.53 44.97
N LEU Z 35 42.28 38.55 45.82
CA LEU Z 35 43.26 37.48 46.04
C LEU Z 35 42.53 36.20 46.45
N GLY Z 36 43.24 35.09 46.29
CA GLY Z 36 42.73 33.80 46.73
C GLY Z 36 43.88 32.93 47.17
N MET Z 37 43.57 32.01 48.09
CA MET Z 37 44.58 31.11 48.63
C MET Z 37 43.93 29.80 49.04
N LYS Z 38 44.72 28.73 48.98
CA LYS Z 38 44.27 27.42 49.40
C LYS Z 38 44.69 27.14 50.84
N PHE Z 39 43.85 26.39 51.55
CA PHE Z 39 44.12 26.00 52.92
C PHE Z 39 43.81 24.52 53.08
N ALA Z 40 43.76 24.06 54.33
CA ALA Z 40 43.53 22.64 54.62
C ALA Z 40 42.18 22.19 54.09
N ASN Z 41 42.18 21.37 53.04
CA ASN Z 41 40.97 20.84 52.42
C ASN Z 41 39.99 21.95 52.02
N GLY Z 42 40.52 23.02 51.42
CA GLY Z 42 39.65 24.10 50.98
C GLY Z 42 40.43 25.18 50.27
N VAL Z 43 39.67 26.18 49.81
CA VAL Z 43 40.22 27.33 49.12
C VAL Z 43 39.25 28.50 49.31
N LEU Z 44 39.79 29.71 49.40
CA LEU Z 44 38.97 30.88 49.67
C LEU Z 44 39.35 32.01 48.72
N LEU Z 45 38.46 33.00 48.63
CA LEU Z 45 38.67 34.18 47.80
C LEU Z 45 38.33 35.42 48.62
N ILE Z 46 39.16 36.46 48.48
CA ILE Z 46 38.95 37.75 49.13
C ILE Z 46 39.04 38.84 48.08
N SER Z 47 38.06 39.74 48.08
CA SER Z 47 37.99 40.83 47.11
C SER Z 47 37.78 42.14 47.84
N ASP Z 48 38.69 43.09 47.64
CA ASP Z 48 38.59 44.38 48.30
C ASP Z 48 37.40 45.16 47.77
N LYS Z 49 36.76 45.92 48.65
CA LYS Z 49 35.61 46.74 48.31
C LYS Z 49 35.96 48.21 48.54
N LYS Z 50 35.74 49.04 47.51
CA LYS Z 50 35.90 50.48 47.62
C LYS Z 50 34.51 51.07 47.82
N VAL Z 51 34.25 51.58 49.02
CA VAL Z 51 32.92 52.05 49.38
C VAL Z 51 32.61 53.33 48.61
N ARG Z 52 31.60 53.28 47.77
CA ARG Z 52 31.12 54.45 47.05
C ARG Z 52 30.01 55.12 47.86
N SER Z 53 29.28 56.05 47.25
CA SER Z 53 28.21 56.75 47.95
C SER Z 53 27.13 55.80 48.43
N ARG Z 54 26.35 56.21 49.44
CA ARG Z 54 25.34 55.36 50.04
C ARG Z 54 24.18 55.05 49.11
N LEU Z 55 24.08 55.74 47.97
CA LEU Z 55 22.99 55.51 47.03
C LEU Z 55 23.13 54.21 46.26
N ILE Z 56 24.27 53.52 46.35
CA ILE Z 56 24.50 52.28 45.62
C ILE Z 56 24.08 51.11 46.48
N GLU Z 57 23.29 50.20 45.90
CA GLU Z 57 22.90 48.99 46.62
C GLU Z 57 24.13 48.11 46.84
N GLN Z 58 24.23 47.54 48.04
CA GLN Z 58 25.37 46.70 48.39
C GLN Z 58 25.12 45.23 48.03
N ASN Z 59 24.64 45.00 46.81
CA ASN Z 59 24.45 43.64 46.32
C ASN Z 59 24.92 43.41 44.89
N SER Z 60 25.20 44.46 44.12
CA SER Z 60 25.60 44.31 42.72
C SER Z 60 27.08 44.53 42.48
N ILE Z 61 27.79 45.17 43.41
CA ILE Z 61 29.20 45.48 43.24
C ILE Z 61 30.05 44.30 43.71
N GLU Z 62 29.39 43.18 44.02
CA GLU Z 62 30.11 41.98 44.44
C GLU Z 62 30.91 41.40 43.28
N LYS Z 63 32.23 41.39 43.43
CA LYS Z 63 33.09 40.89 42.37
C LYS Z 63 33.28 39.38 42.41
N ILE Z 64 32.84 38.72 43.47
CA ILE Z 64 32.90 37.26 43.54
C ILE Z 64 31.62 36.69 42.95
N GLN Z 65 31.77 35.87 41.92
CA GLN Z 65 30.64 35.28 41.21
C GLN Z 65 30.75 33.77 41.24
N LEU Z 66 29.63 33.10 41.48
CA LEU Z 66 29.59 31.65 41.49
C LEU Z 66 29.37 31.13 40.07
N ILE Z 67 30.31 30.30 39.60
CA ILE Z 67 30.14 29.62 38.32
C ILE Z 67 29.17 28.46 38.46
N ASP Z 68 29.25 27.73 39.57
CA ASP Z 68 28.26 26.74 39.98
C ASP Z 68 28.35 26.62 41.49
N ASP Z 69 27.74 25.56 42.04
CA ASP Z 69 27.77 25.36 43.49
C ASP Z 69 29.16 25.03 44.01
N TYR Z 70 30.11 24.68 43.13
CA TYR Z 70 31.43 24.26 43.56
C TYR Z 70 32.57 25.05 42.94
N VAL Z 71 32.29 26.02 42.07
CA VAL Z 71 33.31 26.83 41.44
C VAL Z 71 32.91 28.30 41.55
N ALA Z 72 33.85 29.14 41.96
CA ALA Z 72 33.63 30.58 42.07
C ALA Z 72 34.75 31.31 41.33
N ALA Z 73 34.46 32.54 40.92
CA ALA Z 73 35.41 33.35 40.19
C ALA Z 73 35.36 34.79 40.67
N VAL Z 74 36.51 35.47 40.58
CA VAL Z 74 36.62 36.89 40.87
C VAL Z 74 37.44 37.54 39.76
N THR Z 75 37.04 38.75 39.36
CA THR Z 75 37.60 39.41 38.21
C THR Z 75 38.15 40.79 38.59
N SER Z 76 38.97 41.34 37.70
CA SER Z 76 39.51 42.68 37.86
C SER Z 76 39.75 43.27 36.47
N GLY Z 77 39.45 44.56 36.32
CA GLY Z 77 39.61 45.26 35.06
C GLY Z 77 38.30 45.88 34.60
N LEU Z 78 38.07 45.87 33.29
CA LEU Z 78 36.82 46.38 32.66
C LEU Z 78 35.64 45.55 33.16
N VAL Z 79 34.69 46.13 33.89
CA VAL Z 79 33.50 45.46 34.48
C VAL Z 79 32.66 44.87 33.35
N ALA Z 80 32.45 45.60 32.27
CA ALA Z 80 31.58 45.13 31.20
C ALA Z 80 32.15 43.89 30.53
N ASP Z 81 33.46 43.87 30.26
CA ASP Z 81 34.08 42.69 29.70
C ASP Z 81 34.09 41.54 30.71
N ALA Z 82 34.25 41.86 32.00
CA ALA Z 82 34.25 40.83 33.03
C ALA Z 82 32.90 40.13 33.11
N ARG Z 83 31.80 40.87 32.96
CA ARG Z 83 30.47 40.27 33.00
C ARG Z 83 30.29 39.28 31.85
N VAL Z 84 30.78 39.63 30.66
CA VAL Z 84 30.65 38.76 29.50
C VAL Z 84 31.43 37.46 29.72
N LEU Z 85 32.65 37.56 30.25
CA LEU Z 85 33.46 36.37 30.46
C LEU Z 85 32.87 35.46 31.52
N VAL Z 86 32.29 36.05 32.58
CA VAL Z 86 31.65 35.23 33.62
C VAL Z 86 30.45 34.48 33.05
N ASP Z 87 29.66 35.15 32.21
CA ASP Z 87 28.53 34.48 31.56
C ASP Z 87 29.02 33.35 30.66
N PHE Z 88 30.12 33.57 29.94
CA PHE Z 88 30.68 32.53 29.08
C PHE Z 88 31.13 31.33 29.92
N ALA Z 89 31.75 31.59 31.08
CA ALA Z 89 32.19 30.51 31.94
C ALA Z 89 31.02 29.69 32.46
N ARG Z 90 29.93 30.37 32.84
CA ARG Z 90 28.76 29.65 33.35
C ARG Z 90 28.14 28.76 32.27
N ILE Z 91 28.04 29.26 31.04
CA ILE Z 91 27.52 28.45 29.95
C ILE Z 91 28.45 27.27 29.67
N SER Z 92 29.76 27.51 29.70
CA SER Z 92 30.72 26.44 29.45
C SER Z 92 30.63 25.35 30.51
N ALA Z 93 30.43 25.74 31.78
CA ALA Z 93 30.31 24.76 32.85
C ALA Z 93 29.10 23.86 32.65
N GLN Z 94 27.97 24.45 32.24
CA GLN Z 94 26.76 23.66 32.03
C GLN Z 94 26.90 22.74 30.82
N GLN Z 95 27.61 23.18 29.79
CA GLN Z 95 27.86 22.32 28.63
C GLN Z 95 28.66 21.08 29.04
N GLU Z 96 29.63 21.26 29.95
CA GLU Z 96 30.37 20.11 30.46
C GLU Z 96 29.46 19.15 31.21
N LYS Z 97 28.54 19.68 32.01
CA LYS Z 97 27.64 18.83 32.78
C LYS Z 97 26.65 18.09 31.89
N VAL Z 98 26.20 18.72 30.80
CA VAL Z 98 25.28 18.05 29.89
C VAL Z 98 26.00 16.92 29.15
N THR Z 99 27.25 17.14 28.75
CA THR Z 99 27.96 16.16 27.94
C THR Z 99 28.37 14.94 28.76
N TYR Z 100 28.90 15.14 29.96
CA TYR Z 100 29.47 14.05 30.75
C TYR Z 100 28.68 13.72 32.00
N GLY Z 101 27.70 14.54 32.39
CA GLY Z 101 26.93 14.30 33.59
C GLY Z 101 27.49 14.95 34.85
N SER Z 102 28.70 15.50 34.80
CA SER Z 102 29.30 16.16 35.94
C SER Z 102 30.52 16.93 35.45
N LEU Z 103 31.15 17.65 36.37
CA LEU Z 103 32.39 18.38 36.11
C LEU Z 103 33.50 17.70 36.89
N VAL Z 104 34.56 17.30 36.18
CA VAL Z 104 35.63 16.51 36.77
C VAL Z 104 36.86 17.37 37.07
N ASN Z 105 37.27 18.21 36.13
CA ASN Z 105 38.46 19.04 36.31
C ASN Z 105 38.10 20.50 36.04
N ILE Z 106 38.41 21.36 37.01
CA ILE Z 106 38.16 22.79 36.84
C ILE Z 106 39.12 23.39 35.82
N GLU Z 107 40.33 22.83 35.71
CA GLU Z 107 41.32 23.36 34.77
C GLU Z 107 40.79 23.36 33.34
N ASN Z 108 39.97 22.37 32.98
CA ASN Z 108 39.38 22.35 31.65
C ASN Z 108 38.46 23.55 31.44
N LEU Z 109 37.69 23.91 32.47
CA LEU Z 109 36.82 25.07 32.36
C LEU Z 109 37.62 26.35 32.16
N VAL Z 110 38.73 26.48 32.87
CA VAL Z 110 39.58 27.66 32.73
C VAL Z 110 40.18 27.74 31.33
N LYS Z 111 40.55 26.59 30.76
CA LYS Z 111 41.16 26.57 29.44
C LYS Z 111 40.19 27.06 28.38
N ARG Z 112 38.91 26.68 28.48
CA ARG Z 112 37.93 27.15 27.51
C ARG Z 112 37.77 28.67 27.57
N VAL Z 113 37.76 29.22 28.79
CA VAL Z 113 37.70 30.67 28.95
C VAL Z 113 38.96 31.32 28.38
N ALA Z 114 40.12 30.74 28.68
CA ALA Z 114 41.38 31.32 28.20
C ALA Z 114 41.51 31.21 26.68
N ASP Z 115 41.02 30.11 26.10
CA ASP Z 115 41.04 30.00 24.64
C ASP Z 115 40.19 31.08 23.99
N GLN Z 116 39.05 31.41 24.60
CA GLN Z 116 38.23 32.51 24.11
C GLN Z 116 39.01 33.82 24.16
N MET Z 117 39.74 34.06 25.24
CA MET Z 117 40.51 35.30 25.36
C MET Z 117 41.71 35.31 24.41
N GLN Z 118 42.35 34.16 24.23
CA GLN Z 118 43.49 34.08 23.32
C GLN Z 118 43.07 34.36 21.88
N GLN Z 119 41.87 33.93 21.51
CA GLN Z 119 41.38 34.15 20.15
C GLN Z 119 41.29 35.63 19.82
N TYR Z 120 40.93 36.46 20.80
CA TYR Z 120 40.79 37.90 20.61
C TYR Z 120 42.13 38.63 20.62
N THR Z 121 43.24 37.91 20.55
CA THR Z 121 44.56 38.52 20.45
C THR Z 121 45.27 38.19 19.14
N GLN Z 122 44.66 37.39 18.27
CA GLN Z 122 45.31 36.93 17.05
C GLN Z 122 44.58 37.34 15.78
N TYR Z 123 43.34 37.80 15.87
CA TYR Z 123 42.54 38.17 14.70
C TYR Z 123 42.27 39.66 14.70
N GLY Z 124 42.37 40.28 13.54
CA GLY Z 124 42.09 41.69 13.42
C GLY Z 124 40.60 42.00 13.51
N GLY Z 125 40.31 43.27 13.76
CA GLY Z 125 38.94 43.72 13.89
C GLY Z 125 38.33 43.56 15.26
N VAL Z 126 39.05 43.00 16.22
CA VAL Z 126 38.58 42.86 17.59
C VAL Z 126 39.68 43.32 18.53
N ARG Z 127 39.29 43.62 19.76
CA ARG Z 127 40.25 43.99 20.79
C ARG Z 127 40.25 42.95 21.90
N PRO Z 128 41.38 42.76 22.59
CA PRO Z 128 41.43 41.78 23.67
C PRO Z 128 40.59 42.21 24.85
N TYR Z 129 40.15 41.21 25.62
CA TYR Z 129 39.46 41.48 26.88
C TYR Z 129 40.44 42.09 27.88
N GLY Z 130 40.03 43.19 28.51
CA GLY Z 130 40.85 43.81 29.53
C GLY Z 130 40.51 43.33 30.93
N VAL Z 131 40.52 42.02 31.12
CA VAL Z 131 40.06 41.41 32.37
C VAL Z 131 41.04 40.31 32.78
N SER Z 132 41.34 40.26 34.08
CA SER Z 132 42.03 39.14 34.69
C SER Z 132 41.08 38.44 35.65
N LEU Z 133 41.14 37.11 35.67
CA LEU Z 133 40.20 36.32 36.45
C LEU Z 133 40.95 35.33 37.34
N ILE Z 134 40.33 34.99 38.46
CA ILE Z 134 40.83 33.95 39.36
C ILE Z 134 39.72 32.94 39.57
N PHE Z 135 40.02 31.68 39.32
CA PHE Z 135 39.07 30.59 39.48
C PHE Z 135 39.48 29.69 40.64
N ALA Z 136 38.55 29.42 41.55
CA ALA Z 136 38.80 28.58 42.70
C ALA Z 136 37.59 27.69 42.95
N GLY Z 137 37.85 26.43 43.31
CA GLY Z 137 36.76 25.52 43.57
C GLY Z 137 37.27 24.15 43.95
N ILE Z 138 36.32 23.20 44.02
CA ILE Z 138 36.60 21.82 44.38
C ILE Z 138 36.16 20.92 43.23
N ASP Z 139 37.05 20.04 42.80
CA ASP Z 139 36.72 19.06 41.78
C ASP Z 139 37.18 17.66 42.22
N GLN Z 140 37.15 16.70 41.30
CA GLN Z 140 37.54 15.33 41.63
C GLN Z 140 39.03 15.19 41.95
N ILE Z 141 39.83 16.25 41.86
CA ILE Z 141 41.22 16.20 42.27
C ILE Z 141 41.46 16.87 43.61
N GLY Z 142 40.69 17.89 43.97
CA GLY Z 142 40.85 18.60 45.21
C GLY Z 142 40.68 20.08 45.04
N PRO Z 143 41.10 20.86 46.04
CA PRO Z 143 41.05 22.32 45.89
C PRO Z 143 41.94 22.80 44.75
N ARG Z 144 41.41 23.74 43.97
CA ARG Z 144 42.11 24.27 42.80
C ARG Z 144 42.11 25.79 42.86
N LEU Z 145 43.15 26.40 42.31
CA LEU Z 145 43.27 27.85 42.27
C LEU Z 145 43.99 28.23 40.99
N PHE Z 146 43.30 28.94 40.10
CA PHE Z 146 43.85 29.34 38.80
C PHE Z 146 43.68 30.84 38.62
N ASP Z 147 44.50 31.39 37.71
CA ASP Z 147 44.37 32.77 37.26
C ASP Z 147 44.44 32.80 35.74
N CYS Z 148 43.90 33.87 35.17
CA CYS Z 148 43.90 34.05 33.72
C CYS Z 148 44.12 35.53 33.43
N ASP Z 149 44.92 35.82 32.41
CA ASP Z 149 45.27 37.19 32.05
C ASP Z 149 44.64 37.55 30.72
N PRO Z 150 44.67 38.81 30.29
CA PRO Z 150 44.13 39.16 28.97
C PRO Z 150 44.75 38.38 27.82
N ALA Z 151 46.03 38.01 27.92
CA ALA Z 151 46.66 37.24 26.86
C ALA Z 151 46.15 35.79 26.79
N GLY Z 152 45.45 35.32 27.82
CA GLY Z 152 44.98 33.95 27.85
C GLY Z 152 45.92 32.97 28.50
N THR Z 153 46.89 33.44 29.27
CA THR Z 153 47.83 32.54 29.95
C THR Z 153 47.20 31.99 31.22
N ILE Z 154 47.53 30.73 31.52
CA ILE Z 154 46.97 30.02 32.67
C ILE Z 154 48.09 29.60 33.59
N ASN Z 155 47.92 29.88 34.89
CA ASN Z 155 48.85 29.43 35.92
C ASN Z 155 48.05 28.97 37.13
N GLU Z 156 48.60 27.99 37.84
CA GLU Z 156 47.99 27.45 39.04
C GLU Z 156 48.81 27.85 40.25
N TYR Z 157 48.13 28.30 41.30
CA TYR Z 157 48.79 28.87 42.48
C TYR Z 157 48.29 28.20 43.75
N LYS Z 158 49.15 28.21 44.77
CA LYS Z 158 48.71 28.01 46.13
C LYS Z 158 48.09 29.28 46.70
N ALA Z 159 48.57 30.44 46.24
CA ALA Z 159 48.01 31.73 46.61
C ALA Z 159 48.41 32.73 45.52
N THR Z 160 47.50 33.63 45.19
CA THR Z 160 47.75 34.61 44.14
C THR Z 160 46.84 35.81 44.35
N ALA Z 161 47.08 36.85 43.56
CA ALA Z 161 46.30 38.08 43.66
C ALA Z 161 46.23 38.75 42.31
N ILE Z 162 45.22 39.60 42.13
CA ILE Z 162 45.05 40.42 40.94
C ILE Z 162 44.60 41.81 41.37
N GLY Z 163 44.73 42.76 40.46
CA GLY Z 163 44.28 44.12 40.71
C GLY Z 163 45.43 45.10 40.91
N SER Z 164 45.06 46.27 41.41
CA SER Z 164 46.03 47.35 41.57
C SER Z 164 47.10 47.00 42.59
N GLY Z 165 46.71 46.41 43.72
CA GLY Z 165 47.66 46.09 44.77
C GLY Z 165 48.21 44.68 44.65
N LYS Z 166 48.28 44.16 43.42
CA LYS Z 166 48.74 42.79 43.22
C LYS Z 166 50.17 42.60 43.69
N ASP Z 167 51.06 43.54 43.36
CA ASP Z 167 52.47 43.40 43.71
C ASP Z 167 52.67 43.41 45.22
N ALA Z 168 51.95 44.29 45.93
CA ALA Z 168 52.09 44.35 47.38
C ALA Z 168 51.56 43.09 48.05
N VAL Z 169 50.43 42.56 47.57
CA VAL Z 169 49.84 41.38 48.18
C VAL Z 169 50.71 40.15 47.94
N VAL Z 170 51.20 39.97 46.72
CA VAL Z 170 52.01 38.79 46.43
C VAL Z 170 53.33 38.84 47.20
N SER Z 171 53.90 40.02 47.39
CA SER Z 171 55.10 40.15 48.20
C SER Z 171 54.82 39.78 49.65
N PHE Z 172 53.69 40.24 50.20
CA PHE Z 172 53.32 39.89 51.56
C PHE Z 172 53.07 38.38 51.69
N LEU Z 173 52.38 37.79 50.72
CA LEU Z 173 52.13 36.36 50.76
C LEU Z 173 53.41 35.56 50.53
N GLU Z 174 54.38 36.14 49.83
CA GLU Z 174 55.66 35.46 49.64
C GLU Z 174 56.40 35.28 50.95
N ARG Z 175 56.08 36.08 51.96
CA ARG Z 175 56.80 36.06 53.24
C ARG Z 175 56.02 35.35 54.33
N GLU Z 176 54.69 35.42 54.32
CA GLU Z 176 53.89 34.98 55.46
C GLU Z 176 52.94 33.82 55.16
N TYR Z 177 52.85 33.35 53.92
CA TYR Z 177 51.91 32.28 53.61
C TYR Z 177 52.38 30.95 54.18
N LYS Z 178 51.43 30.19 54.73
CA LYS Z 178 51.68 28.84 55.21
C LYS Z 178 50.65 27.90 54.61
N GLU Z 179 51.06 26.64 54.40
CA GLU Z 179 50.17 25.65 53.81
C GLU Z 179 49.37 24.93 54.89
N ASN Z 180 48.20 24.42 54.48
CA ASN Z 180 47.33 23.60 55.32
C ASN Z 180 46.89 24.35 56.59
N LEU Z 181 46.77 25.67 56.49
CA LEU Z 181 46.27 26.45 57.61
C LEU Z 181 44.78 26.21 57.81
N PRO Z 182 44.27 26.38 59.04
CA PRO Z 182 42.82 26.33 59.24
C PRO Z 182 42.13 27.51 58.57
N GLU Z 183 40.84 27.34 58.33
CA GLU Z 183 40.08 28.33 57.55
C GLU Z 183 40.09 29.69 58.25
N LYS Z 184 39.90 29.70 59.57
CA LYS Z 184 39.89 30.97 60.29
C LYS Z 184 41.24 31.68 60.20
N GLU Z 185 42.34 30.93 60.36
CA GLU Z 185 43.66 31.54 60.26
C GLU Z 185 43.93 32.05 58.85
N ALA Z 186 43.49 31.31 57.83
CA ALA Z 186 43.72 31.72 56.45
C ALA Z 186 43.03 33.05 56.15
N VAL Z 187 41.81 33.23 56.64
CA VAL Z 187 41.09 34.48 56.43
C VAL Z 187 41.82 35.63 57.11
N THR Z 188 42.30 35.41 58.33
CA THR Z 188 43.05 36.45 59.03
C THR Z 188 44.31 36.83 58.27
N LEU Z 189 45.03 35.84 57.75
CA LEU Z 189 46.22 36.13 56.95
C LEU Z 189 45.88 36.89 55.69
N GLY Z 190 44.77 36.52 55.04
CA GLY Z 190 44.37 37.21 53.83
C GLY Z 190 43.98 38.66 54.07
N ILE Z 191 43.35 38.93 55.21
CA ILE Z 191 42.99 40.31 55.55
C ILE Z 191 44.25 41.15 55.72
N LYS Z 192 45.26 40.61 56.39
CA LYS Z 192 46.52 41.34 56.58
C LYS Z 192 47.20 41.62 55.24
N ALA Z 193 47.18 40.64 54.33
CA ALA Z 193 47.78 40.84 53.02
C ALA Z 193 47.08 41.95 52.26
N LEU Z 194 45.75 41.97 52.29
CA LEU Z 194 45.01 43.06 51.66
C LEU Z 194 45.24 44.38 52.39
N LYS Z 195 45.38 44.32 53.72
CA LYS Z 195 45.64 45.53 54.49
C LYS Z 195 47.00 46.12 54.14
N SER Z 196 48.01 45.29 53.92
CA SER Z 196 49.37 45.73 53.65
C SER Z 196 49.56 46.25 52.23
N SER Z 197 48.50 46.34 51.43
CA SER Z 197 48.59 46.86 50.08
C SER Z 197 47.96 48.23 49.89
N LEU Z 198 47.17 48.71 50.85
CA LEU Z 198 46.54 50.01 50.75
C LEU Z 198 47.54 51.11 51.10
N GLU Z 199 47.16 52.35 50.79
CA GLU Z 199 47.97 53.50 51.15
C GLU Z 199 47.73 53.87 52.61
N GLU Z 200 48.55 54.79 53.12
CA GLU Z 200 48.43 55.20 54.51
C GLU Z 200 47.13 55.94 54.78
N GLY Z 201 46.59 56.60 53.75
CA GLY Z 201 45.39 57.40 53.95
C GLY Z 201 44.17 56.59 54.32
N GLU Z 202 43.92 55.49 53.60
CA GLU Z 202 42.70 54.73 53.79
C GLU Z 202 42.93 53.54 54.71
N GLU Z 203 41.88 52.73 54.88
CA GLU Z 203 41.96 51.54 55.71
C GLU Z 203 41.02 50.48 55.16
N LEU Z 204 41.18 49.26 55.65
CA LEU Z 204 40.38 48.13 55.17
C LEU Z 204 38.90 48.35 55.46
N LYS Z 205 38.04 47.92 54.53
CA LYS Z 205 36.62 48.26 54.58
C LYS Z 205 35.70 47.06 54.42
N ALA Z 206 35.93 45.99 55.20
CA ALA Z 206 34.99 44.85 55.26
C ALA Z 206 34.78 44.22 53.89
N PRO Z 207 35.77 43.51 53.36
CA PRO Z 207 35.69 43.04 51.97
C PRO Z 207 34.79 41.83 51.80
N GLU Z 208 34.76 41.28 50.57
CA GLU Z 208 34.02 40.07 50.30
C GLU Z 208 34.89 38.84 50.57
N ILE Z 209 34.33 37.87 51.28
CA ILE Z 209 35.02 36.63 51.60
C ILE Z 209 34.12 35.46 51.24
N ALA Z 210 34.68 34.51 50.48
CA ALA Z 210 33.98 33.28 50.13
C ALA Z 210 34.96 32.12 50.25
N SER Z 211 34.44 30.95 50.63
CA SER Z 211 35.27 29.78 50.83
C SER Z 211 34.44 28.52 50.60
N ILE Z 212 35.15 27.42 50.39
CA ILE Z 212 34.52 26.12 50.17
C ILE Z 212 35.48 25.05 50.68
N THR Z 213 34.90 23.96 51.19
CA THR Z 213 35.67 22.83 51.70
C THR Z 213 35.23 21.56 50.99
N VAL Z 214 36.08 20.53 51.06
CA VAL Z 214 35.79 19.28 50.38
C VAL Z 214 34.53 18.66 50.97
N GLY Z 215 33.62 18.22 50.11
CA GLY Z 215 32.37 17.64 50.52
C GLY Z 215 31.25 18.63 50.74
N ASN Z 216 31.50 19.92 50.62
CA ASN Z 216 30.50 20.95 50.85
C ASN Z 216 30.42 21.87 49.65
N LYS Z 217 29.43 22.76 49.67
CA LYS Z 217 29.26 23.77 48.63
C LYS Z 217 29.87 25.09 49.07
N TYR Z 218 29.94 26.03 48.14
CA TYR Z 218 30.45 27.35 48.44
C TYR Z 218 29.52 28.08 49.42
N ARG Z 219 30.11 28.79 50.37
CA ARG Z 219 29.37 29.63 51.30
C ARG Z 219 29.94 31.03 51.26
N ILE Z 220 29.06 32.03 51.30
CA ILE Z 220 29.45 33.43 51.25
C ILE Z 220 29.41 34.00 52.66
N TYR Z 221 30.52 34.59 53.10
CA TYR Z 221 30.58 35.19 54.42
C TYR Z 221 29.63 36.37 54.50
N ASP Z 222 28.84 36.42 55.57
CA ASP Z 222 27.96 37.55 55.80
C ASP Z 222 28.74 38.70 56.45
N GLN Z 223 28.11 39.87 56.47
CA GLN Z 223 28.77 41.05 57.02
C GLN Z 223 29.13 40.87 58.49
N GLU Z 224 28.31 40.13 59.24
CA GLU Z 224 28.60 39.90 60.65
C GLU Z 224 29.90 39.12 60.83
N GLU Z 225 30.10 38.08 60.02
CA GLU Z 225 31.32 37.29 60.14
C GLU Z 225 32.54 38.05 59.63
N VAL Z 226 32.35 38.92 58.63
CA VAL Z 226 33.47 39.70 58.10
C VAL Z 226 33.99 40.66 59.15
N LYS Z 227 33.08 41.31 59.90
CA LYS Z 227 33.49 42.26 60.92
C LYS Z 227 34.34 41.60 62.00
N LYS Z 228 34.17 40.29 62.22
CA LYS Z 228 34.95 39.59 63.23
C LYS Z 228 36.43 39.51 62.90
N PHE Z 229 36.79 39.59 61.62
CA PHE Z 229 38.21 39.54 61.23
C PHE Z 229 38.67 40.96 60.93
N LEU Z 230 37.73 41.91 60.93
CA LEU Z 230 38.08 43.30 60.52
C LEU Z 230 39.05 43.93 61.51
N GLY AA 1 63.84 52.70 6.10
CA GLY AA 1 63.70 51.69 5.07
C GLY AA 1 63.00 50.44 5.54
N GLN AA 2 63.56 49.81 6.59
CA GLN AA 2 62.96 48.60 7.13
C GLN AA 2 61.60 48.89 7.76
N MET AA 3 61.44 50.06 8.38
CA MET AA 3 60.18 50.41 9.03
C MET AA 3 59.03 50.58 8.05
N ALA AA 4 59.31 50.67 6.75
CA ALA AA 4 58.26 50.80 5.75
C ALA AA 4 57.76 49.46 5.23
N TYR AA 5 58.38 48.35 5.60
CA TYR AA 5 58.00 47.03 5.12
C TYR AA 5 57.90 46.01 6.25
N ASP AA 6 57.56 46.46 7.46
CA ASP AA 6 57.49 45.58 8.62
C ASP AA 6 56.18 45.73 9.39
N ARG AA 7 55.15 46.27 8.76
CA ARG AA 7 53.87 46.52 9.43
C ARG AA 7 52.80 45.49 9.10
N ALA AA 8 52.86 44.88 7.92
CA ALA AA 8 51.85 43.92 7.49
C ALA AA 8 52.50 42.58 7.19
N ILE AA 9 51.80 41.49 7.51
CA ILE AA 9 52.33 40.16 7.32
C ILE AA 9 52.46 39.84 5.82
N THR AA 10 51.51 40.32 5.01
CA THR AA 10 51.46 39.97 3.60
C THR AA 10 52.26 40.92 2.70
N VAL AA 11 53.29 41.58 3.22
CA VAL AA 11 54.09 42.53 2.46
C VAL AA 11 55.52 42.02 2.39
N PHE AA 12 56.04 41.87 1.18
CA PHE AA 12 57.45 41.55 0.99
C PHE AA 12 58.29 42.81 1.06
N SER AA 13 59.49 42.67 1.62
CA SER AA 13 60.47 43.74 1.59
C SER AA 13 61.14 43.79 0.21
N PRO AA 14 61.79 44.91 -0.12
CA PRO AA 14 62.49 44.98 -1.41
C PRO AA 14 63.52 43.88 -1.60
N ASP AA 15 64.14 43.39 -0.52
CA ASP AA 15 65.07 42.27 -0.60
C ASP AA 15 64.40 40.93 -0.31
N GLY AA 16 63.09 40.84 -0.49
CA GLY AA 16 62.38 39.57 -0.35
C GLY AA 16 62.35 38.99 1.05
N ARG AA 17 62.08 39.81 2.06
CA ARG AA 17 62.00 39.35 3.43
C ARG AA 17 60.61 39.62 3.99
N LEU AA 18 60.22 38.80 4.97
CA LEU AA 18 58.95 38.93 5.68
C LEU AA 18 59.28 39.28 7.13
N PHE AA 19 59.29 40.58 7.44
CA PHE AA 19 59.74 41.02 8.75
C PHE AA 19 58.78 40.62 9.87
N GLN AA 20 57.49 40.54 9.58
CA GLN AA 20 56.53 40.12 10.60
C GLN AA 20 56.81 38.68 11.05
N VAL AA 21 57.16 37.81 10.11
CA VAL AA 21 57.59 36.45 10.47
C VAL AA 21 58.87 36.50 11.28
N GLU AA 22 59.81 37.31 10.90
CA GLU AA 22 61.09 37.46 11.61
C GLU AA 22 60.86 37.99 13.02
N TYR AA 23 59.93 38.96 13.16
CA TYR AA 23 59.64 39.50 14.48
C TYR AA 23 59.00 38.45 15.38
N ALA AA 24 58.22 37.53 14.81
CA ALA AA 24 57.64 36.45 15.59
C ALA AA 24 58.73 35.56 16.18
N ARG AA 25 59.79 35.33 15.40
CA ARG AA 25 60.94 34.52 15.84
C ARG AA 25 61.63 35.20 17.04
N GLU AA 26 61.54 36.51 17.20
CA GLU AA 26 62.10 37.19 18.36
C GLU AA 26 61.35 36.82 19.63
N ALA AA 27 60.03 36.63 19.53
CA ALA AA 27 59.25 36.21 20.68
C ALA AA 27 59.67 34.82 21.15
N VAL AA 28 60.07 33.95 20.20
CA VAL AA 28 60.51 32.61 20.56
C VAL AA 28 61.77 32.67 21.42
N LYS AA 29 62.71 33.54 21.07
CA LYS AA 29 63.97 33.64 21.79
C LYS AA 29 63.81 34.14 23.22
N LYS AA 30 62.64 34.67 23.58
CA LYS AA 30 62.38 35.06 24.96
C LYS AA 30 61.99 33.87 25.85
N GLY AA 31 61.67 32.72 25.26
CA GLY AA 31 61.25 31.57 26.04
C GLY AA 31 62.42 30.82 26.65
N SER AA 32 62.09 29.93 27.59
CA SER AA 32 63.09 29.12 28.25
C SER AA 32 63.70 28.10 27.28
N THR AA 33 64.96 27.78 27.51
CA THR AA 33 65.67 26.86 26.62
C THR AA 33 65.18 25.43 26.81
N ALA AA 34 65.00 24.74 25.69
CA ALA AA 34 64.64 23.32 25.69
C ALA AA 34 65.38 22.63 24.56
N LEU AA 35 65.60 21.33 24.72
CA LEU AA 35 66.37 20.57 23.75
C LEU AA 35 65.91 19.12 23.73
N GLY AA 36 66.24 18.43 22.64
CA GLY AA 36 65.97 17.02 22.53
C GLY AA 36 67.04 16.35 21.69
N MET AA 37 67.26 15.07 21.96
CA MET AA 37 68.27 14.31 21.25
C MET AA 37 67.87 12.85 21.17
N LYS AA 38 68.33 12.17 20.13
CA LYS AA 38 68.09 10.75 19.96
C LYS AA 38 69.27 9.94 20.47
N PHE AA 39 68.96 8.76 21.00
CA PHE AA 39 69.98 7.84 21.51
C PHE AA 39 69.66 6.44 21.00
N ALA AA 40 70.35 5.45 21.57
CA ALA AA 40 70.17 4.07 21.14
C ALA AA 40 68.75 3.59 21.34
N ASN AA 41 68.01 3.41 20.24
CA ASN AA 41 66.62 2.94 20.28
C ASN AA 41 65.74 3.82 21.17
N GLY AA 42 65.91 5.13 21.05
CA GLY AA 42 65.09 6.03 21.85
C GLY AA 42 65.37 7.48 21.53
N VAL AA 43 64.61 8.35 22.19
CA VAL AA 43 64.75 9.80 22.06
C VAL AA 43 64.24 10.43 23.35
N LEU AA 44 64.85 11.55 23.73
CA LEU AA 44 64.52 12.21 24.99
C LEU AA 44 64.35 13.70 24.77
N LEU AA 45 63.72 14.35 25.74
CA LEU AA 45 63.51 15.79 25.74
C LEU AA 45 63.89 16.36 27.09
N ILE AA 46 64.57 17.52 27.07
CA ILE AA 46 64.95 18.23 28.28
C ILE AA 46 64.51 19.67 28.15
N SER AA 47 63.83 20.18 29.20
CA SER AA 47 63.31 21.54 29.18
C SER AA 47 63.75 22.25 30.47
N ASP AA 48 64.45 23.37 30.32
CA ASP AA 48 64.93 24.12 31.47
C ASP AA 48 63.75 24.73 32.23
N LYS AA 49 63.88 24.78 33.55
CA LYS AA 49 62.87 25.36 34.42
C LYS AA 49 63.45 26.57 35.14
N LYS AA 50 62.74 27.70 35.06
CA LYS AA 50 63.09 28.90 35.80
C LYS AA 50 62.21 28.95 37.04
N VAL AA 51 62.80 28.74 38.21
CA VAL AA 51 62.03 28.62 39.44
C VAL AA 51 61.48 30.00 39.81
N ARG AA 52 60.15 30.09 39.84
CA ARG AA 52 59.46 31.31 40.28
C ARG AA 52 59.18 31.20 41.78
N SER AA 53 58.34 32.08 42.31
CA SER AA 53 58.02 32.08 43.72
C SER AA 53 57.37 30.76 44.14
N ARG AA 54 57.43 30.44 45.44
CA ARG AA 54 56.92 29.18 45.94
C ARG AA 54 55.40 29.07 45.86
N LEU AA 55 54.70 30.17 45.56
CA LEU AA 55 53.24 30.14 45.48
C LEU AA 55 52.73 29.45 44.23
N ILE AA 56 53.60 29.12 43.28
CA ILE AA 56 53.19 28.49 42.02
C ILE AA 56 53.26 26.97 42.19
N GLU AA 57 52.18 26.29 41.81
CA GLU AA 57 52.18 24.83 41.83
C GLU AA 57 53.18 24.30 40.80
N GLN AA 58 53.92 23.27 41.20
CA GLN AA 58 54.93 22.68 40.32
C GLN AA 58 54.35 21.56 39.47
N ASN AA 59 53.20 21.81 38.86
CA ASN AA 59 52.59 20.86 37.94
C ASN AA 59 52.05 21.47 36.66
N SER AA 60 51.91 22.79 36.56
CA SER AA 60 51.34 23.42 35.38
C SER AA 60 52.37 24.11 34.50
N ILE AA 61 53.58 24.38 35.01
CA ILE AA 61 54.61 25.08 34.26
C ILE AA 61 55.42 24.07 33.44
N GLU AA 62 54.97 22.83 33.42
CA GLU AA 62 55.65 21.79 32.65
C GLU AA 62 55.50 22.06 31.16
N LYS AA 63 56.62 22.32 30.48
CA LYS AA 63 56.58 22.61 29.05
C LYS AA 63 56.57 21.37 28.19
N ILE AA 64 56.82 20.19 28.75
CA ILE AA 64 56.74 18.96 27.99
C ILE AA 64 55.31 18.43 28.05
N GLN AA 65 54.69 18.26 26.88
CA GLN AA 65 53.31 17.83 26.77
C GLN AA 65 53.24 16.56 25.93
N LEU AA 66 52.45 15.60 26.39
CA LEU AA 66 52.25 14.36 25.63
C LEU AA 66 51.16 14.55 24.59
N ILE AA 67 51.49 14.32 23.33
CA ILE AA 67 50.50 14.30 22.27
C ILE AA 67 49.70 13.01 22.30
N ASP AA 68 50.36 11.89 22.57
CA ASP AA 68 49.72 10.63 22.87
C ASP AA 68 50.72 9.81 23.70
N ASP AA 69 50.46 8.50 23.83
CA ASP AA 69 51.35 7.66 24.62
C ASP AA 69 52.72 7.48 23.97
N TYR AA 70 52.87 7.84 22.70
CA TYR AA 70 54.12 7.62 21.98
C TYR AA 70 54.72 8.87 21.36
N VAL AA 71 54.07 10.03 21.49
CA VAL AA 71 54.57 11.28 20.94
C VAL AA 71 54.49 12.36 22.01
N ALA AA 72 55.58 13.12 22.17
CA ALA AA 72 55.63 14.22 23.11
C ALA AA 72 56.14 15.46 22.41
N ALA AA 73 55.80 16.63 22.97
CA ALA AA 73 56.19 17.90 22.38
C ALA AA 73 56.61 18.86 23.48
N VAL AA 74 57.51 19.78 23.11
CA VAL AA 74 57.95 20.86 23.99
C VAL AA 74 57.97 22.14 23.16
N THR AA 75 57.56 23.24 23.78
CA THR AA 75 57.36 24.50 23.08
C THR AA 75 58.18 25.61 23.74
N SER AA 76 58.33 26.71 23.00
CA SER AA 76 59.00 27.90 23.49
C SER AA 76 58.40 29.11 22.80
N GLY AA 77 58.22 30.20 23.56
CA GLY AA 77 57.65 31.43 23.04
C GLY AA 77 56.42 31.83 23.84
N LEU AA 78 55.42 32.39 23.14
CA LEU AA 78 54.13 32.81 23.73
C LEU AA 78 53.42 31.57 24.28
N VAL AA 79 53.19 31.47 25.59
CA VAL AA 79 52.55 30.34 26.29
C VAL AA 79 51.13 30.15 25.75
N ALA AA 80 50.39 31.23 25.58
CA ALA AA 80 49.00 31.13 25.15
C ALA AA 80 48.89 30.54 23.75
N ASP AA 81 49.74 30.99 22.83
CA ASP AA 81 49.75 30.42 21.49
C ASP AA 81 50.24 28.97 21.52
N ALA AA 82 51.20 28.67 22.40
CA ALA AA 82 51.71 27.31 22.51
C ALA AA 82 50.62 26.34 22.96
N ARG AA 83 49.78 26.75 23.89
CA ARG AA 83 48.70 25.89 24.35
C ARG AA 83 47.73 25.57 23.22
N VAL AA 84 47.42 26.55 22.38
CA VAL AA 84 46.51 26.33 21.26
C VAL AA 84 47.09 25.34 20.27
N LEU AA 85 48.39 25.48 19.95
CA LEU AA 85 49.02 24.58 18.99
C LEU AA 85 49.10 23.15 19.53
N VAL AA 86 49.37 22.99 20.82
CA VAL AA 86 49.42 21.65 21.41
C VAL AA 86 48.05 20.99 21.34
N ASP AA 87 46.99 21.75 21.63
CA ASP AA 87 45.64 21.21 21.51
C ASP AA 87 45.32 20.82 20.07
N PHE AA 88 45.76 21.63 19.11
CA PHE AA 88 45.56 21.30 17.70
C PHE AA 88 46.29 20.01 17.33
N ALA AA 89 47.51 19.83 17.84
CA ALA AA 89 48.26 18.61 17.55
C ALA AA 89 47.57 17.38 18.12
N ARG AA 90 47.04 17.49 19.34
CA ARG AA 90 46.35 16.36 19.96
C ARG AA 90 45.12 15.95 19.17
N ILE AA 91 44.34 16.94 18.71
CA ILE AA 91 43.16 16.64 17.89
C ILE AA 91 43.58 16.02 16.57
N SER AA 92 44.66 16.54 15.96
CA SER AA 92 45.12 16.00 14.69
C SER AA 92 45.58 14.56 14.83
N ALA AA 93 46.25 14.23 15.95
CA ALA AA 93 46.71 12.86 16.17
C ALA AA 93 45.53 11.89 16.28
N GLN AA 94 44.47 12.30 16.97
CA GLN AA 94 43.31 11.43 17.12
C GLN AA 94 42.57 11.26 15.78
N GLN AA 95 42.53 12.31 14.97
CA GLN AA 95 41.92 12.20 13.65
C GLN AA 95 42.65 11.17 12.79
N GLU AA 96 43.98 11.12 12.90
CA GLU AA 96 44.76 10.11 12.19
C GLU AA 96 44.40 8.71 12.67
N LYS AA 97 44.24 8.54 13.98
CA LYS AA 97 43.91 7.22 14.53
C LYS AA 97 42.50 6.78 14.15
N VAL AA 98 41.55 7.71 14.05
CA VAL AA 98 40.20 7.34 13.66
C VAL AA 98 40.17 6.93 12.19
N THR AA 99 40.92 7.63 11.34
CA THR AA 99 40.87 7.37 9.90
C THR AA 99 41.55 6.05 9.54
N TYR AA 100 42.73 5.79 10.09
CA TYR AA 100 43.53 4.63 9.69
C TYR AA 100 43.65 3.56 10.76
N GLY AA 101 43.23 3.82 11.99
CA GLY AA 101 43.34 2.85 13.06
C GLY AA 101 44.61 2.94 13.87
N SER AA 102 45.59 3.73 13.43
CA SER AA 102 46.85 3.90 14.15
C SER AA 102 47.58 5.09 13.55
N LEU AA 103 48.72 5.42 14.16
CA LEU AA 103 49.61 6.46 13.66
C LEU AA 103 50.88 5.80 13.16
N VAL AA 104 51.22 6.07 11.90
CA VAL AA 104 52.33 5.40 11.23
C VAL AA 104 53.57 6.29 11.17
N ASN AA 105 53.42 7.55 10.79
CA ASN AA 105 54.54 8.47 10.66
C ASN AA 105 54.26 9.73 11.46
N ILE AA 106 55.19 10.07 12.35
CA ILE AA 106 55.05 11.29 13.13
C ILE AA 106 55.25 12.53 12.27
N GLU AA 107 56.06 12.42 11.22
CA GLU AA 107 56.31 13.57 10.33
C GLU AA 107 55.02 14.12 9.75
N ASN AA 108 54.05 13.23 9.46
CA ASN AA 108 52.76 13.71 8.95
C ASN AA 108 52.05 14.58 9.98
N LEU AA 109 52.11 14.21 11.26
CA LEU AA 109 51.50 15.02 12.30
C LEU AA 109 52.15 16.39 12.38
N VAL AA 110 53.48 16.44 12.27
CA VAL AA 110 54.19 17.72 12.32
C VAL AA 110 53.81 18.59 11.14
N LYS AA 111 53.61 17.99 9.96
CA LYS AA 111 53.27 18.77 8.78
C LYS AA 111 51.90 19.44 8.92
N ARG AA 112 50.93 18.75 9.51
CA ARG AA 112 49.62 19.35 9.72
C ARG AA 112 49.71 20.56 10.65
N VAL AA 113 50.52 20.44 11.71
CA VAL AA 113 50.73 21.57 12.61
C VAL AA 113 51.44 22.71 11.88
N ALA AA 114 52.47 22.38 11.09
CA ALA AA 114 53.21 23.41 10.38
C ALA AA 114 52.37 24.07 9.30
N ASP AA 115 51.50 23.30 8.63
CA ASP AA 115 50.61 23.90 7.64
C ASP AA 115 49.67 24.90 8.28
N GLN AA 116 49.19 24.61 9.50
CA GLN AA 116 48.38 25.56 10.24
C GLN AA 116 49.15 26.84 10.52
N MET AA 117 50.43 26.71 10.90
CA MET AA 117 51.25 27.89 11.19
C MET AA 117 51.59 28.65 9.92
N GLN AA 118 51.85 27.93 8.81
CA GLN AA 118 52.17 28.60 7.56
C GLN AA 118 50.99 29.41 7.05
N GLN AA 119 49.77 28.92 7.28
CA GLN AA 119 48.57 29.62 6.82
C GLN AA 119 48.47 31.01 7.44
N TYR AA 120 48.89 31.14 8.70
CA TYR AA 120 48.83 32.41 9.42
C TYR AA 120 49.96 33.37 9.05
N THR AA 121 50.70 33.07 7.98
CA THR AA 121 51.74 33.98 7.49
C THR AA 121 51.45 34.48 6.09
N GLN AA 122 50.34 34.08 5.47
CA GLN AA 122 50.04 34.44 4.09
C GLN AA 122 48.74 35.20 3.93
N TYR AA 123 47.88 35.24 4.93
CA TYR AA 123 46.59 35.90 4.84
C TYR AA 123 46.54 37.09 5.80
N GLY AA 124 45.97 38.19 5.33
CA GLY AA 124 45.84 39.36 6.17
C GLY AA 124 44.78 39.19 7.24
N GLY AA 125 44.84 40.07 8.23
CA GLY AA 125 43.91 40.05 9.33
C GLY AA 125 44.26 39.11 10.46
N VAL AA 126 45.35 38.36 10.35
CA VAL AA 126 45.81 37.46 11.41
C VAL AA 126 47.31 37.69 11.61
N ARG AA 127 47.79 37.25 12.77
CA ARG AA 127 49.21 37.31 13.05
C ARG AA 127 49.78 35.91 13.20
N PRO AA 128 51.05 35.72 12.88
CA PRO AA 128 51.66 34.39 13.02
C PRO AA 128 51.78 33.97 14.48
N TYR AA 129 51.80 32.65 14.68
CA TYR AA 129 52.07 32.10 16.00
C TYR AA 129 53.51 32.39 16.40
N GLY AA 130 53.71 32.91 17.61
CA GLY AA 130 55.05 33.16 18.10
C GLY AA 130 55.59 31.99 18.91
N VAL AA 131 55.56 30.80 18.34
CA VAL AA 131 55.90 29.57 19.06
C VAL AA 131 56.80 28.71 18.19
N SER AA 132 57.83 28.13 18.79
CA SER AA 132 58.62 27.06 18.19
C SER AA 132 58.39 25.77 18.98
N LEU AA 133 58.30 24.66 18.26
CA LEU AA 133 57.95 23.39 18.87
C LEU AA 133 58.96 22.33 18.48
N ILE AA 134 59.15 21.34 19.34
CA ILE AA 134 59.97 20.17 19.08
C ILE AA 134 59.11 18.93 19.31
N PHE AA 135 59.05 18.06 18.32
CA PHE AA 135 58.28 16.83 18.38
C PHE AA 135 59.23 15.64 18.41
N ALA AA 136 59.01 14.73 19.37
CA ALA AA 136 59.83 13.53 19.50
C ALA AA 136 58.94 12.37 19.88
N GLY AA 137 59.21 11.20 19.29
CA GLY AA 137 58.43 10.03 19.60
C GLY AA 137 58.90 8.82 18.82
N ILE AA 138 58.10 7.75 18.91
CA ILE AA 138 58.38 6.49 18.25
C ILE AA 138 57.22 6.17 17.32
N ASP AA 139 57.55 5.86 16.06
CA ASP AA 139 56.55 5.43 15.09
C ASP AA 139 57.01 4.17 14.38
N GLN AA 140 56.33 3.79 13.31
CA GLN AA 140 56.68 2.58 12.56
C GLN AA 140 58.02 2.67 11.84
N ILE AA 141 58.71 3.82 11.89
CA ILE AA 141 60.04 3.94 11.32
C ILE AA 141 61.13 3.92 12.38
N GLY AA 142 60.86 4.42 13.57
CA GLY AA 142 61.84 4.45 14.64
C GLY AA 142 61.76 5.75 15.42
N PRO AA 143 62.80 6.04 16.21
CA PRO AA 143 62.84 7.33 16.91
C PRO AA 143 62.88 8.49 15.93
N ARG AA 144 62.10 9.52 16.24
CA ARG AA 144 61.98 10.70 15.39
C ARG AA 144 62.18 11.95 16.23
N LEU AA 145 62.74 12.99 15.62
CA LEU AA 145 62.96 14.26 16.28
C LEU AA 145 62.78 15.38 15.26
N PHE AA 146 61.77 16.23 15.48
CA PHE AA 146 61.45 17.32 14.57
C PHE AA 146 61.38 18.63 15.33
N ASP AA 147 61.52 19.73 14.58
CA ASP AA 147 61.29 21.06 15.11
C ASP AA 147 60.42 21.84 14.13
N CYS AA 148 59.76 22.88 14.65
CA CYS AA 148 58.91 23.71 13.83
C CYS AA 148 59.05 25.15 14.31
N ASP AA 149 59.08 26.09 13.35
CA ASP AA 149 59.29 27.49 13.65
C ASP AA 149 58.01 28.27 13.37
N PRO AA 150 57.93 29.56 13.74
CA PRO AA 150 56.72 30.33 13.41
C PRO AA 150 56.41 30.39 11.93
N ALA AA 151 57.42 30.36 11.06
CA ALA AA 151 57.18 30.36 9.63
C ALA AA 151 56.58 29.06 9.12
N GLY AA 152 56.60 27.99 9.92
CA GLY AA 152 56.10 26.71 9.47
C GLY AA 152 57.12 25.80 8.83
N THR AA 153 58.41 26.07 9.01
CA THR AA 153 59.45 25.24 8.42
C THR AA 153 59.68 24.00 9.28
N ILE AA 154 59.99 22.89 8.62
CA ILE AA 154 60.17 21.60 9.28
C ILE AA 154 61.58 21.09 9.00
N ASN AA 155 62.27 20.67 10.06
CA ASN AA 155 63.58 20.04 9.95
C ASN AA 155 63.64 18.86 10.91
N GLU AA 156 64.40 17.84 10.52
CA GLU AA 156 64.60 16.65 11.34
C GLU AA 156 66.04 16.62 11.84
N TYR AA 157 66.21 16.34 13.13
CA TYR AA 157 67.51 16.42 13.78
C TYR AA 157 67.83 15.12 14.52
N LYS AA 158 69.12 14.87 14.66
CA LYS AA 158 69.60 13.94 15.68
C LYS AA 158 69.62 14.58 17.06
N ALA AA 159 69.83 15.89 17.11
CA ALA AA 159 69.76 16.67 18.33
C ALA AA 159 69.54 18.13 17.96
N THR AA 160 68.71 18.82 18.74
CA THR AA 160 68.38 20.21 18.46
C THR AA 160 67.94 20.88 19.74
N ALA AA 161 67.76 22.20 19.67
CA ALA AA 161 67.35 22.98 20.82
C ALA AA 161 66.54 24.18 20.35
N ILE AA 162 65.73 24.71 21.28
CA ILE AA 162 64.95 25.93 21.06
C ILE AA 162 65.03 26.78 22.33
N GLY AA 163 64.69 28.04 22.18
CA GLY AA 163 64.65 28.96 23.31
C GLY AA 163 65.77 29.98 23.29
N SER AA 164 65.93 30.65 24.44
CA SER AA 164 66.91 31.71 24.55
C SER AA 164 68.33 31.20 24.39
N GLY AA 165 68.65 30.07 25.01
CA GLY AA 165 70.00 29.55 24.94
C GLY AA 165 70.20 28.55 23.82
N LYS AA 166 69.44 28.72 22.74
CA LYS AA 166 69.51 27.77 21.62
C LYS AA 166 70.91 27.76 21.01
N ASP AA 167 71.49 28.93 20.78
CA ASP AA 167 72.80 29.00 20.12
C ASP AA 167 73.88 28.33 20.96
N ALA AA 168 73.86 28.55 22.28
CA ALA AA 168 74.87 27.96 23.14
C ALA AA 168 74.73 26.44 23.19
N VAL AA 169 73.49 25.95 23.26
CA VAL AA 169 73.27 24.51 23.37
C VAL AA 169 73.67 23.79 22.07
N VAL AA 170 73.27 24.36 20.92
CA VAL AA 170 73.58 23.71 19.65
C VAL AA 170 75.09 23.72 19.40
N SER AA 171 75.79 24.78 19.83
CA SER AA 171 77.24 24.80 19.71
C SER AA 171 77.87 23.72 20.58
N PHE AA 172 77.37 23.56 21.82
CA PHE AA 172 77.89 22.52 22.70
C PHE AA 172 77.61 21.13 22.13
N LEU AA 173 76.40 20.92 21.61
CA LEU AA 173 76.07 19.62 21.02
C LEU AA 173 76.83 19.38 19.72
N GLU AA 174 77.22 20.46 19.03
CA GLU AA 174 78.03 20.30 17.82
C GLU AA 174 79.39 19.71 18.13
N ARG AA 175 79.85 19.82 19.37
CA ARG AA 175 81.20 19.38 19.74
C ARG AA 175 81.19 18.05 20.50
N GLU AA 176 80.15 17.79 21.30
CA GLU AA 176 80.18 16.67 22.23
C GLU AA 176 79.13 15.60 21.98
N TYR AA 177 78.24 15.77 21.01
CA TYR AA 177 77.19 14.79 20.79
C TYR AA 177 77.76 13.51 20.18
N LYS AA 178 77.27 12.36 20.65
CA LYS AA 178 77.60 11.06 20.11
C LYS AA 178 76.32 10.29 19.82
N GLU AA 179 76.37 9.45 18.80
CA GLU AA 179 75.20 8.66 18.41
C GLU AA 179 75.16 7.34 19.16
N ASN AA 180 73.94 6.82 19.31
CA ASN AA 180 73.69 5.50 19.91
C ASN AA 180 74.21 5.41 21.35
N LEU AA 181 74.20 6.54 22.06
CA LEU AA 181 74.59 6.53 23.45
C LEU AA 181 73.52 5.86 24.31
N PRO AA 182 73.90 5.30 25.45
CA PRO AA 182 72.90 4.79 26.39
C PRO AA 182 72.09 5.92 26.99
N GLU AA 183 70.90 5.57 27.48
CA GLU AA 183 69.95 6.57 27.95
C GLU AA 183 70.54 7.39 29.11
N LYS AA 184 71.21 6.73 30.04
CA LYS AA 184 71.79 7.45 31.18
C LYS AA 184 72.87 8.43 30.72
N GLU AA 185 73.73 8.00 29.79
CA GLU AA 185 74.77 8.90 29.29
C GLU AA 185 74.17 10.07 28.52
N ALA AA 186 73.12 9.81 27.74
CA ALA AA 186 72.49 10.89 26.96
C ALA AA 186 71.91 11.97 27.87
N VAL AA 187 71.28 11.57 28.98
CA VAL AA 187 70.74 12.55 29.92
C VAL AA 187 71.87 13.38 30.53
N THR AA 188 72.97 12.73 30.90
CA THR AA 188 74.10 13.47 31.47
C THR AA 188 74.66 14.47 30.46
N LEU AA 189 74.78 14.06 29.19
CA LEU AA 189 75.26 14.98 28.17
C LEU AA 189 74.29 16.15 27.98
N GLY AA 190 72.99 15.86 28.00
CA GLY AA 190 72.01 16.92 27.84
C GLY AA 190 72.01 17.92 28.98
N ILE AA 191 72.27 17.45 30.20
CA ILE AA 191 72.35 18.36 31.35
C ILE AA 191 73.53 19.30 31.18
N LYS AA 192 74.68 18.78 30.73
CA LYS AA 192 75.84 19.62 30.52
C LYS AA 192 75.59 20.66 29.43
N ALA AA 193 74.90 20.27 28.35
CA ALA AA 193 74.59 21.22 27.29
C ALA AA 193 73.70 22.35 27.80
N LEU AA 194 72.68 22.00 28.61
CA LEU AA 194 71.84 23.04 29.20
C LEU AA 194 72.62 23.85 30.22
N LYS AA 195 73.55 23.21 30.94
CA LYS AA 195 74.37 23.92 31.91
C LYS AA 195 75.27 24.94 31.24
N SER AA 196 75.82 24.59 30.07
CA SER AA 196 76.76 25.44 29.36
C SER AA 196 76.10 26.61 28.63
N SER AA 197 74.79 26.80 28.79
CA SER AA 197 74.09 27.89 28.16
C SER AA 197 73.63 28.98 29.13
N LEU AA 198 73.66 28.72 30.44
CA LEU AA 198 73.26 29.71 31.42
C LEU AA 198 74.38 30.72 31.65
N GLU AA 199 74.03 31.82 32.32
CA GLU AA 199 75.03 32.81 32.69
C GLU AA 199 75.77 32.37 33.94
N GLU AA 200 76.84 33.11 34.27
CA GLU AA 200 77.65 32.77 35.43
C GLU AA 200 76.87 32.93 36.73
N GLY AA 201 75.91 33.85 36.75
CA GLY AA 201 75.18 34.11 37.98
C GLY AA 201 74.36 32.95 38.49
N GLU AA 202 73.61 32.31 37.59
CA GLU AA 202 72.67 31.26 38.01
C GLU AA 202 73.29 29.88 37.82
N GLU AA 203 72.49 28.85 38.11
CA GLU AA 203 72.93 27.47 37.96
C GLU AA 203 71.73 26.61 37.59
N LEU AA 204 72.02 25.38 37.17
CA LEU AA 204 70.97 24.46 36.72
C LEU AA 204 70.02 24.13 37.87
N LYS AA 205 68.73 24.00 37.55
CA LYS AA 205 67.70 23.89 38.57
C LYS AA 205 66.74 22.73 38.38
N ALA AA 206 67.27 21.52 38.17
CA ALA AA 206 66.46 20.30 38.14
C ALA AA 206 65.38 20.36 37.07
N PRO AA 207 65.74 20.27 35.79
CA PRO AA 207 64.76 20.51 34.72
C PRO AA 207 63.82 19.35 34.49
N GLU AA 208 62.98 19.46 33.46
CA GLU AA 208 62.10 18.38 33.07
C GLU AA 208 62.80 17.44 32.10
N ILE AA 209 62.69 16.14 32.36
CA ILE AA 209 63.29 15.12 31.50
C ILE AA 209 62.22 14.08 31.16
N ALA AA 210 62.09 13.78 29.88
CA ALA AA 210 61.19 12.74 29.40
C ALA AA 210 61.89 11.95 28.31
N SER AA 211 61.58 10.66 28.23
CA SER AA 211 62.22 9.79 27.25
C SER AA 211 61.29 8.63 26.92
N ILE AA 212 61.59 7.97 25.80
CA ILE AA 212 60.82 6.82 25.34
C ILE AA 212 61.75 5.92 24.54
N THR AA 213 61.49 4.62 24.63
CA THR AA 213 62.27 3.62 23.91
C THR AA 213 61.34 2.78 23.05
N VAL AA 214 61.94 2.10 22.06
CA VAL AA 214 61.15 1.28 21.14
C VAL AA 214 60.47 0.16 21.90
N GLY AA 215 59.17 -0.02 21.65
CA GLY AA 215 58.38 -1.02 22.32
C GLY AA 215 57.75 -0.58 23.62
N ASN AA 216 58.04 0.62 24.09
CA ASN AA 216 57.51 1.13 25.35
C ASN AA 216 56.81 2.46 25.12
N LYS AA 217 56.16 2.95 26.17
CA LYS AA 217 55.50 4.24 26.15
C LYS AA 217 56.39 5.30 26.78
N TYR AA 218 55.98 6.56 26.64
CA TYR AA 218 56.72 7.66 27.24
C TYR AA 218 56.68 7.57 28.77
N ARG AA 219 57.81 7.86 29.40
CA ARG AA 219 57.89 7.94 30.85
C ARG AA 219 58.47 9.28 31.24
N ILE AA 220 57.94 9.87 32.30
CA ILE AA 220 58.36 11.18 32.78
C ILE AA 220 59.26 10.98 33.99
N TYR AA 221 60.46 11.55 33.93
CA TYR AA 221 61.40 11.44 35.05
C TYR AA 221 60.85 12.16 36.27
N ASP AA 222 60.89 11.48 37.42
CA ASP AA 222 60.47 12.11 38.66
C ASP AA 222 61.60 12.95 39.23
N GLN AA 223 61.28 13.78 40.22
CA GLN AA 223 62.26 14.68 40.81
C GLN AA 223 63.42 13.91 41.42
N GLU AA 224 63.16 12.73 41.98
CA GLU AA 224 64.23 11.93 42.57
C GLU AA 224 65.26 11.54 41.53
N GLU AA 225 64.81 11.09 40.36
CA GLU AA 225 65.74 10.67 39.32
C GLU AA 225 66.46 11.87 38.71
N VAL AA 226 65.79 13.02 38.64
CA VAL AA 226 66.44 14.22 38.07
C VAL AA 226 67.60 14.66 38.95
N LYS AA 227 67.42 14.61 40.28
CA LYS AA 227 68.48 15.03 41.19
C LYS AA 227 69.73 14.18 41.04
N LYS AA 228 69.58 12.94 40.57
CA LYS AA 228 70.72 12.05 40.39
C LYS AA 228 71.67 12.52 39.29
N PHE AA 229 71.17 13.28 38.33
CA PHE AA 229 72.04 13.79 37.24
C PHE AA 229 72.37 15.24 37.54
N LEU AA 230 71.74 15.81 38.58
CA LEU AA 230 71.93 17.26 38.85
C LEU AA 230 73.37 17.56 39.25
N GLY BA 1 59.47 57.64 -5.14
CA GLY BA 1 58.62 57.24 -6.23
C GLY BA 1 58.22 55.78 -6.19
N GLN BA 2 59.23 54.90 -6.19
CA GLN BA 2 58.96 53.47 -6.14
C GLN BA 2 58.32 53.06 -4.81
N MET BA 3 58.72 53.72 -3.72
CA MET BA 3 58.19 53.38 -2.40
C MET BA 3 56.71 53.70 -2.26
N ALA BA 4 56.13 54.46 -3.19
CA ALA BA 4 54.71 54.79 -3.15
C ALA BA 4 53.83 53.77 -3.87
N TYR BA 5 54.43 52.81 -4.59
CA TYR BA 5 53.69 51.84 -5.37
C TYR BA 5 54.19 50.41 -5.13
N ASP BA 6 54.73 50.13 -3.95
CA ASP BA 6 55.29 48.82 -3.65
C ASP BA 6 54.77 48.25 -2.33
N ARG BA 7 53.63 48.74 -1.85
CA ARG BA 7 53.10 48.31 -0.56
C ARG BA 7 51.95 47.33 -0.69
N ALA BA 8 51.18 47.39 -1.79
CA ALA BA 8 50.02 46.52 -1.98
C ALA BA 8 50.19 45.70 -3.26
N ILE BA 9 49.71 44.46 -3.20
CA ILE BA 9 49.85 43.56 -4.35
C ILE BA 9 48.99 44.02 -5.51
N THR BA 10 47.81 44.59 -5.22
CA THR BA 10 46.85 44.95 -6.26
C THR BA 10 47.02 46.38 -6.78
N VAL BA 11 48.23 46.94 -6.70
CA VAL BA 11 48.48 48.31 -7.14
C VAL BA 11 49.49 48.28 -8.27
N PHE BA 12 49.13 48.87 -9.41
CA PHE BA 12 50.06 49.03 -10.51
C PHE BA 12 50.91 50.29 -10.30
N SER BA 13 52.17 50.21 -10.70
CA SER BA 13 53.04 51.37 -10.72
C SER BA 13 52.71 52.23 -11.94
N PRO BA 14 53.14 53.50 -11.94
CA PRO BA 14 52.90 54.35 -13.12
C PRO BA 14 53.45 53.78 -14.41
N ASP BA 15 54.53 53.01 -14.35
CA ASP BA 15 55.08 52.34 -15.52
C ASP BA 15 54.58 50.90 -15.67
N GLY BA 16 53.44 50.57 -15.07
CA GLY BA 16 52.83 49.27 -15.23
C GLY BA 16 53.62 48.11 -14.65
N ARG BA 17 54.13 48.25 -13.43
CA ARG BA 17 54.86 47.18 -12.76
C ARG BA 17 54.16 46.79 -11.47
N LEU BA 18 54.37 45.54 -11.07
CA LEU BA 18 53.84 44.99 -9.82
C LEU BA 18 55.03 44.67 -8.92
N PHE BA 19 55.38 45.63 -8.06
CA PHE BA 19 56.60 45.49 -7.26
C PHE BA 19 56.50 44.38 -6.22
N GLN BA 20 55.30 44.11 -5.70
CA GLN BA 20 55.16 43.03 -4.74
C GLN BA 20 55.48 41.68 -5.37
N VAL BA 21 55.07 41.49 -6.62
CA VAL BA 21 55.46 40.28 -7.35
C VAL BA 21 56.97 40.26 -7.55
N GLU BA 22 57.56 41.35 -7.92
CA GLU BA 22 59.01 41.48 -8.13
C GLU BA 22 59.76 41.20 -6.84
N TYR BA 23 59.24 41.71 -5.71
CA TYR BA 23 59.89 41.47 -4.43
C TYR BA 23 59.84 39.99 -4.04
N ALA BA 24 58.77 39.29 -4.44
CA ALA BA 24 58.68 37.86 -4.18
C ALA BA 24 59.78 37.11 -4.92
N ARG BA 25 60.10 37.55 -6.14
CA ARG BA 25 61.18 36.96 -6.95
C ARG BA 25 62.53 37.14 -6.24
N GLU BA 26 62.71 38.15 -5.40
CA GLU BA 26 63.94 38.30 -4.63
C GLU BA 26 64.10 37.20 -3.60
N ALA BA 27 62.99 36.76 -3.00
CA ALA BA 27 63.06 35.64 -2.06
C ALA BA 27 63.51 34.36 -2.75
N VAL BA 28 63.14 34.19 -4.02
CA VAL BA 28 63.55 33.00 -4.76
C VAL BA 28 65.06 32.96 -4.92
N LYS BA 29 65.68 34.11 -5.21
CA LYS BA 29 67.11 34.15 -5.45
C LYS BA 29 67.93 33.86 -4.19
N LYS BA 30 67.30 33.84 -3.01
CA LYS BA 30 68.01 33.44 -1.80
C LYS BA 30 68.12 31.92 -1.65
N GLY BA 31 67.37 31.15 -2.43
CA GLY BA 31 67.40 29.71 -2.31
C GLY BA 31 68.61 29.09 -2.99
N SER BA 32 68.81 27.80 -2.69
CA SER BA 32 69.92 27.07 -3.28
C SER BA 32 69.67 26.83 -4.77
N THR BA 33 70.76 26.75 -5.53
CA THR BA 33 70.65 26.58 -6.98
C THR BA 33 70.22 25.17 -7.33
N ALA BA 34 69.31 25.07 -8.30
CA ALA BA 34 68.87 23.78 -8.83
C ALA BA 34 68.66 23.93 -10.33
N LEU BA 35 68.79 22.81 -11.04
CA LEU BA 35 68.69 22.84 -12.49
C LEU BA 35 68.16 21.50 -13.00
N GLY BA 36 67.66 21.53 -14.22
CA GLY BA 36 67.22 20.31 -14.89
C GLY BA 36 67.45 20.43 -16.38
N MET BA 37 67.64 19.27 -17.01
CA MET BA 37 67.90 19.23 -18.45
C MET BA 37 67.37 17.93 -19.02
N LYS BA 38 67.01 17.97 -20.29
CA LYS BA 38 66.55 16.79 -21.01
C LYS BA 38 67.69 16.17 -21.80
N PHE BA 39 67.64 14.85 -21.92
CA PHE BA 39 68.64 14.09 -22.66
C PHE BA 39 67.92 13.07 -23.54
N ALA BA 40 68.68 12.14 -24.10
CA ALA BA 40 68.12 11.14 -25.00
C ALA BA 40 67.09 10.27 -24.29
N ASN BA 41 65.82 10.45 -24.65
CA ASN BA 41 64.71 9.69 -24.08
C ASN BA 41 64.69 9.78 -22.56
N GLY BA 42 64.88 10.99 -22.03
CA GLY BA 42 64.85 11.16 -20.59
C GLY BA 42 65.04 12.60 -20.19
N VAL BA 43 64.97 12.82 -18.87
CA VAL BA 43 65.14 14.14 -18.28
C VAL BA 43 65.63 13.94 -16.84
N LEU BA 44 66.47 14.85 -16.37
CA LEU BA 44 67.06 14.72 -15.04
C LEU BA 44 66.97 16.05 -14.30
N LEU BA 45 67.16 15.97 -12.99
CA LEU BA 45 67.16 17.13 -12.11
C LEU BA 45 68.36 17.07 -11.18
N ILE BA 46 69.00 18.22 -10.97
CA ILE BA 46 70.13 18.34 -10.07
C ILE BA 46 69.86 19.51 -9.12
N SER BA 47 70.06 19.27 -7.82
CA SER BA 47 69.80 20.29 -6.80
C SER BA 47 71.00 20.39 -5.89
N ASP BA 48 71.59 21.58 -5.80
CA ASP BA 48 72.76 21.78 -4.95
C ASP BA 48 72.39 21.64 -3.48
N LYS BA 49 73.32 21.09 -2.70
CA LYS BA 49 73.14 20.90 -1.28
C LYS BA 49 74.17 21.73 -0.52
N LYS BA 50 73.71 22.54 0.43
CA LYS BA 50 74.58 23.30 1.32
C LYS BA 50 74.66 22.52 2.63
N VAL BA 51 75.82 21.94 2.91
CA VAL BA 51 75.98 21.07 4.06
C VAL BA 51 75.92 21.90 5.34
N ARG BA 52 74.93 21.63 6.17
CA ARG BA 52 74.81 22.26 7.47
C ARG BA 52 75.50 21.40 8.52
N SER BA 53 75.28 21.68 9.80
CA SER BA 53 75.91 20.92 10.88
C SER BA 53 75.52 19.44 10.81
N ARG BA 54 76.33 18.57 11.42
CA ARG BA 54 76.10 17.13 11.37
C ARG BA 54 74.85 16.70 12.13
N LEU BA 55 74.25 17.58 12.94
CA LEU BA 55 73.07 17.23 13.70
C LEU BA 55 71.82 17.11 12.85
N ILE BA 56 71.86 17.51 11.59
CA ILE BA 56 70.69 17.46 10.70
C ILE BA 56 70.68 16.13 9.97
N GLU BA 57 69.53 15.46 10.00
CA GLU BA 57 69.37 14.22 9.23
C GLU BA 57 69.44 14.50 7.75
N GLN BA 58 70.16 13.65 7.01
CA GLN BA 58 70.33 13.83 5.58
C GLN BA 58 69.21 13.13 4.79
N ASN BA 59 67.97 13.35 5.21
CA ASN BA 59 66.82 12.83 4.48
C ASN BA 59 65.68 13.81 4.31
N SER BA 60 65.66 14.94 5.03
CA SER BA 60 64.56 15.89 4.95
C SER BA 60 64.90 17.15 4.16
N ILE BA 61 66.18 17.43 3.93
CA ILE BA 61 66.59 18.65 3.23
C ILE BA 61 66.61 18.38 1.73
N GLU BA 62 66.10 17.23 1.32
CA GLU BA 62 66.03 16.90 -0.10
C GLU BA 62 65.02 17.80 -0.80
N LYS BA 63 65.49 18.62 -1.73
CA LYS BA 63 64.62 19.54 -2.45
C LYS BA 63 63.93 18.91 -3.64
N ILE BA 64 64.33 17.71 -4.05
CA ILE BA 64 63.66 17.00 -5.13
C ILE BA 64 62.52 16.17 -4.54
N GLN BA 65 61.31 16.43 -5.00
CA GLN BA 65 60.12 15.76 -4.51
C GLN BA 65 59.39 15.07 -5.66
N LEU BA 66 58.95 13.85 -5.43
CA LEU BA 66 58.19 13.11 -6.43
C LEU BA 66 56.72 13.48 -6.35
N ILE BA 67 56.17 13.98 -7.45
CA ILE BA 67 54.73 14.21 -7.55
C ILE BA 67 53.98 12.90 -7.75
N ASP BA 68 54.54 12.01 -8.55
CA ASP BA 68 54.08 10.63 -8.67
C ASP BA 68 55.27 9.81 -9.15
N ASP BA 69 55.01 8.58 -9.61
CA ASP BA 69 56.09 7.72 -10.07
C ASP BA 69 56.73 8.22 -11.36
N TYR BA 70 56.10 9.17 -12.05
CA TYR BA 70 56.60 9.64 -13.34
C TYR BA 70 56.82 11.14 -13.41
N VAL BA 71 56.53 11.89 -12.35
CA VAL BA 71 56.73 13.34 -12.33
C VAL BA 71 57.45 13.72 -11.05
N ALA BA 72 58.47 14.55 -11.17
CA ALA BA 72 59.24 15.04 -10.03
C ALA BA 72 59.34 16.56 -10.11
N ALA BA 73 59.55 17.19 -8.95
CA ALA BA 73 59.63 18.64 -8.87
C ALA BA 73 60.75 19.04 -7.92
N VAL BA 74 61.34 20.21 -8.19
CA VAL BA 74 62.33 20.82 -7.33
C VAL BA 74 62.00 22.29 -7.18
N THR BA 75 62.18 22.82 -5.97
CA THR BA 75 61.74 24.16 -5.64
C THR BA 75 62.90 24.99 -5.11
N SER BA 76 62.69 26.31 -5.08
CA SER BA 76 63.66 27.25 -4.54
C SER BA 76 62.90 28.45 -3.99
N GLY BA 77 63.36 28.96 -2.84
CA GLY BA 77 62.73 30.10 -2.18
C GLY BA 77 62.31 29.75 -0.76
N LEU BA 78 61.17 30.30 -0.33
CA LEU BA 78 60.58 30.03 1.00
C LEU BA 78 60.23 28.54 1.11
N VAL BA 79 60.85 27.79 2.01
CA VAL BA 79 60.66 26.33 2.21
C VAL BA 79 59.20 26.07 2.60
N ALA BA 80 58.64 26.87 3.48
CA ALA BA 80 57.28 26.64 3.97
C ALA BA 80 56.27 26.78 2.84
N ASP BA 81 56.40 27.81 2.02
CA ASP BA 81 55.52 27.97 0.86
C ASP BA 81 55.76 26.86 -0.16
N ALA BA 82 57.01 26.43 -0.31
CA ALA BA 82 57.32 25.36 -1.26
C ALA BA 82 56.64 24.06 -0.87
N ARG BA 83 56.61 23.75 0.44
CA ARG BA 83 55.95 22.52 0.88
C ARG BA 83 54.46 22.54 0.57
N VAL BA 84 53.82 23.71 0.74
CA VAL BA 84 52.39 23.81 0.45
C VAL BA 84 52.12 23.60 -1.03
N LEU BA 85 52.94 24.18 -1.90
CA LEU BA 85 52.73 24.04 -3.34
C LEU BA 85 52.96 22.62 -3.81
N VAL BA 86 53.96 21.93 -3.23
CA VAL BA 86 54.21 20.54 -3.59
C VAL BA 86 53.02 19.66 -3.19
N ASP BA 87 52.47 19.90 -2.01
CA ASP BA 87 51.28 19.15 -1.59
C ASP BA 87 50.10 19.43 -2.51
N PHE BA 88 49.94 20.68 -2.95
CA PHE BA 88 48.87 21.02 -3.88
C PHE BA 88 49.06 20.29 -5.21
N ALA BA 89 50.30 20.22 -5.69
CA ALA BA 89 50.57 19.52 -6.94
C ALA BA 89 50.25 18.03 -6.84
N ARG BA 90 50.60 17.41 -5.71
CA ARG BA 90 50.32 15.98 -5.53
C ARG BA 90 48.83 15.71 -5.51
N ILE BA 91 48.05 16.56 -4.83
CA ILE BA 91 46.60 16.39 -4.83
C ILE BA 91 46.03 16.60 -6.22
N SER BA 92 46.55 17.60 -6.95
CA SER BA 92 46.06 17.87 -8.30
C SER BA 92 46.34 16.70 -9.23
N ALA BA 93 47.51 16.07 -9.09
CA ALA BA 93 47.84 14.93 -9.94
C ALA BA 93 46.88 13.77 -9.70
N GLN BA 94 46.54 13.51 -8.44
CA GLN BA 94 45.63 12.40 -8.14
C GLN BA 94 44.21 12.71 -8.63
N GLN BA 95 43.80 13.97 -8.57
CA GLN BA 95 42.49 14.35 -9.10
C GLN BA 95 42.42 14.07 -10.60
N GLU BA 96 43.51 14.33 -11.32
CA GLU BA 96 43.54 14.00 -12.75
C GLU BA 96 43.40 12.51 -12.97
N LYS BA 97 44.07 11.69 -12.15
CA LYS BA 97 44.01 10.24 -12.32
C LYS BA 97 42.63 9.70 -11.97
N VAL BA 98 41.94 10.28 -11.00
CA VAL BA 98 40.60 9.81 -10.65
C VAL BA 98 39.62 10.16 -11.77
N THR BA 99 39.76 11.34 -12.38
CA THR BA 99 38.79 11.79 -13.38
C THR BA 99 38.95 11.02 -14.69
N TYR BA 100 40.18 10.84 -15.16
CA TYR BA 100 40.42 10.27 -16.48
C TYR BA 100 41.04 8.89 -16.45
N GLY BA 101 41.51 8.41 -15.30
CA GLY BA 101 42.15 7.11 -15.21
C GLY BA 101 43.66 7.13 -15.38
N SER BA 102 44.24 8.25 -15.81
CA SER BA 102 45.67 8.37 -16.00
C SER BA 102 46.01 9.85 -16.17
N LEU BA 103 47.30 10.12 -16.27
CA LEU BA 103 47.81 11.47 -16.54
C LEU BA 103 48.40 11.47 -17.94
N VAL BA 104 47.92 12.38 -18.78
CA VAL BA 104 48.29 12.42 -20.18
C VAL BA 104 49.32 13.51 -20.49
N ASN BA 105 49.10 14.72 -19.96
CA ASN BA 105 50.00 15.84 -20.20
C ASN BA 105 50.43 16.43 -18.88
N ILE BA 106 51.74 16.56 -18.68
CA ILE BA 106 52.27 17.18 -17.47
C ILE BA 106 52.02 18.68 -17.48
N GLU BA 107 51.98 19.29 -18.66
CA GLU BA 107 51.76 20.73 -18.75
C GLU BA 107 50.46 21.15 -18.09
N ASN BA 108 49.42 20.31 -18.16
CA ASN BA 108 48.17 20.61 -17.49
C ASN BA 108 48.35 20.68 -15.98
N LEU BA 109 49.15 19.76 -15.42
CA LEU BA 109 49.42 19.80 -13.98
C LEU BA 109 50.14 21.08 -13.58
N VAL BA 110 51.09 21.53 -14.40
CA VAL BA 110 51.83 22.75 -14.10
C VAL BA 110 50.89 23.95 -14.15
N LYS BA 111 49.94 23.95 -15.09
CA LYS BA 111 49.03 25.09 -15.24
C LYS BA 111 48.15 25.23 -14.00
N ARG BA 112 47.67 24.12 -13.43
CA ARG BA 112 46.85 24.20 -12.23
C ARG BA 112 47.64 24.80 -11.07
N VAL BA 113 48.91 24.41 -10.93
CA VAL BA 113 49.76 24.99 -9.89
C VAL BA 113 49.99 26.47 -10.16
N ALA BA 114 50.27 26.82 -11.41
CA ALA BA 114 50.52 28.22 -11.75
C ALA BA 114 49.27 29.07 -11.60
N ASP BA 115 48.09 28.53 -11.92
CA ASP BA 115 46.85 29.27 -11.71
C ASP BA 115 46.63 29.57 -10.23
N GLN BA 116 46.99 28.62 -9.35
CA GLN BA 116 46.92 28.86 -7.92
C GLN BA 116 47.85 30.01 -7.52
N MET BA 117 49.06 30.05 -8.09
CA MET BA 117 50.01 31.11 -7.75
C MET BA 117 49.57 32.45 -8.35
N GLN BA 118 49.01 32.43 -9.56
CA GLN BA 118 48.55 33.66 -10.18
C GLN BA 118 47.41 34.29 -9.39
N GLN BA 119 46.55 33.46 -8.80
CA GLN BA 119 45.42 33.97 -8.03
C GLN BA 119 45.89 34.81 -6.85
N TYR BA 120 47.02 34.43 -6.24
CA TYR BA 120 47.55 35.15 -5.08
C TYR BA 120 48.31 36.42 -5.47
N THR BA 121 48.19 36.87 -6.71
CA THR BA 121 48.79 38.12 -7.15
C THR BA 121 47.76 39.14 -7.59
N GLN BA 122 46.47 38.82 -7.55
CA GLN BA 122 45.43 39.70 -8.05
C GLN BA 122 44.40 40.09 -7.00
N TYR BA 123 44.36 39.41 -5.86
CA TYR BA 123 43.37 39.68 -4.81
C TYR BA 123 44.07 40.22 -3.57
N GLY BA 124 43.46 41.23 -2.95
CA GLY BA 124 44.02 41.79 -1.74
C GLY BA 124 43.83 40.87 -0.54
N GLY BA 125 44.60 41.15 0.51
CA GLY BA 125 44.55 40.37 1.72
C GLY BA 125 45.42 39.13 1.72
N VAL BA 126 46.12 38.83 0.63
CA VAL BA 126 47.02 37.70 0.55
C VAL BA 126 48.33 38.16 -0.06
N ARG BA 127 49.38 37.37 0.16
CA ARG BA 127 50.67 37.64 -0.45
C ARG BA 127 51.04 36.54 -1.43
N PRO BA 128 51.80 36.85 -2.47
CA PRO BA 128 52.21 35.81 -3.43
C PRO BA 128 53.15 34.80 -2.81
N TYR BA 129 53.14 33.61 -3.39
CA TYR BA 129 54.11 32.59 -3.00
C TYR BA 129 55.51 33.01 -3.44
N GLY BA 130 56.47 32.92 -2.52
CA GLY BA 130 57.85 33.23 -2.86
C GLY BA 130 58.64 32.01 -3.27
N VAL BA 131 58.13 31.26 -4.25
CA VAL BA 131 58.70 29.98 -4.64
C VAL BA 131 58.75 29.89 -6.15
N SER BA 132 59.85 29.38 -6.67
CA SER BA 132 59.97 28.97 -8.06
C SER BA 132 60.13 27.46 -8.13
N LEU BA 133 59.49 26.83 -9.10
CA LEU BA 133 59.44 25.38 -9.20
C LEU BA 133 59.88 24.94 -10.58
N ILE BA 134 60.45 23.73 -10.66
CA ILE BA 134 60.78 23.08 -11.91
C ILE BA 134 60.11 21.71 -11.93
N PHE BA 135 59.35 21.43 -12.98
CA PHE BA 135 58.65 20.16 -13.14
C PHE BA 135 59.26 19.39 -14.29
N ALA BA 136 59.59 18.11 -14.05
CA ALA BA 136 60.16 17.25 -15.07
C ALA BA 136 59.58 15.85 -14.93
N GLY BA 137 59.30 15.23 -16.07
CA GLY BA 137 58.74 13.90 -16.05
C GLY BA 137 58.48 13.36 -17.43
N ILE BA 138 57.80 12.22 -17.47
CA ILE BA 138 57.46 11.54 -18.72
C ILE BA 138 55.95 11.43 -18.81
N ASP BA 139 55.40 11.84 -19.95
CA ASP BA 139 53.96 11.69 -20.20
C ASP BA 139 53.74 11.09 -21.58
N GLN BA 140 52.49 11.09 -22.05
CA GLN BA 140 52.17 10.52 -23.35
C GLN BA 140 52.78 11.28 -24.53
N ILE BA 141 53.47 12.39 -24.30
CA ILE BA 141 54.16 13.11 -25.35
C ILE BA 141 55.66 12.87 -25.33
N GLY BA 142 56.25 12.64 -24.16
CA GLY BA 142 57.67 12.43 -24.05
C GLY BA 142 58.25 13.13 -22.83
N PRO BA 143 59.57 13.26 -22.78
CA PRO BA 143 60.19 14.02 -21.69
C PRO BA 143 59.75 15.47 -21.71
N ARG BA 144 59.45 16.00 -20.53
CA ARG BA 144 58.98 17.37 -20.36
C ARG BA 144 59.79 18.07 -19.30
N LEU BA 145 59.96 19.38 -19.46
CA LEU BA 145 60.69 20.20 -18.50
C LEU BA 145 60.05 21.57 -18.44
N PHE BA 146 59.51 21.93 -17.29
CA PHE BA 146 58.81 23.19 -17.09
C PHE BA 146 59.37 23.92 -15.89
N ASP BA 147 59.14 25.23 -15.85
CA ASP BA 147 59.46 26.06 -14.69
C ASP BA 147 58.26 26.95 -14.39
N CYS BA 148 58.19 27.42 -13.15
CA CYS BA 148 57.11 28.29 -12.72
C CYS BA 148 57.68 29.31 -11.75
N ASP BA 149 57.23 30.56 -11.87
CA ASP BA 149 57.73 31.65 -11.06
C ASP BA 149 56.65 32.12 -10.10
N PRO BA 150 56.97 33.00 -9.13
CA PRO BA 150 55.92 33.51 -8.24
C PRO BA 150 54.76 34.18 -8.96
N ALA BA 151 55.00 34.82 -10.10
CA ALA BA 151 53.93 35.45 -10.85
C ALA BA 151 52.99 34.43 -11.51
N GLY BA 152 53.39 33.16 -11.58
CA GLY BA 152 52.58 32.16 -12.25
C GLY BA 152 52.87 31.97 -13.71
N THR BA 153 54.01 32.45 -14.21
CA THR BA 153 54.36 32.29 -15.61
C THR BA 153 54.93 30.89 -15.85
N ILE BA 154 54.63 30.35 -17.04
CA ILE BA 154 55.03 28.99 -17.40
C ILE BA 154 55.90 29.05 -18.66
N ASN BA 155 57.03 28.36 -18.62
CA ASN BA 155 57.90 28.22 -19.77
C ASN BA 155 58.43 26.79 -19.83
N GLU BA 156 58.65 26.31 -21.05
CA GLU BA 156 59.18 24.97 -21.28
C GLU BA 156 60.60 25.08 -21.81
N TYR BA 157 61.49 24.26 -21.26
CA TYR BA 157 62.92 24.35 -21.55
C TYR BA 157 63.47 23.00 -21.95
N LYS BA 158 64.55 23.03 -22.75
CA LYS BA 158 65.44 21.90 -22.88
C LYS BA 158 66.38 21.79 -21.69
N ALA BA 159 66.72 22.92 -21.09
CA ALA BA 159 67.52 22.98 -19.87
C ALA BA 159 67.27 24.33 -19.21
N THR BA 160 67.21 24.33 -17.89
CA THR BA 160 66.92 25.55 -17.14
C THR BA 160 67.46 25.40 -15.72
N ALA BA 161 67.42 26.50 -14.98
CA ALA BA 161 67.91 26.50 -13.61
C ALA BA 161 67.14 27.52 -12.79
N ILE BA 162 67.14 27.33 -11.48
CA ILE BA 162 66.54 28.26 -10.52
C ILE BA 162 67.48 28.39 -9.34
N GLY BA 163 67.27 29.44 -8.56
CA GLY BA 163 68.05 29.67 -7.35
C GLY BA 163 69.02 30.82 -7.48
N SER BA 164 69.93 30.87 -6.50
CA SER BA 164 70.89 31.97 -6.42
C SER BA 164 71.83 31.99 -7.61
N GLY BA 165 72.34 30.82 -8.01
CA GLY BA 165 73.28 30.74 -9.10
C GLY BA 165 72.63 30.49 -10.45
N LYS BA 166 71.38 30.96 -10.59
CA LYS BA 166 70.64 30.71 -11.83
C LYS BA 166 71.33 31.34 -13.03
N ASP BA 167 71.80 32.59 -12.89
CA ASP BA 167 72.41 33.29 -14.02
C ASP BA 167 73.69 32.61 -14.47
N ALA BA 168 74.51 32.16 -13.52
CA ALA BA 168 75.76 31.50 -13.87
C ALA BA 168 75.51 30.17 -14.56
N VAL BA 169 74.53 29.40 -14.06
CA VAL BA 169 74.26 28.08 -14.63
C VAL BA 169 73.68 28.20 -16.03
N VAL BA 170 72.73 29.12 -16.23
CA VAL BA 170 72.12 29.26 -17.55
C VAL BA 170 73.12 29.76 -18.57
N SER BA 171 74.05 30.63 -18.15
CA SER BA 171 75.12 31.07 -19.06
C SER BA 171 76.02 29.91 -19.44
N PHE BA 172 76.38 29.07 -18.46
CA PHE BA 172 77.20 27.90 -18.76
C PHE BA 172 76.48 26.93 -19.68
N LEU BA 173 75.19 26.70 -19.42
CA LEU BA 173 74.42 25.80 -20.28
C LEU BA 173 74.18 26.41 -21.66
N GLU BA 174 74.17 27.74 -21.75
CA GLU BA 174 74.03 28.38 -23.05
C GLU BA 174 75.22 28.09 -23.97
N ARG BA 175 76.36 27.72 -23.39
CA ARG BA 175 77.58 27.50 -24.17
C ARG BA 175 77.89 26.03 -24.38
N GLU BA 176 77.55 25.16 -23.43
CA GLU BA 176 78.02 23.78 -23.45
C GLU BA 176 76.93 22.73 -23.56
N TYR BA 177 75.65 23.11 -23.57
CA TYR BA 177 74.59 22.12 -23.62
C TYR BA 177 74.50 21.47 -25.01
N LYS BA 178 74.28 20.16 -25.02
CA LYS BA 178 74.06 19.41 -26.24
C LYS BA 178 72.80 18.57 -26.08
N GLU BA 179 72.11 18.35 -27.20
CA GLU BA 179 70.87 17.58 -27.18
C GLU BA 179 71.15 16.10 -27.38
N ASN BA 180 70.24 15.28 -26.86
CA ASN BA 180 70.27 13.82 -27.03
C ASN BA 180 71.55 13.20 -26.48
N LEU BA 181 72.11 13.81 -25.44
CA LEU BA 181 73.28 13.24 -24.80
C LEU BA 181 72.90 11.99 -24.00
N PRO BA 182 73.85 11.07 -23.81
CA PRO BA 182 73.59 9.94 -22.90
C PRO BA 182 73.45 10.41 -21.47
N GLU BA 183 72.80 9.58 -20.66
CA GLU BA 183 72.47 9.96 -19.29
C GLU BA 183 73.73 10.25 -18.48
N LYS BA 184 74.77 9.42 -18.63
CA LYS BA 184 75.99 9.62 -17.87
C LYS BA 184 76.66 10.94 -18.27
N GLU BA 185 76.71 11.25 -19.56
CA GLU BA 185 77.31 12.51 -20.01
C GLU BA 185 76.50 13.71 -19.53
N ALA BA 186 75.17 13.59 -19.54
CA ALA BA 186 74.32 14.70 -19.11
C ALA BA 186 74.56 15.04 -17.64
N VAL BA 187 74.71 14.02 -16.79
CA VAL BA 187 74.99 14.26 -15.38
C VAL BA 187 76.33 14.95 -15.20
N THR BA 188 77.35 14.51 -15.94
CA THR BA 188 78.66 15.15 -15.85
C THR BA 188 78.59 16.61 -16.29
N LEU BA 189 77.85 16.90 -17.35
CA LEU BA 189 77.69 18.29 -17.78
C LEU BA 189 76.95 19.10 -16.74
N GLY BA 190 75.92 18.52 -16.11
CA GLY BA 190 75.18 19.25 -15.09
C GLY BA 190 76.01 19.55 -13.87
N ILE BA 191 76.91 18.64 -13.49
CA ILE BA 191 77.79 18.88 -12.35
C ILE BA 191 78.71 20.06 -12.64
N LYS BA 192 79.26 20.12 -13.86
CA LYS BA 192 80.14 21.24 -14.22
C LYS BA 192 79.38 22.56 -14.20
N ALA BA 193 78.14 22.57 -14.68
CA ALA BA 193 77.34 23.78 -14.67
C ALA BA 193 77.09 24.26 -13.24
N LEU BA 194 76.76 23.35 -12.33
CA LEU BA 194 76.60 23.71 -10.93
C LEU BA 194 77.93 24.11 -10.31
N LYS BA 195 79.02 23.46 -10.73
CA LYS BA 195 80.35 23.81 -10.22
C LYS BA 195 80.74 25.23 -10.63
N SER BA 196 80.41 25.62 -11.86
CA SER BA 196 80.80 26.91 -12.41
C SER BA 196 79.97 28.08 -11.87
N SER BA 197 79.07 27.82 -10.91
CA SER BA 197 78.25 28.87 -10.32
C SER BA 197 78.63 29.21 -8.89
N LEU BA 198 79.43 28.38 -8.22
CA LEU BA 198 79.84 28.65 -6.86
C LEU BA 198 80.97 29.68 -6.82
N GLU BA 199 81.25 30.18 -5.62
CA GLU BA 199 82.35 31.10 -5.44
C GLU BA 199 83.66 30.32 -5.32
N GLU BA 200 84.77 31.06 -5.34
CA GLU BA 200 86.09 30.43 -5.27
C GLU BA 200 86.32 29.75 -3.92
N GLY BA 201 85.67 30.26 -2.87
CA GLY BA 201 85.91 29.73 -1.54
C GLY BA 201 85.45 28.30 -1.37
N GLU BA 202 84.24 27.98 -1.82
CA GLU BA 202 83.65 26.67 -1.58
C GLU BA 202 83.86 25.75 -2.78
N GLU BA 203 83.29 24.55 -2.69
CA GLU BA 203 83.39 23.57 -3.75
C GLU BA 203 82.13 22.71 -3.74
N LEU BA 204 81.95 21.95 -4.82
CA LEU BA 204 80.76 21.12 -4.98
C LEU BA 204 80.68 20.06 -3.89
N LYS BA 205 79.47 19.77 -3.42
CA LYS BA 205 79.29 18.92 -2.24
C LYS BA 205 78.30 17.79 -2.42
N ALA BA 206 78.44 17.01 -3.49
CA ALA BA 206 77.65 15.79 -3.69
C ALA BA 206 76.15 16.08 -3.69
N PRO BA 207 75.63 16.70 -4.76
CA PRO BA 207 74.24 17.15 -4.73
C PRO BA 207 73.23 16.05 -4.94
N GLU BA 208 71.96 16.42 -5.05
CA GLU BA 208 70.89 15.46 -5.35
C GLU BA 208 70.74 15.32 -6.85
N ILE BA 209 70.66 14.07 -7.32
CA ILE BA 209 70.48 13.77 -8.73
C ILE BA 209 69.32 12.79 -8.88
N ALA BA 210 68.38 13.11 -9.76
CA ALA BA 210 67.27 12.23 -10.08
C ALA BA 210 67.05 12.27 -11.59
N SER BA 211 66.62 11.13 -12.14
CA SER BA 211 66.41 11.03 -13.57
C SER BA 211 65.34 9.97 -13.86
N ILE BA 212 64.80 10.02 -15.08
CA ILE BA 212 63.79 9.08 -15.52
C ILE BA 212 63.91 8.93 -17.03
N THR BA 213 63.62 7.73 -17.52
CA THR BA 213 63.67 7.43 -18.94
C THR BA 213 62.31 6.90 -19.39
N VAL BA 214 62.08 6.93 -20.70
CA VAL BA 214 60.81 6.49 -21.26
C VAL BA 214 60.62 5.00 -20.98
N GLY BA 215 59.44 4.65 -20.48
CA GLY BA 215 59.12 3.28 -20.13
C GLY BA 215 59.50 2.87 -18.72
N ASN BA 216 60.15 3.75 -17.96
CA ASN BA 216 60.57 3.44 -16.60
C ASN BA 216 60.04 4.49 -15.65
N LYS BA 217 60.25 4.23 -14.35
CA LYS BA 217 59.87 5.17 -13.31
C LYS BA 217 61.07 5.99 -12.88
N TYR BA 218 60.81 7.01 -12.06
CA TYR BA 218 61.89 7.84 -11.53
C TYR BA 218 62.78 7.03 -10.60
N ARG BA 219 64.09 7.26 -10.71
CA ARG BA 219 65.06 6.65 -9.81
C ARG BA 219 65.91 7.75 -9.19
N ILE BA 220 66.21 7.61 -7.90
CA ILE BA 220 66.99 8.59 -7.16
C ILE BA 220 68.42 8.08 -7.04
N TYR BA 221 69.38 8.90 -7.47
CA TYR BA 221 70.78 8.51 -7.36
C TYR BA 221 71.20 8.38 -5.91
N ASP BA 222 71.86 7.29 -5.57
CA ASP BA 222 72.39 7.12 -4.22
C ASP BA 222 73.71 7.85 -4.08
N GLN BA 223 74.16 8.00 -2.82
CA GLN BA 223 75.40 8.73 -2.56
C GLN BA 223 76.60 8.07 -3.25
N GLU BA 224 76.60 6.75 -3.37
CA GLU BA 224 77.71 6.07 -4.04
C GLU BA 224 77.82 6.49 -5.49
N GLU BA 225 76.68 6.56 -6.20
CA GLU BA 225 76.71 6.93 -7.60
C GLU BA 225 77.04 8.42 -7.77
N VAL BA 226 76.61 9.26 -6.83
CA VAL BA 226 76.89 10.69 -6.91
C VAL BA 226 78.39 10.95 -6.80
N LYS BA 227 79.07 10.24 -5.90
CA LYS BA 227 80.50 10.41 -5.72
C LYS BA 227 81.28 10.09 -6.99
N LYS BA 228 80.74 9.23 -7.85
CA LYS BA 228 81.41 8.85 -9.08
C LYS BA 228 81.52 10.01 -10.07
N PHE BA 229 80.62 10.99 -9.97
CA PHE BA 229 80.67 12.16 -10.89
C PHE BA 229 81.29 13.33 -10.13
N LEU BA 230 81.51 13.14 -8.83
CA LEU BA 230 81.98 14.28 -7.99
C LEU BA 230 83.39 14.71 -8.42
#